data_6JSI
#
_entry.id   6JSI
#
_cell.length_a   1.0
_cell.length_b   1.0
_cell.length_c   1.0
_cell.angle_alpha   90.00
_cell.angle_beta   90.00
_cell.angle_gamma   90.00
#
_symmetry.space_group_name_H-M   'P 1'
#
loop_
_entity.id
_entity.type
_entity.pdbx_description
1 polymer 'Fatty acid synthase subunit beta'
2 polymer 'Fatty acid synthase subunit alpha'
3 polymer 'Fatty acid synthase subunit alpha'
#
loop_
_entity_poly.entity_id
_entity_poly.type
_entity_poly.pdbx_seq_one_letter_code
_entity_poly.pdbx_strand_id
1 'polypeptide(L)'
;MDAYSTRPLTLSHGSLEHVLLVPTASFFIASQLQEQFNKILPEPTEGFAADDEPTTPAELVGKFLGYVSSLVEPSKVGQF
DQVLNLCLTEFENCYLEGNDIHALAAKLLQENDTTLVKTKELIKNYITARIMAKRPFDKKSNSALFRAVGEGNAQLVAIF
GGQGNTDDYFEELRDLYQTYHVLVGDLIKFSAETLSELIRTTLDAEKVFTQGLNILEWLENPSNTPDKDYLLSIPISCPL
IGVIQLAHYVVTAKLLGFTPGELRSYLKGATGHSQGLVTAVAIAETDSWESFFVSVRKAITVLFFIGVRCYEAYPNTSLP
PSILEDSLENNEGVPSPMLSISNLTQEQVQDYVNKTNSHLPAGKQVEISLVNGAKNLVVSGPPQSLYGLNLTLRKAKAPS
GLDQSRIPFSERKLKFSNRFLPVASPFHSHLLVPASDLINKDLVKNNVSFNAKDIQIPVYDTFDGSDLRVLSGSISERIV
DCIIRLPVKWETTTQFKATHILDFGPGGASGLGVLTHRNKDGTGVRVIVAGTLDINPDDDYGFKQEIFDVTSNGLKKNPN
WLEEYHPKLIKNKS(UNK)(UNK)(UNK)(UNK)(UNK)(UNK)(UNK)(UNK)(UNK)(UNK)(UNK)(UNK)(UNK)
(UNK)(UNK)(UNK)(UNK)(UNK)(UNK)(UNK)(UNK)(UNK)(UNK)(UNK)(UNK)(UNK)(UNK)(UNK)(UNK)
(UNK)(UNK)(UNK)(UNK)(UNK)(UNK)(UNK)(UNK)(UNK)(UNK)(UNK)(UNK)(UNK)(UNK)(UNK)(UNK)
(UNK)(UNK)(UNK)(UNK)(UNK)(UNK)(UNK)(UNK)(UNK)(UNK)(UNK)(UNK)(UNK)(UNK)(UNK)(UNK)
(UNK)(UNK)(UNK)(UNK)(UNK)(UNK)(UNK)(UNK)(UNK)(UNK)(UNK)(UNK)(UNK)(UNK)(UNK)(UNK)
(UNK)(UNK)(UNK)(UNK)(UNK)(UNK)(UNK)(UNK)(UNK)(UNK)(UNK)(UNK)(UNK)(UNK)(UNK)(UNK)
(UNK)(UNK)(UNK)(UNK)(UNK)(UNK)(UNK)(UNK)(UNK)(UNK)(UNK)(UNK)(UNK)(UNK)(UNK)(UNK)
(UNK)(UNK)(UNK)(UNK)(UNK)(UNK)(UNK)(UNK)(UNK)(UNK)(UNK)(UNK)(UNK)(UNK)(UNK)(UNK)
(UNK)(UNK)(UNK)(UNK)(UNK)(UNK)(UNK)(UNK)(UNK)(UNK)(UNK)(UNK)(UNK)(UNK)(UNK)(UNK)
(UNK)(UNK)(UNK)(UNK)(UNK)(UNK)(UNK)(UNK)(UNK)(UNK)(UNK)(UNK)(UNK)(UNK)(UNK)(UNK)
(UNK)(UNK)(UNK)(UNK)(UNK)(UNK)(UNK)(UNK)(UNK)(UNK)(UNK)(UNK)(UNK)(UNK)(UNK)(UNK)
(UNK)(UNK)(UNK)(UNK)(UNK)(UNK)(UNK)(UNK)(UNK)(UNK)(UNK)(UNK)(UNK)(UNK)(UNK)(UNK)
(UNK)(UNK)(UNK)(UNK)(UNK)(UNK)(UNK)(UNK)(UNK)(UNK)(UNK)(UNK)(UNK)(UNK)(UNK)(UNK)
(UNK)(UNK)(UNK)(UNK)(UNK)(UNK)(UNK)(UNK)(UNK)(UNK)(UNK)(UNK)(UNK)(UNK)(UNK)(UNK)
(UNK)(UNK)(UNK)(UNK)(UNK)(UNK)(UNK)(UNK)(UNK)(UNK)(UNK)(UNK)(UNK)(UNK)(UNK)(UNK)
(UNK)(UNK)(UNK)(UNK)(UNK)(UNK)(UNK)(UNK)(UNK)(UNK)(UNK)(UNK)(UNK)(UNK)(UNK)(UNK)
(UNK)(UNK)(UNK)(UNK)(UNK)(UNK)(UNK)(UNK)(UNK)(UNK)(UNK)(UNK)(UNK)(UNK)(UNK)(UNK)
(UNK)(UNK)(UNK)(UNK)(UNK)(UNK)(UNK)(UNK)(UNK)(UNK)(UNK)(UNK)(UNK)(UNK)(UNK)(UNK)
(UNK)(UNK)(UNK)(UNK)(UNK)(UNK)(UNK)(UNK)(UNK)(UNK)(UNK)(UNK)(UNK)(UNK)(UNK)(UNK)
(UNK)(UNK)(UNK)(UNK)(UNK)(UNK)(UNK)(UNK)(UNK)(UNK)(UNK)(UNK)(UNK)(UNK)(UNK)(UNK)
(UNK)(UNK)(UNK)(UNK)(UNK)(UNK)(UNK)(UNK)(UNK)(UNK)(UNK)(UNK)(UNK)(UNK)(UNK)(UNK)
(UNK)(UNK)(UNK)(UNK)(UNK)(UNK)(UNK)(UNK)(UNK)(UNK)(UNK)(UNK)(UNK)(UNK)(UNK)(UNK)
(UNK)(UNK)(UNK)(UNK)(UNK)(UNK)(UNK)(UNK)(UNK)(UNK)(UNK)(UNK)(UNK)(UNK)(UNK)(UNK)
(UNK)(UNK)(UNK)(UNK)(UNK)(UNK)(UNK)(UNK)(UNK)(UNK)(UNK)(UNK)(UNK)(UNK)(UNK)(UNK)
(UNK)(UNK)(UNK)(UNK)(UNK)(UNK)(UNK)(UNK)(UNK)(UNK)(UNK)(UNK)(UNK)(UNK)(UNK)(UNK)
(UNK)(UNK)(UNK)(UNK)(UNK)(UNK)(UNK)(UNK)(UNK)(UNK)(UNK)(UNK)(UNK)(UNK)(UNK)(UNK)
(UNK)(UNK)(UNK)(UNK)(UNK)(UNK)(UNK)(UNK)(UNK)(UNK)(UNK)(UNK)(UNK)(UNK)(UNK)(UNK)
(UNK)(UNK)(UNK)(UNK)(UNK)(UNK)(UNK)(UNK)(UNK)(UNK)(UNK)(UNK)(UNK)(UNK)(UNK)(UNK)
(UNK)(UNK)(UNK)(UNK)(UNK)(UNK)(UNK)(UNK)(UNK)(UNK)(UNK)(UNK)(UNK)(UNK)(UNK)(UNK)
(UNK)(UNK)(UNK)(UNK)(UNK)(UNK)(UNK)(UNK)(UNK)(UNK)(UNK)(UNK)(UNK)(UNK)(UNK)(UNK)
(UNK)(UNK)(UNK)(UNK)(UNK)(UNK)(UNK)(UNK)(UNK)(UNK)(UNK)(UNK)(UNK)(UNK)(UNK)(UNK)
(UNK)(UNK)(UNK)(UNK)(UNK)(UNK)(UNK)(UNK)(UNK)(UNK)(UNK)(UNK)(UNK)(UNK)(UNK)(UNK)
(UNK)(UNK)(UNK)(UNK)(UNK)(UNK)(UNK)(UNK)(UNK)(UNK)(UNK)(UNK)(UNK)(UNK)(UNK)(UNK)
(UNK)(UNK)(UNK)(UNK)(UNK)(UNK)(UNK)(UNK)(UNK)(UNK)(UNK)(UNK)(UNK)(UNK)(UNK)(UNK)
(UNK)(UNK)(UNK)(UNK)(UNK)(UNK)(UNK)(UNK)(UNK)(UNK)(UNK)(UNK)(UNK)(UNK)(UNK)(UNK)
(UNK)(UNK)(UNK)(UNK)(UNK)(UNK)(UNK)(UNK)(UNK)(UNK)(UNK)(UNK)(UNK)(UNK)(UNK)(UNK)
(UNK)(UNK)(UNK)(UNK)(UNK)(UNK)(UNK)(UNK)(UNK)(UNK)(UNK)(UNK)(UNK)(UNK)(UNK)(UNK)
(UNK)(UNK)(UNK)(UNK)(UNK)(UNK)(UNK)(UNK)(UNK)(UNK)(UNK)(UNK)(UNK)(UNK)(UNK)(UNK)
(UNK)(UNK)(UNK)(UNK)(UNK)(UNK)(UNK)(UNK)(UNK)(UNK)(UNK)(UNK)(UNK)(UNK)(UNK)(UNK)
(UNK)(UNK)(UNK)(UNK)(UNK)(UNK)(UNK)(UNK)(UNK)(UNK)(UNK)(UNK)(UNK)(UNK)(UNK)(UNK)
(UNK)(UNK)(UNK)(UNK)(UNK)(UNK)(UNK)(UNK)(UNK)(UNK)(UNK)(UNK)(UNK)(UNK)(UNK)(UNK)
(UNK)(UNK)(UNK)(UNK)(UNK)(UNK)(UNK)(UNK)(UNK)(UNK)(UNK)(UNK)(UNK)(UNK)(UNK)(UNK)
(UNK)(UNK)(UNK)(UNK)(UNK)(UNK)(UNK)(UNK)(UNK)(UNK)(UNK)(UNK)(UNK)(UNK)(UNK)(UNK)
(UNK)(UNK)(UNK)(UNK)(UNK)(UNK)(UNK)(UNK)(UNK)(UNK)(UNK)(UNK)(UNK)(UNK)(UNK)(UNK)
(UNK)(UNK)(UNK)(UNK)(UNK)(UNK)(UNK)(UNK)(UNK)(UNK)(UNK)(UNK)(UNK)(UNK)(UNK)(UNK)
(UNK)(UNK)(UNK)(UNK)(UNK)(UNK)(UNK)(UNK)(UNK)(UNK)(UNK)(UNK)(UNK)(UNK)(UNK)(UNK)
(UNK)(UNK)(UNK)(UNK)(UNK)(UNK)(UNK)(UNK)(UNK)(UNK)(UNK)(UNK)(UNK)(UNK)(UNK)(UNK)
(UNK)(UNK)(UNK)(UNK)(UNK)(UNK)(UNK)(UNK)(UNK)(UNK)(UNK)(UNK)(UNK)(UNK)(UNK)(UNK)
(UNK)(UNK)(UNK)(UNK)(UNK)(UNK)(UNK)(UNK)(UNK)(UNK)(UNK)(UNK)(UNK)(UNK)(UNK)(UNK)
(UNK)(UNK)(UNK)(UNK)(UNK)(UNK)(UNK)(UNK)(UNK)(UNK)(UNK)(UNK)(UNK)(UNK)(UNK)(UNK)
(UNK)(UNK)(UNK)(UNK)(UNK)(UNK)(UNK)(UNK)(UNK)(UNK)(UNK)(UNK)(UNK)(UNK)(UNK)(UNK)
(UNK)(UNK)(UNK)(UNK)(UNK)(UNK)(UNK)(UNK)(UNK)(UNK)(UNK)(UNK)(UNK)(UNK)(UNK)(UNK)
(UNK)(UNK)(UNK)(UNK)(UNK)(UNK)(UNK)(UNK)(UNK)(UNK)(UNK)(UNK)(UNK)(UNK)(UNK)(UNK)
(UNK)(UNK)(UNK)(UNK)(UNK)(UNK)(UNK)(UNK)(UNK)(UNK)(UNK)(UNK)(UNK)(UNK)(UNK)(UNK)
(UNK)(UNK)(UNK)(UNK)(UNK)(UNK)(UNK)(UNK)(UNK)(UNK)(UNK)(UNK)(UNK)(UNK)(UNK)(UNK)
(UNK)(UNK)(UNK)(UNK)(UNK)(UNK)(UNK)(UNK)(UNK)(UNK)(UNK)(UNK)(UNK)(UNK)(UNK)(UNK)
(UNK)(UNK)(UNK)(UNK)(UNK)(UNK)(UNK)(UNK)(UNK)(UNK)(UNK)(UNK)(UNK)(UNK)(UNK)(UNK)
(UNK)(UNK)(UNK)(UNK)(UNK)(UNK)(UNK)(UNK)(UNK)(UNK)(UNK)(UNK)(UNK)(UNK)(UNK)(UNK)
(UNK)(UNK)(UNK)(UNK)(UNK)(UNK)(UNK)(UNK)(UNK)(UNK)(UNK)(UNK)(UNK)(UNK)(UNK)(UNK)
(UNK)(UNK)(UNK)(UNK)(UNK)(UNK)(UNK)(UNK)(UNK)(UNK)(UNK)(UNK)(UNK)(UNK)(UNK)(UNK)
(UNK)(UNK)(UNK)(UNK)(UNK)(UNK)(UNK)(UNK)(UNK)(UNK)(UNK)(UNK)(UNK)(UNK)(UNK)(UNK)
(UNK)(UNK)(UNK)(UNK)(UNK)(UNK)(UNK)(UNK)(UNK)(UNK)(UNK)(UNK)(UNK)(UNK)(UNK)(UNK)
(UNK)(UNK)(UNK)(UNK)(UNK)(UNK)(UNK)(UNK)(UNK)(UNK)(UNK)(UNK)(UNK)(UNK)(UNK)(UNK)
(UNK)(UNK)(UNK)(UNK)(UNK)(UNK)(UNK)(UNK)(UNK)(UNK)(UNK)(UNK)(UNK)(UNK)(UNK)(UNK)
(UNK)(UNK)(UNK)(UNK)(UNK)(UNK)(UNK)(UNK)(UNK)(UNK)(UNK)(UNK)(UNK)(UNK)(UNK)(UNK)
(UNK)(UNK)(UNK)(UNK)VLPNTALKTSIQHVGMINGRKLIKFETRNEDDVVVLTGEAEIEQPVTTFVFTGQGSQEQG
MGMDLYKTSKAAQDVWNRADNHFKDTYGFSILDIVINNPVNLTIHFGGEKGKRIRENYSAMIFETIVDGKLKTEKIFKEI
NEHSTSYTFRSEKGLLSATQFTQPALTLMEKAAFEDLKSKGLIPADATFAGHSLGEYAALASLADVMSIESLVEVVFYRG
MTMQVAVPRDELGRSNYGMIAINPGRVAASFSQEALQYVVERVGKRTGWLVEIVNYNVENQQYVAAGDLRALDTVTNVLN
FIKLQKIDIIELQKSLSLEEVEGHLFEIIDEASKKSAVKPRPLKLERGFACIPLVGISVPFHSTYLMNGVKPFKSFLKKN
IIKENVKVARLAGKYIPNLTAKPFQVTKEYFQDVYDLTGSEPIKEIIDNWEKYEQS
;
B,F,G
2 'polypeptide(L)'
;(UNK)(UNK)(UNK)(UNK)(UNK)(UNK)(UNK)(UNK)(UNK)(UNK)(UNK)(UNK)(UNK)(UNK)(UNK)(UNK)
(UNK)(UNK)(UNK)(UNK)(UNK)(UNK)(UNK)(UNK)(UNK)(UNK)(UNK)(UNK)(UNK)(UNK)(UNK)(UNK)
(UNK)(UNK)(UNK)(UNK)(UNK)(UNK)(UNK)(UNK)(UNK)(UNK)(UNK)(UNK)(UNK)(UNK)(UNK)(UNK)
(UNK)(UNK)(UNK)(UNK)(UNK)(UNK)(UNK)(UNK)(UNK)(UNK)(UNK)(UNK)(UNK)(UNK)(UNK)(UNK)
(UNK)(UNK)(UNK)(UNK)(UNK)(UNK)(UNK)(UNK)(UNK)(UNK)(UNK)(UNK)(UNK)(UNK)(UNK)(UNK)
(UNK)(UNK)(UNK)(UNK)(UNK)(UNK)(UNK)(UNK)(UNK)(UNK)(UNK)(UNK)(UNK)(UNK)(UNK)(UNK)
(UNK)(UNK)(UNK)(UNK)(UNK)(UNK)(UNK)(UNK)(UNK)(UNK)(UNK)(UNK)(UNK)(UNK)(UNK)(UNK)
(UNK)(UNK)(UNK)(UNK)(UNK)(UNK)(UNK)(UNK)(UNK)(UNK)(UNK)(UNK)(UNK)(UNK)(UNK)(UNK)
(UNK)(UNK)(UNK)(UNK)(UNK)(UNK)(UNK)(UNK)(UNK)(UNK)(UNK)(UNK)(UNK)(UNK)(UNK)(UNK)
(UNK)(UNK)(UNK)(UNK)(UNK)(UNK)(UNK)(UNK)(UNK)(UNK)(UNK)(UNK)(UNK)(UNK)(UNK)(UNK)
(UNK)(UNK)(UNK)(UNK)(UNK)(UNK)(UNK)(UNK)(UNK)(UNK)(UNK)(UNK)(UNK)(UNK)(UNK)(UNK)
(UNK)(UNK)(UNK)(UNK)(UNK)(UNK)(UNK)(UNK)(UNK)(UNK)(UNK)(UNK)(UNK)(UNK)(UNK)(UNK)
(UNK)(UNK)(UNK)(UNK)(UNK)(UNK)(UNK)(UNK)(UNK)(UNK)(UNK)(UNK)(UNK)(UNK)(UNK)(UNK)
(UNK)(UNK)(UNK)(UNK)(UNK)(UNK)(UNK)(UNK)(UNK)(UNK)(UNK)(UNK)(UNK)(UNK)(UNK)(UNK)
(UNK)(UNK)(UNK)(UNK)(UNK)(UNK)(UNK)(UNK)(UNK)(UNK)(UNK)(UNK)(UNK)(UNK)(UNK)(UNK)
(UNK)(UNK)(UNK)(UNK)(UNK)(UNK)(UNK)(UNK)(UNK)(UNK)(UNK)(UNK)(UNK)(UNK)(UNK)(UNK)
(UNK)(UNK)(UNK)(UNK)(UNK)(UNK)(UNK)(UNK)(UNK)(UNK)(UNK)(UNK)(UNK)(UNK)(UNK)(UNK)
(UNK)(UNK)(UNK)(UNK)(UNK)(UNK)(UNK)(UNK)(UNK)(UNK)(UNK)(UNK)(UNK)(UNK)(UNK)(UNK)
(UNK)(UNK)(UNK)(UNK)(UNK)(UNK)(UNK)(UNK)(UNK)(UNK)(UNK)(UNK)(UNK)(UNK)(UNK)(UNK)
(UNK)(UNK)(UNK)(UNK)(UNK)(UNK)(UNK)(UNK)(UNK)(UNK)(UNK)(UNK)(UNK)(UNK)(UNK)(UNK)
(UNK)(UNK)(UNK)(UNK)(UNK)(UNK)(UNK)(UNK)(UNK)(UNK)(UNK)(UNK)(UNK)(UNK)(UNK)(UNK)
(UNK)(UNK)(UNK)(UNK)(UNK)(UNK)(UNK)(UNK)(UNK)(UNK)(UNK)(UNK)(UNK)(UNK)(UNK)(UNK)
(UNK)(UNK)(UNK)(UNK)(UNK)(UNK)(UNK)(UNK)(UNK)(UNK)(UNK)(UNK)(UNK)(UNK)(UNK)(UNK)
(UNK)(UNK)(UNK)(UNK)(UNK)(UNK)(UNK)(UNK)(UNK)(UNK)(UNK)(UNK)(UNK)(UNK)(UNK)(UNK)
(UNK)(UNK)(UNK)(UNK)(UNK)(UNK)(UNK)(UNK)(UNK)(UNK)(UNK)(UNK)(UNK)(UNK)(UNK)(UNK)
(UNK)(UNK)(UNK)(UNK)(UNK)(UNK)(UNK)(UNK)(UNK)(UNK)(UNK)(UNK)(UNK)(UNK)(UNK)(UNK)
(UNK)(UNK)(UNK)(UNK)(UNK)(UNK)(UNK)(UNK)(UNK)(UNK)(UNK)(UNK)(UNK)(UNK)(UNK)(UNK)
(UNK)(UNK)(UNK)(UNK)(UNK)(UNK)(UNK)(UNK)(UNK)(UNK)(UNK)(UNK)(UNK)(UNK)(UNK)(UNK)
(UNK)(UNK)(UNK)(UNK)(UNK)(UNK)(UNK)(UNK)(UNK)(UNK)(UNK)(UNK)(UNK)(UNK)(UNK)(UNK)
(UNK)(UNK)(UNK)(UNK)(UNK)(UNK)(UNK)(UNK)(UNK)(UNK)(UNK)(UNK)(UNK)(UNK)(UNK)(UNK)
(UNK)(UNK)(UNK)(UNK)(UNK)(UNK)(UNK)(UNK)(UNK)(UNK)(UNK)(UNK)(UNK)(UNK)(UNK)(UNK)
(UNK)(UNK)(UNK)(UNK)(UNK)(UNK)(UNK)(UNK)(UNK)(UNK)(UNK)(UNK)(UNK)(UNK)(UNK)(UNK)
(UNK)(UNK)(UNK)(UNK)(UNK)(UNK)(UNK)RKLSQYVQEMALGGPITKESQPTIEEDLTRVYKAISAQADKQDIS
SSTRVEFEKLYSDLMKFLESSKEIDPSQTTQLAGMDVEDALDKDSTKEVASLPNKSTISKTVSSTIPRETIPFLHLRKKT
PAGDWKYDRQLSSLFLDGLEKAAFNGVTFKDKYVLITGAGKGSIGAEVLQGLLQGGAKVVVTTSRFSKQVTDYYQSIYAK
YGAKGSTLIVVPFNQGSKQDVEALIEFIYDTEKNGGLGWDLDAIIPFAAIPEQGIELEHIDSKSEFAHRIMLTNILRMMG
CVKKQKSARGIETRPAQVILPMSPNHGTFGGDGMYSESKLSLETLFNRWHSESWANQLTVCGAIIGWTRGTGLMSANNII
AEGIEKMGVRTFSQKEMAFNLLGLLTPEVVELCQKSPVMADLNGGLQFVPELKEFTAKLRKELVETSEVRKAVSIETALE
HKVVNGNSADAAYAQVEIQPRANIQLDFPELKPYKQVKQIAPAELEGLLDLERVIVVTGFAEVGPWGSARTRWEMEAFGE
FSLEGCVEMAWIMGFISYHNGNLKGRPYTGWVDSKTKEPVDDKDVKAKYETSILEHSGIRLIEPELFNGYNPEKKEMIQE
VIVEEDLEPFEASKETAEQFKHQHGDKVDIFEIPETGEYSVKLLKGATLYIPKALRFDRLVAGQIPTGWNAKTYGISDDI
ISQVDPITLFVLVSVVEAFIASGITDPYEMYKYVHVSEVGNCSGSGMGGVSALRGMFKDRFKDEPVQNDILQESFINTMS
AWVNMLLISSSGPIKTPVGACATSVESVDIGVETILSGKARICIVGGYDDFQEEGSFEFGNMKATSNTLEEFEHGRTPAE
MSRPATTTRNGFMEAQGAGIQIIMQADLALKMGVPIYGIVAMAATATDKIGRSVPAPGKGILTTAREHHSSVKYASPNLN
MKYRKRQLVTREAQIKDWVENELEALKLEAEEIPSEDQNEFLLERTREIHNEAESQLRAAQQQWGNDFYKRDPRI(UNK)
(UNK)(UNK)(UNK)(UNK)(UNK)(UNK)(UNK)(UNK)(UNK)(UNK)(UNK)(UNK)(UNK)(UNK)(UNK)(UNK)
(UNK)(UNK)(UNK)(UNK)(UNK)(UNK)(UNK)(UNK)(UNK)(UNK)(UNK)(UNK)(UNK)(UNK)(UNK)(UNK)
(UNK)(UNK)(UNK)(UNK)(UNK)(UNK)(UNK)(UNK)(UNK)(UNK)(UNK)(UNK)(UNK)(UNK)(UNK)(UNK)
(UNK)(UNK)(UNK)(UNK)(UNK)(UNK)(UNK)(UNK)(UNK)(UNK)(UNK)(UNK)(UNK)(UNK)(UNK)(UNK)
(UNK)(UNK)(UNK)(UNK)(UNK)(UNK)(UNK)(UNK)(UNK)(UNK)(UNK)(UNK)(UNK)(UNK)(UNK)(UNK)
(UNK)(UNK)(UNK)(UNK)(UNK)(UNK)(UNK)(UNK)(UNK)(UNK)(UNK)(UNK)(UNK)(UNK)(UNK)(UNK)
(UNK)(UNK)(UNK)(UNK)(UNK)(UNK)(UNK)(UNK)(UNK)(UNK)(UNK)(UNK)(UNK)(UNK)(UNK)(UNK)
(UNK)(UNK)(UNK)(UNK)(UNK)(UNK)(UNK)(UNK)(UNK)(UNK)(UNK)(UNK)(UNK)(UNK)(UNK)(UNK)
(UNK)(UNK)(UNK)(UNK)(UNK)(UNK)(UNK)(UNK)(UNK)(UNK)(UNK)(UNK)(UNK)(UNK)(UNK)(UNK)
(UNK)(UNK)(UNK)(UNK)(UNK)(UNK)(UNK)(UNK)(UNK)(UNK)(UNK)(UNK)(UNK)(UNK)(UNK)(UNK)
(UNK)(UNK)(UNK)(UNK)(UNK)(UNK)(UNK)(UNK)(UNK)(UNK)(UNK)(UNK)(UNK)(UNK)(UNK)(UNK)
(UNK)(UNK)(UNK)(UNK)(UNK)(UNK)(UNK)(UNK)(UNK)(UNK)(UNK)(UNK)(UNK)(UNK)(UNK)(UNK)
(UNK)(UNK)(UNK)(UNK)(UNK)(UNK)(UNK)(UNK)(UNK)(UNK)(UNK)(UNK)(UNK)(UNK)(UNK)(UNK)
(UNK)(UNK)(UNK)(UNK)(UNK)(UNK)(UNK)(UNK)(UNK)(UNK)(UNK)(UNK)(UNK)(UNK)(UNK)(UNK)
(UNK)(UNK)(UNK)(UNK)(UNK)(UNK)(UNK)(UNK)(UNK)(UNK)(UNK)(UNK)(UNK)(UNK)(UNK)(UNK)
(UNK)(UNK)(UNK)(UNK)(UNK)(UNK)(UNK)(UNK)(UNK)(UNK)(UNK)(UNK)(UNK)(UNK)(UNK)(UNK)
(UNK)(UNK)(UNK)(UNK)(UNK)(UNK)(UNK)(UNK)(UNK)(UNK)(UNK)(UNK)(UNK)(UNK)(UNK)(UNK)
(UNK)(UNK)(UNK)(UNK)(UNK)(UNK)(UNK)(UNK)(UNK)(UNK)(UNK)(UNK)(UNK)(UNK)(UNK)(UNK)
(UNK)(UNK)(UNK)(UNK)(UNK)(UNK)(UNK)(UNK)(UNK)(UNK)(UNK)(UNK)(UNK)(UNK)(UNK)(UNK)
(UNK)(UNK)(UNK)(UNK)(UNK)(UNK)(UNK)(UNK)(UNK)(UNK)(UNK)(UNK)(UNK)(UNK)(UNK)(UNK)
(UNK)(UNK)(UNK)(UNK)(UNK)(UNK)(UNK)(UNK)(UNK)(UNK)(UNK)(UNK)(UNK)(UNK)(UNK)(UNK)
(UNK)(UNK)(UNK)(UNK)(UNK)(UNK)(UNK)(UNK)(UNK)(UNK)(UNK)(UNK)(UNK)(UNK)(UNK)(UNK)
(UNK)(UNK)(UNK)(UNK)(UNK)(UNK)(UNK)(UNK)(UNK)(UNK)(UNK)(UNK)(UNK)(UNK)(UNK)
;
A,D,E
3 'polypeptide(L)' LNMKYRKRQLVTREAQIKDWVENELEALKLEAEEIPSEDQNEFLLERTREIHNEAESQLRAAQQQWGNDFY C,H,I
#
# COMPACT_ATOMS: atom_id res chain seq x y z
N MET A 1 39.62 30.48 -29.83
CA MET A 1 38.52 29.97 -29.01
C MET A 1 37.54 29.13 -29.81
N ASP A 2 36.31 29.02 -29.29
CA ASP A 2 35.32 28.09 -29.79
C ASP A 2 33.95 28.76 -29.86
N ALA A 3 33.14 28.32 -30.82
CA ALA A 3 31.75 28.75 -30.91
C ALA A 3 30.90 27.76 -30.12
N TYR A 4 30.65 28.06 -28.86
CA TYR A 4 30.22 27.08 -27.87
C TYR A 4 28.75 26.70 -27.98
N SER A 5 28.24 26.07 -26.92
CA SER A 5 26.84 25.62 -26.75
C SER A 5 26.45 24.57 -27.79
N THR A 6 27.06 23.41 -27.61
CA THR A 6 26.74 22.07 -28.13
C THR A 6 27.09 21.94 -29.62
N ARG A 7 27.52 22.99 -30.29
CA ARG A 7 27.98 22.88 -31.68
C ARG A 7 29.25 23.69 -31.85
N PRO A 8 30.40 23.13 -31.47
CA PRO A 8 31.63 23.92 -31.40
C PRO A 8 32.26 24.17 -32.76
N LEU A 9 32.87 25.34 -32.90
CA LEU A 9 33.58 25.74 -34.11
C LEU A 9 34.64 26.76 -33.71
N THR A 10 35.83 26.66 -34.30
CA THR A 10 36.98 27.42 -33.85
C THR A 10 36.90 28.89 -34.25
N LEU A 11 37.42 29.75 -33.38
CA LEU A 11 37.61 31.18 -33.64
C LEU A 11 38.99 31.51 -33.08
N SER A 12 39.94 31.75 -33.98
CA SER A 12 41.37 31.48 -33.84
C SER A 12 41.99 32.03 -32.57
N HIS A 13 42.63 31.13 -31.81
CA HIS A 13 43.54 31.51 -30.73
C HIS A 13 44.75 32.22 -31.32
N GLY A 14 44.86 33.54 -31.14
CA GLY A 14 45.87 34.27 -31.87
C GLY A 14 47.30 34.19 -31.36
N SER A 15 47.60 33.33 -30.38
CA SER A 15 48.89 33.23 -29.69
C SER A 15 49.33 34.58 -29.10
N LEU A 16 48.56 35.03 -28.08
CA LEU A 16 48.74 36.20 -27.20
C LEU A 16 48.41 37.52 -27.88
N GLU A 17 48.21 37.54 -29.21
CA GLU A 17 47.72 38.75 -29.85
C GLU A 17 46.21 38.77 -30.00
N HIS A 18 45.56 37.62 -29.90
CA HIS A 18 44.10 37.55 -29.91
C HIS A 18 43.52 36.70 -28.81
N VAL A 19 44.35 35.93 -28.09
CA VAL A 19 43.87 35.20 -26.93
C VAL A 19 43.57 36.17 -25.77
N LEU A 20 44.14 37.38 -25.81
CA LEU A 20 43.90 38.35 -24.74
C LEU A 20 42.68 39.21 -24.98
N LEU A 21 42.14 39.25 -26.20
CA LEU A 21 40.98 40.06 -26.46
C LEU A 21 39.69 39.27 -26.44
N VAL A 22 39.76 37.95 -26.55
CA VAL A 22 38.60 37.08 -26.35
C VAL A 22 38.03 37.00 -24.93
N PRO A 23 38.73 37.30 -23.81
CA PRO A 23 37.98 37.47 -22.56
C PRO A 23 37.04 38.67 -22.59
N THR A 24 37.32 39.66 -23.45
CA THR A 24 36.33 40.65 -23.83
C THR A 24 35.39 40.15 -24.92
N ALA A 25 35.35 38.85 -25.16
CA ALA A 25 34.37 38.25 -26.05
C ALA A 25 33.69 37.04 -25.40
N SER A 26 34.40 36.32 -24.54
CA SER A 26 33.95 34.99 -24.14
C SER A 26 32.79 35.04 -23.15
N PHE A 27 32.90 35.87 -22.10
CA PHE A 27 31.72 36.12 -21.27
C PHE A 27 30.71 36.99 -22.01
N PHE A 28 31.17 37.71 -23.03
CA PHE A 28 30.41 38.82 -23.57
C PHE A 28 29.21 38.33 -24.37
N ILE A 29 29.35 37.20 -25.07
CA ILE A 29 28.20 36.50 -25.63
C ILE A 29 27.71 35.40 -24.69
N ALA A 30 28.31 35.26 -23.51
CA ALA A 30 27.74 34.41 -22.47
C ALA A 30 26.78 35.16 -21.58
N SER A 31 26.11 36.17 -22.13
CA SER A 31 25.04 36.85 -21.43
C SER A 31 23.90 35.88 -21.16
N GLN A 32 23.08 36.23 -20.16
CA GLN A 32 21.94 35.40 -19.78
C GLN A 32 20.93 35.29 -20.92
N LEU A 33 20.88 36.30 -21.78
CA LEU A 33 20.08 36.24 -23.00
C LEU A 33 20.54 35.14 -23.95
N GLN A 34 21.83 34.82 -23.96
CA GLN A 34 22.30 33.62 -24.64
C GLN A 34 22.44 32.44 -23.69
N GLU A 35 22.29 32.66 -22.38
CA GLU A 35 22.40 31.60 -21.39
C GLU A 35 21.07 31.14 -20.84
N GLN A 36 20.00 31.91 -21.06
CA GLN A 36 18.66 31.34 -20.90
C GLN A 36 18.19 30.73 -22.20
N PHE A 37 18.95 30.93 -23.26
CA PHE A 37 18.72 30.34 -24.56
C PHE A 37 19.23 28.90 -24.66
N ASN A 38 19.87 28.39 -23.60
CA ASN A 38 20.59 27.13 -23.72
C ASN A 38 20.03 25.99 -22.88
N LYS A 39 19.20 26.28 -21.89
CA LYS A 39 18.41 25.25 -21.23
C LYS A 39 17.25 24.79 -22.11
N ILE A 40 16.82 25.63 -23.05
CA ILE A 40 15.84 25.23 -24.07
C ILE A 40 16.49 24.29 -25.09
N LEU A 41 17.80 24.21 -25.13
CA LEU A 41 18.43 23.36 -26.13
C LEU A 41 18.35 21.85 -25.85
N PRO A 42 18.43 21.31 -24.59
CA PRO A 42 18.23 19.85 -24.44
C PRO A 42 16.88 19.27 -24.79
N GLU A 43 15.80 19.64 -24.08
CA GLU A 43 14.58 18.90 -24.35
C GLU A 43 13.76 19.44 -25.54
N PRO A 44 13.35 20.74 -25.60
CA PRO A 44 12.75 21.17 -26.90
C PRO A 44 13.83 21.71 -27.83
N THR A 45 14.55 20.79 -28.46
CA THR A 45 15.85 21.02 -29.08
C THR A 45 15.84 21.97 -30.27
N GLU A 46 16.35 23.20 -30.06
CA GLU A 46 16.75 24.14 -31.11
C GLU A 46 15.61 24.58 -32.02
N GLY A 47 14.37 24.56 -31.51
CA GLY A 47 13.28 25.15 -32.27
C GLY A 47 13.44 26.65 -32.37
N PHE A 48 14.09 27.23 -31.38
CA PHE A 48 14.39 28.65 -31.30
C PHE A 48 15.88 28.67 -30.99
N ALA A 49 16.39 29.85 -30.59
CA ALA A 49 17.69 29.99 -29.94
C ALA A 49 18.85 29.51 -30.80
N ALA A 50 19.24 30.31 -31.80
CA ALA A 50 20.38 30.06 -32.68
C ALA A 50 21.62 29.61 -31.93
N ASP A 51 22.49 28.86 -32.62
CA ASP A 51 23.05 27.54 -32.27
C ASP A 51 22.18 26.42 -32.84
N ASP A 52 21.19 26.75 -33.68
CA ASP A 52 20.46 25.70 -34.37
C ASP A 52 21.31 25.05 -35.45
N GLU A 53 22.37 25.73 -35.88
CA GLU A 53 23.35 25.32 -36.85
C GLU A 53 24.60 26.11 -36.51
N PRO A 54 25.79 25.49 -36.53
CA PRO A 54 26.98 26.13 -35.93
C PRO A 54 27.41 27.44 -36.58
N THR A 55 26.91 27.77 -37.77
CA THR A 55 27.11 29.12 -38.27
C THR A 55 26.31 30.12 -37.48
N THR A 56 25.11 29.77 -37.07
CA THR A 56 24.20 30.70 -36.43
C THR A 56 24.63 31.30 -35.08
N PRO A 57 25.50 30.69 -34.26
CA PRO A 57 26.06 31.50 -33.17
C PRO A 57 27.28 32.29 -33.57
N ALA A 58 28.08 31.80 -34.51
CA ALA A 58 29.27 32.52 -34.95
C ALA A 58 28.88 33.80 -35.69
N GLU A 59 27.71 33.80 -36.30
CA GLU A 59 27.20 35.05 -36.82
C GLU A 59 26.47 35.83 -35.74
N LEU A 60 25.99 35.13 -34.70
CA LEU A 60 25.38 35.83 -33.58
C LEU A 60 26.44 36.50 -32.73
N VAL A 61 27.62 35.89 -32.63
CA VAL A 61 28.77 36.60 -32.09
C VAL A 61 29.23 37.66 -33.08
N GLY A 62 29.22 37.30 -34.38
CA GLY A 62 29.49 38.27 -35.43
C GLY A 62 28.47 39.38 -35.51
N LYS A 63 27.23 39.11 -35.07
CA LYS A 63 26.31 40.18 -34.75
C LYS A 63 26.82 40.98 -33.57
N PHE A 64 27.02 40.31 -32.44
CA PHE A 64 27.05 40.97 -31.14
C PHE A 64 28.29 41.84 -30.97
N LEU A 65 29.46 41.31 -31.37
CA LEU A 65 30.68 42.10 -31.36
C LEU A 65 30.60 43.27 -32.32
N GLY A 66 29.98 43.08 -33.47
CA GLY A 66 29.92 44.13 -34.46
C GLY A 66 28.80 45.12 -34.23
N TYR A 67 27.93 44.84 -33.26
CA TYR A 67 26.78 45.70 -33.01
C TYR A 67 26.88 46.47 -31.70
N VAL A 68 27.75 46.04 -30.79
CA VAL A 68 28.11 46.81 -29.61
C VAL A 68 29.53 47.27 -29.92
N SER A 69 29.81 47.42 -31.21
CA SER A 69 31.14 47.75 -31.71
C SER A 69 31.44 49.25 -31.54
N SER A 70 32.44 49.72 -32.27
CA SER A 70 32.79 51.14 -32.29
C SER A 70 31.60 52.00 -32.71
N LEU A 71 30.78 51.49 -33.63
CA LEU A 71 29.52 52.05 -34.12
C LEU A 71 29.69 53.35 -34.90
N VAL A 72 30.93 53.77 -35.14
CA VAL A 72 31.25 54.98 -35.90
C VAL A 72 32.47 54.72 -36.78
N GLU A 73 32.51 55.41 -37.93
CA GLU A 73 33.64 55.33 -38.86
C GLU A 73 34.82 56.19 -38.41
N PRO A 74 34.64 57.40 -37.79
CA PRO A 74 35.71 57.93 -36.95
C PRO A 74 35.81 57.12 -35.67
N SER A 75 36.52 55.99 -35.76
CA SER A 75 36.23 54.81 -34.95
C SER A 75 36.54 54.99 -33.48
N LYS A 76 35.53 54.69 -32.65
CA LYS A 76 35.72 54.38 -31.25
C LYS A 76 36.74 53.26 -31.12
N VAL A 77 37.57 53.33 -30.06
CA VAL A 77 38.96 52.86 -30.03
C VAL A 77 39.10 51.40 -30.50
N GLY A 78 40.23 51.11 -31.16
CA GLY A 78 40.46 49.93 -31.99
C GLY A 78 40.17 48.54 -31.45
N GLN A 79 39.84 48.42 -30.17
CA GLN A 79 39.33 47.16 -29.61
C GLN A 79 38.10 46.67 -30.37
N PHE A 80 37.10 47.53 -30.52
CA PHE A 80 35.86 47.19 -31.18
C PHE A 80 35.93 47.52 -32.66
N ASP A 81 37.11 47.38 -33.26
CA ASP A 81 37.28 47.68 -34.66
C ASP A 81 38.02 46.58 -35.40
N GLN A 82 38.99 45.95 -34.75
CA GLN A 82 39.86 45.00 -35.42
C GLN A 82 39.46 43.55 -35.20
N VAL A 83 39.02 43.17 -34.00
CA VAL A 83 38.60 41.81 -33.76
C VAL A 83 37.29 41.49 -34.48
N LEU A 84 36.55 42.52 -34.91
CA LEU A 84 35.46 42.33 -35.85
C LEU A 84 35.95 41.78 -37.18
N ASN A 85 37.11 42.29 -37.65
CA ASN A 85 37.65 41.86 -38.93
C ASN A 85 38.09 40.41 -38.89
N LEU A 86 38.67 39.97 -37.77
CA LEU A 86 38.98 38.56 -37.64
C LEU A 86 37.74 37.73 -37.38
N CYS A 87 36.73 38.29 -36.70
CA CYS A 87 35.47 37.60 -36.57
C CYS A 87 34.63 37.68 -37.84
N LEU A 88 35.08 38.41 -38.84
CA LEU A 88 34.56 38.30 -40.19
C LEU A 88 35.37 37.30 -41.02
N THR A 89 36.70 37.46 -41.02
CA THR A 89 37.57 36.73 -41.94
C THR A 89 37.58 35.24 -41.64
N GLU A 90 37.44 34.88 -40.36
CA GLU A 90 37.28 33.48 -39.97
C GLU A 90 36.03 32.89 -40.60
N PHE A 91 34.93 33.64 -40.57
CA PHE A 91 33.71 33.16 -41.21
C PHE A 91 33.82 33.24 -42.73
N GLU A 92 34.63 34.18 -43.22
CA GLU A 92 34.71 34.49 -44.65
C GLU A 92 35.16 33.32 -45.52
N ASN A 93 35.93 32.38 -44.96
CA ASN A 93 36.28 31.17 -45.67
C ASN A 93 35.86 29.94 -44.87
N CYS A 94 34.90 30.11 -43.98
CA CYS A 94 34.37 28.97 -43.26
C CYS A 94 33.06 28.48 -43.87
N TYR A 95 32.28 29.37 -44.46
CA TYR A 95 30.96 28.91 -44.89
C TYR A 95 30.48 29.47 -46.22
N LEU A 96 31.25 30.30 -46.89
CA LEU A 96 30.81 30.82 -48.19
C LEU A 96 31.77 30.51 -49.32
N GLU A 97 33.07 30.74 -49.10
CA GLU A 97 34.15 30.45 -50.05
C GLU A 97 33.93 31.21 -51.36
N GLY A 98 33.73 32.52 -51.21
CA GLY A 98 33.22 33.33 -52.30
C GLY A 98 31.70 33.27 -52.33
N ASN A 99 31.14 33.59 -53.50
CA ASN A 99 29.78 33.24 -53.89
C ASN A 99 28.68 33.95 -53.08
N ASP A 100 29.01 35.00 -52.31
CA ASP A 100 28.03 36.01 -51.89
C ASP A 100 26.86 35.53 -51.04
N ILE A 101 27.03 35.49 -49.71
CA ILE A 101 26.30 34.69 -48.73
C ILE A 101 24.78 34.61 -48.82
N HIS A 102 24.14 35.35 -49.75
CA HIS A 102 22.77 35.01 -50.10
C HIS A 102 22.67 33.60 -50.69
N ALA A 103 23.76 33.07 -51.23
CA ALA A 103 23.83 31.64 -51.49
C ALA A 103 23.71 30.81 -50.22
N LEU A 104 24.25 31.31 -49.10
CA LEU A 104 24.10 30.58 -47.84
C LEU A 104 22.67 30.59 -47.34
N ALA A 105 21.86 31.56 -47.78
CA ALA A 105 20.43 31.45 -47.55
C ALA A 105 19.82 30.28 -48.30
N ALA A 106 20.36 29.95 -49.48
CA ALA A 106 19.97 28.69 -50.08
C ALA A 106 20.50 27.51 -49.29
N LYS A 107 21.72 27.63 -48.75
CA LYS A 107 22.25 26.64 -47.83
C LYS A 107 21.42 26.53 -46.56
N LEU A 108 20.86 27.63 -46.08
CA LEU A 108 19.95 27.52 -44.95
C LEU A 108 18.63 26.91 -45.38
N LEU A 109 18.22 27.08 -46.63
CA LEU A 109 17.01 26.41 -47.04
C LEU A 109 17.26 25.00 -47.58
N GLN A 110 18.44 24.44 -47.38
CA GLN A 110 18.64 23.05 -47.79
C GLN A 110 19.27 22.20 -46.70
N GLU A 111 19.97 22.80 -45.75
CA GLU A 111 20.73 21.99 -44.78
C GLU A 111 20.02 21.91 -43.43
N ASN A 112 19.84 23.05 -42.76
CA ASN A 112 19.32 23.08 -41.42
C ASN A 112 17.80 23.27 -41.47
N ASP A 113 17.22 23.67 -40.34
CA ASP A 113 15.79 23.90 -40.23
C ASP A 113 15.32 25.02 -41.16
N THR A 114 14.06 24.91 -41.59
CA THR A 114 13.45 25.86 -42.51
C THR A 114 12.99 27.09 -41.73
N THR A 115 13.92 28.01 -41.53
CA THR A 115 13.61 29.31 -40.96
C THR A 115 13.89 30.38 -42.00
N LEU A 116 12.97 31.35 -42.11
CA LEU A 116 13.22 32.52 -42.92
C LEU A 116 13.38 33.77 -42.08
N VAL A 117 12.53 33.93 -41.07
CA VAL A 117 12.59 35.11 -40.23
C VAL A 117 13.84 35.11 -39.38
N LYS A 118 14.40 33.93 -39.12
CA LYS A 118 15.72 33.85 -38.53
C LYS A 118 16.79 34.10 -39.58
N THR A 119 16.53 33.68 -40.81
CA THR A 119 17.51 33.84 -41.88
C THR A 119 17.72 35.30 -42.21
N LYS A 120 16.68 36.12 -42.06
CA LYS A 120 16.78 37.53 -42.38
C LYS A 120 17.76 38.26 -41.49
N GLU A 121 17.90 37.83 -40.24
CA GLU A 121 18.86 38.49 -39.36
C GLU A 121 20.28 38.11 -39.71
N LEU A 122 20.52 36.85 -40.08
CA LEU A 122 21.87 36.44 -40.43
C LEU A 122 22.30 36.98 -41.78
N ILE A 123 21.38 37.50 -42.57
CA ILE A 123 21.75 38.43 -43.63
C ILE A 123 22.24 39.73 -43.03
N LYS A 124 21.46 40.26 -42.08
CA LYS A 124 21.67 41.59 -41.53
C LYS A 124 22.88 41.61 -40.61
N ASN A 125 23.04 40.57 -39.78
CA ASN A 125 24.21 40.45 -38.93
C ASN A 125 25.49 40.32 -39.74
N TYR A 126 25.38 39.86 -40.99
CA TYR A 126 26.53 39.91 -41.86
C TYR A 126 26.71 41.30 -42.44
N ILE A 127 25.71 41.77 -43.20
CA ILE A 127 25.94 42.88 -44.13
C ILE A 127 26.11 44.20 -43.37
N THR A 128 25.38 44.39 -42.27
CA THR A 128 25.60 45.57 -41.45
C THR A 128 26.97 45.51 -40.76
N ALA A 129 27.32 44.36 -40.19
CA ALA A 129 28.66 44.19 -39.65
C ALA A 129 29.71 44.04 -40.74
N ARG A 130 29.30 43.81 -42.00
CA ARG A 130 30.27 43.88 -43.08
C ARG A 130 30.76 45.31 -43.28
N ILE A 131 29.93 46.30 -42.98
CA ILE A 131 30.29 47.69 -43.20
C ILE A 131 30.65 48.42 -41.91
N MET A 132 30.60 47.75 -40.76
CA MET A 132 30.94 48.40 -39.50
C MET A 132 32.42 48.73 -39.47
N ALA A 133 32.75 49.93 -39.92
CA ALA A 133 34.06 50.56 -39.85
C ALA A 133 35.22 49.82 -40.52
N LYS A 134 34.93 48.84 -41.37
CA LYS A 134 35.90 48.27 -42.31
C LYS A 134 35.09 47.58 -43.41
N ARG A 135 35.79 47.05 -44.41
CA ARG A 135 35.34 46.07 -45.39
C ARG A 135 34.22 46.51 -46.33
N PRO A 136 34.49 47.39 -47.30
CA PRO A 136 33.51 47.48 -48.39
C PRO A 136 33.79 46.45 -49.48
N GLN A 155 19.06 35.87 -69.90
CA GLN A 155 18.44 37.10 -70.36
C GLN A 155 17.60 37.73 -69.27
N LEU A 156 17.44 39.06 -69.34
CA LEU A 156 16.88 39.81 -68.25
C LEU A 156 15.83 40.79 -68.72
N VAL A 157 14.60 40.63 -68.21
CA VAL A 157 13.51 41.56 -68.43
C VAL A 157 13.00 42.02 -67.09
N ALA A 158 13.10 43.32 -66.82
CA ALA A 158 12.66 43.87 -65.55
C ALA A 158 11.20 44.24 -65.61
N ILE A 159 10.47 43.92 -64.56
CA ILE A 159 9.06 44.25 -64.44
C ILE A 159 8.85 44.98 -63.13
N PHE A 160 8.19 46.13 -63.22
CA PHE A 160 7.87 46.96 -62.07
C PHE A 160 6.41 46.79 -61.72
N GLY A 161 6.13 46.70 -60.43
CA GLY A 161 4.78 46.52 -59.94
C GLY A 161 4.08 47.86 -59.73
N GLY A 162 3.22 47.88 -58.72
CA GLY A 162 2.48 49.06 -58.38
C GLY A 162 1.00 48.81 -58.43
N GLN A 163 0.27 49.27 -57.39
CA GLN A 163 -1.16 49.01 -57.20
C GLN A 163 -1.46 47.52 -57.24
N GLY A 164 -0.63 46.74 -56.56
CA GLY A 164 -0.78 45.29 -56.58
C GLY A 164 -1.86 44.82 -55.64
N ASN A 165 -1.81 43.50 -55.37
CA ASN A 165 -2.68 42.89 -54.36
C ASN A 165 -1.95 42.80 -53.03
N THR A 166 -1.35 43.93 -52.64
CA THR A 166 -0.46 44.01 -51.48
C THR A 166 -1.09 44.94 -50.47
N ASP A 167 -1.69 44.38 -49.42
CA ASP A 167 -2.62 45.12 -48.59
C ASP A 167 -1.95 45.96 -47.51
N ASP A 168 -0.63 46.04 -47.49
CA ASP A 168 0.06 46.95 -46.60
C ASP A 168 0.83 48.02 -47.36
N TYR A 169 1.57 47.64 -48.42
CA TYR A 169 2.25 48.54 -49.36
C TYR A 169 3.36 49.39 -48.73
N PHE A 170 3.62 49.24 -47.43
CA PHE A 170 4.59 50.09 -46.75
C PHE A 170 5.51 49.30 -45.84
N GLU A 171 4.98 48.20 -45.29
CA GLU A 171 5.75 47.46 -44.28
C GLU A 171 6.89 46.68 -44.90
N GLU A 172 6.86 46.50 -46.21
CA GLU A 172 8.00 45.91 -46.89
C GLU A 172 9.14 46.90 -47.02
N LEU A 173 8.83 48.21 -47.03
CA LEU A 173 9.90 49.17 -46.82
C LEU A 173 10.34 49.15 -45.38
N ARG A 174 9.41 48.91 -44.46
CA ARG A 174 9.79 48.66 -43.08
C ARG A 174 10.60 47.39 -42.97
N ASP A 175 10.28 46.34 -43.74
CA ASP A 175 11.17 45.20 -43.83
C ASP A 175 12.21 45.36 -44.94
N LEU A 176 12.55 46.59 -45.29
CA LEU A 176 13.75 46.88 -46.04
C LEU A 176 14.77 47.62 -45.21
N TYR A 177 14.33 48.67 -44.53
CA TYR A 177 15.18 49.46 -43.65
C TYR A 177 15.60 48.66 -42.43
N GLN A 178 14.76 47.72 -41.98
CA GLN A 178 15.11 46.91 -40.82
C GLN A 178 16.17 45.87 -41.18
N THR A 179 15.97 45.14 -42.28
CA THR A 179 16.95 44.15 -42.69
C THR A 179 18.22 44.81 -43.19
N TYR A 180 18.08 45.80 -44.03
CA TYR A 180 19.23 46.41 -44.69
C TYR A 180 19.41 47.80 -44.15
N HIS A 181 20.61 48.09 -43.67
CA HIS A 181 20.94 49.43 -43.24
C HIS A 181 22.09 49.98 -44.06
N VAL A 182 22.81 49.11 -44.75
CA VAL A 182 23.94 49.53 -45.58
C VAL A 182 23.45 50.05 -46.91
N LEU A 183 22.55 49.30 -47.53
CA LEU A 183 22.25 49.49 -48.93
C LEU A 183 21.15 50.52 -49.13
N VAL A 184 20.41 50.85 -48.08
CA VAL A 184 19.27 51.74 -48.19
C VAL A 184 19.41 53.00 -47.34
N GLY A 185 20.34 53.02 -46.38
CA GLY A 185 20.45 54.16 -45.48
C GLY A 185 20.92 55.43 -46.15
N ASP A 186 21.57 55.32 -47.31
CA ASP A 186 21.99 56.52 -48.03
C ASP A 186 20.82 57.19 -48.73
N LEU A 187 20.05 56.42 -49.49
CA LEU A 187 19.07 57.00 -50.40
C LEU A 187 17.87 57.57 -49.67
N ILE A 188 17.59 57.07 -48.47
CA ILE A 188 16.46 57.56 -47.71
C ILE A 188 16.73 58.96 -47.15
N LYS A 189 18.00 59.27 -46.87
CA LYS A 189 18.32 60.58 -46.28
C LYS A 189 18.10 61.70 -47.28
N PHE A 190 18.30 61.41 -48.57
CA PHE A 190 17.87 62.34 -49.60
C PHE A 190 16.36 62.34 -49.70
N SER A 191 15.78 61.17 -49.93
CA SER A 191 14.41 61.08 -50.45
C SER A 191 13.39 61.47 -49.40
N ALA A 192 13.54 60.98 -48.17
CA ALA A 192 12.54 61.24 -47.14
C ALA A 192 12.51 62.69 -46.72
N GLU A 193 13.64 63.38 -46.86
CA GLU A 193 13.60 64.83 -46.79
C GLU A 193 12.91 65.42 -48.00
N THR A 194 13.15 64.83 -49.18
CA THR A 194 12.79 65.47 -50.45
C THR A 194 11.28 65.51 -50.64
N LEU A 195 10.58 64.46 -50.23
CA LEU A 195 9.13 64.48 -50.33
C LEU A 195 8.52 65.46 -49.32
N SER A 196 9.10 65.55 -48.13
CA SER A 196 8.75 66.63 -47.23
C SER A 196 9.27 67.98 -47.73
N GLU A 197 10.23 67.98 -48.64
CA GLU A 197 10.71 69.21 -49.25
C GLU A 197 9.85 69.64 -50.44
N LEU A 198 8.72 68.99 -50.68
CA LEU A 198 7.85 69.35 -51.78
C LEU A 198 6.46 69.79 -51.35
N ILE A 199 6.16 69.78 -50.05
CA ILE A 199 4.78 69.96 -49.61
C ILE A 199 4.37 71.43 -49.69
N ARG A 200 5.30 72.34 -49.47
CA ARG A 200 5.00 73.76 -49.53
C ARG A 200 5.08 74.33 -50.93
N THR A 201 5.52 73.54 -51.91
CA THR A 201 5.70 74.06 -53.26
C THR A 201 4.36 74.29 -53.95
N THR A 202 3.59 73.22 -54.14
CA THR A 202 2.20 73.35 -54.51
C THR A 202 1.45 73.73 -53.24
N LEU A 203 0.96 74.96 -53.19
CA LEU A 203 0.14 75.37 -52.06
C LEU A 203 -1.19 74.62 -52.10
N ASP A 204 -1.77 74.45 -50.91
CA ASP A 204 -3.00 73.72 -50.61
C ASP A 204 -2.89 72.23 -50.89
N ALA A 205 -1.72 71.73 -51.29
CA ALA A 205 -1.44 70.31 -51.22
C ALA A 205 -1.18 69.87 -49.79
N GLU A 206 -0.90 70.83 -48.92
CA GLU A 206 -0.75 70.56 -47.49
C GLU A 206 -2.07 70.10 -46.88
N LYS A 207 -3.17 70.73 -47.29
CA LYS A 207 -4.51 70.31 -46.91
C LYS A 207 -4.97 69.07 -47.66
N VAL A 208 -4.27 68.69 -48.72
CA VAL A 208 -4.44 67.36 -49.28
C VAL A 208 -3.66 66.34 -48.44
N PHE A 209 -2.63 66.80 -47.74
CA PHE A 209 -1.66 65.94 -47.07
C PHE A 209 -1.75 66.09 -45.56
N THR A 210 -2.97 66.00 -45.02
CA THR A 210 -3.25 66.45 -43.65
C THR A 210 -2.57 65.61 -42.58
N GLN A 211 -1.97 64.49 -42.93
CA GLN A 211 -0.98 63.85 -42.08
C GLN A 211 0.40 64.14 -42.64
N GLY A 212 1.30 64.61 -41.78
CA GLY A 212 2.56 65.15 -42.28
C GLY A 212 3.48 64.08 -42.80
N LEU A 213 4.39 64.48 -43.68
CA LEU A 213 5.22 63.54 -44.43
C LEU A 213 6.61 63.36 -43.81
N ASN A 214 6.69 63.29 -42.49
CA ASN A 214 7.89 62.77 -41.85
C ASN A 214 7.76 61.26 -41.79
N ILE A 215 8.14 60.61 -42.89
CA ILE A 215 8.06 59.15 -42.97
C ILE A 215 9.15 58.47 -42.15
N LEU A 216 10.14 59.23 -41.68
CA LEU A 216 11.28 58.65 -40.99
C LEU A 216 10.86 58.09 -39.64
N GLU A 217 10.09 58.86 -38.88
CA GLU A 217 9.59 58.36 -37.61
C GLU A 217 8.53 57.28 -37.78
N TRP A 218 7.92 57.17 -38.97
CA TRP A 218 7.08 56.01 -39.24
C TRP A 218 7.91 54.76 -39.32
N LEU A 219 9.13 54.88 -39.79
CA LEU A 219 10.08 53.78 -39.76
C LEU A 219 10.72 53.65 -38.40
N GLU A 220 10.92 54.76 -37.69
CA GLU A 220 11.58 54.68 -36.40
C GLU A 220 10.71 54.05 -35.33
N ASN A 221 9.39 54.09 -35.48
CA ASN A 221 8.53 53.45 -34.52
C ASN A 221 7.29 52.90 -35.21
N PRO A 222 6.77 51.76 -34.74
CA PRO A 222 5.40 51.39 -35.10
C PRO A 222 4.37 52.07 -34.22
N SER A 223 4.81 52.87 -33.25
CA SER A 223 3.86 53.58 -32.39
C SER A 223 3.15 54.68 -33.16
N ASN A 224 3.89 55.67 -33.63
CA ASN A 224 3.31 56.73 -34.43
C ASN A 224 3.64 56.51 -35.90
N THR A 225 3.75 55.25 -36.28
CA THR A 225 3.47 54.88 -37.65
C THR A 225 1.97 54.97 -37.86
N PRO A 226 1.50 55.69 -38.88
CA PRO A 226 0.08 56.01 -38.97
C PRO A 226 -0.77 54.80 -39.35
N ASP A 227 -2.08 55.01 -39.28
CA ASP A 227 -3.03 53.96 -39.58
C ASP A 227 -2.98 53.60 -41.07
N LYS A 228 -3.11 52.30 -41.33
CA LYS A 228 -2.74 51.75 -42.64
C LYS A 228 -3.67 52.21 -43.75
N ASP A 229 -4.95 52.47 -43.42
CA ASP A 229 -5.88 52.97 -44.42
C ASP A 229 -5.50 54.37 -44.87
N TYR A 230 -4.93 55.15 -43.98
CA TYR A 230 -4.44 56.47 -44.34
C TYR A 230 -3.02 56.41 -44.82
N LEU A 231 -2.35 55.28 -44.61
CA LEU A 231 -1.21 54.92 -45.44
C LEU A 231 -1.65 54.36 -46.78
N LEU A 232 -2.94 54.03 -46.92
CA LEU A 232 -3.49 53.51 -48.16
C LEU A 232 -4.15 54.59 -49.00
N SER A 233 -4.38 55.77 -48.41
CA SER A 233 -4.80 56.93 -49.20
C SER A 233 -3.77 57.22 -50.27
N ILE A 234 -4.25 57.54 -51.47
CA ILE A 234 -3.50 57.45 -52.72
C ILE A 234 -2.22 58.28 -52.72
N PRO A 235 -2.21 59.62 -52.44
CA PRO A 235 -0.92 60.29 -52.44
C PRO A 235 -0.19 60.16 -51.12
N ILE A 236 -0.36 59.00 -50.49
CA ILE A 236 0.63 58.41 -49.60
C ILE A 236 1.18 57.12 -50.16
N SER A 237 0.34 56.30 -50.78
CA SER A 237 0.73 55.03 -51.37
C SER A 237 1.60 55.20 -52.60
N CYS A 238 1.17 56.03 -53.56
CA CYS A 238 1.84 56.09 -54.85
C CYS A 238 3.29 56.58 -54.88
N PRO A 239 3.78 57.56 -54.04
CA PRO A 239 5.20 57.93 -54.21
C PRO A 239 6.16 57.01 -53.50
N LEU A 240 5.79 56.44 -52.35
CA LEU A 240 6.77 55.65 -51.62
C LEU A 240 6.94 54.27 -52.23
N ILE A 241 5.92 53.78 -52.93
CA ILE A 241 6.02 52.51 -53.63
C ILE A 241 7.12 52.57 -54.68
N GLY A 242 7.20 53.69 -55.39
CA GLY A 242 8.29 53.92 -56.31
C GLY A 242 9.64 53.99 -55.66
N VAL A 243 9.70 54.40 -54.38
CA VAL A 243 10.96 54.36 -53.66
C VAL A 243 11.37 52.92 -53.38
N ILE A 244 10.39 52.03 -53.16
CA ILE A 244 10.70 50.62 -52.97
C ILE A 244 11.19 50.01 -54.28
N GLN A 245 10.55 50.38 -55.38
CA GLN A 245 11.04 49.99 -56.70
C GLN A 245 12.25 50.79 -57.16
N LEU A 246 12.80 51.65 -56.29
CA LEU A 246 14.06 52.32 -56.53
C LEU A 246 15.13 51.81 -55.56
N ALA A 247 14.74 51.55 -54.32
CA ALA A 247 15.73 51.15 -53.32
C ALA A 247 16.20 49.73 -53.53
N HIS A 248 15.31 48.83 -53.93
CA HIS A 248 15.70 47.46 -54.25
C HIS A 248 16.62 47.39 -55.45
N TYR A 249 16.50 48.35 -56.37
CA TYR A 249 17.41 48.41 -57.49
C TYR A 249 18.79 48.87 -57.05
N VAL A 250 18.86 49.61 -55.95
CA VAL A 250 20.15 49.94 -55.37
C VAL A 250 20.69 48.76 -54.58
N VAL A 251 19.79 47.92 -54.03
CA VAL A 251 20.19 46.72 -53.29
C VAL A 251 21.04 45.79 -54.15
N THR A 252 20.52 45.42 -55.33
CA THR A 252 21.25 44.54 -56.21
C THR A 252 22.49 45.20 -56.79
N ALA A 253 22.43 46.52 -57.02
CA ALA A 253 23.63 47.27 -57.40
C ALA A 253 24.65 47.21 -56.28
N LYS A 254 24.20 47.28 -55.04
CA LYS A 254 25.10 47.16 -53.91
C LYS A 254 25.46 45.71 -53.63
N LEU A 255 24.58 44.77 -53.97
CA LEU A 255 24.91 43.37 -53.75
C LEU A 255 25.87 42.86 -54.81
N LEU A 256 25.60 43.16 -56.08
CA LEU A 256 26.47 42.69 -57.14
C LEU A 256 27.66 43.61 -57.37
N GLY A 257 27.85 44.60 -56.49
CA GLY A 257 28.98 45.49 -56.60
C GLY A 257 28.91 46.39 -57.81
N PHE A 258 27.72 46.78 -58.22
CA PHE A 258 27.56 47.45 -59.49
C PHE A 258 27.04 48.86 -59.32
N THR A 259 27.18 49.63 -60.38
CA THR A 259 26.42 50.84 -60.56
C THR A 259 25.15 50.50 -61.33
N PRO A 260 24.11 51.33 -61.23
CA PRO A 260 22.94 51.19 -62.10
C PRO A 260 23.23 51.08 -63.59
N GLY A 261 24.27 51.74 -64.09
CA GLY A 261 24.69 51.52 -65.47
C GLY A 261 25.19 50.10 -65.70
N GLU A 262 25.89 49.54 -64.72
CA GLU A 262 26.27 48.14 -64.79
C GLU A 262 25.08 47.23 -64.60
N LEU A 263 23.99 47.74 -64.03
CA LEU A 263 22.72 47.04 -64.11
C LEU A 263 22.00 47.34 -65.41
N ARG A 264 22.07 48.59 -65.89
CA ARG A 264 21.45 48.92 -67.16
C ARG A 264 22.18 48.30 -68.34
N SER A 265 23.46 47.94 -68.15
CA SER A 265 24.16 47.16 -69.15
C SER A 265 23.54 45.79 -69.30
N TYR A 266 23.26 45.14 -68.17
CA TYR A 266 22.69 43.79 -68.21
C TYR A 266 21.17 43.88 -68.14
N LEU A 267 20.58 44.33 -69.24
CA LEU A 267 19.14 44.37 -69.38
C LEU A 267 18.77 44.13 -70.83
N LYS A 268 17.59 43.55 -71.04
CA LYS A 268 17.01 43.49 -72.36
C LYS A 268 15.54 43.86 -72.36
N GLY A 269 14.88 43.84 -71.21
CA GLY A 269 13.46 44.15 -71.11
C GLY A 269 13.17 45.50 -70.51
N ALA A 270 13.00 45.51 -69.19
CA ALA A 270 12.72 46.70 -68.39
C ALA A 270 11.39 47.33 -68.79
N THR A 271 10.32 46.61 -68.48
CA THR A 271 8.97 47.06 -68.79
C THR A 271 8.05 46.65 -67.64
N GLY A 272 7.38 47.63 -67.05
CA GLY A 272 6.60 47.41 -65.85
C GLY A 272 5.20 47.98 -65.90
N HIS A 273 4.51 47.86 -64.76
CA HIS A 273 3.13 48.27 -64.64
C HIS A 273 3.02 49.78 -64.51
N SER A 274 1.78 50.25 -64.41
CA SER A 274 1.43 51.67 -64.45
C SER A 274 2.13 52.51 -63.39
N GLN A 275 2.08 52.08 -62.14
CA GLN A 275 2.77 52.79 -61.08
C GLN A 275 4.25 52.49 -61.02
N GLY A 276 4.77 51.73 -61.97
CA GLY A 276 6.19 51.52 -62.07
C GLY A 276 6.73 51.70 -63.48
N LEU A 277 5.87 52.06 -64.43
CA LEU A 277 6.35 52.31 -65.78
C LEU A 277 7.22 53.54 -65.82
N VAL A 278 6.74 54.64 -65.24
CA VAL A 278 7.53 55.85 -65.18
C VAL A 278 8.70 55.73 -64.21
N THR A 279 8.66 54.77 -63.29
CA THR A 279 9.85 54.43 -62.53
C THR A 279 10.86 53.73 -63.42
N ALA A 280 10.39 52.94 -64.38
CA ALA A 280 11.27 52.32 -65.36
C ALA A 280 11.70 53.28 -66.45
N VAL A 281 11.02 54.42 -66.58
CA VAL A 281 11.36 55.39 -67.62
C VAL A 281 12.66 56.11 -67.27
N ALA A 282 12.72 56.71 -66.08
CA ALA A 282 13.90 57.49 -65.71
C ALA A 282 15.08 56.58 -65.38
N ILE A 283 14.82 55.34 -64.97
CA ILE A 283 15.91 54.45 -64.57
C ILE A 283 16.65 53.90 -65.78
N ALA A 284 16.06 53.99 -66.97
CA ALA A 284 16.72 53.50 -68.17
C ALA A 284 17.80 54.47 -68.64
N GLU A 285 17.59 55.78 -68.43
CA GLU A 285 18.62 56.76 -68.71
C GLU A 285 19.36 57.11 -67.42
N THR A 286 19.91 56.08 -66.79
CA THR A 286 20.63 56.24 -65.55
C THR A 286 21.94 55.47 -65.62
N ASP A 287 23.05 56.19 -65.79
CA ASP A 287 24.36 55.56 -65.92
C ASP A 287 25.06 55.45 -64.58
N SER A 288 25.32 56.57 -63.93
CA SER A 288 26.14 56.57 -62.73
C SER A 288 25.27 56.61 -61.49
N TRP A 289 25.92 56.48 -60.34
CA TRP A 289 25.33 56.90 -59.09
C TRP A 289 25.11 58.40 -59.04
N GLU A 290 25.83 59.16 -59.86
CA GLU A 290 25.71 60.59 -59.89
C GLU A 290 24.70 61.06 -60.93
N SER A 291 24.42 60.23 -61.93
CA SER A 291 23.22 60.40 -62.73
C SER A 291 22.02 59.72 -62.08
N PHE A 292 22.17 59.14 -60.90
CA PHE A 292 21.08 58.43 -60.26
C PHE A 292 20.14 59.39 -59.57
N PHE A 293 20.67 60.14 -58.59
CA PHE A 293 19.83 60.94 -57.70
C PHE A 293 19.24 62.13 -58.42
N VAL A 294 19.88 62.57 -59.51
CA VAL A 294 19.26 63.59 -60.34
C VAL A 294 18.12 63.00 -61.17
N SER A 295 18.14 61.69 -61.41
CA SER A 295 17.05 61.01 -62.09
C SER A 295 16.02 60.44 -61.13
N VAL A 296 16.34 60.37 -59.83
CA VAL A 296 15.35 60.06 -58.81
C VAL A 296 14.33 61.20 -58.74
N ARG A 297 14.77 62.44 -58.97
CA ARG A 297 13.84 63.55 -58.93
C ARG A 297 12.88 63.55 -60.11
N LYS A 298 13.23 62.84 -61.18
CA LYS A 298 12.23 62.54 -62.21
C LYS A 298 11.11 61.66 -61.66
N ALA A 299 11.42 60.84 -60.65
CA ALA A 299 10.45 59.90 -60.12
C ALA A 299 9.71 60.44 -58.90
N ILE A 300 10.34 61.31 -58.12
CA ILE A 300 9.66 61.89 -56.97
C ILE A 300 8.56 62.83 -57.44
N THR A 301 8.91 63.78 -58.30
CA THR A 301 8.00 64.86 -58.63
C THR A 301 6.84 64.41 -59.51
N VAL A 302 6.89 63.20 -60.06
CA VAL A 302 5.70 62.73 -60.76
C VAL A 302 4.68 62.17 -59.76
N LEU A 303 5.05 61.13 -59.00
CA LEU A 303 4.09 60.41 -58.18
C LEU A 303 3.57 61.26 -57.03
N PHE A 304 4.38 62.22 -56.56
CA PHE A 304 3.87 63.22 -55.64
C PHE A 304 2.79 64.06 -56.31
N PHE A 305 3.09 64.56 -57.50
CA PHE A 305 2.10 65.34 -58.22
C PHE A 305 1.02 64.48 -58.82
N ILE A 306 1.28 63.19 -59.06
CA ILE A 306 0.22 62.31 -59.59
C ILE A 306 -0.90 62.16 -58.58
N GLY A 307 -0.55 61.85 -57.34
CA GLY A 307 -1.57 61.61 -56.34
C GLY A 307 -2.32 62.87 -55.95
N VAL A 308 -1.63 64.01 -55.97
CA VAL A 308 -2.30 65.22 -55.55
C VAL A 308 -3.25 65.73 -56.64
N ARG A 309 -3.02 65.36 -57.89
CA ARG A 309 -3.89 65.89 -58.94
C ARG A 309 -5.18 65.09 -59.05
N CYS A 310 -5.10 63.76 -58.97
CA CYS A 310 -6.30 62.97 -59.13
C CYS A 310 -7.20 63.01 -57.91
N TYR A 311 -6.63 63.23 -56.71
CA TYR A 311 -7.44 63.27 -55.51
C TYR A 311 -8.35 64.48 -55.48
N GLU A 312 -7.88 65.59 -56.04
CA GLU A 312 -8.71 66.74 -56.25
C GLU A 312 -9.78 66.49 -57.30
N ALA A 313 -9.54 65.57 -58.23
CA ALA A 313 -10.53 65.30 -59.26
C ALA A 313 -11.67 64.46 -58.70
N TYR A 314 -11.35 63.32 -58.11
CA TYR A 314 -12.35 62.53 -57.39
C TYR A 314 -11.93 62.41 -55.94
N PRO A 315 -12.65 63.02 -55.02
CA PRO A 315 -12.35 62.84 -53.60
C PRO A 315 -12.95 61.54 -53.08
N ASN A 316 -12.39 61.07 -51.98
CA ASN A 316 -13.00 59.99 -51.23
C ASN A 316 -14.25 60.50 -50.56
N THR A 317 -15.28 59.67 -50.48
CA THR A 317 -16.42 59.99 -49.65
C THR A 317 -16.66 58.88 -48.66
N SER A 318 -17.27 59.24 -47.53
CA SER A 318 -17.72 58.22 -46.59
C SER A 318 -18.89 57.49 -47.21
N LEU A 319 -18.78 56.18 -47.31
CA LEU A 319 -19.80 55.41 -48.01
C LEU A 319 -21.07 55.34 -47.18
N PRO A 320 -22.24 55.30 -47.83
CA PRO A 320 -23.46 54.88 -47.14
C PRO A 320 -23.29 53.49 -46.56
N PRO A 321 -23.45 53.34 -45.25
CA PRO A 321 -23.17 52.04 -44.62
C PRO A 321 -24.21 51.00 -44.90
N SER A 322 -25.33 51.38 -45.53
CA SER A 322 -26.30 50.41 -46.02
C SER A 322 -25.66 49.49 -47.06
N ILE A 323 -24.72 50.02 -47.83
CA ILE A 323 -23.95 49.20 -48.77
C ILE A 323 -22.91 48.37 -48.01
N LEU A 324 -22.49 48.84 -46.83
CA LEU A 324 -21.36 48.22 -46.14
C LEU A 324 -21.68 46.85 -45.57
N GLU A 325 -22.94 46.49 -45.40
CA GLU A 325 -23.26 45.20 -44.80
C GLU A 325 -23.08 44.05 -45.78
N ASP A 326 -23.75 44.11 -46.93
CA ASP A 326 -23.75 42.96 -47.83
C ASP A 326 -22.43 42.79 -48.54
N SER A 327 -21.57 43.80 -48.49
CA SER A 327 -20.21 43.63 -48.96
C SER A 327 -19.43 42.67 -48.06
N LEU A 328 -19.88 42.47 -46.82
CA LEU A 328 -19.19 41.56 -45.91
C LEU A 328 -19.58 40.11 -46.14
N GLU A 329 -20.86 39.83 -46.44
CA GLU A 329 -21.31 38.44 -46.51
C GLU A 329 -20.81 37.74 -47.77
N ASN A 330 -20.62 38.50 -48.85
CA ASN A 330 -19.96 38.01 -50.05
C ASN A 330 -18.45 38.12 -49.95
N ASN A 331 -17.96 38.58 -48.78
CA ASN A 331 -16.54 38.67 -48.43
C ASN A 331 -15.79 39.58 -49.39
N GLU A 332 -16.47 40.62 -49.89
CA GLU A 332 -15.88 41.52 -50.86
C GLU A 332 -15.06 42.61 -50.21
N GLY A 333 -15.08 42.71 -48.88
CA GLY A 333 -14.27 43.70 -48.20
C GLY A 333 -14.81 45.10 -48.38
N VAL A 334 -13.93 46.06 -48.15
CA VAL A 334 -14.26 47.49 -48.30
C VAL A 334 -14.52 47.78 -49.79
N PRO A 335 -15.61 48.43 -50.12
CA PRO A 335 -15.99 48.57 -51.53
C PRO A 335 -15.28 49.67 -52.29
N SER A 336 -14.06 50.06 -51.86
CA SER A 336 -13.14 51.01 -52.48
C SER A 336 -13.16 50.93 -54.00
N PRO A 337 -13.23 52.06 -54.70
CA PRO A 337 -13.68 52.05 -56.10
C PRO A 337 -12.71 51.41 -57.09
N MET A 338 -12.45 50.12 -56.90
CA MET A 338 -11.65 49.34 -57.84
C MET A 338 -12.01 47.89 -57.60
N LEU A 339 -12.72 47.29 -58.56
CA LEU A 339 -13.17 45.91 -58.42
C LEU A 339 -12.79 45.11 -59.64
N SER A 340 -12.21 43.94 -59.42
CA SER A 340 -11.81 43.05 -60.48
C SER A 340 -12.67 41.80 -60.44
N ILE A 341 -12.79 41.16 -61.56
CA ILE A 341 -13.46 39.87 -61.65
C ILE A 341 -12.43 38.80 -61.91
N SER A 342 -12.87 37.56 -61.79
CA SER A 342 -11.98 36.42 -61.96
C SER A 342 -12.62 35.38 -62.85
N ASN A 343 -11.93 35.11 -63.96
CA ASN A 343 -12.11 33.90 -64.75
C ASN A 343 -13.51 33.78 -65.34
N LEU A 344 -13.90 34.85 -66.02
CA LEU A 344 -14.96 34.78 -66.99
C LEU A 344 -14.39 35.25 -68.31
N THR A 345 -15.05 34.92 -69.41
CA THR A 345 -14.58 35.41 -70.69
C THR A 345 -15.24 36.76 -70.92
N GLN A 346 -14.56 37.60 -71.69
CA GLN A 346 -14.94 38.98 -71.79
C GLN A 346 -16.23 39.14 -72.59
N GLU A 347 -16.84 40.32 -72.42
CA GLU A 347 -18.05 40.82 -73.06
C GLU A 347 -19.32 40.09 -72.60
N GLN A 348 -19.19 39.03 -71.81
CA GLN A 348 -20.34 38.55 -71.06
C GLN A 348 -20.68 39.54 -69.97
N VAL A 349 -19.66 39.97 -69.23
CA VAL A 349 -19.89 40.88 -68.12
C VAL A 349 -20.15 42.29 -68.63
N GLN A 350 -19.76 42.57 -69.87
CA GLN A 350 -20.03 43.87 -70.47
C GLN A 350 -21.52 44.09 -70.66
N ASP A 351 -22.27 43.01 -70.89
CA ASP A 351 -23.73 43.08 -70.87
C ASP A 351 -24.22 43.56 -69.51
N TYR A 352 -23.62 43.05 -68.45
CA TYR A 352 -23.96 43.55 -67.12
C TYR A 352 -23.46 44.95 -66.91
N VAL A 353 -22.38 45.35 -67.59
CA VAL A 353 -22.02 46.77 -67.61
C VAL A 353 -23.05 47.56 -68.42
N ASN A 354 -23.53 46.97 -69.53
CA ASN A 354 -24.44 47.68 -70.42
C ASN A 354 -25.78 47.94 -69.75
N LYS A 355 -26.28 46.99 -68.98
CA LYS A 355 -27.52 47.19 -68.26
C LYS A 355 -27.34 48.22 -67.15
N THR A 356 -26.21 48.17 -66.45
CA THR A 356 -26.00 49.10 -65.35
C THR A 356 -25.72 50.50 -65.87
N ASN A 357 -24.94 50.60 -66.94
CA ASN A 357 -24.72 51.90 -67.54
C ASN A 357 -25.94 52.43 -68.29
N SER A 358 -26.94 51.58 -68.55
CA SER A 358 -28.20 52.08 -69.07
C SER A 358 -28.96 52.83 -67.99
N HIS A 359 -29.16 52.19 -66.84
CA HIS A 359 -29.85 52.83 -65.72
C HIS A 359 -29.01 53.91 -65.07
N LEU A 360 -27.74 53.93 -65.33
CA LEU A 360 -26.98 55.05 -64.82
C LEU A 360 -27.20 56.30 -65.68
N PRO A 361 -27.16 57.46 -65.07
CA PRO A 361 -27.03 58.71 -65.83
C PRO A 361 -25.60 58.87 -66.32
N ALA A 362 -25.38 59.94 -67.09
CA ALA A 362 -24.12 60.09 -67.81
C ALA A 362 -22.97 60.46 -66.89
N GLY A 363 -23.27 60.99 -65.70
CA GLY A 363 -22.20 61.43 -64.82
C GLY A 363 -21.45 60.29 -64.16
N LYS A 364 -22.10 59.15 -63.99
CA LYS A 364 -21.53 58.07 -63.20
C LYS A 364 -21.54 56.75 -63.96
N GLN A 365 -21.31 56.78 -65.28
CA GLN A 365 -21.26 55.53 -66.00
C GLN A 365 -19.93 54.82 -65.75
N VAL A 366 -19.94 53.51 -65.94
CA VAL A 366 -18.89 52.63 -65.46
C VAL A 366 -18.14 52.05 -66.65
N GLU A 367 -16.83 51.97 -66.55
CA GLU A 367 -15.97 51.52 -67.63
C GLU A 367 -14.92 50.54 -67.10
N ILE A 368 -14.50 49.62 -67.95
CA ILE A 368 -13.51 48.60 -67.61
C ILE A 368 -12.12 49.15 -67.85
N SER A 369 -11.29 49.13 -66.82
CA SER A 369 -9.94 49.68 -66.94
C SER A 369 -9.01 48.72 -67.67
N LEU A 370 -8.84 47.52 -67.15
CA LEU A 370 -7.72 46.66 -67.54
C LEU A 370 -8.16 45.32 -68.08
N VAL A 371 -7.26 44.71 -68.87
CA VAL A 371 -7.45 43.39 -69.45
C VAL A 371 -6.24 42.56 -68.99
N ASN A 372 -5.82 42.77 -67.74
CA ASN A 372 -4.62 42.08 -67.24
C ASN A 372 -4.85 40.59 -67.16
N GLY A 373 -4.13 39.84 -67.98
CA GLY A 373 -4.33 38.42 -68.10
C GLY A 373 -5.45 38.09 -69.06
N ALA A 374 -5.56 36.81 -69.37
CA ALA A 374 -6.59 36.37 -70.30
C ALA A 374 -7.97 36.39 -69.69
N LYS A 375 -8.08 36.43 -68.36
CA LYS A 375 -9.37 36.30 -67.72
C LYS A 375 -9.73 37.49 -66.85
N ASN A 376 -8.84 37.91 -65.96
CA ASN A 376 -9.19 38.91 -64.94
C ASN A 376 -9.31 40.30 -65.56
N LEU A 377 -10.37 40.99 -65.19
CA LEU A 377 -10.68 42.31 -65.77
C LEU A 377 -10.93 43.28 -64.63
N VAL A 378 -10.13 44.34 -64.59
CA VAL A 378 -10.27 45.36 -63.55
C VAL A 378 -11.27 46.41 -64.01
N VAL A 379 -12.16 46.83 -63.12
CA VAL A 379 -13.18 47.82 -63.44
C VAL A 379 -13.08 48.97 -62.45
N SER A 380 -13.14 50.20 -62.95
CA SER A 380 -13.02 51.40 -62.13
C SER A 380 -14.16 52.36 -62.41
N GLY A 381 -14.62 53.08 -61.38
CA GLY A 381 -15.71 54.01 -61.51
C GLY A 381 -16.25 54.46 -60.17
N PRO A 382 -17.47 55.00 -60.16
CA PRO A 382 -18.10 55.37 -58.89
C PRO A 382 -18.47 54.13 -58.09
N PRO A 383 -18.28 54.15 -56.78
CA PRO A 383 -18.32 52.91 -56.01
C PRO A 383 -19.70 52.37 -55.80
N GLN A 384 -20.72 53.23 -55.74
CA GLN A 384 -22.10 52.76 -55.65
C GLN A 384 -22.45 51.97 -56.89
N SER A 385 -22.09 52.49 -58.05
CA SER A 385 -22.37 51.79 -59.28
C SER A 385 -21.44 50.59 -59.45
N LEU A 386 -20.22 50.69 -58.92
CA LEU A 386 -19.38 49.50 -58.83
C LEU A 386 -20.00 48.47 -57.90
N TYR A 387 -20.59 48.93 -56.81
CA TYR A 387 -21.40 48.02 -56.01
C TYR A 387 -22.65 47.63 -56.77
N GLY A 388 -23.17 48.54 -57.59
CA GLY A 388 -24.33 48.24 -58.41
C GLY A 388 -24.07 47.17 -59.44
N LEU A 389 -22.82 47.04 -59.88
CA LEU A 389 -22.50 45.97 -60.82
C LEU A 389 -22.55 44.60 -60.14
N ASN A 390 -22.24 44.54 -58.85
CA ASN A 390 -22.32 43.26 -58.12
C ASN A 390 -23.74 42.73 -58.04
N LEU A 391 -24.74 43.61 -58.11
CA LEU A 391 -26.11 43.20 -57.87
C LEU A 391 -26.60 42.27 -58.96
N THR A 392 -26.41 42.65 -60.21
CA THR A 392 -26.69 41.71 -61.28
C THR A 392 -25.61 40.66 -61.42
N LEU A 393 -24.45 40.85 -60.78
CA LEU A 393 -23.44 39.82 -60.80
C LEU A 393 -23.53 38.91 -59.58
N ARG A 394 -24.40 39.23 -58.63
CA ARG A 394 -24.85 38.22 -57.68
C ARG A 394 -25.96 37.37 -58.26
N LYS A 395 -26.61 37.85 -59.32
CA LYS A 395 -27.34 37.00 -60.23
C LYS A 395 -26.35 36.34 -61.19
N ALA A 396 -26.80 35.27 -61.84
CA ALA A 396 -26.05 34.45 -62.79
C ALA A 396 -24.80 33.84 -62.18
N LYS A 397 -24.79 33.66 -60.88
CA LYS A 397 -23.60 33.26 -60.15
C LYS A 397 -23.93 32.11 -59.22
N ALA A 398 -23.13 31.07 -59.27
CA ALA A 398 -23.46 29.97 -58.39
C ALA A 398 -22.87 30.20 -57.00
N PRO A 399 -23.44 29.54 -55.98
CA PRO A 399 -22.76 29.38 -54.68
C PRO A 399 -21.76 28.24 -54.66
N SER A 400 -21.27 27.83 -55.84
CA SER A 400 -20.21 26.82 -56.05
C SER A 400 -20.69 25.40 -55.75
N GLY A 401 -21.84 25.03 -56.33
CA GLY A 401 -22.28 23.66 -56.29
C GLY A 401 -21.78 22.87 -57.49
N LEU A 402 -21.69 21.55 -57.31
CA LEU A 402 -21.07 20.67 -58.31
C LEU A 402 -22.02 20.41 -59.48
N ASP A 403 -21.54 20.71 -60.70
CA ASP A 403 -22.33 20.46 -61.90
C ASP A 403 -21.50 19.80 -63.00
N GLN A 404 -20.29 19.32 -62.67
CA GLN A 404 -19.51 18.56 -63.63
C GLN A 404 -20.07 17.16 -63.84
N SER A 405 -20.98 16.73 -62.97
CA SER A 405 -21.64 15.44 -63.14
C SER A 405 -22.56 15.46 -64.35
N ARG A 406 -23.59 16.31 -64.32
CA ARG A 406 -24.61 16.30 -65.36
C ARG A 406 -24.31 17.41 -66.38
N ILE A 407 -23.58 17.03 -67.42
CA ILE A 407 -23.33 17.80 -68.65
C ILE A 407 -22.77 19.18 -68.33
N PRO A 408 -21.50 19.30 -67.92
CA PRO A 408 -20.97 20.60 -67.49
C PRO A 408 -20.87 21.63 -68.61
N PHE A 409 -20.32 21.26 -69.76
CA PHE A 409 -20.09 22.23 -70.81
C PHE A 409 -21.30 22.35 -71.75
N SER A 410 -22.52 22.41 -71.20
CA SER A 410 -23.68 22.81 -72.02
C SER A 410 -24.71 23.67 -71.32
N GLU A 411 -24.81 23.66 -69.98
CA GLU A 411 -25.89 24.39 -69.30
C GLU A 411 -25.48 25.05 -67.99
N ARG A 412 -24.18 25.31 -67.78
CA ARG A 412 -23.64 25.60 -66.45
C ARG A 412 -24.06 26.98 -65.94
N LYS A 413 -24.32 27.06 -64.63
CA LYS A 413 -24.21 28.31 -63.89
C LYS A 413 -22.79 28.42 -63.35
N LEU A 414 -22.17 29.56 -63.61
CA LEU A 414 -20.71 29.70 -63.58
C LEU A 414 -20.19 30.01 -62.18
N LYS A 415 -18.89 30.34 -62.09
CA LYS A 415 -18.24 30.65 -60.83
C LYS A 415 -17.59 32.02 -60.87
N PHE A 416 -17.36 32.59 -59.68
CA PHE A 416 -16.82 33.93 -59.54
C PHE A 416 -15.87 33.97 -58.36
N SER A 417 -15.06 35.03 -58.33
CA SER A 417 -14.39 35.48 -57.11
C SER A 417 -14.09 36.96 -57.33
N ASN A 418 -14.82 37.82 -56.64
CA ASN A 418 -14.81 39.25 -56.93
C ASN A 418 -14.56 40.06 -55.68
N ARG A 419 -13.51 39.73 -54.93
CA ARG A 419 -13.13 40.60 -53.81
C ARG A 419 -12.53 41.89 -54.33
N PHE A 420 -12.62 42.93 -53.51
CA PHE A 420 -12.28 44.28 -53.96
C PHE A 420 -10.77 44.51 -53.99
N LEU A 421 -10.39 45.68 -54.45
CA LEU A 421 -9.03 46.17 -54.49
C LEU A 421 -8.96 47.50 -53.77
N PRO A 422 -7.92 47.74 -53.02
CA PRO A 422 -7.88 48.94 -52.17
C PRO A 422 -7.20 50.13 -52.85
N VAL A 423 -7.82 50.61 -53.92
CA VAL A 423 -7.37 51.83 -54.58
C VAL A 423 -8.37 52.92 -54.25
N ALA A 424 -7.87 54.02 -53.70
CA ALA A 424 -8.74 55.09 -53.23
C ALA A 424 -8.90 56.21 -54.23
N SER A 425 -8.48 56.02 -55.48
CA SER A 425 -8.79 56.94 -56.56
C SER A 425 -8.81 56.14 -57.86
N PRO A 426 -9.93 56.15 -58.57
CA PRO A 426 -10.15 55.13 -59.61
C PRO A 426 -9.32 55.31 -60.85
N PHE A 427 -8.09 54.79 -60.83
CA PHE A 427 -7.14 54.95 -61.93
C PHE A 427 -7.62 54.25 -63.20
N HIS A 428 -7.05 54.67 -64.32
CA HIS A 428 -7.33 54.16 -65.66
C HIS A 428 -8.81 54.29 -66.00
N SER A 429 -9.28 55.52 -65.93
CA SER A 429 -10.70 55.82 -66.04
C SER A 429 -10.92 56.87 -67.10
N HIS A 430 -12.15 57.38 -67.15
CA HIS A 430 -12.49 58.44 -68.07
C HIS A 430 -12.87 59.74 -67.40
N LEU A 431 -13.51 59.67 -66.24
CA LEU A 431 -13.97 60.86 -65.54
C LEU A 431 -12.83 61.74 -65.05
N LEU A 432 -11.65 61.18 -64.84
CA LEU A 432 -10.55 61.97 -64.29
C LEU A 432 -9.66 62.55 -65.37
N VAL A 433 -10.28 63.29 -66.28
CA VAL A 433 -9.57 64.02 -67.31
C VAL A 433 -8.89 65.34 -66.86
N PRO A 434 -9.43 66.22 -65.98
CA PRO A 434 -8.80 67.54 -65.86
C PRO A 434 -7.48 67.52 -65.10
N ALA A 435 -7.23 66.52 -64.27
CA ALA A 435 -5.95 66.36 -63.62
C ALA A 435 -4.85 66.01 -64.61
N SER A 436 -5.21 65.39 -65.73
CA SER A 436 -4.24 65.02 -66.74
C SER A 436 -3.62 66.25 -67.38
N ASP A 437 -4.45 67.17 -67.86
CA ASP A 437 -3.90 68.32 -68.55
C ASP A 437 -3.34 69.34 -67.56
N LEU A 438 -3.66 69.21 -66.27
CA LEU A 438 -3.16 70.11 -65.24
C LEU A 438 -1.78 69.72 -64.74
N ILE A 439 -1.51 68.42 -64.60
CA ILE A 439 -0.26 67.97 -64.01
C ILE A 439 0.92 68.21 -64.94
N ASN A 440 0.70 68.19 -66.26
CA ASN A 440 1.83 68.39 -67.15
C ASN A 440 2.19 69.85 -67.24
N LYS A 441 1.25 70.72 -66.89
CA LYS A 441 1.61 72.09 -66.57
C LYS A 441 2.51 72.15 -65.34
N ASP A 442 2.16 71.36 -64.31
CA ASP A 442 2.98 71.30 -63.10
C ASP A 442 4.33 70.67 -63.37
N LEU A 443 4.42 69.74 -64.31
CA LEU A 443 5.71 69.16 -64.60
C LEU A 443 6.49 69.99 -65.63
N VAL A 444 5.81 70.86 -66.37
CA VAL A 444 6.51 71.90 -67.10
C VAL A 444 7.12 72.91 -66.11
N LYS A 445 6.44 73.10 -64.97
CA LYS A 445 6.77 74.18 -64.03
C LYS A 445 8.16 74.05 -63.42
N ASN A 446 8.65 72.81 -63.26
CA ASN A 446 10.02 72.59 -62.80
C ASN A 446 10.78 71.67 -63.77
N ASN A 447 11.39 72.28 -64.79
CA ASN A 447 12.71 71.97 -65.33
C ASN A 447 13.15 70.50 -65.46
N VAL A 448 12.23 69.54 -65.48
CA VAL A 448 12.60 68.13 -65.48
C VAL A 448 11.98 67.39 -66.64
N SER A 449 11.21 68.09 -67.47
CA SER A 449 10.41 67.49 -68.53
C SER A 449 11.20 67.40 -69.84
N PHE A 450 12.37 66.79 -69.76
CA PHE A 450 13.18 66.62 -70.96
C PHE A 450 12.82 65.31 -71.68
N ASN A 451 12.96 64.18 -71.00
CA ASN A 451 12.79 62.82 -71.48
C ASN A 451 13.34 62.61 -72.89
N ALA A 452 14.65 62.80 -73.01
CA ALA A 452 15.32 62.75 -74.30
C ALA A 452 15.51 61.30 -74.74
N LYS A 453 16.37 61.10 -75.73
CA LYS A 453 16.66 59.77 -76.26
C LYS A 453 17.53 58.93 -75.32
N ASP A 454 17.94 59.45 -74.15
CA ASP A 454 18.96 58.82 -73.32
C ASP A 454 18.53 57.48 -72.72
N ILE A 455 17.26 57.09 -72.86
CA ILE A 455 16.81 55.75 -72.49
C ILE A 455 17.54 54.76 -73.40
N GLN A 456 18.25 53.82 -72.78
CA GLN A 456 19.03 52.86 -73.55
C GLN A 456 18.26 51.59 -73.77
N ILE A 457 17.76 50.99 -72.69
CA ILE A 457 17.04 49.73 -72.77
C ILE A 457 15.69 49.97 -73.42
N PRO A 458 15.26 49.15 -74.39
CA PRO A 458 13.94 49.37 -74.98
C PRO A 458 12.85 49.03 -73.97
N VAL A 459 12.34 50.08 -73.35
CA VAL A 459 11.23 49.92 -72.43
C VAL A 459 9.96 49.81 -73.26
N TYR A 460 9.11 48.87 -72.91
CA TYR A 460 7.84 48.78 -73.60
C TYR A 460 6.77 49.46 -72.78
N ASP A 461 5.73 49.88 -73.47
CA ASP A 461 4.61 50.59 -72.91
C ASP A 461 3.81 49.69 -71.99
N THR A 462 2.88 50.31 -71.26
CA THR A 462 1.80 49.59 -70.61
C THR A 462 0.62 49.45 -71.57
N PHE A 463 0.75 49.97 -72.78
CA PHE A 463 -0.17 49.60 -73.87
C PHE A 463 0.60 49.72 -75.18
N ASP A 464 0.74 48.58 -75.89
CA ASP A 464 1.32 48.50 -77.23
C ASP A 464 2.75 49.00 -77.25
N GLY A 465 3.67 48.16 -76.78
CA GLY A 465 4.97 48.57 -76.33
C GLY A 465 5.94 49.09 -77.36
N SER A 466 5.69 50.31 -77.83
CA SER A 466 6.62 51.00 -78.71
C SER A 466 7.92 51.32 -77.98
N ASP A 467 8.95 51.63 -78.78
CA ASP A 467 10.27 51.94 -78.24
C ASP A 467 10.28 53.23 -77.43
N LEU A 468 9.38 54.16 -77.75
CA LEU A 468 9.11 55.42 -77.04
C LEU A 468 10.27 56.38 -77.07
N ARG A 469 11.31 56.14 -77.87
CA ARG A 469 12.28 57.17 -78.18
C ARG A 469 11.89 57.83 -79.50
N VAL A 470 10.61 58.22 -79.54
CA VAL A 470 9.96 58.78 -80.71
C VAL A 470 9.48 60.15 -80.23
N LEU A 471 10.30 60.82 -79.41
CA LEU A 471 10.07 62.17 -78.89
C LEU A 471 9.74 63.18 -80.00
N SER A 472 9.17 64.33 -79.61
CA SER A 472 8.01 65.02 -80.19
C SER A 472 6.79 64.21 -79.74
N GLY A 473 6.92 63.61 -78.56
CA GLY A 473 5.79 63.17 -77.78
C GLY A 473 5.69 64.01 -76.52
N SER A 474 6.81 64.69 -76.19
CA SER A 474 7.03 65.42 -74.94
C SER A 474 6.71 64.52 -73.75
N ILE A 475 7.46 63.42 -73.70
CA ILE A 475 7.15 62.14 -73.07
C ILE A 475 6.65 62.24 -71.64
N SER A 476 7.06 63.28 -70.92
CA SER A 476 6.47 63.51 -69.61
C SER A 476 5.15 64.28 -69.73
N GLU A 477 4.27 63.80 -70.60
CA GLU A 477 2.86 64.03 -70.87
C GLU A 477 2.14 62.72 -71.16
N ARG A 478 2.82 61.78 -71.83
CA ARG A 478 2.28 60.46 -72.05
C ARG A 478 2.19 59.69 -70.74
N ILE A 479 3.04 60.04 -69.78
CA ILE A 479 3.21 59.36 -68.50
C ILE A 479 1.94 59.29 -67.65
N VAL A 480 0.97 60.16 -67.89
CA VAL A 480 -0.15 60.31 -66.98
C VAL A 480 -1.44 59.76 -67.57
N ASP A 481 -1.69 59.97 -68.85
CA ASP A 481 -2.82 59.32 -69.47
C ASP A 481 -2.58 57.83 -69.62
N CYS A 482 -1.31 57.42 -69.69
CA CYS A 482 -0.98 56.01 -69.54
C CYS A 482 -1.38 55.48 -68.17
N ILE A 483 -1.40 56.33 -67.15
CA ILE A 483 -1.90 55.91 -65.85
C ILE A 483 -3.37 56.27 -65.74
N ILE A 484 -3.68 57.58 -65.75
CA ILE A 484 -5.10 57.94 -65.82
C ILE A 484 -5.47 58.44 -67.22
N ARG A 485 -5.56 57.53 -68.18
CA ARG A 485 -6.66 57.45 -69.11
C ARG A 485 -6.75 56.02 -69.61
N LEU A 486 -5.59 55.34 -69.58
CA LEU A 486 -5.56 54.40 -70.69
C LEU A 486 -5.85 52.97 -70.25
N PRO A 487 -6.50 52.21 -71.12
CA PRO A 487 -6.54 50.76 -70.92
C PRO A 487 -5.19 50.14 -71.17
N VAL A 488 -4.92 49.03 -70.48
CA VAL A 488 -3.58 48.49 -70.46
C VAL A 488 -3.44 47.33 -71.44
N LYS A 489 -4.31 46.33 -71.31
CA LYS A 489 -4.25 45.06 -72.05
C LYS A 489 -2.88 44.41 -71.87
N TRP A 490 -2.63 43.95 -70.64
CA TRP A 490 -1.30 43.62 -70.15
C TRP A 490 -0.62 42.49 -70.92
N GLU A 491 -1.39 41.65 -71.60
CA GLU A 491 -0.81 40.53 -72.35
C GLU A 491 0.08 41.03 -73.49
N THR A 492 -0.39 42.02 -74.25
CA THR A 492 0.42 42.55 -75.34
C THR A 492 1.49 43.52 -74.87
N THR A 493 1.55 43.80 -73.57
CA THR A 493 2.65 44.60 -73.08
C THR A 493 3.94 43.79 -73.03
N THR A 494 3.83 42.47 -72.90
CA THR A 494 5.04 41.69 -72.65
C THR A 494 5.80 41.42 -73.94
N GLN A 495 5.29 40.50 -74.76
CA GLN A 495 5.74 40.18 -76.13
C GLN A 495 7.26 40.11 -76.28
N PHE A 496 7.91 39.42 -75.35
CA PHE A 496 9.36 39.53 -75.23
C PHE A 496 10.07 38.38 -75.92
N LYS A 497 11.38 38.53 -76.03
CA LYS A 497 12.27 37.45 -76.43
C LYS A 497 13.37 37.38 -75.38
N ALA A 498 13.10 36.65 -74.31
CA ALA A 498 14.04 36.53 -73.20
C ALA A 498 14.21 35.07 -72.81
N THR A 499 14.83 34.86 -71.66
CA THR A 499 14.92 33.52 -71.12
C THR A 499 14.52 33.56 -69.65
N HIS A 500 14.77 34.69 -69.01
CA HIS A 500 14.39 34.91 -67.62
C HIS A 500 13.94 36.35 -67.47
N ILE A 501 13.26 36.62 -66.36
CA ILE A 501 12.57 37.88 -66.15
C ILE A 501 12.82 38.37 -64.73
N LEU A 502 13.21 39.63 -64.59
CA LEU A 502 13.28 40.27 -63.29
C LEU A 502 11.92 40.82 -62.90
N ASP A 503 11.64 40.78 -61.60
CA ASP A 503 10.54 41.52 -61.03
C ASP A 503 11.08 42.37 -59.89
N PHE A 504 10.47 43.53 -59.70
CA PHE A 504 10.72 44.37 -58.54
C PHE A 504 9.43 44.65 -57.80
N GLY A 505 8.63 43.59 -57.61
CA GLY A 505 7.30 43.70 -57.06
C GLY A 505 7.27 44.23 -55.64
N PRO A 506 6.69 45.41 -55.48
CA PRO A 506 6.65 46.04 -54.16
C PRO A 506 5.65 45.36 -53.26
N GLY A 507 6.08 44.26 -52.65
CA GLY A 507 5.26 43.54 -51.70
C GLY A 507 5.03 42.10 -52.05
N GLY A 508 5.72 41.21 -51.34
CA GLY A 508 5.47 39.79 -51.34
C GLY A 508 5.65 39.05 -52.64
N ALA A 509 5.35 37.75 -52.60
CA ALA A 509 5.23 36.96 -53.83
C ALA A 509 3.83 37.04 -54.38
N SER A 510 3.35 38.28 -54.51
CA SER A 510 1.98 38.55 -54.93
C SER A 510 1.85 39.66 -55.93
N GLY A 511 2.80 40.57 -56.02
CA GLY A 511 2.63 41.75 -56.83
C GLY A 511 3.13 41.60 -58.24
N LEU A 512 2.22 41.28 -59.17
CA LEU A 512 2.40 41.33 -60.61
C LEU A 512 3.52 40.43 -61.14
N GLY A 513 3.97 39.47 -60.34
CA GLY A 513 4.86 38.47 -60.86
C GLY A 513 4.12 37.17 -61.04
N VAL A 514 3.36 36.82 -60.02
CA VAL A 514 2.58 35.59 -60.07
C VAL A 514 1.45 35.73 -61.06
N LEU A 515 0.89 36.93 -61.17
CA LEU A 515 -0.20 37.15 -62.10
C LEU A 515 0.30 37.25 -63.54
N THR A 516 1.59 37.52 -63.74
CA THR A 516 2.14 37.46 -65.08
C THR A 516 2.46 36.03 -65.48
N HIS A 517 2.59 35.15 -64.49
CA HIS A 517 3.19 33.85 -64.75
C HIS A 517 2.27 32.93 -65.53
N ARG A 518 0.95 33.13 -65.43
CA ARG A 518 0.01 32.34 -66.22
C ARG A 518 0.17 32.65 -67.70
N ASN A 519 0.52 33.89 -68.02
CA ASN A 519 0.48 34.35 -69.40
C ASN A 519 1.57 33.70 -70.24
N LYS A 520 2.73 33.47 -69.66
CA LYS A 520 3.86 32.89 -70.39
C LYS A 520 3.99 31.43 -70.01
N ASP A 521 4.29 30.60 -70.98
CA ASP A 521 4.66 29.22 -70.71
C ASP A 521 5.64 28.73 -71.77
N GLY A 522 6.32 27.64 -71.46
CA GLY A 522 7.43 27.19 -72.26
C GLY A 522 8.66 28.06 -72.14
N THR A 523 8.72 28.93 -71.14
CA THR A 523 9.74 29.97 -71.02
C THR A 523 10.00 30.17 -69.51
N GLY A 524 10.48 31.35 -69.13
CA GLY A 524 11.18 31.64 -67.90
C GLY A 524 10.65 31.22 -66.54
N VAL A 525 11.57 31.19 -65.58
CA VAL A 525 11.38 30.67 -64.22
C VAL A 525 11.64 31.87 -63.29
N ARG A 526 11.14 33.03 -63.70
CA ARG A 526 11.49 34.38 -63.22
C ARG A 526 11.66 34.51 -61.72
N VAL A 527 12.62 35.35 -61.33
CA VAL A 527 13.05 35.52 -59.95
C VAL A 527 12.88 36.99 -59.57
N ILE A 528 12.34 37.23 -58.38
CA ILE A 528 12.12 38.58 -57.88
C ILE A 528 13.16 38.87 -56.82
N VAL A 529 13.29 40.14 -56.44
CA VAL A 529 14.28 40.58 -55.47
C VAL A 529 13.71 40.64 -54.05
N ALA A 530 12.44 41.02 -53.90
CA ALA A 530 11.89 41.29 -52.58
C ALA A 530 11.58 39.99 -51.83
N GLY A 531 12.00 39.93 -50.57
CA GLY A 531 11.77 38.76 -49.76
C GLY A 531 12.76 37.64 -50.01
N THR A 532 12.63 36.55 -49.27
CA THR A 532 13.38 35.34 -49.50
C THR A 532 12.53 34.08 -49.40
N LEU A 533 11.21 34.20 -49.54
CA LEU A 533 10.32 33.06 -49.50
C LEU A 533 10.44 32.21 -50.75
N ASP A 534 9.69 31.10 -50.71
CA ASP A 534 9.46 30.22 -51.83
C ASP A 534 8.13 29.52 -51.58
N ILE A 535 7.50 29.08 -52.65
CA ILE A 535 6.23 28.37 -52.54
C ILE A 535 6.29 27.03 -53.26
N ASN A 536 6.84 27.03 -54.46
CA ASN A 536 7.04 25.83 -55.26
C ASN A 536 8.18 26.11 -56.23
N PRO A 537 8.80 25.08 -56.79
CA PRO A 537 9.82 25.32 -57.83
C PRO A 537 9.26 25.84 -59.15
N ASP A 538 8.56 26.97 -59.08
CA ASP A 538 7.98 27.72 -60.18
C ASP A 538 8.53 29.14 -60.22
N ASP A 539 8.52 29.80 -59.06
CA ASP A 539 8.89 31.21 -58.90
C ASP A 539 9.75 31.36 -57.67
N ASP A 540 10.73 30.48 -57.51
CA ASP A 540 11.61 30.55 -56.36
C ASP A 540 12.51 31.77 -56.47
N TYR A 541 12.90 32.30 -55.32
CA TYR A 541 13.59 33.58 -55.32
C TYR A 541 14.43 33.66 -54.05
N GLY A 542 15.12 34.79 -53.89
CA GLY A 542 15.91 35.00 -52.70
C GLY A 542 17.39 34.83 -52.95
N PHE A 543 17.78 33.86 -53.76
CA PHE A 543 19.20 33.55 -53.90
C PHE A 543 19.67 33.43 -55.34
N LYS A 544 18.81 33.58 -56.33
CA LYS A 544 19.29 33.47 -57.70
C LYS A 544 20.03 34.71 -58.17
N GLN A 545 19.93 35.79 -57.43
CA GLN A 545 20.61 37.03 -57.77
C GLN A 545 22.08 36.96 -57.41
N GLU A 546 22.44 36.07 -56.51
CA GLU A 546 23.75 36.10 -55.90
C GLU A 546 24.41 34.73 -55.90
N ILE A 547 24.70 34.21 -57.08
CA ILE A 547 25.36 32.92 -57.22
C ILE A 547 26.02 32.73 -58.58
N PHE A 548 26.37 31.47 -58.83
CA PHE A 548 26.91 31.04 -60.10
C PHE A 548 26.71 29.53 -60.20
N ASP A 549 26.92 28.98 -61.39
CA ASP A 549 26.84 27.55 -61.71
C ASP A 549 25.51 26.87 -61.36
N VAL A 550 24.39 27.58 -61.55
CA VAL A 550 23.05 27.02 -61.36
C VAL A 550 22.00 27.79 -62.12
N THR A 551 21.86 27.53 -63.42
CA THR A 551 20.87 28.23 -64.23
C THR A 551 19.65 27.37 -64.49
N SER A 552 18.63 27.52 -63.66
CA SER A 552 17.44 26.70 -63.76
C SER A 552 16.47 27.20 -64.81
N ASN A 553 16.52 26.59 -65.99
CA ASN A 553 15.54 26.86 -67.04
C ASN A 553 14.61 25.66 -67.13
N GLY A 554 13.36 25.87 -66.73
CA GLY A 554 12.41 24.78 -66.61
C GLY A 554 11.78 24.41 -67.95
N LEU A 555 10.45 24.36 -67.99
CA LEU A 555 9.74 23.76 -69.11
C LEU A 555 9.82 24.57 -70.41
N LYS A 556 9.94 23.85 -71.52
CA LYS A 556 9.85 24.44 -72.84
C LYS A 556 8.67 23.80 -73.58
N LYS A 557 7.50 23.82 -72.95
CA LYS A 557 6.33 23.07 -73.41
C LYS A 557 5.73 23.60 -74.71
N ASN A 558 6.49 23.47 -75.79
CA ASN A 558 6.11 23.94 -77.10
C ASN A 558 7.09 23.33 -78.08
N PRO A 559 8.29 23.89 -78.08
CA PRO A 559 9.40 23.36 -78.85
C PRO A 559 9.74 21.99 -78.29
N ASN A 560 10.09 21.94 -77.00
CA ASN A 560 10.25 20.66 -76.32
C ASN A 560 8.86 20.07 -76.15
N TRP A 561 8.78 18.74 -76.26
CA TRP A 561 7.54 17.98 -76.35
C TRP A 561 6.64 18.54 -77.45
N LEU A 562 6.82 18.06 -78.67
CA LEU A 562 6.09 18.59 -79.81
C LEU A 562 5.55 17.48 -80.72
N GLU A 563 6.31 17.12 -81.75
CA GLU A 563 5.80 16.16 -82.73
C GLU A 563 6.91 15.43 -83.50
N GLU A 564 6.93 14.10 -83.42
CA GLU A 564 7.91 13.27 -84.12
C GLU A 564 7.52 11.78 -84.25
N TYR A 565 7.67 11.25 -85.45
CA TYR A 565 7.71 9.81 -85.67
C TYR A 565 9.18 9.37 -85.51
N HIS A 566 9.49 8.08 -85.62
CA HIS A 566 10.85 7.63 -85.31
C HIS A 566 11.29 6.33 -85.98
N PRO A 567 12.53 6.34 -86.45
CA PRO A 567 13.11 5.20 -87.15
C PRO A 567 13.47 4.08 -86.22
N LYS A 568 13.86 2.96 -86.80
CA LYS A 568 14.29 1.80 -86.05
C LYS A 568 15.78 1.83 -85.89
N LEU A 569 16.31 0.72 -85.40
CA LEU A 569 17.75 0.50 -85.39
C LEU A 569 18.18 0.38 -86.84
N ILE A 570 17.29 -0.20 -87.65
CA ILE A 570 17.49 -0.26 -89.09
C ILE A 570 16.38 0.49 -89.81
N LYS A 571 16.02 1.65 -89.29
CA LYS A 571 15.15 2.65 -89.94
C LYS A 571 13.75 2.18 -90.36
N ASN A 572 12.75 2.52 -89.56
CA ASN A 572 11.35 2.16 -89.82
C ASN A 572 10.42 3.39 -89.73
N LYS A 573 9.45 3.35 -88.82
CA LYS A 573 8.55 4.47 -88.53
C LYS A 573 7.76 4.25 -87.23
N SER A 574 8.19 4.82 -86.10
CA SER A 574 7.38 4.80 -84.85
C SER A 574 7.47 6.10 -84.06
N UNK A 583 4.74 2.11 -83.86
CA UNK A 583 4.54 2.32 -85.28
C UNK A 583 3.25 3.08 -85.54
N UNK A 584 3.40 4.36 -85.88
CA UNK A 584 2.30 5.30 -86.18
C UNK A 584 1.31 5.40 -85.02
N UNK A 585 1.51 6.44 -84.20
CA UNK A 585 0.81 6.57 -82.93
C UNK A 585 -0.67 6.91 -83.04
N UNK A 586 -1.50 5.88 -82.94
CA UNK A 586 -2.96 6.03 -82.84
C UNK A 586 -3.53 4.76 -82.25
N UNK A 587 -3.71 4.71 -80.93
CA UNK A 587 -4.11 3.48 -80.25
C UNK A 587 -5.56 3.08 -80.52
N UNK A 588 -5.91 1.84 -80.21
CA UNK A 588 -7.27 1.36 -80.44
C UNK A 588 -7.60 0.19 -79.50
N UNK A 589 -8.64 0.34 -78.68
CA UNK A 589 -9.05 -0.68 -77.71
C UNK A 589 -10.49 -0.49 -77.21
N UNK A 590 -11.44 -1.21 -77.78
CA UNK A 590 -12.84 -1.09 -77.38
C UNK A 590 -13.27 -2.26 -76.51
N UNK A 591 -14.57 -2.58 -76.50
CA UNK A 591 -15.08 -3.63 -75.64
C UNK A 591 -16.40 -4.28 -76.06
N UNK A 592 -16.78 -4.17 -77.32
CA UNK A 592 -17.97 -4.87 -77.80
C UNK A 592 -17.80 -5.21 -79.26
N UNK A 593 -16.69 -4.75 -79.82
CA UNK A 593 -16.35 -5.07 -81.19
C UNK A 593 -15.14 -5.98 -81.17
N UNK A 594 -14.05 -5.45 -80.62
CA UNK A 594 -12.84 -6.22 -80.45
C UNK A 594 -13.03 -7.30 -79.40
N UNK A 595 -13.02 -8.55 -79.83
CA UNK A 595 -13.25 -9.64 -78.91
C UNK A 595 -12.58 -10.92 -79.35
N UNK A 596 -12.16 -11.00 -80.61
CA UNK A 596 -11.61 -12.25 -81.11
C UNK A 596 -10.61 -12.06 -82.22
N UNK A 597 -10.51 -13.09 -83.07
CA UNK A 597 -9.53 -13.12 -84.16
C UNK A 597 -9.91 -12.21 -85.33
N UNK A 598 -11.00 -11.47 -85.20
CA UNK A 598 -11.38 -10.46 -86.18
C UNK A 598 -10.86 -9.09 -85.74
N UNK A 599 -9.95 -9.09 -84.77
CA UNK A 599 -9.24 -7.89 -84.40
C UNK A 599 -7.78 -8.14 -84.66
N UNK A 600 -7.49 -9.38 -85.07
CA UNK A 600 -6.14 -9.78 -85.41
C UNK A 600 -5.71 -9.09 -86.69
N UNK A 601 -6.65 -8.99 -87.63
CA UNK A 601 -6.40 -8.35 -88.91
C UNK A 601 -6.25 -6.84 -88.76
N UNK A 602 -6.78 -6.32 -87.66
CA UNK A 602 -6.67 -4.90 -87.37
C UNK A 602 -5.24 -4.56 -87.01
N UNK A 603 -4.51 -5.54 -86.49
CA UNK A 603 -3.12 -5.35 -86.16
C UNK A 603 -2.25 -5.63 -87.37
N UNK A 604 -2.83 -6.24 -88.38
CA UNK A 604 -2.07 -6.72 -89.53
C UNK A 604 -1.57 -5.58 -90.38
N UNK A 605 -2.34 -4.51 -90.46
CA UNK A 605 -1.91 -3.35 -91.22
C UNK A 605 -0.96 -2.51 -90.37
N UNK A 606 -1.50 -1.60 -89.58
CA UNK A 606 -0.68 -0.68 -88.79
C UNK A 606 -1.42 -0.15 -87.56
N UNK A 607 -1.32 -0.86 -86.44
CA UNK A 607 -2.07 -0.50 -85.25
C UNK A 607 -1.49 -1.00 -83.93
N UNK A 608 -2.08 -0.55 -82.83
CA UNK A 608 -1.73 -0.99 -81.49
C UNK A 608 -2.90 -1.76 -80.90
N UNK A 609 -3.04 -3.02 -81.30
CA UNK A 609 -4.21 -3.82 -80.93
C UNK A 609 -4.23 -4.27 -79.49
N UNK A 610 -5.39 -4.17 -78.85
CA UNK A 610 -5.59 -4.71 -77.53
C UNK A 610 -6.78 -5.66 -77.53
N UNK A 611 -6.81 -6.60 -76.59
CA UNK A 611 -7.85 -7.62 -76.59
C UNK A 611 -8.16 -8.14 -75.19
N UNK A 612 -9.34 -7.80 -74.67
CA UNK A 612 -9.77 -8.28 -73.36
C UNK A 612 -11.29 -8.27 -73.24
N UNK A 613 -11.79 -8.44 -72.01
CA UNK A 613 -13.23 -8.49 -71.68
C UNK A 613 -13.99 -9.57 -72.45
N UNK A 614 -13.31 -10.69 -72.69
CA UNK A 614 -13.89 -11.79 -73.45
C UNK A 614 -14.61 -12.77 -72.53
N UNK A 615 -15.68 -12.28 -71.91
CA UNK A 615 -16.57 -13.06 -71.03
C UNK A 615 -15.85 -13.80 -69.90
N UNK A 616 -15.70 -15.11 -70.06
CA UNK A 616 -15.04 -15.92 -69.06
C UNK A 616 -13.56 -15.65 -69.08
N UNK A 617 -12.87 -15.93 -67.97
CA UNK A 617 -11.42 -15.92 -67.95
C UNK A 617 -10.99 -17.29 -67.46
N UNK A 618 -11.81 -18.29 -67.79
CA UNK A 618 -11.51 -19.65 -67.42
C UNK A 618 -10.95 -20.36 -68.63
N UNK A 619 -9.73 -20.00 -68.98
CA UNK A 619 -8.90 -20.71 -69.98
C UNK A 619 -9.41 -20.77 -71.44
N UNK A 620 -10.69 -20.52 -71.70
CA UNK A 620 -11.23 -20.57 -73.05
C UNK A 620 -10.61 -19.48 -73.90
N UNK A 621 -11.03 -18.24 -73.65
CA UNK A 621 -10.39 -17.10 -74.27
C UNK A 621 -9.06 -16.83 -73.60
N UNK A 622 -8.12 -17.72 -73.82
CA UNK A 622 -6.83 -17.74 -73.14
C UNK A 622 -6.03 -18.81 -73.82
N UNK A 623 -6.75 -19.83 -74.27
CA UNK A 623 -6.20 -20.77 -75.21
C UNK A 623 -6.49 -20.19 -76.58
N UNK A 624 -7.44 -19.27 -76.58
CA UNK A 624 -7.85 -18.59 -77.80
C UNK A 624 -6.92 -17.44 -78.13
N UNK A 625 -6.14 -17.01 -77.15
CA UNK A 625 -5.13 -15.98 -77.36
C UNK A 625 -4.09 -16.52 -78.34
N UNK A 626 -3.75 -17.78 -78.17
CA UNK A 626 -2.83 -18.47 -79.06
C UNK A 626 -3.56 -19.10 -80.23
N UNK A 627 -4.85 -18.79 -80.38
CA UNK A 627 -5.57 -19.16 -81.57
C UNK A 627 -5.54 -17.98 -82.52
N UNK A 628 -4.87 -16.92 -82.10
CA UNK A 628 -4.70 -15.74 -82.93
C UNK A 628 -3.31 -15.16 -82.71
N UNK A 629 -2.49 -15.84 -81.93
CA UNK A 629 -1.10 -15.42 -81.75
C UNK A 629 -0.22 -16.10 -82.78
N UNK A 630 -0.71 -17.20 -83.36
CA UNK A 630 0.04 -17.92 -84.37
C UNK A 630 -0.39 -17.40 -85.73
N UNK A 631 -1.55 -16.78 -85.77
CA UNK A 631 -2.03 -16.17 -86.98
C UNK A 631 -1.79 -14.68 -86.92
N UNK A 632 -0.97 -14.26 -85.95
CA UNK A 632 -0.73 -12.84 -85.70
C UNK A 632 0.26 -12.22 -86.67
N UNK A 633 1.18 -11.43 -86.13
CA UNK A 633 2.15 -10.69 -86.92
C UNK A 633 3.47 -11.45 -87.12
N UNK A 634 4.38 -10.86 -87.89
CA UNK A 634 5.70 -11.43 -88.06
C UNK A 634 6.49 -11.17 -86.81
N UNK A 635 6.49 -9.92 -86.36
CA UNK A 635 7.20 -9.53 -85.16
C UNK A 635 6.58 -8.31 -84.50
N UNK A 636 5.75 -8.55 -83.48
CA UNK A 636 5.13 -7.49 -82.70
C UNK A 636 4.69 -8.01 -81.34
N UNK A 637 3.64 -7.41 -80.80
CA UNK A 637 3.08 -7.82 -79.52
C UNK A 637 1.62 -7.39 -79.37
N UNK A 638 0.80 -8.22 -78.73
CA UNK A 638 -0.60 -7.91 -78.53
C UNK A 638 -0.82 -7.30 -77.16
N UNK A 639 -2.06 -6.91 -76.86
CA UNK A 639 -2.38 -6.28 -75.58
C UNK A 639 -3.71 -6.73 -75.00
N UNK A 640 -3.92 -6.43 -73.74
CA UNK A 640 -5.12 -6.90 -73.05
C UNK A 640 -5.58 -5.93 -71.97
N UNK A 641 -6.48 -5.02 -72.32
CA UNK A 641 -7.01 -4.05 -71.38
C UNK A 641 -7.94 -4.70 -70.38
N UNK A 642 -7.37 -5.44 -69.44
CA UNK A 642 -8.17 -6.19 -68.49
C UNK A 642 -8.78 -5.25 -67.46
N UNK A 643 -9.77 -5.75 -66.73
CA UNK A 643 -10.40 -4.94 -65.71
C UNK A 643 -9.71 -5.16 -64.38
N UNK A 644 -10.11 -4.38 -63.39
CA UNK A 644 -9.63 -4.51 -62.02
C UNK A 644 -10.68 -3.92 -61.11
N UNK A 645 -11.93 -4.06 -61.53
CA UNK A 645 -13.06 -3.69 -60.71
C UNK A 645 -13.84 -4.95 -60.38
N UNK A 646 -14.41 -5.58 -61.40
CA UNK A 646 -15.12 -6.84 -61.21
C UNK A 646 -14.13 -7.97 -61.01
N UNK A 647 -13.61 -8.08 -59.79
CA UNK A 647 -12.40 -8.87 -59.54
C UNK A 647 -12.60 -10.38 -59.52
N UNK A 648 -13.80 -10.84 -59.86
CA UNK A 648 -14.01 -12.26 -60.06
C UNK A 648 -13.32 -12.68 -61.34
N UNK A 649 -13.20 -11.75 -62.28
CA UNK A 649 -12.54 -12.02 -63.54
C UNK A 649 -11.07 -11.69 -63.48
N UNK A 650 -10.62 -11.16 -62.34
CA UNK A 650 -9.26 -10.67 -62.18
C UNK A 650 -8.24 -11.78 -62.28
N UNK A 651 -8.06 -12.51 -61.18
CA UNK A 651 -7.05 -13.56 -61.06
C UNK A 651 -7.26 -14.70 -62.03
N UNK A 652 -8.51 -14.91 -62.45
CA UNK A 652 -8.85 -15.89 -63.46
C UNK A 652 -8.17 -15.51 -64.77
N UNK A 653 -8.08 -14.21 -65.02
CA UNK A 653 -7.30 -13.74 -66.14
C UNK A 653 -5.85 -13.42 -65.73
N UNK A 654 -5.66 -12.83 -64.55
CA UNK A 654 -4.38 -12.26 -64.15
C UNK A 654 -3.29 -13.30 -63.96
N UNK A 655 -3.67 -14.48 -63.49
CA UNK A 655 -2.71 -15.55 -63.33
C UNK A 655 -2.31 -16.04 -64.70
N UNK A 656 -3.31 -16.11 -65.58
CA UNK A 656 -3.08 -16.56 -66.94
C UNK A 656 -2.31 -15.51 -67.71
N UNK A 657 -2.44 -14.26 -67.27
CA UNK A 657 -1.73 -13.15 -67.86
C UNK A 657 -0.24 -13.30 -67.64
N UNK A 658 0.15 -13.74 -66.45
CA UNK A 658 1.56 -13.94 -66.15
C UNK A 658 2.03 -15.27 -66.73
N UNK A 659 1.08 -16.13 -67.03
CA UNK A 659 1.38 -17.49 -67.46
C UNK A 659 1.92 -17.53 -68.87
N UNK A 660 1.19 -16.91 -69.79
CA UNK A 660 1.62 -16.86 -71.18
C UNK A 660 2.76 -15.86 -71.33
N UNK A 661 2.92 -15.00 -70.33
CA UNK A 661 4.02 -14.05 -70.26
C UNK A 661 5.33 -14.79 -70.16
N UNK A 662 5.31 -15.88 -69.41
CA UNK A 662 6.46 -16.75 -69.34
C UNK A 662 6.57 -17.55 -70.64
N UNK A 663 5.43 -17.81 -71.28
CA UNK A 663 5.41 -18.55 -72.52
C UNK A 663 5.84 -17.65 -73.66
N UNK A 664 4.87 -17.00 -74.30
CA UNK A 664 5.17 -16.24 -75.51
C UNK A 664 4.21 -15.09 -75.79
N UNK A 665 4.72 -14.12 -76.55
CA UNK A 665 3.99 -12.98 -77.12
C UNK A 665 3.35 -12.03 -76.09
N UNK A 666 2.83 -10.92 -76.63
CA UNK A 666 2.12 -9.84 -75.91
C UNK A 666 2.96 -9.12 -74.86
N UNK A 667 3.12 -7.82 -75.08
CA UNK A 667 3.99 -7.01 -74.25
C UNK A 667 3.38 -5.68 -73.83
N UNK A 668 2.13 -5.69 -73.40
CA UNK A 668 1.47 -4.43 -73.07
C UNK A 668 0.42 -4.49 -71.97
N UNK A 669 -0.84 -4.75 -72.35
CA UNK A 669 -2.02 -4.80 -71.47
C UNK A 669 -2.37 -3.48 -70.75
N UNK A 670 -3.58 -3.43 -70.23
CA UNK A 670 -4.08 -2.20 -69.60
C UNK A 670 -5.13 -2.46 -68.54
N UNK A 671 -5.46 -1.45 -67.75
CA UNK A 671 -6.39 -1.61 -66.65
C UNK A 671 -7.60 -0.70 -66.81
N UNK A 672 -8.78 -1.22 -66.48
CA UNK A 672 -10.04 -0.49 -66.68
C UNK A 672 -10.16 0.70 -65.76
N UNK A 673 -10.60 0.43 -64.54
CA UNK A 673 -10.65 1.45 -63.51
C UNK A 673 -9.25 1.81 -63.03
N UNK A 674 -9.14 2.84 -62.19
CA UNK A 674 -7.85 3.26 -61.68
C UNK A 674 -7.30 2.23 -60.71
N UNK A 675 -6.11 1.73 -60.99
CA UNK A 675 -5.53 0.70 -60.15
C UNK A 675 -5.04 1.31 -58.85
N UNK A 676 -4.92 0.47 -57.82
CA UNK A 676 -4.52 0.94 -56.51
C UNK A 676 -3.04 1.27 -56.48
N UNK A 677 -2.64 2.00 -55.44
CA UNK A 677 -1.27 2.45 -55.34
C UNK A 677 -0.36 1.34 -54.91
N UNK A 678 0.83 1.32 -55.50
CA UNK A 678 1.99 0.55 -55.04
C UNK A 678 1.77 -0.94 -54.90
N UNK A 679 0.94 -1.30 -53.93
CA UNK A 679 0.70 -2.68 -53.51
C UNK A 679 0.23 -3.56 -54.65
N UNK A 680 -0.87 -3.18 -55.27
CA UNK A 680 -1.33 -3.90 -56.45
C UNK A 680 -0.42 -3.53 -57.62
N UNK A 681 0.07 -2.30 -57.58
CA UNK A 681 0.84 -1.76 -58.67
C UNK A 681 2.22 -2.38 -58.77
N UNK A 682 3.11 -1.96 -57.89
CA UNK A 682 4.54 -2.28 -57.98
C UNK A 682 4.85 -3.77 -57.81
N UNK A 683 3.89 -4.54 -57.33
CA UNK A 683 3.98 -5.99 -57.39
C UNK A 683 3.94 -6.43 -58.84
N UNK A 684 2.83 -6.14 -59.51
CA UNK A 684 2.61 -6.61 -60.87
C UNK A 684 3.52 -5.92 -61.86
N UNK A 685 3.90 -4.69 -61.55
CA UNK A 685 4.78 -3.90 -62.40
C UNK A 685 6.18 -4.48 -62.38
N UNK A 686 6.53 -5.09 -61.27
CA UNK A 686 7.79 -5.79 -61.18
C UNK A 686 7.59 -7.28 -61.43
N UNK A 687 6.40 -7.66 -61.87
CA UNK A 687 6.13 -9.07 -62.11
C UNK A 687 6.02 -9.40 -63.59
N UNK A 688 7.12 -9.27 -64.31
CA UNK A 688 7.33 -9.80 -65.67
C UNK A 688 6.35 -9.33 -66.74
N UNK A 689 6.78 -8.36 -67.52
CA UNK A 689 6.04 -7.93 -68.70
C UNK A 689 7.06 -7.41 -69.70
N UNK A 690 6.76 -6.31 -70.37
CA UNK A 690 7.74 -5.60 -71.18
C UNK A 690 7.26 -4.17 -71.31
N UNK A 691 6.92 -3.60 -70.16
CA UNK A 691 6.33 -2.28 -70.02
C UNK A 691 5.06 -2.16 -70.86
N UNK A 692 4.87 -0.99 -71.47
CA UNK A 692 3.67 -0.59 -72.19
C UNK A 692 2.43 -0.77 -71.31
N UNK A 693 2.49 -0.19 -70.12
CA UNK A 693 1.37 -0.29 -69.18
C UNK A 693 0.47 0.92 -69.27
N UNK A 694 -0.83 0.69 -69.30
CA UNK A 694 -1.78 1.77 -69.44
C UNK A 694 -2.85 1.73 -68.37
N UNK A 695 -2.79 2.68 -67.44
CA UNK A 695 -3.84 2.85 -66.46
C UNK A 695 -4.65 4.09 -66.78
N UNK A 696 -5.71 3.93 -67.57
CA UNK A 696 -6.51 5.05 -68.07
C UNK A 696 -7.23 5.77 -66.94
N UNK A 697 -6.72 6.94 -66.58
CA UNK A 697 -7.25 7.73 -65.47
C UNK A 697 -8.67 8.20 -65.74
N UNK A 698 -9.41 8.54 -64.69
CA UNK A 698 -10.83 8.84 -64.83
C UNK A 698 -11.24 10.13 -64.15
N UNK A 699 -11.00 10.21 -62.85
CA UNK A 699 -11.29 11.41 -62.09
C UNK A 699 -10.35 12.52 -62.49
N UNK A 700 -10.67 13.73 -62.08
CA UNK A 700 -9.87 14.89 -62.42
C UNK A 700 -8.54 14.91 -61.67
N UNK A 701 -8.44 14.11 -60.61
CA UNK A 701 -7.21 13.98 -59.88
C UNK A 701 -6.57 12.64 -60.16
N UNK A 702 -7.25 11.81 -60.94
CA UNK A 702 -6.76 10.47 -61.24
C UNK A 702 -5.54 10.49 -62.14
N UNK A 703 -5.33 11.61 -62.81
CA UNK A 703 -4.08 11.87 -63.49
C UNK A 703 -3.00 11.93 -62.44
N UNK A 704 -3.29 12.65 -61.37
CA UNK A 704 -2.30 12.82 -60.33
C UNK A 704 -2.26 11.59 -59.44
N UNK A 705 -3.23 10.70 -59.59
CA UNK A 705 -3.09 9.36 -59.02
C UNK A 705 -2.02 8.64 -59.79
N UNK A 706 -2.07 8.80 -61.11
CA UNK A 706 -1.14 8.12 -61.98
C UNK A 706 0.25 8.76 -61.89
N UNK A 707 0.33 9.97 -61.37
CA UNK A 707 1.58 10.71 -61.26
C UNK A 707 2.58 9.99 -60.39
N UNK A 708 2.18 9.75 -59.14
CA UNK A 708 3.06 9.06 -58.22
C UNK A 708 2.99 7.56 -58.42
N UNK A 709 2.03 7.10 -59.23
CA UNK A 709 1.93 5.69 -59.54
C UNK A 709 3.04 5.30 -60.48
N UNK A 710 3.58 6.29 -61.19
CA UNK A 710 4.69 6.04 -62.10
C UNK A 710 5.99 6.48 -61.48
N UNK A 711 6.02 6.65 -60.16
CA UNK A 711 7.24 7.01 -59.48
C UNK A 711 8.22 5.86 -59.52
N UNK A 712 9.52 6.20 -59.50
CA UNK A 712 10.64 5.28 -59.74
C UNK A 712 10.41 4.56 -61.06
N UNK A 713 10.48 5.33 -62.13
CA UNK A 713 10.09 4.84 -63.44
C UNK A 713 11.23 4.16 -64.20
N UNK A 714 10.83 3.18 -65.00
CA UNK A 714 11.73 2.51 -65.92
C UNK A 714 10.85 1.92 -67.02
N UNK A 715 9.75 1.30 -66.59
CA UNK A 715 8.73 0.85 -67.51
C UNK A 715 7.95 2.06 -67.98
N UNK A 716 7.57 2.09 -69.25
CA UNK A 716 6.80 3.21 -69.75
C UNK A 716 5.37 3.13 -69.23
N UNK A 717 4.72 4.28 -69.08
CA UNK A 717 3.35 4.32 -68.60
C UNK A 717 2.45 5.11 -69.55
N UNK A 718 1.22 4.64 -69.73
CA UNK A 718 0.33 5.26 -70.70
C UNK A 718 -0.99 5.67 -70.09
N UNK A 719 -1.58 6.76 -70.62
CA UNK A 719 -2.86 7.23 -70.12
C UNK A 719 -3.57 8.09 -71.16
N UNK A 720 -4.86 8.29 -70.96
CA UNK A 720 -5.68 9.13 -71.81
C UNK A 720 -6.78 9.79 -71.01
N UNK A 721 -6.71 11.12 -70.82
CA UNK A 721 -7.65 11.84 -69.96
C UNK A 721 -9.06 11.84 -70.53
N UNK A 722 -9.72 10.69 -70.41
CA UNK A 722 -11.04 10.47 -70.97
C UNK A 722 -12.04 11.34 -70.26
N UNK A 723 -12.63 12.26 -71.02
CA UNK A 723 -13.41 13.34 -70.44
C UNK A 723 -14.69 13.60 -71.21
N UNK A 724 -14.58 13.80 -72.52
CA UNK A 724 -15.76 14.05 -73.35
C UNK A 724 -15.72 13.31 -74.68
N UNK A 725 -16.68 12.41 -74.85
CA UNK A 725 -16.92 11.65 -76.08
C UNK A 725 -18.29 10.97 -76.01
N UNK A 726 -18.63 10.20 -77.05
CA UNK A 726 -19.83 9.39 -77.03
C UNK A 726 -19.50 8.00 -76.51
N UNK A 727 -18.76 7.95 -75.39
CA UNK A 727 -18.17 6.71 -74.88
C UNK A 727 -17.86 6.77 -73.38
N UNK A 728 -16.71 6.23 -72.99
CA UNK A 728 -16.30 6.14 -71.60
C UNK A 728 -15.94 7.49 -71.03
N UNK A 729 -16.87 8.08 -70.29
CA UNK A 729 -16.69 9.43 -69.79
C UNK A 729 -17.01 9.58 -68.30
N UNK A 730 -15.96 9.76 -67.51
CA UNK A 730 -16.15 10.10 -66.11
C UNK A 730 -16.57 11.55 -66.07
N UNK A 731 -17.31 11.93 -65.02
CA UNK A 731 -17.75 13.31 -64.84
C UNK A 731 -16.56 14.24 -64.69
N UNK A 732 -15.97 14.62 -65.83
CA UNK A 732 -14.65 15.21 -65.86
C UNK A 732 -14.48 16.25 -66.97
N UNK A 733 -15.45 17.14 -67.08
CA UNK A 733 -15.45 18.29 -68.00
C UNK A 733 -15.33 17.93 -69.48
N UNK A 734 -15.15 18.97 -70.29
CA UNK A 734 -14.85 18.79 -71.69
C UNK A 734 -13.50 18.15 -71.77
N UNK A 735 -12.53 18.77 -71.10
CA UNK A 735 -11.20 18.22 -70.98
C UNK A 735 -10.49 18.88 -69.83
N UNK A 736 -11.23 19.53 -68.96
CA UNK A 736 -10.62 20.31 -67.87
C UNK A 736 -10.43 19.48 -66.60
N UNK A 737 -10.36 18.16 -66.76
CA UNK A 737 -10.07 17.29 -65.65
C UNK A 737 -8.63 17.47 -65.22
N UNK A 738 -7.74 17.37 -66.18
CA UNK A 738 -6.32 17.51 -65.92
C UNK A 738 -5.71 18.49 -66.91
N UNK A 739 -6.55 19.38 -67.42
CA UNK A 739 -6.06 20.47 -68.24
C UNK A 739 -5.26 21.38 -67.35
N UNK A 740 -5.72 21.51 -66.11
CA UNK A 740 -4.97 22.19 -65.07
C UNK A 740 -3.69 21.42 -64.78
N UNK A 741 -3.76 20.10 -64.91
CA UNK A 741 -2.63 19.25 -64.55
C UNK A 741 -1.76 18.89 -65.75
N UNK A 742 -1.97 19.58 -66.87
CA UNK A 742 -1.34 19.24 -68.14
C UNK A 742 0.18 19.31 -68.16
N UNK A 743 0.73 20.21 -67.37
CA UNK A 743 2.18 20.32 -67.25
C UNK A 743 2.57 19.87 -65.86
N UNK A 744 1.57 19.65 -65.01
CA UNK A 744 1.83 19.08 -63.71
C UNK A 744 2.17 17.62 -63.94
N UNK A 745 1.46 17.03 -64.90
CA UNK A 745 1.72 15.66 -65.27
C UNK A 745 3.00 15.53 -66.06
N UNK A 746 3.51 16.64 -66.58
CA UNK A 746 4.72 16.62 -67.37
C UNK A 746 5.91 16.24 -66.50
N UNK A 747 6.45 15.07 -66.83
CA UNK A 747 7.62 14.53 -66.18
C UNK A 747 8.21 13.56 -67.18
N UNK A 748 9.33 12.94 -66.85
CA UNK A 748 9.91 11.96 -67.75
C UNK A 748 9.10 10.68 -67.68
N UNK A 749 9.14 9.89 -68.76
CA UNK A 749 8.50 8.59 -68.87
C UNK A 749 7.01 8.63 -68.58
N UNK A 750 6.25 9.31 -69.42
CA UNK A 750 4.81 9.43 -69.23
C UNK A 750 4.08 9.73 -70.53
N UNK A 751 3.94 8.72 -71.37
CA UNK A 751 3.28 8.92 -72.66
C UNK A 751 1.78 9.08 -72.48
N UNK A 752 1.28 10.28 -72.70
CA UNK A 752 -0.14 10.55 -72.53
C UNK A 752 -0.83 10.67 -73.87
N UNK A 753 -0.96 9.54 -74.56
CA UNK A 753 -1.68 9.51 -75.82
C UNK A 753 -3.16 9.56 -75.54
N UNK A 754 -3.82 10.65 -75.94
CA UNK A 754 -5.21 10.87 -75.56
C UNK A 754 -6.16 10.07 -76.43
N UNK A 755 -7.45 10.27 -76.18
CA UNK A 755 -8.48 9.46 -76.82
C UNK A 755 -9.70 10.28 -77.21
N UNK A 756 -10.69 10.26 -76.32
CA UNK A 756 -12.01 10.86 -76.52
C UNK A 756 -12.64 10.38 -77.81
N UNK A 757 -12.51 11.19 -78.86
CA UNK A 757 -13.08 10.84 -80.15
C UNK A 757 -12.29 11.47 -81.27
N UNK A 758 -12.56 11.01 -82.48
CA UNK A 758 -11.92 11.54 -83.68
C UNK A 758 -12.73 11.16 -84.89
N UNK A 759 -12.78 12.04 -85.88
CA UNK A 759 -13.40 11.73 -87.16
C UNK A 759 -12.40 10.97 -88.01
N UNK A 760 -11.91 11.60 -89.08
CA UNK A 760 -10.92 10.97 -89.94
C UNK A 760 -9.51 11.27 -89.45
N UNK A 761 -9.20 12.55 -89.40
CA UNK A 761 -7.95 13.06 -88.84
C UNK A 761 -8.21 14.52 -88.56
N UNK A 762 -9.47 14.88 -88.79
CA UNK A 762 -9.91 16.28 -88.75
C UNK A 762 -10.26 16.74 -87.34
N UNK A 763 -9.46 16.34 -86.38
CA UNK A 763 -9.59 16.77 -85.00
C UNK A 763 -8.25 16.50 -84.34
N UNK A 764 -7.71 15.33 -84.66
CA UNK A 764 -6.44 14.88 -84.11
C UNK A 764 -5.30 15.72 -84.63
N UNK A 765 -5.45 16.19 -85.87
CA UNK A 765 -4.50 17.10 -86.46
C UNK A 765 -4.56 18.45 -85.74
N UNK A 766 -5.72 18.78 -85.20
CA UNK A 766 -5.84 19.96 -84.36
C UNK A 766 -5.44 19.63 -82.94
N UNK A 767 -5.37 18.34 -82.63
CA UNK A 767 -5.08 17.91 -81.27
C UNK A 767 -3.62 17.49 -81.09
N UNK A 768 -2.99 17.03 -82.16
CA UNK A 768 -1.56 16.73 -82.11
C UNK A 768 -0.82 18.05 -82.00
N UNK A 769 -1.36 19.04 -82.69
CA UNK A 769 -0.83 20.38 -82.63
C UNK A 769 -1.13 20.99 -81.28
N UNK A 770 -2.33 21.55 -81.15
CA UNK A 770 -2.71 22.22 -79.92
C UNK A 770 -4.17 21.97 -79.59
N UNK A 771 -4.42 20.95 -78.78
CA UNK A 771 -5.76 20.64 -78.31
C UNK A 771 -6.16 21.58 -77.18
N UNK A 772 -6.30 22.86 -77.50
CA UNK A 772 -6.60 23.91 -76.54
C UNK A 772 -6.95 25.20 -77.25
N UNK A 773 -7.69 26.07 -76.57
CA UNK A 773 -8.09 27.36 -77.12
C UNK A 773 -8.49 28.31 -76.01
N UNK A 774 -7.57 28.57 -75.11
CA UNK A 774 -7.79 29.50 -74.02
C UNK A 774 -6.47 29.96 -73.43
N UNK A 775 -5.54 29.03 -73.26
CA UNK A 775 -4.28 29.30 -72.59
C UNK A 775 -3.19 28.28 -72.95
N UNK A 776 -1.95 28.61 -72.60
CA UNK A 776 -0.75 27.80 -72.86
C UNK A 776 -0.62 27.45 -74.32
N UNK A 777 -0.34 26.18 -74.60
CA UNK A 777 -0.24 25.71 -75.97
C UNK A 777 -0.56 24.23 -76.00
N UNK A 778 0.35 23.43 -75.42
CA UNK A 778 0.26 21.97 -75.27
C UNK A 778 0.17 21.20 -76.57
N UNK A 779 0.48 19.91 -76.47
CA UNK A 779 0.41 19.01 -77.60
C UNK A 779 0.24 17.60 -77.08
N UNK A 780 -0.85 16.94 -77.48
CA UNK A 780 -1.15 15.60 -77.02
C UNK A 780 -0.17 14.62 -77.65
N UNK A 781 0.08 13.49 -76.99
CA UNK A 781 1.00 12.51 -77.52
C UNK A 781 0.39 11.84 -78.74
N UNK A 782 -0.86 11.36 -78.61
CA UNK A 782 -1.61 10.80 -79.75
C UNK A 782 -3.10 10.71 -79.50
N UNK A 783 -3.85 10.37 -80.55
CA UNK A 783 -5.29 10.26 -80.48
C UNK A 783 -5.74 8.82 -80.74
N UNK A 784 -6.66 8.32 -79.93
CA UNK A 784 -7.11 6.93 -80.06
C UNK A 784 -8.29 6.76 -81.01
N UNK A 785 -9.12 5.76 -80.75
CA UNK A 785 -10.25 5.46 -81.62
C UNK A 785 -11.36 4.69 -80.92
N UNK A 786 -12.45 5.40 -80.63
CA UNK A 786 -13.64 4.79 -80.05
C UNK A 786 -14.38 4.06 -81.14
N UNK A 787 -15.20 4.79 -81.88
CA UNK A 787 -15.90 4.25 -83.03
C UNK A 787 -14.95 4.13 -84.20
N UNK A 788 -15.19 4.93 -85.24
CA UNK A 788 -14.35 5.03 -86.45
C UNK A 788 -14.10 3.69 -87.12
N UNK A 789 -13.25 2.88 -86.49
CA UNK A 789 -13.00 1.52 -86.95
C UNK A 789 -13.93 0.53 -86.28
N UNK A 790 -15.18 0.93 -86.08
CA UNK A 790 -16.18 0.05 -85.48
C UNK A 790 -17.03 -0.60 -86.55
N UNK A 791 -16.58 -0.52 -87.80
CA UNK A 791 -17.36 -1.02 -88.92
C UNK A 791 -16.52 -1.35 -90.14
N UNK A 792 -15.45 -2.10 -89.96
CA UNK A 792 -14.64 -2.51 -91.10
C UNK A 792 -15.07 -3.88 -91.60
N UNK A 793 -14.47 -4.91 -91.02
CA UNK A 793 -14.82 -6.27 -91.36
C UNK A 793 -14.70 -7.15 -90.13
N UNK A 794 -15.66 -7.06 -89.22
CA UNK A 794 -15.63 -7.82 -87.97
C UNK A 794 -16.98 -7.94 -87.27
N UNK A 795 -17.63 -6.80 -87.04
CA UNK A 795 -18.76 -6.72 -86.13
C UNK A 795 -20.08 -7.28 -86.67
N UNK A 796 -21.17 -6.93 -86.00
CA UNK A 796 -22.50 -7.36 -86.41
C UNK A 796 -22.89 -6.68 -87.72
N UNK A 797 -23.77 -7.32 -88.47
CA UNK A 797 -23.93 -7.03 -89.89
C UNK A 797 -24.68 -5.74 -90.21
N UNK A 798 -25.97 -5.86 -90.46
CA UNK A 798 -26.74 -4.81 -91.10
C UNK A 798 -26.94 -3.57 -90.24
N UNK A 799 -26.68 -3.70 -88.95
CA UNK A 799 -26.69 -2.53 -88.09
C UNK A 799 -25.50 -1.66 -88.40
N UNK A 800 -24.40 -2.29 -88.81
CA UNK A 800 -23.24 -1.54 -89.26
C UNK A 800 -23.55 -0.95 -90.63
N UNK A 801 -24.46 -1.60 -91.37
CA UNK A 801 -24.97 -1.01 -92.60
C UNK A 801 -25.95 0.09 -92.24
N UNK A 802 -26.55 -0.03 -91.06
CA UNK A 802 -27.49 0.97 -90.58
C UNK A 802 -26.79 2.11 -89.88
N UNK A 803 -25.61 1.85 -89.31
CA UNK A 803 -24.88 2.89 -88.58
C UNK A 803 -24.28 3.91 -89.53
N UNK A 804 -25.14 4.75 -90.13
CA UNK A 804 -24.71 5.75 -91.09
C UNK A 804 -25.39 7.04 -90.75
N UNK A 805 -24.91 7.70 -89.71
CA UNK A 805 -25.56 8.91 -89.24
C UNK A 805 -24.55 9.88 -88.63
N UNK A 806 -25.06 11.02 -88.19
CA UNK A 806 -24.22 12.08 -87.67
C UNK A 806 -24.93 12.91 -86.61
N UNK A 807 -24.24 13.13 -85.50
CA UNK A 807 -24.66 14.07 -84.48
C UNK A 807 -23.71 15.26 -84.57
N UNK A 808 -23.94 16.27 -83.73
CA UNK A 808 -23.12 17.49 -83.77
C UNK A 808 -21.72 17.21 -83.26
N UNK A 809 -20.81 18.13 -83.51
CA UNK A 809 -19.41 17.96 -83.11
C UNK A 809 -19.20 18.28 -81.63
N UNK A 810 -18.27 19.17 -81.34
CA UNK A 810 -18.12 19.72 -80.01
C UNK A 810 -18.46 21.19 -80.10
N UNK A 811 -19.18 21.54 -81.17
CA UNK A 811 -19.58 22.90 -81.44
C UNK A 811 -20.52 23.43 -80.38
N UNK A 812 -21.80 23.10 -80.48
CA UNK A 812 -22.75 23.56 -79.49
C UNK A 812 -23.05 22.45 -78.49
N UNK A 813 -22.14 21.49 -78.38
CA UNK A 813 -22.42 20.31 -77.57
C UNK A 813 -21.31 19.98 -76.59
N UNK A 814 -20.25 19.36 -77.12
CA UNK A 814 -19.29 18.55 -76.36
C UNK A 814 -20.08 17.52 -75.57
N UNK A 815 -20.54 17.90 -74.38
CA UNK A 815 -21.48 17.07 -73.67
C UNK A 815 -22.89 17.56 -73.99
N UNK A 816 -23.72 16.64 -74.47
CA UNK A 816 -25.11 16.92 -74.86
C UNK A 816 -25.87 15.62 -75.03
N UNK A 817 -25.09 14.54 -75.13
CA UNK A 817 -25.62 13.24 -75.50
C UNK A 817 -26.24 12.49 -74.34
N UNK A 818 -26.49 13.17 -73.23
CA UNK A 818 -27.15 12.56 -72.09
C UNK A 818 -28.57 12.22 -72.48
N UNK A 819 -29.44 13.21 -72.40
CA UNK A 819 -30.81 13.02 -72.83
C UNK A 819 -30.93 13.38 -74.29
N UNK A 820 -32.12 13.84 -74.65
CA UNK A 820 -32.54 14.25 -76.00
C UNK A 820 -32.50 13.13 -77.03
N UNK A 821 -33.32 13.31 -78.05
CA UNK A 821 -33.35 12.40 -79.18
C UNK A 821 -32.60 13.02 -80.34
N UNK A 822 -31.61 13.85 -80.02
CA UNK A 822 -30.80 14.50 -81.03
C UNK A 822 -29.67 13.58 -81.46
N UNK A 823 -30.04 12.48 -82.10
CA UNK A 823 -29.13 11.45 -82.63
C UNK A 823 -28.15 10.87 -81.62
N UNK A 824 -28.53 10.83 -80.34
CA UNK A 824 -27.67 10.29 -79.28
C UNK A 824 -28.47 10.01 -78.01
N UNK A 825 -27.91 9.18 -77.13
CA UNK A 825 -28.56 8.87 -75.86
C UNK A 825 -27.58 8.31 -74.84
N UNK A 826 -28.06 8.09 -73.63
CA UNK A 826 -27.23 7.57 -72.56
C UNK A 826 -28.04 6.89 -71.47
N UNK A 827 -27.63 5.70 -71.08
CA UNK A 827 -28.17 5.05 -69.89
C UNK A 827 -26.99 4.64 -69.03
N UNK A 828 -27.11 3.53 -68.32
CA UNK A 828 -26.05 3.14 -67.41
C UNK A 828 -26.03 1.64 -67.14
N UNK A 829 -25.15 0.94 -67.85
CA UNK A 829 -24.97 -0.48 -67.63
C UNK A 829 -24.36 -0.70 -66.26
N UNK A 830 -25.02 -1.53 -65.46
CA UNK A 830 -24.73 -1.71 -64.03
C UNK A 830 -24.69 -0.38 -63.31
N UNK A 831 -25.65 0.47 -63.65
CA UNK A 831 -25.88 1.79 -63.06
C UNK A 831 -24.68 2.75 -63.10
N UNK A 832 -23.78 2.56 -64.04
CA UNK A 832 -22.61 3.42 -64.13
C UNK A 832 -22.95 4.69 -64.91
N UNK A 833 -22.32 4.84 -66.08
CA UNK A 833 -22.63 5.94 -66.98
C UNK A 833 -22.23 5.50 -68.37
N UNK A 834 -23.17 5.52 -69.30
CA UNK A 834 -22.89 5.00 -70.63
C UNK A 834 -23.21 6.01 -71.72
N UNK A 835 -23.11 5.57 -72.97
CA UNK A 835 -23.39 6.44 -74.11
C UNK A 835 -23.77 5.64 -75.36
N UNK A 836 -24.83 6.05 -76.05
CA UNK A 836 -25.27 5.35 -77.25
C UNK A 836 -26.08 6.24 -78.19
N UNK A 837 -26.49 5.66 -79.32
CA UNK A 837 -27.31 6.35 -80.31
C UNK A 837 -28.02 5.33 -81.19
N UNK A 838 -29.30 5.11 -80.96
CA UNK A 838 -30.01 4.04 -81.65
C UNK A 838 -31.48 4.32 -81.83
N UNK A 839 -32.24 3.26 -82.11
CA UNK A 839 -33.61 3.37 -82.59
C UNK A 839 -34.66 2.76 -81.67
N UNK A 840 -34.66 1.43 -81.60
CA UNK A 840 -35.67 0.71 -80.85
C UNK A 840 -35.46 0.81 -79.35
N UNK A 841 -34.26 1.24 -78.94
CA UNK A 841 -33.87 1.29 -77.54
C UNK A 841 -34.45 2.46 -76.76
N UNK A 842 -35.47 3.12 -77.32
CA UNK A 842 -36.09 4.27 -76.69
C UNK A 842 -36.80 3.85 -75.42
N UNK A 843 -37.30 2.63 -75.42
CA UNK A 843 -38.03 2.09 -74.28
C UNK A 843 -37.13 1.94 -73.07
N UNK A 844 -35.84 1.74 -73.30
CA UNK A 844 -34.88 1.65 -72.21
C UNK A 844 -34.79 3.00 -71.53
N UNK A 845 -34.76 4.04 -72.36
CA UNK A 845 -34.69 5.38 -71.85
C UNK A 845 -36.03 5.79 -71.29
N UNK A 846 -37.10 5.30 -71.89
CA UNK A 846 -38.44 5.72 -71.47
C UNK A 846 -38.87 5.05 -70.18
N UNK A 847 -38.21 3.95 -69.84
CA UNK A 847 -38.53 3.24 -68.61
C UNK A 847 -37.47 3.53 -67.57
N UNK A 848 -36.42 4.24 -67.98
CA UNK A 848 -35.30 4.55 -67.11
C UNK A 848 -35.73 5.46 -65.97
N UNK A 849 -36.31 6.60 -66.34
CA UNK A 849 -36.73 7.57 -65.35
C UNK A 849 -37.99 7.12 -64.64
N UNK A 850 -38.80 6.34 -65.32
CA UNK A 850 -40.10 5.96 -64.79
C UNK A 850 -39.97 4.86 -63.75
N UNK A 851 -40.02 3.62 -64.21
CA UNK A 851 -40.07 2.46 -63.33
C UNK A 851 -38.77 2.21 -62.59
N UNK A 852 -37.65 2.35 -63.30
CA UNK A 852 -36.35 2.12 -62.69
C UNK A 852 -36.05 3.21 -61.68
N UNK A 853 -36.11 4.46 -62.12
CA UNK A 853 -35.83 5.55 -61.22
C UNK A 853 -37.02 5.86 -60.33
N UNK A 854 -36.97 5.33 -59.12
CA UNK A 854 -37.86 5.72 -58.04
C UNK A 854 -37.11 5.37 -56.77
N UNK A 855 -37.75 5.51 -55.61
CA UNK A 855 -37.16 5.03 -54.36
C UNK A 855 -37.13 3.51 -54.41
N UNK A 856 -35.95 2.94 -54.25
CA UNK A 856 -35.71 1.52 -54.49
C UNK A 856 -36.50 0.61 -53.56
N UNK A 857 -36.86 1.12 -52.39
CA UNK A 857 -37.68 0.36 -51.48
C UNK A 857 -39.13 0.40 -51.97
N UNK A 858 -39.49 1.47 -52.65
CA UNK A 858 -40.85 1.62 -53.13
C UNK A 858 -40.91 1.32 -54.62
N UNK A 859 -39.86 0.71 -55.13
CA UNK A 859 -39.67 0.54 -56.57
C UNK A 859 -40.72 -0.33 -57.24
N UNK A 860 -41.04 -1.44 -56.60
CA UNK A 860 -41.84 -2.47 -57.25
C UNK A 860 -43.31 -2.11 -57.39
N UNK A 861 -43.81 -1.29 -56.48
CA UNK A 861 -45.24 -1.06 -56.34
C UNK A 861 -45.84 -0.39 -57.55
N UNK A 862 -45.06 0.44 -58.20
CA UNK A 862 -45.50 1.08 -59.43
C UNK A 862 -44.93 0.31 -60.62
N UNK A 863 -43.92 -0.51 -60.36
CA UNK A 863 -43.36 -1.34 -61.41
C UNK A 863 -44.35 -2.45 -61.67
N UNK A 864 -45.06 -2.83 -60.62
CA UNK A 864 -46.12 -3.81 -60.75
C UNK A 864 -47.43 -3.15 -61.14
N UNK A 865 -47.43 -1.83 -61.25
CA UNK A 865 -48.66 -1.15 -61.62
C UNK A 865 -48.90 -1.32 -63.10
N UNK A 866 -48.27 -0.47 -63.91
CA UNK A 866 -48.54 -0.46 -65.34
C UNK A 866 -47.95 -1.67 -66.05
N UNK A 867 -48.52 -2.85 -65.80
CA UNK A 867 -47.96 -4.09 -66.30
C UNK A 867 -48.27 -4.29 -67.76
N UNK A 868 -49.56 -4.23 -68.11
CA UNK A 868 -50.01 -4.58 -69.44
C UNK A 868 -49.58 -3.57 -70.49
N UNK A 869 -49.33 -2.33 -70.06
CA UNK A 869 -48.82 -1.33 -70.97
C UNK A 869 -47.35 -1.58 -71.21
N UNK A 870 -46.72 -2.21 -70.22
CA UNK A 870 -45.30 -2.52 -70.31
C UNK A 870 -45.13 -3.99 -70.67
N UNK A 871 -46.17 -4.61 -71.19
CA UNK A 871 -46.07 -6.00 -71.59
C UNK A 871 -45.82 -6.11 -73.07
N UNK A 872 -46.75 -5.55 -73.84
CA UNK A 872 -46.66 -5.56 -75.29
C UNK A 872 -45.52 -4.68 -75.75
N UNK A 873 -45.21 -3.68 -74.95
CA UNK A 873 -44.01 -2.88 -75.14
C UNK A 873 -42.81 -3.79 -74.97
N UNK A 874 -42.81 -4.59 -73.93
CA UNK A 874 -41.68 -5.46 -73.65
C UNK A 874 -41.62 -6.62 -74.64
N UNK A 875 -42.77 -7.00 -75.19
CA UNK A 875 -42.81 -8.14 -76.08
C UNK A 875 -42.67 -7.69 -77.53
N UNK A 876 -42.45 -6.41 -77.74
CA UNK A 876 -42.26 -5.93 -79.11
C UNK A 876 -41.34 -4.73 -79.11
N UNK A 877 -40.11 -4.91 -78.69
CA UNK A 877 -39.10 -3.86 -78.72
C UNK A 877 -37.69 -4.41 -78.70
N UNK A 878 -37.22 -4.67 -77.48
CA UNK A 878 -35.83 -5.01 -77.22
C UNK A 878 -35.44 -6.36 -77.77
N UNK A 879 -35.49 -7.37 -76.91
CA UNK A 879 -34.97 -8.66 -77.29
C UNK A 879 -35.60 -9.80 -76.51
N UNK A 880 -36.80 -9.59 -75.99
CA UNK A 880 -37.42 -10.60 -75.17
C UNK A 880 -38.92 -10.48 -75.10
N UNK A 881 -39.51 -11.21 -74.16
CA UNK A 881 -40.94 -11.15 -73.90
C UNK A 881 -41.23 -11.64 -72.49
N UNK A 882 -42.52 -11.75 -72.15
CA UNK A 882 -42.91 -12.26 -70.84
C UNK A 882 -43.15 -13.75 -70.93
N UNK A 883 -42.21 -14.46 -71.55
CA UNK A 883 -42.15 -15.91 -71.65
C UNK A 883 -43.40 -16.55 -72.23
N UNK A 884 -43.49 -16.58 -73.55
CA UNK A 884 -44.54 -17.30 -74.26
C UNK A 884 -44.14 -17.56 -75.71
N UNK A 885 -44.96 -18.33 -76.43
CA UNK A 885 -44.83 -18.54 -77.87
C UNK A 885 -46.20 -18.41 -78.52
N UNK A 886 -46.22 -18.16 -79.83
CA UNK A 886 -47.41 -17.73 -80.58
C UNK A 886 -48.07 -16.52 -79.91
N UNK A 887 -48.89 -16.73 -78.88
CA UNK A 887 -49.53 -15.63 -78.16
C UNK A 887 -48.76 -15.27 -76.89
N UNK A 888 -49.45 -14.73 -75.88
CA UNK A 888 -48.79 -14.29 -74.65
C UNK A 888 -49.73 -14.16 -73.45
N UNK A 889 -49.26 -14.54 -72.27
CA UNK A 889 -50.00 -14.31 -71.03
C UNK A 889 -49.05 -14.28 -69.84
N UNK A 890 -49.59 -14.27 -68.63
CA UNK A 890 -48.76 -14.35 -67.43
C UNK A 890 -48.21 -15.76 -67.27
N UNK A 891 -46.90 -15.89 -67.09
CA UNK A 891 -46.22 -17.19 -67.26
C UNK A 891 -46.43 -18.21 -66.15
N UNK A 892 -47.32 -17.92 -65.20
CA UNK A 892 -47.72 -18.92 -64.22
C UNK A 892 -48.89 -19.69 -64.78
N UNK A 893 -49.43 -19.21 -65.89
CA UNK A 893 -50.60 -19.80 -66.50
C UNK A 893 -50.26 -20.39 -67.85
N UNK A 894 -49.24 -21.23 -67.90
CA UNK A 894 -48.85 -21.84 -69.15
C UNK A 894 -49.33 -23.28 -69.22
N UNK A 895 -49.66 -23.75 -70.42
CA UNK A 895 -49.98 -25.15 -70.63
C UNK A 895 -48.69 -25.96 -70.56
N UNK A 896 -48.73 -27.09 -69.85
CA UNK A 896 -47.53 -27.77 -69.35
C UNK A 896 -46.56 -28.21 -70.42
N UNK A 897 -47.08 -28.61 -71.55
CA UNK A 897 -46.20 -29.00 -72.63
C UNK A 897 -45.68 -27.77 -73.33
N UNK A 898 -46.52 -26.75 -73.42
CA UNK A 898 -46.35 -25.66 -74.38
C UNK A 898 -45.09 -24.83 -74.17
N UNK A 899 -44.59 -24.83 -72.95
CA UNK A 899 -43.39 -24.09 -72.63
C UNK A 899 -42.16 -24.71 -73.31
N UNK A 900 -42.21 -26.02 -73.53
CA UNK A 900 -41.07 -26.73 -74.10
C UNK A 900 -40.90 -26.37 -75.56
N UNK A 901 -42.02 -26.23 -76.26
CA UNK A 901 -41.97 -25.80 -77.64
C UNK A 901 -41.67 -24.31 -77.66
N UNK A 902 -42.08 -23.61 -76.61
CA UNK A 902 -41.77 -22.19 -76.48
C UNK A 902 -40.28 -21.99 -76.23
N UNK A 903 -39.67 -22.97 -75.58
CA UNK A 903 -38.25 -22.94 -75.29
C UNK A 903 -37.45 -23.04 -76.57
N UNK A 904 -37.82 -24.00 -77.41
CA UNK A 904 -37.15 -24.22 -78.68
C UNK A 904 -37.44 -23.08 -79.63
N UNK A 905 -38.59 -22.45 -79.43
CA UNK A 905 -38.94 -21.24 -80.16
C UNK A 905 -37.99 -20.12 -79.78
N UNK A 906 -37.55 -20.13 -78.53
CA UNK A 906 -36.61 -19.11 -78.08
C UNK A 906 -35.21 -19.68 -78.01
N UNK A 907 -34.95 -20.70 -78.80
CA UNK A 907 -33.64 -21.32 -78.82
C UNK A 907 -32.97 -21.16 -80.17
N UNK A 908 -33.05 -22.20 -80.98
CA UNK A 908 -32.32 -22.30 -82.23
C UNK A 908 -32.89 -21.44 -83.34
N UNK A 909 -32.61 -21.88 -84.57
CA UNK A 909 -33.09 -21.22 -85.77
C UNK A 909 -32.95 -22.18 -86.94
N UNK A 910 -32.60 -21.63 -88.09
CA UNK A 910 -32.25 -22.45 -89.24
C UNK A 910 -30.90 -23.09 -89.01
N UNK A 911 -30.05 -22.43 -88.24
CA UNK A 911 -28.74 -22.95 -87.92
C UNK A 911 -28.83 -24.03 -86.84
N UNK A 912 -28.18 -23.79 -85.70
CA UNK A 912 -28.12 -24.80 -84.65
C UNK A 912 -27.84 -24.23 -83.25
N UNK A 913 -28.91 -23.83 -82.56
CA UNK A 913 -28.91 -23.40 -81.15
C UNK A 913 -27.99 -22.22 -80.84
N UNK A 914 -28.01 -21.81 -79.58
CA UNK A 914 -27.12 -20.75 -79.13
C UNK A 914 -25.83 -21.40 -78.69
N UNK A 915 -25.38 -21.10 -77.47
CA UNK A 915 -24.13 -21.67 -76.98
C UNK A 915 -24.36 -23.07 -76.43
N UNK A 916 -23.70 -23.37 -75.32
CA UNK A 916 -23.85 -24.67 -74.69
C UNK A 916 -24.61 -24.51 -73.40
N UNK A 917 -24.61 -23.30 -72.89
CA UNK A 917 -25.26 -22.98 -71.62
C UNK A 917 -26.77 -23.05 -71.74
N UNK A 918 -27.28 -22.95 -72.96
CA UNK A 918 -28.70 -23.16 -73.20
C UNK A 918 -28.92 -24.60 -73.62
N UNK A 919 -27.87 -25.20 -74.17
CA UNK A 919 -27.96 -26.54 -74.76
C UNK A 919 -28.21 -27.59 -73.71
N UNK A 920 -27.78 -27.33 -72.48
CA UNK A 920 -28.09 -28.22 -71.40
C UNK A 920 -29.24 -27.65 -70.58
N UNK A 921 -29.56 -26.39 -70.83
CA UNK A 921 -30.66 -25.75 -70.12
C UNK A 921 -31.98 -26.26 -70.67
N UNK A 922 -31.96 -26.71 -71.92
CA UNK A 922 -33.11 -27.41 -72.47
C UNK A 922 -33.21 -28.76 -71.79
N UNK A 923 -32.06 -29.39 -71.63
CA UNK A 923 -31.99 -30.72 -71.01
C UNK A 923 -32.01 -30.63 -69.49
N UNK A 924 -33.11 -30.10 -68.97
CA UNK A 924 -33.40 -30.06 -67.56
C UNK A 924 -34.88 -29.79 -67.50
N UNK A 925 -35.29 -28.85 -68.37
CA UNK A 925 -36.69 -28.51 -68.54
C UNK A 925 -37.40 -29.70 -69.11
N UNK A 926 -36.75 -30.36 -70.06
CA UNK A 926 -37.30 -31.57 -70.65
C UNK A 926 -37.25 -32.69 -69.65
N UNK A 927 -36.26 -32.64 -68.78
CA UNK A 927 -36.10 -33.67 -67.77
C UNK A 927 -37.20 -33.55 -66.74
N UNK A 928 -37.42 -32.35 -66.24
CA UNK A 928 -38.42 -32.12 -65.19
C UNK A 928 -39.82 -32.33 -65.72
N UNK A 929 -40.04 -32.03 -66.99
CA UNK A 929 -41.34 -32.25 -67.61
C UNK A 929 -41.57 -33.73 -67.85
N UNK A 930 -40.48 -34.51 -67.88
CA UNK A 930 -40.58 -35.95 -67.93
C UNK A 930 -40.59 -36.50 -66.52
N UNK A 931 -40.44 -35.61 -65.54
CA UNK A 931 -40.30 -36.04 -64.16
C UNK A 931 -41.51 -35.74 -63.31
N UNK A 932 -42.22 -34.65 -63.58
CA UNK A 932 -43.35 -34.29 -62.74
C UNK A 932 -44.49 -35.23 -63.03
N UNK A 933 -44.88 -35.33 -64.29
CA UNK A 933 -45.78 -36.38 -64.68
C UNK A 933 -44.93 -37.64 -64.71
N UNK A 934 -45.08 -38.50 -63.71
CA UNK A 934 -44.31 -39.75 -63.62
C UNK A 934 -44.91 -40.73 -62.62
N UNK A 935 -44.11 -41.76 -62.29
CA UNK A 935 -44.50 -42.81 -61.34
C UNK A 935 -43.28 -43.53 -60.74
N UNK A 936 -43.34 -44.85 -60.64
CA UNK A 936 -42.28 -45.63 -60.02
C UNK A 936 -41.08 -45.91 -60.94
N UNK A 937 -40.92 -47.16 -61.38
CA UNK A 937 -39.72 -47.59 -62.11
C UNK A 937 -39.86 -47.56 -63.64
N UNK A 938 -38.93 -46.88 -64.30
CA UNK A 938 -38.91 -46.72 -65.75
C UNK A 938 -37.57 -46.16 -66.20
N UNK A 939 -37.06 -45.23 -65.40
CA UNK A 939 -35.75 -44.60 -65.55
C UNK A 939 -35.49 -43.86 -66.89
N UNK A 940 -35.74 -42.55 -66.86
CA UNK A 940 -35.26 -41.58 -67.84
C UNK A 940 -35.70 -41.75 -69.29
N UNK A 941 -35.32 -40.80 -70.12
CA UNK A 941 -35.64 -40.85 -71.53
C UNK A 941 -34.54 -40.17 -72.31
N UNK A 942 -34.57 -38.85 -72.37
CA UNK A 942 -33.52 -38.10 -73.04
C UNK A 942 -32.28 -38.21 -72.18
N UNK A 943 -31.21 -38.80 -72.71
CA UNK A 943 -30.03 -39.11 -71.91
C UNK A 943 -28.71 -38.88 -72.63
N UNK A 944 -28.73 -38.16 -73.74
CA UNK A 944 -27.50 -37.98 -74.51
C UNK A 944 -27.32 -36.56 -75.01
N UNK A 945 -28.38 -35.76 -74.95
CA UNK A 945 -28.39 -34.35 -75.34
C UNK A 945 -27.93 -34.13 -76.77
N UNK A 946 -28.74 -34.58 -77.72
CA UNK A 946 -28.47 -34.33 -79.12
C UNK A 946 -29.01 -32.96 -79.49
N UNK A 947 -29.94 -32.48 -78.66
CA UNK A 947 -30.68 -31.23 -78.85
C UNK A 947 -31.33 -31.17 -80.22
N UNK A 948 -32.17 -32.17 -80.50
CA UNK A 948 -32.83 -32.26 -81.78
C UNK A 948 -33.89 -31.18 -81.94
N UNK A 949 -33.64 -30.29 -82.90
CA UNK A 949 -34.46 -29.12 -83.11
C UNK A 949 -35.85 -29.49 -83.58
N UNK A 950 -36.78 -29.52 -82.62
CA UNK A 950 -38.22 -29.66 -82.86
C UNK A 950 -38.60 -30.90 -83.64
N UNK A 951 -38.03 -32.02 -83.26
CA UNK A 951 -38.42 -33.27 -83.88
C UNK A 951 -38.38 -34.35 -82.83
N UNK A 952 -37.66 -34.09 -81.75
CA UNK A 952 -37.65 -34.99 -80.61
C UNK A 952 -38.62 -34.48 -79.58
N UNK A 953 -39.34 -33.43 -79.95
CA UNK A 953 -40.33 -32.78 -79.10
C UNK A 953 -41.43 -33.74 -78.74
N UNK A 954 -42.32 -34.00 -79.69
CA UNK A 954 -43.42 -34.95 -79.53
C UNK A 954 -42.96 -36.39 -79.33
N UNK A 955 -41.71 -36.66 -79.68
CA UNK A 955 -41.06 -37.91 -79.33
C UNK A 955 -40.88 -38.04 -77.81
N UNK A 956 -40.91 -36.92 -77.09
CA UNK A 956 -41.01 -36.94 -75.64
C UNK A 956 -42.34 -36.35 -75.20
N UNK A 957 -42.79 -35.29 -75.87
CA UNK A 957 -44.00 -34.58 -75.49
C UNK A 957 -45.23 -35.43 -75.70
N UNK A 958 -45.42 -35.90 -76.93
CA UNK A 958 -46.56 -36.75 -77.22
C UNK A 958 -46.27 -38.19 -76.81
N UNK A 959 -45.04 -38.46 -76.35
CA UNK A 959 -44.76 -39.71 -75.69
C UNK A 959 -45.50 -39.72 -74.38
N UNK A 960 -44.99 -39.03 -73.37
CA UNK A 960 -45.73 -38.87 -72.13
C UNK A 960 -46.85 -37.88 -72.39
N UNK A 961 -47.96 -38.37 -72.92
CA UNK A 961 -48.97 -37.53 -73.52
C UNK A 961 -50.14 -37.20 -72.62
N UNK A 962 -50.04 -36.09 -71.91
CA UNK A 962 -51.12 -35.61 -71.08
C UNK A 962 -50.91 -34.14 -70.78
N UNK A 963 -49.66 -33.72 -70.89
CA UNK A 963 -49.27 -32.40 -70.43
C UNK A 963 -49.51 -31.32 -71.47
N UNK A 964 -50.10 -31.72 -72.60
CA UNK A 964 -50.59 -30.74 -73.56
C UNK A 964 -52.01 -30.39 -73.19
N UNK A 965 -52.51 -31.05 -72.15
CA UNK A 965 -53.83 -30.78 -71.63
C UNK A 965 -53.74 -30.19 -70.23
N UNK A 966 -52.57 -30.30 -69.61
CA UNK A 966 -52.42 -29.79 -68.26
C UNK A 966 -51.82 -28.39 -68.24
N UNK A 967 -52.16 -27.62 -67.22
CA UNK A 967 -51.54 -26.33 -67.00
C UNK A 967 -50.31 -26.53 -66.13
N UNK A 968 -49.37 -25.59 -66.19
CA UNK A 968 -48.10 -25.71 -65.49
C UNK A 968 -48.31 -25.63 -63.99
N UNK A 969 -47.47 -26.33 -63.24
CA UNK A 969 -47.67 -26.51 -61.81
C UNK A 969 -47.51 -25.23 -61.01
N UNK A 970 -48.07 -25.25 -59.82
CA UNK A 970 -47.93 -24.14 -58.90
C UNK A 970 -46.51 -24.16 -58.40
N UNK A 971 -46.00 -25.36 -58.19
CA UNK A 971 -44.66 -25.54 -57.68
C UNK A 971 -43.64 -25.34 -58.78
N UNK A 972 -43.61 -26.27 -59.72
CA UNK A 972 -42.53 -26.43 -60.70
C UNK A 972 -42.20 -25.24 -61.60
N UNK A 973 -43.05 -24.22 -61.58
CA UNK A 973 -42.78 -23.00 -62.31
C UNK A 973 -41.60 -22.25 -61.70
N UNK A 974 -41.40 -22.41 -60.39
CA UNK A 974 -40.34 -21.70 -59.71
C UNK A 974 -38.98 -22.23 -60.12
N UNK A 975 -38.92 -23.49 -60.54
CA UNK A 975 -37.69 -24.06 -61.09
C UNK A 975 -37.39 -23.41 -62.43
N UNK A 976 -38.44 -23.01 -63.15
CA UNK A 976 -38.27 -22.28 -64.41
C UNK A 976 -38.01 -20.81 -64.15
N UNK A 977 -38.09 -20.41 -62.89
CA UNK A 977 -37.63 -19.10 -62.49
C UNK A 977 -36.20 -19.22 -62.00
N UNK A 978 -35.92 -20.30 -61.27
CA UNK A 978 -34.61 -20.47 -60.63
C UNK A 978 -33.52 -20.84 -61.62
N UNK A 979 -33.81 -21.76 -62.53
CA UNK A 979 -32.83 -22.20 -63.52
C UNK A 979 -32.59 -21.12 -64.55
N UNK A 980 -33.50 -20.17 -64.63
CA UNK A 980 -33.30 -18.98 -65.43
C UNK A 980 -32.20 -18.15 -64.80
N UNK A 981 -32.36 -17.84 -63.52
CA UNK A 981 -31.45 -16.94 -62.85
C UNK A 981 -30.27 -17.65 -62.23
N UNK A 982 -30.12 -18.94 -62.52
CA UNK A 982 -28.99 -19.69 -62.02
C UNK A 982 -27.75 -19.28 -62.79
N UNK A 983 -26.67 -19.03 -62.08
CA UNK A 983 -25.44 -18.61 -62.72
C UNK A 983 -24.69 -19.83 -63.25
N UNK A 984 -23.40 -19.62 -63.53
CA UNK A 984 -22.52 -20.56 -64.21
C UNK A 984 -23.10 -21.00 -65.55
N UNK A 985 -23.75 -20.07 -66.24
CA UNK A 985 -24.32 -20.31 -67.55
C UNK A 985 -24.05 -19.07 -68.36
N UNK A 986 -24.90 -18.80 -69.35
CA UNK A 986 -24.79 -17.58 -70.12
C UNK A 986 -25.80 -16.62 -69.56
N UNK A 987 -26.19 -15.65 -70.37
CA UNK A 987 -27.32 -14.83 -70.02
C UNK A 987 -28.55 -15.44 -70.70
N UNK A 988 -29.68 -15.44 -70.03
CA UNK A 988 -30.89 -15.97 -70.64
C UNK A 988 -31.45 -14.92 -71.60
N UNK A 989 -31.93 -15.36 -72.75
CA UNK A 989 -32.46 -14.44 -73.75
C UNK A 989 -33.80 -13.87 -73.31
N UNK A 990 -34.65 -14.74 -72.81
CA UNK A 990 -35.99 -14.35 -72.40
C UNK A 990 -35.98 -13.56 -71.09
N UNK A 991 -36.72 -12.46 -71.05
CA UNK A 991 -36.97 -11.73 -69.81
C UNK A 991 -37.83 -12.64 -68.97
N UNK A 992 -37.24 -13.20 -67.93
CA UNK A 992 -37.77 -14.38 -67.28
C UNK A 992 -39.10 -14.19 -66.58
N UNK A 993 -39.35 -13.01 -66.05
CA UNK A 993 -40.59 -12.78 -65.31
C UNK A 993 -40.99 -11.33 -65.30
N UNK A 994 -42.29 -11.09 -65.27
CA UNK A 994 -42.82 -9.76 -65.39
C UNK A 994 -42.75 -8.95 -64.11
N UNK A 995 -42.38 -9.60 -63.01
CA UNK A 995 -42.38 -8.91 -61.72
C UNK A 995 -41.36 -9.46 -60.75
N UNK A 996 -40.28 -10.04 -61.26
CA UNK A 996 -39.18 -10.47 -60.40
C UNK A 996 -38.10 -9.40 -60.40
N UNK A 997 -38.26 -8.43 -61.32
CA UNK A 997 -37.37 -7.29 -61.52
C UNK A 997 -35.94 -7.75 -61.77
N UNK A 998 -35.67 -8.27 -62.96
CA UNK A 998 -34.39 -8.92 -63.21
C UNK A 998 -33.74 -8.51 -64.51
N UNK A 999 -33.95 -7.27 -64.93
CA UNK A 999 -33.52 -6.84 -66.26
C UNK A 999 -32.02 -6.61 -66.36
N UNK A 1076 9.83 1.08 -83.13
CA UNK A 1076 11.01 1.69 -83.73
C UNK A 1076 11.42 2.93 -82.97
N UNK A 1077 12.15 2.73 -81.88
CA UNK A 1077 12.64 3.82 -81.05
C UNK A 1077 13.82 3.32 -80.24
N UNK A 1078 14.58 4.25 -79.65
CA UNK A 1078 15.68 3.87 -78.77
C UNK A 1078 15.11 3.28 -77.51
N UNK A 1079 14.81 4.15 -76.55
CA UNK A 1079 14.15 3.73 -75.33
C UNK A 1079 13.37 4.90 -74.76
N UNK A 1080 13.43 5.06 -73.45
CA UNK A 1080 12.93 6.26 -72.81
C UNK A 1080 13.97 6.69 -71.78
N UNK A 1081 14.43 7.93 -71.90
CA UNK A 1081 15.55 8.53 -71.13
C UNK A 1081 16.87 7.75 -71.27
N UNK A 1082 17.74 8.24 -72.15
CA UNK A 1082 19.05 7.65 -72.40
C UNK A 1082 20.18 8.68 -72.20
N UNK A 1083 21.43 8.27 -72.39
CA UNK A 1083 22.56 9.15 -72.10
C UNK A 1083 23.69 9.01 -73.13
N UNK A 1084 23.52 8.09 -74.07
CA UNK A 1084 24.53 7.89 -75.10
C UNK A 1084 24.46 9.00 -76.15
N UNK A 1085 24.97 10.18 -75.79
CA UNK A 1085 24.85 11.35 -76.67
C UNK A 1085 26.16 12.14 -76.77
N UNK A 1086 26.96 11.80 -77.78
CA UNK A 1086 28.22 12.48 -78.05
C UNK A 1086 28.64 12.23 -79.49
N UNK A 1087 29.78 11.56 -79.66
CA UNK A 1087 30.27 11.18 -80.98
C UNK A 1087 30.01 9.71 -81.25
N UNK A 1088 28.94 9.19 -80.66
CA UNK A 1088 28.44 7.81 -80.85
C UNK A 1088 29.46 6.75 -80.45
N UNK A 1089 29.48 5.61 -81.15
CA UNK A 1089 30.49 4.57 -80.91
C UNK A 1089 31.56 4.61 -82.01
N UNK A 1090 31.23 4.02 -83.16
CA UNK A 1090 31.98 4.14 -84.42
C UNK A 1090 33.46 3.73 -84.37
N UNK A 1091 34.34 4.70 -84.14
CA UNK A 1091 35.79 4.49 -84.27
C UNK A 1091 36.38 3.57 -83.20
N UNK A 1092 37.09 2.54 -83.64
CA UNK A 1092 37.72 1.59 -82.73
C UNK A 1092 39.09 1.16 -83.25
N UNK A 1093 39.12 0.53 -84.42
CA UNK A 1093 40.33 0.01 -85.09
C UNK A 1093 41.13 -0.88 -84.16
N UNK A 1094 42.00 -0.23 -83.39
CA UNK A 1094 42.69 -0.88 -82.31
C UNK A 1094 41.94 -0.59 -81.01
N UNK A 1095 40.75 -1.18 -80.87
CA UNK A 1095 39.94 -1.01 -79.66
C UNK A 1095 40.58 -1.70 -78.47
N UNK A 1096 40.29 -1.22 -77.27
CA UNK A 1096 40.89 -1.78 -76.08
C UNK A 1096 39.99 -1.69 -74.85
N UNK A 1097 40.60 -1.33 -73.72
CA UNK A 1097 39.97 -1.18 -72.40
C UNK A 1097 39.31 -2.47 -71.90
N UNK A 1098 39.98 -3.13 -70.98
CA UNK A 1098 39.49 -4.38 -70.39
C UNK A 1098 38.45 -4.12 -69.30
N UNK A 1099 38.12 -5.16 -68.56
CA UNK A 1099 36.96 -5.12 -67.67
C UNK A 1099 37.27 -5.27 -66.19
N UNK A 1100 36.23 -5.06 -65.38
CA UNK A 1100 36.28 -5.19 -63.93
C UNK A 1100 34.87 -5.35 -63.36
N UNK A 1101 34.20 -4.23 -63.08
CA UNK A 1101 32.85 -4.24 -62.53
C UNK A 1101 31.83 -3.67 -63.51
N UNK A 1102 32.01 -2.40 -63.89
CA UNK A 1102 31.29 -1.75 -65.01
C UNK A 1102 29.75 -1.68 -64.99
N UNK A 1103 29.11 -2.81 -64.68
CA UNK A 1103 27.65 -2.94 -64.51
C UNK A 1103 26.80 -2.62 -65.75
N UNK A 1104 26.93 -3.44 -66.79
CA UNK A 1104 26.02 -3.51 -67.95
C UNK A 1104 25.84 -2.22 -68.71
N UNK A 1105 24.80 -2.19 -69.55
CA UNK A 1105 24.33 -1.00 -70.29
C UNK A 1105 25.40 -0.32 -71.13
N UNK A 1106 26.33 0.32 -70.45
CA UNK A 1106 27.44 1.03 -71.07
C UNK A 1106 28.32 0.10 -71.87
N UNK A 1107 28.50 -1.13 -71.38
CA UNK A 1107 29.29 -2.14 -72.08
C UNK A 1107 28.57 -2.50 -73.36
N UNK A 1108 27.24 -2.49 -73.29
CA UNK A 1108 26.44 -2.66 -74.49
C UNK A 1108 26.40 -1.34 -75.24
N UNK A 1109 26.54 -0.22 -74.53
CA UNK A 1109 26.50 1.08 -75.21
C UNK A 1109 27.83 1.42 -75.84
N UNK A 1110 28.91 0.84 -75.34
CA UNK A 1110 30.21 1.03 -75.97
C UNK A 1110 30.24 0.24 -77.25
N UNK A 1111 29.54 -0.89 -77.23
CA UNK A 1111 29.44 -1.78 -78.36
C UNK A 1111 28.70 -1.13 -79.53
N UNK A 1112 27.72 -0.31 -79.21
CA UNK A 1112 26.94 0.34 -80.25
C UNK A 1112 26.34 1.64 -79.77
N UNK A 1113 26.55 2.68 -80.58
CA UNK A 1113 25.87 3.96 -80.40
C UNK A 1113 25.75 4.56 -81.79
N UNK A 1114 24.51 4.90 -82.19
CA UNK A 1114 24.17 5.41 -83.53
C UNK A 1114 24.72 4.58 -84.68
N UNK A 1115 24.00 3.52 -85.05
CA UNK A 1115 24.45 2.66 -86.14
C UNK A 1115 23.25 1.96 -86.77
N UNK A 1116 23.49 0.84 -87.43
CA UNK A 1116 22.43 0.12 -88.11
C UNK A 1116 22.71 -1.37 -88.27
N UNK A 1117 21.80 -2.16 -87.72
CA UNK A 1117 21.73 -3.62 -87.88
C UNK A 1117 23.00 -4.35 -87.47
N UNK A 1118 23.94 -4.39 -88.40
CA UNK A 1118 25.11 -5.27 -88.34
C UNK A 1118 26.06 -5.00 -87.18
N UNK A 1119 25.92 -3.85 -86.54
CA UNK A 1119 26.74 -3.53 -85.38
C UNK A 1119 25.85 -3.07 -84.24
N UNK A 1120 24.56 -2.90 -84.52
CA UNK A 1120 23.67 -2.34 -83.53
C UNK A 1120 22.69 -3.36 -83.02
N UNK A 1121 22.87 -4.61 -83.40
CA UNK A 1121 22.00 -5.69 -82.93
C UNK A 1121 22.39 -6.12 -81.53
N UNK A 1122 23.67 -6.01 -81.21
CA UNK A 1122 24.23 -6.53 -79.96
C UNK A 1122 23.93 -5.69 -78.71
N UNK A 1123 22.80 -4.99 -78.72
CA UNK A 1123 22.27 -4.26 -77.58
C UNK A 1123 20.84 -3.95 -77.91
N UNK A 1124 20.46 -4.30 -79.14
CA UNK A 1124 19.09 -4.17 -79.60
C UNK A 1124 18.24 -5.21 -78.91
N UNK A 1125 18.86 -6.35 -78.64
CA UNK A 1125 18.22 -7.41 -77.89
C UNK A 1125 18.08 -6.99 -76.43
N UNK A 1126 16.90 -6.51 -76.07
CA UNK A 1126 16.65 -6.11 -74.70
C UNK A 1126 15.44 -6.85 -74.15
N UNK A 1127 14.69 -7.51 -75.03
CA UNK A 1127 13.53 -8.27 -74.62
C UNK A 1127 13.20 -9.38 -75.60
N UNK A 1128 12.84 -8.99 -76.81
CA UNK A 1128 12.33 -9.94 -77.79
C UNK A 1128 13.38 -10.36 -78.80
N UNK A 1129 13.82 -11.62 -78.69
CA UNK A 1129 14.71 -12.18 -79.69
C UNK A 1129 13.89 -12.52 -80.91
N UNK A 1130 12.72 -13.09 -80.66
CA UNK A 1130 11.70 -13.44 -81.66
C UNK A 1130 12.17 -14.40 -82.77
N UNK A 1131 13.06 -15.32 -82.45
CA UNK A 1131 13.31 -16.44 -83.34
C UNK A 1131 12.11 -17.35 -83.22
N UNK A 1132 11.36 -17.48 -84.32
CA UNK A 1132 10.04 -18.13 -84.39
C UNK A 1132 9.03 -17.51 -83.42
N UNK A 1133 7.99 -18.27 -83.08
CA UNK A 1133 6.85 -17.72 -82.34
C UNK A 1133 7.07 -17.67 -80.83
N UNK A 1134 7.99 -16.80 -80.40
CA UNK A 1134 8.25 -16.50 -79.00
C UNK A 1134 9.11 -15.25 -78.90
N UNK A 1135 9.92 -15.17 -77.85
CA UNK A 1135 10.84 -14.05 -77.61
C UNK A 1135 11.83 -14.44 -76.51
N UNK A 1136 13.04 -13.88 -76.52
CA UNK A 1136 14.03 -14.27 -75.51
C UNK A 1136 15.19 -13.28 -75.28
N UNK A 1137 15.26 -12.22 -76.08
CA UNK A 1137 16.41 -11.31 -76.17
C UNK A 1137 17.77 -12.00 -76.45
N UNK A 1138 18.32 -12.64 -75.42
CA UNK A 1138 19.63 -13.32 -75.43
C UNK A 1138 20.83 -12.43 -75.79
N UNK A 1139 21.97 -13.09 -76.02
CA UNK A 1139 23.30 -12.49 -76.23
C UNK A 1139 23.74 -11.58 -75.07
N UNK A 1140 24.64 -12.12 -74.24
CA UNK A 1140 25.12 -11.42 -73.06
C UNK A 1140 26.63 -11.55 -72.88
N UNK A 1141 27.26 -10.44 -72.49
CA UNK A 1141 28.71 -10.39 -72.35
C UNK A 1141 29.18 -9.30 -71.39
N UNK A 1142 29.77 -9.70 -70.25
CA UNK A 1142 30.33 -8.77 -69.26
C UNK A 1142 31.35 -9.45 -68.33
N UNK A 1143 32.50 -9.84 -68.87
CA UNK A 1143 33.47 -10.63 -68.12
C UNK A 1143 34.83 -9.96 -67.95
N UNK A 1144 35.76 -10.21 -68.88
CA UNK A 1144 37.13 -9.69 -68.77
C UNK A 1144 37.86 -9.58 -70.12
N UNK A 1145 38.12 -8.34 -70.55
CA UNK A 1145 38.92 -7.96 -71.75
C UNK A 1145 38.34 -8.37 -73.12
N UNK A 1146 38.33 -7.40 -74.04
CA UNK A 1146 37.79 -7.59 -75.39
C UNK A 1146 38.27 -6.49 -76.35
N UNK A 1147 37.98 -6.64 -77.64
CA UNK A 1147 38.35 -5.64 -78.64
C UNK A 1147 37.50 -5.70 -79.90
N UNK A 1148 37.72 -4.77 -80.81
CA UNK A 1148 36.85 -4.61 -81.98
C UNK A 1148 37.61 -4.24 -83.27
N UNK A 1149 37.02 -4.58 -84.41
CA UNK A 1149 37.60 -4.25 -85.71
C UNK A 1149 37.30 -2.80 -86.07
N UNK A 1150 36.72 -2.60 -87.25
CA UNK A 1150 36.42 -1.25 -87.71
C UNK A 1150 35.27 -1.22 -88.71
N UNK A 1151 34.87 0.00 -89.10
CA UNK A 1151 33.87 0.29 -90.13
C UNK A 1151 32.47 -0.26 -89.89
N UNK A 1152 31.59 0.00 -90.84
CA UNK A 1152 30.19 -0.40 -90.74
C UNK A 1152 30.03 -1.89 -91.04
N UNK A 1153 30.01 -2.24 -92.33
CA UNK A 1153 29.75 -3.62 -92.75
C UNK A 1153 31.03 -4.44 -92.79
N UNK A 1154 32.08 -3.93 -92.16
CA UNK A 1154 33.33 -4.65 -92.01
C UNK A 1154 33.60 -4.85 -90.54
N UNK A 1155 32.55 -4.71 -89.73
CA UNK A 1155 32.71 -4.74 -88.28
C UNK A 1155 32.95 -6.15 -87.75
N UNK A 1156 33.82 -6.26 -86.77
CA UNK A 1156 34.11 -7.54 -86.14
C UNK A 1156 34.62 -7.34 -84.72
N UNK A 1157 33.72 -7.42 -83.75
CA UNK A 1157 34.10 -7.31 -82.34
C UNK A 1157 34.42 -8.69 -81.79
N UNK A 1158 35.26 -8.73 -80.75
CA UNK A 1158 35.71 -10.00 -80.24
C UNK A 1158 36.07 -9.94 -78.77
N UNK A 1159 35.74 -11.00 -78.05
CA UNK A 1159 36.11 -11.11 -76.64
C UNK A 1159 37.27 -12.08 -76.49
N UNK A 1160 37.95 -11.98 -75.36
CA UNK A 1160 39.10 -12.81 -75.06
C UNK A 1160 39.33 -12.82 -73.55
N UNK A 1161 39.05 -13.95 -72.91
CA UNK A 1161 39.13 -14.00 -71.47
C UNK A 1161 39.75 -15.29 -70.99
N UNK A 1162 39.91 -15.40 -69.67
CA UNK A 1162 40.18 -16.66 -68.95
C UNK A 1162 41.44 -17.42 -69.34
N UNK A 1163 41.44 -18.71 -68.98
CA UNK A 1163 42.51 -19.69 -69.26
C UNK A 1163 43.89 -19.21 -68.80
N UNK A 1164 44.50 -18.37 -69.61
CA UNK A 1164 45.78 -17.76 -69.29
C UNK A 1164 45.72 -16.29 -69.64
N UNK A 1165 45.01 -15.97 -70.71
CA UNK A 1165 45.01 -14.62 -71.25
C UNK A 1165 43.81 -14.30 -72.15
N UNK A 1166 43.52 -15.17 -73.11
CA UNK A 1166 42.66 -14.77 -74.21
C UNK A 1166 41.82 -15.85 -74.87
N UNK A 1167 41.44 -15.55 -76.12
CA UNK A 1167 40.63 -16.39 -77.01
C UNK A 1167 39.25 -16.74 -76.46
N UNK A 1168 38.23 -16.05 -76.94
CA UNK A 1168 36.87 -16.28 -76.49
C UNK A 1168 35.81 -15.78 -77.47
N UNK A 1169 35.80 -16.35 -78.68
CA UNK A 1169 34.81 -16.07 -79.74
C UNK A 1169 34.68 -14.60 -80.19
N UNK A 1170 33.79 -14.36 -81.13
CA UNK A 1170 33.66 -13.05 -81.75
C UNK A 1170 32.30 -12.86 -82.38
N UNK A 1171 31.74 -11.67 -82.26
CA UNK A 1171 30.47 -11.36 -82.92
C UNK A 1171 30.75 -10.66 -84.24
N UNK A 1172 30.42 -11.32 -85.35
CA UNK A 1172 30.79 -10.81 -86.65
C UNK A 1172 29.66 -10.92 -87.65
N UNK A 1173 29.37 -9.82 -88.34
CA UNK A 1173 28.28 -9.75 -89.30
C UNK A 1173 28.67 -10.38 -90.62
N UNK A 1174 27.75 -10.32 -91.57
CA UNK A 1174 27.93 -11.04 -92.82
C UNK A 1174 27.53 -10.22 -94.01
N UNK A 1175 27.55 -10.88 -95.16
CA UNK A 1175 27.09 -10.29 -96.40
C UNK A 1175 25.57 -10.32 -96.41
N UNK A 1176 25.03 -11.52 -96.56
CA UNK A 1176 23.60 -11.72 -96.60
C UNK A 1176 23.01 -11.54 -95.22
N UNK A 1177 22.93 -12.64 -94.47
CA UNK A 1177 22.21 -12.60 -93.22
C UNK A 1177 22.71 -13.60 -92.18
N UNK A 1178 23.75 -13.22 -91.46
CA UNK A 1178 24.22 -13.98 -90.30
C UNK A 1178 24.98 -13.04 -89.40
N UNK A 1179 25.21 -13.43 -88.15
CA UNK A 1179 25.89 -12.58 -87.19
C UNK A 1179 26.43 -13.31 -85.98
N UNK A 1180 27.03 -14.48 -86.12
CA UNK A 1180 27.38 -15.23 -84.91
C UNK A 1180 28.58 -16.14 -85.02
N UNK A 1181 29.09 -16.52 -83.85
CA UNK A 1181 30.17 -17.49 -83.67
C UNK A 1181 30.29 -17.84 -82.20
N UNK A 1182 30.75 -19.05 -81.90
CA UNK A 1182 31.04 -19.44 -80.52
C UNK A 1182 32.09 -20.55 -80.52
N UNK A 1183 33.32 -20.19 -80.19
CA UNK A 1183 34.42 -21.14 -80.20
C UNK A 1183 34.81 -21.52 -78.79
N UNK A 1184 35.37 -22.72 -78.64
CA UNK A 1184 35.85 -23.20 -77.36
C UNK A 1184 36.91 -24.29 -77.54
N UNK A 1185 37.96 -24.23 -76.74
CA UNK A 1185 39.01 -25.24 -76.80
C UNK A 1185 38.75 -26.31 -75.76
N UNK A 1186 39.83 -26.93 -75.29
CA UNK A 1186 39.84 -27.83 -74.13
C UNK A 1186 38.92 -29.06 -74.22
N UNK A 1187 39.42 -30.15 -74.78
CA UNK A 1187 38.68 -31.41 -74.83
C UNK A 1187 39.61 -32.58 -75.05
N UNK A 1188 40.29 -32.56 -76.19
CA UNK A 1188 41.25 -33.59 -76.56
C UNK A 1188 42.16 -33.04 -77.63
N UNK A 1189 41.57 -32.32 -78.57
CA UNK A 1189 42.31 -31.64 -79.64
C UNK A 1189 41.81 -30.20 -79.76
N UNK A 1190 42.42 -29.31 -78.98
CA UNK A 1190 41.86 -27.99 -78.70
C UNK A 1190 41.65 -27.06 -79.90
N UNK A 1191 40.57 -27.29 -80.63
CA UNK A 1191 40.14 -26.43 -81.73
C UNK A 1191 38.70 -26.74 -82.12
N UNK A 1192 37.76 -25.87 -81.79
CA UNK A 1192 36.36 -26.07 -82.17
C UNK A 1192 35.60 -24.75 -82.19
N UNK A 1193 34.59 -24.65 -83.05
CA UNK A 1193 33.82 -23.42 -83.16
C UNK A 1193 32.43 -23.64 -83.74
N UNK A 1194 31.40 -23.46 -82.93
CA UNK A 1194 30.03 -23.62 -83.38
C UNK A 1194 29.54 -22.38 -84.12
N UNK A 1195 28.28 -22.37 -84.55
CA UNK A 1195 27.77 -21.28 -85.38
C UNK A 1195 26.25 -21.11 -85.35
N UNK A 1196 25.78 -20.04 -84.72
CA UNK A 1196 24.36 -19.69 -84.76
C UNK A 1196 24.11 -18.83 -85.99
N UNK A 1197 22.89 -18.28 -86.12
CA UNK A 1197 22.58 -17.39 -87.23
C UNK A 1197 21.69 -16.23 -86.79
N UNK A 1198 21.56 -15.21 -87.63
CA UNK A 1198 20.79 -14.03 -87.29
C UNK A 1198 20.35 -13.32 -88.56
N UNK A 1199 19.13 -12.80 -88.57
CA UNK A 1199 18.59 -12.22 -89.79
C UNK A 1199 18.02 -10.81 -89.60
N UNK A 1200 18.70 -9.80 -90.13
CA UNK A 1200 18.18 -8.43 -90.09
C UNK A 1200 17.33 -8.17 -91.32
N UNK A 1201 16.15 -7.61 -91.12
CA UNK A 1201 15.23 -7.40 -92.24
C UNK A 1201 14.73 -5.96 -92.31
N UNK A 1202 15.13 -5.14 -91.33
CA UNK A 1202 14.84 -3.71 -91.26
C UNK A 1202 13.35 -3.35 -91.32
N UNK A 1203 12.59 -3.85 -90.35
CA UNK A 1203 11.19 -3.48 -90.24
C UNK A 1203 10.76 -3.47 -88.78
N UNK A 1204 10.76 -2.29 -88.18
CA UNK A 1204 10.35 -2.02 -86.80
C UNK A 1204 11.08 -2.84 -85.75
N UNK A 1205 10.49 -3.96 -85.38
CA UNK A 1205 10.99 -4.74 -84.27
C UNK A 1205 12.30 -5.47 -84.57
N UNK A 1206 13.40 -4.72 -84.59
CA UNK A 1206 14.77 -5.26 -84.56
C UNK A 1206 15.14 -6.21 -85.70
N UNK A 1207 15.41 -7.47 -85.38
CA UNK A 1207 16.01 -8.36 -86.36
C UNK A 1207 15.83 -9.88 -86.19
N UNK A 1208 16.86 -10.53 -85.63
CA UNK A 1208 17.23 -11.93 -85.90
C UNK A 1208 16.20 -13.05 -85.92
N UNK A 1209 16.49 -14.07 -86.72
CA UNK A 1209 15.66 -15.25 -86.89
C UNK A 1209 16.42 -16.38 -87.55
N UNK A 1210 16.34 -17.58 -86.97
CA UNK A 1210 17.05 -18.74 -87.51
C UNK A 1210 16.45 -20.07 -87.07
N UNK A 1211 15.92 -20.80 -88.02
CA UNK A 1211 15.56 -22.19 -87.81
C UNK A 1211 16.50 -23.03 -88.66
N UNK A 1212 16.22 -24.33 -88.77
CA UNK A 1212 17.08 -25.32 -89.43
C UNK A 1212 18.49 -25.36 -88.86
N UNK A 1213 18.63 -25.02 -87.59
CA UNK A 1213 19.90 -25.16 -86.90
C UNK A 1213 19.91 -26.55 -86.34
N UNK A 1214 19.88 -26.67 -85.01
CA UNK A 1214 19.76 -27.94 -84.29
C UNK A 1214 20.78 -29.02 -84.69
N UNK A 1215 20.67 -29.49 -85.93
CA UNK A 1215 21.64 -30.36 -86.55
C UNK A 1215 23.05 -29.76 -86.56
N UNK A 1216 23.13 -28.45 -86.73
CA UNK A 1216 24.41 -27.75 -86.67
C UNK A 1216 24.95 -27.82 -85.25
N UNK A 1217 24.05 -27.72 -84.28
CA UNK A 1217 24.42 -27.86 -82.89
C UNK A 1217 24.71 -29.31 -82.60
N UNK A 1218 24.07 -30.18 -83.37
CA UNK A 1218 24.33 -31.61 -83.30
C UNK A 1218 25.55 -31.96 -84.14
N UNK A 1219 26.08 -30.97 -84.85
CA UNK A 1219 27.37 -31.11 -85.48
C UNK A 1219 28.40 -30.28 -84.70
N UNK A 1220 27.94 -29.63 -83.63
CA UNK A 1220 28.82 -28.80 -82.82
C UNK A 1220 29.30 -29.55 -81.61
N UNK A 1221 28.57 -30.58 -81.25
CA UNK A 1221 29.00 -31.44 -80.17
C UNK A 1221 29.49 -32.73 -80.79
N UNK A 1222 29.74 -32.68 -82.09
CA UNK A 1222 29.96 -33.86 -82.91
C UNK A 1222 31.26 -34.56 -82.60
N UNK A 1223 32.20 -33.82 -82.06
CA UNK A 1223 33.51 -34.37 -81.78
C UNK A 1223 34.03 -33.77 -80.50
N UNK A 1224 33.26 -32.84 -79.95
CA UNK A 1224 33.63 -32.18 -78.72
C UNK A 1224 33.47 -33.17 -77.59
N UNK A 1225 32.48 -34.04 -77.73
CA UNK A 1225 32.31 -35.12 -76.78
C UNK A 1225 32.82 -36.40 -77.42
N UNK A 1226 32.48 -36.60 -78.68
CA UNK A 1226 32.83 -37.82 -79.38
C UNK A 1226 34.24 -37.77 -79.95
N UNK A 1227 34.48 -38.63 -80.92
CA UNK A 1227 35.82 -38.81 -81.46
C UNK A 1227 36.04 -38.04 -82.76
N UNK A 1228 36.01 -38.76 -83.86
CA UNK A 1228 36.20 -38.19 -85.19
C UNK A 1228 35.58 -39.13 -86.22
N UNK A 1229 34.95 -40.19 -85.72
CA UNK A 1229 34.12 -41.03 -86.55
C UNK A 1229 32.90 -40.20 -86.92
N UNK A 1230 32.66 -40.05 -88.23
CA UNK A 1230 31.66 -39.11 -88.73
C UNK A 1230 30.24 -39.44 -88.31
N UNK A 1231 29.46 -38.40 -88.06
CA UNK A 1231 28.10 -38.54 -87.56
C UNK A 1231 27.23 -39.19 -88.61
N UNK A 1232 26.84 -40.44 -88.34
CA UNK A 1232 26.15 -41.24 -89.33
C UNK A 1232 24.64 -41.16 -89.19
N UNK A 1233 23.95 -41.35 -90.32
CA UNK A 1233 22.51 -41.50 -90.31
C UNK A 1233 22.21 -42.85 -89.67
N UNK A 1234 22.01 -42.84 -88.35
CA UNK A 1234 21.93 -44.07 -87.58
C UNK A 1234 20.52 -44.42 -87.13
N UNK A 1235 20.24 -45.71 -87.08
CA UNK A 1235 18.94 -46.22 -86.66
C UNK A 1235 18.70 -46.07 -85.18
N UNK A 1236 17.52 -46.48 -84.73
CA UNK A 1236 17.18 -46.36 -83.33
C UNK A 1236 17.41 -47.67 -82.60
N UNK A 1237 18.37 -48.47 -83.06
CA UNK A 1237 18.67 -49.76 -82.44
C UNK A 1237 20.03 -50.32 -82.81
N UNK A 1238 21.12 -49.82 -82.25
CA UNK A 1238 22.45 -50.31 -82.60
C UNK A 1238 23.57 -49.95 -81.60
N UNK A 1239 24.11 -48.75 -81.80
CA UNK A 1239 25.40 -48.22 -81.30
C UNK A 1239 26.16 -48.88 -80.15
N UNK A 1240 27.42 -49.19 -80.41
CA UNK A 1240 28.34 -49.76 -79.43
C UNK A 1240 29.77 -49.63 -79.97
N UNK A 1241 30.69 -49.11 -79.15
CA UNK A 1241 32.07 -48.88 -79.62
C UNK A 1241 33.12 -48.89 -78.51
N UNK A 1242 34.35 -48.52 -78.89
CA UNK A 1242 35.57 -48.46 -78.06
C UNK A 1242 36.03 -49.81 -77.50
N UNK A 1243 37.34 -49.94 -77.33
CA UNK A 1243 37.93 -51.19 -76.87
C UNK A 1243 39.26 -50.98 -76.15
N UNK A 1244 39.20 -50.61 -74.88
CA UNK A 1244 40.38 -50.15 -74.17
C UNK A 1244 41.15 -51.25 -73.47
N UNK A 1245 42.11 -50.80 -72.66
CA UNK A 1245 42.85 -51.65 -71.74
C UNK A 1245 43.05 -50.88 -70.45
N UNK A 1246 43.12 -51.58 -69.33
CA UNK A 1246 43.19 -50.91 -68.03
C UNK A 1246 44.60 -50.91 -67.46
N UNK A 1247 45.27 -49.77 -67.57
CA UNK A 1247 46.66 -49.65 -67.15
C UNK A 1247 46.78 -49.39 -65.66
N UNK A 1248 47.87 -48.73 -65.29
CA UNK A 1248 48.11 -48.36 -63.90
C UNK A 1248 47.65 -46.94 -63.66
N UNK A 1249 46.75 -46.48 -64.52
CA UNK A 1249 46.13 -45.17 -64.39
C UNK A 1249 44.84 -45.31 -63.62
N UNK A 1250 44.72 -46.39 -62.87
CA UNK A 1250 43.61 -46.63 -61.97
C UNK A 1250 43.62 -45.55 -60.91
N UNK A 1251 44.82 -45.24 -60.41
CA UNK A 1251 45.00 -44.14 -59.47
C UNK A 1251 44.75 -42.82 -60.16
N UNK A 1252 44.99 -42.78 -61.47
CA UNK A 1252 44.79 -41.56 -62.24
C UNK A 1252 43.31 -41.29 -62.54
N UNK A 1253 42.42 -42.11 -61.99
CA UNK A 1253 41.03 -41.75 -61.85
C UNK A 1253 40.73 -41.67 -60.36
N UNK A 1254 41.35 -42.57 -59.60
CA UNK A 1254 41.05 -42.73 -58.19
C UNK A 1254 41.52 -41.54 -57.40
N UNK A 1255 42.82 -41.27 -57.49
CA UNK A 1255 43.40 -40.13 -56.79
C UNK A 1255 42.95 -38.86 -57.46
N UNK A 1256 42.64 -38.96 -58.75
CA UNK A 1256 42.09 -37.85 -59.51
C UNK A 1256 40.73 -37.47 -58.98
N UNK A 1257 39.97 -38.47 -58.54
CA UNK A 1257 38.67 -38.19 -57.96
C UNK A 1257 38.62 -38.66 -56.53
N UNK A 1258 39.52 -38.13 -55.69
CA UNK A 1258 39.67 -38.41 -54.26
C UNK A 1258 40.05 -39.87 -53.94
N UNK A 1259 41.19 -40.03 -53.28
CA UNK A 1259 41.72 -41.33 -52.91
C UNK A 1259 40.85 -42.04 -51.87
N UNK A 1260 41.08 -43.34 -51.71
CA UNK A 1260 40.24 -44.16 -50.85
C UNK A 1260 40.95 -45.43 -50.37
N UNK A 1261 40.25 -46.56 -50.42
CA UNK A 1261 40.82 -47.85 -50.01
C UNK A 1261 41.85 -48.33 -51.02
N UNK A 1262 43.01 -47.70 -50.96
CA UNK A 1262 44.05 -47.86 -51.95
C UNK A 1262 44.81 -49.16 -51.77
N UNK A 1263 44.56 -49.83 -50.64
CA UNK A 1263 44.97 -51.20 -50.46
C UNK A 1263 44.28 -52.02 -51.53
N UNK A 1264 43.00 -51.73 -51.72
CA UNK A 1264 42.21 -52.35 -52.77
C UNK A 1264 42.28 -51.54 -54.04
N UNK A 1265 43.10 -50.50 -54.06
CA UNK A 1265 43.11 -49.59 -55.19
C UNK A 1265 44.41 -48.85 -55.45
N UNK A 1266 45.56 -49.51 -55.31
CA UNK A 1266 46.82 -48.92 -55.77
C UNK A 1266 47.89 -49.94 -56.07
N UNK A 1267 48.61 -50.33 -55.02
CA UNK A 1267 49.92 -50.94 -55.18
C UNK A 1267 49.96 -52.46 -55.18
N UNK A 1268 50.11 -53.05 -54.01
CA UNK A 1268 50.44 -54.47 -53.90
C UNK A 1268 49.25 -55.41 -54.06
N UNK A 1269 49.51 -56.54 -54.74
CA UNK A 1269 48.62 -57.71 -54.88
C UNK A 1269 47.24 -57.44 -55.48
N UNK A 1270 47.13 -57.70 -56.77
CA UNK A 1270 45.92 -57.52 -57.58
C UNK A 1270 45.36 -56.11 -57.47
N UNK A 1271 45.93 -55.19 -58.24
CA UNK A 1271 45.53 -53.79 -58.25
C UNK A 1271 44.14 -53.65 -58.83
N UNK A 1272 43.14 -53.89 -58.00
CA UNK A 1272 41.76 -53.90 -58.44
C UNK A 1272 41.29 -52.50 -58.77
N UNK A 1273 40.99 -52.26 -60.03
CA UNK A 1273 40.45 -50.98 -60.44
C UNK A 1273 39.05 -50.87 -59.89
N UNK A 1274 38.78 -49.79 -59.17
CA UNK A 1274 37.54 -49.64 -58.42
C UNK A 1274 36.35 -49.49 -59.37
N UNK A 1275 35.24 -50.10 -58.98
CA UNK A 1275 34.07 -50.24 -59.84
C UNK A 1275 33.24 -48.97 -59.94
N UNK A 1276 33.27 -48.16 -58.89
CA UNK A 1276 32.53 -46.91 -58.86
C UNK A 1276 33.06 -45.96 -59.90
N UNK A 1277 34.38 -45.98 -60.08
CA UNK A 1277 35.00 -45.27 -61.18
C UNK A 1277 35.32 -46.27 -62.27
N UNK A 1278 36.13 -45.84 -63.25
CA UNK A 1278 36.59 -46.62 -64.42
C UNK A 1278 35.52 -47.15 -65.38
N UNK A 1279 34.33 -47.46 -64.87
CA UNK A 1279 33.20 -47.94 -65.66
C UNK A 1279 32.77 -46.94 -66.71
N UNK A 1280 32.41 -45.73 -66.29
CA UNK A 1280 32.01 -44.68 -67.22
C UNK A 1280 33.20 -44.22 -68.04
N UNK A 1281 34.39 -44.39 -67.49
CA UNK A 1281 35.64 -44.08 -68.17
C UNK A 1281 35.84 -45.00 -69.36
N UNK A 1282 35.36 -46.22 -69.25
CA UNK A 1282 35.34 -47.12 -70.39
C UNK A 1282 33.91 -47.25 -70.88
N UNK A 1283 33.24 -46.11 -70.97
CA UNK A 1283 31.88 -46.07 -71.47
C UNK A 1283 31.56 -44.73 -72.08
N UNK A 1284 32.42 -43.75 -71.79
CA UNK A 1284 32.19 -42.37 -72.20
C UNK A 1284 32.15 -42.19 -73.70
N UNK A 1285 32.87 -43.04 -74.41
CA UNK A 1285 32.88 -42.99 -75.86
C UNK A 1285 31.75 -43.83 -76.44
N UNK A 1286 30.96 -44.43 -75.57
CA UNK A 1286 29.87 -45.29 -76.03
C UNK A 1286 28.59 -44.95 -75.31
N UNK A 1287 28.57 -45.17 -74.00
CA UNK A 1287 27.35 -44.96 -73.22
C UNK A 1287 27.07 -43.48 -73.08
N UNK A 1288 28.12 -42.68 -72.92
CA UNK A 1288 27.93 -41.23 -72.88
C UNK A 1288 27.87 -40.70 -74.31
N UNK A 1289 28.27 -41.53 -75.27
CA UNK A 1289 28.01 -41.20 -76.66
C UNK A 1289 26.55 -41.49 -76.89
N UNK A 1290 26.29 -42.70 -77.40
CA UNK A 1290 24.96 -43.30 -77.49
C UNK A 1290 23.93 -42.49 -78.25
N UNK A 1291 22.69 -42.93 -78.10
CA UNK A 1291 21.58 -42.33 -78.83
C UNK A 1291 21.17 -40.99 -78.25
N UNK A 1292 22.01 -40.00 -78.48
CA UNK A 1292 21.72 -38.64 -78.09
C UNK A 1292 22.58 -37.82 -79.00
N UNK A 1293 23.74 -38.39 -79.29
CA UNK A 1293 24.58 -37.93 -80.38
C UNK A 1293 24.30 -38.86 -81.54
N UNK A 1294 23.43 -39.83 -81.30
CA UNK A 1294 23.00 -40.75 -82.34
C UNK A 1294 21.50 -40.71 -82.51
N UNK A 1295 20.83 -39.97 -81.62
CA UNK A 1295 19.38 -39.83 -81.70
C UNK A 1295 18.97 -38.85 -82.78
N UNK A 1296 19.96 -38.18 -83.36
CA UNK A 1296 19.77 -37.28 -84.49
C UNK A 1296 19.23 -38.09 -85.65
N UNK A 1297 18.33 -37.46 -86.42
CA UNK A 1297 17.44 -38.06 -87.44
C UNK A 1297 16.43 -39.05 -86.84
N UNK A 1298 16.80 -39.84 -85.85
CA UNK A 1298 15.87 -40.63 -85.06
C UNK A 1298 14.93 -39.68 -84.33
N UNK A 1299 15.33 -39.21 -83.15
CA UNK A 1299 14.49 -38.26 -82.42
C UNK A 1299 15.29 -37.41 -81.46
N UNK A 1300 15.41 -36.12 -81.78
CA UNK A 1300 16.13 -35.20 -80.92
C UNK A 1300 15.72 -33.76 -81.19
N UNK A 1301 16.33 -32.84 -80.45
CA UNK A 1301 16.07 -31.41 -80.61
C UNK A 1301 17.30 -30.61 -80.20
N UNK A 1302 17.13 -29.72 -79.22
CA UNK A 1302 18.25 -28.92 -78.75
C UNK A 1302 19.12 -29.74 -77.82
N UNK A 1303 20.42 -29.69 -78.05
CA UNK A 1303 21.35 -30.43 -77.20
C UNK A 1303 21.74 -29.57 -76.02
N UNK A 1304 21.49 -28.27 -76.13
CA UNK A 1304 22.02 -27.29 -75.19
C UNK A 1304 21.27 -27.20 -73.87
N UNK A 1305 20.30 -28.08 -73.64
CA UNK A 1305 19.58 -28.08 -72.38
C UNK A 1305 19.44 -29.48 -71.83
N UNK A 1306 20.18 -30.42 -72.41
CA UNK A 1306 20.08 -31.81 -71.98
C UNK A 1306 20.83 -32.01 -70.67
N UNK A 1307 20.23 -32.75 -69.75
CA UNK A 1307 20.86 -33.02 -68.47
C UNK A 1307 20.44 -34.38 -67.94
N UNK A 1308 21.36 -35.33 -68.03
CA UNK A 1308 21.09 -36.74 -67.73
C UNK A 1308 20.87 -37.01 -66.26
N UNK A 1309 19.65 -37.41 -65.92
CA UNK A 1309 19.28 -37.65 -64.53
C UNK A 1309 20.03 -38.82 -63.90
N UNK A 1310 19.49 -40.03 -64.02
CA UNK A 1310 20.01 -41.15 -63.23
C UNK A 1310 21.11 -41.96 -63.90
N UNK A 1311 21.51 -43.01 -63.21
CA UNK A 1311 22.53 -43.94 -63.68
C UNK A 1311 22.35 -45.24 -62.93
N UNK A 1312 22.65 -46.37 -63.57
CA UNK A 1312 22.60 -47.66 -62.87
C UNK A 1312 23.94 -48.37 -62.96
N UNK A 1313 24.62 -48.46 -61.81
CA UNK A 1313 25.89 -49.16 -61.72
C UNK A 1313 25.72 -50.45 -60.92
N UNK A 1314 25.59 -51.59 -61.60
CA UNK A 1314 25.42 -52.89 -60.93
C UNK A 1314 26.43 -53.90 -61.41
N UNK A 1315 27.00 -54.67 -60.48
CA UNK A 1315 27.91 -55.75 -60.84
C UNK A 1315 27.08 -56.92 -61.33
N UNK A 1316 27.65 -57.75 -62.19
CA UNK A 1316 26.90 -58.86 -62.76
C UNK A 1316 27.04 -60.09 -61.90
N UNK A 1317 28.28 -60.54 -61.68
CA UNK A 1317 28.53 -61.79 -60.95
C UNK A 1317 29.96 -61.98 -60.43
N UNK A 1318 30.90 -62.11 -61.36
CA UNK A 1318 32.21 -62.68 -61.06
C UNK A 1318 33.22 -61.75 -60.37
N UNK A 1319 34.39 -61.62 -60.96
CA UNK A 1319 35.46 -60.82 -60.40
C UNK A 1319 35.19 -59.34 -60.57
N UNK A 1320 36.06 -58.52 -59.99
CA UNK A 1320 35.90 -57.08 -60.07
C UNK A 1320 36.47 -56.55 -61.37
N UNK A 1321 37.48 -55.69 -61.27
CA UNK A 1321 38.15 -55.15 -62.43
C UNK A 1321 39.65 -55.09 -62.19
N UNK A 1322 40.34 -56.19 -62.47
CA UNK A 1322 41.79 -56.24 -62.38
C UNK A 1322 42.36 -55.62 -63.64
N UNK A 1323 43.58 -55.12 -63.57
CA UNK A 1323 44.14 -54.24 -64.60
C UNK A 1323 44.25 -54.87 -65.98
N UNK A 1324 43.12 -54.99 -66.66
CA UNK A 1324 43.08 -55.72 -67.92
C UNK A 1324 41.89 -55.42 -68.84
N UNK A 1325 42.20 -54.92 -70.04
CA UNK A 1325 41.35 -55.03 -71.23
C UNK A 1325 39.98 -54.34 -71.19
N UNK A 1326 38.94 -55.15 -71.39
CA UNK A 1326 37.52 -54.76 -71.56
C UNK A 1326 37.23 -53.92 -72.81
N UNK A 1327 36.07 -54.18 -73.39
CA UNK A 1327 35.58 -53.48 -74.57
C UNK A 1327 34.07 -53.39 -74.49
N UNK A 1328 33.58 -52.21 -74.13
CA UNK A 1328 32.17 -52.03 -73.78
C UNK A 1328 31.21 -52.14 -74.96
N UNK A 1329 29.92 -52.13 -74.65
CA UNK A 1329 28.87 -52.20 -75.66
C UNK A 1329 27.61 -51.55 -75.12
N UNK A 1330 26.88 -50.87 -76.00
CA UNK A 1330 25.76 -50.05 -75.55
C UNK A 1330 24.45 -50.46 -76.20
N UNK A 1331 23.35 -50.13 -75.53
CA UNK A 1331 22.02 -50.56 -75.98
C UNK A 1331 21.10 -49.42 -76.37
N UNK A 1332 20.74 -48.58 -75.40
CA UNK A 1332 19.78 -47.48 -75.54
C UNK A 1332 18.43 -47.93 -76.06
N UNK A 1333 17.60 -48.42 -75.15
CA UNK A 1333 16.23 -48.79 -75.46
C UNK A 1333 15.30 -48.06 -74.50
N UNK A 1334 14.03 -48.43 -74.53
CA UNK A 1334 12.97 -47.81 -73.72
C UNK A 1334 12.91 -46.31 -73.93
N UNK A 1335 12.71 -45.90 -75.17
CA UNK A 1335 12.77 -44.50 -75.54
C UNK A 1335 11.43 -43.81 -75.42
N UNK A 1336 10.92 -43.68 -74.20
CA UNK A 1336 9.63 -43.07 -73.96
C UNK A 1336 9.68 -41.57 -74.17
N UNK A 1337 8.54 -40.92 -73.94
CA UNK A 1337 8.48 -39.48 -74.11
C UNK A 1337 7.54 -38.90 -73.09
N UNK A 1338 8.04 -37.98 -72.29
CA UNK A 1338 7.21 -37.35 -71.27
C UNK A 1338 6.32 -36.30 -71.91
N UNK A 1339 5.55 -35.63 -71.08
CA UNK A 1339 4.74 -34.52 -71.56
C UNK A 1339 5.28 -33.25 -70.96
N UNK A 1340 5.82 -33.35 -69.74
CA UNK A 1340 6.42 -32.21 -69.08
C UNK A 1340 7.85 -32.04 -69.55
N UNK A 1341 8.34 -33.07 -70.24
CA UNK A 1341 9.62 -33.03 -70.92
C UNK A 1341 9.64 -34.14 -71.98
N UNK A 1342 10.81 -34.73 -72.18
CA UNK A 1342 10.96 -35.94 -72.99
C UNK A 1342 12.24 -36.60 -72.54
N UNK A 1343 12.13 -37.86 -72.12
CA UNK A 1343 13.27 -38.58 -71.57
C UNK A 1343 13.79 -39.61 -72.56
N UNK A 1344 14.84 -40.30 -72.16
CA UNK A 1344 15.44 -41.33 -73.00
C UNK A 1344 16.24 -42.28 -72.13
N UNK A 1345 15.75 -43.51 -71.98
CA UNK A 1345 16.48 -44.50 -71.21
C UNK A 1345 17.68 -44.97 -72.01
N UNK A 1346 18.64 -45.56 -71.32
CA UNK A 1346 19.81 -46.08 -71.99
C UNK A 1346 20.33 -47.26 -71.20
N UNK A 1347 21.00 -48.17 -71.89
CA UNK A 1347 21.56 -49.35 -71.25
C UNK A 1347 22.86 -49.72 -71.92
N UNK A 1348 23.69 -50.47 -71.22
CA UNK A 1348 24.99 -50.85 -71.75
C UNK A 1348 25.53 -52.09 -71.05
N UNK A 1349 26.32 -52.88 -71.77
CA UNK A 1349 26.87 -54.12 -71.24
C UNK A 1349 28.39 -54.13 -71.31
N UNK A 1350 29.05 -53.61 -70.29
CA UNK A 1350 30.50 -53.61 -70.24
C UNK A 1350 31.02 -55.01 -70.04
N UNK A 1351 31.18 -55.71 -71.16
CA UNK A 1351 31.70 -57.06 -71.15
C UNK A 1351 33.16 -57.04 -70.73
N UNK A 1352 33.59 -58.10 -70.05
CA UNK A 1352 34.98 -58.20 -69.63
C UNK A 1352 35.80 -58.82 -70.75
N UNK A 1353 36.49 -59.92 -70.46
CA UNK A 1353 37.25 -60.64 -71.47
C UNK A 1353 36.28 -61.48 -72.31
N UNK A 1354 35.50 -62.29 -71.62
CA UNK A 1354 34.37 -62.94 -72.25
C UNK A 1354 33.26 -61.91 -72.28
N UNK A 1355 32.28 -62.10 -71.40
CA UNK A 1355 31.24 -61.11 -71.21
C UNK A 1355 30.71 -61.21 -69.79
N UNK A 1356 29.61 -60.50 -69.53
CA UNK A 1356 28.95 -60.42 -68.22
C UNK A 1356 29.86 -59.92 -67.11
N UNK A 1357 29.80 -58.62 -66.83
CA UNK A 1357 30.66 -58.05 -65.82
C UNK A 1357 29.96 -56.92 -65.07
N UNK A 1358 29.59 -55.86 -65.78
CA UNK A 1358 28.91 -54.73 -65.16
C UNK A 1358 28.03 -54.01 -66.16
N UNK A 1359 26.74 -53.96 -65.89
CA UNK A 1359 25.79 -53.35 -66.80
C UNK A 1359 25.52 -51.91 -66.39
N UNK A 1360 25.62 -50.99 -67.34
CA UNK A 1360 25.39 -49.59 -67.06
C UNK A 1360 24.09 -49.12 -67.67
N UNK A 1361 23.37 -48.26 -66.95
CA UNK A 1361 22.10 -47.74 -67.44
C UNK A 1361 21.75 -46.37 -66.88
N UNK A 1362 21.87 -45.35 -67.71
CA UNK A 1362 21.57 -43.99 -67.29
C UNK A 1362 20.21 -43.55 -67.78
N UNK A 1363 19.67 -42.49 -67.19
CA UNK A 1363 18.37 -41.95 -67.59
C UNK A 1363 18.51 -40.48 -67.99
N UNK A 1364 18.69 -40.23 -69.28
CA UNK A 1364 18.86 -38.88 -69.78
C UNK A 1364 17.54 -38.32 -70.31
N UNK A 1365 17.36 -37.01 -70.16
CA UNK A 1365 16.14 -36.34 -70.61
C UNK A 1365 16.41 -34.98 -71.24
N UNK A 1366 16.13 -34.84 -72.52
CA UNK A 1366 16.26 -33.55 -73.19
C UNK A 1366 15.09 -32.67 -72.79
N UNK A 1367 15.17 -31.39 -73.14
CA UNK A 1367 14.28 -30.36 -72.58
C UNK A 1367 12.82 -30.46 -73.03
N UNK A 1368 12.05 -29.45 -72.64
CA UNK A 1368 10.60 -29.50 -72.73
C UNK A 1368 10.05 -29.38 -74.14
N UNK A 1369 8.83 -29.90 -74.32
CA UNK A 1369 8.10 -29.96 -75.58
C UNK A 1369 8.88 -30.62 -76.73
N UNK A 1370 9.80 -31.51 -76.39
CA UNK A 1370 10.73 -32.09 -77.36
C UNK A 1370 10.03 -33.08 -78.24
N UNK A 1371 9.59 -34.18 -77.64
CA UNK A 1371 8.84 -35.18 -78.37
C UNK A 1371 7.34 -34.94 -78.20
N UNK A 1372 6.96 -33.67 -78.10
CA UNK A 1372 5.58 -33.26 -77.86
C UNK A 1372 4.68 -33.61 -79.04
N UNK A 1373 5.15 -33.33 -80.24
CA UNK A 1373 4.42 -33.68 -81.45
C UNK A 1373 4.91 -35.01 -81.98
N UNK A 1374 5.71 -35.70 -81.16
CA UNK A 1374 6.26 -36.99 -81.53
C UNK A 1374 5.71 -38.08 -80.63
N UNK A 1375 4.39 -38.09 -80.48
CA UNK A 1375 3.72 -39.16 -79.77
C UNK A 1375 3.76 -40.41 -80.64
N UNK A 1376 3.98 -40.25 -81.94
CA UNK A 1376 4.19 -41.36 -82.84
C UNK A 1376 5.61 -41.89 -82.73
N UNK A 1377 6.23 -42.16 -83.89
CA UNK A 1377 7.44 -42.98 -84.03
C UNK A 1377 8.63 -42.57 -83.18
N UNK A 1378 8.51 -42.84 -81.89
CA UNK A 1378 9.46 -42.38 -80.91
C UNK A 1378 9.35 -43.21 -79.63
N UNK A 1379 8.16 -43.18 -79.04
CA UNK A 1379 7.91 -43.88 -77.79
C UNK A 1379 7.93 -45.38 -78.02
N UNK A 1380 9.12 -45.95 -77.84
CA UNK A 1380 9.29 -47.38 -77.93
C UNK A 1380 9.83 -47.87 -76.60
N UNK A 1381 8.94 -48.22 -75.69
CA UNK A 1381 9.35 -48.67 -74.37
C UNK A 1381 9.45 -50.18 -74.33
N UNK A 1382 10.62 -50.69 -73.95
CA UNK A 1382 10.79 -52.10 -73.67
C UNK A 1382 11.20 -52.23 -72.22
N UNK A 1383 10.71 -53.24 -71.52
CA UNK A 1383 10.99 -53.34 -70.10
C UNK A 1383 11.51 -54.71 -69.72
N UNK A 1384 11.29 -55.09 -68.47
CA UNK A 1384 11.69 -56.42 -67.99
C UNK A 1384 10.73 -56.94 -66.92
N UNK A 1385 10.55 -56.18 -65.83
CA UNK A 1385 9.66 -56.50 -64.70
C UNK A 1385 9.96 -57.85 -64.04
N UNK A 1386 10.72 -57.81 -62.95
CA UNK A 1386 11.36 -59.02 -62.43
C UNK A 1386 10.46 -59.98 -61.64
N UNK A 1387 10.39 -61.22 -62.13
CA UNK A 1387 9.93 -62.41 -61.40
C UNK A 1387 8.48 -62.43 -60.91
N UNK A 1388 8.07 -63.61 -60.42
CA UNK A 1388 6.74 -63.81 -59.84
C UNK A 1388 6.70 -65.08 -58.98
N UNK A 1389 5.52 -65.36 -58.42
CA UNK A 1389 5.22 -66.58 -57.65
C UNK A 1389 3.71 -66.73 -57.50
N UNK A 1390 3.15 -67.83 -57.99
CA UNK A 1390 1.70 -68.02 -57.90
C UNK A 1390 1.33 -69.45 -57.50
N UNK A 1391 0.96 -69.64 -56.23
CA UNK A 1391 0.71 -70.96 -55.66
C UNK A 1391 -0.54 -71.67 -56.19
N UNK A 1392 -0.87 -72.81 -55.59
CA UNK A 1392 -2.03 -73.58 -56.01
C UNK A 1392 -2.88 -73.96 -54.82
N UNK A 1393 -4.05 -73.35 -54.70
CA UNK A 1393 -4.90 -73.58 -53.54
C UNK A 1393 -6.16 -74.34 -53.91
N UNK A 1394 -7.32 -73.74 -53.60
CA UNK A 1394 -8.60 -74.40 -53.72
C UNK A 1394 -9.08 -74.48 -55.15
N UNK A 1395 -8.43 -75.34 -55.94
CA UNK A 1395 -8.85 -75.74 -57.28
C UNK A 1395 -9.08 -74.62 -58.29
N UNK A 1396 -10.01 -73.72 -57.99
CA UNK A 1396 -10.44 -72.66 -58.88
C UNK A 1396 -9.33 -71.67 -59.18
N UNK A 1397 -8.40 -71.54 -58.23
CA UNK A 1397 -7.20 -70.76 -58.42
C UNK A 1397 -6.40 -71.36 -59.57
N UNK A 1398 -6.30 -72.68 -59.61
CA UNK A 1398 -5.62 -73.37 -60.70
C UNK A 1398 -6.47 -73.27 -61.96
N UNK A 1399 -7.78 -73.17 -61.77
CA UNK A 1399 -8.68 -73.00 -62.90
C UNK A 1399 -8.66 -71.55 -63.35
N UNK A 1400 -8.33 -70.64 -62.44
CA UNK A 1400 -8.22 -69.24 -62.79
C UNK A 1400 -7.07 -69.03 -63.75
N UNK A 1401 -5.96 -69.72 -63.46
CA UNK A 1401 -4.80 -69.69 -64.33
C UNK A 1401 -4.96 -70.69 -65.48
N UNK A 1402 -6.07 -71.43 -65.48
CA UNK A 1402 -6.43 -72.23 -66.62
C UNK A 1402 -7.54 -71.53 -67.36
N UNK A 1403 -7.50 -70.20 -67.37
CA UNK A 1403 -8.58 -69.43 -67.97
C UNK A 1403 -8.11 -68.17 -68.67
N UNK A 1404 -7.24 -67.42 -68.00
CA UNK A 1404 -6.94 -66.04 -68.43
C UNK A 1404 -5.88 -65.89 -69.53
N UNK A 1405 -5.93 -66.75 -70.55
CA UNK A 1405 -5.10 -66.66 -71.76
C UNK A 1405 -3.60 -66.56 -71.51
N UNK A 1406 -3.12 -67.26 -70.50
CA UNK A 1406 -1.69 -67.38 -70.25
C UNK A 1406 -1.25 -68.78 -70.69
N UNK A 1407 -2.18 -69.47 -71.34
CA UNK A 1407 -1.93 -70.69 -72.13
C UNK A 1407 -1.27 -71.86 -71.42
N UNK A 1408 -0.83 -72.82 -72.22
CA UNK A 1408 -0.14 -74.01 -71.72
C UNK A 1408 0.72 -74.63 -72.82
N UNK A 1409 1.79 -75.31 -72.41
CA UNK A 1409 2.69 -75.96 -73.35
C UNK A 1409 3.00 -77.37 -72.89
N UNK A 1410 1.94 -78.15 -72.70
CA UNK A 1410 2.03 -79.58 -72.39
C UNK A 1410 0.68 -80.18 -72.74
N UNK A 1411 -0.17 -79.34 -73.33
CA UNK A 1411 -1.56 -79.63 -73.67
C UNK A 1411 -2.34 -80.12 -72.46
N UNK A 1412 -2.42 -81.44 -72.33
CA UNK A 1412 -3.18 -82.02 -71.23
C UNK A 1412 -2.26 -82.47 -70.12
N UNK A 1413 -0.97 -82.59 -70.43
CA UNK A 1413 -0.02 -83.09 -69.46
C UNK A 1413 0.26 -82.09 -68.36
N UNK A 1414 0.57 -82.62 -67.18
CA UNK A 1414 0.94 -81.85 -65.99
C UNK A 1414 -0.13 -80.86 -65.58
N UNK A 1415 -1.39 -81.27 -65.70
CA UNK A 1415 -2.49 -80.42 -65.32
C UNK A 1415 -2.54 -80.28 -63.81
N UNK A 1416 -2.65 -81.40 -63.12
CA UNK A 1416 -2.81 -81.39 -61.66
C UNK A 1416 -1.47 -81.33 -60.94
N UNK A 1417 -0.39 -81.15 -61.70
CA UNK A 1417 0.89 -80.79 -61.11
C UNK A 1417 0.75 -79.35 -60.69
N UNK A 1418 -0.05 -78.61 -61.45
CA UNK A 1418 -0.46 -77.26 -61.11
C UNK A 1418 -1.68 -77.25 -60.18
N UNK A 1419 -1.95 -78.37 -59.52
CA UNK A 1419 -2.97 -78.41 -58.48
C UNK A 1419 -2.29 -78.44 -57.12
N UNK A 1420 -0.99 -78.16 -57.12
CA UNK A 1420 -0.25 -78.18 -55.87
C UNK A 1420 0.95 -77.24 -55.90
N UNK A 1421 1.51 -77.02 -57.08
CA UNK A 1421 2.77 -76.28 -57.20
C UNK A 1421 2.61 -74.77 -57.02
N UNK A 1422 3.63 -74.04 -57.44
CA UNK A 1422 3.55 -72.59 -57.38
C UNK A 1422 4.11 -71.94 -58.63
N UNK A 1423 3.27 -71.23 -59.37
CA UNK A 1423 3.67 -70.64 -60.63
C UNK A 1423 4.57 -69.43 -60.43
N UNK A 1424 5.88 -69.65 -60.51
CA UNK A 1424 6.85 -68.56 -60.43
C UNK A 1424 7.40 -68.24 -61.82
N UNK A 1425 6.57 -67.59 -62.63
CA UNK A 1425 6.93 -67.26 -64.00
C UNK A 1425 7.71 -65.96 -64.06
N UNK A 1426 8.33 -65.67 -65.20
CA UNK A 1426 9.07 -64.42 -65.38
C UNK A 1426 9.12 -64.02 -66.84
N UNK A 1427 8.53 -62.86 -67.17
CA UNK A 1427 8.42 -62.42 -68.56
C UNK A 1427 9.20 -61.13 -68.80
N UNK A 1428 8.98 -60.52 -69.96
CA UNK A 1428 9.61 -59.26 -70.33
C UNK A 1428 8.84 -58.59 -71.46
N UNK A 1429 8.16 -57.49 -71.17
CA UNK A 1429 7.22 -56.89 -72.11
C UNK A 1429 7.73 -55.62 -72.77
N UNK A 1430 7.19 -55.33 -73.94
CA UNK A 1430 7.51 -54.12 -74.68
C UNK A 1430 6.25 -53.34 -74.97
N UNK A 1431 6.40 -52.03 -75.13
CA UNK A 1431 5.24 -51.16 -75.30
C UNK A 1431 5.33 -50.36 -76.57
N UNK A 1432 4.18 -49.89 -77.03
CA UNK A 1432 4.11 -49.05 -78.22
C UNK A 1432 4.09 -47.60 -77.80
N UNK A 1433 3.33 -46.80 -78.53
CA UNK A 1433 3.37 -45.36 -78.35
C UNK A 1433 1.98 -44.75 -78.18
N UNK A 1434 1.30 -44.60 -79.31
CA UNK A 1434 -0.02 -43.95 -79.44
C UNK A 1434 -0.04 -42.54 -78.83
N UNK A 1435 -1.07 -42.25 -78.06
CA UNK A 1435 -1.33 -40.87 -77.63
C UNK A 1435 -0.49 -40.41 -76.44
N UNK A 1436 -1.14 -39.76 -75.49
CA UNK A 1436 -0.48 -39.36 -74.25
C UNK A 1436 -0.78 -40.40 -73.18
N UNK A 1437 -1.67 -41.33 -73.52
CA UNK A 1437 -1.90 -42.54 -72.75
C UNK A 1437 -2.28 -43.63 -73.75
N UNK A 1438 -2.33 -44.89 -73.29
CA UNK A 1438 -2.58 -46.10 -74.10
C UNK A 1438 -1.53 -46.39 -75.17
N UNK A 1439 -1.46 -47.66 -75.56
CA UNK A 1439 -0.55 -48.08 -76.62
C UNK A 1439 -1.04 -49.40 -77.19
N UNK A 1440 -0.10 -50.21 -77.66
CA UNK A 1440 -0.42 -51.53 -78.14
C UNK A 1440 0.47 -52.52 -77.41
N UNK A 1441 -0.06 -53.11 -76.35
CA UNK A 1441 0.75 -53.89 -75.43
C UNK A 1441 1.16 -55.24 -76.01
N UNK A 1442 2.29 -55.74 -75.53
CA UNK A 1442 2.75 -57.07 -75.88
C UNK A 1442 3.66 -57.56 -74.78
N UNK A 1443 3.33 -58.72 -74.22
CA UNK A 1443 4.19 -59.33 -73.22
C UNK A 1443 4.92 -60.50 -73.85
N UNK A 1444 5.89 -61.04 -73.12
CA UNK A 1444 6.52 -62.30 -73.51
C UNK A 1444 6.23 -63.26 -72.37
N UNK A 1445 7.04 -64.31 -72.22
CA UNK A 1445 6.79 -65.30 -71.19
C UNK A 1445 8.01 -66.13 -70.84
N UNK A 1446 7.96 -67.42 -71.23
CA UNK A 1446 8.79 -68.52 -70.74
C UNK A 1446 8.64 -68.66 -69.23
N UNK A 1447 8.00 -69.75 -68.81
CA UNK A 1447 7.66 -69.93 -67.42
C UNK A 1447 8.28 -71.17 -66.79
N UNK A 1448 8.25 -71.19 -65.47
CA UNK A 1448 8.74 -72.31 -64.69
C UNK A 1448 8.08 -72.25 -63.34
N UNK A 1449 7.05 -73.07 -63.15
CA UNK A 1449 6.34 -73.12 -61.89
C UNK A 1449 7.15 -73.86 -60.84
N UNK A 1450 6.73 -73.85 -59.59
CA UNK A 1450 7.47 -74.56 -58.54
C UNK A 1450 7.15 -76.05 -58.58
N UNK A 1451 7.61 -76.74 -57.53
CA UNK A 1451 7.45 -78.19 -57.45
C UNK A 1451 7.09 -78.61 -56.02
N UNK A 1452 8.09 -79.07 -55.28
CA UNK A 1452 7.90 -79.47 -53.89
C UNK A 1452 9.17 -79.22 -53.08
N UNK A 1453 10.31 -79.51 -53.69
CA UNK A 1453 11.61 -79.24 -53.07
C UNK A 1453 12.19 -77.96 -53.65
N UNK A 1454 11.31 -77.02 -53.97
CA UNK A 1454 11.61 -75.76 -54.68
C UNK A 1454 12.36 -76.01 -55.99
N UNK A 1455 11.93 -77.03 -56.72
CA UNK A 1455 12.57 -77.41 -57.98
C UNK A 1455 11.82 -76.82 -59.16
N UNK A 1456 12.40 -76.93 -60.35
CA UNK A 1456 11.80 -76.35 -61.54
C UNK A 1456 12.26 -77.01 -62.84
N UNK A 1457 11.48 -76.79 -63.89
CA UNK A 1457 11.82 -77.21 -65.23
C UNK A 1457 11.12 -76.25 -66.19
N UNK A 1458 11.28 -76.48 -67.48
CA UNK A 1458 10.64 -75.64 -68.48
C UNK A 1458 9.14 -75.92 -68.48
N UNK A 1459 8.38 -74.94 -68.00
CA UNK A 1459 6.94 -75.11 -67.90
C UNK A 1459 6.23 -74.76 -69.21
N UNK A 1460 5.43 -73.70 -69.19
CA UNK A 1460 4.61 -73.36 -70.33
C UNK A 1460 4.91 -71.96 -70.83
N UNK A 1461 4.23 -71.56 -71.89
CA UNK A 1461 4.43 -70.24 -72.49
C UNK A 1461 3.14 -69.45 -72.47
N UNK A 1462 3.24 -68.17 -72.81
CA UNK A 1462 2.12 -67.24 -72.70
C UNK A 1462 2.30 -66.04 -73.62
N UNK A 1463 1.20 -65.37 -73.94
CA UNK A 1463 1.21 -64.19 -74.78
C UNK A 1463 -0.06 -63.38 -74.61
N UNK A 1464 -0.01 -62.13 -75.08
CA UNK A 1464 -1.14 -61.20 -75.08
C UNK A 1464 -0.79 -59.99 -75.93
N UNK A 1465 -1.16 -60.01 -77.21
CA UNK A 1465 -0.88 -58.87 -78.09
C UNK A 1465 -1.99 -57.82 -78.03
N UNK A 1466 -2.33 -57.38 -76.81
CA UNK A 1466 -3.45 -56.49 -76.56
C UNK A 1466 -3.23 -55.09 -77.12
N UNK A 1467 -4.31 -54.36 -77.35
CA UNK A 1467 -4.20 -53.09 -78.04
C UNK A 1467 -5.22 -52.06 -77.60
N UNK A 1468 -5.05 -51.54 -76.39
CA UNK A 1468 -5.86 -50.45 -75.90
C UNK A 1468 -5.12 -49.73 -74.78
N UNK A 1469 -5.79 -49.58 -73.64
CA UNK A 1469 -5.21 -48.84 -72.52
C UNK A 1469 -4.77 -49.78 -71.42
N UNK A 1470 -3.74 -49.34 -70.70
CA UNK A 1470 -3.17 -50.01 -69.51
C UNK A 1470 -2.70 -51.45 -69.75
N UNK A 1471 -2.37 -52.14 -68.66
CA UNK A 1471 -1.87 -53.52 -68.77
C UNK A 1471 -2.92 -54.50 -68.30
N UNK A 1472 -2.57 -55.78 -68.35
CA UNK A 1472 -3.49 -56.79 -67.91
C UNK A 1472 -2.72 -57.99 -67.40
N UNK A 1473 -1.50 -58.14 -67.91
CA UNK A 1473 -0.69 -59.30 -67.62
C UNK A 1473 -0.22 -59.34 -66.18
N UNK A 1474 0.31 -58.21 -65.71
CA UNK A 1474 0.83 -58.12 -64.37
C UNK A 1474 -0.30 -58.18 -63.37
N UNK A 1475 -1.43 -57.64 -63.78
CA UNK A 1475 -2.58 -57.52 -62.93
C UNK A 1475 -3.25 -58.86 -62.63
N UNK A 1476 -3.05 -59.86 -63.48
CA UNK A 1476 -3.64 -61.18 -63.21
C UNK A 1476 -2.70 -62.03 -62.41
N UNK A 1477 -1.66 -61.37 -61.88
CA UNK A 1477 -0.65 -62.01 -61.08
C UNK A 1477 -0.43 -61.21 -59.80
N UNK A 1478 -0.04 -59.95 -59.96
CA UNK A 1478 0.32 -59.11 -58.83
C UNK A 1478 -0.87 -58.87 -57.95
N UNK A 1479 -2.01 -58.59 -58.57
CA UNK A 1479 -3.25 -58.42 -57.82
C UNK A 1479 -3.76 -59.79 -57.41
N UNK A 1480 -3.42 -60.80 -58.19
CA UNK A 1480 -3.88 -62.16 -57.93
C UNK A 1480 -3.11 -62.74 -56.76
N UNK A 1481 -2.05 -63.47 -57.06
CA UNK A 1481 -1.19 -64.02 -56.04
C UNK A 1481 -0.14 -63.00 -55.65
N UNK A 1482 0.98 -63.48 -55.15
CA UNK A 1482 2.02 -62.58 -54.68
C UNK A 1482 3.37 -62.96 -55.24
N UNK A 1483 3.95 -62.03 -56.00
CA UNK A 1483 5.18 -62.27 -56.75
C UNK A 1483 6.40 -62.56 -55.89
N UNK A 1484 7.48 -62.95 -56.57
CA UNK A 1484 8.75 -63.21 -55.92
C UNK A 1484 9.27 -61.93 -55.32
N UNK A 1485 8.78 -61.63 -54.13
CA UNK A 1485 8.96 -60.32 -53.56
C UNK A 1485 9.84 -60.35 -52.32
N UNK A 1486 10.94 -59.60 -52.37
CA UNK A 1486 11.80 -59.49 -51.22
C UNK A 1486 11.40 -58.25 -50.45
N UNK A 1487 12.39 -57.42 -50.14
CA UNK A 1487 12.25 -56.14 -49.44
C UNK A 1487 11.56 -56.26 -48.09
N UNK A 1488 12.33 -56.41 -47.03
CA UNK A 1488 11.77 -56.38 -45.69
C UNK A 1488 11.81 -54.95 -45.19
N UNK A 1489 11.40 -54.73 -43.94
CA UNK A 1489 11.60 -53.43 -43.30
C UNK A 1489 12.88 -53.52 -42.48
N UNK A 1490 13.03 -52.63 -41.53
CA UNK A 1490 14.07 -52.78 -40.51
C UNK A 1490 13.47 -52.25 -39.24
N UNK A 1491 12.14 -52.24 -39.22
CA UNK A 1491 11.31 -51.78 -38.11
C UNK A 1491 11.61 -50.35 -37.68
N UNK A 1492 10.97 -49.41 -38.39
CA UNK A 1492 10.89 -47.98 -38.07
C UNK A 1492 12.18 -47.16 -38.16
N UNK A 1493 13.34 -47.82 -38.16
CA UNK A 1493 14.60 -47.11 -38.31
C UNK A 1493 15.61 -48.05 -38.93
N UNK A 1494 16.31 -47.56 -39.95
CA UNK A 1494 17.22 -48.40 -40.72
C UNK A 1494 18.65 -48.27 -40.22
N UNK A 1495 18.80 -48.16 -38.89
CA UNK A 1495 20.05 -47.89 -38.19
C UNK A 1495 20.75 -46.64 -38.74
N UNK A 1496 22.07 -46.59 -38.58
CA UNK A 1496 22.88 -45.52 -39.13
C UNK A 1496 24.33 -45.95 -39.15
N UNK A 1497 25.21 -44.97 -39.12
CA UNK A 1497 26.63 -45.22 -39.09
C UNK A 1497 27.31 -43.98 -38.52
N UNK A 1498 28.17 -43.39 -39.34
CA UNK A 1498 28.86 -42.18 -38.96
C UNK A 1498 29.19 -41.46 -40.27
N UNK A 1499 29.47 -40.17 -40.21
CA UNK A 1499 29.66 -39.36 -41.42
C UNK A 1499 30.65 -38.20 -41.31
N UNK A 1500 31.28 -37.88 -42.45
CA UNK A 1500 32.13 -36.71 -42.55
C UNK A 1500 31.71 -35.90 -43.76
N UNK A 1501 32.35 -34.75 -43.94
CA UNK A 1501 31.99 -33.85 -45.02
C UNK A 1501 32.49 -34.35 -46.37
N UNK A 1502 32.23 -33.57 -47.41
CA UNK A 1502 32.77 -33.86 -48.73
C UNK A 1502 33.39 -32.60 -49.27
N UNK A 1503 34.49 -32.74 -50.01
CA UNK A 1503 35.19 -31.59 -50.57
C UNK A 1503 34.37 -30.98 -51.70
N UNK A 1504 33.99 -29.72 -51.55
CA UNK A 1504 33.03 -29.10 -52.47
C UNK A 1504 33.56 -28.78 -53.87
N UNK A 1505 34.19 -29.76 -54.51
CA UNK A 1505 34.78 -29.70 -55.84
C UNK A 1505 35.80 -28.61 -55.96
N UNK A 1506 37.07 -28.99 -55.96
CA UNK A 1506 38.19 -28.07 -55.80
C UNK A 1506 38.34 -26.95 -56.82
N UNK A 1507 37.29 -26.13 -56.96
CA UNK A 1507 37.29 -24.90 -57.73
C UNK A 1507 37.71 -24.98 -59.18
N UNK A 1508 37.74 -26.18 -59.75
CA UNK A 1508 38.27 -26.35 -61.09
C UNK A 1508 37.74 -27.62 -61.72
N UNK A 1509 36.90 -27.43 -62.72
CA UNK A 1509 36.32 -28.56 -63.41
C UNK A 1509 37.32 -29.18 -64.36
N UNK A 1510 38.32 -28.40 -64.78
CA UNK A 1510 39.24 -28.79 -65.84
C UNK A 1510 40.10 -29.97 -65.45
N UNK A 1511 40.45 -30.01 -64.18
CA UNK A 1511 41.29 -31.08 -63.68
C UNK A 1511 40.49 -32.35 -63.51
N UNK A 1512 39.19 -32.19 -63.33
CA UNK A 1512 38.36 -33.30 -62.88
C UNK A 1512 37.92 -34.20 -64.02
N UNK A 1513 36.61 -34.23 -64.25
CA UNK A 1513 36.00 -35.10 -65.23
C UNK A 1513 36.38 -34.69 -66.65
N UNK A 1514 36.80 -33.44 -66.80
CA UNK A 1514 37.25 -32.88 -68.07
C UNK A 1514 38.47 -33.62 -68.57
N UNK A 1515 39.34 -33.97 -67.65
CA UNK A 1515 40.47 -34.82 -67.98
C UNK A 1515 40.14 -36.23 -67.56
N UNK A 1516 38.93 -36.67 -67.87
CA UNK A 1516 38.50 -38.02 -67.57
C UNK A 1516 37.42 -38.48 -68.52
N UNK A 1517 36.27 -37.83 -68.48
CA UNK A 1517 35.10 -38.37 -69.15
C UNK A 1517 34.48 -37.46 -70.19
N UNK A 1518 33.16 -37.52 -70.27
CA UNK A 1518 32.39 -36.80 -71.29
C UNK A 1518 32.25 -35.33 -70.96
N UNK A 1519 33.33 -34.58 -71.15
CA UNK A 1519 33.33 -33.15 -70.86
C UNK A 1519 32.54 -32.38 -71.89
N UNK A 1520 31.51 -31.68 -71.44
CA UNK A 1520 30.75 -30.83 -72.33
C UNK A 1520 31.42 -29.47 -72.41
N UNK A 1521 30.61 -28.43 -72.48
CA UNK A 1521 31.09 -27.08 -72.33
C UNK A 1521 30.58 -26.56 -71.01
N UNK A 1522 29.93 -27.45 -70.26
CA UNK A 1522 29.36 -27.10 -68.97
C UNK A 1522 30.41 -27.12 -67.88
N UNK A 1523 31.41 -26.27 -68.03
CA UNK A 1523 32.54 -26.20 -67.13
C UNK A 1523 33.18 -24.82 -67.32
N UNK A 1524 33.40 -24.46 -68.58
CA UNK A 1524 33.89 -23.13 -68.93
C UNK A 1524 32.74 -22.15 -68.93
N UNK A 1525 32.93 -20.98 -68.33
CA UNK A 1525 31.86 -20.01 -68.14
C UNK A 1525 31.48 -19.26 -69.41
N UNK A 1526 32.11 -19.59 -70.53
CA UNK A 1526 31.77 -19.00 -71.81
C UNK A 1526 30.42 -19.49 -72.30
N UNK A 1527 30.45 -20.55 -73.11
CA UNK A 1527 29.26 -21.04 -73.82
C UNK A 1527 28.20 -21.62 -72.89
N UNK A 1528 28.61 -22.06 -71.72
CA UNK A 1528 27.69 -22.64 -70.75
C UNK A 1528 26.75 -21.58 -70.21
N UNK A 1529 27.22 -20.33 -70.19
CA UNK A 1529 26.42 -19.23 -69.69
C UNK A 1529 25.38 -18.74 -70.71
N UNK A 1530 25.28 -19.40 -71.85
CA UNK A 1530 24.27 -19.05 -72.85
C UNK A 1530 23.03 -19.90 -72.68
N UNK A 1531 22.75 -20.31 -71.43
CA UNK A 1531 21.57 -21.07 -71.07
C UNK A 1531 21.36 -21.03 -69.56
N UNK A 1532 22.42 -21.41 -68.84
CA UNK A 1532 22.29 -21.71 -67.42
C UNK A 1532 22.67 -20.55 -66.51
N UNK A 1533 22.97 -20.90 -65.26
CA UNK A 1533 23.02 -19.90 -64.20
C UNK A 1533 24.27 -19.96 -63.35
N UNK A 1534 24.94 -21.11 -63.31
CA UNK A 1534 26.08 -21.28 -62.43
C UNK A 1534 27.39 -20.72 -63.01
N UNK A 1535 28.43 -21.55 -63.03
CA UNK A 1535 29.69 -21.30 -63.72
C UNK A 1535 30.43 -22.63 -63.84
N UNK A 1536 29.75 -23.71 -63.46
CA UNK A 1536 30.39 -25.02 -63.35
C UNK A 1536 29.44 -26.22 -63.35
N UNK A 1537 28.96 -26.59 -62.16
CA UNK A 1537 28.04 -27.71 -61.85
C UNK A 1537 28.64 -29.10 -62.09
N UNK A 1538 28.18 -30.08 -61.31
CA UNK A 1538 28.84 -31.40 -61.22
C UNK A 1538 28.37 -32.49 -62.15
N UNK A 1539 29.24 -33.43 -62.46
CA UNK A 1539 28.90 -34.57 -63.31
C UNK A 1539 28.45 -35.76 -62.47
N UNK A 1540 28.87 -36.95 -62.90
CA UNK A 1540 28.76 -38.14 -62.09
C UNK A 1540 29.85 -38.14 -61.03
N UNK A 1541 30.82 -37.24 -61.22
CA UNK A 1541 31.86 -36.95 -60.25
C UNK A 1541 31.30 -36.35 -58.96
N UNK A 1542 30.07 -35.87 -59.01
CA UNK A 1542 29.28 -35.60 -57.82
C UNK A 1542 29.18 -36.84 -56.97
N UNK A 1543 28.48 -37.84 -57.50
CA UNK A 1543 28.19 -39.03 -56.72
C UNK A 1543 29.36 -39.99 -56.67
N UNK A 1544 30.41 -39.69 -57.42
CA UNK A 1544 31.58 -40.54 -57.44
C UNK A 1544 32.33 -40.49 -56.13
N UNK A 1545 32.24 -39.35 -55.45
CA UNK A 1545 32.89 -39.18 -54.18
C UNK A 1545 32.21 -40.03 -53.14
N UNK A 1546 30.88 -39.99 -53.18
CA UNK A 1546 30.07 -40.67 -52.19
C UNK A 1546 30.16 -42.17 -52.38
N UNK A 1547 30.34 -42.60 -53.62
CA UNK A 1547 30.33 -44.03 -53.96
C UNK A 1547 31.55 -44.77 -53.42
N UNK A 1548 32.52 -44.01 -52.92
CA UNK A 1548 33.55 -44.55 -52.05
C UNK A 1548 33.25 -44.14 -50.62
N UNK A 1549 32.70 -42.95 -50.46
CA UNK A 1549 32.48 -42.41 -49.13
C UNK A 1549 31.36 -43.15 -48.43
N UNK A 1550 30.37 -43.60 -49.19
CA UNK A 1550 29.37 -44.48 -48.61
C UNK A 1550 30.00 -45.84 -48.45
N UNK A 1551 30.85 -46.21 -49.42
CA UNK A 1551 31.47 -47.53 -49.43
C UNK A 1551 32.42 -47.69 -48.29
N UNK A 1552 33.06 -46.59 -47.90
CA UNK A 1552 33.94 -46.59 -46.74
C UNK A 1552 33.16 -46.84 -45.48
N UNK A 1553 32.03 -46.17 -45.35
CA UNK A 1553 31.17 -46.36 -44.20
C UNK A 1553 30.41 -47.67 -44.32
N UNK A 1554 30.32 -48.22 -45.53
CA UNK A 1554 29.68 -49.50 -45.73
C UNK A 1554 30.52 -50.62 -45.17
N UNK A 1555 31.77 -50.68 -45.63
CA UNK A 1555 32.72 -51.66 -45.15
C UNK A 1555 34.12 -51.15 -45.38
N UNK A 1556 35.10 -51.85 -44.83
CA UNK A 1556 36.48 -51.52 -45.11
C UNK A 1556 36.75 -52.01 -46.50
N UNK A 1557 36.51 -53.30 -46.68
CA UNK A 1557 36.75 -53.96 -47.94
C UNK A 1557 35.68 -53.57 -48.92
N UNK A 1558 36.08 -52.81 -49.94
CA UNK A 1558 35.14 -52.29 -50.91
C UNK A 1558 34.92 -53.24 -52.07
N UNK A 1559 35.09 -54.53 -51.83
CA UNK A 1559 34.82 -55.53 -52.83
C UNK A 1559 33.43 -56.08 -52.62
N UNK A 1560 32.74 -55.54 -51.61
CA UNK A 1560 31.44 -56.05 -51.22
C UNK A 1560 30.29 -55.30 -51.89
N UNK A 1561 30.56 -54.66 -53.02
CA UNK A 1561 29.56 -53.85 -53.69
C UNK A 1561 28.52 -54.69 -54.40
N UNK A 1562 27.52 -54.03 -54.99
CA UNK A 1562 26.42 -54.73 -55.63
C UNK A 1562 25.72 -53.91 -56.70
N UNK A 1563 24.80 -53.04 -56.27
CA UNK A 1563 23.97 -52.28 -57.20
C UNK A 1563 23.62 -50.89 -56.70
N UNK A 1564 24.44 -49.91 -57.09
CA UNK A 1564 24.15 -48.54 -56.76
C UNK A 1564 23.50 -47.86 -57.94
N UNK A 1565 22.40 -47.17 -57.68
CA UNK A 1565 21.70 -46.40 -58.69
C UNK A 1565 21.57 -44.95 -58.24
N UNK A 1566 22.72 -44.32 -58.00
CA UNK A 1566 22.83 -43.04 -57.29
C UNK A 1566 22.13 -41.84 -57.94
N UNK A 1567 22.21 -40.70 -57.26
CA UNK A 1567 21.21 -39.65 -57.43
C UNK A 1567 21.62 -38.20 -57.63
N UNK A 1568 22.07 -37.85 -58.83
CA UNK A 1568 22.36 -36.46 -59.21
C UNK A 1568 21.15 -35.53 -59.06
N UNK A 1569 21.25 -34.58 -58.13
CA UNK A 1569 20.10 -33.81 -57.66
C UNK A 1569 19.76 -32.54 -58.45
N UNK A 1570 19.78 -31.39 -57.75
CA UNK A 1570 19.47 -30.11 -58.38
C UNK A 1570 20.60 -29.63 -59.28
N VAL A 1616 20.24 -35.07 -62.47
CA VAL A 1616 20.81 -34.37 -63.62
C VAL A 1616 22.18 -33.79 -63.25
N LEU A 1617 23.03 -33.58 -64.25
CA LEU A 1617 24.45 -33.33 -63.98
C LEU A 1617 25.16 -32.37 -64.95
N PRO A 1618 26.50 -32.29 -64.81
CA PRO A 1618 27.35 -31.47 -65.67
C PRO A 1618 28.83 -31.90 -65.66
N ASN A 1619 29.64 -31.23 -64.85
CA ASN A 1619 31.07 -31.52 -64.81
C ASN A 1619 31.60 -31.48 -63.37
N THR A 1620 31.72 -30.29 -62.77
CA THR A 1620 32.22 -30.18 -61.39
C THR A 1620 31.73 -28.97 -60.56
N ALA A 1621 30.80 -29.21 -59.65
CA ALA A 1621 30.55 -28.40 -58.45
C ALA A 1621 29.76 -29.29 -57.46
N LEU A 1622 30.44 -29.76 -56.41
CA LEU A 1622 30.09 -31.00 -55.68
C LEU A 1622 28.83 -31.06 -54.80
N LYS A 1623 28.76 -32.08 -53.93
CA LYS A 1623 27.53 -32.40 -53.20
C LYS A 1623 27.66 -33.19 -51.89
N THR A 1624 26.52 -33.32 -51.20
CA THR A 1624 26.39 -34.07 -49.94
C THR A 1624 25.16 -34.98 -50.00
N SER A 1625 25.03 -35.91 -49.06
CA SER A 1625 23.96 -36.91 -49.09
C SER A 1625 23.69 -37.60 -47.76
N ILE A 1626 22.62 -38.38 -47.73
CA ILE A 1626 22.25 -39.14 -46.54
C ILE A 1626 22.47 -40.64 -46.76
N GLN A 1627 22.81 -41.37 -45.71
CA GLN A 1627 23.18 -42.78 -45.85
C GLN A 1627 22.74 -43.67 -44.68
N HIS A 1628 22.09 -44.80 -44.97
CA HIS A 1628 21.65 -45.72 -43.91
C HIS A 1628 21.50 -47.17 -44.37
N VAL A 1629 21.23 -48.08 -43.42
CA VAL A 1629 21.16 -49.53 -43.65
C VAL A 1629 19.74 -50.05 -43.76
N GLY A 1630 19.22 -50.06 -44.98
CA GLY A 1630 17.78 -50.18 -45.29
C GLY A 1630 17.02 -51.35 -44.66
N MET A 1631 17.40 -52.58 -45.01
CA MET A 1631 16.64 -53.76 -44.59
C MET A 1631 17.47 -55.02 -44.63
N ILE A 1632 17.32 -55.80 -45.71
CA ILE A 1632 18.09 -57.02 -45.93
C ILE A 1632 18.05 -57.53 -47.37
N ASN A 1633 16.86 -57.55 -47.96
CA ASN A 1633 16.51 -58.37 -49.13
C ASN A 1633 16.92 -59.80 -48.84
N GLY A 1634 18.10 -60.17 -49.30
CA GLY A 1634 18.65 -61.48 -48.99
C GLY A 1634 20.07 -61.32 -48.48
N ARG A 1635 20.45 -60.07 -48.24
CA ARG A 1635 21.83 -59.78 -47.85
C ARG A 1635 21.92 -58.69 -46.78
N LYS A 1636 21.62 -57.43 -47.13
CA LYS A 1636 21.82 -56.33 -46.18
C LYS A 1636 20.97 -55.07 -46.41
N LEU A 1637 20.93 -54.60 -47.66
CA LEU A 1637 20.17 -53.42 -48.11
C LEU A 1637 20.56 -52.09 -47.46
N ILE A 1638 21.04 -51.17 -48.29
CA ILE A 1638 21.45 -49.86 -47.81
C ILE A 1638 20.54 -48.79 -48.36
N LYS A 1639 20.40 -47.71 -47.60
CA LYS A 1639 19.52 -46.63 -48.00
C LYS A 1639 20.28 -45.33 -48.13
N PHE A 1640 20.37 -44.83 -49.36
CA PHE A 1640 21.06 -43.58 -49.64
C PHE A 1640 20.60 -42.96 -50.94
N GLU A 1641 20.56 -41.63 -50.97
CA GLU A 1641 20.29 -40.88 -52.19
C GLU A 1641 21.06 -39.58 -52.11
N THR A 1642 21.53 -39.11 -53.25
CA THR A 1642 22.42 -37.96 -53.29
C THR A 1642 21.64 -36.68 -53.50
N ARG A 1643 22.22 -35.60 -53.01
CA ARG A 1643 21.50 -34.36 -52.82
C ARG A 1643 22.31 -33.19 -53.31
N ASN A 1644 22.19 -32.09 -52.59
CA ASN A 1644 23.05 -30.93 -52.82
C ASN A 1644 23.36 -30.24 -51.49
N GLU A 1645 23.70 -28.95 -51.56
CA GLU A 1645 24.25 -28.21 -50.41
C GLU A 1645 23.26 -28.00 -49.27
N ASP A 1646 22.03 -27.62 -49.60
CA ASP A 1646 20.94 -27.59 -48.63
C ASP A 1646 20.05 -28.81 -48.86
N ASP A 1647 20.70 -29.93 -49.18
CA ASP A 1647 20.10 -31.25 -49.42
C ASP A 1647 19.00 -31.25 -50.45
N VAL A 1648 19.35 -31.38 -51.73
CA VAL A 1648 18.36 -31.39 -52.78
C VAL A 1648 17.95 -32.82 -53.12
N VAL A 1649 17.40 -33.00 -54.33
CA VAL A 1649 16.89 -34.29 -54.77
C VAL A 1649 16.62 -34.37 -56.29
N VAL A 1650 17.26 -35.33 -56.94
CA VAL A 1650 16.89 -35.85 -58.27
C VAL A 1650 17.71 -37.09 -58.54
N LEU A 1651 17.34 -37.83 -59.59
CA LEU A 1651 17.96 -39.06 -60.09
C LEU A 1651 17.92 -40.23 -59.11
N THR A 1652 16.86 -40.27 -58.30
CA THR A 1652 16.46 -41.38 -57.42
C THR A 1652 17.37 -41.70 -56.21
N GLY A 1653 18.00 -42.88 -56.18
CA GLY A 1653 18.67 -43.39 -54.96
C GLY A 1653 19.49 -44.66 -55.23
N GLU A 1654 20.63 -44.77 -54.57
CA GLU A 1654 21.45 -45.98 -54.68
C GLU A 1654 21.06 -47.00 -53.62
N ALA A 1655 21.76 -48.14 -53.61
CA ALA A 1655 21.37 -49.26 -52.78
C ALA A 1655 22.56 -50.13 -52.38
N GLU A 1656 22.74 -51.23 -53.13
CA GLU A 1656 23.80 -52.22 -52.94
C GLU A 1656 23.84 -52.88 -51.55
N ILE A 1657 23.35 -54.11 -51.51
CA ILE A 1657 23.27 -54.88 -50.28
C ILE A 1657 24.60 -55.47 -49.88
N GLU A 1658 25.47 -54.69 -49.27
CA GLU A 1658 26.81 -55.16 -48.94
C GLU A 1658 26.84 -56.03 -47.67
N GLN A 1659 27.31 -57.27 -47.76
CA GLN A 1659 27.46 -58.14 -46.58
C GLN A 1659 28.84 -58.78 -46.49
N PRO A 1660 29.01 -59.74 -45.59
CA PRO A 1660 30.31 -60.38 -45.40
C PRO A 1660 30.21 -61.90 -45.49
N VAL A 1661 31.36 -62.57 -45.49
CA VAL A 1661 31.41 -64.03 -45.62
C VAL A 1661 30.92 -64.69 -44.36
N THR A 1662 29.63 -65.02 -44.36
CA THR A 1662 28.98 -65.52 -43.17
C THR A 1662 29.34 -66.97 -42.89
N THR A 1663 28.97 -67.42 -41.70
CA THR A 1663 29.21 -68.79 -41.27
C THR A 1663 28.22 -69.16 -40.18
N PHE A 1664 27.39 -70.16 -40.46
CA PHE A 1664 26.39 -70.60 -39.48
C PHE A 1664 26.75 -71.98 -38.91
N VAL A 1665 26.44 -72.20 -37.64
CA VAL A 1665 26.73 -73.48 -37.00
C VAL A 1665 25.53 -74.02 -36.23
N PHE A 1666 25.78 -74.70 -35.13
CA PHE A 1666 24.70 -75.34 -34.38
C PHE A 1666 25.00 -75.57 -32.90
N THR A 1667 24.15 -76.37 -32.27
CA THR A 1667 24.18 -76.57 -30.83
C THR A 1667 25.18 -77.61 -30.37
N GLY A 1668 24.94 -78.16 -29.18
CA GLY A 1668 25.86 -79.13 -28.58
C GLY A 1668 25.28 -80.03 -27.48
N GLN A 1669 23.95 -80.06 -27.36
CA GLN A 1669 23.23 -81.06 -26.53
C GLN A 1669 23.57 -80.98 -25.04
N GLY A 1670 24.05 -79.84 -24.57
CA GLY A 1670 24.52 -79.82 -23.21
C GLY A 1670 24.10 -78.65 -22.35
N SER A 1671 23.52 -77.61 -22.95
CA SER A 1671 23.18 -76.40 -22.22
C SER A 1671 21.68 -76.26 -22.04
N GLN A 1672 20.97 -77.37 -21.95
CA GLN A 1672 19.52 -77.37 -21.85
C GLN A 1672 19.07 -76.88 -20.47
N GLU A 1673 17.89 -76.26 -20.43
CA GLU A 1673 17.35 -75.66 -19.23
C GLU A 1673 15.84 -75.53 -19.36
N GLN A 1674 15.24 -74.71 -18.51
CA GLN A 1674 13.79 -74.57 -18.50
C GLN A 1674 13.29 -73.71 -19.66
N GLY A 1675 13.92 -72.56 -19.88
CA GLY A 1675 13.40 -71.55 -20.79
C GLY A 1675 13.33 -71.95 -22.24
N MET A 1676 14.50 -72.14 -22.86
CA MET A 1676 14.67 -72.75 -24.18
C MET A 1676 13.88 -72.04 -25.28
N GLY A 1677 14.09 -70.73 -25.38
CA GLY A 1677 13.53 -69.96 -26.48
C GLY A 1677 12.04 -69.83 -26.48
N MET A 1678 11.38 -70.08 -25.35
CA MET A 1678 9.94 -69.97 -25.27
C MET A 1678 9.47 -68.53 -25.33
N ASP A 1679 10.35 -67.56 -25.07
CA ASP A 1679 10.04 -66.19 -25.40
C ASP A 1679 10.03 -65.98 -26.91
N LEU A 1680 10.85 -66.74 -27.64
CA LEU A 1680 10.79 -66.64 -29.09
C LEU A 1680 9.54 -67.33 -29.62
N TYR A 1681 8.97 -68.25 -28.83
CA TYR A 1681 7.75 -68.94 -29.22
C TYR A 1681 6.58 -67.99 -29.39
N LYS A 1682 6.46 -66.99 -28.53
CA LYS A 1682 5.38 -66.03 -28.66
C LYS A 1682 5.67 -64.95 -29.69
N THR A 1683 6.89 -64.89 -30.21
CA THR A 1683 7.29 -63.71 -30.95
C THR A 1683 6.79 -63.73 -32.39
N SER A 1684 7.24 -64.70 -33.18
CA SER A 1684 6.79 -64.80 -34.55
C SER A 1684 5.78 -65.93 -34.70
N LYS A 1685 4.81 -65.69 -35.58
CA LYS A 1685 3.89 -66.76 -35.95
C LYS A 1685 4.61 -67.90 -36.62
N ALA A 1686 5.59 -67.57 -37.48
CA ALA A 1686 6.45 -68.59 -38.05
C ALA A 1686 7.28 -69.26 -36.97
N ALA A 1687 7.65 -68.52 -35.94
CA ALA A 1687 8.25 -69.18 -34.78
C ALA A 1687 7.20 -69.94 -33.98
N GLN A 1688 5.95 -69.50 -34.04
CA GLN A 1688 4.93 -70.15 -33.22
C GLN A 1688 4.53 -71.48 -33.80
N ASP A 1689 4.18 -71.51 -35.09
CA ASP A 1689 3.47 -72.64 -35.63
C ASP A 1689 4.38 -73.86 -35.79
N VAL A 1690 5.66 -73.64 -36.08
CA VAL A 1690 6.59 -74.75 -36.24
C VAL A 1690 6.82 -75.40 -34.90
N TRP A 1691 6.74 -74.62 -33.83
CA TRP A 1691 6.72 -75.21 -32.50
C TRP A 1691 5.41 -75.91 -32.20
N ASN A 1692 4.37 -75.62 -32.95
CA ASN A 1692 3.12 -76.32 -32.70
C ASN A 1692 2.83 -77.37 -33.74
N ARG A 1693 3.58 -77.34 -34.84
CA ARG A 1693 3.32 -78.24 -35.95
C ARG A 1693 3.56 -79.68 -35.56
N ALA A 1694 4.79 -79.98 -35.15
CA ALA A 1694 5.09 -81.32 -34.69
C ALA A 1694 4.43 -81.62 -33.36
N ASP A 1695 4.11 -80.58 -32.59
CA ASP A 1695 3.40 -80.76 -31.34
C ASP A 1695 2.03 -81.37 -31.58
N ASN A 1696 1.37 -80.97 -32.66
CA ASN A 1696 0.17 -81.66 -33.08
C ASN A 1696 0.51 -83.07 -33.54
N HIS A 1697 1.67 -83.24 -34.16
CA HIS A 1697 2.05 -84.54 -34.68
C HIS A 1697 2.41 -85.51 -33.56
N PHE A 1698 2.86 -84.99 -32.41
CA PHE A 1698 3.17 -85.86 -31.28
C PHE A 1698 1.95 -86.62 -30.80
N LYS A 1699 0.90 -85.90 -30.43
CA LYS A 1699 -0.29 -86.55 -29.91
C LYS A 1699 -1.04 -87.33 -30.97
N ASP A 1700 -0.76 -87.08 -32.25
CA ASP A 1700 -1.27 -87.92 -33.31
C ASP A 1700 -0.40 -89.13 -33.54
N THR A 1701 0.72 -89.23 -32.84
CA THR A 1701 1.54 -90.43 -32.80
C THR A 1701 1.62 -90.99 -31.39
N TYR A 1702 2.00 -90.15 -30.44
CA TYR A 1702 2.35 -90.62 -29.10
C TYR A 1702 1.98 -89.48 -28.16
N GLY A 1703 0.84 -89.62 -27.49
CA GLY A 1703 0.18 -88.49 -26.86
C GLY A 1703 0.85 -87.86 -25.66
N PHE A 1704 1.49 -86.72 -25.89
CA PHE A 1704 1.85 -85.69 -24.91
C PHE A 1704 2.35 -84.50 -25.70
N SER A 1705 2.07 -83.31 -25.17
CA SER A 1705 2.56 -82.09 -25.79
C SER A 1705 3.92 -81.74 -25.21
N ILE A 1706 4.91 -81.61 -26.10
CA ILE A 1706 6.24 -81.16 -25.69
C ILE A 1706 6.17 -79.72 -25.21
N LEU A 1707 5.24 -78.92 -25.77
CA LEU A 1707 5.01 -77.58 -25.26
C LEU A 1707 4.49 -77.60 -23.83
N ASP A 1708 3.78 -78.66 -23.43
CA ASP A 1708 3.45 -78.81 -22.02
C ASP A 1708 4.67 -79.25 -21.22
N ILE A 1709 5.69 -79.76 -21.88
CA ILE A 1709 6.85 -80.21 -21.13
C ILE A 1709 7.78 -79.04 -20.83
N VAL A 1710 8.13 -78.27 -21.85
CA VAL A 1710 9.26 -77.38 -21.64
C VAL A 1710 8.83 -76.04 -21.04
N ILE A 1711 7.56 -75.66 -21.16
CA ILE A 1711 7.15 -74.39 -20.59
C ILE A 1711 7.05 -74.52 -19.08
N ASN A 1712 6.34 -75.54 -18.63
CA ASN A 1712 6.31 -75.91 -17.24
C ASN A 1712 6.86 -77.32 -17.13
N ASN A 1713 8.04 -77.43 -16.55
CA ASN A 1713 8.74 -78.69 -16.47
C ASN A 1713 7.98 -79.66 -15.59
N PRO A 1714 7.52 -80.78 -16.10
CA PRO A 1714 6.87 -81.76 -15.25
C PRO A 1714 7.92 -82.44 -14.39
N VAL A 1715 8.22 -81.82 -13.26
CA VAL A 1715 9.30 -82.24 -12.37
C VAL A 1715 8.90 -83.59 -11.78
N ASN A 1716 9.86 -84.27 -11.15
CA ASN A 1716 10.13 -85.70 -11.24
C ASN A 1716 8.93 -86.63 -11.43
N LEU A 1717 7.78 -86.33 -10.83
CA LEU A 1717 6.55 -87.00 -11.23
C LEU A 1717 6.16 -86.46 -12.60
N THR A 1718 6.58 -87.12 -13.65
CA THR A 1718 6.30 -86.63 -14.99
C THR A 1718 5.00 -87.24 -15.51
N ILE A 1719 4.78 -87.11 -16.82
CA ILE A 1719 3.51 -87.50 -17.43
C ILE A 1719 3.42 -89.01 -17.49
N HIS A 1720 2.20 -89.53 -17.37
CA HIS A 1720 1.95 -90.93 -17.14
C HIS A 1720 1.26 -91.63 -18.29
N PHE A 1721 0.95 -90.89 -19.37
CA PHE A 1721 0.14 -91.37 -20.50
C PHE A 1721 -1.25 -91.82 -20.02
N GLY A 1722 -2.08 -90.83 -19.68
CA GLY A 1722 -3.50 -91.08 -19.46
C GLY A 1722 -4.14 -91.96 -20.54
N GLY A 1723 -4.10 -91.48 -21.79
CA GLY A 1723 -4.27 -92.28 -22.99
C GLY A 1723 -5.45 -93.23 -23.10
N GLU A 1724 -6.67 -92.71 -23.23
CA GLU A 1724 -7.85 -93.56 -23.17
C GLU A 1724 -7.92 -94.50 -24.36
N LYS A 1725 -8.57 -95.64 -24.15
CA LYS A 1725 -8.61 -96.76 -25.08
C LYS A 1725 -9.71 -96.63 -26.10
N GLY A 1726 -10.10 -95.41 -26.45
CA GLY A 1726 -11.14 -95.19 -27.43
C GLY A 1726 -10.58 -95.36 -28.82
N LYS A 1727 -10.80 -94.33 -29.64
CA LYS A 1727 -10.36 -94.35 -31.04
C LYS A 1727 -8.84 -94.45 -31.19
N ARG A 1728 -8.08 -93.97 -30.21
CA ARG A 1728 -6.65 -93.84 -30.33
C ARG A 1728 -5.88 -95.00 -29.73
N ILE A 1729 -6.54 -96.13 -29.46
CA ILE A 1729 -5.83 -97.24 -28.82
C ILE A 1729 -4.77 -97.80 -29.76
N ARG A 1730 -5.10 -97.90 -31.04
CA ARG A 1730 -4.16 -98.51 -31.97
C ARG A 1730 -3.03 -97.55 -32.32
N GLU A 1731 -3.22 -96.26 -32.04
CA GLU A 1731 -2.20 -95.30 -32.41
C GLU A 1731 -1.23 -95.05 -31.27
N ASN A 1732 -1.67 -95.24 -30.03
CA ASN A 1732 -0.83 -94.87 -28.90
C ASN A 1732 -0.55 -96.05 -27.99
N TYR A 1733 -1.56 -96.75 -27.49
CA TYR A 1733 -1.29 -97.88 -26.61
C TYR A 1733 -1.16 -99.17 -27.41
N SER A 1734 -0.47 -99.06 -28.53
CA SER A 1734 -0.30 -100.08 -29.55
C SER A 1734 0.76 -99.51 -30.46
N ALA A 1735 0.77 -99.97 -31.71
CA ALA A 1735 1.56 -99.45 -32.81
C ALA A 1735 1.66 -97.93 -32.86
N MET A 1736 2.82 -97.45 -33.33
CA MET A 1736 3.51 -96.16 -33.15
C MET A 1736 4.18 -96.12 -31.79
N ILE A 1737 4.00 -97.15 -30.97
CA ILE A 1737 4.95 -97.56 -29.95
C ILE A 1737 4.88 -99.08 -30.00
N PHE A 1738 5.72 -99.74 -29.19
CA PHE A 1738 5.74 -101.20 -29.04
C PHE A 1738 6.18 -101.88 -30.33
N GLU A 1739 7.03 -101.18 -31.10
CA GLU A 1739 7.78 -101.76 -32.21
C GLU A 1739 9.23 -101.32 -32.17
N THR A 1740 9.76 -101.13 -30.98
CA THR A 1740 11.12 -100.63 -30.83
C THR A 1740 12.07 -101.81 -30.63
N ILE A 1741 13.13 -101.87 -31.44
CA ILE A 1741 14.04 -103.01 -31.49
C ILE A 1741 15.45 -102.54 -31.21
N VAL A 1742 16.10 -103.13 -30.20
CA VAL A 1742 17.49 -102.82 -29.89
C VAL A 1742 18.38 -103.96 -30.37
N ASP A 1743 19.48 -103.60 -31.01
CA ASP A 1743 20.50 -104.54 -31.42
C ASP A 1743 21.66 -104.58 -30.44
N GLY A 1744 21.38 -104.33 -29.16
CA GLY A 1744 22.43 -104.33 -28.15
C GLY A 1744 22.91 -105.71 -27.80
N LYS A 1745 22.04 -106.69 -27.93
CA LYS A 1745 22.39 -108.09 -27.74
C LYS A 1745 21.93 -108.85 -28.98
N LEU A 1746 21.75 -110.16 -28.83
CA LEU A 1746 21.01 -111.00 -29.76
C LEU A 1746 19.79 -110.26 -30.30
N LYS A 1747 19.69 -110.23 -31.64
CA LYS A 1747 19.22 -109.06 -32.38
C LYS A 1747 17.77 -108.68 -32.04
N THR A 1748 16.84 -109.62 -32.22
CA THR A 1748 15.43 -109.30 -32.10
C THR A 1748 15.09 -109.11 -30.64
N GLU A 1749 15.36 -107.91 -30.15
CA GLU A 1749 15.22 -107.54 -28.74
C GLU A 1749 14.27 -106.35 -28.69
N LYS A 1750 12.99 -106.63 -28.45
CA LYS A 1750 11.97 -105.60 -28.47
C LYS A 1750 12.07 -104.75 -27.22
N ILE A 1751 12.22 -103.44 -27.41
CA ILE A 1751 12.63 -102.59 -26.30
C ILE A 1751 11.46 -102.33 -25.38
N PHE A 1752 11.72 -102.44 -24.07
CA PHE A 1752 10.91 -101.87 -23.00
C PHE A 1752 9.51 -102.44 -23.01
N LYS A 1753 9.41 -103.68 -22.56
CA LYS A 1753 8.19 -104.46 -22.61
C LYS A 1753 7.22 -103.96 -21.53
N GLU A 1754 6.27 -104.85 -21.18
CA GLU A 1754 5.02 -104.54 -20.46
C GLU A 1754 4.21 -103.44 -21.16
N ILE A 1755 4.32 -103.36 -22.48
CA ILE A 1755 3.38 -102.57 -23.25
C ILE A 1755 2.62 -103.52 -24.16
N ASN A 1756 2.37 -104.74 -23.68
CA ASN A 1756 1.54 -105.66 -24.43
C ASN A 1756 0.07 -105.23 -24.33
N GLU A 1757 -0.72 -105.72 -25.28
CA GLU A 1757 -1.87 -105.06 -25.90
C GLU A 1757 -2.72 -104.14 -25.03
N HIS A 1758 -2.94 -104.49 -23.76
CA HIS A 1758 -3.73 -103.60 -22.92
C HIS A 1758 -2.89 -102.47 -22.35
N SER A 1759 -2.06 -102.79 -21.35
CA SER A 1759 -1.02 -101.97 -20.72
C SER A 1759 -1.38 -100.50 -20.58
N THR A 1760 -2.42 -100.26 -19.79
CA THR A 1760 -2.88 -98.90 -19.59
C THR A 1760 -1.84 -98.10 -18.80
N SER A 1761 -1.52 -96.92 -19.34
CA SER A 1761 -0.65 -95.91 -18.74
C SER A 1761 0.78 -96.44 -18.52
N TYR A 1762 1.45 -96.68 -19.63
CA TYR A 1762 2.90 -96.71 -19.57
C TYR A 1762 3.41 -95.34 -19.21
N THR A 1763 4.23 -95.27 -18.18
CA THR A 1763 4.48 -94.01 -17.48
C THR A 1763 5.96 -93.69 -17.47
N PHE A 1764 6.32 -92.52 -17.97
CA PHE A 1764 7.66 -92.00 -17.80
C PHE A 1764 7.78 -91.23 -16.51
N ARG A 1765 8.97 -91.29 -15.92
CA ARG A 1765 9.30 -90.43 -14.78
C ARG A 1765 10.80 -90.27 -14.71
N SER A 1766 11.28 -89.04 -14.57
CA SER A 1766 12.67 -88.82 -14.24
C SER A 1766 12.79 -88.58 -12.75
N GLU A 1767 13.98 -88.17 -12.31
CA GLU A 1767 14.17 -87.72 -10.94
C GLU A 1767 14.89 -86.39 -10.87
N LYS A 1768 14.96 -85.64 -11.96
CA LYS A 1768 15.64 -84.35 -11.98
C LYS A 1768 14.86 -83.33 -12.79
N GLY A 1769 13.53 -83.51 -12.87
CA GLY A 1769 12.75 -82.78 -13.84
C GLY A 1769 12.69 -83.58 -15.13
N LEU A 1770 11.62 -83.39 -15.90
CA LEU A 1770 11.45 -84.17 -17.12
C LEU A 1770 12.46 -83.79 -18.20
N LEU A 1771 12.96 -82.55 -18.18
CA LEU A 1771 13.94 -82.13 -19.17
C LEU A 1771 15.27 -82.80 -18.90
N SER A 1772 15.37 -84.07 -19.29
CA SER A 1772 16.46 -84.94 -18.90
C SER A 1772 16.45 -86.13 -19.83
N ALA A 1773 17.24 -87.15 -19.48
CA ALA A 1773 17.18 -88.51 -20.01
C ALA A 1773 17.58 -88.62 -21.48
N THR A 1774 18.01 -87.51 -22.11
CA THR A 1774 18.42 -87.43 -23.53
C THR A 1774 17.35 -87.95 -24.47
N GLN A 1775 16.10 -87.84 -24.05
CA GLN A 1775 14.98 -88.44 -24.72
C GLN A 1775 13.92 -87.44 -25.09
N PHE A 1776 13.67 -86.49 -24.22
CA PHE A 1776 12.82 -85.36 -24.52
C PHE A 1776 13.62 -84.13 -24.86
N THR A 1777 14.81 -83.98 -24.28
CA THR A 1777 15.63 -82.80 -24.52
C THR A 1777 16.07 -82.73 -25.97
N GLN A 1778 16.49 -83.86 -26.52
CA GLN A 1778 16.99 -83.87 -27.90
C GLN A 1778 15.94 -83.50 -28.94
N PRO A 1779 14.68 -83.96 -28.89
CA PRO A 1779 13.70 -83.34 -29.78
C PRO A 1779 13.38 -81.92 -29.41
N ALA A 1780 13.44 -81.57 -28.12
CA ALA A 1780 13.17 -80.20 -27.74
C ALA A 1780 14.30 -79.28 -28.18
N LEU A 1781 15.53 -79.76 -28.11
CA LEU A 1781 16.65 -78.90 -28.44
C LEU A 1781 16.70 -78.64 -29.93
N THR A 1782 16.35 -79.64 -30.74
CA THR A 1782 16.40 -79.41 -32.17
C THR A 1782 15.22 -78.59 -32.66
N LEU A 1783 14.15 -78.48 -31.89
CA LEU A 1783 13.03 -77.73 -32.39
C LEU A 1783 13.15 -76.26 -31.99
N MET A 1784 13.81 -76.02 -30.86
CA MET A 1784 13.99 -74.66 -30.37
C MET A 1784 14.81 -73.83 -31.33
N GLU A 1785 16.03 -74.29 -31.63
CA GLU A 1785 16.92 -73.51 -32.47
C GLU A 1785 16.45 -73.46 -33.91
N LYS A 1786 15.72 -74.49 -34.36
CA LYS A 1786 15.25 -74.53 -35.73
C LYS A 1786 14.27 -73.41 -35.99
N ALA A 1787 13.27 -73.27 -35.11
CA ALA A 1787 12.36 -72.14 -35.20
C ALA A 1787 13.08 -70.83 -34.91
N ALA A 1788 14.14 -70.88 -34.10
CA ALA A 1788 14.94 -69.70 -33.85
C ALA A 1788 15.70 -69.28 -35.08
N PHE A 1789 15.98 -70.21 -35.98
CA PHE A 1789 16.64 -69.83 -37.21
C PHE A 1789 15.66 -69.28 -38.23
N GLU A 1790 14.42 -69.76 -38.23
CA GLU A 1790 13.54 -69.42 -39.33
C GLU A 1790 12.98 -68.02 -39.24
N ASP A 1791 12.99 -67.42 -38.05
CA ASP A 1791 12.70 -66.00 -37.96
C ASP A 1791 13.77 -65.20 -38.69
N LEU A 1792 15.01 -65.66 -38.63
CA LEU A 1792 16.04 -65.02 -39.41
C LEU A 1792 15.85 -65.31 -40.89
N LYS A 1793 15.23 -66.43 -41.22
CA LYS A 1793 14.84 -66.68 -42.60
C LYS A 1793 13.69 -65.77 -43.00
N SER A 1794 12.85 -65.39 -42.04
CA SER A 1794 11.68 -64.58 -42.34
C SER A 1794 12.08 -63.15 -42.72
N LYS A 1795 13.24 -62.70 -42.28
CA LYS A 1795 13.68 -61.35 -42.55
C LYS A 1795 14.83 -61.28 -43.53
N GLY A 1796 15.08 -62.36 -44.28
CA GLY A 1796 16.02 -62.35 -45.38
C GLY A 1796 17.47 -62.14 -44.98
N LEU A 1797 17.89 -62.81 -43.90
CA LEU A 1797 19.21 -62.62 -43.32
C LEU A 1797 20.17 -63.74 -43.68
N ILE A 1798 19.98 -64.36 -44.85
CA ILE A 1798 20.76 -65.53 -45.22
C ILE A 1798 21.26 -65.40 -46.66
N PRO A 1799 22.56 -65.59 -46.91
CA PRO A 1799 23.08 -65.55 -48.29
C PRO A 1799 22.72 -66.78 -49.10
N ALA A 1800 23.21 -66.83 -50.33
CA ALA A 1800 22.90 -67.97 -51.20
C ALA A 1800 23.69 -69.22 -50.80
N ASP A 1801 24.81 -69.02 -50.10
CA ASP A 1801 25.60 -70.14 -49.59
C ASP A 1801 26.35 -69.71 -48.32
N ALA A 1802 26.51 -70.65 -47.41
CA ALA A 1802 27.16 -70.42 -46.14
C ALA A 1802 27.75 -71.74 -45.65
N THR A 1803 27.94 -71.84 -44.34
CA THR A 1803 28.52 -73.03 -43.72
C THR A 1803 27.47 -73.82 -42.96
N PHE A 1804 27.77 -75.08 -42.71
CA PHE A 1804 26.91 -75.98 -41.95
C PHE A 1804 27.78 -76.77 -40.99
N ALA A 1805 27.36 -76.84 -39.74
CA ALA A 1805 28.09 -77.62 -38.76
C ALA A 1805 27.14 -78.17 -37.71
N GLY A 1806 27.66 -79.07 -36.88
CA GLY A 1806 26.93 -79.58 -35.75
C GLY A 1806 27.91 -80.23 -34.79
N HIS A 1807 27.43 -80.50 -33.58
CA HIS A 1807 28.28 -81.15 -32.59
C HIS A 1807 27.44 -82.23 -31.92
N SER A 1808 27.41 -83.40 -32.54
CA SER A 1808 26.77 -84.65 -32.10
C SER A 1808 25.24 -84.58 -32.02
N LEU A 1809 24.67 -83.40 -32.21
CA LEU A 1809 23.24 -83.24 -32.42
C LEU A 1809 22.92 -82.32 -33.58
N GLY A 1810 23.71 -81.26 -33.76
CA GLY A 1810 23.44 -80.28 -34.79
C GLY A 1810 23.63 -80.77 -36.20
N GLU A 1811 24.31 -81.91 -36.36
CA GLU A 1811 24.40 -82.56 -37.67
C GLU A 1811 23.04 -83.08 -38.10
N TYR A 1812 22.23 -83.51 -37.14
CA TYR A 1812 20.86 -83.86 -37.45
C TYR A 1812 20.04 -82.63 -37.80
N ALA A 1813 20.18 -81.57 -37.01
CA ALA A 1813 19.53 -80.31 -37.33
C ALA A 1813 20.40 -79.46 -38.24
N ALA A 1814 20.92 -80.09 -39.28
CA ALA A 1814 21.67 -79.40 -40.32
C ALA A 1814 20.90 -79.37 -41.63
N LEU A 1815 20.59 -80.54 -42.17
CA LEU A 1815 19.70 -80.65 -43.29
C LEU A 1815 18.26 -80.77 -42.84
N ALA A 1816 18.02 -80.67 -41.53
CA ALA A 1816 16.71 -80.38 -40.98
C ALA A 1816 16.51 -78.90 -40.79
N SER A 1817 17.60 -78.18 -40.53
CA SER A 1817 17.61 -76.72 -40.56
C SER A 1817 17.73 -76.27 -42.01
N LEU A 1818 18.21 -75.03 -42.18
CA LEU A 1818 18.50 -74.40 -43.46
C LEU A 1818 19.12 -75.37 -44.47
N ALA A 1819 18.62 -75.27 -45.70
CA ALA A 1819 18.58 -76.38 -46.66
C ALA A 1819 17.95 -77.61 -46.00
N ASP A 1820 16.64 -77.53 -45.81
CA ASP A 1820 15.91 -78.67 -45.29
C ASP A 1820 15.60 -79.67 -46.41
N VAL A 1821 15.76 -80.96 -46.08
CA VAL A 1821 15.39 -82.04 -46.97
C VAL A 1821 14.27 -82.88 -46.40
N MET A 1822 13.99 -82.74 -45.12
CA MET A 1822 12.97 -83.53 -44.48
C MET A 1822 11.80 -82.64 -44.05
N SER A 1823 10.71 -83.27 -43.64
CA SER A 1823 9.60 -82.55 -43.08
C SER A 1823 9.90 -82.21 -41.63
N ILE A 1824 9.02 -81.44 -41.01
CA ILE A 1824 9.13 -81.16 -39.59
C ILE A 1824 8.84 -82.41 -38.78
N GLU A 1825 7.77 -83.11 -39.13
CA GLU A 1825 7.36 -84.27 -38.35
C GLU A 1825 8.28 -85.46 -38.59
N SER A 1826 8.96 -85.50 -39.74
CA SER A 1826 9.95 -86.54 -39.95
C SER A 1826 11.16 -86.32 -39.07
N LEU A 1827 11.45 -85.07 -38.73
CA LEU A 1827 12.56 -84.77 -37.85
C LEU A 1827 12.31 -85.29 -36.45
N VAL A 1828 11.17 -84.89 -35.86
CA VAL A 1828 10.97 -85.12 -34.44
C VAL A 1828 10.76 -86.59 -34.10
N GLU A 1829 10.35 -87.40 -35.07
CA GLU A 1829 10.28 -88.84 -34.83
C GLU A 1829 11.68 -89.43 -34.73
N VAL A 1830 12.51 -89.16 -35.72
CA VAL A 1830 13.80 -89.83 -35.80
C VAL A 1830 14.79 -89.30 -34.76
N VAL A 1831 14.50 -88.17 -34.16
CA VAL A 1831 15.29 -87.76 -33.00
C VAL A 1831 14.88 -88.56 -31.78
N PHE A 1832 13.57 -88.60 -31.53
CA PHE A 1832 13.03 -89.35 -30.40
C PHE A 1832 13.26 -90.83 -30.54
N TYR A 1833 13.29 -91.32 -31.79
CA TYR A 1833 13.82 -92.64 -32.08
C TYR A 1833 15.26 -92.75 -31.59
N ARG A 1834 16.11 -91.82 -32.02
CA ARG A 1834 17.51 -91.87 -31.66
C ARG A 1834 17.72 -91.54 -30.19
N GLY A 1835 16.97 -90.57 -29.68
CA GLY A 1835 17.08 -90.20 -28.28
C GLY A 1835 16.57 -91.27 -27.34
N MET A 1836 15.79 -92.21 -27.87
CA MET A 1836 15.54 -93.45 -27.14
C MET A 1836 16.63 -94.47 -27.40
N THR A 1837 17.25 -94.44 -28.58
CA THR A 1837 18.16 -95.51 -28.98
C THR A 1837 19.46 -95.46 -28.19
N MET A 1838 19.95 -94.26 -27.91
CA MET A 1838 21.16 -94.10 -27.13
C MET A 1838 21.01 -94.55 -25.69
N GLN A 1839 19.79 -94.54 -25.16
CA GLN A 1839 19.56 -94.99 -23.79
C GLN A 1839 19.74 -96.48 -23.65
N VAL A 1840 19.40 -97.24 -24.67
CA VAL A 1840 19.53 -98.68 -24.62
C VAL A 1840 20.81 -99.14 -25.30
N ALA A 1841 21.84 -98.30 -25.29
CA ALA A 1841 23.14 -98.72 -25.82
C ALA A 1841 23.76 -99.85 -24.99
N VAL A 1842 23.41 -99.94 -23.71
CA VAL A 1842 23.94 -100.99 -22.85
C VAL A 1842 22.89 -101.48 -21.86
N PRO A 1843 22.66 -102.78 -21.78
CA PRO A 1843 21.85 -103.35 -20.69
C PRO A 1843 22.69 -103.53 -19.43
N ARG A 1844 22.43 -102.70 -18.43
CA ARG A 1844 23.27 -102.72 -17.25
C ARG A 1844 22.53 -102.12 -16.07
N ASP A 1845 22.70 -102.76 -14.91
CA ASP A 1845 22.30 -102.25 -13.60
C ASP A 1845 20.81 -101.98 -13.46
N GLU A 1846 20.05 -103.04 -13.20
CA GLU A 1846 18.61 -103.02 -12.94
C GLU A 1846 18.09 -101.95 -11.97
N LEU A 1847 18.94 -101.43 -11.08
CA LEU A 1847 18.55 -100.30 -10.21
C LEU A 1847 18.85 -98.98 -10.93
N GLY A 1848 20.12 -98.75 -11.23
CA GLY A 1848 20.51 -97.91 -12.34
C GLY A 1848 21.79 -97.14 -12.06
N ARG A 1849 22.81 -97.44 -12.85
CA ARG A 1849 24.22 -97.13 -12.67
C ARG A 1849 24.89 -97.46 -13.99
N SER A 1850 26.14 -97.03 -14.19
CA SER A 1850 26.74 -97.17 -15.50
C SER A 1850 28.20 -97.58 -15.37
N ASN A 1851 28.64 -98.38 -16.34
CA ASN A 1851 30.05 -98.73 -16.49
C ASN A 1851 30.72 -97.88 -17.55
N TYR A 1852 30.10 -96.77 -17.94
CA TYR A 1852 30.60 -95.91 -19.00
C TYR A 1852 30.81 -94.52 -18.40
N GLY A 1853 31.18 -93.58 -19.26
CA GLY A 1853 31.36 -92.21 -18.79
C GLY A 1853 32.18 -91.41 -19.79
N MET A 1854 32.26 -90.10 -19.51
CA MET A 1854 33.06 -89.19 -20.29
C MET A 1854 33.94 -88.40 -19.34
N ILE A 1855 35.17 -88.09 -19.79
CA ILE A 1855 36.09 -87.26 -19.03
C ILE A 1855 36.61 -86.16 -19.96
N ALA A 1856 36.88 -85.00 -19.37
CA ALA A 1856 37.49 -83.88 -20.06
C ALA A 1856 38.93 -83.74 -19.58
N ILE A 1857 39.68 -82.86 -20.23
CA ILE A 1857 41.12 -82.72 -19.95
C ILE A 1857 41.55 -81.29 -20.23
N ASN A 1858 42.63 -80.90 -19.59
CA ASN A 1858 43.53 -79.77 -19.75
C ASN A 1858 44.55 -80.09 -20.84
N PRO A 1859 45.27 -79.09 -21.33
CA PRO A 1859 46.62 -79.35 -21.82
C PRO A 1859 47.49 -79.77 -20.65
N GLY A 1860 48.38 -80.71 -20.91
CA GLY A 1860 48.95 -81.52 -19.88
C GLY A 1860 50.45 -81.41 -19.73
N ARG A 1861 51.01 -80.18 -19.58
CA ARG A 1861 52.45 -79.94 -19.61
C ARG A 1861 52.99 -80.31 -20.99
N VAL A 1862 53.05 -79.34 -21.89
CA VAL A 1862 52.54 -79.23 -23.26
C VAL A 1862 52.23 -80.53 -23.99
N ALA A 1863 51.11 -80.51 -24.72
CA ALA A 1863 50.17 -81.60 -24.96
C ALA A 1863 49.83 -81.70 -26.45
N ALA A 1864 48.64 -82.20 -26.77
CA ALA A 1864 48.11 -82.33 -28.12
C ALA A 1864 48.95 -83.28 -28.96
N SER A 1865 48.69 -84.59 -28.74
CA SER A 1865 49.44 -85.78 -29.16
C SER A 1865 50.61 -86.04 -28.23
N PHE A 1866 50.55 -85.46 -27.04
CA PHE A 1866 51.26 -85.96 -25.88
C PHE A 1866 50.84 -87.39 -25.63
N SER A 1867 49.57 -87.55 -25.22
CA SER A 1867 49.04 -88.82 -24.72
C SER A 1867 48.09 -89.47 -25.71
N GLN A 1868 48.10 -89.01 -26.96
CA GLN A 1868 47.23 -89.59 -27.97
C GLN A 1868 47.60 -91.03 -28.28
N GLU A 1869 48.88 -91.34 -28.29
CA GLU A 1869 49.29 -92.74 -28.38
C GLU A 1869 49.27 -93.44 -27.04
N ALA A 1870 49.43 -92.69 -25.94
CA ALA A 1870 49.58 -93.31 -24.64
C ALA A 1870 48.27 -93.90 -24.14
N LEU A 1871 47.14 -93.30 -24.52
CA LEU A 1871 45.85 -93.90 -24.23
C LEU A 1871 45.67 -95.18 -25.04
N GLN A 1872 46.26 -95.22 -26.23
CA GLN A 1872 46.26 -96.45 -26.99
C GLN A 1872 47.20 -97.49 -26.44
N TYR A 1873 48.09 -97.09 -25.52
CA TYR A 1873 48.82 -98.10 -24.77
C TYR A 1873 47.99 -98.65 -23.64
N VAL A 1874 47.01 -97.89 -23.17
CA VAL A 1874 46.13 -98.39 -22.14
C VAL A 1874 45.19 -99.44 -22.72
N VAL A 1875 44.81 -99.29 -23.99
CA VAL A 1875 43.83 -100.20 -24.59
C VAL A 1875 44.47 -101.46 -25.15
N GLU A 1876 45.77 -101.64 -24.93
CA GLU A 1876 46.37 -102.96 -25.00
C GLU A 1876 45.55 -103.97 -24.19
N ARG A 1877 45.12 -103.57 -23.01
CA ARG A 1877 44.62 -104.51 -22.01
C ARG A 1877 43.11 -104.61 -21.92
N VAL A 1878 42.37 -103.49 -21.86
CA VAL A 1878 40.96 -103.51 -21.49
C VAL A 1878 40.07 -102.91 -22.58
N GLY A 1879 40.34 -101.66 -23.00
CA GLY A 1879 39.55 -101.07 -24.07
C GLY A 1879 38.77 -99.81 -23.71
N LYS A 1880 39.11 -98.69 -24.36
CA LYS A 1880 38.37 -97.44 -24.29
C LYS A 1880 38.74 -96.62 -25.53
N ARG A 1881 38.08 -95.48 -25.70
CA ARG A 1881 38.33 -94.63 -26.87
C ARG A 1881 38.51 -93.19 -26.41
N THR A 1882 38.71 -92.32 -27.38
CA THR A 1882 38.54 -90.90 -27.15
C THR A 1882 37.17 -90.48 -27.64
N GLY A 1883 36.62 -89.45 -27.01
CA GLY A 1883 35.37 -88.87 -27.46
C GLY A 1883 35.62 -87.95 -28.63
N TRP A 1884 35.02 -86.76 -28.61
CA TRP A 1884 35.21 -85.85 -29.73
C TRP A 1884 36.39 -84.93 -29.48
N LEU A 1885 37.32 -84.93 -30.43
CA LEU A 1885 38.53 -84.12 -30.37
C LEU A 1885 38.11 -82.68 -30.62
N VAL A 1886 37.71 -82.01 -29.55
CA VAL A 1886 36.99 -80.76 -29.71
C VAL A 1886 37.94 -79.57 -29.85
N GLU A 1887 39.03 -79.56 -29.11
CA GLU A 1887 40.00 -78.47 -29.21
C GLU A 1887 41.38 -79.01 -28.91
N ILE A 1888 42.34 -78.10 -28.73
CA ILE A 1888 43.62 -78.50 -28.14
C ILE A 1888 43.56 -78.32 -26.63
N VAL A 1889 42.87 -77.29 -26.17
CA VAL A 1889 42.64 -77.08 -24.75
C VAL A 1889 41.41 -77.81 -24.27
N ASN A 1890 40.85 -78.69 -25.10
CA ASN A 1890 39.63 -79.40 -24.74
C ASN A 1890 39.62 -80.73 -25.48
N TYR A 1891 39.36 -81.81 -24.75
CA TYR A 1891 39.25 -83.13 -25.36
C TYR A 1891 38.24 -83.96 -24.59
N ASN A 1892 37.76 -85.01 -25.25
CA ASN A 1892 36.86 -85.97 -24.64
C ASN A 1892 37.45 -87.37 -24.81
N VAL A 1893 37.29 -88.20 -23.79
CA VAL A 1893 37.78 -89.56 -23.83
C VAL A 1893 36.65 -90.51 -23.44
N GLU A 1894 36.38 -91.47 -24.30
CA GLU A 1894 35.37 -92.47 -24.00
C GLU A 1894 35.89 -93.39 -22.92
N ASN A 1895 35.09 -93.55 -21.87
CA ASN A 1895 35.57 -94.15 -20.64
C ASN A 1895 34.87 -95.47 -20.39
N GLN A 1896 35.64 -96.48 -20.00
CA GLN A 1896 35.08 -97.71 -19.47
C GLN A 1896 35.43 -97.69 -18.00
N GLN A 1897 34.39 -97.62 -17.14
CA GLN A 1897 34.35 -96.95 -15.83
C GLN A 1897 35.62 -96.95 -14.99
N TYR A 1898 36.39 -98.04 -15.03
CA TYR A 1898 37.68 -98.10 -14.36
C TYR A 1898 38.70 -97.09 -14.88
N VAL A 1899 38.52 -96.54 -16.09
CA VAL A 1899 39.48 -95.56 -16.61
C VAL A 1899 39.40 -94.26 -15.82
N ALA A 1900 38.19 -93.89 -15.39
CA ALA A 1900 37.99 -92.67 -14.61
C ALA A 1900 38.58 -92.81 -13.20
N ALA A 1901 38.73 -94.03 -12.73
CA ALA A 1901 39.31 -94.26 -11.41
C ALA A 1901 40.72 -94.80 -11.48
N GLY A 1902 40.98 -95.81 -12.30
CA GLY A 1902 42.29 -96.45 -12.30
C GLY A 1902 43.32 -95.65 -13.07
N ASP A 1903 42.94 -95.16 -14.24
CA ASP A 1903 43.91 -94.41 -15.02
C ASP A 1903 44.02 -92.95 -14.63
N LEU A 1904 43.29 -92.50 -13.60
CA LEU A 1904 43.41 -91.12 -13.16
C LEU A 1904 44.77 -90.85 -12.54
N ARG A 1905 45.26 -91.79 -11.73
CA ARG A 1905 46.63 -91.67 -11.23
C ARG A 1905 47.64 -91.91 -12.32
N ALA A 1906 47.27 -92.67 -13.35
CA ALA A 1906 48.16 -92.85 -14.51
C ALA A 1906 48.37 -91.54 -15.24
N LEU A 1907 47.34 -90.69 -15.28
CA LEU A 1907 47.49 -89.37 -15.87
C LEU A 1907 47.92 -88.33 -14.84
N ASP A 1908 47.75 -88.62 -13.55
CA ASP A 1908 48.29 -87.75 -12.52
C ASP A 1908 49.73 -88.08 -12.17
N THR A 1909 50.28 -89.16 -12.72
CA THR A 1909 51.70 -89.42 -12.58
C THR A 1909 52.53 -88.44 -13.39
N VAL A 1910 51.98 -87.96 -14.49
CA VAL A 1910 52.75 -87.22 -15.47
C VAL A 1910 52.87 -85.74 -15.11
N THR A 1911 51.95 -85.21 -14.29
CA THR A 1911 52.08 -83.83 -13.83
C THR A 1911 53.25 -83.67 -12.87
N ASN A 1912 53.74 -84.75 -12.28
CA ASN A 1912 55.09 -84.78 -11.74
C ASN A 1912 56.04 -84.59 -12.91
N VAL A 1913 56.86 -83.54 -12.83
CA VAL A 1913 57.37 -82.77 -13.96
C VAL A 1913 58.10 -83.62 -15.01
N LEU A 1914 57.47 -83.76 -16.19
CA LEU A 1914 58.03 -84.63 -17.22
C LEU A 1914 57.49 -84.21 -18.59
N ASN A 1915 58.31 -83.46 -19.34
CA ASN A 1915 58.02 -83.11 -20.73
C ASN A 1915 58.69 -84.08 -21.69
N PHE A 1916 58.78 -83.71 -22.97
CA PHE A 1916 59.33 -84.59 -23.98
C PHE A 1916 60.83 -84.81 -23.79
N ILE A 1917 61.24 -86.08 -23.85
CA ILE A 1917 62.62 -86.49 -23.68
C ILE A 1917 62.95 -87.32 -24.91
N LYS A 1918 64.08 -88.02 -24.91
CA LYS A 1918 64.51 -88.79 -26.08
C LYS A 1918 63.76 -90.11 -26.25
N LEU A 1919 64.33 -91.00 -27.08
CA LEU A 1919 63.66 -92.13 -27.73
C LEU A 1919 62.88 -93.07 -26.81
N GLN A 1920 61.90 -93.74 -27.41
CA GLN A 1920 60.84 -94.48 -26.74
C GLN A 1920 61.15 -95.98 -26.71
N LYS A 1921 60.09 -96.76 -26.41
CA LYS A 1921 60.01 -98.23 -26.34
C LYS A 1921 60.67 -98.79 -25.10
N ILE A 1922 60.98 -97.93 -24.14
CA ILE A 1922 61.40 -98.34 -22.79
C ILE A 1922 60.58 -97.47 -21.82
N ASP A 1923 59.40 -97.95 -21.46
CA ASP A 1923 58.25 -97.06 -21.55
C ASP A 1923 57.16 -97.45 -20.55
N ILE A 1924 55.95 -97.18 -20.97
CA ILE A 1924 54.61 -97.23 -20.39
C ILE A 1924 54.16 -98.64 -19.99
N ILE A 1925 52.84 -98.88 -19.85
CA ILE A 1925 51.99 -99.36 -18.78
C ILE A 1925 52.50 -100.33 -17.72
N GLU A 1926 53.76 -100.77 -17.79
CA GLU A 1926 54.35 -101.41 -16.61
C GLU A 1926 54.33 -100.50 -15.38
N LEU A 1927 54.25 -99.18 -15.56
CA LEU A 1927 53.98 -98.26 -14.46
C LEU A 1927 52.50 -98.02 -14.24
N GLN A 1928 51.68 -98.20 -15.27
CA GLN A 1928 50.28 -97.75 -15.21
C GLN A 1928 49.39 -98.80 -14.57
N LYS A 1929 49.48 -100.06 -15.03
CA LYS A 1929 48.66 -101.16 -14.52
C LYS A 1929 49.03 -101.57 -13.11
N SER A 1930 50.05 -100.96 -12.51
CA SER A 1930 50.21 -100.95 -11.07
C SER A 1930 49.09 -100.17 -10.38
N LEU A 1931 48.35 -99.32 -11.10
CA LEU A 1931 47.33 -98.49 -10.50
C LEU A 1931 45.92 -98.79 -10.98
N SER A 1932 45.78 -99.41 -12.15
CA SER A 1932 44.45 -99.66 -12.70
C SER A 1932 43.72 -100.73 -11.91
N LEU A 1933 44.41 -101.82 -11.59
CA LEU A 1933 43.86 -102.93 -10.83
C LEU A 1933 43.89 -102.68 -9.32
N GLU A 1934 44.17 -101.44 -8.93
CA GLU A 1934 44.43 -101.10 -7.54
C GLU A 1934 43.17 -100.63 -6.82
N GLU A 1935 42.21 -100.07 -7.56
CA GLU A 1935 40.96 -99.60 -6.97
C GLU A 1935 39.75 -100.35 -7.49
N VAL A 1936 39.94 -101.42 -8.26
CA VAL A 1936 38.83 -102.31 -8.58
C VAL A 1936 38.32 -102.97 -7.31
N GLU A 1937 39.23 -103.29 -6.39
CA GLU A 1937 38.88 -103.68 -5.02
C GLU A 1937 38.38 -102.51 -4.19
N GLY A 1938 38.61 -101.28 -4.65
CA GLY A 1938 38.08 -100.13 -3.95
C GLY A 1938 36.57 -100.10 -3.96
N HIS A 1939 35.95 -100.25 -5.14
CA HIS A 1939 34.51 -100.13 -5.23
C HIS A 1939 33.99 -100.82 -6.49
N LEU A 1940 32.66 -100.85 -6.62
CA LEU A 1940 31.97 -101.45 -7.75
C LEU A 1940 31.50 -100.44 -8.79
N PHE A 1941 31.07 -99.25 -8.38
CA PHE A 1941 30.60 -98.24 -9.32
C PHE A 1941 31.19 -96.92 -8.92
N GLU A 1942 32.52 -96.89 -8.86
CA GLU A 1942 33.32 -95.85 -8.20
C GLU A 1942 33.03 -94.40 -8.58
N ILE A 1943 32.87 -93.56 -7.57
CA ILE A 1943 32.72 -92.13 -7.78
C ILE A 1943 34.07 -91.58 -8.22
N ILE A 1944 34.06 -90.61 -9.12
CA ILE A 1944 35.28 -90.14 -9.77
C ILE A 1944 36.11 -89.21 -8.90
N ASP A 1945 36.95 -88.41 -9.56
CA ASP A 1945 37.81 -87.45 -8.90
C ASP A 1945 38.27 -86.37 -9.89
N GLU A 1946 38.95 -85.35 -9.38
CA GLU A 1946 39.50 -84.30 -10.22
C GLU A 1946 40.97 -84.60 -10.53
N ALA A 1947 41.86 -83.62 -10.32
CA ALA A 1947 43.31 -83.71 -10.54
C ALA A 1947 43.71 -84.17 -11.94
N SER A 1948 43.92 -83.19 -12.83
CA SER A 1948 44.21 -83.37 -14.26
C SER A 1948 43.18 -84.22 -15.00
N LYS A 1949 41.94 -84.25 -14.52
CA LYS A 1949 40.87 -85.04 -15.13
C LYS A 1949 39.50 -84.56 -14.63
N LYS A 1950 38.86 -83.69 -15.40
CA LYS A 1950 37.55 -83.18 -15.03
C LYS A 1950 36.47 -84.08 -15.62
N SER A 1951 35.59 -84.57 -14.74
CA SER A 1951 34.62 -85.57 -15.12
C SER A 1951 33.37 -84.99 -15.76
N ALA A 1952 32.69 -85.81 -16.56
CA ALA A 1952 31.37 -85.47 -17.07
C ALA A 1952 30.37 -86.35 -16.35
N VAL A 1953 29.16 -86.43 -16.86
CA VAL A 1953 28.12 -87.17 -16.15
C VAL A 1953 27.16 -87.94 -17.05
N LYS A 1954 27.66 -88.48 -18.15
CA LYS A 1954 26.83 -89.27 -19.05
C LYS A 1954 26.76 -90.73 -18.58
N PRO A 1955 26.40 -91.63 -19.49
CA PRO A 1955 26.28 -93.05 -19.16
C PRO A 1955 26.36 -93.94 -20.40
N ARG A 1956 27.16 -93.54 -21.38
CA ARG A 1956 27.22 -94.28 -22.63
C ARG A 1956 28.53 -94.02 -23.36
N PRO A 1957 28.45 -94.04 -24.69
CA PRO A 1957 29.59 -93.71 -25.51
C PRO A 1957 29.14 -92.77 -26.60
N LEU A 1958 29.93 -92.68 -27.66
CA LEU A 1958 29.58 -91.91 -28.84
C LEU A 1958 30.34 -92.53 -29.99
N LYS A 1959 30.91 -93.70 -29.73
CA LYS A 1959 31.69 -94.44 -30.72
C LYS A 1959 31.71 -95.95 -30.49
N LEU A 1960 31.71 -96.38 -29.23
CA LEU A 1960 31.83 -97.80 -28.87
C LEU A 1960 30.58 -98.66 -29.15
N GLU A 1961 29.58 -98.06 -29.76
CA GLU A 1961 28.37 -98.72 -30.20
C GLU A 1961 28.69 -99.81 -31.20
N ARG A 1962 29.53 -99.45 -32.17
CA ARG A 1962 30.05 -100.34 -33.21
C ARG A 1962 28.93 -101.04 -33.97
N GLY A 1963 28.52 -102.16 -33.42
CA GLY A 1963 27.41 -102.91 -33.97
C GLY A 1963 26.09 -102.40 -33.42
N PHE A 1964 25.81 -101.12 -33.66
CA PHE A 1964 24.53 -100.53 -33.30
C PHE A 1964 23.99 -99.76 -34.48
N ALA A 1965 24.24 -100.30 -35.67
CA ALA A 1965 23.65 -99.79 -36.87
C ALA A 1965 22.93 -100.95 -37.50
N CYS A 1966 23.32 -101.29 -38.73
CA CYS A 1966 22.76 -102.41 -39.51
C CYS A 1966 21.24 -102.34 -39.64
N ILE A 1967 20.54 -102.73 -38.57
CA ILE A 1967 19.09 -102.67 -38.55
C ILE A 1967 18.61 -101.66 -37.51
N PRO A 1968 19.50 -100.79 -37.05
CA PRO A 1968 19.11 -99.78 -36.10
C PRO A 1968 18.50 -98.60 -36.83
N LEU A 1969 19.09 -97.44 -36.65
CA LEU A 1969 18.67 -96.22 -37.34
C LEU A 1969 19.02 -96.35 -38.81
N VAL A 1970 20.03 -97.19 -39.07
CA VAL A 1970 20.41 -97.63 -40.40
C VAL A 1970 19.24 -98.24 -41.16
N GLY A 1971 18.32 -98.89 -40.46
CA GLY A 1971 17.13 -99.39 -41.08
C GLY A 1971 16.07 -98.31 -41.16
N ILE A 1972 15.97 -97.52 -40.10
CA ILE A 1972 14.84 -96.62 -39.93
C ILE A 1972 14.87 -95.40 -40.83
N SER A 1973 16.04 -95.08 -41.35
CA SER A 1973 16.19 -93.88 -42.14
C SER A 1973 15.66 -94.07 -43.55
N VAL A 1974 15.53 -95.32 -43.99
CA VAL A 1974 14.99 -95.61 -45.32
C VAL A 1974 13.51 -95.27 -45.31
N PRO A 1975 12.88 -95.49 -44.16
CA PRO A 1975 11.56 -94.95 -43.95
C PRO A 1975 11.76 -93.47 -43.68
N PHE A 1976 10.86 -92.66 -44.24
CA PHE A 1976 10.74 -91.23 -43.96
C PHE A 1976 11.98 -90.37 -44.22
N HIS A 1977 12.83 -90.73 -45.20
CA HIS A 1977 13.92 -89.87 -45.66
C HIS A 1977 14.45 -90.31 -47.02
N SER A 1978 13.67 -91.08 -47.77
CA SER A 1978 14.17 -91.67 -49.00
C SER A 1978 13.52 -91.09 -50.23
N THR A 1979 14.33 -90.81 -51.24
CA THR A 1979 13.98 -90.18 -52.53
C THR A 1979 13.43 -88.75 -52.39
N TYR A 1980 13.59 -87.99 -53.47
CA TYR A 1980 13.33 -86.54 -53.54
C TYR A 1980 14.04 -85.81 -52.40
N LEU A 1981 15.36 -86.00 -52.35
CA LEU A 1981 16.19 -85.44 -51.28
C LEU A 1981 16.99 -84.25 -51.77
N MET A 1982 16.30 -83.34 -52.45
CA MET A 1982 16.84 -82.07 -52.96
C MET A 1982 18.02 -82.21 -53.93
N ASN A 1983 18.53 -81.05 -54.35
CA ASN A 1983 19.62 -81.02 -55.29
C ASN A 1983 20.94 -81.12 -54.56
N GLY A 1984 22.00 -80.69 -55.23
CA GLY A 1984 23.31 -80.61 -54.62
C GLY A 1984 23.52 -79.21 -54.07
N VAL A 1985 22.43 -78.60 -53.62
CA VAL A 1985 22.47 -77.31 -52.97
C VAL A 1985 23.22 -77.45 -51.67
N LYS A 1986 23.10 -78.62 -51.05
CA LYS A 1986 23.94 -78.97 -49.92
C LYS A 1986 25.26 -79.56 -50.41
N PRO A 1987 26.08 -78.74 -51.05
CA PRO A 1987 27.42 -79.17 -51.43
C PRO A 1987 28.40 -78.67 -50.39
N PHE A 1988 27.86 -78.10 -49.31
CA PHE A 1988 28.67 -77.51 -48.26
C PHE A 1988 28.33 -78.02 -46.87
N LYS A 1989 27.57 -79.11 -46.79
CA LYS A 1989 27.23 -79.70 -45.50
C LYS A 1989 28.37 -80.55 -44.98
N SER A 1990 29.47 -79.90 -44.60
CA SER A 1990 30.65 -80.57 -44.11
C SER A 1990 30.37 -81.23 -42.79
N PHE A 1991 29.82 -82.44 -42.85
CA PHE A 1991 29.35 -83.14 -41.66
C PHE A 1991 30.50 -83.64 -40.80
N LEU A 1992 30.17 -84.12 -39.61
CA LEU A 1992 31.15 -84.62 -38.66
C LEU A 1992 31.87 -85.85 -39.20
N LYS A 1993 33.13 -85.98 -38.81
CA LYS A 1993 34.05 -87.03 -39.26
C LYS A 1993 34.16 -87.11 -40.78
N LYS A 1994 34.33 -85.95 -41.41
CA LYS A 1994 34.44 -85.87 -42.85
C LYS A 1994 35.14 -84.60 -43.27
N ASN A 1995 35.00 -84.26 -44.55
CA ASN A 1995 35.58 -83.04 -45.09
C ASN A 1995 34.77 -82.57 -46.29
N ILE A 1996 34.15 -81.40 -46.16
CA ILE A 1996 33.27 -80.79 -47.16
C ILE A 1996 32.13 -81.73 -47.60
N ILE A 1997 31.64 -81.52 -48.81
CA ILE A 1997 30.57 -82.37 -49.36
C ILE A 1997 30.63 -82.38 -50.88
N LYS A 1998 31.33 -83.38 -51.43
CA LYS A 1998 31.51 -83.50 -52.88
C LYS A 1998 31.11 -84.89 -53.37
N GLU A 1999 30.17 -84.93 -54.30
CA GLU A 1999 29.62 -86.18 -54.78
C GLU A 1999 30.48 -86.87 -55.82
N ASN A 2000 31.71 -87.24 -55.47
CA ASN A 2000 32.62 -87.85 -56.43
C ASN A 2000 33.25 -89.13 -55.89
N VAL A 2001 34.58 -89.23 -55.98
CA VAL A 2001 35.31 -90.37 -55.46
C VAL A 2001 35.72 -90.08 -54.02
N LYS A 2002 34.71 -89.97 -53.15
CA LYS A 2002 34.97 -89.80 -51.74
C LYS A 2002 35.32 -91.16 -51.16
N VAL A 2003 36.59 -91.52 -51.28
CA VAL A 2003 37.04 -92.84 -50.85
C VAL A 2003 37.30 -92.87 -49.36
N ALA A 2004 37.32 -91.69 -48.73
CA ALA A 2004 37.57 -91.59 -47.30
C ALA A 2004 36.36 -92.06 -46.50
N ARG A 2005 35.21 -92.14 -47.16
CA ARG A 2005 34.02 -92.70 -46.55
C ARG A 2005 34.17 -94.19 -46.35
N LEU A 2006 35.00 -94.83 -47.18
CA LEU A 2006 35.22 -96.27 -47.09
C LEU A 2006 36.03 -96.61 -45.85
N ALA A 2007 36.82 -95.66 -45.37
CA ALA A 2007 37.58 -95.85 -44.15
C ALA A 2007 36.77 -95.42 -42.93
N GLY A 2008 35.64 -96.07 -42.73
CA GLY A 2008 34.73 -95.68 -41.66
C GLY A 2008 33.92 -96.87 -41.16
N LYS A 2009 32.94 -97.27 -41.95
CA LYS A 2009 32.10 -98.41 -41.63
C LYS A 2009 31.59 -99.02 -42.91
N TYR A 2010 32.36 -99.95 -43.47
CA TYR A 2010 32.10 -100.50 -44.80
C TYR A 2010 30.86 -101.37 -44.85
N ILE A 2011 30.01 -101.12 -45.85
CA ILE A 2011 28.80 -101.88 -46.03
C ILE A 2011 28.37 -101.77 -47.47
N PRO A 2012 27.69 -100.67 -47.77
CA PRO A 2012 27.31 -100.36 -49.14
C PRO A 2012 28.41 -99.53 -49.76
N ASN A 2013 29.36 -99.12 -48.92
CA ASN A 2013 30.48 -98.26 -49.33
C ASN A 2013 31.66 -99.06 -49.88
N LEU A 2014 31.37 -100.23 -50.42
CA LEU A 2014 32.28 -100.99 -51.24
C LEU A 2014 31.38 -101.80 -52.14
N THR A 2015 30.08 -101.55 -51.99
CA THR A 2015 29.07 -102.18 -52.80
C THR A 2015 28.54 -101.17 -53.79
N ALA A 2016 28.69 -99.90 -53.46
CA ALA A 2016 28.31 -98.83 -54.36
C ALA A 2016 29.55 -98.04 -54.74
N LYS A 2017 30.69 -98.65 -54.50
CA LYS A 2017 31.96 -97.98 -54.76
C LYS A 2017 32.61 -98.55 -56.01
N PRO A 2018 33.46 -99.53 -55.80
CA PRO A 2018 34.23 -100.13 -56.88
C PRO A 2018 33.37 -101.03 -57.74
N PHE A 2019 32.25 -101.48 -57.21
CA PHE A 2019 31.28 -102.22 -58.00
C PHE A 2019 30.65 -101.23 -58.94
N GLN A 2020 30.44 -100.02 -58.42
CA GLN A 2020 29.90 -98.93 -59.21
C GLN A 2020 31.02 -98.23 -59.98
N VAL A 2021 31.19 -96.94 -59.72
CA VAL A 2021 32.10 -96.03 -60.44
C VAL A 2021 31.85 -96.01 -61.94
N THR A 2022 31.10 -95.00 -62.37
CA THR A 2022 30.65 -94.80 -63.75
C THR A 2022 29.88 -96.01 -64.27
N LYS A 2023 28.82 -96.36 -63.55
CA LYS A 2023 27.93 -97.43 -63.98
C LYS A 2023 26.76 -96.85 -64.75
N GLU A 2024 26.86 -95.58 -65.11
CA GLU A 2024 25.85 -94.91 -65.91
C GLU A 2024 26.48 -93.78 -66.72
N TYR A 2025 25.80 -92.65 -66.79
CA TYR A 2025 26.27 -91.55 -67.60
C TYR A 2025 26.43 -90.28 -66.77
N PHE A 2026 26.31 -90.40 -65.44
CA PHE A 2026 26.48 -89.31 -64.46
C PHE A 2026 25.61 -88.08 -64.72
N GLN A 2027 24.37 -88.29 -65.16
CA GLN A 2027 23.44 -87.20 -65.40
C GLN A 2027 22.80 -86.76 -64.10
N ASP A 2028 21.84 -85.85 -64.19
CA ASP A 2028 21.09 -85.44 -63.01
C ASP A 2028 20.02 -86.48 -62.72
N VAL A 2029 18.76 -86.05 -62.84
CA VAL A 2029 17.57 -86.91 -62.76
C VAL A 2029 17.49 -87.74 -61.48
N TYR A 2030 18.26 -88.82 -61.47
CA TYR A 2030 18.28 -89.74 -60.35
C TYR A 2030 19.70 -90.12 -59.98
N ASP A 2031 20.59 -90.06 -60.97
CA ASP A 2031 21.99 -90.42 -60.79
C ASP A 2031 22.65 -89.44 -59.85
N LEU A 2032 22.24 -88.19 -59.95
CA LEU A 2032 22.71 -87.17 -59.02
C LEU A 2032 21.71 -87.02 -57.87
N THR A 2033 20.83 -88.00 -57.70
CA THR A 2033 19.92 -88.00 -56.57
C THR A 2033 20.18 -89.23 -55.72
N GLY A 2034 20.36 -90.38 -56.35
CA GLY A 2034 20.53 -91.63 -55.63
C GLY A 2034 21.91 -91.73 -55.01
N SER A 2035 22.89 -91.13 -55.69
CA SER A 2035 24.28 -91.18 -55.25
C SER A 2035 24.43 -90.49 -53.92
N GLU A 2036 23.73 -89.37 -53.78
CA GLU A 2036 23.73 -88.64 -52.55
C GLU A 2036 22.81 -89.31 -51.56
N PRO A 2037 21.77 -90.00 -52.05
CA PRO A 2037 20.78 -90.60 -51.17
C PRO A 2037 21.39 -91.72 -50.33
N ILE A 2038 22.37 -92.42 -50.89
CA ILE A 2038 23.04 -93.49 -50.17
C ILE A 2038 24.06 -92.93 -49.19
N LYS A 2039 24.89 -92.02 -49.68
CA LYS A 2039 26.00 -91.51 -48.89
C LYS A 2039 25.53 -90.61 -47.76
N GLU A 2040 24.42 -89.91 -47.94
CA GLU A 2040 23.91 -89.06 -46.88
C GLU A 2040 23.21 -89.92 -45.87
N ILE A 2041 22.69 -91.05 -46.34
CA ILE A 2041 22.20 -92.06 -45.43
C ILE A 2041 23.41 -92.61 -44.72
N ILE A 2042 24.48 -92.82 -45.49
CA ILE A 2042 25.72 -93.35 -44.93
C ILE A 2042 26.42 -92.30 -44.09
N ASP A 2043 26.16 -91.02 -44.33
CA ASP A 2043 26.72 -89.99 -43.47
C ASP A 2043 25.91 -89.94 -42.20
N ASN A 2044 24.65 -90.35 -42.31
CA ASN A 2044 23.79 -90.43 -41.15
C ASN A 2044 23.98 -91.75 -40.43
N TRP A 2045 24.84 -92.62 -40.97
CA TRP A 2045 24.99 -93.97 -40.42
C TRP A 2045 25.71 -93.98 -39.10
N GLU A 2046 27.02 -94.19 -39.14
CA GLU A 2046 27.78 -94.30 -37.91
C GLU A 2046 28.22 -92.95 -37.37
N LYS A 2047 27.32 -91.97 -37.41
CA LYS A 2047 27.53 -90.68 -36.77
C LYS A 2047 27.20 -90.85 -35.31
N TYR A 2048 26.35 -91.86 -35.05
CA TYR A 2048 26.10 -92.34 -33.71
C TYR A 2048 27.40 -92.86 -33.12
N GLU A 2049 28.13 -93.58 -33.95
CA GLU A 2049 29.44 -94.07 -33.57
C GLU A 2049 30.50 -93.08 -33.99
N GLN A 2050 31.76 -93.54 -34.00
CA GLN A 2050 32.92 -92.82 -34.54
C GLN A 2050 33.13 -91.41 -33.99
N SER A 2051 33.63 -91.31 -32.77
CA SER A 2051 33.76 -90.03 -32.10
C SER A 2051 35.00 -89.28 -32.56
N UNK B 11 35.39 -84.64 -37.09
CA UNK B 11 36.52 -84.60 -36.18
C UNK B 11 36.57 -83.28 -35.42
N UNK B 12 35.47 -82.54 -35.49
CA UNK B 12 35.22 -81.33 -34.69
C UNK B 12 36.24 -80.22 -34.83
N UNK B 13 37.41 -80.41 -34.21
CA UNK B 13 38.48 -79.42 -34.27
C UNK B 13 39.09 -79.43 -35.65
N UNK B 14 39.14 -80.61 -36.24
CA UNK B 14 39.59 -80.73 -37.61
C UNK B 14 38.46 -80.34 -38.55
N UNK B 15 37.25 -80.25 -38.01
CA UNK B 15 36.12 -79.68 -38.75
C UNK B 15 36.09 -78.17 -38.52
N UNK B 16 36.61 -77.74 -37.37
CA UNK B 16 36.67 -76.32 -37.04
C UNK B 16 37.63 -75.60 -37.97
N UNK B 17 38.77 -76.23 -38.20
CA UNK B 17 39.82 -75.66 -39.02
C UNK B 17 39.43 -75.63 -40.48
N UNK B 18 38.48 -76.49 -40.84
CA UNK B 18 37.94 -76.53 -42.17
C UNK B 18 37.18 -75.25 -42.47
N UNK B 19 36.60 -74.65 -41.43
CA UNK B 19 35.99 -73.35 -41.59
C UNK B 19 37.07 -72.28 -41.65
N UNK B 20 38.21 -72.54 -41.03
CA UNK B 20 39.27 -71.54 -40.91
C UNK B 20 40.07 -71.38 -42.19
N UNK B 21 40.01 -72.38 -43.06
CA UNK B 21 40.70 -72.28 -44.34
C UNK B 21 39.73 -71.78 -45.39
N UNK B 22 38.47 -71.68 -44.99
CA UNK B 22 37.39 -71.29 -45.88
C UNK B 22 37.23 -69.80 -45.96
N UNK B 23 38.23 -69.08 -45.41
CA UNK B 23 38.28 -67.63 -45.33
C UNK B 23 37.05 -67.09 -44.61
N UNK B 24 36.73 -67.70 -43.47
CA UNK B 24 35.55 -67.34 -42.71
C UNK B 24 35.72 -66.00 -42.02
N UNK B 25 34.60 -65.42 -41.61
CA UNK B 25 34.60 -64.13 -40.93
C UNK B 25 33.58 -64.13 -39.80
N UNK B 26 32.32 -63.94 -40.16
CA UNK B 26 31.24 -63.88 -39.19
C UNK B 26 30.70 -65.27 -38.84
N UNK B 27 31.00 -65.73 -37.63
CA UNK B 27 30.50 -67.01 -37.14
C UNK B 27 29.21 -66.81 -36.35
N UNK B 28 28.25 -67.73 -36.46
CA UNK B 28 26.95 -67.55 -35.84
C UNK B 28 26.70 -68.47 -34.64
N UNK B 29 26.26 -69.70 -34.92
CA UNK B 29 25.88 -70.74 -33.95
C UNK B 29 24.69 -70.40 -33.05
N UNK B 30 24.04 -71.44 -32.55
CA UNK B 30 22.85 -71.27 -31.72
C UNK B 30 22.61 -72.47 -30.81
N UNK B 31 22.32 -72.20 -29.54
CA UNK B 31 22.05 -73.19 -28.51
C UNK B 31 21.55 -72.50 -27.26
N UNK B 32 22.52 -72.00 -26.52
CA UNK B 32 22.27 -71.18 -25.35
C UNK B 32 23.48 -70.29 -25.16
N UNK B 33 24.67 -70.89 -25.19
CA UNK B 33 25.93 -70.15 -25.04
C UNK B 33 27.15 -70.90 -25.57
N UNK B 34 27.06 -72.23 -25.62
CA UNK B 34 28.23 -73.07 -25.83
C UNK B 34 28.72 -73.15 -27.27
N UNK B 35 29.33 -74.30 -27.60
CA UNK B 35 29.94 -74.62 -28.89
C UNK B 35 30.99 -73.60 -29.31
N UNK B 36 30.52 -72.43 -29.72
CA UNK B 36 31.39 -71.35 -30.17
C UNK B 36 32.24 -70.73 -29.06
N UNK B 37 31.90 -71.05 -27.81
CA UNK B 37 32.75 -70.70 -26.68
C UNK B 37 34.06 -71.45 -26.80
N UNK B 38 33.97 -72.67 -27.32
CA UNK B 38 35.15 -73.44 -27.64
C UNK B 38 35.62 -73.17 -29.06
N UNK B 39 35.72 -71.90 -29.42
CA UNK B 39 36.11 -71.55 -30.78
C UNK B 39 36.81 -70.20 -30.82
N UNK B 40 36.43 -69.33 -29.90
CA UNK B 40 37.10 -68.04 -29.77
C UNK B 40 38.50 -68.29 -29.25
N UNK B 41 38.61 -69.32 -28.41
CA UNK B 41 39.89 -69.83 -27.97
C UNK B 41 40.62 -70.40 -29.17
N UNK B 42 39.88 -71.09 -30.03
CA UNK B 42 40.46 -71.65 -31.22
C UNK B 42 40.76 -70.55 -32.23
N UNK B 43 39.99 -69.48 -32.15
CA UNK B 43 40.29 -68.31 -32.95
C UNK B 43 41.56 -67.67 -32.43
N UNK B 44 41.71 -67.67 -31.11
CA UNK B 44 42.86 -67.04 -30.46
C UNK B 44 44.14 -67.83 -30.71
N UNK B 45 44.03 -69.12 -30.98
CA UNK B 45 45.19 -69.91 -31.32
C UNK B 45 45.45 -69.78 -32.81
N UNK B 46 44.41 -69.42 -33.53
CA UNK B 46 44.54 -69.18 -34.96
C UNK B 46 44.83 -67.71 -35.18
N UNK B 47 46.03 -67.28 -34.84
CA UNK B 47 46.30 -65.86 -34.70
C UNK B 47 47.34 -65.29 -35.67
N UNK B 48 48.24 -66.14 -36.15
CA UNK B 48 49.39 -65.67 -36.92
C UNK B 48 49.05 -65.28 -38.34
N UNK B 49 47.79 -65.43 -38.74
CA UNK B 49 47.40 -65.20 -40.11
C UNK B 49 46.53 -63.96 -40.26
N UNK B 50 46.47 -63.11 -39.24
CA UNK B 50 45.58 -61.93 -39.29
C UNK B 50 46.16 -60.79 -40.12
N UNK B 51 46.41 -61.07 -41.39
CA UNK B 51 46.88 -60.06 -42.31
C UNK B 51 45.68 -59.36 -42.90
N UNK B 52 45.23 -58.32 -42.20
CA UNK B 52 44.13 -57.45 -42.60
C UNK B 52 42.82 -58.17 -42.86
N UNK B 53 42.51 -59.14 -42.00
CA UNK B 53 41.20 -59.77 -42.05
C UNK B 53 40.56 -59.60 -40.68
N UNK B 54 39.26 -59.33 -40.66
CA UNK B 54 38.56 -59.12 -39.40
C UNK B 54 38.13 -60.45 -38.78
N UNK B 55 37.03 -60.43 -38.03
CA UNK B 55 36.49 -61.65 -37.42
C UNK B 55 35.02 -61.51 -37.03
N UNK B 56 34.79 -61.29 -35.73
CA UNK B 56 33.48 -61.24 -35.04
C UNK B 56 32.70 -62.54 -35.16
N UNK B 57 32.50 -63.20 -34.02
CA UNK B 57 31.73 -64.44 -33.95
C UNK B 57 30.49 -64.23 -33.10
N UNK B 58 29.32 -64.39 -33.69
CA UNK B 58 28.07 -64.13 -32.99
C UNK B 58 27.70 -65.26 -32.06
N UNK B 59 26.52 -65.18 -31.46
CA UNK B 59 26.17 -66.08 -30.40
C UNK B 59 24.83 -66.76 -30.56
N UNK B 60 23.85 -66.00 -31.08
CA UNK B 60 22.40 -66.24 -30.91
C UNK B 60 22.10 -66.27 -29.43
N UNK B 61 22.79 -65.38 -28.74
CA UNK B 61 22.60 -65.14 -27.32
C UNK B 61 22.95 -63.67 -27.22
N UNK B 62 22.86 -63.00 -28.37
CA UNK B 62 23.13 -61.57 -28.48
C UNK B 62 22.44 -61.02 -29.74
N UNK B 63 21.14 -60.76 -29.61
CA UNK B 63 20.29 -60.43 -30.74
C UNK B 63 20.48 -59.01 -31.26
N UNK B 64 21.28 -58.21 -30.56
CA UNK B 64 21.67 -56.92 -31.08
C UNK B 64 22.62 -57.17 -32.24
N UNK B 65 23.39 -58.26 -32.13
CA UNK B 65 24.26 -58.70 -33.21
C UNK B 65 23.58 -59.76 -34.06
N UNK B 66 22.93 -60.72 -33.40
CA UNK B 66 22.38 -61.88 -34.06
C UNK B 66 21.21 -61.55 -34.97
N UNK B 67 20.23 -60.84 -34.44
CA UNK B 67 19.05 -60.47 -35.22
C UNK B 67 19.34 -59.26 -36.07
N UNK B 68 20.56 -58.73 -35.97
CA UNK B 68 21.11 -57.69 -36.81
C UNK B 68 20.33 -56.38 -36.75
N UNK B 69 19.69 -56.16 -35.61
CA UNK B 69 19.17 -54.85 -35.33
C UNK B 69 20.31 -54.11 -34.68
N UNK B 70 21.17 -53.50 -35.49
CA UNK B 70 22.29 -52.72 -34.98
C UNK B 70 21.74 -51.47 -34.31
N UNK B 71 21.37 -51.63 -33.04
CA UNK B 71 20.64 -50.65 -32.22
C UNK B 71 19.40 -50.12 -32.93
N UNK B 72 19.07 -48.87 -32.62
CA UNK B 72 17.94 -48.19 -33.26
C UNK B 72 18.08 -46.70 -33.07
N UNK B 73 18.06 -46.30 -31.80
CA UNK B 73 18.01 -44.90 -31.42
C UNK B 73 19.36 -44.22 -31.41
N UNK B 74 20.40 -44.96 -31.81
CA UNK B 74 21.71 -44.38 -31.91
C UNK B 74 21.84 -43.78 -33.29
N UNK B 75 21.23 -42.60 -33.46
CA UNK B 75 21.21 -41.84 -34.70
C UNK B 75 20.66 -42.64 -35.88
N UNK B 137 12.00 -16.91 -24.36
CA UNK B 137 12.94 -16.38 -23.39
C UNK B 137 14.27 -16.04 -24.05
N UNK B 138 15.10 -17.05 -24.29
CA UNK B 138 16.40 -16.86 -24.95
C UNK B 138 16.89 -18.14 -25.60
N UNK B 139 18.13 -18.11 -26.09
CA UNK B 139 18.74 -19.27 -26.72
C UNK B 139 20.26 -19.19 -26.71
N UNK B 140 20.89 -20.36 -26.80
CA UNK B 140 22.33 -20.48 -26.96
C UNK B 140 22.59 -21.84 -27.56
N UNK B 141 23.86 -22.17 -27.79
CA UNK B 141 24.22 -23.49 -28.29
C UNK B 141 24.98 -24.26 -27.21
N UNK B 142 25.55 -25.39 -27.59
CA UNK B 142 26.11 -26.34 -26.61
C UNK B 142 27.51 -26.01 -26.10
N UNK B 143 27.98 -24.79 -26.25
CA UNK B 143 29.29 -24.41 -25.75
C UNK B 143 29.27 -23.13 -24.94
N UNK B 144 28.38 -23.07 -23.94
CA UNK B 144 28.28 -21.90 -23.09
C UNK B 144 28.23 -22.30 -21.62
N UNK B 145 28.97 -23.36 -21.28
CA UNK B 145 28.95 -23.90 -19.94
C UNK B 145 30.36 -24.25 -19.47
N UNK B 146 30.63 -25.54 -19.34
CA UNK B 146 31.89 -26.01 -18.75
C UNK B 146 32.93 -26.51 -19.75
N UNK B 147 33.26 -25.68 -20.73
CA UNK B 147 34.17 -26.07 -21.79
C UNK B 147 35.59 -26.23 -21.31
N UNK B 148 36.15 -27.43 -21.52
CA UNK B 148 37.51 -27.79 -21.15
C UNK B 148 37.78 -27.56 -19.67
N UNK B 149 38.14 -26.32 -19.38
CA UNK B 149 38.39 -25.90 -18.02
C UNK B 149 38.18 -24.41 -17.95
N UNK B 150 37.30 -23.88 -18.81
CA UNK B 150 37.05 -22.44 -18.90
C UNK B 150 36.40 -21.93 -17.62
N UNK B 151 35.60 -22.81 -17.01
CA UNK B 151 35.07 -22.60 -15.68
C UNK B 151 34.90 -23.97 -15.09
N UNK B 152 35.15 -24.97 -15.93
CA UNK B 152 34.92 -26.37 -15.62
C UNK B 152 35.79 -26.80 -14.47
N UNK B 153 37.09 -26.86 -14.73
CA UNK B 153 38.01 -27.08 -13.65
C UNK B 153 38.09 -25.79 -12.89
N UNK B 154 38.10 -24.67 -13.62
CA UNK B 154 38.51 -23.37 -13.10
C UNK B 154 37.73 -22.82 -11.93
N UNK B 155 36.42 -22.98 -11.90
CA UNK B 155 35.63 -22.46 -10.80
C UNK B 155 35.77 -23.39 -9.61
N UNK B 156 35.93 -24.67 -9.91
CA UNK B 156 36.27 -25.64 -8.88
C UNK B 156 37.71 -25.37 -8.50
N UNK B 157 38.52 -24.97 -9.47
CA UNK B 157 39.91 -24.60 -9.20
C UNK B 157 39.99 -23.19 -8.61
N UNK B 158 38.92 -22.41 -8.72
CA UNK B 158 38.88 -21.11 -8.04
C UNK B 158 38.80 -21.39 -6.55
N UNK B 159 38.11 -22.46 -6.21
CA UNK B 159 38.12 -22.95 -4.85
C UNK B 159 39.30 -23.90 -4.68
N UNK B 160 40.51 -23.36 -4.55
CA UNK B 160 41.71 -24.18 -4.30
C UNK B 160 42.80 -23.42 -3.56
N UNK B 161 43.58 -22.63 -4.30
CA UNK B 161 44.70 -21.89 -3.73
C UNK B 161 44.32 -20.43 -3.43
N UNK B 162 43.06 -20.22 -3.02
CA UNK B 162 42.48 -18.93 -2.62
C UNK B 162 42.51 -17.84 -3.70
N UNK B 163 41.35 -17.61 -4.31
CA UNK B 163 41.19 -16.57 -5.34
C UNK B 163 39.92 -15.75 -5.16
N UNK B 164 39.69 -14.81 -6.07
CA UNK B 164 38.54 -13.92 -5.97
C UNK B 164 37.58 -14.07 -7.14
N UNK B 165 37.80 -13.35 -8.24
CA UNK B 165 36.88 -13.35 -9.39
C UNK B 165 37.44 -14.03 -10.65
N UNK B 166 38.71 -13.77 -10.96
CA UNK B 166 39.40 -14.47 -12.04
C UNK B 166 40.81 -14.80 -11.57
N UNK B 167 41.06 -16.10 -11.30
CA UNK B 167 42.26 -16.55 -10.57
C UNK B 167 43.56 -16.27 -11.29
N UNK B 168 43.50 -16.29 -12.61
CA UNK B 168 44.68 -16.01 -13.41
C UNK B 168 44.29 -15.57 -14.80
N UNK B 169 43.61 -16.47 -15.53
CA UNK B 169 43.41 -16.39 -16.99
C UNK B 169 44.77 -16.17 -17.63
N UNK B 170 45.51 -17.27 -17.78
CA UNK B 170 46.98 -17.36 -17.95
C UNK B 170 47.75 -16.73 -16.79
N UNK B 171 49.01 -17.16 -16.71
CA UNK B 171 50.01 -16.65 -15.74
C UNK B 171 49.64 -16.79 -14.27
N UNK B 172 50.02 -17.93 -13.69
CA UNK B 172 49.96 -18.16 -12.24
C UNK B 172 50.92 -19.28 -11.88
N UNK B 173 51.41 -19.98 -12.92
CA UNK B 173 52.29 -21.15 -12.82
C UNK B 173 51.73 -22.25 -11.93
N UNK B 174 50.43 -22.51 -12.09
CA UNK B 174 49.64 -23.45 -11.28
C UNK B 174 49.75 -23.14 -9.79
N UNK B 175 49.70 -21.86 -9.45
CA UNK B 175 49.91 -21.45 -8.07
C UNK B 175 49.23 -20.12 -7.76
N UNK B 176 48.40 -20.10 -6.72
CA UNK B 176 47.83 -18.85 -6.25
C UNK B 176 48.14 -18.67 -4.76
N UNK B 177 48.93 -19.62 -4.24
CA UNK B 177 49.41 -19.57 -2.86
C UNK B 177 50.66 -20.47 -2.71
N UNK B 178 50.67 -21.36 -1.72
CA UNK B 178 51.73 -22.35 -1.55
C UNK B 178 51.24 -23.69 -2.06
N UNK B 179 51.55 -24.77 -1.35
CA UNK B 179 50.98 -26.07 -1.67
C UNK B 179 50.89 -27.05 -0.49
N UNK B 180 51.61 -28.18 -0.55
CA UNK B 180 51.25 -29.45 0.14
C UNK B 180 49.84 -29.87 -0.24
N UNK B 181 48.84 -29.22 0.34
CA UNK B 181 47.45 -29.44 -0.05
C UNK B 181 46.79 -28.16 -0.59
N UNK B 182 46.94 -27.90 -1.88
CA UNK B 182 46.33 -26.72 -2.51
C UNK B 182 46.17 -26.92 -4.01
N UNK B 183 47.28 -26.71 -4.71
CA UNK B 183 47.32 -26.95 -6.14
C UNK B 183 47.55 -28.42 -6.39
N UNK B 184 47.98 -29.12 -5.34
CA UNK B 184 48.09 -30.57 -5.39
C UNK B 184 46.70 -31.13 -5.43
N UNK B 185 45.79 -30.48 -4.70
CA UNK B 185 44.38 -30.80 -4.74
C UNK B 185 43.87 -30.49 -6.13
N UNK B 186 44.38 -29.43 -6.72
CA UNK B 186 44.08 -29.12 -8.11
C UNK B 186 44.76 -30.16 -9.01
N UNK B 187 45.96 -30.60 -8.66
CA UNK B 187 46.64 -31.64 -9.43
C UNK B 187 45.90 -32.95 -9.24
N UNK B 188 45.29 -33.12 -8.07
CA UNK B 188 44.43 -34.27 -7.81
C UNK B 188 43.05 -34.04 -8.42
N UNK B 189 42.66 -32.78 -8.56
CA UNK B 189 41.46 -32.47 -9.34
C UNK B 189 41.79 -32.69 -10.82
N UNK B 190 43.07 -32.62 -11.17
CA UNK B 190 43.56 -32.98 -12.50
C UNK B 190 43.88 -34.46 -12.61
N UNK B 191 43.05 -35.27 -11.97
CA UNK B 191 43.21 -36.71 -11.94
C UNK B 191 41.87 -37.33 -11.57
N UNK B 192 41.07 -36.57 -10.81
CA UNK B 192 39.79 -37.07 -10.33
C UNK B 192 38.61 -36.49 -11.07
N UNK B 193 38.77 -36.23 -12.37
CA UNK B 193 37.69 -35.64 -13.16
C UNK B 193 37.79 -35.94 -14.66
N UNK B 194 38.89 -35.53 -15.28
CA UNK B 194 38.99 -35.56 -16.75
C UNK B 194 40.38 -35.47 -17.39
N UNK B 195 40.66 -36.43 -18.28
CA UNK B 195 41.63 -36.33 -19.38
C UNK B 195 43.07 -35.93 -19.08
N UNK B 196 43.76 -36.79 -18.33
CA UNK B 196 45.22 -36.78 -18.22
C UNK B 196 45.82 -35.47 -17.74
N UNK B 197 47.07 -35.28 -18.12
CA UNK B 197 47.80 -34.09 -17.76
C UNK B 197 48.92 -33.90 -18.76
N UNK B 198 48.92 -32.77 -19.46
CA UNK B 198 49.98 -32.42 -20.39
C UNK B 198 51.25 -32.25 -19.60
N UNK B 199 51.24 -31.29 -18.68
CA UNK B 199 52.25 -31.19 -17.63
C UNK B 199 51.55 -31.56 -16.33
N UNK B 200 52.30 -31.79 -15.26
CA UNK B 200 51.68 -32.11 -13.99
C UNK B 200 51.21 -30.83 -13.34
N UNK B 201 51.77 -30.50 -12.18
CA UNK B 201 51.47 -29.21 -11.57
C UNK B 201 52.31 -28.16 -12.26
N UNK B 202 51.89 -27.75 -13.45
CA UNK B 202 52.62 -26.80 -14.26
C UNK B 202 51.70 -26.23 -15.34
N UNK B 203 51.61 -24.90 -15.38
CA UNK B 203 51.02 -24.12 -16.49
C UNK B 203 49.55 -24.40 -16.81
N UNK B 204 48.67 -23.54 -16.29
CA UNK B 204 47.23 -23.73 -16.44
C UNK B 204 46.51 -22.47 -16.89
N UNK B 205 45.28 -22.29 -16.39
CA UNK B 205 44.45 -21.10 -16.58
C UNK B 205 44.14 -20.77 -18.04
N UNK B 206 45.17 -20.50 -18.83
CA UNK B 206 45.00 -20.43 -20.28
C UNK B 206 46.08 -21.26 -20.97
N UNK B 207 47.09 -21.68 -20.20
CA UNK B 207 48.11 -22.58 -20.72
C UNK B 207 47.57 -23.99 -20.74
N UNK B 208 46.51 -24.18 -19.96
CA UNK B 208 45.67 -25.37 -20.04
C UNK B 208 44.88 -25.37 -21.34
N UNK B 209 44.66 -24.18 -21.89
CA UNK B 209 44.02 -24.06 -23.19
C UNK B 209 45.07 -23.96 -24.31
N UNK B 210 46.31 -24.30 -23.98
CA UNK B 210 47.41 -24.15 -24.92
C UNK B 210 48.07 -25.48 -25.26
N UNK B 211 48.44 -26.23 -24.24
CA UNK B 211 49.25 -27.44 -24.40
C UNK B 211 48.54 -28.52 -25.20
N UNK B 212 47.28 -28.70 -24.85
CA UNK B 212 46.43 -29.68 -25.50
C UNK B 212 45.02 -29.18 -25.33
N UNK B 213 44.59 -28.34 -26.26
CA UNK B 213 43.28 -27.71 -26.14
C UNK B 213 42.14 -28.68 -26.41
N UNK B 214 42.45 -29.82 -27.03
CA UNK B 214 41.42 -30.81 -27.35
C UNK B 214 41.60 -32.10 -26.57
N UNK B 215 40.95 -32.20 -25.40
CA UNK B 215 41.04 -33.40 -24.58
C UNK B 215 39.83 -33.57 -23.65
N UNK B 216 39.39 -32.47 -23.04
CA UNK B 216 38.26 -32.50 -22.11
C UNK B 216 37.30 -31.37 -22.41
N UNK B 217 37.25 -30.98 -23.68
CA UNK B 217 36.57 -29.77 -24.11
C UNK B 217 35.05 -29.83 -24.04
N UNK B 218 34.48 -30.96 -23.63
CA UNK B 218 33.06 -31.06 -23.40
C UNK B 218 32.68 -30.37 -22.10
N UNK B 219 32.02 -31.09 -21.20
CA UNK B 219 31.59 -30.50 -19.94
C UNK B 219 31.30 -31.54 -18.86
N UNK B 220 31.70 -31.21 -17.64
CA UNK B 220 31.21 -31.82 -16.41
C UNK B 220 31.41 -33.33 -16.30
N UNK B 221 32.60 -33.74 -15.88
CA UNK B 221 32.86 -35.14 -15.60
C UNK B 221 33.30 -35.29 -14.17
N UNK B 222 32.46 -35.96 -13.38
CA UNK B 222 32.66 -36.21 -11.95
C UNK B 222 32.89 -34.95 -11.11
N UNK B 223 34.15 -34.57 -10.96
CA UNK B 223 34.54 -33.40 -10.15
C UNK B 223 34.34 -32.09 -10.90
N UNK B 224 34.05 -32.21 -12.19
CA UNK B 224 33.61 -31.07 -12.98
C UNK B 224 32.09 -31.14 -13.06
N UNK B 225 31.51 -32.22 -12.55
CA UNK B 225 30.08 -32.46 -12.69
C UNK B 225 29.26 -32.26 -11.42
N UNK B 226 29.63 -32.95 -10.34
CA UNK B 226 28.77 -33.01 -9.16
C UNK B 226 29.29 -32.26 -7.94
N UNK B 227 30.32 -31.43 -8.13
CA UNK B 227 30.87 -30.64 -7.04
C UNK B 227 29.90 -29.53 -6.65
N UNK B 228 29.14 -29.08 -7.65
CA UNK B 228 28.13 -28.05 -7.45
C UNK B 228 26.82 -28.66 -6.97
N UNK B 229 26.73 -29.99 -6.95
CA UNK B 229 25.54 -30.66 -6.45
C UNK B 229 25.53 -30.62 -4.94
N UNK B 230 26.69 -30.37 -4.35
CA UNK B 230 26.80 -30.13 -2.91
C UNK B 230 26.75 -28.63 -2.67
N UNK B 231 26.89 -27.86 -3.76
CA UNK B 231 26.65 -26.43 -3.70
C UNK B 231 25.20 -26.20 -4.07
N UNK B 232 24.55 -27.28 -4.47
CA UNK B 232 23.11 -27.27 -4.69
C UNK B 232 22.49 -28.49 -4.06
N UNK B 233 22.65 -28.59 -2.74
CA UNK B 233 21.88 -29.49 -1.88
C UNK B 233 21.92 -28.95 -0.44
N UNK B 234 22.99 -28.20 -0.13
CA UNK B 234 23.16 -27.60 1.19
C UNK B 234 24.10 -26.39 1.12
N UNK B 235 23.67 -25.34 0.43
CA UNK B 235 24.50 -24.15 0.29
C UNK B 235 23.67 -22.87 0.10
N UNK B 236 22.34 -23.02 0.09
CA UNK B 236 21.45 -21.87 -0.07
C UNK B 236 20.11 -22.12 0.61
N UNK B 237 19.02 -21.81 -0.09
CA UNK B 237 17.70 -21.90 0.50
C UNK B 237 17.15 -23.33 0.57
N UNK B 238 15.84 -23.42 0.71
CA UNK B 238 15.16 -24.71 0.74
C UNK B 238 14.79 -25.15 -0.67
N UNK B 239 14.91 -26.46 -0.91
CA UNK B 239 14.74 -27.09 -2.22
C UNK B 239 15.61 -26.44 -3.29
N UNK B 240 16.92 -26.68 -3.18
CA UNK B 240 17.86 -26.13 -4.14
C UNK B 240 18.74 -27.21 -4.75
N UNK B 241 18.59 -27.43 -6.06
CA UNK B 241 19.38 -28.41 -6.79
C UNK B 241 19.91 -27.75 -8.07
N UNK B 242 20.93 -28.36 -8.67
CA UNK B 242 21.62 -27.76 -9.81
C UNK B 242 20.71 -27.84 -11.02
N UNK B 243 19.96 -28.93 -11.11
CA UNK B 243 18.99 -29.09 -12.17
C UNK B 243 17.80 -28.17 -11.94
N UNK B 244 17.51 -27.88 -10.67
CA UNK B 244 16.46 -26.94 -10.34
C UNK B 244 16.97 -25.54 -10.62
N UNK B 245 18.27 -25.39 -10.44
CA UNK B 245 18.94 -24.16 -10.83
C UNK B 245 19.02 -24.13 -12.35
N UNK B 246 19.08 -25.30 -12.96
CA UNK B 246 19.00 -25.39 -14.41
C UNK B 246 17.55 -25.25 -14.83
N UNK B 247 16.63 -25.55 -13.92
CA UNK B 247 15.23 -25.27 -14.18
C UNK B 247 15.03 -23.79 -13.97
N UNK B 248 15.87 -23.21 -13.12
CA UNK B 248 15.93 -21.77 -12.99
C UNK B 248 16.73 -21.18 -14.17
N UNK B 249 17.49 -22.03 -14.86
CA UNK B 249 18.22 -21.62 -16.06
C UNK B 249 17.56 -22.14 -17.33
N UNK B 250 16.33 -22.63 -17.21
CA UNK B 250 15.56 -23.10 -18.35
C UNK B 250 15.12 -21.92 -19.23
N UNK B 251 13.87 -21.52 -19.11
CA UNK B 251 13.39 -20.35 -19.84
C UNK B 251 12.98 -19.28 -18.84
N UNK B 252 13.45 -19.42 -17.62
CA UNK B 252 13.16 -18.47 -16.56
C UNK B 252 13.88 -17.15 -16.83
N UNK B 253 15.17 -17.12 -16.55
CA UNK B 253 15.96 -15.92 -16.78
C UNK B 253 17.07 -16.16 -17.77
N UNK B 254 16.69 -16.32 -19.05
CA UNK B 254 17.58 -16.56 -20.20
C UNK B 254 18.51 -17.77 -20.06
N UNK B 255 19.41 -17.91 -21.04
CA UNK B 255 20.35 -19.02 -21.19
C UNK B 255 19.71 -20.42 -21.26
N UNK B 256 20.55 -21.40 -21.61
CA UNK B 256 20.10 -22.78 -21.68
C UNK B 256 20.29 -23.43 -20.32
N UNK B 257 19.89 -24.70 -20.21
CA UNK B 257 19.87 -25.39 -18.93
C UNK B 257 20.96 -26.44 -18.80
N UNK B 258 21.79 -26.58 -19.82
CA UNK B 258 22.89 -27.54 -19.80
C UNK B 258 23.89 -27.10 -20.86
N UNK B 259 23.33 -26.52 -21.91
CA UNK B 259 24.11 -25.95 -23.00
C UNK B 259 24.64 -24.59 -22.57
N UNK B 260 24.02 -24.04 -21.54
CA UNK B 260 24.52 -22.82 -20.93
C UNK B 260 24.26 -22.81 -19.43
N UNK B 261 24.50 -23.93 -18.77
CA UNK B 261 24.33 -24.01 -17.31
C UNK B 261 25.17 -25.11 -16.64
N UNK B 262 26.46 -25.10 -16.91
CA UNK B 262 27.40 -25.81 -16.06
C UNK B 262 28.40 -24.74 -15.67
N UNK B 263 27.97 -23.52 -15.88
CA UNK B 263 28.77 -22.34 -15.55
C UNK B 263 27.85 -21.19 -15.22
N UNK B 264 26.67 -21.50 -14.70
CA UNK B 264 25.70 -20.48 -14.31
C UNK B 264 25.60 -20.43 -12.80
N UNK B 265 25.07 -21.51 -12.23
CA UNK B 265 25.07 -21.70 -10.79
C UNK B 265 26.48 -22.05 -10.35
N UNK B 266 27.27 -22.58 -11.29
CA UNK B 266 28.68 -22.84 -11.08
C UNK B 266 29.46 -21.53 -11.11
N UNK B 267 28.86 -20.48 -11.67
CA UNK B 267 29.42 -19.14 -11.59
C UNK B 267 28.97 -18.50 -10.29
N UNK B 268 27.95 -19.10 -9.69
CA UNK B 268 27.47 -18.69 -8.39
C UNK B 268 27.99 -19.66 -7.36
N UNK B 269 29.27 -20.00 -7.47
CA UNK B 269 29.88 -20.94 -6.55
C UNK B 269 31.15 -20.34 -5.93
N UNK B 270 31.38 -19.05 -6.19
CA UNK B 270 32.47 -18.30 -5.60
C UNK B 270 32.12 -16.83 -5.62
N UNK B 271 31.11 -16.50 -6.43
CA UNK B 271 30.66 -15.12 -6.59
C UNK B 271 29.40 -14.87 -5.78
N UNK B 272 28.34 -15.60 -6.11
CA UNK B 272 27.10 -15.50 -5.36
C UNK B 272 27.04 -16.62 -4.34
N UNK B 273 28.20 -16.98 -3.80
CA UNK B 273 28.31 -18.02 -2.78
C UNK B 273 27.68 -17.54 -1.48
N UNK B 274 26.36 -17.64 -1.40
CA UNK B 274 25.63 -17.21 -0.23
C UNK B 274 25.90 -18.18 0.91
N UNK B 275 26.27 -17.62 2.07
CA UNK B 275 26.51 -18.41 3.27
C UNK B 275 25.22 -18.53 4.06
N UNK B 276 24.45 -19.58 3.77
CA UNK B 276 23.12 -19.86 4.31
C UNK B 276 22.14 -18.70 4.12
N UNK B 277 21.70 -18.50 2.88
CA UNK B 277 20.64 -17.55 2.57
C UNK B 277 19.38 -18.33 2.20
N UNK B 278 18.31 -18.16 2.96
CA UNK B 278 17.17 -19.06 2.88
C UNK B 278 15.81 -18.41 2.61
N UNK B 279 15.42 -18.42 1.33
CA UNK B 279 14.09 -18.02 0.91
C UNK B 279 13.88 -18.54 -0.51
N UNK B 280 12.65 -18.88 -0.86
CA UNK B 280 12.32 -19.34 -2.22
C UNK B 280 12.60 -18.25 -3.25
N UNK B 281 12.38 -17.00 -2.85
CA UNK B 281 12.71 -15.88 -3.69
C UNK B 281 14.20 -15.67 -3.74
N UNK B 282 14.85 -15.62 -2.58
CA UNK B 282 16.26 -15.22 -2.49
C UNK B 282 17.27 -16.23 -3.02
N UNK B 283 16.80 -17.38 -3.46
CA UNK B 283 17.64 -18.28 -4.23
C UNK B 283 17.00 -18.44 -5.61
N UNK B 284 16.40 -17.36 -6.09
CA UNK B 284 15.76 -17.33 -7.39
C UNK B 284 15.65 -15.89 -7.90
N UNK B 285 15.43 -14.96 -6.98
CA UNK B 285 15.42 -13.53 -7.33
C UNK B 285 16.85 -13.08 -7.49
N UNK B 286 17.77 -13.83 -6.90
CA UNK B 286 19.18 -13.67 -7.16
C UNK B 286 19.59 -14.62 -8.28
N UNK B 287 18.72 -14.75 -9.30
CA UNK B 287 19.04 -15.51 -10.51
C UNK B 287 18.50 -14.76 -11.73
N UNK B 288 17.96 -13.57 -11.50
CA UNK B 288 17.45 -12.74 -12.58
C UNK B 288 18.40 -11.59 -12.85
N UNK B 289 19.55 -11.65 -12.19
CA UNK B 289 20.58 -10.65 -12.37
C UNK B 289 21.92 -11.32 -12.23
N UNK B 290 21.90 -12.52 -11.65
CA UNK B 290 23.08 -13.39 -11.58
C UNK B 290 23.13 -14.24 -12.84
N UNK B 291 22.08 -14.08 -13.66
CA UNK B 291 22.09 -14.53 -15.05
C UNK B 291 22.43 -13.34 -15.94
N UNK B 292 23.14 -12.37 -15.35
CA UNK B 292 23.66 -11.21 -16.07
C UNK B 292 25.10 -10.94 -15.63
N UNK B 293 25.96 -11.96 -15.71
CA UNK B 293 27.36 -11.85 -15.27
C UNK B 293 28.29 -12.83 -15.99
N UNK B 294 27.82 -14.05 -16.24
CA UNK B 294 28.58 -15.03 -17.00
C UNK B 294 28.19 -14.95 -18.46
N UNK B 295 27.35 -13.97 -18.77
CA UNK B 295 26.91 -13.71 -20.13
C UNK B 295 27.94 -12.83 -20.84
N UNK B 296 28.97 -12.44 -20.11
CA UNK B 296 30.15 -11.87 -20.72
C UNK B 296 31.18 -12.98 -20.82
N UNK B 297 31.09 -13.93 -19.89
CA UNK B 297 31.89 -15.13 -19.96
C UNK B 297 31.38 -15.91 -21.15
N UNK B 298 30.22 -16.53 -21.00
CA UNK B 298 29.50 -17.08 -22.14
C UNK B 298 28.94 -15.90 -22.92
N UNK B 299 29.75 -15.32 -23.80
CA UNK B 299 29.49 -13.99 -24.38
C UNK B 299 28.29 -13.86 -25.32
N UNK B 300 27.15 -14.39 -24.90
CA UNK B 300 25.87 -14.18 -25.57
C UNK B 300 24.92 -13.57 -24.55
N UNK B 301 24.04 -12.69 -25.01
CA UNK B 301 23.23 -11.87 -24.12
C UNK B 301 22.12 -12.64 -23.41
N UNK B 302 21.28 -11.88 -22.73
CA UNK B 302 20.13 -12.43 -22.03
C UNK B 302 18.86 -12.21 -22.85
N UNK B 303 19.00 -11.41 -23.91
CA UNK B 303 17.92 -10.96 -24.79
C UNK B 303 16.81 -10.28 -24.00
N UNK B 304 15.80 -11.06 -23.63
CA UNK B 304 14.65 -10.55 -22.88
C UNK B 304 14.92 -10.58 -21.37
N UNK B 305 15.80 -9.67 -20.92
CA UNK B 305 16.20 -9.52 -19.51
C UNK B 305 16.76 -10.80 -18.90
N UNK B 360 -12.34 -14.21 6.47
CA UNK B 360 -12.52 -15.28 7.44
C UNK B 360 -13.49 -14.86 8.55
N UNK B 361 -14.73 -14.56 8.17
CA UNK B 361 -15.75 -14.17 9.14
C UNK B 361 -16.82 -15.25 9.30
N UNK B 362 -16.37 -16.48 9.55
CA UNK B 362 -17.26 -17.59 9.85
C UNK B 362 -16.91 -18.15 11.23
N UNK B 363 -16.02 -17.47 11.93
CA UNK B 363 -15.59 -17.85 13.28
C UNK B 363 -16.63 -17.45 14.32
N UNK B 364 -17.02 -16.18 14.28
CA UNK B 364 -18.08 -15.69 15.14
C UNK B 364 -19.41 -15.72 14.39
N UNK B 365 -19.61 -16.75 13.58
CA UNK B 365 -20.82 -16.91 12.78
C UNK B 365 -21.08 -18.35 12.40
N UNK B 366 -20.45 -19.30 13.11
CA UNK B 366 -20.72 -20.73 12.93
C UNK B 366 -20.33 -21.57 14.14
N UNK B 367 -20.03 -20.92 15.26
CA UNK B 367 -19.57 -21.63 16.45
C UNK B 367 -20.36 -21.21 17.66
N UNK B 368 -20.35 -19.91 17.96
CA UNK B 368 -21.07 -19.38 19.11
C UNK B 368 -22.55 -19.48 18.85
N UNK B 369 -22.94 -19.23 17.61
CA UNK B 369 -24.31 -19.40 17.18
C UNK B 369 -24.63 -20.89 17.16
N UNK B 370 -23.61 -21.68 16.83
CA UNK B 370 -23.74 -23.13 16.88
C UNK B 370 -23.79 -23.55 18.34
N UNK B 371 -23.08 -22.82 19.19
CA UNK B 371 -23.21 -23.05 20.63
C UNK B 371 -24.58 -22.56 21.06
N UNK B 372 -25.01 -21.44 20.48
CA UNK B 372 -26.35 -20.91 20.75
C UNK B 372 -27.38 -21.80 20.11
N UNK B 373 -27.00 -22.53 19.08
CA UNK B 373 -27.83 -23.60 18.61
C UNK B 373 -27.79 -24.70 19.67
N UNK B 374 -26.59 -25.11 20.07
CA UNK B 374 -26.40 -26.26 20.96
C UNK B 374 -27.03 -26.09 22.33
N UNK B 375 -27.11 -24.86 22.82
CA UNK B 375 -27.77 -24.60 24.09
C UNK B 375 -29.24 -24.27 23.88
N UNK B 376 -29.73 -24.56 22.68
CA UNK B 376 -31.14 -24.42 22.36
C UNK B 376 -31.62 -25.70 21.71
N UNK B 377 -30.74 -26.34 20.95
CA UNK B 377 -31.09 -27.56 20.22
C UNK B 377 -31.35 -28.67 21.20
N UNK B 378 -30.52 -28.72 22.24
CA UNK B 378 -30.72 -29.68 23.32
C UNK B 378 -31.99 -29.33 24.09
N UNK B 379 -32.23 -28.02 24.24
CA UNK B 379 -33.33 -27.51 25.02
C UNK B 379 -34.69 -27.86 24.43
N UNK B 380 -34.70 -28.14 23.14
CA UNK B 380 -35.90 -28.63 22.51
C UNK B 380 -35.81 -30.13 22.38
N UNK B 381 -34.59 -30.66 22.38
CA UNK B 381 -34.37 -32.07 22.14
C UNK B 381 -34.96 -32.93 23.22
N UNK B 382 -34.61 -32.63 24.46
CA UNK B 382 -35.18 -33.35 25.58
C UNK B 382 -36.65 -32.97 25.70
N UNK B 383 -36.98 -31.76 25.27
CA UNK B 383 -38.36 -31.29 25.27
C UNK B 383 -39.19 -32.04 24.25
N UNK B 384 -38.54 -32.56 23.21
CA UNK B 384 -39.25 -33.24 22.15
C UNK B 384 -39.79 -34.57 22.61
N UNK B 385 -39.19 -35.11 23.66
CA UNK B 385 -39.66 -36.37 24.19
C UNK B 385 -40.39 -36.13 25.49
N UNK B 386 -40.29 -34.89 25.97
CA UNK B 386 -40.83 -34.56 27.28
C UNK B 386 -42.34 -34.57 27.25
N UNK B 387 -42.89 -34.08 26.15
CA UNK B 387 -44.33 -34.12 25.99
C UNK B 387 -44.73 -35.54 25.61
N UNK B 388 -43.79 -36.28 25.02
CA UNK B 388 -44.08 -37.60 24.49
C UNK B 388 -44.36 -38.63 25.56
N UNK B 389 -43.52 -38.64 26.58
CA UNK B 389 -43.66 -39.60 27.67
C UNK B 389 -44.91 -39.33 28.50
N UNK B 390 -45.39 -38.09 28.45
CA UNK B 390 -46.63 -37.75 29.13
C UNK B 390 -47.78 -37.73 28.15
N UNK B 391 -47.55 -38.33 26.99
CA UNK B 391 -48.61 -38.47 26.02
C UNK B 391 -48.93 -39.94 25.86
N UNK B 392 -48.04 -40.77 26.41
CA UNK B 392 -48.09 -42.23 26.34
C UNK B 392 -48.14 -42.76 24.92
N UNK B 393 -47.51 -42.07 23.98
CA UNK B 393 -47.50 -42.50 22.59
C UNK B 393 -46.42 -43.54 22.36
N UNK B 394 -45.76 -43.48 21.20
CA UNK B 394 -44.74 -44.47 20.89
C UNK B 394 -43.54 -43.89 20.15
N UNK B 395 -43.72 -42.70 19.58
CA UNK B 395 -42.69 -41.95 18.86
C UNK B 395 -42.04 -42.75 17.75
N UNK B 396 -41.14 -43.65 18.15
CA UNK B 396 -40.45 -44.50 17.20
C UNK B 396 -41.23 -45.77 16.95
N UNK B 397 -42.49 -45.64 16.57
CA UNK B 397 -43.30 -46.77 16.17
C UNK B 397 -42.99 -47.12 14.73
N UNK B 398 -42.41 -46.16 14.03
CA UNK B 398 -42.16 -46.31 12.60
C UNK B 398 -40.97 -47.20 12.33
N UNK B 399 -39.78 -46.76 12.73
CA UNK B 399 -38.54 -47.40 12.33
C UNK B 399 -38.38 -48.81 12.88
N UNK B 400 -39.11 -49.15 13.92
CA UNK B 400 -39.15 -50.52 14.39
C UNK B 400 -39.99 -51.35 13.44
N UNK B 401 -41.08 -50.77 12.97
CA UNK B 401 -42.05 -51.51 12.16
C UNK B 401 -41.52 -51.82 10.77
N UNK B 402 -41.29 -50.78 9.98
CA UNK B 402 -40.87 -50.95 8.59
C UNK B 402 -39.39 -51.31 8.46
N UNK B 403 -38.96 -52.32 9.22
CA UNK B 403 -37.62 -52.83 9.19
C UNK B 403 -37.75 -54.32 9.35
N UNK B 404 -38.60 -54.71 10.29
CA UNK B 404 -38.83 -56.11 10.59
C UNK B 404 -39.49 -56.77 9.40
N UNK B 405 -40.49 -56.10 8.85
CA UNK B 405 -41.19 -56.63 7.69
C UNK B 405 -40.34 -56.48 6.45
N UNK B 406 -39.45 -55.49 6.49
CA UNK B 406 -38.45 -55.33 5.44
C UNK B 406 -37.49 -56.50 5.53
N UNK B 407 -37.22 -56.94 6.76
CA UNK B 407 -36.39 -58.11 6.97
C UNK B 407 -37.18 -59.39 6.73
N UNK B 408 -38.47 -59.35 7.02
CA UNK B 408 -39.31 -60.52 6.83
C UNK B 408 -39.48 -60.78 5.35
N UNK B 409 -39.61 -59.70 4.59
CA UNK B 409 -39.76 -59.83 3.15
C UNK B 409 -38.45 -60.24 2.52
N UNK B 410 -37.35 -59.89 3.19
CA UNK B 410 -36.03 -60.28 2.73
C UNK B 410 -35.88 -61.79 2.84
N UNK B 411 -36.55 -62.38 3.83
CA UNK B 411 -36.58 -63.82 3.96
C UNK B 411 -37.45 -64.43 2.87
N UNK B 412 -38.36 -63.66 2.31
CA UNK B 412 -39.10 -64.11 1.15
C UNK B 412 -38.39 -63.64 -0.09
N UNK B 413 -37.35 -62.81 0.10
CA UNK B 413 -36.55 -62.39 -1.03
C UNK B 413 -35.29 -63.23 -1.14
N UNK B 414 -35.44 -64.54 -1.03
CA UNK B 414 -34.34 -65.48 -1.19
C UNK B 414 -34.93 -66.82 -1.56
N UNK B 415 -36.20 -66.97 -1.22
CA UNK B 415 -36.93 -68.15 -1.62
C UNK B 415 -37.40 -67.97 -3.05
N UNK B 416 -37.29 -66.75 -3.55
CA UNK B 416 -37.49 -66.50 -4.97
C UNK B 416 -36.14 -66.29 -5.60
N UNK B 417 -35.11 -66.86 -4.99
CA UNK B 417 -33.78 -66.82 -5.56
C UNK B 417 -33.32 -68.23 -5.91
N UNK B 418 -33.87 -69.22 -5.21
CA UNK B 418 -33.48 -70.61 -5.40
C UNK B 418 -34.01 -71.14 -6.72
N UNK B 419 -35.18 -70.66 -7.14
CA UNK B 419 -35.85 -71.16 -8.34
C UNK B 419 -35.05 -70.87 -9.60
N UNK B 420 -34.29 -69.80 -9.57
CA UNK B 420 -33.42 -69.45 -10.68
C UNK B 420 -32.20 -70.36 -10.72
N ARG B 520 -56.25 -82.88 -65.76
CA ARG B 520 -55.40 -81.73 -65.45
C ARG B 520 -55.16 -80.91 -66.71
N LYS B 521 -56.12 -80.07 -67.06
CA LYS B 521 -56.00 -79.18 -68.22
C LYS B 521 -56.33 -77.74 -67.82
N LEU B 522 -55.51 -77.18 -66.94
CA LEU B 522 -55.78 -75.88 -66.33
C LEU B 522 -55.20 -74.72 -67.14
N SER B 523 -55.89 -73.58 -67.12
CA SER B 523 -55.46 -72.40 -67.86
C SER B 523 -56.06 -71.14 -67.25
N GLN B 524 -57.18 -70.68 -67.83
CA GLN B 524 -57.91 -69.54 -67.31
C GLN B 524 -58.50 -69.90 -65.96
N TYR B 525 -58.86 -71.16 -65.79
CA TYR B 525 -59.36 -71.65 -64.52
C TYR B 525 -58.23 -71.82 -63.49
N VAL B 526 -57.83 -73.07 -63.25
CA VAL B 526 -56.78 -73.45 -62.30
C VAL B 526 -57.04 -72.95 -60.88
N GLN B 527 -56.47 -71.79 -60.60
CA GLN B 527 -56.68 -71.14 -59.32
C GLN B 527 -58.12 -70.64 -59.28
N GLU B 528 -58.62 -70.23 -60.44
CA GLU B 528 -60.01 -69.84 -60.53
C GLU B 528 -60.88 -71.08 -60.39
N MET B 529 -60.36 -72.22 -60.86
CA MET B 529 -61.08 -73.47 -60.70
C MET B 529 -61.12 -73.87 -59.23
N ALA B 530 -60.10 -73.47 -58.48
CA ALA B 530 -60.07 -73.74 -57.06
C ALA B 530 -61.11 -72.89 -56.37
N LEU B 531 -61.32 -71.70 -56.91
CA LEU B 531 -62.34 -70.82 -56.39
C LEU B 531 -63.71 -71.36 -56.72
N GLY B 532 -63.80 -72.12 -57.82
CA GLY B 532 -65.07 -72.70 -58.23
C GLY B 532 -65.50 -73.78 -57.26
N GLY B 533 -64.53 -74.54 -56.77
CA GLY B 533 -64.84 -75.56 -55.78
C GLY B 533 -65.16 -74.89 -54.46
N PRO B 534 -64.50 -73.76 -54.21
CA PRO B 534 -64.74 -72.98 -53.01
C PRO B 534 -66.11 -72.33 -53.04
N ILE B 535 -66.54 -71.98 -54.23
CA ILE B 535 -67.85 -71.40 -54.42
C ILE B 535 -68.90 -72.49 -54.27
N THR B 536 -68.51 -73.70 -54.66
CA THR B 536 -69.42 -74.83 -54.61
C THR B 536 -69.66 -75.29 -53.19
N LYS B 537 -68.67 -75.07 -52.33
CA LYS B 537 -68.68 -75.60 -50.98
C LYS B 537 -69.76 -74.98 -50.10
N GLU B 538 -69.66 -73.68 -49.87
CA GLU B 538 -70.68 -72.98 -49.11
C GLU B 538 -71.90 -72.86 -49.98
N SER B 539 -72.78 -73.84 -49.91
CA SER B 539 -73.92 -73.90 -50.81
C SER B 539 -74.99 -72.89 -50.47
N GLN B 540 -75.56 -73.01 -49.26
CA GLN B 540 -76.68 -72.19 -48.77
C GLN B 540 -77.87 -72.23 -49.71
N PRO B 541 -78.75 -73.18 -49.45
CA PRO B 541 -79.89 -73.50 -50.30
C PRO B 541 -80.82 -72.33 -50.55
N THR B 542 -80.99 -72.02 -51.83
CA THR B 542 -81.79 -70.92 -52.34
C THR B 542 -81.31 -69.57 -51.84
N ILE B 543 -80.06 -69.48 -51.45
CA ILE B 543 -79.54 -68.23 -50.97
C ILE B 543 -78.56 -67.79 -52.01
N GLU B 544 -77.54 -68.60 -52.18
CA GLU B 544 -76.50 -68.31 -53.16
C GLU B 544 -76.93 -68.70 -54.56
N GLU B 545 -78.14 -69.23 -54.69
CA GLU B 545 -78.72 -69.46 -55.99
C GLU B 545 -79.12 -68.13 -56.59
N ASP B 546 -79.91 -67.36 -55.84
CA ASP B 546 -80.59 -66.20 -56.38
C ASP B 546 -79.68 -65.07 -56.77
N LEU B 547 -78.61 -64.86 -56.01
CA LEU B 547 -77.63 -63.84 -56.32
C LEU B 547 -76.91 -64.25 -57.60
N THR B 548 -76.67 -65.54 -57.70
CA THR B 548 -76.06 -66.09 -58.89
C THR B 548 -77.08 -66.15 -60.01
N ARG B 549 -78.36 -66.11 -59.68
CA ARG B 549 -79.40 -66.11 -60.70
C ARG B 549 -79.50 -64.74 -61.33
N VAL B 550 -79.04 -63.71 -60.60
CA VAL B 550 -78.98 -62.38 -61.15
C VAL B 550 -77.61 -62.11 -61.77
N TYR B 551 -77.01 -63.18 -62.29
CA TYR B 551 -75.88 -63.07 -63.19
C TYR B 551 -76.46 -63.09 -64.59
N LYS B 552 -77.71 -63.55 -64.67
CA LYS B 552 -78.50 -63.35 -65.86
C LYS B 552 -79.01 -61.92 -65.81
N ALA B 553 -80.33 -61.76 -65.71
CA ALA B 553 -81.00 -60.50 -65.34
C ALA B 553 -80.60 -59.26 -66.13
N ILE B 554 -79.38 -58.80 -65.85
CA ILE B 554 -78.77 -57.70 -66.55
C ILE B 554 -77.66 -58.21 -67.44
N SER B 555 -77.89 -59.35 -68.09
CA SER B 555 -76.88 -59.93 -68.98
C SER B 555 -76.89 -59.26 -70.33
N ALA B 556 -76.45 -58.01 -70.39
CA ALA B 556 -76.47 -57.25 -71.63
C ALA B 556 -75.38 -57.74 -72.58
N GLN B 557 -75.79 -58.51 -73.58
CA GLN B 557 -74.85 -59.03 -74.56
C GLN B 557 -74.37 -57.91 -75.47
N ALA B 558 -73.40 -57.15 -74.99
CA ALA B 558 -72.83 -56.06 -75.75
C ALA B 558 -71.35 -56.02 -75.48
N ASP B 559 -70.93 -56.84 -74.53
CA ASP B 559 -69.53 -56.97 -74.20
C ASP B 559 -69.12 -58.42 -74.37
N LYS B 560 -67.96 -58.62 -75.00
CA LYS B 560 -67.43 -59.95 -75.24
C LYS B 560 -67.05 -60.58 -73.92
N GLN B 561 -66.61 -59.73 -73.01
CA GLN B 561 -66.38 -60.13 -71.64
C GLN B 561 -67.70 -60.58 -71.01
N ASP B 562 -68.80 -59.87 -71.30
CA ASP B 562 -70.08 -60.21 -70.71
C ASP B 562 -70.59 -61.51 -71.30
N ILE B 563 -70.33 -61.73 -72.58
CA ILE B 563 -70.80 -62.92 -73.26
C ILE B 563 -70.01 -64.14 -72.81
N SER B 564 -68.74 -63.92 -72.49
CA SER B 564 -67.88 -64.99 -72.05
C SER B 564 -68.29 -65.43 -70.66
N SER B 565 -68.66 -64.47 -69.83
CA SER B 565 -69.08 -64.78 -68.48
C SER B 565 -70.49 -65.34 -68.49
N SER B 566 -71.23 -65.02 -69.55
CA SER B 566 -72.55 -65.56 -69.75
C SER B 566 -72.43 -67.05 -69.99
N THR B 567 -71.36 -67.44 -70.67
CA THR B 567 -71.05 -68.84 -70.85
C THR B 567 -70.64 -69.42 -69.51
N ARG B 568 -69.96 -68.60 -68.73
CA ARG B 568 -69.49 -69.03 -67.43
C ARG B 568 -70.62 -69.01 -66.42
N VAL B 569 -71.73 -68.35 -66.77
CA VAL B 569 -72.84 -68.17 -65.85
C VAL B 569 -73.55 -69.47 -65.51
N GLU B 570 -74.05 -70.18 -66.51
CA GLU B 570 -74.85 -71.36 -66.28
C GLU B 570 -74.03 -72.54 -65.77
N PHE B 571 -72.79 -72.66 -66.21
CA PHE B 571 -71.93 -73.78 -65.84
C PHE B 571 -71.59 -73.74 -64.36
N GLU B 572 -71.36 -72.55 -63.83
CA GLU B 572 -71.11 -72.37 -62.41
C GLU B 572 -72.40 -72.48 -61.64
N LYS B 573 -73.50 -72.19 -62.34
CA LYS B 573 -74.81 -72.31 -61.75
C LYS B 573 -75.23 -73.77 -61.73
N LEU B 574 -74.66 -74.55 -62.64
CA LEU B 574 -75.06 -75.93 -62.83
C LEU B 574 -74.72 -76.82 -61.64
N TYR B 575 -73.43 -76.92 -61.34
CA TYR B 575 -72.94 -77.79 -60.28
C TYR B 575 -73.41 -77.32 -58.93
N SER B 576 -73.55 -76.01 -58.80
CA SER B 576 -74.04 -75.40 -57.58
C SER B 576 -75.51 -75.74 -57.37
N ASP B 577 -76.22 -75.96 -58.46
CA ASP B 577 -77.59 -76.43 -58.37
C ASP B 577 -77.57 -77.91 -58.06
N LEU B 578 -76.47 -78.57 -58.40
CA LEU B 578 -76.39 -80.00 -58.24
C LEU B 578 -75.78 -80.40 -56.91
N MET B 579 -75.42 -79.43 -56.09
CA MET B 579 -74.76 -79.76 -54.83
C MET B 579 -75.44 -79.15 -53.61
N LYS B 580 -76.68 -78.68 -53.80
CA LYS B 580 -77.48 -78.21 -52.69
C LYS B 580 -77.84 -79.42 -51.84
N PHE B 581 -77.59 -79.30 -50.54
CA PHE B 581 -77.62 -80.41 -49.58
C PHE B 581 -76.72 -81.56 -50.00
N LEU B 582 -75.45 -81.48 -49.63
CA LEU B 582 -74.47 -82.49 -49.98
C LEU B 582 -73.53 -82.73 -48.82
N GLU B 583 -72.52 -83.56 -49.02
CA GLU B 583 -71.47 -83.68 -48.04
C GLU B 583 -70.65 -82.41 -48.12
N SER B 584 -70.13 -81.95 -46.98
CA SER B 584 -69.49 -80.64 -46.89
C SER B 584 -68.13 -80.57 -47.58
N SER B 585 -68.19 -80.61 -48.91
CA SER B 585 -67.05 -80.39 -49.81
C SER B 585 -65.90 -81.37 -49.68
N LYS B 586 -64.92 -81.20 -50.54
CA LYS B 586 -63.78 -82.09 -50.62
C LYS B 586 -62.70 -81.70 -49.64
N GLU B 587 -61.49 -82.13 -49.95
CA GLU B 587 -60.30 -81.59 -49.33
C GLU B 587 -59.30 -81.38 -50.43
N ILE B 588 -59.79 -81.51 -51.67
CA ILE B 588 -58.95 -81.66 -52.85
C ILE B 588 -58.10 -80.44 -53.17
N ASP B 589 -56.86 -80.70 -53.55
CA ASP B 589 -55.97 -79.63 -53.99
C ASP B 589 -55.86 -79.69 -55.50
N PRO B 590 -56.45 -78.71 -56.17
CA PRO B 590 -56.48 -78.71 -57.63
C PRO B 590 -55.22 -78.07 -58.19
N SER B 591 -54.37 -77.56 -57.31
CA SER B 591 -53.10 -76.98 -57.73
C SER B 591 -52.19 -78.08 -58.24
N GLN B 592 -51.29 -77.76 -59.16
CA GLN B 592 -50.41 -78.76 -59.75
C GLN B 592 -49.39 -79.26 -58.73
N THR B 593 -49.07 -80.55 -58.81
CA THR B 593 -48.12 -81.16 -57.88
C THR B 593 -46.73 -80.60 -58.09
N THR B 594 -45.89 -80.69 -57.07
CA THR B 594 -44.57 -80.04 -57.13
C THR B 594 -43.43 -80.93 -56.68
N GLN B 595 -42.23 -80.36 -56.73
CA GLN B 595 -41.02 -81.02 -56.24
C GLN B 595 -39.98 -79.96 -55.90
N LEU B 596 -38.93 -79.85 -56.71
CA LEU B 596 -37.88 -78.90 -56.41
C LEU B 596 -37.23 -78.31 -57.65
N ALA B 597 -36.54 -77.18 -57.48
CA ALA B 597 -35.82 -76.54 -58.57
C ALA B 597 -34.62 -75.78 -58.03
N GLY B 598 -33.65 -76.52 -57.50
CA GLY B 598 -32.42 -75.93 -56.99
C GLY B 598 -31.37 -75.91 -58.06
N MET B 599 -30.86 -74.73 -58.36
CA MET B 599 -29.87 -74.60 -59.40
C MET B 599 -28.79 -73.60 -59.02
N ASP B 600 -27.56 -73.97 -59.30
CA ASP B 600 -26.45 -73.05 -59.23
C ASP B 600 -26.10 -72.67 -60.65
N VAL B 601 -26.56 -71.51 -61.10
CA VAL B 601 -26.45 -71.14 -62.50
C VAL B 601 -25.06 -70.70 -62.88
N GLU B 602 -24.94 -70.15 -64.08
CA GLU B 602 -23.66 -69.87 -64.70
C GLU B 602 -22.86 -68.76 -64.03
N ASP B 603 -23.33 -67.53 -64.17
CA ASP B 603 -22.58 -66.36 -63.76
C ASP B 603 -22.63 -66.13 -62.26
N ALA B 604 -22.98 -64.90 -61.89
CA ALA B 604 -23.08 -64.51 -60.49
C ALA B 604 -24.37 -65.07 -59.91
N LEU B 605 -25.30 -65.40 -60.80
CA LEU B 605 -26.50 -66.14 -60.46
C LEU B 605 -26.11 -67.47 -59.82
N ASP B 606 -25.98 -67.45 -58.51
CA ASP B 606 -25.58 -68.62 -57.77
C ASP B 606 -26.80 -69.49 -57.57
N LYS B 607 -27.18 -69.65 -56.31
CA LYS B 607 -28.27 -70.53 -55.91
C LYS B 607 -29.61 -70.07 -56.48
N ASP B 608 -30.38 -71.00 -57.01
CA ASP B 608 -31.74 -70.71 -57.40
C ASP B 608 -32.65 -70.91 -56.18
N SER B 609 -33.68 -71.74 -56.32
CA SER B 609 -34.61 -71.98 -55.22
C SER B 609 -35.35 -73.30 -55.38
N THR B 610 -36.62 -73.20 -55.75
CA THR B 610 -37.46 -74.38 -55.86
C THR B 610 -38.63 -74.12 -56.81
N LYS B 611 -39.66 -74.95 -56.68
CA LYS B 611 -40.90 -74.90 -57.46
C LYS B 611 -40.68 -74.98 -58.95
N GLU B 612 -40.27 -76.15 -59.43
CA GLU B 612 -40.13 -76.38 -60.86
C GLU B 612 -41.49 -76.59 -61.47
N VAL B 613 -41.84 -77.85 -61.71
CA VAL B 613 -43.13 -78.21 -62.25
C VAL B 613 -43.42 -79.66 -61.91
N ALA B 614 -42.36 -80.39 -61.59
CA ALA B 614 -42.34 -81.83 -61.31
C ALA B 614 -42.84 -82.68 -62.47
N SER B 615 -41.93 -83.45 -63.05
CA SER B 615 -42.21 -84.30 -64.19
C SER B 615 -43.18 -85.41 -63.82
N LEU B 616 -44.15 -85.63 -64.71
CA LEU B 616 -45.26 -86.57 -64.54
C LEU B 616 -46.01 -86.34 -63.23
N PRO B 617 -46.81 -85.28 -63.20
CA PRO B 617 -47.45 -84.91 -61.95
C PRO B 617 -48.74 -84.14 -62.16
N ASN B 618 -48.68 -82.83 -61.88
CA ASN B 618 -49.83 -81.92 -61.81
C ASN B 618 -50.92 -82.46 -60.89
N LYS B 619 -51.80 -83.30 -61.44
CA LYS B 619 -52.93 -83.84 -60.70
C LYS B 619 -52.50 -84.80 -59.62
N SER B 620 -53.20 -84.76 -58.49
CA SER B 620 -52.92 -85.64 -57.38
C SER B 620 -53.37 -87.06 -57.68
N THR B 621 -54.31 -87.17 -58.62
CA THR B 621 -54.76 -88.46 -59.11
C THR B 621 -53.64 -89.09 -59.90
N ILE B 622 -52.91 -88.25 -60.61
CA ILE B 622 -51.72 -88.70 -61.28
C ILE B 622 -50.66 -88.98 -60.23
N SER B 623 -50.74 -88.28 -59.10
CA SER B 623 -49.78 -88.48 -58.03
C SER B 623 -50.23 -89.55 -57.05
N LYS B 624 -51.38 -90.14 -57.33
CA LYS B 624 -51.88 -91.24 -56.51
C LYS B 624 -51.01 -92.46 -56.75
N THR B 625 -51.16 -93.03 -57.94
CA THR B 625 -50.45 -94.25 -58.31
C THR B 625 -48.95 -94.05 -58.43
N VAL B 626 -48.52 -92.80 -58.58
CA VAL B 626 -47.12 -92.47 -58.57
C VAL B 626 -46.58 -92.64 -57.16
N SER B 627 -47.44 -92.44 -56.18
CA SER B 627 -47.03 -92.60 -54.80
C SER B 627 -47.36 -94.00 -54.31
N SER B 628 -47.50 -94.95 -55.22
CA SER B 628 -47.87 -96.30 -54.82
C SER B 628 -46.68 -97.24 -54.89
N THR B 629 -46.54 -97.93 -56.01
CA THR B 629 -45.48 -98.90 -56.22
C THR B 629 -44.14 -98.21 -56.28
N ILE B 630 -43.50 -98.06 -55.12
CA ILE B 630 -42.27 -97.31 -55.02
C ILE B 630 -41.04 -98.16 -55.21
N PRO B 631 -39.92 -97.49 -55.47
CA PRO B 631 -38.70 -98.16 -55.86
C PRO B 631 -37.89 -98.65 -54.67
N ARG B 632 -36.57 -98.50 -54.77
CA ARG B 632 -35.58 -99.03 -53.83
C ARG B 632 -35.76 -100.53 -53.61
N GLU B 633 -36.18 -100.91 -52.41
CA GLU B 633 -36.51 -102.28 -52.10
C GLU B 633 -37.48 -102.25 -50.92
N THR B 634 -38.59 -101.56 -51.08
CA THR B 634 -39.52 -101.32 -49.98
C THR B 634 -40.96 -101.69 -50.32
N ILE B 635 -41.85 -101.48 -49.36
CA ILE B 635 -43.26 -101.81 -49.52
C ILE B 635 -43.92 -100.83 -50.46
N PRO B 636 -43.87 -99.56 -50.11
CA PRO B 636 -44.45 -98.51 -50.96
C PRO B 636 -43.84 -97.17 -50.63
N PHE B 637 -44.43 -96.12 -51.19
CA PHE B 637 -43.96 -94.77 -50.97
C PHE B 637 -44.47 -94.23 -49.64
N LEU B 638 -45.40 -94.94 -49.02
CA LEU B 638 -45.99 -94.52 -47.75
C LEU B 638 -46.63 -95.70 -47.04
N HIS B 639 -45.82 -96.55 -46.40
CA HIS B 639 -46.35 -97.78 -45.81
C HIS B 639 -47.12 -97.55 -44.53
N LEU B 640 -47.51 -98.63 -43.87
CA LEU B 640 -48.26 -98.52 -42.63
C LEU B 640 -48.03 -99.74 -41.76
N ARG B 641 -47.00 -99.70 -40.92
CA ARG B 641 -46.59 -100.87 -40.15
C ARG B 641 -47.47 -101.10 -38.94
N LYS B 642 -47.00 -101.94 -38.02
CA LYS B 642 -47.76 -102.25 -36.81
C LYS B 642 -46.82 -102.65 -35.69
N LYS B 643 -47.32 -103.47 -34.78
CA LYS B 643 -46.44 -104.16 -33.86
C LYS B 643 -45.93 -105.38 -34.60
N THR B 644 -44.83 -105.97 -34.16
CA THR B 644 -44.26 -107.08 -34.91
C THR B 644 -44.12 -108.36 -34.08
N PRO B 645 -45.23 -109.12 -33.95
CA PRO B 645 -45.31 -110.36 -33.17
C PRO B 645 -44.88 -110.17 -31.73
N ALA B 646 -43.58 -109.99 -31.52
CA ALA B 646 -43.07 -109.46 -30.27
C ALA B 646 -41.92 -108.50 -30.54
N GLY B 647 -42.10 -107.63 -31.54
CA GLY B 647 -41.02 -106.72 -31.90
C GLY B 647 -41.53 -105.42 -32.50
N ASP B 648 -40.76 -104.87 -33.43
CA ASP B 648 -40.93 -103.49 -33.90
C ASP B 648 -42.06 -103.30 -34.92
N TRP B 649 -41.71 -102.84 -36.11
CA TRP B 649 -42.70 -102.31 -37.03
C TRP B 649 -42.69 -102.96 -38.40
N LYS B 650 -43.20 -104.17 -38.49
CA LYS B 650 -43.25 -104.88 -39.76
C LYS B 650 -44.27 -104.26 -40.69
N TYR B 651 -43.88 -104.06 -41.94
CA TYR B 651 -44.76 -103.41 -42.90
C TYR B 651 -45.92 -104.30 -43.32
N ASP B 652 -46.94 -104.40 -42.48
CA ASP B 652 -48.13 -105.21 -42.76
C ASP B 652 -48.94 -104.62 -43.90
N ARG B 653 -49.22 -105.43 -44.90
CA ARG B 653 -49.86 -104.96 -46.12
C ARG B 653 -51.29 -104.53 -45.90
N GLN B 654 -51.95 -105.15 -44.92
CA GLN B 654 -53.38 -104.94 -44.70
C GLN B 654 -53.64 -103.54 -44.18
N LEU B 655 -52.76 -103.09 -43.29
CA LEU B 655 -52.84 -101.73 -42.83
C LEU B 655 -52.29 -100.82 -43.91
N SER B 656 -51.45 -101.36 -44.78
CA SER B 656 -50.84 -100.58 -45.85
C SER B 656 -51.74 -100.52 -47.07
N SER B 657 -52.80 -101.30 -47.02
CA SER B 657 -53.74 -101.34 -48.12
C SER B 657 -54.58 -100.08 -48.15
N LEU B 658 -55.49 -99.98 -47.20
CA LEU B 658 -56.58 -99.01 -47.22
C LEU B 658 -56.14 -97.56 -47.17
N PHE B 659 -54.99 -97.30 -46.57
CA PHE B 659 -54.44 -95.95 -46.47
C PHE B 659 -54.08 -95.46 -47.85
N LEU B 660 -53.55 -96.36 -48.66
CA LEU B 660 -53.26 -96.04 -50.03
C LEU B 660 -54.56 -95.93 -50.78
N ASP B 661 -55.54 -96.75 -50.38
CA ASP B 661 -56.83 -96.73 -51.01
C ASP B 661 -57.63 -95.50 -50.59
N GLY B 662 -57.30 -94.95 -49.43
CA GLY B 662 -57.98 -93.75 -48.94
C GLY B 662 -57.59 -92.53 -49.77
N LEU B 663 -56.35 -92.53 -50.26
CA LEU B 663 -55.91 -91.50 -51.16
C LEU B 663 -56.53 -91.74 -52.52
N GLU B 664 -56.75 -93.02 -52.83
CA GLU B 664 -57.48 -93.40 -54.03
C GLU B 664 -58.93 -93.11 -53.82
N LYS B 665 -59.33 -93.08 -52.55
CA LYS B 665 -60.64 -92.57 -52.17
C LYS B 665 -60.62 -91.07 -52.02
N ALA B 666 -59.50 -90.44 -52.36
CA ALA B 666 -59.43 -89.00 -52.38
C ALA B 666 -59.25 -88.55 -53.80
N ALA B 667 -58.63 -87.38 -53.97
CA ALA B 667 -58.39 -86.72 -55.24
C ALA B 667 -59.67 -86.55 -56.05
N PHE B 668 -60.01 -87.58 -56.81
CA PHE B 668 -61.21 -87.62 -57.62
C PHE B 668 -62.41 -87.57 -56.71
N ASN B 669 -62.45 -88.53 -55.80
CA ASN B 669 -63.46 -88.53 -54.78
C ASN B 669 -63.12 -87.42 -53.80
N GLY B 670 -64.16 -86.91 -53.15
CA GLY B 670 -64.01 -85.83 -52.21
C GLY B 670 -63.59 -86.35 -50.85
N VAL B 671 -63.38 -85.44 -49.89
CA VAL B 671 -63.10 -85.83 -48.52
C VAL B 671 -63.98 -85.00 -47.57
N THR B 672 -64.84 -85.67 -46.80
CA THR B 672 -65.87 -85.03 -46.00
C THR B 672 -65.51 -85.04 -44.52
N PHE B 673 -65.97 -84.02 -43.78
CA PHE B 673 -65.51 -83.88 -42.40
C PHE B 673 -66.56 -83.32 -41.46
N LYS B 674 -67.84 -83.64 -41.65
CA LYS B 674 -68.89 -82.97 -40.88
C LYS B 674 -68.88 -83.43 -39.43
N ASP B 675 -69.22 -82.50 -38.54
CA ASP B 675 -69.42 -82.70 -37.11
C ASP B 675 -68.16 -83.29 -36.46
N LYS B 676 -67.11 -82.49 -36.46
CA LYS B 676 -65.86 -83.05 -36.01
C LYS B 676 -65.27 -82.35 -34.79
N TYR B 677 -65.29 -81.01 -34.74
CA TYR B 677 -65.12 -80.23 -33.50
C TYR B 677 -63.75 -80.46 -32.84
N VAL B 678 -62.69 -79.98 -33.48
CA VAL B 678 -61.31 -80.31 -33.11
C VAL B 678 -60.57 -79.05 -32.69
N LEU B 679 -59.64 -79.17 -31.73
CA LEU B 679 -58.67 -78.11 -31.50
C LEU B 679 -57.30 -78.52 -32.01
N ILE B 680 -56.47 -77.53 -32.31
CA ILE B 680 -55.18 -77.70 -32.96
C ILE B 680 -54.20 -76.77 -32.26
N THR B 681 -53.05 -77.31 -31.85
CA THR B 681 -52.03 -76.42 -31.32
C THR B 681 -51.29 -75.68 -32.42
N GLY B 682 -51.05 -76.36 -33.55
CA GLY B 682 -50.19 -75.95 -34.65
C GLY B 682 -50.27 -74.51 -35.10
N ALA B 683 -49.11 -73.87 -35.16
CA ALA B 683 -49.00 -72.42 -35.28
C ALA B 683 -49.27 -72.00 -36.72
N GLY B 684 -48.83 -70.78 -37.04
CA GLY B 684 -49.34 -70.10 -38.21
C GLY B 684 -48.67 -70.46 -39.52
N LYS B 685 -48.02 -69.47 -40.13
CA LYS B 685 -47.96 -69.34 -41.60
C LYS B 685 -47.26 -70.51 -42.27
N GLY B 686 -46.06 -70.86 -41.85
CA GLY B 686 -45.31 -71.87 -42.56
C GLY B 686 -45.58 -73.25 -42.03
N SER B 687 -46.38 -73.36 -40.97
CA SER B 687 -46.59 -74.63 -40.29
C SER B 687 -47.42 -75.58 -41.14
N ILE B 688 -47.31 -76.87 -40.88
CA ILE B 688 -48.10 -77.83 -41.62
C ILE B 688 -49.54 -77.82 -41.13
N GLY B 689 -49.74 -77.55 -39.84
CA GLY B 689 -51.08 -77.42 -39.28
C GLY B 689 -51.88 -76.28 -39.86
N ALA B 690 -51.21 -75.28 -40.44
CA ALA B 690 -51.90 -74.27 -41.23
C ALA B 690 -52.69 -74.90 -42.36
N GLU B 691 -52.04 -75.75 -43.14
CA GLU B 691 -52.74 -76.39 -44.24
C GLU B 691 -53.73 -77.44 -43.73
N VAL B 692 -53.47 -77.98 -42.55
CA VAL B 692 -54.45 -78.86 -41.91
C VAL B 692 -55.71 -78.07 -41.58
N LEU B 693 -55.54 -76.86 -41.06
CA LEU B 693 -56.66 -75.97 -40.80
C LEU B 693 -57.41 -75.62 -42.07
N GLN B 694 -56.68 -75.51 -43.17
CA GLN B 694 -57.30 -75.22 -44.45
C GLN B 694 -58.22 -76.35 -44.88
N GLY B 695 -57.87 -77.57 -44.54
CA GLY B 695 -58.67 -78.70 -44.95
C GLY B 695 -59.98 -78.83 -44.21
N LEU B 696 -59.95 -78.61 -42.90
CA LEU B 696 -61.13 -78.93 -42.10
C LEU B 696 -62.23 -77.92 -42.30
N LEU B 697 -61.88 -76.66 -42.47
CA LEU B 697 -62.89 -75.66 -42.76
C LEU B 697 -63.45 -75.88 -44.15
N GLN B 698 -62.62 -76.37 -45.07
CA GLN B 698 -63.13 -76.87 -46.34
C GLN B 698 -63.97 -78.11 -46.13
N GLY B 699 -63.52 -79.00 -45.23
CA GLY B 699 -64.30 -80.17 -44.91
C GLY B 699 -65.51 -79.87 -44.06
N GLY B 700 -65.60 -78.67 -43.50
CA GLY B 700 -66.76 -78.25 -42.78
C GLY B 700 -66.74 -78.56 -41.30
N ALA B 701 -65.59 -78.89 -40.74
CA ALA B 701 -65.52 -79.07 -39.30
C ALA B 701 -65.61 -77.73 -38.61
N LYS B 702 -65.82 -77.76 -37.30
CA LYS B 702 -65.85 -76.53 -36.52
C LYS B 702 -64.66 -76.56 -35.58
N VAL B 703 -63.57 -75.92 -36.00
CA VAL B 703 -62.25 -76.09 -35.42
C VAL B 703 -61.89 -74.84 -34.64
N VAL B 704 -61.31 -75.02 -33.46
CA VAL B 704 -60.75 -73.90 -32.72
C VAL B 704 -59.24 -74.04 -32.71
N VAL B 705 -58.54 -72.92 -32.51
CA VAL B 705 -57.10 -72.85 -32.66
C VAL B 705 -56.51 -71.94 -31.60
N THR B 706 -55.48 -72.44 -30.92
CA THR B 706 -54.70 -71.64 -29.98
C THR B 706 -53.45 -71.07 -30.65
N THR B 707 -52.88 -70.09 -29.97
CA THR B 707 -51.62 -69.50 -30.39
C THR B 707 -50.99 -68.75 -29.23
N SER B 708 -49.70 -68.50 -29.36
CA SER B 708 -48.99 -67.69 -28.38
C SER B 708 -49.11 -66.22 -28.71
N ARG B 709 -48.65 -65.83 -29.89
CA ARG B 709 -48.69 -64.44 -30.31
C ARG B 709 -50.12 -64.03 -30.61
N PHE B 710 -50.51 -62.87 -30.07
CA PHE B 710 -51.82 -62.30 -30.33
C PHE B 710 -51.65 -60.82 -30.62
N SER B 711 -52.12 -60.39 -31.77
CA SER B 711 -52.12 -58.99 -32.15
C SER B 711 -53.12 -58.81 -33.27
N LYS B 712 -53.19 -57.57 -33.77
CA LYS B 712 -53.94 -57.32 -34.98
C LYS B 712 -53.34 -58.09 -36.15
N GLN B 713 -52.01 -58.17 -36.21
CA GLN B 713 -51.35 -58.97 -37.23
C GLN B 713 -51.68 -60.45 -37.11
N VAL B 714 -51.85 -60.93 -35.89
CA VAL B 714 -52.34 -62.30 -35.71
C VAL B 714 -53.79 -62.39 -36.15
N THR B 715 -54.56 -61.33 -35.94
CA THR B 715 -56.01 -61.41 -36.10
C THR B 715 -56.41 -61.55 -37.56
N ASP B 716 -55.97 -60.62 -38.40
CA ASP B 716 -56.48 -60.50 -39.75
C ASP B 716 -56.06 -61.66 -40.64
N TYR B 717 -54.94 -62.31 -40.31
CA TYR B 717 -54.58 -63.53 -41.01
C TYR B 717 -55.61 -64.60 -40.77
N TYR B 718 -56.12 -64.69 -39.55
CA TYR B 718 -57.28 -65.54 -39.28
C TYR B 718 -58.57 -64.76 -39.46
N GLN B 719 -58.64 -64.04 -40.55
CA GLN B 719 -59.90 -63.61 -41.13
C GLN B 719 -60.04 -64.16 -42.53
N SER B 720 -59.00 -64.02 -43.35
CA SER B 720 -59.12 -64.40 -44.74
C SER B 720 -59.17 -65.90 -44.92
N ILE B 721 -58.47 -66.65 -44.07
CA ILE B 721 -58.54 -68.10 -44.14
C ILE B 721 -59.95 -68.57 -43.82
N TYR B 722 -60.59 -67.94 -42.85
CA TYR B 722 -62.00 -68.17 -42.65
C TYR B 722 -62.81 -67.62 -43.81
N ALA B 723 -62.37 -66.52 -44.42
CA ALA B 723 -63.06 -65.94 -45.55
C ALA B 723 -62.80 -66.69 -46.84
N LYS B 724 -61.70 -67.41 -46.94
CA LYS B 724 -61.43 -68.23 -48.11
C LYS B 724 -61.91 -69.65 -47.96
N TYR B 725 -62.21 -70.09 -46.74
CA TYR B 725 -62.53 -71.50 -46.55
C TYR B 725 -63.75 -71.73 -45.67
N GLY B 726 -64.58 -70.71 -45.48
CA GLY B 726 -65.85 -70.95 -44.82
C GLY B 726 -66.76 -71.76 -45.70
N ALA B 727 -66.89 -73.04 -45.41
CA ALA B 727 -67.81 -73.90 -46.13
C ALA B 727 -69.15 -73.88 -45.42
N LYS B 728 -70.04 -74.81 -45.77
CA LYS B 728 -71.44 -74.77 -45.38
C LYS B 728 -71.64 -74.88 -43.88
N GLY B 729 -70.73 -75.53 -43.16
CA GLY B 729 -70.91 -75.74 -41.74
C GLY B 729 -69.70 -75.44 -40.91
N SER B 730 -69.01 -74.35 -41.22
CA SER B 730 -67.67 -74.12 -40.71
C SER B 730 -67.63 -72.85 -39.86
N THR B 731 -67.29 -72.99 -38.58
CA THR B 731 -66.92 -71.84 -37.78
C THR B 731 -65.52 -72.02 -37.22
N LEU B 732 -64.92 -70.91 -36.82
CA LEU B 732 -63.55 -70.90 -36.33
C LEU B 732 -63.48 -70.05 -35.08
N ILE B 733 -62.69 -70.51 -34.11
CA ILE B 733 -62.39 -69.71 -32.93
C ILE B 733 -60.89 -69.60 -32.82
N VAL B 734 -60.39 -68.38 -32.76
CA VAL B 734 -59.02 -68.12 -32.36
C VAL B 734 -58.99 -67.92 -30.85
N VAL B 735 -58.09 -68.63 -30.17
CA VAL B 735 -57.91 -68.42 -28.75
C VAL B 735 -56.45 -68.08 -28.51
N PRO B 736 -56.13 -67.12 -27.64
CA PRO B 736 -54.74 -66.96 -27.22
C PRO B 736 -54.47 -67.79 -25.96
N PHE B 737 -53.40 -68.57 -26.01
CA PHE B 737 -53.12 -69.53 -24.96
C PHE B 737 -51.70 -70.02 -25.09
N ASN B 738 -50.97 -70.05 -23.99
CA ASN B 738 -49.62 -70.58 -23.97
C ASN B 738 -49.68 -72.07 -23.68
N GLN B 739 -49.07 -72.87 -24.55
CA GLN B 739 -49.19 -74.32 -24.44
C GLN B 739 -48.43 -74.84 -23.23
N GLY B 740 -47.30 -74.24 -22.90
CA GLY B 740 -46.60 -74.57 -21.68
C GLY B 740 -47.24 -73.87 -20.50
N SER B 741 -46.59 -74.00 -19.34
CA SER B 741 -46.97 -73.34 -18.09
C SER B 741 -48.40 -73.70 -17.70
N LYS B 742 -48.53 -74.96 -17.24
CA LYS B 742 -49.78 -75.70 -17.08
C LYS B 742 -50.93 -75.00 -16.38
N GLN B 743 -50.69 -73.92 -15.64
CA GLN B 743 -51.75 -73.18 -14.95
C GLN B 743 -52.76 -72.54 -15.90
N ASP B 744 -52.45 -72.51 -17.20
CA ASP B 744 -53.40 -72.08 -18.22
C ASP B 744 -54.01 -73.24 -19.00
N VAL B 745 -53.49 -74.47 -18.87
CA VAL B 745 -53.97 -75.52 -19.74
C VAL B 745 -55.29 -76.08 -19.25
N GLU B 746 -55.64 -75.88 -17.99
CA GLU B 746 -56.85 -76.48 -17.46
C GLU B 746 -58.07 -75.73 -17.95
N ALA B 747 -57.99 -74.40 -17.94
CA ALA B 747 -59.18 -73.56 -18.15
C ALA B 747 -59.67 -73.64 -19.58
N LEU B 748 -58.75 -73.70 -20.55
CA LEU B 748 -59.16 -73.82 -21.94
C LEU B 748 -59.81 -75.18 -22.19
N ILE B 749 -59.23 -76.24 -21.62
CA ILE B 749 -59.84 -77.56 -21.72
C ILE B 749 -61.15 -77.58 -20.95
N GLU B 750 -61.25 -76.78 -19.90
CA GLU B 750 -62.57 -76.56 -19.31
C GLU B 750 -63.46 -75.79 -20.28
N PHE B 751 -62.95 -74.69 -20.83
CA PHE B 751 -63.72 -73.80 -21.68
C PHE B 751 -64.25 -74.48 -22.94
N ILE B 752 -63.55 -75.49 -23.43
CA ILE B 752 -64.04 -76.25 -24.56
C ILE B 752 -65.07 -77.29 -24.18
N TYR B 753 -65.37 -77.45 -22.90
CA TYR B 753 -66.32 -78.45 -22.46
C TYR B 753 -67.39 -77.92 -21.51
N ASP B 754 -67.44 -76.62 -21.25
CA ASP B 754 -68.33 -76.19 -20.19
C ASP B 754 -69.78 -76.12 -20.62
N THR B 755 -70.63 -76.00 -19.61
CA THR B 755 -72.06 -75.82 -19.75
C THR B 755 -72.33 -74.48 -20.43
N GLU B 756 -73.35 -74.49 -21.30
CA GLU B 756 -73.79 -73.30 -22.00
C GLU B 756 -74.25 -72.20 -21.05
N LYS B 757 -74.75 -72.55 -19.86
CA LYS B 757 -75.07 -71.56 -18.85
C LYS B 757 -73.84 -71.16 -18.03
N ASN B 758 -72.66 -71.57 -18.46
CA ASN B 758 -71.39 -71.01 -18.02
C ASN B 758 -70.77 -70.53 -19.31
N GLY B 759 -69.46 -70.26 -19.31
CA GLY B 759 -68.68 -69.79 -20.45
C GLY B 759 -69.02 -70.38 -21.81
N GLY B 760 -69.42 -71.64 -21.84
CA GLY B 760 -70.12 -72.17 -22.99
C GLY B 760 -69.27 -73.15 -23.74
N LEU B 761 -69.53 -73.23 -25.05
CA LEU B 761 -68.81 -74.06 -26.00
C LEU B 761 -68.87 -75.53 -25.58
N GLY B 762 -70.10 -76.02 -25.56
CA GLY B 762 -70.35 -77.35 -25.04
C GLY B 762 -70.16 -78.41 -26.09
N TRP B 763 -68.92 -78.71 -26.42
CA TRP B 763 -68.64 -79.61 -27.52
C TRP B 763 -68.16 -80.94 -26.97
N ASP B 764 -67.81 -81.85 -27.89
CA ASP B 764 -67.42 -83.20 -27.52
C ASP B 764 -65.99 -83.54 -27.84
N LEU B 765 -65.33 -82.78 -28.72
CA LEU B 765 -63.92 -82.90 -29.06
C LEU B 765 -63.58 -84.29 -29.63
N ASP B 766 -64.08 -84.53 -30.84
CA ASP B 766 -63.91 -85.84 -31.44
C ASP B 766 -62.49 -86.12 -31.90
N ALA B 767 -61.69 -85.11 -32.22
CA ALA B 767 -60.30 -85.38 -32.57
C ALA B 767 -59.42 -84.22 -32.14
N ILE B 768 -58.11 -84.50 -32.05
CA ILE B 768 -57.11 -83.58 -31.48
C ILE B 768 -55.80 -83.78 -32.21
N ILE B 769 -55.20 -82.71 -32.75
CA ILE B 769 -53.81 -82.81 -33.21
C ILE B 769 -52.99 -81.65 -32.65
N PRO B 770 -52.17 -81.88 -31.66
CA PRO B 770 -51.28 -80.84 -31.20
C PRO B 770 -49.96 -80.87 -31.92
N PHE B 771 -49.42 -79.70 -32.27
CA PHE B 771 -48.08 -79.59 -32.81
C PHE B 771 -47.18 -78.81 -31.87
N ALA B 772 -45.91 -78.79 -32.23
CA ALA B 772 -44.88 -78.27 -31.36
C ALA B 772 -44.60 -76.81 -31.69
N ALA B 773 -43.45 -76.33 -31.22
CA ALA B 773 -42.84 -75.04 -31.46
C ALA B 773 -41.36 -75.23 -31.15
N ILE B 774 -40.66 -74.12 -30.85
CA ILE B 774 -39.43 -74.12 -30.07
C ILE B 774 -38.30 -74.91 -30.73
N PRO B 775 -37.58 -74.32 -31.70
CA PRO B 775 -36.59 -75.09 -32.48
C PRO B 775 -35.49 -75.81 -31.69
N GLU B 776 -34.77 -75.13 -30.79
CA GLU B 776 -33.69 -75.69 -29.97
C GLU B 776 -32.59 -76.30 -30.85
N GLN B 777 -31.86 -75.42 -31.50
CA GLN B 777 -30.86 -75.83 -32.46
C GLN B 777 -29.46 -75.45 -31.99
N GLY B 778 -28.49 -76.10 -32.61
CA GLY B 778 -27.10 -75.70 -32.46
C GLY B 778 -26.49 -75.92 -31.09
N ILE B 779 -27.02 -76.84 -30.31
CA ILE B 779 -26.50 -77.11 -28.98
C ILE B 779 -26.43 -78.61 -28.75
N GLU B 780 -25.25 -79.08 -28.35
CA GLU B 780 -24.99 -80.50 -28.14
C GLU B 780 -25.40 -80.90 -26.72
N LEU B 781 -24.87 -82.04 -26.25
CA LEU B 781 -25.17 -82.63 -24.95
C LEU B 781 -24.87 -81.70 -23.78
N GLU B 782 -23.96 -80.74 -23.95
CA GLU B 782 -23.44 -80.00 -22.80
C GLU B 782 -24.43 -78.97 -22.26
N HIS B 783 -25.57 -78.79 -22.91
CA HIS B 783 -26.44 -77.64 -22.62
C HIS B 783 -27.83 -78.11 -22.21
N ILE B 784 -28.00 -78.43 -20.93
CA ILE B 784 -29.29 -78.71 -20.35
C ILE B 784 -29.81 -77.52 -19.57
N ASP B 785 -29.30 -76.34 -19.90
CA ASP B 785 -29.69 -75.10 -19.24
C ASP B 785 -31.02 -74.61 -19.77
N SER B 786 -31.32 -73.34 -19.53
CA SER B 786 -32.64 -72.74 -19.72
C SER B 786 -32.99 -72.60 -21.19
N LYS B 787 -33.90 -71.68 -21.52
CA LYS B 787 -35.04 -71.85 -22.43
C LYS B 787 -35.05 -73.00 -23.44
N SER B 788 -33.90 -73.53 -23.88
CA SER B 788 -33.84 -74.92 -24.35
C SER B 788 -34.52 -75.90 -23.39
N GLU B 789 -34.41 -75.66 -22.07
CA GLU B 789 -35.10 -76.47 -21.07
C GLU B 789 -36.61 -76.43 -21.25
N PHE B 790 -37.14 -75.27 -21.63
CA PHE B 790 -38.58 -75.02 -21.71
C PHE B 790 -39.26 -75.88 -22.76
N ALA B 791 -38.51 -76.46 -23.68
CA ALA B 791 -39.10 -77.28 -24.71
C ALA B 791 -39.57 -78.62 -24.17
N HIS B 792 -38.82 -79.19 -23.22
CA HIS B 792 -39.18 -80.51 -22.73
C HIS B 792 -40.44 -80.47 -21.91
N ARG B 793 -40.69 -79.36 -21.24
CA ARG B 793 -41.95 -79.24 -20.53
C ARG B 793 -43.10 -79.02 -21.51
N ILE B 794 -42.81 -78.43 -22.67
CA ILE B 794 -43.89 -78.09 -23.58
C ILE B 794 -44.07 -79.14 -24.66
N MET B 795 -43.11 -80.03 -24.89
CA MET B 795 -43.29 -81.02 -25.93
C MET B 795 -43.84 -82.34 -25.42
N LEU B 796 -43.81 -82.58 -24.14
CA LEU B 796 -44.58 -83.71 -23.66
C LEU B 796 -45.34 -83.42 -22.37
N THR B 797 -44.80 -82.57 -21.51
CA THR B 797 -45.22 -82.59 -20.12
C THR B 797 -46.55 -81.87 -19.91
N ASN B 798 -46.71 -80.71 -20.54
CA ASN B 798 -48.06 -80.18 -20.65
C ASN B 798 -48.92 -81.07 -21.52
N ILE B 799 -48.31 -81.73 -22.50
CA ILE B 799 -49.06 -82.48 -23.48
C ILE B 799 -49.60 -83.77 -22.89
N LEU B 800 -48.76 -84.50 -22.15
CA LEU B 800 -49.19 -85.79 -21.61
C LEU B 800 -50.26 -85.61 -20.55
N ARG B 801 -50.26 -84.50 -19.85
CA ARG B 801 -51.39 -84.24 -18.97
C ARG B 801 -52.63 -83.83 -19.75
N MET B 802 -52.47 -83.32 -20.97
CA MET B 802 -53.63 -82.81 -21.69
C MET B 802 -54.51 -83.92 -22.22
N MET B 803 -53.90 -84.96 -22.80
CA MET B 803 -54.72 -86.10 -23.21
C MET B 803 -55.25 -86.85 -22.02
N GLY B 804 -54.57 -86.79 -20.88
CA GLY B 804 -55.11 -87.40 -19.68
C GLY B 804 -56.34 -86.68 -19.18
N CYS B 805 -56.25 -85.35 -19.06
CA CYS B 805 -57.30 -84.57 -18.43
C CYS B 805 -58.56 -84.52 -19.27
N VAL B 806 -58.42 -84.61 -20.59
CA VAL B 806 -59.58 -84.63 -21.46
C VAL B 806 -60.39 -85.88 -21.20
N LYS B 807 -59.71 -87.01 -20.97
CA LYS B 807 -60.40 -88.20 -20.52
C LYS B 807 -61.05 -87.99 -19.18
N LYS B 808 -60.37 -87.26 -18.28
CA LYS B 808 -60.96 -86.94 -16.99
C LYS B 808 -62.15 -86.02 -17.16
N GLN B 809 -62.13 -85.17 -18.19
CA GLN B 809 -63.30 -84.36 -18.48
C GLN B 809 -64.39 -85.21 -19.11
N LYS B 810 -64.03 -86.10 -20.04
CA LYS B 810 -65.01 -86.86 -20.79
C LYS B 810 -65.70 -87.86 -19.89
N SER B 811 -64.91 -88.64 -19.14
CA SER B 811 -65.49 -89.70 -18.35
C SER B 811 -66.18 -89.18 -17.11
N ALA B 812 -65.99 -87.91 -16.76
CA ALA B 812 -66.82 -87.34 -15.71
C ALA B 812 -68.25 -87.17 -16.19
N ARG B 813 -68.44 -86.91 -17.48
CA ARG B 813 -69.78 -86.70 -17.98
C ARG B 813 -70.42 -88.01 -18.43
N GLY B 814 -69.62 -88.94 -18.95
CA GLY B 814 -70.17 -90.24 -19.30
C GLY B 814 -70.58 -90.38 -20.74
N ILE B 815 -69.67 -90.07 -21.66
CA ILE B 815 -69.97 -89.97 -23.09
C ILE B 815 -69.26 -91.09 -23.83
N GLU B 816 -69.18 -92.24 -23.18
CA GLU B 816 -68.25 -93.33 -23.50
C GLU B 816 -68.36 -93.87 -24.92
N THR B 817 -69.48 -93.68 -25.61
CA THR B 817 -69.65 -94.26 -26.94
C THR B 817 -68.87 -93.55 -28.04
N ARG B 818 -68.24 -92.42 -27.75
CA ARG B 818 -67.65 -91.58 -28.77
C ARG B 818 -66.29 -91.12 -28.30
N PRO B 819 -65.25 -91.89 -28.60
CA PRO B 819 -63.92 -91.55 -28.13
C PRO B 819 -63.31 -90.44 -28.95
N ALA B 820 -62.12 -90.02 -28.54
CA ALA B 820 -61.41 -88.95 -29.22
C ALA B 820 -60.12 -89.48 -29.83
N GLN B 821 -59.87 -89.16 -31.09
CA GLN B 821 -58.70 -89.66 -31.78
C GLN B 821 -57.62 -88.60 -31.83
N VAL B 822 -56.45 -88.92 -31.34
CA VAL B 822 -55.33 -88.00 -31.45
C VAL B 822 -54.43 -88.47 -32.57
N ILE B 823 -53.68 -87.53 -33.12
CA ILE B 823 -52.63 -87.81 -34.08
C ILE B 823 -51.41 -87.05 -33.59
N LEU B 824 -50.48 -87.76 -33.08
CA LEU B 824 -49.27 -87.17 -32.54
C LEU B 824 -48.16 -87.20 -33.57
N PRO B 825 -47.50 -86.07 -33.83
CA PRO B 825 -46.34 -86.09 -34.73
C PRO B 825 -45.17 -86.84 -34.11
N MET B 826 -44.53 -87.66 -34.93
CA MET B 826 -43.32 -88.39 -34.58
C MET B 826 -42.21 -88.01 -35.54
N SER B 827 -41.05 -88.66 -35.39
CA SER B 827 -39.91 -88.37 -36.24
C SER B 827 -38.94 -89.54 -36.27
N PRO B 828 -38.34 -89.84 -37.42
CA PRO B 828 -37.45 -90.99 -37.49
C PRO B 828 -35.98 -90.67 -37.27
N ASN B 829 -35.62 -89.40 -37.08
CA ASN B 829 -34.22 -88.99 -37.14
C ASN B 829 -33.64 -88.94 -35.73
N HIS B 830 -34.15 -89.82 -34.88
CA HIS B 830 -33.76 -89.89 -33.48
C HIS B 830 -32.31 -90.35 -33.40
N GLY B 831 -31.47 -89.53 -32.79
CA GLY B 831 -30.05 -89.82 -32.76
C GLY B 831 -29.36 -89.72 -34.10
N THR B 832 -29.98 -89.09 -35.08
CA THR B 832 -29.39 -89.01 -36.40
C THR B 832 -28.76 -87.65 -36.63
N PHE B 833 -29.54 -86.58 -36.51
CA PHE B 833 -29.01 -85.24 -36.76
C PHE B 833 -28.24 -84.75 -35.55
N GLY B 834 -27.69 -83.55 -35.66
CA GLY B 834 -26.61 -83.12 -34.80
C GLY B 834 -27.03 -82.45 -33.51
N GLY B 835 -26.68 -81.18 -33.34
CA GLY B 835 -26.86 -80.52 -32.06
C GLY B 835 -28.32 -80.27 -31.73
N ASP B 836 -29.05 -81.36 -31.50
CA ASP B 836 -30.49 -81.33 -31.35
C ASP B 836 -30.88 -80.74 -30.00
N GLY B 837 -30.07 -80.95 -29.01
CA GLY B 837 -30.51 -80.66 -27.65
C GLY B 837 -31.50 -81.73 -27.16
N MET B 838 -32.73 -81.30 -26.89
CA MET B 838 -33.74 -82.18 -26.31
C MET B 838 -34.92 -82.41 -27.23
N TYR B 839 -34.81 -82.01 -28.51
CA TYR B 839 -35.97 -82.04 -29.40
C TYR B 839 -36.33 -83.45 -29.82
N SER B 840 -35.43 -84.13 -30.53
CA SER B 840 -35.65 -85.50 -30.93
C SER B 840 -35.71 -86.42 -29.73
N GLU B 841 -35.02 -86.04 -28.66
CA GLU B 841 -34.86 -86.91 -27.51
C GLU B 841 -36.12 -86.91 -26.66
N SER B 842 -36.83 -85.77 -26.61
CA SER B 842 -38.16 -85.80 -26.01
C SER B 842 -39.16 -86.40 -26.98
N LYS B 843 -38.82 -86.39 -28.27
CA LYS B 843 -39.74 -86.90 -29.27
C LYS B 843 -39.87 -88.40 -29.20
N LEU B 844 -38.78 -89.09 -28.90
CA LEU B 844 -38.83 -90.54 -28.87
C LEU B 844 -39.32 -91.07 -27.52
N SER B 845 -39.89 -90.21 -26.70
CA SER B 845 -40.53 -90.58 -25.45
C SER B 845 -42.05 -90.69 -25.58
N LEU B 846 -42.58 -90.56 -26.78
CA LEU B 846 -44.03 -90.57 -26.91
C LEU B 846 -44.58 -91.98 -27.07
N GLU B 847 -43.78 -92.87 -27.66
CA GLU B 847 -44.21 -94.17 -28.15
C GLU B 847 -44.70 -95.10 -27.05
N THR B 848 -44.38 -94.79 -25.79
CA THR B 848 -44.92 -95.49 -24.65
C THR B 848 -46.44 -95.42 -24.58
N LEU B 849 -47.05 -94.39 -25.18
CA LEU B 849 -48.50 -94.24 -25.24
C LEU B 849 -49.17 -95.42 -25.92
N PHE B 850 -48.45 -96.11 -26.78
CA PHE B 850 -49.00 -97.28 -27.44
C PHE B 850 -49.22 -98.40 -26.44
N ASN B 851 -48.18 -98.81 -25.71
CA ASN B 851 -48.35 -99.87 -24.74
C ASN B 851 -49.14 -99.41 -23.53
N ARG B 852 -49.26 -98.11 -23.32
CA ARG B 852 -50.17 -97.60 -22.30
C ARG B 852 -51.61 -97.80 -22.70
N TRP B 853 -51.91 -97.99 -23.99
CA TRP B 853 -53.28 -98.24 -24.42
C TRP B 853 -53.71 -99.67 -24.11
N HIS B 854 -52.87 -100.46 -23.48
CA HIS B 854 -53.35 -101.53 -22.64
C HIS B 854 -52.79 -101.29 -21.25
N SER B 855 -53.37 -101.98 -20.27
CA SER B 855 -53.03 -101.92 -18.85
C SER B 855 -53.17 -100.52 -18.26
N GLU B 856 -53.96 -99.65 -18.89
CA GLU B 856 -54.35 -98.40 -18.27
C GLU B 856 -55.74 -98.02 -18.78
N SER B 857 -56.67 -97.83 -17.86
CA SER B 857 -58.09 -97.72 -18.21
C SER B 857 -58.38 -96.37 -18.82
N TRP B 858 -58.09 -96.25 -20.11
CA TRP B 858 -58.59 -95.10 -20.85
C TRP B 858 -58.92 -95.47 -22.29
N ALA B 859 -58.99 -96.75 -22.61
CA ALA B 859 -59.11 -97.16 -24.01
C ALA B 859 -60.49 -96.90 -24.59
N ASN B 860 -61.51 -96.77 -23.76
CA ASN B 860 -62.81 -96.43 -24.28
C ASN B 860 -63.01 -94.93 -24.41
N GLN B 861 -61.95 -94.16 -24.31
CA GLN B 861 -62.06 -92.73 -24.43
C GLN B 861 -61.11 -92.10 -25.44
N LEU B 862 -59.94 -92.68 -25.69
CA LEU B 862 -58.99 -92.06 -26.60
C LEU B 862 -58.42 -93.07 -27.59
N THR B 863 -57.62 -92.56 -28.52
CA THR B 863 -56.96 -93.38 -29.53
C THR B 863 -55.76 -92.63 -30.06
N VAL B 864 -54.59 -93.28 -30.06
CA VAL B 864 -53.38 -92.71 -30.65
C VAL B 864 -53.13 -93.37 -32.00
N CYS B 865 -52.69 -92.56 -32.97
CA CYS B 865 -52.23 -93.05 -34.26
C CYS B 865 -51.09 -92.14 -34.69
N GLY B 866 -49.87 -92.64 -34.68
CA GLY B 866 -48.71 -91.81 -34.88
C GLY B 866 -48.55 -91.30 -36.30
N ALA B 867 -47.58 -90.40 -36.46
CA ALA B 867 -47.30 -89.80 -37.76
C ALA B 867 -45.87 -89.28 -37.71
N ILE B 868 -44.99 -89.84 -38.55
CA ILE B 868 -43.56 -89.72 -38.28
C ILE B 868 -42.92 -88.63 -39.15
N ILE B 869 -43.75 -87.82 -39.81
CA ILE B 869 -43.50 -87.10 -41.06
C ILE B 869 -42.10 -86.51 -41.25
N GLY B 870 -41.55 -86.70 -42.43
CA GLY B 870 -40.16 -86.33 -42.67
C GLY B 870 -40.00 -85.45 -43.89
N TRP B 871 -39.11 -84.47 -43.74
CA TRP B 871 -38.43 -83.80 -44.83
C TRP B 871 -39.38 -83.05 -45.75
N THR B 872 -39.94 -81.98 -45.21
CA THR B 872 -40.83 -81.11 -45.96
C THR B 872 -40.05 -79.98 -46.63
N ARG B 873 -40.33 -79.78 -47.90
CA ARG B 873 -39.86 -78.63 -48.68
C ARG B 873 -40.75 -77.43 -48.32
N GLY B 874 -40.67 -76.33 -49.09
CA GLY B 874 -41.57 -75.22 -48.91
C GLY B 874 -41.26 -74.31 -47.73
N THR B 875 -40.17 -73.55 -47.80
CA THR B 875 -39.85 -72.58 -46.77
C THR B 875 -40.86 -71.45 -46.83
N GLY B 876 -41.88 -71.54 -45.99
CA GLY B 876 -42.57 -70.37 -45.50
C GLY B 876 -42.02 -70.15 -44.11
N LEU B 877 -42.03 -71.23 -43.32
CA LEU B 877 -41.28 -71.39 -42.08
C LEU B 877 -41.00 -72.87 -41.86
N MET B 878 -39.85 -73.15 -41.24
CA MET B 878 -39.47 -74.48 -40.73
C MET B 878 -39.38 -75.54 -41.84
N SER B 879 -38.77 -75.20 -42.97
CA SER B 879 -38.35 -76.21 -43.95
C SER B 879 -36.83 -76.31 -43.85
N ALA B 880 -36.38 -77.23 -43.00
CA ALA B 880 -34.97 -77.38 -42.69
C ALA B 880 -34.20 -77.92 -43.90
N ASN B 881 -33.04 -77.32 -44.15
CA ASN B 881 -32.14 -77.66 -45.25
C ASN B 881 -32.86 -77.55 -46.59
N ASN B 882 -33.40 -76.36 -46.83
CA ASN B 882 -34.17 -76.12 -48.04
C ASN B 882 -33.26 -75.80 -49.22
N ILE B 883 -32.25 -76.62 -49.45
CA ILE B 883 -31.23 -76.31 -50.43
C ILE B 883 -31.15 -77.45 -51.42
N ILE B 884 -31.08 -78.67 -50.90
CA ILE B 884 -30.62 -79.74 -51.75
C ILE B 884 -31.75 -80.34 -52.54
N ALA B 885 -32.58 -81.15 -51.88
CA ALA B 885 -33.87 -81.66 -52.36
C ALA B 885 -33.86 -82.44 -53.67
N GLU B 886 -32.74 -82.55 -54.34
CA GLU B 886 -32.78 -83.10 -55.68
C GLU B 886 -31.73 -84.17 -55.89
N GLY B 887 -30.52 -83.97 -55.37
CA GLY B 887 -29.55 -85.03 -55.36
C GLY B 887 -29.94 -86.16 -54.44
N ILE B 888 -30.80 -85.88 -53.47
CA ILE B 888 -31.40 -86.95 -52.68
C ILE B 888 -32.54 -87.64 -53.43
N GLU B 889 -32.96 -87.12 -54.57
CA GLU B 889 -33.83 -87.89 -55.45
C GLU B 889 -33.05 -88.69 -56.48
N LYS B 890 -31.73 -88.66 -56.45
CA LYS B 890 -30.96 -89.45 -57.40
C LYS B 890 -30.13 -90.53 -56.72
N MET B 891 -29.22 -90.16 -55.81
CA MET B 891 -28.39 -91.14 -55.12
C MET B 891 -29.26 -91.80 -54.07
N GLY B 892 -30.01 -92.78 -54.52
CA GLY B 892 -31.25 -93.08 -53.84
C GLY B 892 -32.33 -92.25 -54.51
N VAL B 893 -33.38 -92.91 -54.99
CA VAL B 893 -34.33 -92.32 -55.93
C VAL B 893 -35.51 -91.78 -55.15
N ARG B 894 -35.27 -91.43 -53.90
CA ARG B 894 -36.34 -91.32 -52.94
C ARG B 894 -36.94 -89.91 -52.92
N THR B 895 -38.26 -89.86 -52.74
CA THR B 895 -39.10 -88.68 -52.92
C THR B 895 -39.07 -87.71 -51.74
N PHE B 896 -40.15 -86.94 -51.65
CA PHE B 896 -40.48 -85.94 -50.63
C PHE B 896 -39.60 -84.71 -50.65
N SER B 897 -39.69 -84.00 -51.77
CA SER B 897 -39.55 -82.55 -51.79
C SER B 897 -40.92 -81.88 -51.92
N GLN B 898 -41.96 -82.48 -51.34
CA GLN B 898 -43.33 -82.08 -51.59
C GLN B 898 -43.97 -81.54 -50.32
N LYS B 899 -44.35 -80.26 -50.35
CA LYS B 899 -44.90 -79.60 -49.17
C LYS B 899 -46.35 -79.95 -48.91
N GLU B 900 -47.04 -80.61 -49.84
CA GLU B 900 -48.46 -80.85 -49.62
C GLU B 900 -48.72 -82.28 -49.18
N MET B 901 -47.82 -82.76 -48.33
CA MET B 901 -47.94 -84.04 -47.64
C MET B 901 -49.09 -84.10 -46.66
N ALA B 902 -49.59 -82.94 -46.22
CA ALA B 902 -50.73 -82.90 -45.32
C ALA B 902 -51.98 -83.49 -45.95
N PHE B 903 -52.01 -83.57 -47.28
CA PHE B 903 -53.04 -84.31 -47.99
C PHE B 903 -53.08 -85.76 -47.54
N ASN B 904 -51.92 -86.38 -47.27
CA ASN B 904 -51.93 -87.70 -46.66
C ASN B 904 -52.41 -87.62 -45.22
N LEU B 905 -51.99 -86.57 -44.50
CA LEU B 905 -52.38 -86.41 -43.10
C LEU B 905 -53.88 -86.24 -42.97
N LEU B 906 -54.46 -85.48 -43.88
CA LEU B 906 -55.89 -85.21 -43.82
C LEU B 906 -56.71 -86.44 -44.12
N GLY B 907 -56.14 -87.42 -44.82
CA GLY B 907 -56.81 -88.70 -44.94
C GLY B 907 -56.84 -89.45 -43.62
N LEU B 908 -55.89 -89.18 -42.74
CA LEU B 908 -55.79 -89.88 -41.49
C LEU B 908 -56.69 -89.31 -40.41
N LEU B 909 -57.75 -88.61 -40.78
CA LEU B 909 -58.83 -88.26 -39.86
C LEU B 909 -60.17 -88.78 -40.35
N THR B 910 -60.22 -89.31 -41.53
CA THR B 910 -61.45 -89.64 -42.22
C THR B 910 -62.10 -90.87 -41.63
N PRO B 911 -63.45 -90.91 -41.59
CA PRO B 911 -64.14 -92.14 -41.22
C PRO B 911 -63.93 -93.20 -42.29
N GLU B 912 -64.09 -94.46 -41.84
CA GLU B 912 -63.66 -95.77 -42.34
C GLU B 912 -62.19 -95.98 -42.03
N VAL B 913 -61.50 -94.95 -41.54
CA VAL B 913 -60.18 -95.16 -40.96
C VAL B 913 -60.25 -95.10 -39.45
N VAL B 914 -61.09 -94.21 -38.94
CA VAL B 914 -61.34 -94.07 -37.50
C VAL B 914 -61.91 -95.37 -36.93
N GLU B 915 -62.58 -96.14 -37.77
CA GLU B 915 -62.99 -97.49 -37.40
C GLU B 915 -61.79 -98.34 -37.03
N LEU B 916 -60.73 -98.26 -37.84
CA LEU B 916 -59.50 -98.99 -37.52
C LEU B 916 -58.81 -98.37 -36.33
N CYS B 917 -59.00 -97.05 -36.15
CA CYS B 917 -58.53 -96.40 -34.94
C CYS B 917 -59.35 -96.84 -33.74
N GLN B 918 -60.59 -97.26 -33.95
CA GLN B 918 -61.31 -97.87 -32.84
C GLN B 918 -60.91 -99.33 -32.63
N LYS B 919 -60.08 -99.89 -33.51
CA LYS B 919 -59.55 -101.23 -33.26
C LYS B 919 -58.18 -101.20 -32.59
N SER B 920 -57.19 -100.66 -33.27
CA SER B 920 -55.81 -100.77 -32.83
C SER B 920 -55.06 -99.51 -33.26
N PRO B 921 -54.04 -99.10 -32.51
CA PRO B 921 -53.26 -97.92 -32.93
C PRO B 921 -52.46 -98.20 -34.18
N VAL B 922 -52.15 -97.13 -34.91
CA VAL B 922 -51.57 -97.24 -36.23
C VAL B 922 -50.25 -96.49 -36.26
N MET B 923 -49.15 -97.21 -36.49
CA MET B 923 -47.90 -96.60 -36.90
C MET B 923 -47.83 -96.65 -38.41
N ALA B 924 -47.82 -95.48 -39.04
CA ALA B 924 -47.74 -95.39 -40.50
C ALA B 924 -46.57 -94.47 -40.83
N ASP B 925 -45.53 -95.03 -41.42
CA ASP B 925 -44.37 -94.23 -41.77
C ASP B 925 -44.73 -93.33 -42.95
N LEU B 926 -45.19 -92.12 -42.66
CA LEU B 926 -45.51 -91.15 -43.68
C LEU B 926 -44.26 -90.57 -44.29
N ASN B 927 -43.11 -90.75 -43.63
CA ASN B 927 -41.87 -90.50 -44.32
C ASN B 927 -41.74 -91.45 -45.50
N GLY B 928 -41.59 -90.87 -46.67
CA GLY B 928 -41.37 -91.67 -47.84
C GLY B 928 -39.93 -92.10 -47.91
N GLY B 929 -39.57 -93.11 -47.14
CA GLY B 929 -38.42 -93.93 -47.45
C GLY B 929 -37.05 -93.31 -47.31
N LEU B 930 -36.91 -92.22 -46.56
CA LEU B 930 -35.57 -91.66 -46.40
C LEU B 930 -34.68 -92.47 -45.47
N GLN B 931 -35.24 -93.38 -44.67
CA GLN B 931 -34.44 -94.10 -43.70
C GLN B 931 -33.58 -95.18 -44.32
N PHE B 932 -33.74 -95.46 -45.61
CA PHE B 932 -33.06 -96.57 -46.21
C PHE B 932 -31.67 -96.22 -46.71
N VAL B 933 -31.33 -94.94 -46.80
CA VAL B 933 -29.95 -94.58 -47.08
C VAL B 933 -29.15 -94.83 -45.81
N PRO B 934 -27.94 -95.36 -45.89
CA PRO B 934 -27.07 -95.37 -44.72
C PRO B 934 -26.31 -94.07 -44.63
N GLU B 935 -26.18 -93.57 -43.41
CA GLU B 935 -25.41 -92.38 -43.08
C GLU B 935 -25.91 -91.15 -43.84
N LEU B 936 -27.11 -90.72 -43.44
CA LEU B 936 -27.72 -89.56 -44.07
C LEU B 936 -27.02 -88.26 -43.71
N LYS B 937 -26.27 -88.24 -42.60
CA LYS B 937 -25.80 -86.99 -42.02
C LYS B 937 -24.74 -86.33 -42.88
N GLU B 938 -23.66 -87.05 -43.19
CA GLU B 938 -22.66 -86.49 -44.10
C GLU B 938 -23.21 -86.44 -45.52
N PHE B 939 -24.09 -87.39 -45.86
CA PHE B 939 -24.76 -87.38 -47.16
C PHE B 939 -25.57 -86.11 -47.34
N THR B 940 -26.14 -85.62 -46.25
CA THR B 940 -26.70 -84.27 -46.28
C THR B 940 -25.59 -83.24 -46.48
N ALA B 941 -24.49 -83.39 -45.75
CA ALA B 941 -23.43 -82.38 -45.82
C ALA B 941 -22.67 -82.47 -47.14
N LYS B 942 -22.65 -83.66 -47.76
CA LYS B 942 -21.82 -83.88 -48.94
C LYS B 942 -22.30 -83.07 -50.12
N LEU B 943 -23.61 -83.00 -50.31
CA LEU B 943 -24.10 -82.10 -51.34
C LEU B 943 -24.09 -80.67 -50.87
N ARG B 944 -24.09 -80.44 -49.57
CA ARG B 944 -23.90 -79.08 -49.10
C ARG B 944 -22.45 -78.65 -49.32
N LYS B 945 -21.50 -79.51 -48.99
CA LYS B 945 -20.09 -79.12 -49.06
C LYS B 945 -19.56 -79.04 -50.48
N GLU B 946 -20.32 -79.46 -51.47
CA GLU B 946 -19.85 -79.43 -52.85
C GLU B 946 -20.58 -78.38 -53.68
N LEU B 947 -21.88 -78.24 -53.47
CA LEU B 947 -22.65 -77.38 -54.36
C LEU B 947 -22.49 -75.92 -54.01
N VAL B 948 -22.28 -75.60 -52.73
CA VAL B 948 -21.84 -74.26 -52.40
C VAL B 948 -20.40 -74.07 -52.86
N GLU B 949 -19.62 -75.15 -52.82
CA GLU B 949 -18.25 -75.10 -53.27
C GLU B 949 -18.18 -74.95 -54.79
N THR B 950 -19.14 -75.53 -55.51
CA THR B 950 -19.19 -75.37 -56.95
C THR B 950 -19.50 -73.93 -57.33
N SER B 951 -20.38 -73.28 -56.56
CA SER B 951 -20.65 -71.86 -56.74
C SER B 951 -19.41 -71.02 -56.46
N GLU B 952 -18.59 -71.46 -55.50
CA GLU B 952 -17.38 -70.75 -55.15
C GLU B 952 -16.35 -70.75 -56.26
N VAL B 953 -16.46 -71.69 -57.21
CA VAL B 953 -15.53 -71.75 -58.32
C VAL B 953 -15.76 -70.58 -59.26
N ARG B 954 -16.95 -70.51 -59.86
CA ARG B 954 -17.22 -69.51 -60.89
C ARG B 954 -17.33 -68.11 -60.30
N LYS B 955 -17.71 -68.01 -59.02
CA LYS B 955 -17.67 -66.73 -58.33
C LYS B 955 -16.26 -66.18 -58.29
N ALA B 956 -15.29 -67.03 -57.98
CA ALA B 956 -13.89 -66.60 -58.02
C ALA B 956 -13.44 -66.37 -59.45
N VAL B 957 -14.06 -67.06 -60.41
CA VAL B 957 -13.73 -66.85 -61.81
C VAL B 957 -14.26 -65.49 -62.26
N SER B 958 -15.46 -65.14 -61.83
CA SER B 958 -16.20 -64.05 -62.45
C SER B 958 -15.58 -62.69 -62.17
N ILE B 959 -15.16 -62.47 -60.92
CA ILE B 959 -14.76 -61.13 -60.47
C ILE B 959 -13.45 -60.72 -61.11
N GLU B 960 -12.48 -61.61 -61.16
CA GLU B 960 -11.20 -61.27 -61.75
C GLU B 960 -11.29 -61.13 -63.25
N THR B 961 -12.23 -61.85 -63.87
CA THR B 961 -12.41 -61.77 -65.32
C THR B 961 -12.92 -60.40 -65.72
N ALA B 962 -13.85 -59.85 -64.94
CA ALA B 962 -14.19 -58.45 -65.12
C ALA B 962 -13.05 -57.55 -64.71
N LEU B 963 -12.32 -57.93 -63.66
CA LEU B 963 -11.16 -57.15 -63.24
C LEU B 963 -10.06 -57.22 -64.27
N GLU B 964 -9.95 -58.34 -64.98
CA GLU B 964 -9.05 -58.42 -66.12
C GLU B 964 -9.55 -57.58 -67.28
N HIS B 965 -10.85 -57.34 -67.34
CA HIS B 965 -11.36 -56.42 -68.35
C HIS B 965 -11.25 -54.98 -67.88
N LYS B 966 -11.66 -54.72 -66.65
CA LYS B 966 -11.85 -53.33 -66.20
C LYS B 966 -10.54 -52.60 -66.04
N VAL B 967 -9.43 -53.33 -65.87
CA VAL B 967 -8.16 -52.65 -65.73
C VAL B 967 -7.70 -52.15 -67.10
N VAL B 968 -8.19 -52.76 -68.17
CA VAL B 968 -7.82 -52.31 -69.50
C VAL B 968 -8.52 -51.01 -69.84
N ASN B 969 -9.84 -51.03 -69.76
CA ASN B 969 -10.63 -49.89 -70.21
C ASN B 969 -10.92 -49.00 -69.01
N GLY B 970 -11.82 -48.03 -69.17
CA GLY B 970 -12.15 -47.11 -68.10
C GLY B 970 -13.59 -46.65 -68.06
N LEU B 1015 -86.37 -31.05 -64.68
CA LEU B 1015 -85.54 -29.85 -64.85
C LEU B 1015 -86.04 -28.71 -64.00
N GLU B 1016 -85.15 -27.72 -63.79
CA GLU B 1016 -85.43 -26.38 -63.26
C GLU B 1016 -85.79 -26.37 -61.77
N ARG B 1017 -86.03 -27.54 -61.21
CA ARG B 1017 -86.12 -27.69 -59.76
C ARG B 1017 -85.43 -28.96 -59.33
N VAL B 1018 -84.72 -29.61 -60.20
CA VAL B 1018 -83.80 -30.66 -59.84
C VAL B 1018 -82.66 -30.01 -59.08
N ILE B 1019 -82.14 -30.72 -58.09
CA ILE B 1019 -81.14 -30.15 -57.20
C ILE B 1019 -79.84 -30.93 -57.36
N VAL B 1020 -78.74 -30.22 -57.35
CA VAL B 1020 -77.45 -30.74 -57.79
C VAL B 1020 -76.44 -30.63 -56.67
N VAL B 1021 -75.72 -31.73 -56.43
CA VAL B 1021 -74.54 -31.67 -55.58
C VAL B 1021 -73.43 -30.98 -56.36
N THR B 1022 -72.89 -29.91 -55.78
CA THR B 1022 -71.93 -29.07 -56.48
C THR B 1022 -70.58 -29.02 -55.80
N GLY B 1023 -70.55 -28.92 -54.49
CA GLY B 1023 -69.29 -28.85 -53.78
C GLY B 1023 -69.43 -29.32 -52.36
N PHE B 1024 -68.36 -29.93 -51.85
CA PHE B 1024 -68.37 -30.54 -50.53
C PHE B 1024 -66.94 -30.83 -50.11
N ALA B 1025 -66.70 -30.82 -48.81
CA ALA B 1025 -65.39 -31.10 -48.26
C ALA B 1025 -65.51 -31.46 -46.79
N GLU B 1026 -65.35 -32.74 -46.47
CA GLU B 1026 -65.41 -33.14 -45.08
C GLU B 1026 -64.00 -33.01 -44.50
N VAL B 1027 -63.94 -32.51 -43.27
CA VAL B 1027 -62.73 -32.60 -42.44
C VAL B 1027 -63.10 -33.50 -41.27
N GLY B 1028 -62.89 -34.81 -41.44
CA GLY B 1028 -63.21 -35.77 -40.42
C GLY B 1028 -62.01 -35.96 -39.53
N PRO B 1029 -61.88 -37.14 -38.94
CA PRO B 1029 -60.68 -37.42 -38.16
C PRO B 1029 -59.49 -37.63 -39.05
N TRP B 1030 -59.68 -37.98 -40.31
CA TRP B 1030 -58.56 -37.92 -41.23
C TRP B 1030 -58.55 -36.54 -41.87
N GLY B 1031 -57.77 -36.38 -42.94
CA GLY B 1031 -57.57 -35.07 -43.53
C GLY B 1031 -58.72 -34.57 -44.37
N SER B 1032 -58.41 -33.95 -45.51
CA SER B 1032 -59.43 -33.34 -46.34
C SER B 1032 -60.26 -34.40 -47.06
N ALA B 1033 -61.20 -33.93 -47.86
CA ALA B 1033 -62.16 -34.83 -48.49
C ALA B 1033 -61.56 -35.61 -49.64
N ARG B 1034 -60.34 -35.28 -50.05
CA ARG B 1034 -59.67 -36.14 -51.00
C ARG B 1034 -58.95 -37.27 -50.29
N THR B 1035 -58.72 -37.14 -49.00
CA THR B 1035 -57.90 -38.11 -48.29
C THR B 1035 -58.67 -39.39 -48.01
N ARG B 1036 -59.80 -39.26 -47.30
CA ARG B 1036 -60.48 -40.43 -46.77
C ARG B 1036 -61.17 -41.27 -47.82
N TRP B 1037 -61.34 -40.78 -49.04
CA TRP B 1037 -61.79 -41.66 -50.12
C TRP B 1037 -60.69 -42.65 -50.46
N GLU B 1038 -59.45 -42.17 -50.53
CA GLU B 1038 -58.35 -43.06 -50.85
C GLU B 1038 -57.99 -43.95 -49.67
N MET B 1039 -58.10 -43.44 -48.45
CA MET B 1039 -57.89 -44.29 -47.29
C MET B 1039 -58.99 -45.34 -47.19
N GLU B 1040 -60.19 -45.02 -47.66
CA GLU B 1040 -61.16 -46.07 -47.92
C GLU B 1040 -60.72 -46.97 -49.05
N ALA B 1041 -60.10 -46.40 -50.07
CA ALA B 1041 -59.77 -47.18 -51.26
C ALA B 1041 -58.52 -48.02 -51.03
N PHE B 1042 -57.60 -47.54 -50.21
CA PHE B 1042 -56.35 -48.25 -49.96
C PHE B 1042 -55.95 -48.06 -48.51
N GLY B 1043 -55.27 -49.06 -47.97
CA GLY B 1043 -54.77 -48.99 -46.61
C GLY B 1043 -53.65 -47.99 -46.47
N GLU B 1044 -52.88 -47.81 -47.52
CA GLU B 1044 -51.75 -46.91 -47.52
C GLU B 1044 -52.20 -45.54 -48.00
N PHE B 1045 -51.26 -44.67 -48.36
CA PHE B 1045 -51.59 -43.30 -48.71
C PHE B 1045 -51.15 -42.83 -50.10
N SER B 1046 -50.50 -43.66 -50.91
CA SER B 1046 -50.50 -43.49 -52.36
C SER B 1046 -49.94 -42.17 -52.88
N LEU B 1047 -48.61 -42.04 -52.90
CA LEU B 1047 -47.80 -40.84 -52.67
C LEU B 1047 -48.42 -39.48 -52.98
N GLU B 1048 -49.07 -39.34 -54.13
CA GLU B 1048 -49.73 -38.07 -54.44
C GLU B 1048 -50.89 -37.82 -53.49
N GLY B 1049 -51.49 -38.87 -52.96
CA GLY B 1049 -52.42 -38.68 -51.88
C GLY B 1049 -51.69 -38.39 -50.58
N CYS B 1050 -50.47 -38.92 -50.44
CA CYS B 1050 -49.83 -38.95 -49.13
C CYS B 1050 -49.31 -37.59 -48.71
N VAL B 1051 -48.78 -36.83 -49.67
CA VAL B 1051 -48.17 -35.57 -49.30
C VAL B 1051 -49.24 -34.54 -48.96
N GLU B 1052 -50.45 -34.72 -49.48
CA GLU B 1052 -51.52 -33.80 -49.11
C GLU B 1052 -51.92 -34.03 -47.67
N MET B 1053 -51.99 -35.29 -47.25
CA MET B 1053 -52.12 -35.61 -45.84
C MET B 1053 -50.91 -35.07 -45.08
N ALA B 1054 -49.74 -35.17 -45.69
CA ALA B 1054 -48.54 -34.67 -45.06
C ALA B 1054 -48.43 -33.16 -45.08
N TRP B 1055 -49.21 -32.48 -45.94
CA TRP B 1055 -49.23 -31.02 -45.90
C TRP B 1055 -49.77 -30.53 -44.58
N ILE B 1056 -50.98 -30.98 -44.25
CA ILE B 1056 -51.58 -30.65 -42.98
C ILE B 1056 -50.85 -31.51 -41.96
N MET B 1057 -51.00 -31.17 -40.67
CA MET B 1057 -50.16 -31.46 -39.52
C MET B 1057 -48.83 -30.74 -39.58
N GLY B 1058 -48.54 -29.99 -40.64
CA GLY B 1058 -47.35 -29.17 -40.71
C GLY B 1058 -46.03 -29.90 -40.74
N PHE B 1059 -46.04 -31.21 -41.01
CA PHE B 1059 -44.77 -31.92 -41.11
C PHE B 1059 -44.01 -31.49 -42.35
N ILE B 1060 -44.73 -31.10 -43.38
CA ILE B 1060 -44.13 -30.72 -44.66
C ILE B 1060 -44.13 -29.21 -44.76
N SER B 1061 -43.07 -28.65 -45.35
CA SER B 1061 -42.82 -27.22 -45.32
C SER B 1061 -42.73 -26.68 -46.74
N TYR B 1062 -43.80 -26.94 -47.51
CA TYR B 1062 -44.11 -26.30 -48.80
C TYR B 1062 -43.80 -24.81 -48.82
N HIS B 1063 -43.36 -24.33 -50.00
CA HIS B 1063 -42.61 -23.08 -50.13
C HIS B 1063 -41.41 -23.11 -49.18
N ASN B 1064 -40.46 -23.99 -49.51
CA ASN B 1064 -39.23 -24.08 -48.72
C ASN B 1064 -38.39 -22.82 -48.83
N GLY B 1065 -38.60 -22.04 -49.88
CA GLY B 1065 -37.74 -20.93 -50.17
C GLY B 1065 -37.04 -21.21 -51.47
N ASN B 1066 -37.35 -20.40 -52.47
CA ASN B 1066 -36.73 -20.58 -53.78
C ASN B 1066 -35.25 -20.20 -53.74
N LEU B 1067 -34.84 -19.44 -52.75
CA LEU B 1067 -33.44 -19.13 -52.51
C LEU B 1067 -33.12 -19.50 -51.06
N LYS B 1068 -31.94 -19.09 -50.60
CA LYS B 1068 -31.25 -19.39 -49.33
C LYS B 1068 -31.37 -20.86 -48.95
N GLY B 1069 -31.26 -21.75 -49.93
CA GLY B 1069 -31.10 -23.15 -49.64
C GLY B 1069 -29.67 -23.49 -49.28
N ARG B 1070 -29.18 -24.61 -49.77
CA ARG B 1070 -27.78 -24.93 -49.65
C ARG B 1070 -27.02 -23.95 -50.55
N PRO B 1071 -26.01 -23.18 -50.00
CA PRO B 1071 -25.82 -21.74 -50.34
C PRO B 1071 -26.17 -21.23 -51.73
N TYR B 1072 -25.97 -22.08 -52.72
CA TYR B 1072 -26.35 -21.89 -54.11
C TYR B 1072 -27.87 -22.08 -54.25
N THR B 1073 -28.30 -22.32 -55.48
CA THR B 1073 -29.71 -22.46 -55.78
C THR B 1073 -30.32 -23.71 -55.15
N GLY B 1074 -31.59 -23.92 -55.47
CA GLY B 1074 -32.17 -25.19 -55.07
C GLY B 1074 -33.37 -24.97 -54.18
N TRP B 1075 -34.52 -25.39 -54.66
CA TRP B 1075 -35.70 -25.48 -53.82
C TRP B 1075 -36.40 -26.80 -54.11
N VAL B 1076 -36.86 -27.44 -53.04
CA VAL B 1076 -37.69 -28.63 -53.08
C VAL B 1076 -38.68 -28.49 -51.94
N ASP B 1077 -39.95 -28.82 -52.21
CA ASP B 1077 -40.97 -28.95 -51.17
C ASP B 1077 -40.45 -29.89 -50.09
N SER B 1078 -40.20 -29.32 -48.91
CA SER B 1078 -39.41 -29.92 -47.86
C SER B 1078 -40.26 -30.14 -46.62
N LYS B 1079 -39.60 -30.52 -45.52
CA LYS B 1079 -40.30 -30.90 -44.30
C LYS B 1079 -39.88 -30.02 -43.12
N THR B 1080 -40.79 -29.95 -42.13
CA THR B 1080 -40.60 -29.47 -40.74
C THR B 1080 -39.79 -28.19 -40.64
N LYS B 1081 -40.47 -27.06 -40.84
CA LYS B 1081 -40.01 -25.78 -41.37
C LYS B 1081 -38.56 -25.42 -41.05
N GLU B 1082 -38.16 -25.43 -39.77
CA GLU B 1082 -36.71 -25.37 -39.56
C GLU B 1082 -36.11 -26.28 -38.47
N PRO B 1083 -36.61 -27.51 -38.19
CA PRO B 1083 -35.65 -28.55 -37.79
C PRO B 1083 -34.84 -29.15 -38.93
N VAL B 1084 -35.52 -29.84 -39.85
CA VAL B 1084 -34.90 -30.78 -40.77
C VAL B 1084 -35.28 -30.35 -42.19
N ASP B 1085 -35.19 -29.05 -42.46
CA ASP B 1085 -35.61 -28.46 -43.73
C ASP B 1085 -34.83 -28.96 -44.95
N ASP B 1086 -33.85 -29.84 -44.79
CA ASP B 1086 -32.85 -30.14 -45.80
C ASP B 1086 -33.34 -30.94 -46.99
N LYS B 1087 -34.18 -30.33 -47.81
CA LYS B 1087 -34.27 -30.59 -49.24
C LYS B 1087 -34.91 -31.90 -49.69
N ASP B 1088 -35.14 -32.85 -48.78
CA ASP B 1088 -36.38 -33.61 -48.65
C ASP B 1088 -37.20 -33.89 -49.91
N VAL B 1089 -36.70 -34.69 -50.85
CA VAL B 1089 -37.32 -34.81 -52.17
C VAL B 1089 -38.71 -35.49 -52.06
N LYS B 1090 -39.60 -35.08 -52.98
CA LYS B 1090 -40.98 -35.56 -53.07
C LYS B 1090 -41.08 -37.01 -53.51
N ALA B 1091 -39.97 -37.61 -53.91
CA ALA B 1091 -39.89 -38.95 -54.45
C ALA B 1091 -39.95 -39.96 -53.30
N LYS B 1092 -39.29 -41.10 -53.49
CA LYS B 1092 -39.21 -42.26 -52.60
C LYS B 1092 -39.12 -41.98 -51.10
N TYR B 1093 -38.70 -40.77 -50.70
CA TYR B 1093 -38.85 -40.35 -49.31
C TYR B 1093 -40.29 -40.18 -48.87
N GLU B 1094 -40.44 -39.70 -47.63
CA GLU B 1094 -41.63 -39.27 -46.89
C GLU B 1094 -42.64 -40.39 -46.66
N THR B 1095 -42.48 -41.47 -47.40
CA THR B 1095 -42.76 -42.81 -46.93
C THR B 1095 -41.55 -43.19 -46.11
N SER B 1096 -41.79 -43.59 -44.87
CA SER B 1096 -40.80 -44.01 -43.89
C SER B 1096 -39.77 -42.94 -43.55
N ILE B 1097 -40.04 -41.68 -43.85
CA ILE B 1097 -39.27 -40.64 -43.18
C ILE B 1097 -40.30 -39.59 -42.79
N LEU B 1098 -41.52 -39.74 -43.31
CA LEU B 1098 -42.67 -39.05 -42.76
C LEU B 1098 -43.85 -39.98 -42.52
N GLU B 1099 -43.64 -41.29 -42.52
CA GLU B 1099 -44.67 -42.25 -42.17
C GLU B 1099 -44.76 -42.41 -40.65
N HIS B 1100 -45.19 -43.59 -40.19
CA HIS B 1100 -45.97 -43.90 -39.00
C HIS B 1100 -45.93 -42.91 -37.84
N SER B 1101 -44.78 -42.31 -37.52
CA SER B 1101 -44.82 -41.09 -36.72
C SER B 1101 -45.70 -40.03 -37.37
N GLY B 1102 -45.60 -39.89 -38.69
CA GLY B 1102 -46.54 -39.09 -39.42
C GLY B 1102 -47.89 -39.72 -39.61
N ILE B 1103 -48.02 -41.03 -39.43
CA ILE B 1103 -49.33 -41.63 -39.57
C ILE B 1103 -49.96 -41.77 -38.20
N ARG B 1104 -49.34 -42.59 -37.35
CA ARG B 1104 -49.97 -42.99 -36.09
C ARG B 1104 -49.76 -41.94 -35.01
N LEU B 1105 -50.36 -40.79 -35.25
CA LEU B 1105 -50.70 -39.90 -34.17
C LEU B 1105 -52.15 -39.47 -34.22
N ILE B 1106 -52.86 -39.74 -35.32
CA ILE B 1106 -54.29 -39.44 -35.35
C ILE B 1106 -55.07 -40.70 -35.02
N GLU B 1107 -55.01 -41.14 -33.75
CA GLU B 1107 -55.78 -42.13 -33.00
C GLU B 1107 -55.19 -42.10 -31.59
N PRO B 1108 -55.52 -43.04 -30.66
CA PRO B 1108 -56.08 -42.67 -29.35
C PRO B 1108 -55.19 -41.97 -28.33
N GLU B 1109 -55.73 -41.87 -27.10
CA GLU B 1109 -55.29 -41.20 -25.87
C GLU B 1109 -55.60 -39.71 -25.91
N LEU B 1110 -56.10 -39.21 -27.03
CA LEU B 1110 -56.78 -37.96 -27.33
C LEU B 1110 -55.95 -36.70 -27.16
N PHE B 1111 -55.07 -36.65 -26.16
CA PHE B 1111 -53.66 -36.25 -26.12
C PHE B 1111 -53.39 -35.86 -24.69
N ASN B 1112 -52.17 -35.48 -24.40
CA ASN B 1112 -51.95 -34.46 -23.40
C ASN B 1112 -51.75 -33.14 -24.11
N GLY B 1113 -52.14 -32.07 -23.44
CA GLY B 1113 -51.91 -30.75 -23.99
C GLY B 1113 -52.73 -30.45 -25.22
N TYR B 1114 -53.93 -31.00 -25.32
CA TYR B 1114 -54.77 -30.70 -26.45
C TYR B 1114 -56.14 -30.17 -26.08
N ASN B 1115 -56.88 -30.85 -25.22
CA ASN B 1115 -58.28 -30.53 -24.98
C ASN B 1115 -58.64 -30.24 -23.52
N PRO B 1116 -58.15 -29.15 -22.91
CA PRO B 1116 -56.93 -28.39 -23.15
C PRO B 1116 -55.83 -29.25 -22.60
N GLU B 1117 -56.08 -29.95 -21.49
CA GLU B 1117 -55.13 -30.92 -20.96
C GLU B 1117 -55.70 -32.33 -20.88
N LYS B 1118 -56.74 -32.54 -20.08
CA LYS B 1118 -57.59 -33.75 -20.06
C LYS B 1118 -56.79 -35.05 -19.92
N LYS B 1119 -56.21 -35.22 -18.73
CA LYS B 1119 -55.22 -36.27 -18.51
C LYS B 1119 -55.81 -37.68 -18.65
N GLU B 1120 -57.12 -37.81 -18.45
CA GLU B 1120 -57.97 -38.95 -18.78
C GLU B 1120 -57.76 -40.17 -17.89
N MET B 1121 -56.74 -40.18 -17.04
CA MET B 1121 -56.75 -41.02 -15.87
C MET B 1121 -56.79 -40.19 -14.60
N ILE B 1122 -56.79 -38.87 -14.74
CA ILE B 1122 -56.81 -37.94 -13.63
C ILE B 1122 -58.01 -37.04 -13.85
N GLN B 1123 -59.08 -37.27 -13.10
CA GLN B 1123 -60.32 -36.52 -13.27
C GLN B 1123 -60.45 -35.48 -12.19
N GLU B 1124 -60.96 -34.31 -12.56
CA GLU B 1124 -61.04 -33.18 -11.65
C GLU B 1124 -62.45 -33.08 -11.09
N VAL B 1125 -62.66 -33.70 -9.94
CA VAL B 1125 -63.91 -33.64 -9.22
C VAL B 1125 -63.68 -32.84 -7.95
N ILE B 1126 -64.71 -32.15 -7.50
CA ILE B 1126 -64.61 -31.23 -6.39
C ILE B 1126 -65.40 -31.79 -5.22
N VAL B 1127 -64.71 -32.37 -4.24
CA VAL B 1127 -65.33 -32.89 -3.02
C VAL B 1127 -65.19 -31.81 -1.95
N GLU B 1128 -66.12 -31.79 -1.01
CA GLU B 1128 -66.19 -30.68 -0.07
C GLU B 1128 -65.88 -31.14 1.35
N GLU B 1129 -65.42 -30.18 2.17
CA GLU B 1129 -64.96 -30.46 3.52
C GLU B 1129 -64.96 -29.17 4.31
N ASP B 1130 -65.03 -29.30 5.63
CA ASP B 1130 -65.29 -28.17 6.51
C ASP B 1130 -64.46 -28.24 7.79
N LEU B 1131 -63.15 -28.44 7.64
CA LEU B 1131 -62.22 -28.62 8.76
C LEU B 1131 -62.19 -27.41 9.69
N GLU B 1132 -61.67 -27.62 10.91
CA GLU B 1132 -61.55 -26.54 11.89
C GLU B 1132 -60.17 -26.28 12.52
N PRO B 1133 -59.05 -26.32 11.79
CA PRO B 1133 -57.96 -25.42 12.17
C PRO B 1133 -57.93 -24.14 11.35
N PHE B 1134 -57.09 -23.19 11.76
CA PHE B 1134 -57.19 -21.80 11.33
C PHE B 1134 -55.83 -21.30 10.88
N GLU B 1135 -55.82 -20.23 10.09
CA GLU B 1135 -54.66 -19.98 9.24
C GLU B 1135 -54.03 -18.63 9.43
N ALA B 1136 -54.81 -17.55 9.41
CA ALA B 1136 -54.35 -16.15 9.34
C ALA B 1136 -53.40 -15.93 8.15
N SER B 1137 -53.95 -16.08 6.95
CA SER B 1137 -53.22 -15.91 5.70
C SER B 1137 -53.27 -14.45 5.24
N LYS B 1138 -52.93 -14.18 3.98
CA LYS B 1138 -52.86 -12.82 3.48
C LYS B 1138 -53.40 -12.78 2.05
N GLU B 1139 -53.60 -11.56 1.53
CA GLU B 1139 -54.41 -11.29 0.35
C GLU B 1139 -54.31 -9.80 0.03
N THR B 1140 -54.93 -9.40 -1.08
CA THR B 1140 -55.08 -8.00 -1.43
C THR B 1140 -56.44 -7.43 -1.04
N ALA B 1141 -56.55 -6.12 -1.17
CA ALA B 1141 -57.68 -5.37 -0.64
C ALA B 1141 -58.90 -5.56 -1.51
N GLU B 1142 -60.05 -5.29 -0.88
CA GLU B 1142 -61.40 -5.24 -1.46
C GLU B 1142 -61.91 -6.62 -1.89
N GLN B 1143 -61.03 -7.61 -1.96
CA GLN B 1143 -61.45 -8.94 -2.36
C GLN B 1143 -61.89 -9.73 -1.17
N PHE B 1144 -61.54 -9.24 0.02
CA PHE B 1144 -62.11 -9.75 1.25
C PHE B 1144 -63.61 -9.55 1.28
N LYS B 1145 -64.12 -8.53 0.60
CA LYS B 1145 -65.54 -8.25 0.68
C LYS B 1145 -66.36 -9.25 -0.12
N HIS B 1146 -65.86 -9.69 -1.27
CA HIS B 1146 -66.47 -10.86 -1.90
C HIS B 1146 -65.99 -12.17 -1.30
N GLN B 1147 -65.18 -12.13 -0.26
CA GLN B 1147 -65.16 -13.22 0.70
C GLN B 1147 -66.06 -12.92 1.88
N HIS B 1148 -66.36 -11.63 2.11
CA HIS B 1148 -67.24 -11.32 3.22
C HIS B 1148 -68.70 -11.23 2.79
N GLY B 1149 -68.95 -10.98 1.53
CA GLY B 1149 -70.28 -11.27 1.01
C GLY B 1149 -70.52 -12.77 0.96
N ASP B 1150 -69.50 -13.54 0.52
CA ASP B 1150 -69.64 -14.97 0.29
C ASP B 1150 -69.90 -15.73 1.59
N LYS B 1151 -69.11 -15.47 2.61
CA LYS B 1151 -69.23 -16.16 3.88
C LYS B 1151 -69.74 -15.16 4.89
N VAL B 1152 -70.44 -15.65 5.91
CA VAL B 1152 -71.07 -14.75 6.88
C VAL B 1152 -70.00 -14.09 7.74
N ASP B 1153 -70.43 -13.12 8.55
CA ASP B 1153 -69.48 -12.32 9.30
C ASP B 1153 -68.85 -13.05 10.46
N ILE B 1154 -69.57 -13.97 11.10
CA ILE B 1154 -69.12 -14.49 12.38
C ILE B 1154 -67.94 -15.43 12.19
N PHE B 1155 -67.84 -16.05 11.02
CA PHE B 1155 -66.60 -16.67 10.61
C PHE B 1155 -65.83 -15.65 9.79
N GLU B 1156 -64.52 -15.56 10.05
CA GLU B 1156 -63.59 -14.74 9.29
C GLU B 1156 -63.94 -13.25 9.33
N ILE B 1157 -63.75 -12.66 10.50
CA ILE B 1157 -63.56 -11.20 10.49
C ILE B 1157 -62.23 -10.90 9.81
N PRO B 1158 -62.16 -9.94 8.89
CA PRO B 1158 -60.86 -9.75 8.23
C PRO B 1158 -59.78 -9.12 9.10
N GLU B 1159 -59.65 -7.79 9.05
CA GLU B 1159 -59.02 -6.80 9.91
C GLU B 1159 -58.85 -5.63 8.96
N THR B 1160 -58.11 -4.60 9.31
CA THR B 1160 -57.51 -3.76 8.27
C THR B 1160 -56.01 -4.00 8.17
N GLY B 1161 -55.52 -4.06 6.94
CA GLY B 1161 -54.11 -4.24 6.62
C GLY B 1161 -53.29 -2.97 6.62
N GLU B 1162 -52.81 -2.57 7.79
CA GLU B 1162 -52.17 -1.27 8.00
C GLU B 1162 -50.96 -1.02 7.11
N TYR B 1163 -50.94 0.20 6.51
CA TYR B 1163 -50.16 0.68 5.37
C TYR B 1163 -50.05 -0.33 4.22
N SER B 1164 -51.10 -1.09 3.98
CA SER B 1164 -51.04 -2.20 3.07
C SER B 1164 -52.42 -2.37 2.45
N VAL B 1165 -52.70 -3.56 1.97
CA VAL B 1165 -53.98 -3.75 1.29
C VAL B 1165 -55.11 -3.99 2.29
N LYS B 1166 -55.17 -5.17 2.92
CA LYS B 1166 -56.17 -5.54 3.93
C LYS B 1166 -55.58 -6.71 4.72
N LEU B 1167 -56.43 -7.44 5.45
CA LEU B 1167 -56.00 -8.60 6.25
C LEU B 1167 -57.05 -9.73 6.17
N LEU B 1168 -56.89 -10.79 7.00
CA LEU B 1168 -57.52 -12.07 6.63
C LEU B 1168 -57.83 -13.02 7.79
N LYS B 1169 -57.75 -14.34 7.55
CA LYS B 1169 -58.63 -15.41 8.01
C LYS B 1169 -58.89 -15.64 9.49
N GLY B 1170 -59.87 -16.52 9.75
CA GLY B 1170 -60.34 -16.86 11.08
C GLY B 1170 -60.95 -18.24 11.23
N ALA B 1171 -62.08 -18.31 11.93
CA ALA B 1171 -62.69 -19.55 12.42
C ALA B 1171 -63.24 -20.42 11.29
N THR B 1172 -63.82 -21.59 11.63
CA THR B 1172 -63.88 -22.86 10.88
C THR B 1172 -64.03 -22.80 9.34
N LEU B 1173 -64.64 -21.75 8.80
CA LEU B 1173 -64.53 -21.24 7.42
C LEU B 1173 -65.19 -22.03 6.30
N TYR B 1174 -65.48 -23.33 6.50
CA TYR B 1174 -66.38 -24.11 5.65
C TYR B 1174 -66.19 -24.06 4.12
N ILE B 1175 -64.96 -24.28 3.67
CA ILE B 1175 -64.48 -24.10 2.30
C ILE B 1175 -63.23 -24.98 2.38
N PRO B 1176 -62.33 -25.15 1.37
CA PRO B 1176 -62.06 -24.72 -0.02
C PRO B 1176 -62.60 -25.66 -1.07
N LYS B 1177 -63.14 -26.80 -0.62
CA LYS B 1177 -63.59 -27.88 -1.48
C LYS B 1177 -62.47 -28.32 -2.42
N ALA B 1178 -61.49 -29.01 -1.81
CA ALA B 1178 -60.09 -28.98 -2.23
C ALA B 1178 -59.80 -29.41 -3.66
N LEU B 1179 -59.93 -30.69 -3.95
CA LEU B 1179 -59.61 -31.33 -5.23
C LEU B 1179 -59.85 -32.81 -5.03
N ARG B 1180 -59.80 -33.56 -6.13
CA ARG B 1180 -59.80 -35.01 -6.09
C ARG B 1180 -58.80 -35.55 -7.10
N PHE B 1181 -58.45 -36.83 -6.92
CA PHE B 1181 -57.73 -37.61 -7.91
C PHE B 1181 -58.62 -38.80 -8.28
N ASP B 1182 -59.06 -38.86 -9.54
CA ASP B 1182 -60.03 -39.84 -10.00
C ASP B 1182 -59.68 -40.38 -11.39
N ARG B 1183 -59.86 -41.69 -11.56
CA ARG B 1183 -59.56 -42.39 -12.81
C ARG B 1183 -60.86 -42.65 -13.58
N LEU B 1184 -60.84 -42.40 -14.89
CA LEU B 1184 -61.96 -42.67 -15.76
C LEU B 1184 -61.57 -43.72 -16.79
N VAL B 1185 -62.40 -44.74 -16.93
CA VAL B 1185 -62.16 -45.76 -17.95
C VAL B 1185 -62.55 -45.25 -19.33
N ALA B 1186 -63.82 -44.93 -19.51
CA ALA B 1186 -64.37 -44.72 -20.85
C ALA B 1186 -63.99 -43.38 -21.44
N GLY B 1187 -62.94 -43.37 -22.24
CA GLY B 1187 -62.58 -42.20 -22.99
C GLY B 1187 -61.42 -42.52 -23.90
N GLN B 1188 -60.62 -41.48 -24.20
CA GLN B 1188 -59.29 -41.54 -24.82
C GLN B 1188 -59.26 -42.18 -26.21
N ILE B 1189 -60.41 -42.37 -26.87
CA ILE B 1189 -60.39 -43.02 -28.17
C ILE B 1189 -60.05 -42.12 -29.36
N PRO B 1190 -60.74 -40.97 -29.63
CA PRO B 1190 -60.44 -40.27 -30.88
C PRO B 1190 -59.46 -39.12 -30.73
N THR B 1191 -59.09 -38.45 -31.84
CA THR B 1191 -58.03 -37.44 -31.82
C THR B 1191 -58.14 -36.32 -32.83
N GLY B 1192 -57.00 -35.66 -33.04
CA GLY B 1192 -56.80 -34.62 -34.02
C GLY B 1192 -55.47 -34.64 -34.76
N TRP B 1193 -55.04 -33.46 -35.25
CA TRP B 1193 -54.18 -33.32 -36.41
C TRP B 1193 -53.06 -32.32 -36.20
N ASN B 1194 -52.87 -31.83 -34.97
CA ASN B 1194 -51.65 -31.18 -34.49
C ASN B 1194 -51.27 -29.88 -35.22
N ALA B 1195 -52.11 -29.37 -36.13
CA ALA B 1195 -51.87 -28.10 -36.81
C ALA B 1195 -53.13 -27.64 -37.51
N LYS B 1196 -53.58 -26.39 -37.21
CA LYS B 1196 -54.71 -25.76 -37.91
C LYS B 1196 -54.56 -24.24 -38.02
N THR B 1197 -53.98 -23.78 -39.14
CA THR B 1197 -54.12 -22.41 -39.64
C THR B 1197 -53.74 -22.45 -41.11
N TYR B 1198 -54.71 -22.26 -41.99
CA TYR B 1198 -54.42 -22.42 -43.41
C TYR B 1198 -53.86 -21.14 -44.01
N GLY B 1199 -54.73 -20.16 -44.18
CA GLY B 1199 -54.43 -18.84 -44.70
C GLY B 1199 -55.36 -17.91 -43.96
N ILE B 1200 -55.76 -18.36 -42.77
CA ILE B 1200 -56.78 -17.68 -42.00
C ILE B 1200 -56.23 -16.36 -41.49
N SER B 1201 -57.13 -15.44 -41.17
CA SER B 1201 -56.70 -14.15 -40.67
C SER B 1201 -56.29 -14.34 -39.23
N ASP B 1202 -55.07 -13.93 -38.93
CA ASP B 1202 -54.61 -13.90 -37.55
C ASP B 1202 -55.43 -12.87 -36.77
N ASP B 1203 -55.56 -13.14 -35.47
CA ASP B 1203 -56.11 -12.34 -34.37
C ASP B 1203 -57.60 -12.04 -34.49
N ILE B 1204 -58.23 -12.50 -35.57
CA ILE B 1204 -59.59 -13.02 -35.42
C ILE B 1204 -59.52 -14.25 -34.52
N ILE B 1205 -58.50 -15.05 -34.72
CA ILE B 1205 -58.26 -16.18 -33.86
C ILE B 1205 -57.56 -15.72 -32.59
N SER B 1206 -58.33 -15.09 -31.73
CA SER B 1206 -58.12 -14.97 -30.30
C SER B 1206 -59.44 -15.11 -29.60
N GLN B 1207 -60.53 -15.13 -30.35
CA GLN B 1207 -61.91 -14.99 -29.89
C GLN B 1207 -62.78 -16.11 -30.41
N VAL B 1208 -62.38 -16.73 -31.52
CA VAL B 1208 -63.29 -17.41 -32.42
C VAL B 1208 -63.11 -18.91 -32.46
N ASP B 1209 -62.24 -19.47 -31.62
CA ASP B 1209 -61.58 -20.75 -31.82
C ASP B 1209 -62.42 -22.00 -32.09
N PRO B 1210 -63.18 -22.49 -31.11
CA PRO B 1210 -63.14 -23.92 -30.82
C PRO B 1210 -63.75 -24.83 -31.88
N ILE B 1211 -64.79 -24.37 -32.56
CA ILE B 1211 -65.36 -25.13 -33.66
C ILE B 1211 -65.43 -24.33 -34.93
N THR B 1212 -65.42 -23.00 -34.84
CA THR B 1212 -65.77 -22.17 -35.97
C THR B 1212 -64.68 -22.17 -37.03
N LEU B 1213 -63.46 -22.52 -36.64
CA LEU B 1213 -62.39 -22.66 -37.61
C LEU B 1213 -62.67 -23.82 -38.55
N PHE B 1214 -63.23 -24.91 -38.01
CA PHE B 1214 -63.46 -26.12 -38.80
C PHE B 1214 -64.46 -25.89 -39.91
N VAL B 1215 -65.55 -25.21 -39.60
CA VAL B 1215 -66.49 -24.88 -40.66
C VAL B 1215 -65.94 -23.78 -41.55
N LEU B 1216 -65.05 -22.95 -41.02
CA LEU B 1216 -64.45 -21.92 -41.85
C LEU B 1216 -63.52 -22.51 -42.88
N VAL B 1217 -62.75 -23.53 -42.53
CA VAL B 1217 -61.88 -24.12 -43.53
C VAL B 1217 -62.67 -25.08 -44.39
N SER B 1218 -63.87 -25.44 -43.96
CA SER B 1218 -64.70 -26.35 -44.73
C SER B 1218 -65.19 -25.69 -46.01
N VAL B 1219 -65.79 -24.51 -45.87
CA VAL B 1219 -66.54 -23.89 -46.95
C VAL B 1219 -65.65 -23.50 -48.12
N VAL B 1220 -64.44 -23.01 -47.84
CA VAL B 1220 -63.56 -22.55 -48.89
C VAL B 1220 -63.03 -23.72 -49.69
N GLU B 1221 -62.68 -24.81 -49.00
CA GLU B 1221 -62.25 -26.01 -49.71
C GLU B 1221 -63.42 -26.65 -50.44
N ALA B 1222 -64.65 -26.44 -49.98
CA ALA B 1222 -65.78 -26.83 -50.82
C ALA B 1222 -65.89 -25.93 -52.03
N PHE B 1223 -65.45 -24.68 -51.92
CA PHE B 1223 -65.66 -23.77 -53.02
C PHE B 1223 -64.66 -23.95 -54.13
N ILE B 1224 -63.41 -24.26 -53.81
CA ILE B 1224 -62.46 -24.57 -54.85
C ILE B 1224 -62.80 -25.91 -55.47
N ALA B 1225 -63.37 -26.83 -54.71
CA ALA B 1225 -63.84 -28.08 -55.29
C ALA B 1225 -65.07 -27.86 -56.16
N SER B 1226 -65.89 -26.87 -55.82
CA SER B 1226 -66.98 -26.45 -56.67
C SER B 1226 -66.58 -25.28 -57.56
N GLY B 1227 -65.29 -24.98 -57.64
CA GLY B 1227 -64.76 -24.15 -58.71
C GLY B 1227 -65.18 -22.70 -58.69
N ILE B 1228 -65.61 -22.19 -57.55
CA ILE B 1228 -66.01 -20.80 -57.42
C ILE B 1228 -65.08 -20.15 -56.41
N THR B 1229 -63.97 -19.60 -56.87
CA THR B 1229 -63.22 -18.72 -56.02
C THR B 1229 -63.94 -17.37 -55.97
N ASP B 1230 -63.69 -16.62 -54.87
CA ASP B 1230 -64.09 -15.23 -54.71
C ASP B 1230 -65.61 -15.07 -54.79
N PRO B 1231 -66.38 -15.52 -53.77
CA PRO B 1231 -67.85 -15.64 -53.92
C PRO B 1231 -68.63 -14.34 -54.11
N TYR B 1232 -67.91 -13.22 -54.18
CA TYR B 1232 -68.43 -12.05 -54.88
C TYR B 1232 -68.61 -12.29 -56.37
N GLU B 1233 -68.04 -13.38 -56.93
CA GLU B 1233 -68.20 -13.70 -58.34
C GLU B 1233 -69.66 -13.97 -58.70
N MET B 1234 -70.49 -14.35 -57.74
CA MET B 1234 -71.88 -14.66 -58.03
C MET B 1234 -72.68 -13.42 -58.43
N TYR B 1235 -72.37 -12.28 -57.83
CA TYR B 1235 -73.25 -11.12 -57.94
C TYR B 1235 -73.12 -10.39 -59.28
N LYS B 1236 -72.28 -10.87 -60.19
CA LYS B 1236 -72.36 -10.47 -61.58
C LYS B 1236 -73.22 -11.43 -62.39
N TYR B 1237 -74.00 -12.26 -61.71
CA TYR B 1237 -75.08 -13.02 -62.32
C TYR B 1237 -76.35 -12.40 -61.78
N VAL B 1238 -76.41 -11.08 -61.91
CA VAL B 1238 -77.11 -10.08 -61.08
C VAL B 1238 -78.51 -10.51 -60.67
N HIS B 1239 -78.75 -10.36 -59.39
CA HIS B 1239 -79.98 -10.69 -58.71
C HIS B 1239 -80.51 -9.37 -58.17
N VAL B 1240 -81.47 -9.44 -57.26
CA VAL B 1240 -81.66 -8.31 -56.36
C VAL B 1240 -81.12 -8.79 -55.01
N SER B 1241 -80.27 -9.83 -55.08
CA SER B 1241 -79.43 -10.36 -54.00
C SER B 1241 -80.24 -10.89 -52.82
N GLU B 1242 -81.41 -11.45 -53.09
CA GLU B 1242 -82.22 -12.05 -52.04
C GLU B 1242 -82.04 -13.56 -51.99
N VAL B 1243 -80.80 -14.03 -52.11
CA VAL B 1243 -80.51 -15.45 -52.26
C VAL B 1243 -79.30 -15.81 -51.41
N GLY B 1244 -79.44 -16.80 -50.52
CA GLY B 1244 -78.42 -16.93 -49.50
C GLY B 1244 -78.39 -18.05 -48.47
N ASN B 1245 -78.23 -17.64 -47.21
CA ASN B 1245 -77.49 -18.29 -46.12
C ASN B 1245 -77.89 -19.71 -45.74
N CYS B 1246 -77.01 -20.34 -44.95
CA CYS B 1246 -76.94 -21.78 -44.76
C CYS B 1246 -77.96 -22.29 -43.75
N SER B 1247 -77.71 -23.52 -43.30
CA SER B 1247 -78.55 -24.23 -42.36
C SER B 1247 -77.69 -24.99 -41.34
N GLY B 1248 -76.79 -24.27 -40.66
CA GLY B 1248 -75.88 -24.89 -39.70
C GLY B 1248 -76.58 -25.64 -38.57
N SER B 1249 -75.90 -26.65 -38.04
CA SER B 1249 -76.51 -27.58 -37.11
C SER B 1249 -75.46 -28.25 -36.22
N GLY B 1250 -75.95 -28.96 -35.20
CA GLY B 1250 -75.12 -29.66 -34.24
C GLY B 1250 -75.57 -29.35 -32.83
N MET B 1251 -75.69 -30.37 -31.97
CA MET B 1251 -76.06 -30.10 -30.58
C MET B 1251 -74.93 -29.38 -29.86
N GLY B 1252 -73.70 -29.69 -30.22
CA GLY B 1252 -72.55 -29.23 -29.48
C GLY B 1252 -72.14 -27.82 -29.82
N GLY B 1253 -70.85 -27.64 -30.11
CA GLY B 1253 -70.29 -26.32 -30.15
C GLY B 1253 -70.17 -25.71 -28.78
N VAL B 1254 -70.10 -26.53 -27.73
CA VAL B 1254 -70.11 -26.02 -26.37
C VAL B 1254 -68.75 -25.40 -26.09
N SER B 1255 -67.68 -26.19 -25.94
CA SER B 1255 -66.29 -25.98 -26.33
C SER B 1255 -65.61 -24.66 -25.96
N ALA B 1256 -66.41 -23.68 -25.54
CA ALA B 1256 -66.05 -22.53 -24.76
C ALA B 1256 -67.15 -22.25 -23.77
N LEU B 1257 -68.32 -22.85 -23.94
CA LEU B 1257 -69.38 -22.79 -22.95
C LEU B 1257 -68.99 -23.56 -21.69
N ARG B 1258 -68.07 -24.52 -21.83
CA ARG B 1258 -67.41 -25.07 -20.65
C ARG B 1258 -66.73 -23.97 -19.87
N GLY B 1259 -66.06 -23.06 -20.57
CA GLY B 1259 -65.58 -21.86 -19.92
C GLY B 1259 -66.68 -20.95 -19.45
N MET B 1260 -67.88 -21.04 -20.02
CA MET B 1260 -68.96 -20.20 -19.51
C MET B 1260 -69.44 -20.68 -18.15
N PHE B 1261 -69.21 -21.93 -17.80
CA PHE B 1261 -69.65 -22.39 -16.49
C PHE B 1261 -68.52 -22.87 -15.60
N LYS B 1262 -67.59 -23.68 -16.10
CA LYS B 1262 -66.50 -24.09 -15.23
C LYS B 1262 -65.48 -22.97 -15.06
N ASP B 1263 -65.45 -21.99 -15.95
CA ASP B 1263 -64.52 -20.87 -15.81
C ASP B 1263 -65.25 -19.57 -15.46
N ARG B 1264 -66.25 -19.65 -14.60
CA ARG B 1264 -66.82 -18.46 -14.01
C ARG B 1264 -67.29 -18.82 -12.62
N PHE B 1265 -67.12 -17.86 -11.70
CA PHE B 1265 -67.03 -17.96 -10.24
C PHE B 1265 -65.77 -18.71 -9.83
N LYS B 1266 -64.90 -19.06 -10.79
CA LYS B 1266 -63.62 -19.73 -10.57
C LYS B 1266 -62.46 -18.93 -11.17
N ASP B 1267 -62.76 -17.97 -12.07
CA ASP B 1267 -61.93 -16.80 -12.34
C ASP B 1267 -60.56 -17.14 -12.94
N GLU B 1268 -60.61 -17.64 -14.17
CA GLU B 1268 -59.46 -17.74 -15.06
C GLU B 1268 -59.87 -17.08 -16.37
N PRO B 1269 -58.89 -16.51 -17.15
CA PRO B 1269 -59.25 -15.45 -18.12
C PRO B 1269 -60.19 -15.83 -19.26
N VAL B 1270 -61.35 -15.20 -19.24
CA VAL B 1270 -62.36 -15.33 -20.29
C VAL B 1270 -62.61 -13.94 -20.84
N GLN B 1271 -62.71 -13.82 -22.16
CA GLN B 1271 -62.99 -12.54 -22.79
C GLN B 1271 -64.36 -12.02 -22.35
N ASN B 1272 -64.56 -10.72 -22.56
CA ASN B 1272 -65.70 -10.05 -21.97
C ASN B 1272 -67.01 -10.34 -22.69
N ASP B 1273 -66.96 -11.07 -23.80
CA ASP B 1273 -68.17 -11.45 -24.54
C ASP B 1273 -68.00 -12.88 -25.01
N ILE B 1274 -68.67 -13.81 -24.34
CA ILE B 1274 -68.63 -15.22 -24.75
C ILE B 1274 -70.01 -15.75 -25.11
N LEU B 1275 -71.07 -15.03 -24.75
CA LEU B 1275 -72.41 -15.46 -25.04
C LEU B 1275 -72.76 -15.27 -26.51
N GLN B 1276 -71.98 -14.47 -27.23
CA GLN B 1276 -72.13 -14.41 -28.69
C GLN B 1276 -71.78 -15.76 -29.31
N GLU B 1277 -70.62 -16.30 -28.97
CA GLU B 1277 -70.19 -17.60 -29.48
C GLU B 1277 -70.72 -18.74 -28.62
N SER B 1278 -71.79 -18.50 -27.88
CA SER B 1278 -72.39 -19.56 -27.10
C SER B 1278 -73.40 -20.33 -27.93
N PHE B 1279 -74.03 -19.66 -28.89
CA PHE B 1279 -75.23 -20.16 -29.55
C PHE B 1279 -74.89 -21.21 -30.59
N ILE B 1280 -75.85 -21.44 -31.47
CA ILE B 1280 -75.69 -22.43 -32.53
C ILE B 1280 -75.83 -21.82 -33.90
N ASN B 1281 -76.38 -20.61 -34.00
CA ASN B 1281 -76.45 -19.88 -35.26
C ASN B 1281 -75.27 -18.95 -35.46
N THR B 1282 -74.48 -18.76 -34.42
CA THR B 1282 -73.40 -17.79 -34.47
C THR B 1282 -72.29 -18.21 -35.42
N MET B 1283 -72.09 -19.51 -35.61
CA MET B 1283 -71.22 -19.97 -36.67
C MET B 1283 -71.82 -19.60 -38.02
N SER B 1284 -73.11 -19.88 -38.19
CA SER B 1284 -73.82 -19.52 -39.40
C SER B 1284 -73.96 -18.02 -39.57
N ALA B 1285 -73.70 -17.23 -38.53
CA ALA B 1285 -73.49 -15.81 -38.74
C ALA B 1285 -72.13 -15.54 -39.34
N TRP B 1286 -71.11 -16.21 -38.84
CA TRP B 1286 -69.76 -15.92 -39.29
C TRP B 1286 -69.45 -16.43 -40.69
N VAL B 1287 -70.23 -17.37 -41.21
CA VAL B 1287 -70.09 -17.66 -42.63
C VAL B 1287 -70.62 -16.51 -43.46
N ASN B 1288 -71.52 -15.72 -42.90
CA ASN B 1288 -72.07 -14.63 -43.69
C ASN B 1288 -71.14 -13.42 -43.73
N MET B 1289 -70.88 -12.81 -42.58
CA MET B 1289 -70.19 -11.52 -42.67
C MET B 1289 -68.70 -11.67 -42.85
N LEU B 1290 -68.10 -12.77 -42.42
CA LEU B 1290 -66.65 -12.93 -42.57
C LEU B 1290 -66.29 -13.57 -43.90
N LEU B 1291 -67.31 -13.83 -44.72
CA LEU B 1291 -67.18 -14.48 -46.02
C LEU B 1291 -68.29 -13.95 -46.92
N ILE B 1292 -68.72 -14.77 -47.88
CA ILE B 1292 -69.91 -14.60 -48.70
C ILE B 1292 -71.07 -14.04 -47.89
N SER B 1293 -71.56 -12.88 -48.32
CA SER B 1293 -72.16 -11.92 -47.42
C SER B 1293 -73.60 -11.60 -47.76
N SER B 1294 -74.43 -12.62 -47.90
CA SER B 1294 -75.78 -12.45 -48.42
C SER B 1294 -76.71 -11.77 -47.41
N SER B 1295 -77.98 -11.75 -47.76
CA SER B 1295 -79.01 -11.05 -46.99
C SER B 1295 -80.27 -11.88 -46.84
N GLY B 1296 -80.35 -13.02 -47.50
CA GLY B 1296 -81.60 -13.73 -47.65
C GLY B 1296 -81.97 -14.60 -46.47
N PRO B 1297 -82.28 -15.86 -46.75
CA PRO B 1297 -82.91 -16.72 -45.74
C PRO B 1297 -81.92 -17.51 -44.91
N ILE B 1298 -82.33 -17.75 -43.66
CA ILE B 1298 -81.54 -18.45 -42.66
C ILE B 1298 -82.44 -19.47 -41.99
N LYS B 1299 -82.00 -20.72 -41.93
CA LYS B 1299 -82.86 -21.76 -41.38
C LYS B 1299 -82.32 -22.37 -40.08
N THR B 1300 -81.10 -22.93 -40.09
CA THR B 1300 -80.38 -23.46 -38.94
C THR B 1300 -81.17 -24.46 -38.10
N PRO B 1301 -81.32 -25.69 -38.53
CA PRO B 1301 -81.89 -26.73 -37.66
C PRO B 1301 -80.83 -27.20 -36.67
N VAL B 1302 -81.24 -28.09 -35.78
CA VAL B 1302 -80.24 -28.76 -34.94
C VAL B 1302 -80.29 -30.26 -35.18
N GLY B 1303 -81.39 -30.91 -34.78
CA GLY B 1303 -81.68 -32.32 -34.98
C GLY B 1303 -80.59 -33.35 -34.78
N ALA B 1304 -79.74 -33.17 -33.76
CA ALA B 1304 -78.50 -33.94 -33.67
C ALA B 1304 -78.75 -35.37 -33.22
N CYS B 1305 -77.70 -36.19 -33.43
CA CYS B 1305 -77.54 -37.65 -33.44
C CYS B 1305 -78.14 -38.23 -34.72
N ALA B 1306 -78.86 -37.39 -35.46
CA ALA B 1306 -79.35 -37.67 -36.80
C ALA B 1306 -79.37 -36.38 -37.61
N THR B 1307 -78.43 -35.48 -37.33
CA THR B 1307 -78.44 -34.18 -37.96
C THR B 1307 -77.89 -34.25 -39.38
N SER B 1308 -77.58 -33.07 -39.92
CA SER B 1308 -76.85 -32.87 -41.18
C SER B 1308 -77.63 -33.37 -42.39
N VAL B 1309 -78.89 -33.73 -42.23
CA VAL B 1309 -79.68 -34.20 -43.36
C VAL B 1309 -80.95 -33.36 -43.49
N GLU B 1310 -81.60 -33.08 -42.37
CA GLU B 1310 -82.75 -32.20 -42.36
C GLU B 1310 -82.37 -30.80 -42.74
N SER B 1311 -81.13 -30.40 -42.42
CA SER B 1311 -80.53 -29.20 -42.94
C SER B 1311 -80.50 -29.21 -44.45
N VAL B 1312 -80.09 -30.34 -45.03
CA VAL B 1312 -80.25 -30.50 -46.46
C VAL B 1312 -81.73 -30.59 -46.80
N ASP B 1313 -82.50 -31.30 -45.99
CA ASP B 1313 -83.85 -31.64 -46.42
C ASP B 1313 -84.80 -30.46 -46.28
N ILE B 1314 -84.61 -29.63 -45.25
CA ILE B 1314 -85.36 -28.39 -45.30
C ILE B 1314 -84.65 -27.41 -46.23
N GLY B 1315 -83.33 -27.55 -46.36
CA GLY B 1315 -82.62 -26.74 -47.33
C GLY B 1315 -82.99 -27.09 -48.76
N VAL B 1316 -83.35 -28.35 -49.01
CA VAL B 1316 -83.83 -28.66 -50.35
C VAL B 1316 -85.27 -28.23 -50.52
N GLU B 1317 -86.00 -28.01 -49.42
CA GLU B 1317 -87.32 -27.43 -49.57
C GLU B 1317 -87.24 -25.95 -49.91
N THR B 1318 -86.13 -25.31 -49.53
CA THR B 1318 -85.97 -23.89 -49.77
C THR B 1318 -85.82 -23.60 -51.25
N ILE B 1319 -85.15 -24.49 -51.96
CA ILE B 1319 -84.76 -24.22 -53.33
C ILE B 1319 -85.82 -24.67 -54.32
N LEU B 1320 -86.62 -25.68 -53.98
CA LEU B 1320 -87.78 -26.01 -54.80
C LEU B 1320 -88.78 -24.87 -54.80
N SER B 1321 -88.94 -24.22 -53.67
CA SER B 1321 -89.65 -22.96 -53.64
C SER B 1321 -88.81 -21.93 -54.35
N GLY B 1322 -89.46 -21.01 -55.05
CA GLY B 1322 -88.72 -19.94 -55.65
C GLY B 1322 -88.30 -18.84 -54.70
N LYS B 1323 -88.44 -19.07 -53.40
CA LYS B 1323 -88.06 -18.09 -52.40
C LYS B 1323 -86.56 -17.89 -52.36
N ALA B 1324 -85.78 -18.87 -52.80
CA ALA B 1324 -84.36 -18.76 -52.63
C ALA B 1324 -83.61 -19.53 -53.70
N ARG B 1325 -82.30 -19.29 -53.72
CA ARG B 1325 -81.37 -20.02 -54.56
C ARG B 1325 -80.14 -20.22 -53.69
N ILE B 1326 -78.99 -20.42 -54.33
CA ILE B 1326 -77.82 -21.20 -53.94
C ILE B 1326 -77.48 -21.12 -52.46
N CYS B 1327 -77.34 -22.29 -51.83
CA CYS B 1327 -77.35 -22.39 -50.38
C CYS B 1327 -76.32 -23.41 -49.91
N ILE B 1328 -76.14 -23.44 -48.59
CA ILE B 1328 -75.12 -24.23 -47.90
C ILE B 1328 -75.85 -24.96 -46.78
N VAL B 1329 -75.25 -26.01 -46.23
CA VAL B 1329 -75.78 -26.71 -45.05
C VAL B 1329 -74.65 -26.90 -44.04
N GLY B 1330 -75.01 -27.03 -42.76
CA GLY B 1330 -74.03 -27.20 -41.71
C GLY B 1330 -73.52 -28.60 -41.54
N GLY B 1331 -73.20 -28.97 -40.30
CA GLY B 1331 -72.64 -30.28 -40.05
C GLY B 1331 -71.52 -30.40 -39.03
N TYR B 1332 -71.24 -29.33 -38.30
CA TYR B 1332 -70.22 -29.38 -37.26
C TYR B 1332 -70.73 -30.10 -36.03
N ASP B 1333 -69.79 -30.65 -35.27
CA ASP B 1333 -69.98 -31.11 -33.90
C ASP B 1333 -68.62 -31.13 -33.23
N ASP B 1334 -68.59 -31.50 -31.95
CA ASP B 1334 -67.35 -31.41 -31.19
C ASP B 1334 -67.35 -32.37 -30.01
N PHE B 1335 -66.14 -32.65 -29.51
CA PHE B 1335 -65.88 -33.44 -28.33
C PHE B 1335 -65.14 -32.58 -27.32
N GLN B 1336 -65.44 -32.79 -26.04
CA GLN B 1336 -64.81 -32.01 -24.97
C GLN B 1336 -64.79 -32.86 -23.70
N GLU B 1337 -64.38 -32.22 -22.60
CA GLU B 1337 -64.45 -32.82 -21.27
C GLU B 1337 -65.87 -33.27 -20.95
N GLU B 1338 -66.82 -32.35 -21.01
CA GLU B 1338 -68.22 -32.70 -20.81
C GLU B 1338 -68.80 -33.47 -21.98
N GLY B 1339 -67.98 -33.82 -22.99
CA GLY B 1339 -68.39 -34.76 -24.01
C GLY B 1339 -68.42 -36.19 -23.51
N SER B 1340 -67.94 -36.42 -22.30
CA SER B 1340 -68.26 -37.64 -21.59
C SER B 1340 -69.40 -37.36 -20.61
N PHE B 1341 -69.66 -38.31 -19.70
CA PHE B 1341 -70.35 -38.03 -18.43
C PHE B 1341 -71.77 -37.48 -18.57
N GLU B 1342 -72.73 -38.39 -18.79
CA GLU B 1342 -73.96 -38.41 -19.61
C GLU B 1342 -73.52 -38.85 -21.00
N PHE B 1343 -72.23 -39.11 -21.18
CA PHE B 1343 -71.73 -39.95 -22.26
C PHE B 1343 -70.73 -40.89 -21.63
N GLY B 1344 -70.95 -42.18 -21.77
CA GLY B 1344 -70.22 -43.15 -20.97
C GLY B 1344 -71.10 -43.48 -19.78
N ASN B 1345 -71.69 -42.45 -19.19
CA ASN B 1345 -72.79 -42.65 -18.26
C ASN B 1345 -74.09 -42.90 -18.99
N MET B 1346 -74.16 -42.54 -20.27
CA MET B 1346 -75.29 -42.96 -21.07
C MET B 1346 -75.16 -44.42 -21.48
N LYS B 1347 -73.98 -45.01 -21.34
CA LYS B 1347 -73.67 -46.42 -21.51
C LYS B 1347 -73.87 -46.93 -22.93
N ALA B 1348 -74.01 -46.04 -23.91
CA ALA B 1348 -74.07 -46.46 -25.31
C ALA B 1348 -72.86 -45.99 -26.09
N THR B 1349 -72.06 -45.14 -25.49
CA THR B 1349 -71.10 -44.35 -26.22
C THR B 1349 -69.88 -45.14 -26.66
N SER B 1350 -69.10 -45.60 -25.67
CA SER B 1350 -67.87 -46.35 -25.81
C SER B 1350 -67.39 -46.67 -24.41
N ASN B 1351 -66.60 -47.73 -24.32
CA ASN B 1351 -65.98 -48.12 -23.06
C ASN B 1351 -64.85 -49.07 -23.38
N THR B 1352 -63.62 -48.72 -23.03
CA THR B 1352 -62.54 -49.67 -23.14
C THR B 1352 -62.61 -50.66 -21.98
N LEU B 1353 -61.60 -51.54 -21.90
CA LEU B 1353 -61.52 -52.60 -20.90
C LEU B 1353 -62.73 -53.50 -21.05
N GLU B 1354 -62.63 -54.45 -22.01
CA GLU B 1354 -63.59 -55.14 -22.89
C GLU B 1354 -63.76 -54.36 -24.17
N GLU B 1355 -63.06 -53.24 -24.32
CA GLU B 1355 -62.48 -52.91 -25.61
C GLU B 1355 -60.97 -52.79 -25.44
N PHE B 1356 -60.48 -53.16 -24.26
CA PHE B 1356 -59.10 -53.53 -24.07
C PHE B 1356 -58.94 -55.00 -23.77
N GLU B 1357 -59.97 -55.66 -23.23
CA GLU B 1357 -59.72 -56.95 -22.59
C GLU B 1357 -59.71 -58.11 -23.57
N HIS B 1358 -60.87 -58.46 -24.11
CA HIS B 1358 -60.89 -59.62 -25.02
C HIS B 1358 -60.46 -59.19 -26.41
N GLY B 1359 -60.69 -57.94 -26.75
CA GLY B 1359 -60.07 -57.31 -27.89
C GLY B 1359 -59.17 -56.21 -27.37
N ARG B 1360 -57.86 -56.38 -27.53
CA ARG B 1360 -56.88 -55.39 -27.12
C ARG B 1360 -57.08 -54.12 -27.93
N THR B 1361 -56.79 -54.22 -29.22
CA THR B 1361 -57.31 -53.46 -30.36
C THR B 1361 -57.51 -51.96 -30.20
N PRO B 1362 -56.44 -51.16 -30.07
CA PRO B 1362 -56.64 -49.69 -30.12
C PRO B 1362 -56.95 -49.20 -31.51
N ALA B 1363 -56.51 -49.89 -32.54
CA ALA B 1363 -56.81 -49.46 -33.90
C ALA B 1363 -58.23 -49.84 -34.28
N GLU B 1364 -58.67 -51.04 -33.89
CA GLU B 1364 -60.04 -51.41 -34.17
C GLU B 1364 -61.00 -50.56 -33.37
N MET B 1365 -61.13 -50.90 -32.09
CA MET B 1365 -61.99 -50.31 -31.06
C MET B 1365 -63.49 -50.35 -31.37
N SER B 1366 -63.88 -50.70 -32.59
CA SER B 1366 -65.26 -50.59 -33.03
C SER B 1366 -65.34 -51.34 -34.36
N ARG B 1367 -66.23 -52.33 -34.44
CA ARG B 1367 -66.56 -52.94 -35.72
C ARG B 1367 -68.07 -53.16 -35.71
N PRO B 1368 -68.82 -52.42 -36.53
CA PRO B 1368 -70.28 -52.48 -36.46
C PRO B 1368 -70.82 -53.79 -37.00
N ALA B 1369 -71.99 -54.18 -36.49
CA ALA B 1369 -72.73 -55.37 -36.89
C ALA B 1369 -71.91 -56.64 -36.69
N THR B 1370 -71.30 -56.76 -35.52
CA THR B 1370 -70.38 -57.85 -35.24
C THR B 1370 -70.70 -58.65 -33.99
N THR B 1371 -71.56 -58.13 -33.10
CA THR B 1371 -71.84 -58.39 -31.67
C THR B 1371 -70.69 -57.96 -30.77
N THR B 1372 -69.55 -57.60 -31.32
CA THR B 1372 -68.43 -57.15 -30.53
C THR B 1372 -68.63 -55.69 -30.09
N ARG B 1373 -69.62 -55.01 -30.68
CA ARG B 1373 -69.88 -53.61 -30.37
C ARG B 1373 -70.31 -53.45 -28.92
N ASN B 1374 -69.63 -52.54 -28.23
CA ASN B 1374 -70.02 -52.11 -26.90
C ASN B 1374 -70.21 -50.61 -26.84
N GLY B 1375 -69.67 -49.87 -27.79
CA GLY B 1375 -69.94 -48.46 -27.90
C GLY B 1375 -69.33 -47.96 -29.18
N PHE B 1376 -69.91 -46.87 -29.70
CA PHE B 1376 -69.70 -46.66 -31.12
C PHE B 1376 -68.39 -45.95 -31.46
N MET B 1377 -68.37 -44.60 -31.52
CA MET B 1377 -67.31 -43.60 -31.33
C MET B 1377 -67.84 -42.29 -31.91
N GLU B 1378 -67.30 -41.14 -31.50
CA GLU B 1378 -67.39 -39.92 -32.30
C GLU B 1378 -66.17 -39.06 -32.02
N ALA B 1379 -65.91 -38.13 -32.94
CA ALA B 1379 -64.71 -37.31 -32.88
C ALA B 1379 -65.09 -35.88 -33.22
N GLN B 1380 -64.09 -35.07 -33.57
CA GLN B 1380 -64.29 -33.65 -33.85
C GLN B 1380 -65.16 -33.43 -35.08
N GLY B 1381 -64.65 -33.76 -36.26
CA GLY B 1381 -65.43 -33.66 -37.47
C GLY B 1381 -65.74 -32.26 -37.99
N ALA B 1382 -65.90 -32.15 -39.32
CA ALA B 1382 -66.39 -30.93 -39.96
C ALA B 1382 -66.87 -31.30 -41.35
N GLY B 1383 -68.16 -31.09 -41.63
CA GLY B 1383 -68.69 -31.47 -42.92
C GLY B 1383 -69.50 -30.40 -43.61
N ILE B 1384 -69.39 -30.28 -44.92
CA ILE B 1384 -69.96 -29.14 -45.63
C ILE B 1384 -70.44 -29.58 -47.01
N GLN B 1385 -71.53 -28.96 -47.48
CA GLN B 1385 -72.09 -29.19 -48.81
C GLN B 1385 -72.74 -27.91 -49.30
N ILE B 1386 -72.82 -27.75 -50.63
CA ILE B 1386 -73.56 -26.66 -51.23
C ILE B 1386 -74.46 -27.15 -52.37
N ILE B 1387 -75.53 -26.40 -52.63
CA ILE B 1387 -76.64 -26.83 -53.48
C ILE B 1387 -77.09 -25.70 -54.39
N MET B 1388 -77.58 -26.07 -55.58
CA MET B 1388 -77.95 -25.12 -56.61
C MET B 1388 -79.28 -25.51 -57.24
N GLN B 1389 -79.86 -24.58 -58.00
CA GLN B 1389 -81.11 -24.77 -58.73
C GLN B 1389 -80.94 -25.60 -59.98
N ALA B 1390 -79.69 -25.87 -60.37
CA ALA B 1390 -79.21 -26.69 -61.46
C ALA B 1390 -79.41 -26.09 -62.84
N ASP B 1391 -80.28 -25.08 -62.97
CA ASP B 1391 -80.30 -24.37 -64.23
C ASP B 1391 -79.14 -23.38 -64.26
N LEU B 1392 -78.98 -22.66 -63.16
CA LEU B 1392 -77.80 -21.83 -62.98
C LEU B 1392 -76.54 -22.66 -62.90
N ALA B 1393 -76.64 -23.91 -62.45
CA ALA B 1393 -75.46 -24.75 -62.47
C ALA B 1393 -75.10 -25.16 -63.89
N LEU B 1394 -76.05 -25.05 -64.81
CA LEU B 1394 -75.65 -25.12 -66.19
C LEU B 1394 -75.12 -23.79 -66.68
N LYS B 1395 -75.52 -22.70 -66.05
CA LYS B 1395 -75.03 -21.39 -66.44
C LYS B 1395 -73.62 -21.22 -65.88
N MET B 1396 -72.62 -21.44 -66.74
CA MET B 1396 -71.20 -21.35 -66.41
C MET B 1396 -70.86 -22.29 -65.25
N GLY B 1397 -70.99 -23.57 -65.57
CA GLY B 1397 -70.92 -24.72 -64.67
C GLY B 1397 -69.87 -24.76 -63.59
N VAL B 1398 -70.27 -25.28 -62.43
CA VAL B 1398 -69.45 -25.26 -61.23
C VAL B 1398 -68.47 -26.43 -61.08
N PRO B 1399 -68.73 -27.69 -61.54
CA PRO B 1399 -69.77 -28.49 -62.19
C PRO B 1399 -70.56 -29.44 -61.29
N ILE B 1400 -71.25 -30.34 -61.99
CA ILE B 1400 -72.27 -31.23 -61.44
C ILE B 1400 -71.60 -32.37 -60.70
N TYR B 1401 -72.17 -32.79 -59.57
CA TYR B 1401 -71.78 -34.08 -59.03
C TYR B 1401 -72.93 -35.08 -58.92
N GLY B 1402 -73.99 -34.77 -58.16
CA GLY B 1402 -74.89 -35.77 -57.66
C GLY B 1402 -76.32 -35.66 -58.16
N ILE B 1403 -77.24 -36.21 -57.36
CA ILE B 1403 -78.67 -36.21 -57.65
C ILE B 1403 -79.43 -36.36 -56.34
N VAL B 1404 -80.46 -35.54 -56.12
CA VAL B 1404 -81.11 -35.38 -54.82
C VAL B 1404 -82.40 -36.17 -54.78
N ALA B 1405 -82.51 -37.08 -53.81
CA ALA B 1405 -83.56 -38.10 -53.82
C ALA B 1405 -84.55 -37.97 -52.67
N MET B 1406 -84.10 -38.09 -51.44
CA MET B 1406 -85.01 -38.49 -50.39
C MET B 1406 -85.73 -37.32 -49.74
N ALA B 1407 -86.68 -37.67 -48.88
CA ALA B 1407 -87.38 -36.69 -48.04
C ALA B 1407 -87.70 -37.43 -46.74
N ALA B 1408 -86.80 -37.32 -45.78
CA ALA B 1408 -86.82 -38.09 -44.56
C ALA B 1408 -87.58 -37.32 -43.48
N THR B 1409 -87.32 -37.68 -42.21
CA THR B 1409 -87.54 -36.85 -41.02
C THR B 1409 -89.03 -36.62 -40.74
N ALA B 1410 -89.71 -37.70 -40.36
CA ALA B 1410 -90.94 -37.63 -39.58
C ALA B 1410 -91.10 -38.89 -38.73
N THR B 1411 -91.01 -38.73 -37.41
CA THR B 1411 -90.95 -39.84 -36.46
C THR B 1411 -92.28 -40.59 -36.34
N ASP B 1412 -93.36 -39.88 -35.98
CA ASP B 1412 -94.72 -40.43 -35.87
C ASP B 1412 -94.83 -41.56 -34.83
N LYS B 1413 -93.95 -41.57 -33.83
CA LYS B 1413 -94.00 -42.63 -32.82
C LYS B 1413 -93.73 -42.05 -31.45
N ILE B 1414 -94.70 -42.17 -30.54
CA ILE B 1414 -94.61 -41.59 -29.19
C ILE B 1414 -94.75 -42.73 -28.18
N GLY B 1415 -93.63 -43.29 -27.76
CA GLY B 1415 -93.59 -44.23 -26.63
C GLY B 1415 -93.52 -43.49 -25.32
N ARG B 1416 -92.66 -43.98 -24.41
CA ARG B 1416 -92.30 -43.18 -23.25
C ARG B 1416 -90.85 -43.39 -22.85
N SER B 1417 -89.94 -43.35 -23.81
CA SER B 1417 -88.52 -43.35 -23.48
C SER B 1417 -87.73 -42.64 -24.55
N VAL B 1418 -86.43 -42.50 -24.30
CA VAL B 1418 -85.48 -41.95 -25.26
C VAL B 1418 -84.19 -42.74 -25.09
N PRO B 1419 -83.48 -43.09 -26.16
CA PRO B 1419 -83.81 -43.08 -27.58
C PRO B 1419 -84.02 -44.48 -28.14
N ALA B 1420 -84.11 -44.60 -29.46
CA ALA B 1420 -84.32 -45.89 -30.12
C ALA B 1420 -83.56 -45.89 -31.44
N PRO B 1421 -82.52 -46.72 -31.58
CA PRO B 1421 -81.77 -46.78 -32.84
C PRO B 1421 -82.54 -47.47 -33.94
N GLY B 1422 -81.92 -47.53 -35.12
CA GLY B 1422 -82.70 -47.77 -36.32
C GLY B 1422 -82.93 -49.21 -36.70
N LYS B 1423 -84.00 -49.71 -36.15
CA LYS B 1423 -84.91 -50.68 -36.72
C LYS B 1423 -86.13 -49.86 -37.18
N GLY B 1424 -87.29 -50.49 -37.36
CA GLY B 1424 -88.44 -49.86 -38.00
C GLY B 1424 -89.19 -48.76 -37.25
N ILE B 1425 -88.46 -47.89 -36.54
CA ILE B 1425 -89.04 -46.75 -35.82
C ILE B 1425 -89.81 -45.84 -36.76
N LEU B 1426 -89.10 -45.19 -37.68
CA LEU B 1426 -89.71 -44.29 -38.63
C LEU B 1426 -89.26 -44.69 -40.02
N THR B 1427 -89.50 -43.81 -41.00
CA THR B 1427 -89.23 -43.98 -42.42
C THR B 1427 -89.97 -45.14 -43.05
N THR B 1428 -90.83 -45.81 -42.31
CA THR B 1428 -91.84 -46.67 -42.89
C THR B 1428 -93.10 -45.90 -43.18
N ALA B 1429 -93.21 -44.69 -42.62
CA ALA B 1429 -94.11 -43.70 -43.21
C ALA B 1429 -93.51 -43.16 -44.49
N ARG B 1430 -92.19 -43.04 -44.54
CA ARG B 1430 -91.54 -42.97 -45.84
C ARG B 1430 -91.68 -44.32 -46.53
N GLU B 1431 -91.46 -44.33 -47.84
CA GLU B 1431 -91.79 -45.43 -48.77
C GLU B 1431 -93.20 -45.98 -48.52
N HIS B 1432 -94.17 -45.07 -48.29
CA HIS B 1432 -95.54 -45.39 -47.90
C HIS B 1432 -96.23 -46.21 -48.97
N HIS B 1433 -96.48 -45.56 -50.12
CA HIS B 1433 -96.59 -46.15 -51.47
C HIS B 1433 -97.48 -47.41 -51.49
N SER B 1434 -98.74 -47.21 -51.10
CA SER B 1434 -99.65 -48.28 -50.72
C SER B 1434 -100.07 -49.13 -51.91
N SER B 1435 -100.78 -50.21 -51.59
CA SER B 1435 -101.15 -51.21 -52.59
C SER B 1435 -102.56 -51.77 -52.37
N VAL B 1436 -103.55 -50.90 -52.17
CA VAL B 1436 -104.92 -51.38 -52.36
C VAL B 1436 -105.14 -51.59 -53.86
N LYS B 1437 -106.15 -52.41 -54.21
CA LYS B 1437 -106.19 -53.21 -55.43
C LYS B 1437 -106.01 -52.42 -56.72
N TYR B 1438 -104.87 -52.63 -57.36
CA TYR B 1438 -104.61 -52.03 -58.67
C TYR B 1438 -104.27 -53.07 -59.72
N ALA B 1439 -103.25 -53.90 -59.50
CA ALA B 1439 -102.80 -54.99 -60.36
C ALA B 1439 -102.56 -54.61 -61.82
N SER B 1440 -102.36 -53.32 -62.11
CA SER B 1440 -102.32 -52.87 -63.50
C SER B 1440 -101.39 -51.68 -63.65
N PRO B 1441 -100.33 -51.79 -64.45
CA PRO B 1441 -99.35 -50.70 -64.56
C PRO B 1441 -99.82 -49.63 -65.55
N ASN B 1442 -99.45 -48.38 -65.23
CA ASN B 1442 -99.75 -47.18 -66.00
C ASN B 1442 -101.23 -47.00 -66.32
N LYS B 1514 -97.36 -37.38 -54.67
CA LYS B 1514 -98.23 -36.29 -54.26
C LYS B 1514 -99.46 -36.88 -53.59
N ARG B 1515 -100.59 -36.83 -54.29
CA ARG B 1515 -101.82 -37.41 -53.76
C ARG B 1515 -101.77 -38.93 -53.87
N ASP B 1516 -101.79 -39.49 -55.09
CA ASP B 1516 -101.19 -40.71 -55.63
C ASP B 1516 -100.92 -41.81 -54.61
N PRO B 1517 -101.95 -42.49 -54.08
CA PRO B 1517 -101.71 -43.50 -53.04
C PRO B 1517 -101.00 -44.75 -53.53
N ARG B 1518 -100.62 -44.84 -54.80
CA ARG B 1518 -100.01 -46.02 -55.38
C ARG B 1518 -98.49 -45.95 -55.33
N ILE B 1519 -97.92 -44.95 -55.99
CA ILE B 1519 -96.49 -44.83 -56.04
C ILE B 1519 -96.18 -43.42 -55.60
N UNK B 1747 -83.32 -7.61 -76.11
CA UNK B 1747 -84.20 -8.69 -75.69
C UNK B 1747 -85.08 -9.17 -76.84
N UNK B 1748 -84.73 -8.75 -78.06
CA UNK B 1748 -85.40 -9.11 -79.32
C UNK B 1748 -86.90 -8.77 -79.38
N UNK B 1749 -87.70 -9.46 -78.57
CA UNK B 1749 -89.17 -9.46 -78.63
C UNK B 1749 -89.84 -8.09 -78.49
N UNK B 1750 -89.16 -7.13 -77.89
CA UNK B 1750 -89.65 -5.77 -77.80
C UNK B 1750 -89.69 -5.13 -79.18
N UNK B 1751 -88.84 -5.63 -80.08
CA UNK B 1751 -88.87 -5.24 -81.48
C UNK B 1751 -89.09 -6.45 -82.39
N UNK B 1752 -89.18 -7.65 -81.83
CA UNK B 1752 -89.45 -8.83 -82.64
C UNK B 1752 -90.89 -9.29 -82.49
N UNK B 1753 -91.31 -9.52 -81.25
CA UNK B 1753 -92.68 -9.93 -81.00
C UNK B 1753 -93.59 -8.74 -81.15
N UNK B 1754 -93.38 -7.72 -80.32
CA UNK B 1754 -94.26 -6.57 -80.23
C UNK B 1754 -94.39 -5.75 -81.51
N UNK B 1755 -93.27 -5.50 -82.17
CA UNK B 1755 -93.26 -4.69 -83.39
C UNK B 1755 -93.98 -5.40 -84.52
N UNK B 1756 -93.81 -6.72 -84.57
CA UNK B 1756 -94.54 -7.50 -85.56
C UNK B 1756 -95.97 -7.65 -85.11
N UNK B 1757 -96.18 -7.60 -83.80
CA UNK B 1757 -97.54 -7.62 -83.28
C UNK B 1757 -98.15 -6.25 -83.53
N UNK B 1758 -97.31 -5.23 -83.59
CA UNK B 1758 -97.77 -3.89 -83.93
C UNK B 1758 -98.13 -3.87 -85.41
N UNK B 1759 -97.45 -4.71 -86.18
CA UNK B 1759 -97.77 -4.87 -87.58
C UNK B 1759 -99.09 -5.62 -87.75
N UNK B 1760 -99.40 -6.53 -86.83
CA UNK B 1760 -100.64 -7.30 -86.92
C UNK B 1760 -101.82 -6.49 -86.42
N UNK B 1761 -101.57 -5.75 -85.36
CA UNK B 1761 -102.58 -4.89 -84.78
C UNK B 1761 -102.89 -3.74 -85.73
N UNK B 1762 -101.92 -2.84 -85.90
CA UNK B 1762 -102.15 -1.60 -86.63
C UNK B 1762 -102.01 -1.75 -88.14
N UNK B 1763 -102.45 -2.89 -88.67
CA UNK B 1763 -102.66 -3.05 -90.11
C UNK B 1763 -103.74 -4.10 -90.28
N UNK B 1764 -104.69 -4.08 -89.36
CA UNK B 1764 -105.85 -4.98 -89.44
C UNK B 1764 -106.99 -4.31 -90.22
N UNK B 1765 -107.31 -4.89 -91.37
CA UNK B 1765 -108.39 -4.41 -92.22
C UNK B 1765 -108.86 -5.52 -93.18
N UNK B 1766 -107.98 -5.92 -94.10
CA UNK B 1766 -108.25 -7.01 -95.02
C UNK B 1766 -108.33 -8.33 -94.25
N UNK B 1767 -109.55 -8.72 -93.87
CA UNK B 1767 -109.81 -9.83 -92.95
C UNK B 1767 -109.30 -11.19 -93.44
N UNK B 1768 -107.99 -11.38 -93.30
CA UNK B 1768 -107.34 -12.63 -93.61
C UNK B 1768 -106.30 -12.91 -92.52
N UNK B 1769 -106.50 -12.27 -91.37
CA UNK B 1769 -105.66 -12.48 -90.20
C UNK B 1769 -106.03 -13.81 -89.56
N UNK B 1770 -105.10 -14.41 -88.81
CA UNK B 1770 -105.32 -15.72 -88.21
C UNK B 1770 -104.46 -15.98 -86.97
N UNK B 1771 -103.17 -15.65 -87.07
CA UNK B 1771 -102.16 -15.70 -86.00
C UNK B 1771 -101.93 -17.10 -85.40
N UNK B 1772 -100.79 -17.70 -85.72
CA UNK B 1772 -100.41 -18.97 -85.11
C UNK B 1772 -99.15 -18.82 -84.26
N UNK B 1773 -99.12 -19.50 -83.11
CA UNK B 1773 -98.01 -19.39 -82.16
C UNK B 1773 -97.69 -20.72 -81.51
N UNK B 1774 -96.42 -20.98 -81.24
CA UNK B 1774 -96.04 -22.26 -80.63
C UNK B 1774 -94.77 -22.15 -79.78
N UNK B 1775 -94.50 -23.19 -79.00
CA UNK B 1775 -93.37 -23.18 -78.07
C UNK B 1775 -92.04 -23.41 -78.76
N UNK B 1776 -90.95 -23.13 -78.05
CA UNK B 1776 -89.62 -23.32 -78.60
C UNK B 1776 -89.14 -24.75 -78.45
N UNK B 1777 -89.89 -25.56 -77.72
CA UNK B 1777 -89.47 -26.93 -77.49
C UNK B 1777 -90.55 -27.89 -77.95
N UNK B 1778 -91.65 -27.32 -78.43
CA UNK B 1778 -92.74 -28.12 -78.91
C UNK B 1778 -92.39 -28.80 -80.24
N UNK B 1779 -92.44 -28.03 -81.32
CA UNK B 1779 -92.35 -28.59 -82.67
C UNK B 1779 -90.96 -29.05 -83.06
N UNK B 1780 -89.94 -28.40 -82.51
CA UNK B 1780 -88.57 -28.77 -82.83
C UNK B 1780 -88.02 -29.74 -81.80
N UNK B 1781 -88.90 -30.54 -81.21
CA UNK B 1781 -88.50 -31.53 -80.23
C UNK B 1781 -87.79 -32.70 -80.92
N UNK B 1782 -88.24 -33.02 -82.13
CA UNK B 1782 -87.61 -34.07 -82.92
C UNK B 1782 -86.63 -33.45 -83.89
N UNK B 1783 -85.71 -32.66 -83.34
CA UNK B 1783 -84.77 -31.87 -84.12
C UNK B 1783 -83.79 -32.73 -84.88
N UNK B 1784 -83.55 -33.93 -84.37
CA UNK B 1784 -82.76 -34.90 -85.08
C UNK B 1784 -83.24 -36.27 -84.69
N UNK B 1785 -84.55 -36.43 -84.60
CA UNK B 1785 -85.14 -37.67 -84.13
C UNK B 1785 -86.11 -38.28 -85.13
N UNK B 1786 -87.23 -37.59 -85.34
CA UNK B 1786 -88.29 -38.16 -86.15
C UNK B 1786 -88.44 -37.49 -87.50
N UNK B 1787 -88.10 -38.24 -88.55
CA UNK B 1787 -88.26 -37.77 -89.92
C UNK B 1787 -89.70 -37.88 -90.37
N UNK B 1788 -90.53 -38.50 -89.54
CA UNK B 1788 -91.97 -38.47 -89.72
C UNK B 1788 -92.56 -37.32 -88.93
N UNK B 1789 -91.69 -36.47 -88.37
CA UNK B 1789 -92.12 -35.28 -87.67
C UNK B 1789 -91.28 -34.08 -88.09
N UNK B 1790 -90.09 -34.34 -88.63
CA UNK B 1790 -89.26 -33.28 -89.15
C UNK B 1790 -89.51 -33.10 -90.63
N UNK B 1791 -89.31 -34.18 -91.38
CA UNK B 1791 -89.49 -34.16 -92.82
C UNK B 1791 -90.93 -34.47 -93.22
N UNK B 1792 -91.89 -33.86 -92.54
CA UNK B 1792 -93.29 -33.98 -92.88
C UNK B 1792 -93.93 -32.68 -92.48
N UNK B 1793 -93.09 -31.75 -92.05
CA UNK B 1793 -93.52 -30.40 -91.77
C UNK B 1793 -92.87 -29.49 -92.79
N UNK B 1794 -93.38 -29.58 -94.02
CA UNK B 1794 -92.86 -28.89 -95.21
C UNK B 1794 -91.39 -29.16 -95.42
N UNK B 1795 -91.07 -30.39 -95.84
CA UNK B 1795 -89.71 -30.74 -96.17
C UNK B 1795 -89.37 -30.22 -97.55
N UNK B 1796 -89.15 -28.91 -97.64
CA UNK B 1796 -88.83 -28.26 -98.91
C UNK B 1796 -87.34 -28.34 -99.19
N UNK B 1797 -86.88 -27.52 -100.12
CA UNK B 1797 -85.46 -27.35 -100.33
C UNK B 1797 -84.97 -26.53 -99.16
N UNK B 1798 -85.77 -25.56 -98.79
CA UNK B 1798 -85.59 -24.85 -97.55
C UNK B 1798 -86.20 -25.67 -96.44
N UNK B 1799 -85.47 -26.69 -96.00
CA UNK B 1799 -85.89 -27.50 -94.87
C UNK B 1799 -84.66 -27.95 -94.10
N UNK B 1800 -83.54 -27.35 -94.47
CA UNK B 1800 -82.27 -27.64 -93.84
C UNK B 1800 -81.33 -26.46 -94.07
N UNK B 1801 -81.41 -25.90 -95.27
CA UNK B 1801 -80.54 -24.81 -95.67
C UNK B 1801 -80.87 -23.54 -94.90
N UNK B 1802 -82.16 -23.28 -94.73
CA UNK B 1802 -82.58 -22.19 -93.85
C UNK B 1802 -83.06 -22.81 -92.55
N UNK B 1803 -82.61 -24.03 -92.27
CA UNK B 1803 -83.07 -24.76 -91.10
C UNK B 1803 -82.00 -25.65 -90.45
N UNK B 1804 -80.75 -25.25 -90.59
CA UNK B 1804 -79.65 -25.84 -89.83
C UNK B 1804 -78.53 -24.81 -89.82
N UNK B 1805 -78.93 -23.54 -89.78
CA UNK B 1805 -77.97 -22.45 -89.85
C UNK B 1805 -77.58 -21.97 -88.47
N UNK B 1806 -78.27 -20.96 -87.97
CA UNK B 1806 -78.01 -20.42 -86.64
C UNK B 1806 -78.50 -21.40 -85.59
N UNK B 1807 -79.79 -21.30 -85.27
CA UNK B 1807 -80.40 -22.24 -84.34
C UNK B 1807 -80.88 -23.46 -85.10
N UNK B 1808 -81.84 -24.15 -84.50
CA UNK B 1808 -82.47 -25.29 -85.12
C UNK B 1808 -83.81 -25.39 -84.46
N UNK B 1809 -83.78 -25.08 -83.16
CA UNK B 1809 -85.00 -25.04 -82.38
C UNK B 1809 -85.59 -23.65 -82.44
N UNK B 1810 -85.05 -22.81 -83.32
CA UNK B 1810 -85.68 -21.56 -83.68
C UNK B 1810 -85.60 -21.44 -85.20
N UNK B 1811 -84.82 -22.33 -85.79
CA UNK B 1811 -84.66 -22.35 -87.24
C UNK B 1811 -85.59 -23.37 -87.88
N UNK B 1812 -85.97 -24.36 -87.09
CA UNK B 1812 -86.97 -25.31 -87.54
C UNK B 1812 -88.04 -25.40 -86.46
N UNK B 1813 -88.60 -24.26 -86.11
CA UNK B 1813 -89.61 -24.21 -85.07
C UNK B 1813 -90.55 -23.04 -85.28
N UNK B 1814 -89.98 -21.88 -85.56
CA UNK B 1814 -90.74 -20.67 -85.81
C UNK B 1814 -91.54 -20.83 -87.08
N UNK B 1815 -90.97 -21.60 -88.01
CA UNK B 1815 -91.63 -21.95 -89.25
C UNK B 1815 -92.91 -22.76 -89.01
N UNK B 1816 -92.87 -23.65 -88.01
CA UNK B 1816 -94.00 -24.54 -87.78
C UNK B 1816 -95.21 -23.85 -87.15
N UNK B 1817 -95.05 -22.59 -86.80
CA UNK B 1817 -96.17 -21.75 -86.42
C UNK B 1817 -96.32 -20.64 -87.46
N UNK B 1818 -95.56 -20.74 -88.55
CA UNK B 1818 -95.63 -19.73 -89.60
C UNK B 1818 -95.92 -20.35 -90.95
N UNK B 1819 -95.58 -21.62 -91.12
CA UNK B 1819 -95.88 -22.31 -92.36
C UNK B 1819 -97.18 -23.07 -92.23
N UNK B 1820 -98.12 -22.50 -91.49
CA UNK B 1820 -99.42 -23.09 -91.27
C UNK B 1820 -100.39 -21.99 -90.90
N UNK B 1821 -99.85 -20.83 -90.58
CA UNK B 1821 -100.67 -19.67 -90.26
C UNK B 1821 -101.31 -19.18 -91.55
N UNK B 1822 -100.56 -19.33 -92.64
CA UNK B 1822 -101.07 -18.99 -93.97
C UNK B 1822 -102.21 -19.93 -94.35
N UNK B 1823 -102.13 -21.17 -93.87
CA UNK B 1823 -103.21 -22.13 -94.06
C UNK B 1823 -104.41 -21.71 -93.24
N UNK B 1824 -104.14 -21.06 -92.12
CA UNK B 1824 -105.21 -20.53 -91.30
C UNK B 1824 -105.63 -19.15 -91.79
N UNK B 1825 -104.80 -18.52 -92.62
CA UNK B 1825 -105.07 -17.15 -93.04
C UNK B 1825 -106.10 -17.07 -94.15
N UNK B 1826 -106.50 -18.21 -94.69
CA UNK B 1826 -107.44 -18.23 -95.80
C UNK B 1826 -108.70 -19.00 -95.44
N UNK B 1827 -108.94 -19.16 -94.14
CA UNK B 1827 -110.03 -19.97 -93.58
C UNK B 1827 -110.03 -21.39 -94.14
N UNK B 1828 -108.94 -22.11 -93.92
CA UNK B 1828 -108.79 -23.49 -94.37
C UNK B 1828 -107.84 -24.24 -93.45
N UNK B 1829 -107.43 -25.44 -93.85
CA UNK B 1829 -106.53 -26.25 -93.04
C UNK B 1829 -105.69 -27.16 -93.91
N UNK B 1830 -104.41 -27.27 -93.61
CA UNK B 1830 -103.49 -28.03 -94.45
C UNK B 1830 -102.95 -29.28 -93.77
N UNK B 1831 -102.07 -29.98 -94.48
CA UNK B 1831 -101.33 -31.11 -93.92
C UNK B 1831 -99.85 -30.87 -94.13
N UNK B 1832 -99.42 -29.65 -93.78
CA UNK B 1832 -98.07 -29.12 -94.01
C UNK B 1832 -97.67 -29.19 -95.48
N UNK B 1833 -98.65 -28.98 -96.36
CA UNK B 1833 -98.42 -29.00 -97.80
C UNK B 1833 -98.31 -27.58 -98.31
N UNK B 1834 -98.08 -26.65 -97.39
CA UNK B 1834 -98.01 -25.24 -97.72
C UNK B 1834 -96.65 -24.86 -98.29
N UNK B 1835 -96.05 -23.81 -97.76
CA UNK B 1835 -94.87 -23.23 -98.38
C UNK B 1835 -93.85 -22.68 -97.40
N UNK B 1836 -92.77 -22.16 -97.98
CA UNK B 1836 -91.72 -21.50 -97.22
C UNK B 1836 -90.95 -20.62 -98.22
N UNK B 1837 -90.89 -19.33 -97.96
CA UNK B 1837 -90.20 -18.44 -98.88
C UNK B 1837 -88.70 -18.47 -98.66
N UNK B 1838 -88.13 -17.33 -98.31
CA UNK B 1838 -86.69 -17.24 -98.20
C UNK B 1838 -86.25 -16.08 -97.33
N UNK B 1839 -85.01 -16.20 -96.85
CA UNK B 1839 -84.23 -15.12 -96.24
C UNK B 1839 -84.83 -14.50 -95.00
N UNK B 1840 -84.33 -14.93 -93.84
CA UNK B 1840 -84.79 -14.41 -92.55
C UNK B 1840 -84.21 -13.03 -92.27
N UNK B 1841 -84.71 -12.03 -92.99
CA UNK B 1841 -84.30 -10.61 -92.88
C UNK B 1841 -82.80 -10.38 -93.03
N UNK B 1842 -82.28 -10.62 -94.23
CA UNK B 1842 -80.87 -10.42 -94.50
C UNK B 1842 -80.64 -10.06 -95.97
N UNK B 1843 -81.60 -10.41 -96.81
CA UNK B 1843 -81.51 -10.14 -98.24
C UNK B 1843 -82.90 -9.99 -98.88
N UNK B 1844 -83.77 -10.96 -98.61
CA UNK B 1844 -85.12 -10.95 -99.15
C UNK B 1844 -86.16 -11.03 -98.03
N UNK B 1845 -87.39 -10.72 -98.37
CA UNK B 1845 -88.46 -10.75 -97.39
C UNK B 1845 -88.88 -12.18 -97.13
N UNK B 1846 -89.28 -12.46 -95.89
CA UNK B 1846 -89.93 -13.72 -95.58
C UNK B 1846 -91.31 -13.67 -96.21
N UNK B 1847 -91.37 -14.00 -97.49
CA UNK B 1847 -92.57 -13.84 -98.28
C UNK B 1847 -93.52 -15.01 -98.07
N UNK B 1848 -94.53 -15.12 -98.93
CA UNK B 1848 -95.55 -16.13 -98.73
C UNK B 1848 -95.96 -16.81 -100.01
N UNK B 1849 -96.70 -17.92 -99.85
CA UNK B 1849 -97.22 -18.77 -100.92
C UNK B 1849 -96.15 -19.28 -101.86
N UNK B 1850 -94.94 -19.46 -101.35
CA UNK B 1850 -93.81 -19.90 -102.16
C UNK B 1850 -93.97 -21.34 -102.62
N UNK B 1851 -94.72 -21.51 -103.71
CA UNK B 1851 -95.08 -22.79 -104.31
C UNK B 1851 -95.76 -23.70 -103.31
N UNK B 1852 -96.74 -23.16 -102.61
CA UNK B 1852 -97.62 -23.98 -101.78
C UNK B 1852 -98.47 -24.82 -102.71
N UNK B 1853 -97.95 -25.94 -103.18
CA UNK B 1853 -98.53 -26.61 -104.33
C UNK B 1853 -98.89 -28.07 -104.07
N UNK B 1854 -100.07 -28.28 -103.50
CA UNK B 1854 -100.65 -29.61 -103.31
C UNK B 1854 -102.15 -29.45 -103.06
N UNK B 1855 -102.46 -28.72 -101.99
CA UNK B 1855 -103.84 -28.40 -101.64
C UNK B 1855 -103.87 -27.01 -101.02
N UNK B 1856 -102.83 -26.23 -101.29
CA UNK B 1856 -102.71 -24.88 -100.75
C UNK B 1856 -102.50 -23.87 -101.88
N UNK B 1857 -103.19 -24.10 -103.00
CA UNK B 1857 -103.12 -23.20 -104.14
C UNK B 1857 -104.45 -23.17 -104.87
N UNK B 1858 -105.06 -24.34 -105.02
CA UNK B 1858 -106.33 -24.47 -105.70
C UNK B 1858 -107.48 -24.05 -104.79
N UNK B 1859 -107.20 -23.97 -103.49
CA UNK B 1859 -108.19 -23.55 -102.52
C UNK B 1859 -107.61 -22.47 -101.61
N UNK B 1860 -106.58 -21.79 -102.10
CA UNK B 1860 -105.93 -20.74 -101.33
C UNK B 1860 -105.80 -19.46 -102.16
N UNK B 1861 -105.01 -19.52 -103.21
CA UNK B 1861 -104.86 -18.40 -104.13
C UNK B 1861 -106.16 -18.22 -104.90
N UNK B 1862 -106.78 -19.36 -105.22
CA UNK B 1862 -108.06 -19.37 -105.90
C UNK B 1862 -109.19 -18.99 -104.95
N UNK B 1863 -108.94 -19.17 -103.66
CA UNK B 1863 -109.91 -18.78 -102.66
C UNK B 1863 -109.99 -17.26 -102.60
N UNK B 1864 -108.86 -16.63 -102.28
CA UNK B 1864 -108.78 -15.19 -102.23
C UNK B 1864 -107.32 -14.77 -102.35
N UNK B 1865 -107.10 -13.46 -102.53
CA UNK B 1865 -105.77 -12.84 -102.51
C UNK B 1865 -104.75 -13.41 -103.49
N UNK B 1866 -103.50 -13.01 -103.27
CA UNK B 1866 -102.37 -13.49 -104.06
C UNK B 1866 -101.08 -13.19 -103.31
N UNK B 1867 -101.05 -12.03 -102.65
CA UNK B 1867 -99.85 -11.55 -101.99
C UNK B 1867 -99.98 -11.56 -100.47
N UNK B 1868 -99.58 -12.66 -99.85
CA UNK B 1868 -99.72 -12.75 -98.40
C UNK B 1868 -98.44 -12.34 -97.71
N UNK B 1869 -98.56 -12.00 -96.43
CA UNK B 1869 -97.44 -11.53 -95.63
C UNK B 1869 -97.44 -12.17 -94.25
N UNK B 1870 -96.29 -12.69 -93.83
CA UNK B 1870 -96.17 -13.33 -92.53
C UNK B 1870 -95.38 -12.47 -91.58
N UNK B 1871 -95.41 -12.83 -90.30
CA UNK B 1871 -94.70 -12.08 -89.28
C UNK B 1871 -93.99 -13.02 -88.31
N UNK B 1872 -92.91 -13.64 -88.77
CA UNK B 1872 -92.16 -14.58 -87.96
C UNK B 1872 -91.41 -13.88 -86.84
N UNK B 1873 -92.13 -13.57 -85.77
CA UNK B 1873 -91.54 -12.99 -84.57
C UNK B 1873 -90.60 -13.99 -83.93
N UNK B 1874 -89.34 -13.97 -84.36
CA UNK B 1874 -88.37 -14.95 -83.92
C UNK B 1874 -88.02 -14.75 -82.46
N UNK B 1875 -87.90 -15.85 -81.72
CA UNK B 1875 -87.56 -15.77 -80.30
C UNK B 1875 -86.88 -17.03 -79.80
N UNK B 1876 -86.84 -17.16 -78.48
CA UNK B 1876 -86.24 -18.32 -77.82
C UNK B 1876 -87.31 -19.03 -77.02
N UNK B 1877 -88.56 -18.70 -77.32
CA UNK B 1877 -89.66 -19.18 -76.53
C UNK B 1877 -90.91 -19.39 -77.36
N UNK B 1878 -91.48 -18.29 -77.85
CA UNK B 1878 -92.67 -18.37 -78.66
C UNK B 1878 -92.43 -17.82 -80.05
N UNK B 1879 -93.45 -17.92 -80.90
CA UNK B 1879 -93.37 -17.41 -82.26
C UNK B 1879 -94.78 -17.15 -82.80
N UNK B 1880 -95.33 -15.99 -82.50
CA UNK B 1880 -96.67 -15.62 -82.98
C UNK B 1880 -96.59 -15.02 -84.38
N UNK B 1881 -97.02 -15.79 -85.37
CA UNK B 1881 -96.86 -15.39 -86.76
C UNK B 1881 -98.15 -14.86 -87.36
N UNK B 1882 -98.11 -13.60 -87.80
CA UNK B 1882 -99.29 -12.96 -88.37
C UNK B 1882 -99.33 -13.13 -89.88
N UNK B 1883 -100.04 -14.14 -90.34
CA UNK B 1883 -100.19 -14.36 -91.76
C UNK B 1883 -101.30 -13.48 -92.30
N UNK B 1884 -100.92 -12.41 -92.98
CA UNK B 1884 -101.89 -11.48 -93.54
C UNK B 1884 -101.84 -11.48 -95.06
N UNK B 1885 -102.98 -11.69 -95.71
CA UNK B 1885 -103.03 -11.83 -97.17
C UNK B 1885 -103.41 -10.53 -97.87
N UNK B 1886 -103.31 -10.54 -99.19
CA UNK B 1886 -103.66 -9.39 -100.01
C UNK B 1886 -105.17 -9.22 -100.07
N UNK B 1887 -105.76 -9.61 -101.20
CA UNK B 1887 -107.20 -9.53 -101.37
C UNK B 1887 -107.89 -10.63 -100.60
N LEU C 1 -97.45 -44.18 -67.34
CA LEU C 1 -97.05 -43.49 -66.12
C LEU C 1 -95.55 -43.57 -65.93
N ASN C 2 -95.09 -44.78 -65.61
CA ASN C 2 -93.72 -44.95 -65.14
C ASN C 2 -92.73 -45.09 -66.28
N MET C 3 -93.18 -45.04 -67.51
CA MET C 3 -92.31 -45.04 -68.67
C MET C 3 -91.90 -43.61 -69.02
N LYS C 4 -91.16 -43.49 -70.13
CA LYS C 4 -91.01 -42.21 -70.79
C LYS C 4 -92.31 -41.94 -71.53
N TYR C 5 -93.33 -41.52 -70.79
CA TYR C 5 -94.70 -41.54 -71.28
C TYR C 5 -94.97 -40.34 -72.18
N ARG C 6 -94.95 -39.14 -71.59
CA ARG C 6 -95.01 -37.84 -72.26
C ARG C 6 -96.18 -37.69 -73.22
N LYS C 7 -97.20 -38.53 -73.07
CA LYS C 7 -98.32 -38.49 -73.99
C LYS C 7 -99.29 -37.39 -73.56
N ARG C 8 -99.74 -37.45 -72.30
CA ARG C 8 -100.56 -36.39 -71.75
C ARG C 8 -99.78 -35.08 -71.60
N GLN C 9 -98.45 -35.16 -71.62
CA GLN C 9 -97.65 -33.95 -71.84
C GLN C 9 -97.95 -33.35 -73.21
N LEU C 10 -98.00 -34.18 -74.23
CA LEU C 10 -98.13 -33.67 -75.59
C LEU C 10 -99.58 -33.51 -76.04
N VAL C 11 -100.53 -34.15 -75.38
CA VAL C 11 -101.90 -34.08 -75.87
C VAL C 11 -102.66 -32.94 -75.19
N THR C 12 -102.88 -33.02 -73.86
CA THR C 12 -103.78 -32.03 -73.26
C THR C 12 -103.05 -30.74 -72.93
N ARG C 13 -101.74 -30.80 -72.77
CA ARG C 13 -100.89 -29.64 -72.91
C ARG C 13 -100.14 -29.81 -74.21
N GLU C 14 -99.45 -28.74 -74.62
CA GLU C 14 -98.89 -28.50 -75.96
C GLU C 14 -99.97 -28.42 -77.04
N ALA C 15 -101.24 -28.46 -76.66
CA ALA C 15 -102.35 -28.15 -77.55
C ALA C 15 -103.25 -27.07 -76.97
N GLN C 16 -103.69 -27.20 -75.71
CA GLN C 16 -104.54 -26.16 -75.15
C GLN C 16 -103.74 -24.91 -74.85
N ILE C 17 -102.52 -25.06 -74.35
CA ILE C 17 -101.64 -23.91 -74.24
C ILE C 17 -101.24 -23.45 -75.63
N LYS C 18 -101.12 -24.38 -76.58
CA LYS C 18 -100.97 -24.00 -77.98
C LYS C 18 -102.22 -23.31 -78.51
N ASP C 19 -103.40 -23.61 -77.94
CA ASP C 19 -104.61 -22.96 -78.42
C ASP C 19 -104.72 -21.52 -77.97
N TRP C 20 -104.85 -21.27 -76.68
CA TRP C 20 -105.13 -19.87 -76.30
C TRP C 20 -103.84 -19.07 -76.10
N VAL C 21 -102.96 -19.14 -77.09
CA VAL C 21 -101.96 -18.11 -77.25
C VAL C 21 -102.29 -17.44 -78.57
N GLU C 22 -102.83 -18.25 -79.48
CA GLU C 22 -103.52 -17.69 -80.64
C GLU C 22 -104.75 -16.94 -80.19
N ASN C 23 -105.44 -17.46 -79.18
CA ASN C 23 -106.69 -16.87 -78.76
C ASN C 23 -106.52 -15.86 -77.64
N GLU C 24 -105.29 -15.60 -77.22
CA GLU C 24 -105.17 -14.66 -76.11
C GLU C 24 -104.76 -13.26 -76.55
N LEU C 25 -103.86 -13.14 -77.53
CA LEU C 25 -103.50 -11.83 -78.04
C LEU C 25 -104.64 -11.22 -78.84
N GLU C 26 -105.51 -12.06 -79.41
CA GLU C 26 -106.72 -11.60 -80.06
C GLU C 26 -107.75 -11.08 -79.06
N ALA C 27 -107.72 -11.57 -77.82
CA ALA C 27 -108.56 -10.96 -76.79
C ALA C 27 -108.08 -9.56 -76.46
N LEU C 28 -106.76 -9.35 -76.51
CA LEU C 28 -106.23 -8.00 -76.48
C LEU C 28 -106.60 -7.22 -77.73
N LYS C 29 -106.79 -7.90 -78.86
CA LYS C 29 -107.24 -7.20 -80.05
C LYS C 29 -108.69 -6.76 -79.94
N LEU C 30 -109.46 -7.34 -79.01
CA LEU C 30 -110.77 -6.79 -78.73
C LEU C 30 -110.64 -5.49 -77.96
N GLU C 31 -109.63 -5.39 -77.10
CA GLU C 31 -109.33 -4.17 -76.38
C GLU C 31 -108.16 -3.44 -77.02
N ALA C 32 -108.09 -3.51 -78.36
CA ALA C 32 -106.92 -3.01 -79.09
C ALA C 32 -106.76 -1.51 -78.92
N GLU C 33 -107.75 -0.74 -79.36
CA GLU C 33 -107.73 0.68 -79.01
C GLU C 33 -108.34 0.96 -77.64
N GLU C 34 -109.67 0.91 -77.53
CA GLU C 34 -110.45 1.46 -76.41
C GLU C 34 -110.06 2.90 -76.04
N ILE C 35 -109.61 3.65 -77.04
CA ILE C 35 -109.01 5.00 -77.13
C ILE C 35 -107.77 5.18 -76.23
N PRO C 36 -106.92 4.14 -76.07
CA PRO C 36 -105.50 4.28 -76.43
C PRO C 36 -105.24 4.22 -77.93
N SER C 37 -103.96 4.00 -78.31
CA SER C 37 -103.17 4.40 -79.49
C SER C 37 -102.60 5.79 -79.24
N GLU C 38 -102.73 6.26 -78.00
CA GLU C 38 -101.78 7.21 -77.43
C GLU C 38 -100.69 6.50 -76.64
N ASP C 39 -100.96 5.29 -76.15
CA ASP C 39 -100.03 4.48 -75.39
C ASP C 39 -100.11 3.02 -75.81
N GLN C 40 -100.23 2.78 -77.12
CA GLN C 40 -100.33 1.41 -77.61
C GLN C 40 -99.02 0.66 -77.41
N ASN C 41 -97.93 1.22 -77.94
CA ASN C 41 -96.60 0.66 -77.73
C ASN C 41 -96.24 0.58 -76.26
N GLU C 42 -96.76 1.50 -75.45
CA GLU C 42 -96.71 1.33 -74.00
C GLU C 42 -97.42 0.06 -73.58
N PHE C 43 -98.67 -0.12 -73.99
CA PHE C 43 -99.36 -1.36 -73.66
C PHE C 43 -98.80 -2.56 -74.39
N LEU C 44 -98.10 -2.39 -75.51
CA LEU C 44 -97.34 -3.51 -76.02
C LEU C 44 -96.17 -3.82 -75.11
N LEU C 45 -95.42 -2.80 -74.70
CA LEU C 45 -94.43 -2.99 -73.66
C LEU C 45 -95.08 -3.29 -72.32
N GLU C 46 -96.34 -2.92 -72.09
CA GLU C 46 -96.96 -3.38 -70.85
C GLU C 46 -97.53 -4.78 -71.05
N ARG C 47 -98.59 -4.89 -71.87
CA ARG C 47 -99.44 -6.06 -71.76
C ARG C 47 -98.88 -7.27 -72.49
N THR C 48 -98.20 -7.04 -73.61
CA THR C 48 -97.80 -8.17 -74.43
C THR C 48 -96.54 -8.84 -73.91
N ARG C 49 -95.67 -8.11 -73.18
CA ARG C 49 -94.57 -8.82 -72.53
C ARG C 49 -95.00 -9.45 -71.20
N GLU C 50 -96.20 -9.14 -70.71
CA GLU C 50 -96.75 -9.98 -69.65
C GLU C 50 -97.14 -11.34 -70.17
N ILE C 51 -98.02 -11.35 -71.18
CA ILE C 51 -98.71 -12.56 -71.57
C ILE C 51 -97.79 -13.59 -72.20
N HIS C 52 -96.63 -13.18 -72.72
CA HIS C 52 -95.69 -14.15 -73.22
C HIS C 52 -95.05 -14.93 -72.08
N ASN C 53 -94.74 -14.26 -70.98
CA ASN C 53 -94.32 -14.98 -69.79
C ASN C 53 -95.45 -15.80 -69.23
N GLU C 54 -96.69 -15.32 -69.35
CA GLU C 54 -97.83 -16.13 -69.01
C GLU C 54 -97.96 -17.30 -69.97
N ALA C 55 -97.61 -17.10 -71.24
CA ALA C 55 -97.48 -18.24 -72.12
C ALA C 55 -96.29 -19.09 -71.74
N GLU C 56 -95.28 -18.50 -71.10
CA GLU C 56 -94.12 -19.28 -70.71
C GLU C 56 -94.38 -20.04 -69.42
N SER C 57 -94.95 -19.36 -68.42
CA SER C 57 -95.11 -19.98 -67.11
C SER C 57 -96.19 -21.04 -67.11
N GLN C 58 -97.23 -20.88 -67.94
CA GLN C 58 -98.31 -21.86 -68.00
C GLN C 58 -97.82 -23.17 -68.58
N LEU C 59 -96.88 -23.11 -69.51
CA LEU C 59 -96.23 -24.32 -69.98
C LEU C 59 -95.34 -24.89 -68.89
N ARG C 60 -94.74 -24.02 -68.10
CA ARG C 60 -93.99 -24.50 -66.97
C ARG C 60 -94.89 -24.98 -65.85
N ALA C 61 -96.14 -24.50 -65.80
CA ALA C 61 -97.10 -25.05 -64.85
C ALA C 61 -97.41 -26.51 -65.15
N ALA C 62 -97.41 -26.87 -66.43
CA ALA C 62 -97.44 -28.29 -66.79
C ALA C 62 -96.16 -28.97 -66.36
N GLN C 63 -95.04 -28.26 -66.45
CA GLN C 63 -93.75 -28.85 -66.11
C GLN C 63 -93.56 -29.07 -64.62
N GLN C 64 -94.54 -28.76 -63.77
CA GLN C 64 -94.53 -29.37 -62.45
C GLN C 64 -94.65 -30.88 -62.58
N GLN C 65 -95.80 -31.37 -63.00
CA GLN C 65 -95.99 -32.82 -63.06
C GLN C 65 -95.41 -33.37 -64.36
N TRP C 66 -95.82 -34.61 -64.68
CA TRP C 66 -95.34 -35.37 -65.83
C TRP C 66 -93.82 -35.50 -65.82
N GLY C 67 -93.34 -36.12 -64.75
CA GLY C 67 -91.92 -36.39 -64.68
C GLY C 67 -91.19 -35.66 -63.57
N ASN C 68 -91.57 -34.41 -63.32
CA ASN C 68 -90.87 -33.65 -62.31
C ASN C 68 -91.66 -33.54 -61.01
N ASP C 69 -92.99 -33.54 -61.09
CA ASP C 69 -93.86 -33.79 -59.94
C ASP C 69 -94.79 -34.92 -60.32
N PHE C 70 -94.19 -36.00 -60.83
CA PHE C 70 -94.93 -37.07 -61.51
C PHE C 70 -95.90 -37.76 -60.57
N TYR C 71 -95.42 -38.22 -59.44
CA TYR C 71 -96.32 -38.69 -58.42
C TYR C 71 -97.01 -37.48 -57.84
N MET D 1 47.75 25.66 -21.26
CA MET D 1 46.74 24.89 -20.55
C MET D 1 45.73 25.77 -19.82
N ASP D 2 45.09 25.18 -18.81
CA ASP D 2 43.95 25.80 -18.13
C ASP D 2 44.07 25.60 -16.63
N ALA D 3 43.53 26.56 -15.88
CA ALA D 3 43.41 26.43 -14.42
C ALA D 3 42.06 25.82 -14.11
N TYR D 4 42.03 24.50 -13.99
CA TYR D 4 40.79 23.72 -14.08
C TYR D 4 39.92 23.78 -12.83
N SER D 5 38.97 22.85 -12.75
CA SER D 5 38.01 22.67 -11.65
C SER D 5 37.08 23.88 -11.48
N THR D 6 36.21 24.00 -12.49
CA THR D 6 34.97 24.77 -12.56
C THR D 6 35.24 26.27 -12.71
N ARG D 7 36.48 26.74 -12.63
CA ARG D 7 36.79 28.16 -12.89
C ARG D 7 38.03 28.25 -13.75
N PRO D 8 37.89 28.09 -15.06
CA PRO D 8 39.05 27.95 -15.94
C PRO D 8 39.74 29.28 -16.20
N LEU D 9 41.06 29.21 -16.35
CA LEU D 9 41.90 30.35 -16.67
C LEU D 9 43.16 29.83 -17.35
N THR D 10 43.62 30.53 -18.39
CA THR D 10 44.66 30.02 -19.26
C THR D 10 46.04 30.09 -18.62
N LEU D 11 46.87 29.09 -18.93
CA LEU D 11 48.29 29.06 -18.57
C LEU D 11 49.02 28.55 -19.80
N SER D 12 49.74 29.46 -20.46
CA SER D 12 50.01 29.50 -21.90
C SER D 12 50.52 28.19 -22.48
N HIS D 13 49.81 27.70 -23.51
CA HIS D 13 50.31 26.64 -24.38
C HIS D 13 51.51 27.16 -25.15
N GLY D 14 52.72 26.71 -24.83
CA GLY D 14 53.89 27.34 -25.39
C GLY D 14 54.27 26.98 -26.81
N SER D 15 53.44 26.23 -27.54
CA SER D 15 53.70 25.69 -28.88
C SER D 15 55.00 24.86 -28.91
N LEU D 16 54.94 23.72 -28.20
CA LEU D 16 55.92 22.62 -28.09
C LEU D 16 57.12 22.97 -27.21
N GLU D 17 57.29 24.23 -26.82
CA GLU D 17 58.32 24.55 -25.84
C GLU D 17 57.81 24.56 -24.42
N HIS D 18 56.49 24.67 -24.23
CA HIS D 18 55.88 24.58 -22.91
C HIS D 18 54.70 23.64 -22.85
N VAL D 19 54.19 23.17 -24.00
CA VAL D 19 53.15 22.17 -24.00
C VAL D 19 53.72 20.81 -23.57
N LEU D 20 55.04 20.62 -23.65
CA LEU D 20 55.65 19.35 -23.26
C LEU D 20 56.01 19.30 -21.79
N LEU D 21 56.07 20.43 -21.10
CA LEU D 21 56.41 20.42 -19.69
C LEU D 21 55.20 20.46 -18.78
N VAL D 22 54.05 20.86 -19.29
CA VAL D 22 52.79 20.76 -18.56
C VAL D 22 52.25 19.35 -18.29
N PRO D 23 52.59 18.25 -19.00
CA PRO D 23 52.25 16.93 -18.44
C PRO D 23 53.00 16.62 -17.16
N THR D 24 54.16 17.27 -16.92
CA THR D 24 54.76 17.34 -15.60
C THR D 24 54.14 18.44 -14.74
N ALA D 25 52.97 18.94 -15.13
CA ALA D 25 52.21 19.87 -14.28
C ALA D 25 50.75 19.43 -14.19
N SER D 26 50.21 18.81 -15.23
CA SER D 26 48.75 18.68 -15.34
C SER D 26 48.20 17.61 -14.41
N PHE D 27 48.81 16.42 -14.38
CA PHE D 27 48.45 15.46 -13.35
C PHE D 27 48.99 15.91 -11.99
N PHE D 28 50.00 16.77 -12.00
CA PHE D 28 50.82 17.00 -10.82
C PHE D 28 50.06 17.78 -9.76
N ILE D 29 49.21 18.73 -10.18
CA ILE D 29 48.24 19.31 -9.27
C ILE D 29 46.88 18.61 -9.36
N ALA D 30 46.78 17.53 -10.13
CA ALA D 30 45.61 16.67 -10.07
C ALA D 30 45.79 15.56 -9.06
N SER D 31 46.55 15.81 -8.01
CA SER D 31 46.65 14.90 -6.88
C SER D 31 45.30 14.75 -6.21
N GLN D 32 45.14 13.63 -5.49
CA GLN D 32 43.89 13.35 -4.79
C GLN D 32 43.60 14.40 -3.72
N LEU D 33 44.65 15.02 -3.18
CA LEU D 33 44.50 16.13 -2.28
C LEU D 33 43.84 17.34 -2.93
N GLN D 34 44.03 17.54 -4.24
CA GLN D 34 43.23 18.49 -4.98
C GLN D 34 42.04 17.84 -5.67
N GLU D 35 41.95 16.51 -5.66
CA GLU D 35 40.87 15.78 -6.30
C GLU D 35 39.86 15.24 -5.31
N GLN D 36 40.19 15.20 -4.02
CA GLN D 36 39.15 15.04 -3.01
C GLN D 36 38.63 16.40 -2.58
N PHE D 37 39.29 17.47 -3.05
CA PHE D 37 38.89 18.84 -2.84
C PHE D 37 37.78 19.29 -3.80
N ASN D 38 37.37 18.43 -4.73
CA ASN D 38 36.51 18.88 -5.82
C ASN D 38 35.12 18.25 -5.83
N LYS D 39 34.90 17.16 -5.13
CA LYS D 39 33.56 16.68 -4.86
C LYS D 39 32.85 17.54 -3.81
N ILE D 40 33.62 18.24 -2.97
CA ILE D 40 33.07 19.23 -2.05
C ILE D 40 32.63 20.48 -2.80
N LEU D 41 33.06 20.65 -4.05
CA LEU D 41 32.69 21.85 -4.76
C LEU D 41 31.24 21.92 -5.26
N PRO D 42 30.55 20.80 -5.72
CA PRO D 42 29.13 20.96 -6.09
C PRO D 42 28.15 21.32 -4.97
N GLU D 43 27.97 20.46 -3.96
CA GLU D 43 26.87 20.79 -3.05
C GLU D 43 27.27 21.75 -1.92
N PRO D 44 28.31 21.50 -1.07
CA PRO D 44 28.70 22.62 -0.17
C PRO D 44 29.76 23.49 -0.83
N THR D 45 29.29 24.36 -1.72
CA THR D 45 30.11 25.03 -2.74
C THR D 45 31.18 25.98 -2.20
N GLU D 46 32.44 25.54 -2.28
CA GLU D 46 33.63 26.38 -2.16
C GLU D 46 33.75 27.08 -0.81
N GLY D 47 33.19 26.49 0.25
CA GLY D 47 33.44 27.01 1.58
C GLY D 47 34.88 26.80 1.97
N PHE D 48 35.50 25.76 1.42
CA PHE D 48 36.89 25.41 1.64
C PHE D 48 37.42 25.22 0.22
N ALA D 49 38.60 24.62 0.10
CA ALA D 49 39.10 24.05 -1.16
C ALA D 49 39.25 25.08 -2.27
N ALA D 50 40.29 25.92 -2.18
CA ALA D 50 40.65 26.92 -3.19
C ALA D 50 40.58 26.40 -4.61
N ASP D 51 40.33 27.30 -5.57
CA ASP D 51 39.29 27.31 -6.60
C ASP D 51 38.04 28.03 -6.10
N ASP D 52 38.12 28.69 -4.95
CA ASP D 52 37.00 29.54 -4.53
C ASP D 52 36.92 30.80 -5.37
N GLU D 53 38.00 31.15 -6.03
CA GLU D 53 38.16 32.26 -6.94
C GLU D 53 39.30 31.86 -7.87
N PRO D 54 39.18 32.12 -9.17
CA PRO D 54 40.11 31.50 -10.15
C PRO D 54 41.57 31.88 -9.98
N THR D 55 41.89 32.92 -9.22
CA THR D 55 43.28 33.14 -8.86
C THR D 55 43.76 32.07 -7.90
N THR D 56 42.91 31.66 -6.97
CA THR D 56 43.31 30.74 -5.90
C THR D 56 43.79 29.35 -6.31
N PRO D 57 43.42 28.76 -7.45
CA PRO D 57 44.17 27.56 -7.85
C PRO D 57 45.42 27.87 -8.64
N ALA D 58 45.44 28.97 -9.41
CA ALA D 58 46.62 29.34 -10.18
C ALA D 58 47.76 29.75 -9.27
N GLU D 59 47.43 30.25 -8.08
CA GLU D 59 48.47 30.44 -7.08
C GLU D 59 48.71 29.15 -6.32
N LEU D 60 47.72 28.26 -6.28
CA LEU D 60 47.94 26.97 -5.65
C LEU D 60 48.81 26.08 -6.53
N VAL D 61 48.66 26.20 -7.85
CA VAL D 61 49.65 25.62 -8.74
C VAL D 61 50.95 26.40 -8.63
N GLY D 62 50.86 27.73 -8.55
CA GLY D 62 52.01 28.57 -8.31
C GLY D 62 52.66 28.33 -6.96
N LYS D 63 51.88 27.86 -5.98
CA LYS D 63 52.44 27.23 -4.80
C LYS D 63 53.17 25.95 -5.18
N PHE D 64 52.43 25.01 -5.78
CA PHE D 64 52.83 23.61 -5.77
C PHE D 64 54.05 23.37 -6.65
N LEU D 65 54.07 23.95 -7.84
CA LEU D 65 55.24 23.87 -8.69
C LEU D 65 56.45 24.55 -8.07
N GLY D 66 56.24 25.66 -7.38
CA GLY D 66 57.35 26.39 -6.81
C GLY D 66 57.79 25.85 -5.46
N TYR D 67 57.05 24.90 -4.90
CA TYR D 67 57.36 24.37 -3.58
C TYR D 67 57.87 22.95 -3.61
N VAL D 68 57.64 22.22 -4.71
CA VAL D 68 58.29 20.94 -4.95
C VAL D 68 59.28 21.26 -6.06
N SER D 69 59.75 22.51 -6.06
CA SER D 69 60.64 23.03 -7.09
C SER D 69 62.07 22.56 -6.87
N SER D 70 63.01 23.25 -7.52
CA SER D 70 64.43 22.99 -7.33
C SER D 70 64.85 23.12 -5.87
N LEU D 71 64.24 24.05 -5.14
CA LEU D 71 64.35 24.29 -3.71
C LEU D 71 65.74 24.78 -3.29
N VAL D 72 66.63 25.04 -4.26
CA VAL D 72 67.98 25.53 -4.01
C VAL D 72 68.36 26.55 -5.08
N GLU D 73 69.19 27.52 -4.69
CA GLU D 73 69.70 28.53 -5.62
C GLU D 73 70.85 28.01 -6.49
N PRO D 74 71.78 27.13 -5.98
CA PRO D 74 72.52 26.28 -6.92
C PRO D 74 71.59 25.23 -7.50
N SER D 75 70.84 25.61 -8.53
CA SER D 75 69.53 25.06 -8.81
C SER D 75 69.55 23.61 -9.26
N LYS D 76 68.76 22.79 -8.56
CA LYS D 76 68.32 21.51 -9.08
C LYS D 76 67.65 21.72 -10.43
N VAL D 77 67.84 20.74 -11.33
CA VAL D 77 67.92 20.94 -12.79
C VAL D 77 66.73 21.71 -13.37
N GLY D 78 67.01 22.52 -14.40
CA GLY D 78 66.16 23.59 -14.90
C GLY D 78 64.68 23.35 -15.21
N GLN D 79 64.23 22.10 -15.14
CA GLN D 79 62.80 21.79 -15.20
C GLN D 79 62.03 22.53 -14.11
N PHE D 80 62.46 22.40 -12.86
CA PHE D 80 61.79 23.01 -11.73
C PHE D 80 62.38 24.40 -11.44
N ASP D 81 62.79 25.10 -12.48
CA ASP D 81 63.38 26.42 -12.33
C ASP D 81 62.78 27.43 -13.28
N GLN D 82 62.45 27.01 -14.50
CA GLN D 82 62.02 27.95 -15.52
C GLN D 82 60.52 28.02 -15.69
N VAL D 83 59.81 26.90 -15.61
CA VAL D 83 58.36 26.94 -15.74
C VAL D 83 57.70 27.59 -14.52
N LEU D 84 58.44 27.73 -13.41
CA LEU D 84 58.01 28.59 -12.33
C LEU D 84 57.94 30.05 -12.77
N ASN D 85 58.91 30.48 -13.58
CA ASN D 85 58.95 31.86 -14.03
C ASN D 85 57.78 32.18 -14.95
N LEU D 86 57.41 31.23 -15.81
CA LEU D 86 56.22 31.45 -16.62
C LEU D 86 54.96 31.28 -15.80
N CYS D 87 54.97 30.40 -14.78
CA CYS D 87 53.85 30.32 -13.87
C CYS D 87 53.81 31.47 -12.87
N LEU D 88 54.83 32.32 -12.88
CA LEU D 88 54.76 33.61 -12.23
C LEU D 88 54.30 34.71 -13.19
N THR D 89 54.94 34.78 -14.36
CA THR D 89 54.76 35.91 -15.28
C THR D 89 53.35 35.94 -15.86
N GLU D 90 52.76 34.77 -16.05
CA GLU D 90 51.36 34.68 -16.46
C GLU D 90 50.47 35.31 -15.42
N PHE D 91 50.71 35.02 -14.14
CA PHE D 91 49.94 35.66 -13.07
C PHE D 91 50.31 37.12 -12.92
N GLU D 92 51.56 37.47 -13.25
CA GLU D 92 52.11 38.79 -13.00
C GLU D 92 51.36 39.92 -13.69
N ASN D 93 50.70 39.65 -14.81
CA ASN D 93 49.84 40.64 -15.44
C ASN D 93 48.44 40.10 -15.61
N CYS D 94 48.09 39.11 -14.81
CA CYS D 94 46.71 38.62 -14.83
C CYS D 94 45.89 39.20 -13.70
N TYR D 95 46.51 39.52 -12.56
CA TYR D 95 45.66 39.93 -11.45
C TYR D 95 46.23 41.07 -10.59
N LEU D 96 47.39 41.60 -10.92
CA LEU D 96 47.91 42.71 -10.13
C LEU D 96 48.20 43.96 -10.94
N GLU D 97 48.85 43.81 -12.09
CA GLU D 97 49.15 44.88 -13.04
C GLU D 97 49.99 45.97 -12.37
N GLY D 98 51.07 45.53 -11.74
CA GLY D 98 51.81 46.36 -10.82
C GLY D 98 51.19 46.28 -9.43
N ASN D 99 51.48 47.30 -8.62
CA ASN D 99 50.72 47.64 -7.42
C ASN D 99 50.81 46.62 -6.28
N ASP D 100 51.77 45.67 -6.34
CA ASP D 100 52.25 44.95 -5.16
C ASP D 100 51.22 44.13 -4.37
N ILE D 101 51.02 42.86 -4.76
CA ILE D 101 49.85 42.01 -4.52
C ILE D 101 49.22 42.00 -3.12
N HIS D 102 49.82 42.68 -2.13
CA HIS D 102 49.06 43.00 -0.93
C HIS D 102 47.84 43.86 -1.24
N ALA D 103 47.85 44.60 -2.35
CA ALA D 103 46.62 45.17 -2.87
C ALA D 103 45.61 44.10 -3.25
N LEU D 104 46.06 42.94 -3.75
CA LEU D 104 45.12 41.87 -4.07
C LEU D 104 44.51 41.26 -2.82
N ALA D 105 45.17 41.40 -1.66
CA ALA D 105 44.50 41.08 -0.42
C ALA D 105 43.33 42.03 -0.14
N ALA D 106 43.43 43.29 -0.57
CA ALA D 106 42.24 44.12 -0.55
C ALA D 106 41.23 43.65 -1.58
N LYS D 107 41.72 43.20 -2.76
CA LYS D 107 40.85 42.56 -3.73
C LYS D 107 40.21 41.28 -3.20
N LEU D 108 40.93 40.53 -2.38
CA LEU D 108 40.30 39.38 -1.76
C LEU D 108 39.32 39.82 -0.67
N LEU D 109 39.54 40.97 -0.05
CA LEU D 109 38.53 41.42 0.91
C LEU D 109 37.44 42.26 0.26
N GLN D 110 37.34 42.28 -1.06
CA GLN D 110 36.22 43.00 -1.66
C GLN D 110 35.49 42.19 -2.71
N GLU D 111 36.14 41.19 -3.31
CA GLU D 111 35.51 40.48 -4.43
C GLU D 111 34.94 39.13 -4.02
N ASN D 112 35.80 38.22 -3.57
CA ASN D 112 35.40 36.85 -3.28
C ASN D 112 35.02 36.73 -1.81
N ASP D 113 34.96 35.50 -1.31
CA ASP D 113 34.62 35.23 0.08
C ASP D 113 35.62 35.84 1.05
N THR D 114 35.13 36.18 2.25
CA THR D 114 35.93 36.83 3.29
C THR D 114 36.74 35.76 4.01
N THR D 115 37.89 35.45 3.45
CA THR D 115 38.87 34.57 4.10
C THR D 115 40.12 35.38 4.38
N LEU D 116 40.68 35.20 5.58
CA LEU D 116 41.98 35.77 5.89
C LEU D 116 43.03 34.68 6.05
N VAL D 117 42.67 33.59 6.73
CA VAL D 117 43.64 32.52 6.97
C VAL D 117 43.95 31.80 5.67
N LYS D 118 43.05 31.85 4.70
CA LYS D 118 43.36 31.41 3.36
C LYS D 118 44.18 32.46 2.63
N THR D 119 43.91 33.73 2.91
CA THR D 119 44.60 34.82 2.23
C THR D 119 46.07 34.84 2.59
N LYS D 120 46.40 34.42 3.81
CA LYS D 120 47.78 34.44 4.28
C LYS D 120 48.65 33.49 3.48
N GLU D 121 48.11 32.38 3.00
CA GLU D 121 48.91 31.46 2.22
C GLU D 121 49.16 32.00 0.82
N LEU D 122 48.17 32.66 0.23
CA LEU D 122 48.36 33.19 -1.11
C LEU D 122 49.24 34.43 -1.11
N ILE D 123 49.51 35.01 0.06
CA ILE D 123 50.67 35.87 0.18
C ILE D 123 51.94 35.03 0.11
N LYS D 124 51.97 33.93 0.87
CA LYS D 124 53.17 33.13 1.04
C LYS D 124 53.48 32.32 -0.21
N ASN D 125 52.45 31.77 -0.86
CA ASN D 125 52.63 31.06 -2.12
C ASN D 125 53.12 31.99 -3.21
N TYR D 126 52.88 33.29 -3.07
CA TYR D 126 53.51 34.22 -3.98
C TYR D 126 54.94 34.50 -3.57
N ILE D 127 55.13 35.06 -2.36
CA ILE D 127 56.38 35.72 -2.04
C ILE D 127 57.52 34.72 -1.86
N THR D 128 57.23 33.55 -1.29
CA THR D 128 58.25 32.51 -1.21
C THR D 128 58.59 31.97 -2.59
N ALA D 129 57.57 31.69 -3.40
CA ALA D 129 57.83 31.32 -4.79
C ALA D 129 58.27 32.50 -5.65
N ARG D 130 58.13 33.73 -5.16
CA ARG D 130 58.74 34.86 -5.86
C ARG D 130 60.25 34.78 -5.78
N ILE D 131 60.80 34.20 -4.71
CA ILE D 131 62.24 34.15 -4.53
C ILE D 131 62.82 32.75 -4.79
N MET D 132 61.98 31.78 -5.17
CA MET D 132 62.49 30.44 -5.45
C MET D 132 63.34 30.46 -6.71
N ALA D 133 64.65 30.67 -6.52
CA ALA D 133 65.70 30.56 -7.53
C ALA D 133 65.56 31.48 -8.76
N LYS D 134 64.71 32.50 -8.69
CA LYS D 134 64.72 33.61 -9.64
C LYS D 134 63.97 34.77 -8.96
N ARG D 135 63.93 35.92 -9.63
CA ARG D 135 63.03 37.04 -9.42
C ARG D 135 63.16 37.77 -8.08
N PRO D 136 64.24 38.54 -7.85
CA PRO D 136 64.16 39.51 -6.75
C PRO D 136 63.49 40.80 -7.20
N GLN D 155 51.86 61.75 5.92
CA GLN D 155 52.84 61.88 6.98
C GLN D 155 52.91 60.61 7.81
N LEU D 156 54.06 60.39 8.43
CA LEU D 156 54.35 59.09 9.05
C LEU D 156 54.93 59.26 10.44
N VAL D 157 54.24 58.70 11.43
CA VAL D 157 54.72 58.61 12.80
C VAL D 157 54.71 57.16 13.22
N ALA D 158 55.89 56.63 13.54
CA ALA D 158 56.00 55.24 13.94
C ALA D 158 55.81 55.11 15.43
N ILE D 159 55.05 54.08 15.82
CA ILE D 159 54.81 53.79 17.22
C ILE D 159 55.18 52.34 17.47
N PHE D 160 55.99 52.12 18.49
CA PHE D 160 56.43 50.79 18.89
C PHE D 160 55.66 50.36 20.13
N GLY D 161 55.25 49.10 20.15
CA GLY D 161 54.51 48.55 21.26
C GLY D 161 55.42 48.00 22.34
N GLY D 162 54.94 46.95 22.98
CA GLY D 162 55.68 46.29 24.03
C GLY D 162 54.91 46.27 25.32
N GLN D 163 54.88 45.11 25.98
CA GLN D 163 54.07 44.85 27.19
C GLN D 163 52.60 45.19 26.96
N GLY D 164 52.08 44.77 25.80
CA GLY D 164 50.73 45.10 25.44
C GLY D 164 49.71 44.19 26.11
N ASN D 165 48.49 44.21 25.57
CA ASN D 165 47.44 43.30 26.01
C ASN D 165 47.40 42.08 25.08
N THR D 166 48.59 41.51 24.86
CA THR D 166 48.79 40.44 23.89
C THR D 166 49.23 39.20 24.64
N ASP D 167 48.32 38.25 24.82
CA ASP D 167 48.50 37.21 25.82
C ASP D 167 49.32 36.03 25.33
N ASP D 168 49.89 36.10 24.13
CA ASP D 168 50.83 35.09 23.68
C ASP D 168 52.22 35.67 23.46
N TYR D 169 52.33 36.83 22.81
CA TYR D 169 53.56 37.62 22.65
C TYR D 169 54.64 36.92 21.81
N PHE D 170 54.39 35.71 21.31
CA PHE D 170 55.41 34.94 20.61
C PHE D 170 54.87 34.30 19.34
N GLU D 171 53.58 33.96 19.35
CA GLU D 171 53.02 33.21 18.24
C GLU D 171 52.84 34.08 17.00
N GLU D 172 52.89 35.39 17.17
CA GLU D 172 52.90 36.26 16.02
C GLU D 172 54.25 36.27 15.33
N LEU D 173 55.33 35.97 16.07
CA LEU D 173 56.58 35.65 15.41
C LEU D 173 56.48 34.29 14.75
N ARG D 174 55.74 33.37 15.39
CA ARG D 174 55.42 32.11 14.74
C ARG D 174 54.54 32.35 13.51
N ASP D 175 53.61 33.30 13.57
CA ASP D 175 52.92 33.72 12.36
C ASP D 175 53.65 34.84 11.63
N LEU D 176 54.96 34.93 11.81
CA LEU D 176 55.79 35.71 10.91
C LEU D 176 56.71 34.82 10.10
N TYR D 177 57.38 33.90 10.77
CA TYR D 177 58.26 32.94 10.12
C TYR D 177 57.48 31.95 9.25
N GLN D 178 56.24 31.66 9.64
CA GLN D 178 55.43 30.75 8.84
C GLN D 178 54.94 31.40 7.56
N THR D 179 54.40 32.61 7.67
CA THR D 179 53.92 33.31 6.47
C THR D 179 55.08 33.75 5.61
N TYR D 180 56.10 34.35 6.22
CA TYR D 180 57.18 34.96 5.48
C TYR D 180 58.44 34.14 5.72
N HIS D 181 59.06 33.71 4.62
CA HIS D 181 60.32 33.03 4.73
C HIS D 181 61.41 33.80 3.99
N VAL D 182 61.00 34.72 3.12
CA VAL D 182 61.94 35.52 2.36
C VAL D 182 62.45 36.67 3.20
N LEU D 183 61.54 37.35 3.87
CA LEU D 183 61.85 38.65 4.44
C LEU D 183 62.41 38.54 5.85
N VAL D 184 62.26 37.38 6.47
CA VAL D 184 62.66 37.20 7.86
C VAL D 184 63.71 36.10 8.04
N GLY D 185 63.92 35.25 7.03
CA GLY D 185 64.84 34.14 7.19
C GLY D 185 66.29 34.54 7.31
N ASP D 186 66.63 35.75 6.85
CA ASP D 186 68.00 36.23 6.98
C ASP D 186 68.29 36.66 8.42
N LEU D 187 67.44 37.50 8.98
CA LEU D 187 67.76 38.18 10.23
C LEU D 187 67.70 37.24 11.42
N ILE D 188 66.93 36.17 11.31
CA ILE D 188 66.82 35.22 12.41
C ILE D 188 68.10 34.41 12.56
N LYS D 189 68.83 34.17 11.46
CA LYS D 189 70.03 33.34 11.53
C LYS D 189 71.14 34.05 12.28
N PHE D 190 71.17 35.37 12.19
CA PHE D 190 72.04 36.13 13.07
C PHE D 190 71.48 36.12 14.50
N SER D 191 70.23 36.55 14.65
CA SER D 191 69.74 36.96 15.96
C SER D 191 69.53 35.77 16.89
N ALA D 192 68.93 34.68 16.37
CA ALA D 192 68.61 33.54 17.23
C ALA D 192 69.85 32.82 17.70
N GLU D 193 70.93 32.90 16.93
CA GLU D 193 72.22 32.50 17.45
C GLU D 193 72.71 33.50 18.49
N THR D 194 72.46 34.79 18.25
CA THR D 194 73.13 35.86 19.00
C THR D 194 72.64 35.92 20.44
N LEU D 195 71.34 35.68 20.65
CA LEU D 195 70.84 35.65 22.02
C LEU D 195 71.33 34.42 22.76
N SER D 196 71.42 33.28 22.07
CA SER D 196 72.12 32.15 22.63
C SER D 196 73.62 32.38 22.70
N GLU D 197 74.14 33.34 21.95
CA GLU D 197 75.55 33.72 22.04
C GLU D 197 75.83 34.70 23.18
N LEU D 198 74.85 34.97 24.04
CA LEU D 198 75.05 35.90 25.13
C LEU D 198 74.85 35.27 26.51
N ILE D 199 74.51 33.98 26.57
CA ILE D 199 74.08 33.40 27.84
C ILE D 199 75.27 33.13 28.75
N ARG D 200 76.41 32.79 28.18
CA ARG D 200 77.61 32.51 28.95
C ARG D 200 78.40 33.76 29.30
N THR D 201 78.01 34.91 28.78
CA THR D 201 78.79 36.13 29.00
C THR D 201 78.61 36.64 30.42
N THR D 202 77.39 36.99 30.78
CA THR D 202 77.05 37.21 32.18
C THR D 202 76.89 35.84 32.80
N LEU D 203 77.82 35.48 33.68
CA LEU D 203 77.69 34.23 34.40
C LEU D 203 76.52 34.32 35.37
N ASP D 204 75.94 33.14 35.65
CA ASP D 204 74.76 32.90 36.49
C ASP D 204 73.48 33.51 35.92
N ALA D 205 73.54 34.11 34.73
CA ALA D 205 72.33 34.37 33.96
C ALA D 205 71.79 33.10 33.34
N GLU D 206 72.62 32.06 33.27
CA GLU D 206 72.20 30.75 32.83
C GLU D 206 71.17 30.16 33.79
N LYS D 207 71.40 30.32 35.09
CA LYS D 207 70.45 29.93 36.11
C LYS D 207 69.28 30.89 36.22
N VAL D 208 69.37 32.06 35.61
CA VAL D 208 68.20 32.89 35.39
C VAL D 208 67.42 32.36 34.18
N PHE D 209 68.10 31.66 33.28
CA PHE D 209 67.57 31.28 31.98
C PHE D 209 67.41 29.77 31.88
N THR D 210 66.78 29.16 32.89
CA THR D 210 66.84 27.71 33.08
C THR D 210 66.15 26.90 32.00
N GLN D 211 65.41 27.54 31.10
CA GLN D 211 65.06 26.93 29.84
C GLN D 211 65.94 27.53 28.76
N GLY D 212 66.55 26.67 27.95
CA GLY D 212 67.60 27.13 27.05
C GLY D 212 67.06 27.95 25.91
N LEU D 213 67.91 28.80 25.34
CA LEU D 213 67.50 29.81 24.37
C LEU D 213 67.75 29.36 22.93
N ASN D 214 67.49 28.09 22.63
CA ASN D 214 67.36 27.68 21.23
C ASN D 214 65.91 27.95 20.82
N ILE D 215 65.65 29.19 20.41
CA ILE D 215 64.31 29.56 19.97
C ILE D 215 63.96 29.02 18.61
N LEU D 216 64.95 28.48 17.89
CA LEU D 216 64.72 28.02 16.52
C LEU D 216 63.82 26.80 16.50
N GLU D 217 64.10 25.83 17.36
CA GLU D 217 63.24 24.66 17.46
C GLU D 217 61.90 24.98 18.09
N TRP D 218 61.77 26.10 18.78
CA TRP D 218 60.45 26.56 19.21
C TRP D 218 59.62 26.96 18.01
N LEU D 219 60.28 27.50 17.00
CA LEU D 219 59.62 27.79 15.74
C LEU D 219 59.51 26.55 14.88
N GLU D 220 60.47 25.64 14.97
CA GLU D 220 60.43 24.45 14.14
C GLU D 220 59.34 23.48 14.56
N ASN D 221 58.92 23.52 15.81
CA ASN D 221 57.84 22.65 16.23
C ASN D 221 57.00 23.33 17.28
N PRO D 222 55.68 23.08 17.30
CA PRO D 222 54.89 23.39 18.48
C PRO D 222 54.98 22.31 19.53
N SER D 223 55.69 21.22 19.26
CA SER D 223 55.84 20.15 20.24
C SER D 223 56.70 20.60 21.40
N ASN D 224 57.98 20.91 21.14
CA ASN D 224 58.86 21.41 22.18
C ASN D 224 59.03 22.91 22.03
N THR D 225 58.00 23.56 21.55
CA THR D 225 57.78 24.95 21.89
C THR D 225 57.34 25.01 23.35
N PRO D 226 58.00 25.81 24.18
CA PRO D 226 57.77 25.71 25.63
C PRO D 226 56.42 26.26 26.04
N ASP D 227 56.11 26.04 27.32
CA ASP D 227 54.85 26.49 27.88
C ASP D 227 54.79 28.01 27.93
N LYS D 228 53.61 28.55 27.64
CA LYS D 228 53.47 29.97 27.31
C LYS D 228 53.73 30.87 28.51
N ASP D 229 53.43 30.39 29.72
CA ASP D 229 53.70 31.17 30.92
C ASP D 229 55.19 31.34 31.13
N TYR D 230 55.97 30.35 30.73
CA TYR D 230 57.41 30.45 30.80
C TYR D 230 57.98 31.05 29.54
N LEU D 231 57.17 31.16 28.50
CA LEU D 231 57.41 32.12 27.46
C LEU D 231 56.96 33.52 27.88
N LEU D 232 56.20 33.61 28.97
CA LEU D 232 55.74 34.90 29.48
C LEU D 232 56.61 35.42 30.62
N SER D 233 57.51 34.58 31.15
CA SER D 233 58.55 35.05 32.06
C SER D 233 59.39 36.12 31.37
N ILE D 234 59.69 37.17 32.12
CA ILE D 234 60.11 38.47 31.60
C ILE D 234 61.36 38.40 30.71
N PRO D 235 62.52 37.84 31.13
CA PRO D 235 63.62 37.79 30.16
C PRO D 235 63.55 36.59 29.23
N ILE D 236 62.32 36.22 28.89
CA ILE D 236 62.00 35.56 27.62
C ILE D 236 61.13 36.44 26.75
N SER D 237 60.17 37.15 27.34
CA SER D 237 59.26 38.03 26.63
C SER D 237 59.95 39.26 26.08
N CYS D 238 60.71 39.97 26.91
CA CYS D 238 61.24 41.27 26.53
C CYS D 238 62.23 41.32 25.36
N PRO D 239 63.17 40.33 25.12
CA PRO D 239 64.06 40.53 23.97
C PRO D 239 63.46 40.13 22.64
N LEU D 240 62.61 39.10 22.60
CA LEU D 240 62.13 38.64 21.31
C LEU D 240 61.04 39.55 20.77
N ILE D 241 60.33 40.25 21.64
CA ILE D 241 59.33 41.22 21.21
C ILE D 241 59.98 42.31 20.38
N GLY D 242 61.16 42.77 20.81
CA GLY D 242 61.93 43.71 20.04
C GLY D 242 62.39 43.16 18.71
N VAL D 243 62.56 41.85 18.60
CA VAL D 243 62.87 41.26 17.31
C VAL D 243 61.67 41.34 16.38
N ILE D 244 60.46 41.23 16.94
CA ILE D 244 59.25 41.38 16.13
C ILE D 244 59.10 42.82 15.67
N GLN D 245 59.39 43.77 16.56
CA GLN D 245 59.45 45.17 16.18
C GLN D 245 60.71 45.54 15.42
N LEU D 246 61.55 44.56 15.08
CA LEU D 246 62.67 44.75 14.17
C LEU D 246 62.44 44.01 12.87
N ALA D 247 61.85 42.82 12.93
CA ALA D 247 61.68 42.02 11.73
C ALA D 247 60.59 42.57 10.82
N HIS D 248 59.51 43.08 11.40
CA HIS D 248 58.46 43.73 10.61
C HIS D 248 58.96 44.98 9.92
N TYR D 249 59.94 45.66 10.51
CA TYR D 249 60.53 46.82 9.87
C TYR D 249 61.39 46.40 8.69
N VAL D 250 61.90 45.18 8.71
CA VAL D 250 62.59 44.64 7.54
C VAL D 250 61.57 44.18 6.51
N VAL D 251 60.38 43.75 6.96
CA VAL D 251 59.31 43.33 6.05
C VAL D 251 58.93 44.43 5.09
N THR D 252 58.59 45.61 5.62
CA THR D 252 58.22 46.73 4.76
C THR D 252 59.39 47.26 3.96
N ALA D 253 60.61 47.19 4.50
CA ALA D 253 61.80 47.50 3.71
C ALA D 253 61.94 46.50 2.57
N LYS D 254 61.63 45.23 2.83
CA LYS D 254 61.66 44.24 1.76
C LYS D 254 60.42 44.31 0.88
N LEU D 255 59.29 44.78 1.43
CA LEU D 255 58.11 44.89 0.60
C LEU D 255 58.19 46.12 -0.30
N LEU D 256 58.57 47.26 0.25
CA LEU D 256 58.65 48.47 -0.55
C LEU D 256 59.97 48.59 -1.29
N GLY D 257 60.79 47.54 -1.26
CA GLY D 257 62.05 47.54 -1.97
C GLY D 257 63.05 48.52 -1.40
N PHE D 258 63.03 48.73 -0.10
CA PHE D 258 63.80 49.81 0.48
C PHE D 258 64.86 49.29 1.43
N THR D 259 65.80 50.16 1.73
CA THR D 259 66.65 50.01 2.89
C THR D 259 65.99 50.74 4.05
N PRO D 260 66.34 50.37 5.29
CA PRO D 260 65.93 51.15 6.46
C PRO D 260 66.20 52.64 6.39
N GLY D 261 67.27 53.07 5.73
CA GLY D 261 67.45 54.49 5.49
C GLY D 261 66.40 55.07 4.57
N GLU D 262 65.98 54.30 3.57
CA GLU D 262 64.86 54.71 2.74
C GLU D 262 63.55 54.61 3.50
N LEU D 263 63.51 53.86 4.59
CA LEU D 263 62.42 53.99 5.53
C LEU D 263 62.63 55.13 6.51
N ARG D 264 63.88 55.33 6.95
CA ARG D 264 64.17 56.45 7.84
C ARG D 264 64.08 57.78 7.12
N SER D 265 64.19 57.78 5.80
CA SER D 265 63.93 58.99 5.04
C SER D 265 62.47 59.37 5.15
N TYR D 266 61.58 58.40 5.01
CA TYR D 266 60.15 58.68 5.07
C TYR D 266 59.65 58.47 6.48
N LEU D 267 60.03 59.39 7.36
CA LEU D 267 59.54 59.39 8.74
C LEU D 267 59.44 60.84 9.22
N LYS D 268 58.51 61.06 10.13
CA LYS D 268 58.46 62.32 10.86
C LYS D 268 58.25 62.11 12.34
N GLY D 269 57.79 60.94 12.77
CA GLY D 269 57.52 60.65 14.16
C GLY D 269 58.54 59.75 14.81
N ALA D 270 58.25 58.45 14.77
CA ALA D 270 59.09 57.39 15.32
C ALA D 270 59.24 57.55 16.83
N THR D 271 58.13 57.31 17.52
CA THR D 271 58.07 57.39 18.97
C THR D 271 57.17 56.29 19.49
N GLY D 272 57.71 55.44 20.36
CA GLY D 272 57.01 54.26 20.82
C GLY D 272 57.01 54.07 22.32
N HIS D 273 56.45 52.93 22.73
CA HIS D 273 56.28 52.60 24.14
C HIS D 273 57.60 52.14 24.74
N SER D 274 57.54 51.84 26.05
CA SER D 274 58.72 51.54 26.86
C SER D 274 59.56 50.39 26.34
N GLN D 275 58.93 49.27 26.05
CA GLN D 275 59.66 48.13 25.49
C GLN D 275 59.92 48.27 24.01
N GLY D 276 59.59 49.39 23.41
CA GLY D 276 59.95 49.66 22.04
C GLY D 276 60.56 51.03 21.83
N LEU D 277 60.73 51.80 22.91
CA LEU D 277 61.37 53.10 22.75
C LEU D 277 62.84 52.95 22.39
N VAL D 278 63.54 52.10 23.13
CA VAL D 278 64.94 51.85 22.81
C VAL D 278 65.09 51.03 21.54
N THR D 279 64.04 50.33 21.09
CA THR D 279 64.06 49.78 19.75
C THR D 279 63.95 50.87 18.71
N ALA D 280 63.21 51.94 19.03
CA ALA D 280 63.15 53.10 18.14
C ALA D 280 64.38 53.98 18.26
N VAL D 281 65.18 53.81 19.31
CA VAL D 281 66.37 54.63 19.50
C VAL D 281 67.45 54.25 18.50
N ALA D 282 67.82 52.97 18.46
CA ALA D 282 68.91 52.54 17.58
C ALA D 282 68.47 52.52 16.13
N ILE D 283 67.16 52.36 15.87
CA ILE D 283 66.70 52.26 14.49
C ILE D 283 66.67 53.61 13.80
N ALA D 284 66.74 54.70 14.56
CA ALA D 284 66.75 56.03 13.96
C ALA D 284 68.12 56.37 13.40
N GLU D 285 69.18 55.86 14.01
CA GLU D 285 70.53 55.99 13.44
C GLU D 285 70.90 54.72 12.67
N THR D 286 70.05 54.40 11.71
CA THR D 286 70.26 53.20 10.90
C THR D 286 70.05 53.55 9.44
N ASP D 287 71.16 53.66 8.69
CA ASP D 287 71.10 54.03 7.29
C ASP D 287 71.02 52.81 6.38
N SER D 288 72.04 51.95 6.43
CA SER D 288 72.14 50.86 5.49
C SER D 288 71.63 49.56 6.12
N TRP D 289 71.57 48.53 5.29
CA TRP D 289 71.50 47.17 5.78
C TRP D 289 72.78 46.78 6.50
N GLU D 290 73.87 47.47 6.24
CA GLU D 290 75.16 47.18 6.85
C GLU D 290 75.37 48.00 8.11
N SER D 291 74.69 49.13 8.23
CA SER D 291 74.53 49.77 9.53
C SER D 291 73.36 49.20 10.30
N PHE D 292 72.67 48.19 9.76
CA PHE D 292 71.51 47.63 10.43
C PHE D 292 71.92 46.67 11.52
N PHE D 293 72.61 45.60 11.14
CA PHE D 293 72.89 44.49 12.05
C PHE D 293 73.88 44.88 13.14
N VAL D 294 74.70 45.89 12.88
CA VAL D 294 75.55 46.43 13.92
C VAL D 294 74.72 47.27 14.89
N SER D 295 73.57 47.78 14.46
CA SER D 295 72.67 48.50 15.35
C SER D 295 71.60 47.60 15.94
N VAL D 296 71.43 46.39 15.41
CA VAL D 296 70.61 45.38 16.06
C VAL D 296 71.23 44.98 17.39
N ARG D 297 72.57 44.98 17.45
CA ARG D 297 73.24 44.61 18.69
C ARG D 297 73.08 45.68 19.76
N LYS D 298 72.74 46.91 19.37
CA LYS D 298 72.28 47.89 20.33
C LYS D 298 70.96 47.45 20.98
N ALA D 299 70.16 46.68 20.25
CA ALA D 299 68.84 46.29 20.74
C ALA D 299 68.85 44.93 21.42
N ILE D 300 69.75 44.02 21.01
CA ILE D 300 69.82 42.73 21.67
C ILE D 300 70.34 42.88 23.08
N THR D 301 71.49 43.54 23.24
CA THR D 301 72.18 43.55 24.51
C THR D 301 71.50 44.41 25.54
N VAL D 302 70.51 45.22 25.17
CA VAL D 302 69.75 45.90 26.22
C VAL D 302 68.69 44.97 26.80
N LEU D 303 67.76 44.48 25.98
CA LEU D 303 66.60 43.76 26.48
C LEU D 303 66.97 42.41 27.08
N PHE D 304 68.06 41.82 26.60
CA PHE D 304 68.64 40.66 27.27
C PHE D 304 69.11 41.04 28.66
N PHE D 305 69.89 42.11 28.75
CA PHE D 305 70.35 42.56 30.04
C PHE D 305 69.25 43.25 30.84
N ILE D 306 68.22 43.78 30.19
CA ILE D 306 67.12 44.40 30.93
C ILE D 306 66.38 43.36 31.76
N GLY D 307 66.02 42.25 31.13
CA GLY D 307 65.25 41.24 31.84
C GLY D 307 66.05 40.52 32.90
N VAL D 308 67.35 40.35 32.68
CA VAL D 308 68.13 39.62 33.66
C VAL D 308 68.42 40.49 34.87
N ARG D 309 68.39 41.82 34.73
CA ARG D 309 68.72 42.64 35.88
C ARG D 309 67.53 42.83 36.81
N CYS D 310 66.34 43.03 36.27
CA CYS D 310 65.19 43.27 37.12
C CYS D 310 64.68 41.99 37.77
N TYR D 311 64.90 40.83 37.13
CA TYR D 311 64.41 39.58 37.71
C TYR D 311 65.18 39.22 38.97
N GLU D 312 66.46 39.56 39.01
CA GLU D 312 67.24 39.43 40.22
C GLU D 312 66.79 40.42 41.28
N ALA D 313 66.21 41.55 40.88
CA ALA D 313 65.76 42.53 41.85
C ALA D 313 64.48 42.08 42.53
N TYR D 314 63.45 41.78 41.74
CA TYR D 314 62.23 41.17 42.27
C TYR D 314 62.03 39.81 41.62
N PRO D 315 62.17 38.73 42.36
CA PRO D 315 61.86 37.41 41.80
C PRO D 315 60.36 37.15 41.81
N ASN D 316 59.95 36.22 40.96
CA ASN D 316 58.61 35.68 41.02
C ASN D 316 58.50 34.81 42.26
N THR D 317 57.35 34.83 42.90
CA THR D 317 57.06 33.86 43.93
C THR D 317 55.78 33.11 43.61
N SER D 318 55.69 31.90 44.12
CA SER D 318 54.44 31.17 44.03
C SER D 318 53.43 31.82 44.96
N LEU D 319 52.29 32.21 44.42
CA LEU D 319 51.33 32.98 45.19
C LEU D 319 50.65 32.09 46.22
N PRO D 320 50.29 32.62 47.38
CA PRO D 320 49.34 31.95 48.24
C PRO D 320 48.03 31.70 47.52
N PRO D 321 47.61 30.44 47.40
CA PRO D 321 46.42 30.13 46.60
C PRO D 321 45.13 30.55 47.24
N SER D 322 45.17 30.99 48.51
CA SER D 322 44.01 31.60 49.14
C SER D 322 43.59 32.86 48.39
N ILE D 323 44.55 33.57 47.82
CA ILE D 323 44.26 34.71 46.97
C ILE D 323 43.76 34.25 45.60
N LEU D 324 44.14 33.04 45.19
CA LEU D 324 43.88 32.60 43.83
C LEU D 324 42.42 32.31 43.54
N GLU D 325 41.58 32.12 44.57
CA GLU D 325 40.18 31.79 44.31
C GLU D 325 39.37 33.01 43.89
N ASP D 326 39.37 34.06 44.73
CA ASP D 326 38.48 35.18 44.46
C ASP D 326 38.94 36.02 43.28
N SER D 327 40.18 35.83 42.85
CA SER D 327 40.61 36.44 41.60
C SER D 327 39.88 35.83 40.40
N LEU D 328 39.32 34.63 40.55
CA LEU D 328 38.59 34.01 39.45
C LEU D 328 37.15 34.50 39.34
N GLU D 329 36.48 34.76 40.47
CA GLU D 329 35.05 35.09 40.41
C GLU D 329 34.83 36.51 39.90
N ASN D 330 35.76 37.41 40.16
CA ASN D 330 35.77 38.74 39.57
C ASN D 330 36.43 38.73 38.20
N ASN D 331 36.82 37.55 37.72
CA ASN D 331 37.39 37.31 36.39
C ASN D 331 38.66 38.11 36.16
N GLU D 332 39.42 38.30 37.24
CA GLU D 332 40.64 39.10 37.16
C GLU D 332 41.83 38.30 36.68
N GLY D 333 41.69 36.99 36.53
CA GLY D 333 42.78 36.17 36.02
C GLY D 333 43.88 36.00 37.03
N VAL D 334 45.05 35.63 36.51
CA VAL D 334 46.24 35.45 37.35
C VAL D 334 46.67 36.80 37.92
N PRO D 335 46.92 36.90 39.21
CA PRO D 335 47.15 38.20 39.84
C PRO D 335 48.54 38.77 39.69
N SER D 336 49.27 38.37 38.63
CA SER D 336 50.59 38.83 38.21
C SER D 336 50.78 40.33 38.43
N PRO D 337 51.91 40.76 39.01
CA PRO D 337 51.96 42.08 39.64
C PRO D 337 51.92 43.26 38.69
N MET D 338 50.80 43.39 37.96
CA MET D 338 50.55 44.53 37.09
C MET D 338 49.05 44.60 36.89
N LEU D 339 48.40 45.60 37.47
CA LEU D 339 46.96 45.72 37.38
C LEU D 339 46.59 47.11 36.95
N SER D 340 45.70 47.19 35.96
CA SER D 340 45.22 48.46 35.46
C SER D 340 43.75 48.62 35.81
N ILE D 341 43.31 49.84 35.86
CA ILE D 341 41.90 50.15 36.05
C ILE D 341 41.36 50.73 34.77
N SER D 342 40.04 50.85 34.71
CA SER D 342 39.36 51.33 33.52
C SER D 342 38.34 52.38 33.89
N ASN D 343 38.54 53.57 33.34
CA ASN D 343 37.50 54.58 33.19
C ASN D 343 36.97 55.07 34.54
N LEU D 344 37.92 55.47 35.39
CA LEU D 344 37.62 56.34 36.50
C LEU D 344 38.50 57.56 36.34
N THR D 345 38.13 58.65 37.00
CA THR D 345 38.98 59.82 36.94
C THR D 345 40.00 59.70 38.05
N GLN D 346 41.14 60.33 37.84
CA GLN D 346 42.29 60.08 38.70
C GLN D 346 42.08 60.72 40.07
N GLU D 347 42.90 60.25 41.01
CA GLU D 347 43.00 60.66 42.41
C GLU D 347 41.80 60.27 43.26
N GLN D 348 40.74 59.74 42.64
CA GLN D 348 39.74 59.02 43.41
C GLN D 348 40.32 57.72 43.91
N VAL D 349 40.97 56.99 43.00
CA VAL D 349 41.53 55.69 43.35
C VAL D 349 42.80 55.87 44.17
N GLN D 350 43.42 57.04 44.10
CA GLN D 350 44.61 57.32 44.90
C GLN D 350 44.28 57.33 46.38
N ASP D 351 43.06 57.73 46.73
CA ASP D 351 42.57 57.57 48.10
C ASP D 351 42.59 56.11 48.51
N TYR D 352 42.17 55.23 47.61
CA TYR D 352 42.26 53.81 47.88
C TYR D 352 43.70 53.33 47.89
N VAL D 353 44.58 54.00 47.14
CA VAL D 353 46.01 53.75 47.30
C VAL D 353 46.47 54.27 48.65
N ASN D 354 45.96 55.43 49.06
CA ASN D 354 46.41 56.07 50.31
C ASN D 354 46.04 55.25 51.52
N LYS D 355 44.85 54.67 51.52
CA LYS D 355 44.45 53.81 52.63
C LYS D 355 45.26 52.54 52.65
N THR D 356 45.51 51.95 51.48
CA THR D 356 46.26 50.69 51.44
C THR D 356 47.72 50.93 51.75
N ASN D 357 48.29 52.01 51.23
CA ASN D 357 49.66 52.34 51.58
C ASN D 357 49.81 52.84 53.01
N SER D 358 48.71 53.20 53.67
CA SER D 358 48.77 53.49 55.10
C SER D 358 49.00 52.21 55.89
N HIS D 359 48.14 51.21 55.67
CA HIS D 359 48.27 49.94 56.35
C HIS D 359 49.45 49.14 55.86
N LEU D 360 50.00 49.48 54.73
CA LEU D 360 51.22 48.81 54.34
C LEU D 360 52.41 49.36 55.12
N PRO D 361 53.39 48.51 55.39
CA PRO D 361 54.70 48.99 55.83
C PRO D 361 55.48 49.54 54.64
N ALA D 362 56.66 50.09 54.93
CA ALA D 362 57.40 50.85 53.94
C ALA D 362 58.00 49.97 52.86
N GLY D 363 58.16 48.68 53.13
CA GLY D 363 58.82 47.81 52.16
C GLY D 363 57.95 47.48 50.96
N LYS D 364 56.64 47.51 51.14
CA LYS D 364 55.73 47.03 50.11
C LYS D 364 54.66 48.06 49.79
N GLN D 365 55.00 49.34 49.78
CA GLN D 365 54.00 50.33 49.42
C GLN D 365 53.80 50.34 47.90
N VAL D 366 52.63 50.82 47.48
CA VAL D 366 52.15 50.63 46.12
C VAL D 366 52.10 51.98 45.42
N GLU D 367 52.50 52.00 44.15
CA GLU D 367 52.60 53.22 43.37
C GLU D 367 52.01 53.01 41.99
N ILE D 368 51.48 54.09 41.41
CA ILE D 368 50.86 54.04 40.08
C ILE D 368 51.93 54.27 39.03
N SER D 369 52.04 53.34 38.09
CA SER D 369 53.07 53.46 37.07
C SER D 369 52.66 54.46 35.98
N LEU D 370 51.54 54.22 35.31
CA LEU D 370 51.27 54.88 34.05
C LEU D 370 49.95 55.66 34.06
N VAL D 371 49.88 56.63 33.15
CA VAL D 371 48.71 57.47 32.95
C VAL D 371 48.32 57.31 31.48
N ASN D 372 48.46 56.09 30.95
CA ASN D 372 48.20 55.83 29.54
C ASN D 372 46.72 56.07 29.21
N GLY D 373 46.46 57.08 28.42
CA GLY D 373 45.11 57.49 28.12
C GLY D 373 44.56 58.41 29.19
N ALA D 374 43.40 58.99 28.89
CA ALA D 374 42.78 59.90 29.84
C ALA D 374 42.18 59.18 31.02
N LYS D 375 41.95 57.88 30.92
CA LYS D 375 41.23 57.17 31.97
C LYS D 375 42.03 56.04 32.59
N ASN D 376 42.60 55.15 31.77
CA ASN D 376 43.19 53.93 32.29
C ASN D 376 44.51 54.21 32.97
N LEU D 377 44.69 53.61 34.15
CA LEU D 377 45.87 53.86 34.98
C LEU D 377 46.47 52.52 35.38
N VAL D 378 47.73 52.31 35.00
CA VAL D 378 48.43 51.07 35.32
C VAL D 378 49.09 51.21 36.68
N VAL D 379 48.98 50.18 37.51
CA VAL D 379 49.56 50.19 38.85
C VAL D 379 50.47 48.98 39.00
N SER D 380 51.66 49.19 39.57
CA SER D 380 52.66 48.14 39.75
C SER D 380 53.15 48.12 41.19
N GLY D 381 53.45 46.92 41.70
CA GLY D 381 53.91 46.76 43.05
C GLY D 381 53.89 45.31 43.49
N PRO D 382 53.93 45.07 44.81
CA PRO D 382 53.80 43.71 45.32
C PRO D 382 52.41 43.17 45.11
N PRO D 383 52.28 41.90 44.72
CA PRO D 383 50.99 41.43 44.20
C PRO D 383 49.94 41.23 45.26
N GLN D 384 50.34 40.89 46.49
CA GLN D 384 49.39 40.80 47.59
C GLN D 384 48.74 42.15 47.83
N SER D 385 49.55 43.19 47.86
CA SER D 385 49.03 44.52 48.07
C SER D 385 48.31 45.01 46.82
N LEU D 386 48.76 44.58 45.64
CA LEU D 386 47.98 44.82 44.44
C LEU D 386 46.65 44.10 44.50
N TYR D 387 46.65 42.88 45.03
CA TYR D 387 45.38 42.24 45.34
C TYR D 387 44.68 42.95 46.48
N GLY D 388 45.47 43.51 47.41
CA GLY D 388 44.89 44.27 48.50
C GLY D 388 44.19 45.53 48.04
N LEU D 389 44.62 46.10 46.92
CA LEU D 389 43.93 47.26 46.39
C LEU D 389 42.56 46.91 45.86
N ASN D 390 42.38 45.68 45.34
CA ASN D 390 41.07 45.26 44.86
C ASN D 390 40.04 45.17 45.97
N LEU D 391 40.48 44.95 47.21
CA LEU D 391 39.55 44.70 48.30
C LEU D 391 38.71 45.92 48.60
N THR D 392 39.34 47.07 48.76
CA THR D 392 38.56 48.29 48.85
C THR D 392 38.04 48.75 47.51
N LEU D 393 38.54 48.19 46.40
CA LEU D 393 37.97 48.51 45.12
C LEU D 393 36.90 47.52 44.68
N ARG D 394 36.70 46.45 45.45
CA ARG D 394 35.45 45.71 45.37
C ARG D 394 34.35 46.37 46.18
N LYS D 395 34.73 47.24 47.11
CA LYS D 395 33.84 48.25 47.64
C LYS D 395 33.78 49.41 46.64
N ALA D 396 32.74 50.24 46.79
CA ALA D 396 32.44 51.40 45.96
C ALA D 396 32.26 51.04 44.50
N LYS D 397 31.87 49.82 44.21
CA LYS D 397 31.82 49.29 42.85
C LYS D 397 30.49 48.62 42.62
N ALA D 398 29.85 48.95 41.52
CA ALA D 398 28.58 48.31 41.30
C ALA D 398 28.77 46.96 40.62
N PRO D 399 27.78 46.06 40.75
CA PRO D 399 27.68 44.89 39.87
C PRO D 399 26.98 45.20 38.54
N SER D 400 27.01 46.48 38.13
CA SER D 400 26.52 46.99 36.84
C SER D 400 24.99 46.97 36.74
N GLY D 401 24.33 47.51 37.76
CA GLY D 401 22.90 47.75 37.68
C GLY D 401 22.58 49.12 37.13
N LEU D 402 21.38 49.25 36.55
CA LEU D 402 20.98 50.45 35.83
C LEU D 402 20.59 51.57 36.80
N ASP D 403 21.25 52.73 36.66
CA ASP D 403 20.94 53.89 37.48
C ASP D 403 20.83 55.17 36.66
N GLN D 404 20.81 55.06 35.32
CA GLN D 404 20.56 56.23 34.48
C GLN D 404 19.11 56.69 34.55
N SER D 405 18.23 55.85 35.11
CA SER D 405 16.84 56.24 35.29
C SER D 405 16.72 57.34 36.34
N ARG D 406 17.11 57.05 37.57
CA ARG D 406 16.89 57.98 38.67
C ARG D 406 18.19 58.74 38.94
N ILE D 407 18.30 59.91 38.30
CA ILE D 407 19.30 60.96 38.53
C ILE D 407 20.72 60.38 38.46
N PRO D 408 21.23 60.06 37.25
CA PRO D 408 22.54 59.41 37.16
C PRO D 408 23.70 60.29 37.60
N PHE D 409 23.77 61.53 37.14
CA PHE D 409 24.92 62.36 37.44
C PHE D 409 24.74 63.15 38.74
N SER D 410 24.25 62.50 39.81
CA SER D 410 24.32 63.11 41.14
C SER D 410 24.60 62.16 42.29
N GLU D 411 24.32 60.84 42.16
CA GLU D 411 24.46 59.94 43.31
C GLU D 411 24.99 58.55 42.95
N ARG D 412 25.67 58.40 41.82
CA ARG D 412 25.91 57.09 41.22
C ARG D 412 26.93 56.25 42.00
N LYS D 413 26.67 54.95 42.06
CA LYS D 413 27.73 53.96 42.28
C LYS D 413 28.27 53.52 40.93
N LEU D 414 29.59 53.58 40.77
CA LEU D 414 30.26 53.65 39.49
C LEU D 414 30.49 52.26 38.90
N LYS D 415 31.26 52.21 37.81
CA LYS D 415 31.57 50.98 37.10
C LYS D 415 33.07 50.76 37.00
N PHE D 416 33.47 49.51 36.79
CA PHE D 416 34.87 49.12 36.74
C PHE D 416 35.06 48.03 35.69
N SER D 417 36.32 47.84 35.31
CA SER D 417 36.78 46.62 34.66
C SER D 417 38.27 46.54 34.92
N ASN D 418 38.67 45.61 35.79
CA ASN D 418 40.02 45.59 36.33
C ASN D 418 40.64 44.22 36.18
N ARG D 419 40.61 43.65 34.99
CA ARG D 419 41.33 42.41 34.77
C ARG D 419 42.84 42.68 34.74
N PHE D 420 43.61 41.65 35.06
CA PHE D 420 45.03 41.81 35.28
C PHE D 420 45.81 41.92 33.98
N LEU D 421 47.11 42.15 34.11
CA LEU D 421 48.07 42.19 33.03
C LEU D 421 49.19 41.21 33.32
N PRO D 422 49.66 40.50 32.33
CA PRO D 422 50.63 39.42 32.57
C PRO D 422 52.08 39.88 32.48
N VAL D 423 52.47 40.77 33.38
CA VAL D 423 53.86 41.19 33.49
C VAL D 423 54.42 40.54 34.74
N ALA D 424 55.52 39.80 34.59
CA ALA D 424 56.08 39.04 35.69
C ALA D 424 57.23 39.76 36.39
N SER D 425 57.42 41.05 36.12
CA SER D 425 58.33 41.87 36.90
C SER D 425 57.81 43.31 36.85
N PRO D 426 57.53 43.91 37.99
CA PRO D 426 56.69 45.11 38.01
C PRO D 426 57.39 46.36 37.50
N PHE D 427 57.36 46.56 36.19
CA PHE D 427 58.06 47.66 35.53
C PHE D 427 57.46 49.00 35.92
N HIS D 428 58.26 50.06 35.73
CA HIS D 428 57.91 51.46 36.01
C HIS D 428 57.53 51.63 37.48
N SER D 429 58.47 51.24 38.34
CA SER D 429 58.22 51.18 39.76
C SER D 429 59.28 51.96 40.51
N HIS D 430 59.29 51.79 41.83
CA HIS D 430 60.30 52.43 42.65
C HIS D 430 61.22 51.46 43.36
N LEU D 431 60.72 50.30 43.74
CA LEU D 431 61.51 49.32 44.48
C LEU D 431 62.66 48.75 43.66
N LEU D 432 62.55 48.76 42.34
CA LEU D 432 63.58 48.14 41.51
C LEU D 432 64.62 49.15 41.06
N VAL D 433 65.22 49.82 42.03
CA VAL D 433 66.35 50.71 41.79
C VAL D 433 67.71 50.05 41.56
N PRO D 434 68.16 48.95 42.22
CA PRO D 434 69.58 48.60 42.08
C PRO D 434 69.94 47.98 40.75
N ALA D 435 68.96 47.42 40.03
CA ALA D 435 69.19 46.92 38.69
C ALA D 435 69.45 48.05 37.71
N SER D 436 68.94 49.24 38.00
CA SER D 436 69.15 50.38 37.13
C SER D 436 70.61 50.79 37.09
N ASP D 437 71.22 50.99 38.26
CA ASP D 437 72.59 51.45 38.26
C ASP D 437 73.56 50.32 37.94
N LEU D 438 73.09 49.07 37.98
CA LEU D 438 73.92 47.91 37.68
C LEU D 438 74.00 47.62 36.18
N ILE D 439 72.89 47.80 35.47
CA ILE D 439 72.85 47.42 34.06
C ILE D 439 73.68 48.38 33.20
N ASN D 440 73.79 49.64 33.60
CA ASN D 440 74.55 50.56 32.77
C ASN D 440 76.04 50.36 32.97
N LYS D 441 76.43 49.74 34.08
CA LYS D 441 77.75 49.17 34.18
C LYS D 441 77.92 48.04 33.19
N ASP D 442 76.90 47.17 33.06
CA ASP D 442 76.94 46.08 32.09
C ASP D 442 76.92 46.59 30.66
N LEU D 443 76.27 47.71 30.40
CA LEU D 443 76.28 48.24 29.05
C LEU D 443 77.49 49.11 28.78
N VAL D 444 78.16 49.59 29.83
CA VAL D 444 79.50 50.13 29.68
C VAL D 444 80.47 49.00 29.30
N LYS D 445 80.21 47.79 29.82
CA LYS D 445 81.16 46.67 29.75
C LYS D 445 81.44 46.22 28.32
N ASN D 446 80.47 46.37 27.41
CA ASN D 446 80.71 46.09 25.99
C ASN D 446 80.32 47.29 25.13
N ASN D 447 81.28 48.20 24.93
CA ASN D 447 81.58 48.91 23.68
C ASN D 447 80.43 49.38 22.79
N VAL D 448 79.22 49.54 23.31
CA VAL D 448 78.06 49.89 22.48
C VAL D 448 77.37 51.13 22.97
N SER D 449 77.86 51.71 24.05
CA SER D 449 77.19 52.81 24.75
C SER D 449 77.63 54.17 24.20
N PHE D 450 77.50 54.32 22.88
CA PHE D 450 77.85 55.60 22.27
C PHE D 450 76.66 56.55 22.26
N ASN D 451 75.56 56.13 21.63
CA ASN D 451 74.33 56.89 21.39
C ASN D 451 74.60 58.35 21.03
N ALA D 452 75.27 58.54 19.90
CA ALA D 452 75.70 59.86 19.47
C ALA D 452 74.52 60.63 18.85
N LYS D 453 74.84 61.70 18.14
CA LYS D 453 73.83 62.52 17.49
C LYS D 453 73.23 61.87 16.25
N ASP D 454 73.65 60.66 15.87
CA ASP D 454 73.31 60.07 14.58
C ASP D 454 71.83 59.74 14.40
N ILE D 455 71.03 59.85 15.47
CA ILE D 455 69.58 59.75 15.35
C ILE D 455 69.10 60.90 14.48
N GLN D 456 68.41 60.57 13.39
CA GLN D 456 67.96 61.59 12.46
C GLN D 456 66.53 62.02 12.76
N ILE D 457 65.64 61.06 12.84
CA ILE D 457 64.22 61.35 13.07
C ILE D 457 64.05 61.82 14.51
N PRO D 458 63.31 62.90 14.78
CA PRO D 458 63.12 63.31 16.17
C PRO D 458 62.22 62.32 16.89
N VAL D 459 62.88 61.44 17.64
CA VAL D 459 62.16 60.49 18.46
C VAL D 459 61.74 61.22 19.72
N TYR D 460 60.49 61.02 20.12
CA TYR D 460 60.06 61.61 21.37
C TYR D 460 60.14 60.56 22.46
N ASP D 461 60.25 61.06 23.68
CA ASP D 461 60.38 60.27 24.88
C ASP D 461 59.09 59.51 25.17
N THR D 462 59.19 58.58 26.11
CA THR D 462 58.03 58.02 26.76
C THR D 462 57.61 58.88 27.96
N PHE D 463 58.35 59.96 28.21
CA PHE D 463 57.85 61.02 29.09
C PHE D 463 58.47 62.33 28.63
N ASP D 464 57.62 63.28 28.22
CA ASP D 464 57.98 64.65 27.87
C ASP D 464 58.98 64.69 26.72
N GLY D 465 58.48 64.48 25.52
CA GLY D 465 59.26 64.06 24.38
C GLY D 465 60.28 65.03 23.83
N SER D 466 61.37 65.20 24.56
CA SER D 466 62.50 65.98 24.08
C SER D 466 63.15 65.32 22.87
N ASP D 467 63.96 66.10 22.16
CA ASP D 467 64.64 65.62 20.97
C ASP D 467 65.68 64.55 21.28
N LEU D 468 66.25 64.59 22.48
CA LEU D 468 67.16 63.61 23.06
C LEU D 468 68.50 63.53 22.33
N ARG D 469 68.79 64.44 21.42
CA ARG D 469 70.15 64.60 20.93
C ARG D 469 70.84 65.70 21.72
N VAL D 470 70.71 65.55 23.05
CA VAL D 470 71.19 66.50 24.04
C VAL D 470 72.17 65.71 24.89
N LEU D 471 72.95 64.83 24.23
CA LEU D 471 74.01 64.00 24.83
C LEU D 471 74.98 64.83 25.66
N SER D 472 75.75 64.17 26.53
CA SER D 472 76.05 64.48 27.94
C SER D 472 74.78 64.12 28.70
N GLY D 473 74.08 63.12 28.20
CA GLY D 473 73.11 62.36 28.96
C GLY D 473 73.64 60.94 29.14
N SER D 474 74.61 60.57 28.30
CA SER D 474 75.15 59.21 28.15
C SER D 474 73.99 58.23 27.95
N ILE D 475 73.27 58.48 26.85
CA ILE D 475 71.88 58.13 26.60
C ILE D 475 71.53 56.67 26.87
N SER D 476 72.51 55.78 26.74
CA SER D 476 72.28 54.40 27.17
C SER D 476 72.50 54.23 28.67
N GLU D 477 71.89 55.12 29.45
CA GLU D 477 71.61 55.21 30.89
C GLU D 477 70.20 55.72 31.13
N ARG D 478 69.72 56.63 30.28
CA ARG D 478 68.35 57.09 30.35
C ARG D 478 67.38 55.98 29.96
N ILE D 479 67.87 55.04 29.14
CA ILE D 479 67.09 53.94 28.56
C ILE D 479 66.40 53.04 29.56
N VAL D 480 66.87 53.00 30.80
CA VAL D 480 66.43 52.00 31.74
C VAL D 480 65.54 52.57 32.83
N ASP D 481 65.86 53.75 33.34
CA ASP D 481 64.95 54.40 34.26
C ASP D 481 63.72 54.90 33.53
N CYS D 482 63.83 55.16 32.24
CA CYS D 482 62.64 55.34 31.40
C CYS D 482 61.78 54.10 31.37
N ILE D 483 62.37 52.92 31.55
CA ILE D 483 61.57 51.71 31.65
C ILE D 483 61.33 51.40 33.12
N ILE D 484 62.40 51.09 33.86
CA ILE D 484 62.21 50.96 35.30
C ILE D 484 62.77 52.18 36.05
N ARG D 485 62.08 53.30 35.95
CA ARG D 485 61.76 54.15 37.09
C ARG D 485 60.51 54.93 36.74
N LEU D 486 60.30 55.15 35.44
CA LEU D 486 59.65 56.44 35.26
C LEU D 486 58.17 56.29 34.96
N PRO D 487 57.38 57.25 35.42
CA PRO D 487 56.01 57.37 34.93
C PRO D 487 56.01 57.86 33.49
N VAL D 488 54.97 57.46 32.76
CA VAL D 488 54.97 57.66 31.32
C VAL D 488 54.13 58.88 30.94
N LYS D 489 52.88 58.90 31.38
CA LYS D 489 51.88 59.89 30.99
C LYS D 489 51.76 59.98 29.47
N TRP D 490 51.23 58.90 28.89
CA TRP D 490 51.34 58.61 27.46
C TRP D 490 50.69 59.66 26.56
N GLU D 491 49.76 60.46 27.08
CA GLU D 491 49.09 61.47 26.27
C GLU D 491 50.08 62.53 25.80
N THR D 492 50.92 63.03 26.71
CA THR D 492 51.90 64.04 26.32
C THR D 492 53.10 63.45 25.60
N THR D 493 53.16 62.13 25.44
CA THR D 493 54.22 61.58 24.62
C THR D 493 53.95 61.81 23.15
N THR D 494 52.68 61.96 22.75
CA THR D 494 52.38 61.98 21.32
C THR D 494 52.65 63.37 20.72
N GLN D 495 51.75 64.32 21.01
CA GLN D 495 51.87 65.76 20.70
C GLN D 495 52.40 66.06 19.30
N PHE D 496 51.87 65.35 18.31
CA PHE D 496 52.48 65.33 16.99
C PHE D 496 51.82 66.31 16.04
N LYS D 497 52.47 66.50 14.90
CA LYS D 497 51.88 67.19 13.76
C LYS D 497 52.05 66.27 12.56
N ALA D 498 51.10 65.37 12.38
CA ALA D 498 51.15 64.40 11.30
C ALA D 498 49.83 64.35 10.56
N THR D 499 49.66 63.32 9.74
CA THR D 499 48.37 63.10 9.10
C THR D 499 48.01 61.64 9.26
N HIS D 500 49.03 60.79 9.33
CA HIS D 500 48.84 59.36 9.53
C HIS D 500 49.96 58.85 10.43
N ILE D 501 49.75 57.66 10.97
CA ILE D 501 50.62 57.13 12.02
C ILE D 501 50.90 55.67 11.73
N LEU D 502 52.18 55.29 11.79
CA LEU D 502 52.57 53.89 11.75
C LEU D 502 52.49 53.27 13.14
N ASP D 503 52.12 52.00 13.18
CA ASP D 503 52.30 51.19 14.36
C ASP D 503 53.07 49.94 13.98
N PHE D 504 53.87 49.44 14.92
CA PHE D 504 54.53 48.16 14.80
C PHE D 504 54.16 47.26 15.97
N GLY D 505 52.87 47.25 16.31
CA GLY D 505 52.37 46.59 17.48
C GLY D 505 52.60 45.08 17.48
N PRO D 506 53.44 44.63 18.41
CA PRO D 506 53.76 43.20 18.45
C PRO D 506 52.61 42.38 19.01
N GLY D 507 51.67 42.07 18.12
CA GLY D 507 50.55 41.23 18.48
C GLY D 507 49.20 41.87 18.25
N GLY D 508 48.53 41.43 17.18
CA GLY D 508 47.14 41.72 16.91
C GLY D 508 46.76 43.16 16.69
N ALA D 509 45.46 43.38 16.51
CA ALA D 509 44.90 44.73 16.52
C ALA D 509 44.55 45.14 17.95
N SER D 510 45.51 44.95 18.85
CA SER D 510 45.31 45.19 20.27
C SER D 510 46.46 45.92 20.93
N GLY D 511 47.67 45.87 20.38
CA GLY D 511 48.81 46.40 21.09
C GLY D 511 49.11 47.85 20.79
N LEU D 512 48.63 48.74 21.67
CA LEU D 512 48.99 50.15 21.74
C LEU D 512 48.68 50.93 20.49
N GLY D 513 47.83 50.42 19.61
CA GLY D 513 47.36 51.22 18.51
C GLY D 513 45.92 51.62 18.77
N VAL D 514 45.13 50.63 19.19
CA VAL D 514 43.74 50.89 19.48
C VAL D 514 43.61 51.72 20.74
N LEU D 515 44.52 51.52 21.69
CA LEU D 515 44.47 52.29 22.92
C LEU D 515 44.99 53.70 22.72
N THR D 516 45.75 53.94 21.66
CA THR D 516 46.13 55.31 21.33
C THR D 516 45.02 56.03 20.61
N HIS D 517 44.10 55.29 20.01
CA HIS D 517 43.19 55.86 19.05
C HIS D 517 42.14 56.75 19.71
N ARG D 518 41.80 56.49 20.97
CA ARG D 518 40.88 57.36 21.68
C ARG D 518 41.46 58.74 21.88
N ASN D 519 42.78 58.82 22.04
CA ASN D 519 43.43 60.05 22.46
C ASN D 519 43.40 61.10 21.36
N LYS D 520 43.51 60.69 20.11
CA LYS D 520 43.54 61.61 18.98
C LYS D 520 42.19 61.57 18.30
N ASP D 521 41.70 62.72 17.87
CA ASP D 521 40.54 62.79 17.01
C ASP D 521 40.64 64.01 16.11
N GLY D 522 39.86 64.00 15.04
CA GLY D 522 40.00 64.96 13.99
C GLY D 522 41.23 64.76 13.13
N THR D 523 41.88 63.61 13.23
CA THR D 523 43.19 63.35 12.63
C THR D 523 43.21 61.87 12.22
N GLY D 524 44.40 61.28 12.13
CA GLY D 524 44.71 60.07 11.38
C GLY D 524 43.90 58.80 11.52
N VAL D 525 44.03 57.95 10.51
CA VAL D 525 43.28 56.72 10.30
C VAL D 525 44.29 55.58 10.32
N ARG D 526 45.24 55.68 11.26
CA ARG D 526 46.52 54.95 11.34
C ARG D 526 46.44 53.47 10.99
N VAL D 527 47.49 52.99 10.33
CA VAL D 527 47.59 51.65 9.77
C VAL D 527 48.78 50.94 10.39
N ILE D 528 48.59 49.69 10.79
CA ILE D 528 49.66 48.90 11.38
C ILE D 528 50.13 47.88 10.35
N VAL D 529 51.27 47.25 10.62
CA VAL D 529 51.87 46.29 9.71
C VAL D 529 51.48 44.85 10.03
N ALA D 530 51.32 44.52 11.31
CA ALA D 530 51.12 43.13 11.71
C ALA D 530 49.70 42.67 11.42
N GLY D 531 49.59 41.49 10.82
CA GLY D 531 48.30 40.93 10.49
C GLY D 531 47.69 41.50 9.23
N THR D 532 46.52 41.00 8.85
CA THR D 532 45.73 41.55 7.76
C THR D 532 44.25 41.67 8.09
N LEU D 533 43.89 41.66 9.37
CA LEU D 533 42.52 41.79 9.79
C LEU D 533 41.99 43.21 9.58
N ASP D 534 40.70 43.34 9.87
CA ASP D 534 40.00 44.61 9.96
C ASP D 534 38.83 44.41 10.90
N ILE D 535 38.37 45.50 11.50
CA ILE D 535 37.23 45.43 12.39
C ILE D 535 36.16 46.43 11.99
N ASN D 536 36.58 47.65 11.67
CA ASN D 536 35.70 48.70 11.20
C ASN D 536 36.54 49.68 10.40
N PRO D 537 35.93 50.50 9.54
CA PRO D 537 36.71 51.55 8.85
C PRO D 537 37.19 52.67 9.76
N ASP D 538 37.96 52.29 10.79
CA ASP D 538 38.62 53.14 11.76
C ASP D 538 40.12 52.92 11.76
N ASP D 539 40.53 51.65 11.82
CA ASP D 539 41.90 51.23 11.94
C ASP D 539 42.16 50.07 11.01
N ASP D 540 41.70 50.19 9.77
CA ASP D 540 41.89 49.13 8.80
C ASP D 540 43.36 49.03 8.41
N TYR D 541 43.79 47.83 8.05
CA TYR D 541 45.21 47.61 7.87
C TYR D 541 45.39 46.43 6.92
N GLY D 542 46.64 46.09 6.65
CA GLY D 542 46.93 44.96 5.81
C GLY D 542 47.37 45.35 4.43
N PHE D 543 46.77 46.39 3.86
CA PHE D 543 47.05 46.70 2.46
C PHE D 543 47.36 48.17 2.20
N LYS D 544 47.35 49.03 3.21
CA LYS D 544 47.66 50.43 2.95
C LYS D 544 49.14 50.68 2.76
N GLN D 545 49.97 49.71 3.12
CA GLN D 545 51.41 49.83 2.97
C GLN D 545 51.83 49.61 1.54
N GLU D 546 50.99 48.96 0.75
CA GLU D 546 51.41 48.48 -0.54
C GLU D 546 50.42 48.82 -1.63
N ILE D 547 50.25 50.11 -1.89
CA ILE D 547 49.35 50.59 -2.93
C ILE D 547 49.65 52.00 -3.39
N PHE D 548 48.68 52.54 -4.12
CA PHE D 548 48.71 53.92 -4.57
C PHE D 548 47.27 54.33 -4.89
N ASP D 549 47.07 55.64 -5.09
CA ASP D 549 45.78 56.24 -5.48
C ASP D 549 44.61 55.94 -4.53
N VAL D 550 44.87 55.88 -3.23
CA VAL D 550 43.82 55.71 -2.22
C VAL D 550 44.26 56.19 -0.84
N THR D 551 44.20 57.49 -0.61
CA THR D 551 44.60 58.05 0.67
C THR D 551 43.40 58.38 1.54
N SER D 552 43.01 57.45 2.41
CA SER D 552 41.83 57.64 3.23
C SER D 552 42.12 58.47 4.46
N ASN D 553 41.78 59.76 4.39
CA ASN D 553 41.84 60.64 5.56
C ASN D 553 40.41 60.91 6.01
N GLY D 554 40.07 60.39 7.18
CA GLY D 554 38.69 60.42 7.66
C GLY D 554 38.36 61.75 8.32
N LEU D 555 37.82 61.69 9.53
CA LEU D 555 37.19 62.85 10.16
C LEU D 555 38.19 63.93 10.57
N LYS D 556 37.78 65.19 10.39
CA LYS D 556 38.50 66.33 10.89
C LYS D 556 37.61 67.10 11.85
N LYS D 557 37.07 66.37 12.84
CA LYS D 557 36.03 66.89 13.75
C LYS D 557 36.52 67.99 14.68
N ASN D 558 36.87 69.14 14.10
CA ASN D 558 37.38 70.28 14.83
C ASN D 558 37.36 71.45 13.87
N PRO D 559 38.32 71.42 12.95
CA PRO D 559 38.38 72.37 11.86
C PRO D 559 37.16 72.16 10.98
N ASN D 560 37.04 70.95 10.44
CA ASN D 560 35.82 70.57 9.74
C ASN D 560 34.73 70.42 10.78
N TRP D 561 33.51 70.81 10.41
CA TRP D 561 32.36 70.96 11.31
C TRP D 561 32.72 71.83 12.51
N LEU D 562 32.56 73.14 12.36
CA LEU D 562 32.96 74.08 13.40
C LEU D 562 31.91 75.15 13.66
N GLU D 563 32.04 76.30 13.00
CA GLU D 563 31.14 77.42 13.27
C GLU D 563 31.03 78.42 12.12
N GLU D 564 29.81 78.63 11.63
CA GLU D 564 29.54 79.58 10.54
C GLU D 564 28.07 79.99 10.39
N TYR D 565 27.84 81.29 10.26
CA TYR D 565 26.57 81.82 9.75
C TYR D 565 26.70 81.88 8.22
N HIS D 566 25.66 82.29 7.50
CA HIS D 566 25.71 82.21 6.04
C HIS D 566 24.80 83.18 5.28
N PRO D 567 25.36 83.73 4.21
CA PRO D 567 24.67 84.71 3.39
C PRO D 567 23.61 84.07 2.51
N LYS D 568 22.84 84.93 1.85
CA LYS D 568 21.81 84.49 0.94
C LYS D 568 22.37 84.44 -0.45
N LEU D 569 21.48 84.25 -1.42
CA LEU D 569 21.81 84.41 -2.81
C LEU D 569 22.11 85.89 -3.03
N ILE D 570 21.39 86.73 -2.29
CA ILE D 570 21.67 88.15 -2.27
C ILE D 570 22.05 88.60 -0.87
N LYS D 571 22.88 87.81 -0.20
CA LYS D 571 23.59 88.15 1.05
C LYS D 571 22.70 88.54 2.25
N ASN D 572 22.50 87.60 3.16
CA ASN D 572 21.69 87.82 4.38
C ASN D 572 22.44 87.40 5.64
N LYS D 573 21.89 86.43 6.38
CA LYS D 573 22.52 85.83 7.56
C LYS D 573 21.80 84.56 8.01
N SER D 574 22.28 83.36 7.63
CA SER D 574 21.75 82.10 8.18
C SER D 574 22.83 81.03 8.42
N UNK D 583 18.14 81.48 9.51
CA UNK D 583 18.51 82.80 10.00
C UNK D 583 18.76 82.79 11.49
N UNK D 584 20.04 82.85 11.87
CA UNK D 584 20.53 82.84 13.24
C UNK D 584 20.06 81.61 14.02
N UNK D 585 20.94 80.61 14.07
CA UNK D 585 20.58 79.29 14.56
C UNK D 585 20.35 79.20 16.06
N UNK D 586 19.08 79.26 16.46
CA UNK D 586 18.66 79.01 17.84
C UNK D 586 17.18 78.66 17.83
N UNK D 587 16.84 77.38 17.76
CA UNK D 587 15.45 76.94 17.60
C UNK D 587 14.60 77.17 18.85
N UNK D 588 13.28 77.12 18.69
CA UNK D 588 12.37 77.33 19.80
C UNK D 588 11.02 76.64 19.56
N UNK D 589 10.63 75.72 20.45
CA UNK D 589 9.38 74.97 20.31
C UNK D 589 8.92 74.33 21.62
N UNK D 590 8.00 74.96 22.33
CA UNK D 590 7.53 74.43 23.61
C UNK D 590 6.15 73.80 23.46
N UNK D 591 5.37 73.76 24.55
CA UNK D 591 4.07 73.11 24.51
C UNK D 591 3.06 73.55 25.58
N UNK D 592 3.23 74.72 26.16
CA UNK D 592 2.24 75.23 27.10
C UNK D 592 2.24 76.74 27.05
N UNK D 593 3.17 77.28 26.27
CA UNK D 593 3.24 78.71 26.05
C UNK D 593 2.87 78.98 24.62
N UNK D 594 3.66 78.43 23.72
CA UNK D 594 3.39 78.53 22.30
C UNK D 594 2.15 77.73 21.94
N UNK D 595 1.09 78.42 21.56
CA UNK D 595 -0.15 77.74 21.24
C UNK D 595 -0.99 78.50 20.23
N UNK D 596 -0.69 79.78 20.02
CA UNK D 596 -1.54 80.58 19.16
C UNK D 596 -0.81 81.72 18.47
N UNK D 597 -1.55 82.77 18.16
CA UNK D 597 -1.03 83.91 17.42
C UNK D 597 -0.14 84.83 18.27
N UNK D 598 0.11 84.45 19.51
CA UNK D 598 1.05 85.15 20.37
C UNK D 598 2.42 84.47 20.31
N UNK D 599 2.59 83.60 19.31
CA UNK D 599 3.89 83.04 19.02
C UNK D 599 4.25 83.46 17.61
N UNK D 600 3.30 84.16 16.98
CA UNK D 600 3.50 84.68 15.65
C UNK D 600 4.51 85.82 15.69
N UNK D 601 4.41 86.63 16.74
CA UNK D 601 5.31 87.76 16.93
C UNK D 601 6.71 87.30 17.31
N UNK D 602 6.81 86.07 17.81
CA UNK D 602 8.09 85.48 18.15
C UNK D 602 8.87 85.18 16.89
N UNK D 603 8.16 84.95 15.80
CA UNK D 603 8.80 84.71 14.52
C UNK D 603 9.08 86.01 13.81
N UNK D 604 8.47 87.09 14.30
CA UNK D 604 8.52 88.36 13.61
C UNK D 604 9.90 88.99 13.68
N UNK D 605 10.60 88.76 14.78
CA UNK D 605 11.95 89.29 14.90
C UNK D 605 12.92 88.35 14.18
N UNK D 606 13.41 87.33 14.88
CA UNK D 606 14.42 86.44 14.33
C UNK D 606 14.41 85.07 14.99
N UNK D 607 13.61 84.14 14.47
CA UNK D 607 13.46 82.85 15.11
C UNK D 607 12.99 81.72 14.20
N UNK D 608 12.99 80.50 14.73
CA UNK D 608 12.48 79.33 14.04
C UNK D 608 11.25 78.82 14.76
N UNK D 609 10.11 79.47 14.50
CA UNK D 609 8.88 79.20 15.24
C UNK D 609 8.22 77.89 14.88
N UNK D 610 7.77 77.16 15.89
CA UNK D 610 6.98 75.95 15.68
C UNK D 610 5.65 76.07 16.44
N UNK D 611 4.62 75.37 15.99
CA UNK D 611 3.31 75.49 16.60
C UNK D 611 2.48 74.23 16.49
N UNK D 612 2.26 73.55 17.61
CA UNK D 612 1.43 72.34 17.63
C UNK D 612 0.84 72.10 19.02
N UNK D 613 0.30 70.90 19.23
CA UNK D 613 -0.35 70.46 20.48
C UNK D 613 -1.48 71.39 20.93
N UNK D 614 -2.21 71.92 19.96
CA UNK D 614 -3.29 72.85 20.22
C UNK D 614 -4.60 72.11 20.40
N UNK D 615 -4.67 71.31 21.45
CA UNK D 615 -5.87 70.55 21.86
C UNK D 615 -6.46 69.67 20.76
N UNK D 616 -7.58 70.12 20.20
CA UNK D 616 -8.24 69.38 19.15
C UNK D 616 -7.44 69.47 17.87
N UNK D 617 -7.63 68.51 16.98
CA UNK D 617 -7.08 68.60 15.63
C UNK D 617 -8.25 68.47 14.67
N UNK D 618 -9.40 68.93 15.13
CA UNK D 618 -10.60 68.90 14.32
C UNK D 618 -10.83 70.27 13.75
N UNK D 619 -9.99 70.64 12.79
CA UNK D 619 -10.14 71.84 11.95
C UNK D 619 -10.15 73.22 12.62
N UNK D 620 -10.35 73.31 13.93
CA UNK D 620 -10.37 74.60 14.63
C UNK D 620 -9.00 75.23 14.57
N UNK D 621 -8.07 74.69 15.35
CA UNK D 621 -6.67 75.09 15.27
C UNK D 621 -6.05 74.49 14.02
N UNK D 622 -6.47 74.98 12.86
CA UNK D 622 -6.12 74.43 11.57
C UNK D 622 -6.69 75.39 10.57
N UNK D 623 -7.81 75.99 10.95
CA UNK D 623 -8.29 77.17 10.26
C UNK D 623 -7.64 78.34 10.94
N UNK D 624 -7.14 78.06 12.14
CA UNK D 624 -6.48 79.06 12.94
C UNK D 624 -5.02 79.21 12.54
N UNK D 625 -4.51 78.22 11.82
CA UNK D 625 -3.16 78.30 11.28
C UNK D 625 -3.09 79.44 10.28
N UNK D 626 -4.14 79.59 9.50
CA UNK D 626 -4.27 80.67 8.55
C UNK D 626 -4.91 81.89 9.19
N UNK D 627 -5.09 81.85 10.51
CA UNK D 627 -5.49 83.04 11.24
C UNK D 627 -4.24 83.71 11.77
N UNK D 628 -3.10 83.13 11.45
CA UNK D 628 -1.81 83.69 11.84
C UNK D 628 -0.80 83.47 10.72
N UNK D 629 -1.26 82.92 9.61
CA UNK D 629 -0.38 82.78 8.45
C UNK D 629 -0.49 84.00 7.56
N UNK D 630 -1.57 84.75 7.72
CA UNK D 630 -1.78 85.96 6.93
C UNK D 630 -1.24 87.14 7.72
N UNK D 631 -1.10 86.94 9.01
CA UNK D 631 -0.51 87.95 9.86
C UNK D 631 0.93 87.58 10.15
N UNK D 632 1.44 86.63 9.39
CA UNK D 632 2.79 86.09 9.63
C UNK D 632 3.89 86.98 9.08
N UNK D 633 4.87 86.35 8.42
CA UNK D 633 6.04 87.04 7.91
C UNK D 633 5.87 87.51 6.45
N UNK D 634 6.88 88.21 5.95
CA UNK D 634 6.89 88.60 4.55
C UNK D 634 7.21 87.39 3.71
N UNK D 635 8.27 86.69 4.09
CA UNK D 635 8.69 85.50 3.38
C UNK D 635 9.44 84.53 4.27
N UNK D 636 8.74 83.53 4.79
CA UNK D 636 9.34 82.48 5.61
C UNK D 636 8.47 81.24 5.63
N UNK D 637 8.53 80.50 6.73
CA UNK D 637 7.72 79.29 6.89
C UNK D 637 7.55 78.95 8.37
N UNK D 638 6.37 78.43 8.72
CA UNK D 638 6.09 78.05 10.10
C UNK D 638 6.34 76.56 10.31
N UNK D 639 6.17 76.08 11.54
CA UNK D 639 6.41 74.67 11.85
C UNK D 639 5.40 74.10 12.84
N UNK D 640 5.37 72.78 12.94
CA UNK D 640 4.38 72.12 13.77
C UNK D 640 4.90 70.82 14.36
N UNK D 641 5.45 70.89 15.57
CA UNK D 641 5.98 69.72 16.25
C UNK D 641 4.86 68.82 16.72
N UNK D 642 4.24 68.11 15.80
CA UNK D 642 3.09 67.27 16.12
C UNK D 642 3.54 66.03 16.85
N UNK D 643 2.60 65.34 17.46
CA UNK D 643 2.91 64.12 18.18
C UNK D 643 2.75 62.93 17.26
N UNK D 644 3.15 61.76 17.75
CA UNK D 644 2.96 60.50 17.03
C UNK D 644 2.96 59.41 18.07
N UNK D 645 2.43 59.74 19.24
CA UNK D 645 2.21 58.77 20.28
C UNK D 645 0.71 58.65 20.51
N UNK D 646 0.09 59.74 20.98
CA UNK D 646 -1.35 59.77 21.17
C UNK D 646 -2.04 59.90 19.82
N UNK D 647 -2.16 58.79 19.11
CA UNK D 647 -2.47 58.82 17.67
C UNK D 647 -3.92 59.10 17.33
N UNK D 648 -4.73 59.44 18.33
CA UNK D 648 -6.07 59.93 18.06
C UNK D 648 -5.98 61.32 17.48
N UNK D 649 -4.92 62.04 17.84
CA UNK D 649 -4.71 63.38 17.34
C UNK D 649 -3.85 63.36 16.08
N UNK D 650 -3.40 62.18 15.68
CA UNK D 650 -2.47 62.03 14.56
C UNK D 650 -3.09 62.45 13.25
N UNK D 651 -3.88 61.56 12.65
CA UNK D 651 -4.48 61.76 11.34
C UNK D 651 -5.43 62.93 11.29
N UNK D 652 -6.01 63.28 12.43
CA UNK D 652 -6.86 64.46 12.56
C UNK D 652 -6.04 65.69 12.27
N UNK D 653 -4.78 65.67 12.69
CA UNK D 653 -3.86 66.71 12.30
C UNK D 653 -3.10 66.37 11.01
N UNK D 654 -2.69 65.11 10.86
CA UNK D 654 -1.76 64.71 9.81
C UNK D 654 -2.33 64.83 8.42
N UNK D 655 -3.63 64.60 8.28
CA UNK D 655 -4.27 64.75 6.99
C UNK D 655 -4.34 66.22 6.66
N UNK D 656 -4.62 67.02 7.70
CA UNK D 656 -4.71 68.45 7.55
C UNK D 656 -3.33 69.03 7.32
N UNK D 657 -2.32 68.32 7.81
CA UNK D 657 -0.94 68.72 7.63
C UNK D 657 -0.55 68.67 6.17
N UNK D 658 -1.02 67.64 5.47
CA UNK D 658 -0.72 67.51 4.05
C UNK D 658 -1.66 68.39 3.25
N UNK D 659 -2.75 68.79 3.87
CA UNK D 659 -3.80 69.53 3.18
C UNK D 659 -3.38 70.96 2.89
N UNK D 660 -2.94 71.66 3.92
CA UNK D 660 -2.50 73.03 3.77
C UNK D 660 -1.13 73.06 3.10
N UNK D 661 -0.46 71.91 3.09
CA UNK D 661 0.80 71.73 2.39
C UNK D 661 0.60 71.91 0.91
N UNK D 662 -0.52 71.40 0.42
CA UNK D 662 -0.91 71.63 -0.95
C UNK D 662 -1.36 73.08 -1.13
N UNK D 663 -1.92 73.65 -0.06
CA UNK D 663 -2.38 75.02 -0.11
C UNK D 663 -1.20 75.96 -0.01
N UNK D 664 -0.87 76.37 1.21
CA UNK D 664 0.15 77.40 1.39
C UNK D 664 0.87 77.35 2.71
N UNK D 665 2.08 77.92 2.71
CA UNK D 665 2.95 78.16 3.87
C UNK D 665 3.41 76.90 4.63
N UNK D 666 4.31 77.13 5.59
CA UNK D 666 4.90 76.14 6.51
C UNK D 666 5.70 75.04 5.81
N UNK D 667 6.98 74.98 6.16
CA UNK D 667 7.89 74.07 5.50
C UNK D 667 8.80 73.33 6.47
N UNK D 668 8.25 72.80 7.56
CA UNK D 668 9.10 72.15 8.55
C UNK D 668 8.46 71.00 9.33
N UNK D 669 7.82 71.32 10.47
CA UNK D 669 7.19 70.39 11.40
C UNK D 669 8.13 69.38 12.06
N UNK D 670 7.64 68.75 13.12
CA UNK D 670 8.46 67.83 13.90
C UNK D 670 7.63 66.77 14.62
N UNK D 671 8.31 65.76 15.15
CA UNK D 671 7.61 64.65 15.79
C UNK D 671 8.02 64.50 17.24
N UNK D 672 7.06 64.20 18.10
CA UNK D 672 7.28 64.12 19.56
C UNK D 672 8.16 62.96 19.93
N UNK D 673 7.55 61.79 20.06
CA UNK D 673 8.28 60.56 20.30
C UNK D 673 9.05 60.14 19.05
N UNK D 674 9.87 59.11 19.18
CA UNK D 674 10.66 58.63 18.06
C UNK D 674 9.75 57.96 17.04
N UNK D 675 9.79 58.43 15.81
CA UNK D 675 8.93 57.88 14.78
C UNK D 675 9.44 56.53 14.33
N UNK D 676 8.55 55.73 13.77
CA UNK D 676 8.90 54.38 13.36
C UNK D 676 9.74 54.39 12.10
N UNK D 677 10.38 53.27 11.82
CA UNK D 677 11.29 53.17 10.71
C UNK D 677 10.54 53.08 9.40
N UNK D 678 11.08 53.76 8.40
CA UNK D 678 10.73 53.58 6.98
C UNK D 678 9.26 53.75 6.64
N UNK D 679 8.46 52.81 7.13
CA UNK D 679 7.04 52.69 6.81
C UNK D 679 6.26 53.94 7.11
N UNK D 680 6.30 54.39 8.36
CA UNK D 680 5.67 55.64 8.71
C UNK D 680 6.54 56.76 8.19
N UNK D 681 7.85 56.50 8.15
CA UNK D 681 8.82 57.52 7.80
C UNK D 681 8.78 57.87 6.33
N UNK D 682 9.35 56.98 5.51
CA UNK D 682 9.61 57.27 4.10
C UNK D 682 8.34 57.45 3.25
N UNK D 683 7.20 57.07 3.82
CA UNK D 683 5.93 57.45 3.22
C UNK D 683 5.75 58.96 3.33
N UNK D 684 5.72 59.46 4.57
CA UNK D 684 5.45 60.87 4.82
C UNK D 684 6.59 61.75 4.37
N UNK D 685 7.80 61.20 4.41
CA UNK D 685 8.99 61.93 4.00
C UNK D 685 8.99 62.16 2.51
N UNK D 686 8.36 61.24 1.79
CA UNK D 686 8.19 61.41 0.37
C UNK D 686 6.80 61.96 0.07
N UNK D 687 6.07 62.36 1.11
CA UNK D 687 4.73 62.89 0.90
C UNK D 687 4.64 64.40 1.12
N UNK D 688 5.31 65.15 0.26
CA UNK D 688 5.14 66.61 0.10
C UNK D 688 5.37 67.47 1.34
N UNK D 689 6.55 68.06 1.41
CA UNK D 689 6.87 69.05 2.42
C UNK D 689 7.90 69.99 1.82
N UNK D 690 8.90 70.37 2.59
CA UNK D 690 10.06 71.08 2.05
C UNK D 690 11.20 70.87 3.01
N UNK D 691 11.40 69.60 3.35
CA UNK D 691 12.35 69.12 4.34
C UNK D 691 12.13 69.81 5.69
N UNK D 692 13.24 70.12 6.36
CA UNK D 692 13.27 70.64 7.73
C UNK D 692 12.50 69.72 8.66
N UNK D 693 12.84 68.44 8.63
CA UNK D 693 12.17 67.47 9.48
C UNK D 693 12.95 67.22 10.75
N UNK D 694 12.24 67.18 11.87
CA UNK D 694 12.91 67.00 13.15
C UNK D 694 12.29 65.88 13.96
N UNK D 695 13.02 64.78 14.09
CA UNK D 695 12.60 63.69 14.96
C UNK D 695 13.49 63.67 16.20
N UNK D 696 13.08 64.39 17.25
CA UNK D 696 13.89 64.56 18.45
C UNK D 696 14.08 63.25 19.20
N UNK D 697 15.27 62.68 19.08
CA UNK D 697 15.61 61.39 19.67
C UNK D 697 15.54 61.44 21.18
N UNK D 698 15.41 60.27 21.81
CA UNK D 698 15.17 60.23 23.25
C UNK D 698 16.07 59.25 23.99
N UNK D 699 16.01 57.99 23.59
CA UNK D 699 16.87 56.97 24.15
C UNK D 699 18.29 57.20 23.74
N UNK D 700 19.21 56.49 24.39
CA UNK D 700 20.62 56.65 24.11
C UNK D 700 21.01 56.02 22.78
N UNK D 701 20.13 55.17 22.24
CA UNK D 701 20.36 54.60 20.93
C UNK D 701 19.42 55.22 19.92
N UNK D 702 18.53 56.09 20.38
CA UNK D 702 17.55 56.72 19.51
C UNK D 702 18.19 57.69 18.52
N UNK D 703 19.41 58.12 18.83
CA UNK D 703 20.23 58.83 17.87
C UNK D 703 20.51 57.88 16.73
N UNK D 704 20.87 56.66 17.08
CA UNK D 704 21.21 55.69 16.06
C UNK D 704 19.95 55.10 15.45
N UNK D 705 18.80 55.36 16.06
CA UNK D 705 17.55 55.11 15.38
C UNK D 705 17.41 56.10 14.27
N UNK D 706 17.77 57.34 14.57
CA UNK D 706 17.65 58.42 13.60
C UNK D 706 18.72 58.30 12.53
N UNK D 707 19.78 57.55 12.80
CA UNK D 707 20.90 57.38 11.89
C UNK D 707 20.46 56.76 10.58
N UNK D 708 19.90 55.57 10.67
CA UNK D 708 19.43 54.89 9.47
C UNK D 708 18.07 55.42 9.05
N UNK D 709 17.44 56.23 9.89
CA UNK D 709 16.17 56.83 9.53
C UNK D 709 16.39 57.92 8.51
N UNK D 710 17.60 58.45 8.48
CA UNK D 710 17.95 59.47 7.52
C UNK D 710 18.74 58.88 6.36
N UNK D 711 18.66 57.57 6.20
CA UNK D 711 19.35 56.92 5.08
C UNK D 711 18.67 57.29 3.78
N UNK D 712 19.46 57.32 2.71
CA UNK D 712 19.08 57.83 1.39
C UNK D 712 18.58 59.25 1.55
N UNK D 713 19.48 60.14 1.92
CA UNK D 713 19.11 61.48 2.32
C UNK D 713 19.05 62.46 1.16
N UNK D 714 18.14 63.43 1.30
CA UNK D 714 18.03 64.55 0.38
C UNK D 714 17.36 65.65 1.16
N UNK D 715 16.32 65.29 1.89
CA UNK D 715 15.67 66.20 2.82
C UNK D 715 16.56 66.32 4.03
N UNK D 716 16.67 67.52 4.60
CA UNK D 716 17.49 67.70 5.78
C UNK D 716 16.79 67.10 6.99
N UNK D 717 17.57 66.65 7.97
CA UNK D 717 17.00 66.05 9.17
C UNK D 717 17.55 66.72 10.43
N UNK D 718 16.71 66.91 11.43
CA UNK D 718 17.10 67.64 12.62
C UNK D 718 16.88 66.85 13.90
N UNK D 719 17.72 67.08 14.89
CA UNK D 719 17.60 66.39 16.17
C UNK D 719 18.29 67.15 17.29
N UNK D 720 17.95 66.79 18.51
CA UNK D 720 18.57 67.39 19.70
C UNK D 720 18.63 66.36 20.83
N UNK D 721 19.81 65.90 21.20
CA UNK D 721 19.97 64.83 22.19
C UNK D 721 19.54 65.26 23.56
N UNK D 722 18.23 65.34 23.76
CA UNK D 722 17.62 65.82 24.99
C UNK D 722 17.93 64.87 26.12
N UNK D 723 18.67 65.35 27.09
CA UNK D 723 19.25 64.49 28.10
C UNK D 723 19.15 65.08 29.49
N UNK D 724 19.60 66.32 29.66
CA UNK D 724 19.53 66.96 30.97
C UNK D 724 19.11 68.42 30.89
N UNK D 725 17.95 68.71 31.49
CA UNK D 725 17.38 70.04 31.63
C UNK D 725 16.24 70.01 32.65
N UNK D 726 15.59 71.16 32.85
CA UNK D 726 14.39 71.22 33.69
C UNK D 726 13.16 71.05 32.80
N UNK D 727 13.20 70.03 31.93
CA UNK D 727 12.21 69.85 30.88
C UNK D 727 12.11 68.40 30.38
N UNK D 728 11.99 68.25 29.06
CA UNK D 728 11.81 66.95 28.42
C UNK D 728 13.09 66.12 28.48
N UNK D 729 13.15 65.19 29.42
CA UNK D 729 14.37 64.44 29.67
C UNK D 729 14.12 62.94 29.77
N UNK D 730 14.54 62.21 28.74
CA UNK D 730 14.55 60.75 28.82
C UNK D 730 15.70 60.37 29.71
N UNK D 731 15.60 59.21 30.35
CA UNK D 731 16.65 58.68 31.22
C UNK D 731 17.92 58.44 30.42
N UNK D 732 18.67 59.51 30.19
CA UNK D 732 19.71 59.52 29.18
C UNK D 732 20.91 60.39 29.56
N UNK D 733 21.40 60.22 30.78
CA UNK D 733 22.59 60.87 31.33
C UNK D 733 22.56 62.39 31.33
N UNK D 734 23.72 62.96 31.65
CA UNK D 734 23.91 64.40 31.54
C UNK D 734 23.85 64.72 30.08
N UNK D 735 24.66 64.01 29.29
CA UNK D 735 24.63 64.15 27.85
C UNK D 735 25.31 62.93 27.23
N UNK D 736 25.47 61.88 28.02
CA UNK D 736 26.21 60.71 27.56
C UNK D 736 25.32 59.67 26.90
N UNK D 737 24.18 60.12 26.39
CA UNK D 737 23.29 59.25 25.64
C UNK D 737 23.92 58.90 24.31
N UNK D 738 24.33 59.94 23.60
CA UNK D 738 24.95 59.77 22.29
C UNK D 738 26.23 60.57 22.23
N UNK D 739 26.82 60.80 23.40
CA UNK D 739 28.13 61.41 23.46
C UNK D 739 29.11 60.41 22.90
N UNK D 740 28.84 59.14 23.17
CA UNK D 740 29.55 58.04 22.56
C UNK D 740 29.28 58.03 21.07
N UNK D 741 28.08 58.43 20.68
CA UNK D 741 27.67 58.37 19.28
C UNK D 741 27.88 59.68 18.55
N UNK D 742 28.62 60.60 19.16
CA UNK D 742 28.76 61.97 18.66
C UNK D 742 29.39 62.10 17.28
N UNK D 743 30.29 61.18 16.96
CA UNK D 743 30.90 61.16 15.65
C UNK D 743 30.41 59.94 14.90
N UNK D 744 29.69 59.08 15.61
CA UNK D 744 29.03 57.95 14.98
C UNK D 744 27.88 58.53 14.19
N UNK D 745 27.24 59.53 14.79
CA UNK D 745 26.15 60.21 14.13
C UNK D 745 26.65 61.11 13.02
N UNK D 746 27.94 61.41 13.03
CA UNK D 746 28.52 62.29 12.02
C UNK D 746 28.46 61.62 10.66
N UNK D 747 27.67 62.24 9.80
CA UNK D 747 27.49 61.82 8.43
C UNK D 747 27.00 63.07 7.70
N UNK D 748 26.79 62.97 6.39
CA UNK D 748 26.28 64.12 5.65
C UNK D 748 24.80 64.25 5.94
N UNK D 749 24.28 65.47 5.81
CA UNK D 749 22.87 65.81 5.96
C UNK D 749 22.30 65.39 7.30
N UNK D 750 22.78 66.01 8.37
CA UNK D 750 22.32 65.68 9.71
C UNK D 750 22.54 66.81 10.70
N UNK D 751 21.72 67.84 10.61
CA UNK D 751 21.86 69.00 11.49
C UNK D 751 21.42 68.66 12.90
N UNK D 752 22.37 68.57 13.82
CA UNK D 752 22.06 68.23 15.20
C UNK D 752 22.12 69.45 16.08
N UNK D 753 21.18 70.37 15.91
CA UNK D 753 21.10 71.53 16.77
C UNK D 753 20.54 71.12 18.11
N UNK D 754 21.36 71.21 19.16
CA UNK D 754 20.97 70.69 20.46
C UNK D 754 20.03 71.63 21.21
N UNK D 755 19.68 71.23 22.42
CA UNK D 755 18.68 71.94 23.19
C UNK D 755 19.03 72.04 24.66
N UNK D 756 18.49 71.10 25.44
CA UNK D 756 18.58 71.05 26.90
C UNK D 756 18.13 72.37 27.51
N UNK D 757 19.09 73.22 27.83
CA UNK D 757 18.78 74.50 28.43
C UNK D 757 19.85 75.52 28.11
N UNK D 758 19.53 76.78 28.38
CA UNK D 758 20.47 77.88 28.18
C UNK D 758 20.02 79.07 28.98
N UNK D 759 20.98 79.84 29.49
CA UNK D 759 20.67 81.09 30.16
C UNK D 759 20.51 82.17 29.10
N UNK D 760 21.44 83.12 29.04
CA UNK D 760 21.39 84.18 28.02
C UNK D 760 22.11 83.75 26.75
N UNK D 761 23.39 83.45 26.91
CA UNK D 761 24.22 82.90 25.86
C UNK D 761 25.40 82.28 26.56
N UNK D 762 25.31 82.32 27.89
CA UNK D 762 26.40 81.95 28.77
C UNK D 762 26.46 80.45 29.05
N UNK D 763 26.23 79.65 28.00
CA UNK D 763 26.33 78.22 28.05
C UNK D 763 26.47 77.75 26.63
N UNK D 764 25.67 78.36 25.77
CA UNK D 764 25.62 78.03 24.35
C UNK D 764 26.92 78.44 23.67
N UNK D 765 27.50 79.53 24.17
CA UNK D 765 28.80 79.98 23.70
C UNK D 765 29.87 78.98 24.11
N UNK D 766 29.64 78.29 25.21
CA UNK D 766 30.53 77.22 25.62
C UNK D 766 30.13 75.94 24.91
N UNK D 767 28.93 75.92 24.35
CA UNK D 767 28.41 74.72 23.71
C UNK D 767 28.55 74.75 22.19
N UNK D 768 28.55 75.95 21.61
CA UNK D 768 28.80 76.08 20.18
C UNK D 768 30.26 75.75 19.94
N UNK D 769 31.08 76.16 20.89
CA UNK D 769 32.49 75.85 20.86
C UNK D 769 32.71 74.37 21.14
N UNK D 770 32.74 74.03 22.42
CA UNK D 770 32.99 72.65 22.82
C UNK D 770 32.17 72.27 24.03
N UNK D 771 31.00 71.68 23.77
CA UNK D 771 30.14 71.18 24.82
C UNK D 771 30.65 69.85 25.35
N UNK D 772 31.82 69.87 25.98
CA UNK D 772 32.50 68.68 26.47
C UNK D 772 33.66 69.07 27.36
N UNK D 773 34.06 68.16 28.24
CA UNK D 773 35.18 68.38 29.14
C UNK D 773 35.70 67.06 29.67
N UNK D 774 36.13 66.19 28.76
CA UNK D 774 36.71 64.91 29.13
C UNK D 774 37.52 64.34 27.97
N UNK D 775 36.99 64.46 26.76
CA UNK D 775 37.60 63.86 25.58
C UNK D 775 37.13 64.52 24.28
N UNK D 776 37.84 64.22 23.20
CA UNK D 776 37.60 64.74 21.85
C UNK D 776 37.58 66.25 21.83
N UNK D 777 36.57 66.81 21.18
CA UNK D 777 36.42 68.26 21.13
C UNK D 777 34.95 68.59 20.92
N UNK D 778 34.47 68.27 19.72
CA UNK D 778 33.08 68.44 19.26
C UNK D 778 32.56 69.87 19.27
N UNK D 779 31.49 70.07 18.51
CA UNK D 779 30.84 71.36 18.45
C UNK D 779 29.39 71.16 18.03
N UNK D 780 28.46 71.60 18.87
CA UNK D 780 27.05 71.42 18.60
C UNK D 780 26.64 72.33 17.45
N UNK D 781 25.59 71.94 16.73
CA UNK D 781 25.13 72.76 15.62
C UNK D 781 24.50 74.03 16.14
N UNK D 782 23.57 73.91 17.09
CA UNK D 782 22.98 75.08 17.77
C UNK D 782 22.28 74.73 19.08
N UNK D 783 21.89 75.76 19.82
CA UNK D 783 21.22 75.59 21.10
C UNK D 783 19.79 76.13 21.06
N UNK D 784 18.85 75.37 21.60
CA UNK D 784 17.45 75.76 21.55
C UNK D 784 17.01 76.62 22.73
N UNK D 785 15.74 76.52 23.10
CA UNK D 785 15.19 77.34 24.17
C UNK D 785 13.96 76.73 24.82
N UNK D 786 14.15 76.20 26.03
CA UNK D 786 13.04 75.68 26.83
C UNK D 786 12.29 76.84 27.43
N UNK D 787 12.78 77.33 28.55
CA UNK D 787 12.21 78.50 29.21
C UNK D 787 12.66 79.74 28.46
N UNK D 788 13.48 80.57 29.12
CA UNK D 788 14.09 81.79 28.56
C UNK D 788 13.08 82.75 27.98
N UNK D 789 12.56 82.39 26.81
CA UNK D 789 11.50 83.15 26.18
C UNK D 789 10.12 82.64 26.60
N UNK D 790 9.98 82.25 27.86
CA UNK D 790 8.71 81.78 28.37
C UNK D 790 7.98 82.89 29.10
N UNK D 791 8.45 84.13 28.91
CA UNK D 791 7.88 85.26 29.63
C UNK D 791 8.11 86.59 28.93
N UNK D 792 7.79 86.66 27.65
CA UNK D 792 7.92 87.93 26.94
C UNK D 792 6.60 88.68 26.93
N UNK D 793 5.79 88.39 25.93
CA UNK D 793 4.46 88.99 25.83
C UNK D 793 3.50 87.99 25.21
N UNK D 794 3.06 87.01 25.99
CA UNK D 794 2.18 85.96 25.50
C UNK D 794 1.44 85.20 26.60
N UNK D 795 2.19 84.67 27.55
CA UNK D 795 1.68 83.67 28.49
C UNK D 795 0.77 84.21 29.59
N UNK D 796 0.58 83.40 30.63
CA UNK D 796 -0.25 83.77 31.76
C UNK D 796 0.45 84.86 32.55
N UNK D 797 -0.34 85.66 33.27
CA UNK D 797 0.12 86.96 33.74
C UNK D 797 1.07 86.93 34.93
N UNK D 798 0.52 87.10 36.13
CA UNK D 798 1.29 87.43 37.31
C UNK D 798 2.20 86.30 37.79
N UNK D 799 1.96 85.10 37.29
CA UNK D 799 2.86 84.00 37.59
C UNK D 799 4.16 84.23 36.84
N UNK D 800 4.07 84.85 35.66
CA UNK D 800 5.26 85.22 34.93
C UNK D 800 5.93 86.40 35.64
N UNK D 801 5.13 87.17 36.37
CA UNK D 801 5.68 88.20 37.23
C UNK D 801 6.25 87.53 38.48
N UNK D 802 5.72 86.36 38.80
CA UNK D 802 6.19 85.60 39.94
C UNK D 802 7.37 84.73 39.58
N UNK D 803 7.47 84.32 38.32
CA UNK D 803 8.56 83.46 37.89
C UNK D 803 9.89 84.20 37.85
N UNK D 804 10.43 84.53 39.02
CA UNK D 804 11.66 85.28 39.12
C UNK D 804 12.53 84.61 40.16
N UNK D 805 13.14 83.50 39.78
CA UNK D 805 13.91 82.73 40.72
C UNK D 805 15.07 82.01 40.04
N UNK D 806 15.84 81.28 40.84
CA UNK D 806 17.03 80.62 40.35
C UNK D 806 17.34 79.35 41.13
N UNK D 807 17.60 78.28 40.39
CA UNK D 807 18.13 77.06 40.95
C UNK D 807 19.59 76.95 40.51
N UNK D 808 20.29 75.90 40.93
CA UNK D 808 21.70 75.74 40.62
C UNK D 808 21.88 75.41 39.14
N UNK D 809 23.11 75.54 38.66
CA UNK D 809 23.41 75.30 37.25
C UNK D 809 23.51 73.81 36.93
N UNK D 810 24.63 73.42 36.34
CA UNK D 810 24.96 72.02 36.19
C UNK D 810 26.19 71.76 37.02
N UNK D 811 26.41 72.65 37.98
CA UNK D 811 27.56 72.59 38.88
C UNK D 811 27.50 71.36 39.76
N UNK D 812 26.74 71.44 40.84
CA UNK D 812 26.63 70.29 41.72
C UNK D 812 25.35 69.53 41.46
N UNK D 813 24.78 69.71 40.26
CA UNK D 813 23.47 69.15 39.98
C UNK D 813 23.41 68.37 38.68
N UNK D 814 23.33 69.10 37.58
CA UNK D 814 22.83 68.62 36.28
C UNK D 814 21.46 68.02 36.53
N UNK D 815 21.43 66.74 36.89
CA UNK D 815 20.19 66.14 37.36
C UNK D 815 20.17 66.24 38.88
N UNK D 816 19.10 66.83 39.42
CA UNK D 816 18.91 67.03 40.85
C UNK D 816 17.47 67.43 41.12
N UNK D 817 16.79 67.82 40.04
CA UNK D 817 15.47 68.41 40.13
C UNK D 817 14.35 67.39 40.26
N UNK D 818 14.70 66.15 40.55
CA UNK D 818 13.69 65.12 40.77
C UNK D 818 12.91 65.46 42.02
N UNK D 819 13.48 65.09 43.16
CA UNK D 819 12.86 65.44 44.43
C UNK D 819 13.40 66.77 44.89
N UNK D 820 13.44 66.92 46.21
CA UNK D 820 13.89 68.10 46.95
C UNK D 820 13.06 69.36 46.68
N UNK D 821 13.09 70.25 47.67
CA UNK D 821 12.44 71.54 47.55
C UNK D 821 13.50 72.59 47.26
N UNK D 822 14.56 72.18 46.59
CA UNK D 822 15.63 73.09 46.23
C UNK D 822 15.29 73.81 44.92
N UNK D 823 14.25 74.63 44.98
CA UNK D 823 13.75 75.45 43.87
C UNK D 823 13.42 74.68 42.60
N UNK D 824 13.02 73.41 42.74
CA UNK D 824 12.67 72.56 41.59
C UNK D 824 11.90 71.33 42.02
N UNK D 825 11.19 70.70 41.09
CA UNK D 825 10.45 69.48 41.38
C UNK D 825 10.14 68.69 40.12
N UNK D 826 9.54 67.51 40.30
CA UNK D 826 9.20 66.66 39.16
C UNK D 826 8.09 65.68 39.52
N UNK D 827 7.09 65.59 38.65
CA UNK D 827 6.09 64.53 38.74
C UNK D 827 6.02 63.88 37.38
N UNK D 828 4.84 63.43 36.99
CA UNK D 828 4.72 62.71 35.73
C UNK D 828 3.32 62.78 35.14
N UNK D 829 3.12 63.69 34.20
CA UNK D 829 1.85 63.81 33.49
C UNK D 829 1.66 62.58 32.64
N UNK D 830 0.51 61.92 32.83
CA UNK D 830 0.20 60.60 32.27
C UNK D 830 1.31 59.60 32.59
N UNK D 831 1.79 59.67 33.83
CA UNK D 831 2.79 58.79 34.41
C UNK D 831 4.12 58.73 33.65
N UNK D 832 4.45 59.76 32.89
CA UNK D 832 5.69 59.75 32.13
C UNK D 832 6.86 60.21 33.01
N UNK D 833 7.44 61.35 32.67
CA UNK D 833 8.47 61.97 33.48
C UNK D 833 8.46 63.45 33.17
N UNK D 834 8.29 64.28 34.19
CA UNK D 834 8.15 65.70 33.97
C UNK D 834 9.14 66.52 34.78
N UNK D 835 9.00 67.83 34.74
CA UNK D 835 9.88 68.73 35.48
C UNK D 835 9.22 70.09 35.74
N UNK D 836 9.31 70.58 36.97
CA UNK D 836 8.71 71.86 37.33
C UNK D 836 9.38 72.52 38.53
N UNK D 837 8.90 73.71 38.87
CA UNK D 837 9.39 74.45 40.03
C UNK D 837 8.35 75.48 40.47
N UNK D 838 7.62 75.18 41.55
CA UNK D 838 6.51 76.04 41.93
C UNK D 838 6.24 76.03 43.43
N UNK D 839 5.03 76.47 43.79
CA UNK D 839 4.71 76.80 45.18
C UNK D 839 3.60 75.95 45.78
N UNK D 840 2.38 76.16 45.31
CA UNK D 840 1.21 75.52 45.88
C UNK D 840 1.12 74.05 45.47
N UNK D 841 1.89 73.66 44.45
CA UNK D 841 1.84 72.32 43.90
C UNK D 841 2.56 71.26 44.72
N UNK D 842 2.87 71.57 45.97
CA UNK D 842 3.58 70.66 46.85
C UNK D 842 2.72 69.46 47.17
N UNK D 843 1.41 69.68 47.20
CA UNK D 843 0.45 68.63 47.50
C UNK D 843 0.45 67.56 46.42
N UNK D 844 0.79 67.94 45.19
CA UNK D 844 0.88 66.97 44.11
C UNK D 844 2.02 66.04 44.40
N UNK D 845 3.12 66.61 44.86
CA UNK D 845 4.29 65.83 45.19
C UNK D 845 4.06 65.08 46.48
N UNK D 846 3.31 65.68 47.40
CA UNK D 846 3.12 65.09 48.72
C UNK D 846 2.13 63.93 48.67
N UNK D 847 1.31 63.89 47.63
CA UNK D 847 0.35 62.82 47.48
C UNK D 847 0.83 61.84 46.43
N UNK D 848 1.93 62.17 45.78
CA UNK D 848 2.50 61.35 44.72
C UNK D 848 2.96 60.00 45.25
N UNK D 849 3.83 60.06 46.24
CA UNK D 849 4.39 58.86 46.81
C UNK D 849 3.39 58.16 47.71
N UNK D 850 2.48 58.93 48.30
CA UNK D 850 1.57 58.39 49.27
C UNK D 850 0.44 57.63 48.60
N UNK D 851 -0.64 58.35 48.29
CA UNK D 851 -1.87 57.73 47.80
C UNK D 851 -1.72 57.17 46.39
N UNK D 852 -1.06 57.92 45.52
CA UNK D 852 -0.89 57.49 44.14
C UNK D 852 0.05 56.29 44.08
N UNK D 853 1.24 56.45 44.65
CA UNK D 853 2.18 55.35 44.62
C UNK D 853 1.87 54.32 45.70
N UNK D 854 1.20 53.26 45.27
CA UNK D 854 1.03 52.06 46.06
C UNK D 854 0.76 50.96 45.04
N UNK D 855 0.46 49.75 45.51
CA UNK D 855 0.02 48.70 44.59
C UNK D 855 -1.34 49.07 44.05
N UNK D 856 -1.44 49.15 42.72
CA UNK D 856 -2.61 49.70 42.05
C UNK D 856 -3.89 48.93 42.31
N UNK D 857 -3.76 47.65 42.64
CA UNK D 857 -4.93 46.87 42.98
C UNK D 857 -5.34 47.21 44.41
N UNK D 858 -4.39 47.60 45.23
CA UNK D 858 -4.67 47.93 46.61
C UNK D 858 -4.71 49.44 46.80
N UNK D 859 -4.78 50.16 45.68
CA UNK D 859 -4.62 51.61 45.68
C UNK D 859 -5.69 52.36 46.45
N UNK D 860 -6.93 51.96 46.26
CA UNK D 860 -8.06 52.75 46.75
C UNK D 860 -8.26 52.68 48.25
N UNK D 861 -7.85 51.57 48.86
CA UNK D 861 -8.20 51.26 50.24
C UNK D 861 -7.62 52.25 51.22
N UNK D 862 -6.45 52.77 50.89
CA UNK D 862 -5.83 53.79 51.70
C UNK D 862 -6.10 55.16 51.11
N UNK D 863 -6.51 55.17 49.85
CA UNK D 863 -6.88 56.42 49.20
C UNK D 863 -8.22 56.83 49.76
N UNK D 864 -9.02 55.83 50.13
CA UNK D 864 -10.28 56.09 50.78
C UNK D 864 -10.10 56.21 52.28
N UNK D 865 -8.88 56.03 52.76
CA UNK D 865 -8.65 56.14 54.19
C UNK D 865 -8.65 57.60 54.58
N UNK D 866 -7.50 58.26 54.44
CA UNK D 866 -7.34 59.62 54.91
C UNK D 866 -8.11 60.63 54.05
N UNK D 867 -9.44 60.58 54.12
CA UNK D 867 -10.27 61.39 53.25
C UNK D 867 -10.32 62.84 53.71
N UNK D 868 -10.68 63.05 54.96
CA UNK D 868 -10.94 64.38 55.46
C UNK D 868 -9.68 65.22 55.59
N UNK D 869 -8.53 64.55 55.72
CA UNK D 869 -7.27 65.27 55.74
C UNK D 869 -6.91 65.66 54.34
N UNK D 870 -7.42 64.90 53.38
CA UNK D 870 -7.16 65.17 51.98
C UNK D 870 -8.36 65.85 51.35
N UNK D 871 -9.22 66.42 52.18
CA UNK D 871 -10.39 67.10 51.67
C UNK D 871 -10.13 68.59 51.64
N UNK D 872 -9.84 69.15 52.81
CA UNK D 872 -9.58 70.56 52.96
C UNK D 872 -8.26 70.92 52.28
N UNK D 873 -7.38 69.94 52.22
CA UNK D 873 -6.17 70.04 51.42
C UNK D 873 -6.57 70.19 49.96
N UNK D 874 -7.49 69.34 49.52
CA UNK D 874 -7.91 69.36 48.13
C UNK D 874 -8.76 70.58 47.83
N UNK D 875 -9.43 71.09 48.84
CA UNK D 875 -10.34 72.21 48.62
C UNK D 875 -9.64 73.54 48.88
N UNK D 876 -8.35 73.49 49.16
CA UNK D 876 -7.61 74.71 49.35
C UNK D 876 -6.15 74.54 48.94
N UNK D 877 -5.94 74.27 47.65
CA UNK D 877 -4.59 74.16 47.11
C UNK D 877 -4.58 74.36 45.61
N UNK D 878 -4.85 73.28 44.90
CA UNK D 878 -4.69 73.21 43.45
C UNK D 878 -5.68 74.08 42.71
N UNK D 879 -6.76 73.46 42.26
CA UNK D 879 -7.67 74.15 41.38
C UNK D 879 -9.08 73.59 41.45
N UNK D 880 -9.43 72.94 42.55
CA UNK D 880 -10.73 72.31 42.64
C UNK D 880 -11.19 72.09 44.06
N UNK D 881 -12.24 71.28 44.20
CA UNK D 881 -12.77 70.91 45.50
C UNK D 881 -13.56 69.61 45.37
N UNK D 882 -14.20 69.20 46.46
CA UNK D 882 -15.04 68.02 46.45
C UNK D 882 -16.48 68.40 46.16
N UNK D 883 -16.66 69.24 45.14
CA UNK D 883 -17.94 69.65 44.59
C UNK D 883 -18.89 70.25 45.61
N UNK D 884 -18.73 71.55 45.89
CA UNK D 884 -19.67 72.30 46.72
C UNK D 884 -19.49 73.79 46.49
N UNK D 885 -20.38 74.58 47.10
CA UNK D 885 -20.27 76.05 47.13
C UNK D 885 -20.56 76.54 48.55
N UNK D 886 -20.10 77.76 48.86
CA UNK D 886 -20.02 78.30 50.22
C UNK D 886 -19.29 77.33 51.16
N UNK D 887 -19.97 76.29 51.66
CA UNK D 887 -19.33 75.30 52.53
C UNK D 887 -18.93 74.05 51.76
N UNK D 888 -18.87 72.91 52.42
CA UNK D 888 -18.44 71.67 51.76
C UNK D 888 -18.88 70.40 52.48
N UNK D 889 -19.26 69.37 51.73
CA UNK D 889 -19.53 68.05 52.31
C UNK D 889 -19.35 66.96 51.25
N UNK D 890 -19.75 65.74 51.56
CA UNK D 890 -19.71 64.66 50.57
C UNK D 890 -20.83 64.85 49.55
N UNK D 891 -20.49 64.82 48.26
CA UNK D 891 -21.39 65.31 47.21
C UNK D 891 -22.58 64.44 46.88
N UNK D 892 -22.81 63.39 47.65
CA UNK D 892 -24.05 62.62 47.52
C UNK D 892 -25.10 63.24 48.42
N UNK D 893 -24.66 64.17 49.25
CA UNK D 893 -25.54 64.80 50.22
C UNK D 893 -25.71 66.26 49.92
N UNK D 894 -26.09 66.57 48.69
CA UNK D 894 -26.28 67.96 48.31
C UNK D 894 -27.77 68.30 48.26
N UNK D 895 -28.10 69.54 48.58
CA UNK D 895 -29.46 70.03 48.43
C UNK D 895 -29.73 70.23 46.95
N UNK D 896 -30.90 69.80 46.47
CA UNK D 896 -31.15 69.55 45.05
C UNK D 896 -31.01 70.78 44.17
N UNK D 897 -31.38 71.92 44.70
CA UNK D 897 -31.22 73.12 43.91
C UNK D 897 -29.78 73.57 43.97
N UNK D 898 -29.15 73.37 45.12
CA UNK D 898 -27.93 74.08 45.49
C UNK D 898 -26.73 73.79 44.60
N UNK D 899 -26.75 72.65 43.93
CA UNK D 899 -25.69 72.29 43.03
C UNK D 899 -25.68 73.18 41.79
N UNK D 900 -26.85 73.67 41.40
CA UNK D 900 -26.97 74.49 40.19
C UNK D 900 -26.33 75.84 40.39
N UNK D 901 -26.50 76.40 41.58
CA UNK D 901 -25.85 77.65 41.91
C UNK D 901 -24.38 77.37 42.16
N UNK D 902 -24.08 76.16 42.62
CA UNK D 902 -22.69 75.74 42.80
C UNK D 902 -22.00 75.58 41.46
N UNK D 903 -22.77 75.22 40.44
CA UNK D 903 -22.26 75.05 39.10
C UNK D 903 -21.83 76.38 38.53
N UNK D 904 -22.70 77.38 38.67
CA UNK D 904 -22.42 78.72 38.17
C UNK D 904 -21.33 79.36 38.99
N UNK D 905 -21.23 78.93 40.24
CA UNK D 905 -20.14 79.35 41.10
C UNK D 905 -18.82 78.82 40.56
N UNK D 906 -18.87 77.65 39.95
CA UNK D 906 -17.68 77.06 39.37
C UNK D 906 -17.68 77.23 37.86
N UNK D 907 -18.39 78.25 37.40
CA UNK D 907 -18.45 78.51 35.97
C UNK D 907 -17.82 79.84 35.62
N UNK D 908 -18.67 80.86 35.46
CA UNK D 908 -18.25 82.16 34.94
C UNK D 908 -17.49 83.00 35.94
N UNK D 909 -17.58 84.31 35.73
CA UNK D 909 -16.95 85.29 36.59
C UNK D 909 -17.58 86.64 36.31
N UNK D 910 -16.75 87.69 36.36
CA UNK D 910 -17.16 89.01 35.94
C UNK D 910 -17.29 89.03 34.42
N UNK D 911 -16.49 88.21 33.75
CA UNK D 911 -16.53 88.12 32.30
C UNK D 911 -17.73 87.29 31.83
N UNK D 912 -17.47 86.18 31.15
CA UNK D 912 -18.55 85.39 30.57
C UNK D 912 -18.17 83.93 30.29
N UNK D 913 -18.31 83.08 31.31
CA UNK D 913 -18.16 81.62 31.24
C UNK D 913 -16.80 81.14 30.75
N UNK D 914 -16.65 79.82 30.72
CA UNK D 914 -15.44 79.23 30.20
C UNK D 914 -15.61 79.04 28.71
N UNK D 915 -15.39 77.84 28.21
CA UNK D 915 -15.52 77.59 26.79
C UNK D 915 -16.97 77.34 26.41
N UNK D 916 -17.20 76.39 25.52
CA UNK D 916 -18.55 76.04 25.10
C UNK D 916 -18.91 74.69 25.66
N UNK D 917 -17.89 73.92 26.01
CA UNK D 917 -18.06 72.57 26.52
C UNK D 917 -18.67 72.57 27.91
N UNK D 918 -18.56 73.69 28.60
CA UNK D 918 -19.24 73.85 29.87
C UNK D 918 -20.56 74.56 29.64
N UNK D 919 -20.63 75.32 28.55
CA UNK D 919 -21.77 76.17 28.26
C UNK D 919 -23.00 75.35 27.97
N UNK D 920 -22.82 74.14 27.46
CA UNK D 920 -23.93 73.25 27.25
C UNK D 920 -23.98 72.25 28.39
N UNK D 921 -22.91 72.19 29.18
CA UNK D 921 -22.86 71.27 30.30
C UNK D 921 -23.73 71.80 31.43
N UNK D 922 -23.92 73.11 31.45
CA UNK D 922 -24.88 73.70 32.35
C UNK D 922 -26.27 73.32 31.86
N UNK D 923 -26.45 73.41 30.55
CA UNK D 923 -27.74 73.10 29.93
C UNK D 923 -27.92 71.60 29.74
N UNK D 924 -27.94 70.90 30.86
CA UNK D 924 -28.26 69.49 30.91
C UNK D 924 -28.57 69.25 32.38
N UNK D 925 -27.73 69.86 33.21
CA UNK D 925 -27.91 69.82 34.65
C UNK D 925 -29.17 70.59 34.98
N UNK D 926 -29.36 71.70 34.30
CA UNK D 926 -30.55 72.50 34.48
C UNK D 926 -31.73 71.77 33.89
N UNK D 927 -31.48 71.00 32.84
CA UNK D 927 -32.52 70.25 32.18
C UNK D 927 -33.01 69.13 33.08
N UNK D 928 -32.08 68.37 33.63
CA UNK D 928 -32.42 67.21 34.46
C UNK D 928 -33.06 67.65 35.76
N UNK D 929 -32.64 68.81 36.27
CA UNK D 929 -33.22 69.35 37.49
C UNK D 929 -34.62 69.90 37.21
N UNK D 930 -34.91 70.17 35.96
CA UNK D 930 -36.26 70.53 35.54
C UNK D 930 -37.00 69.28 35.13
N UNK D 931 -36.30 68.14 35.15
CA UNK D 931 -36.87 66.90 34.66
C UNK D 931 -37.20 65.92 35.75
N UNK D 932 -36.43 65.88 36.84
CA UNK D 932 -36.67 64.90 37.88
C UNK D 932 -37.90 65.29 38.64
N UNK D 933 -37.92 66.49 39.17
CA UNK D 933 -39.16 67.03 39.69
C UNK D 933 -39.96 67.40 38.46
N UNK D 934 -40.99 66.61 38.14
CA UNK D 934 -41.85 66.86 36.99
C UNK D 934 -43.15 66.06 37.03
N UNK D 935 -43.84 66.02 35.89
CA UNK D 935 -45.10 65.30 35.73
C UNK D 935 -45.41 64.97 34.25
N UNK D 936 -46.66 65.16 33.84
CA UNK D 936 -47.07 64.81 32.48
C UNK D 936 -46.72 65.87 31.42
N UNK D 937 -47.72 66.57 30.90
CA UNK D 937 -47.54 67.48 29.77
C UNK D 937 -47.29 68.95 30.15
N UNK D 938 -46.21 69.51 29.62
CA UNK D 938 -45.82 70.90 29.90
C UNK D 938 -44.73 71.33 28.93
N UNK D 939 -43.82 70.39 28.65
CA UNK D 939 -42.72 70.51 27.68
C UNK D 939 -41.73 71.66 27.92
N UNK D 940 -40.64 71.34 28.60
CA UNK D 940 -39.40 72.11 28.64
C UNK D 940 -39.48 73.53 29.23
N UNK D 941 -38.32 74.15 29.33
CA UNK D 941 -38.24 75.51 29.83
C UNK D 941 -37.08 76.22 29.17
N UNK D 942 -35.88 75.98 29.68
CA UNK D 942 -34.69 76.56 29.08
C UNK D 942 -34.47 75.84 27.75
N UNK D 943 -34.52 76.58 26.65
CA UNK D 943 -34.49 75.96 25.33
C UNK D 943 -33.67 76.73 24.30
N UNK D 944 -32.82 77.65 24.74
CA UNK D 944 -32.07 78.45 23.79
C UNK D 944 -30.62 78.65 24.19
N UNK D 945 -30.30 78.33 25.44
CA UNK D 945 -28.95 78.41 26.01
C UNK D 945 -28.32 79.79 25.89
N UNK D 946 -28.88 80.73 26.62
CA UNK D 946 -28.31 82.06 26.69
C UNK D 946 -27.20 82.08 27.72
N UNK D 947 -27.26 81.10 28.62
CA UNK D 947 -26.37 80.93 29.77
C UNK D 947 -26.32 82.20 30.60
N UNK D 948 -27.49 82.62 31.08
CA UNK D 948 -27.61 83.84 31.87
C UNK D 948 -26.98 83.67 33.23
N UNK D 949 -25.92 84.43 33.47
CA UNK D 949 -25.13 84.32 34.67
C UNK D 949 -25.90 84.74 35.90
N UNK D 950 -26.45 83.74 36.59
CA UNK D 950 -27.06 83.87 37.91
C UNK D 950 -28.19 84.87 37.95
N UNK D 951 -29.08 84.79 36.98
CA UNK D 951 -30.26 85.65 36.99
C UNK D 951 -31.42 84.86 36.42
N UNK D 952 -31.09 83.81 35.68
CA UNK D 952 -32.09 82.90 35.17
C UNK D 952 -32.17 81.70 36.08
N UNK D 953 -31.41 81.77 37.17
CA UNK D 953 -31.34 80.72 38.17
C UNK D 953 -32.70 80.49 38.80
N UNK D 954 -33.10 81.40 39.68
CA UNK D 954 -34.41 81.35 40.35
C UNK D 954 -35.59 81.51 39.38
N UNK D 955 -35.30 82.02 38.19
CA UNK D 955 -36.26 82.00 37.10
C UNK D 955 -36.57 80.57 36.65
N UNK D 956 -35.67 79.62 36.95
CA UNK D 956 -35.98 78.21 36.80
C UNK D 956 -36.03 77.54 38.17
N UNK D 957 -35.11 77.93 39.06
CA UNK D 957 -34.98 77.30 40.37
C UNK D 957 -36.18 77.59 41.24
N UNK D 958 -36.46 78.88 41.45
CA UNK D 958 -37.62 79.24 42.25
C UNK D 958 -38.89 79.19 41.41
N UNK D 959 -38.75 78.89 40.12
CA UNK D 959 -39.90 78.56 39.31
C UNK D 959 -40.42 77.21 39.80
N UNK D 960 -39.77 76.13 39.39
CA UNK D 960 -40.12 74.83 39.94
C UNK D 960 -39.58 74.77 41.36
N UNK D 961 -40.37 75.29 42.30
CA UNK D 961 -39.87 75.62 43.62
C UNK D 961 -40.16 74.57 44.67
N UNK D 962 -39.23 73.64 44.85
CA UNK D 962 -39.35 72.64 45.89
C UNK D 962 -37.99 72.04 46.16
N UNK D 963 -37.12 72.17 45.17
CA UNK D 963 -35.84 71.47 45.20
C UNK D 963 -34.78 72.23 45.97
N UNK D 964 -35.15 73.35 46.55
CA UNK D 964 -34.28 74.04 47.49
C UNK D 964 -34.56 73.48 48.88
N UNK D 965 -35.53 72.58 48.94
CA UNK D 965 -35.87 71.91 50.17
C UNK D 965 -35.53 70.43 50.07
N UNK D 966 -35.30 69.94 48.87
CA UNK D 966 -35.01 68.53 48.68
C UNK D 966 -33.51 68.26 48.62
N UNK D 967 -33.13 67.06 49.03
CA UNK D 967 -31.76 66.62 48.89
C UNK D 967 -31.62 65.93 47.54
N UNK D 968 -30.40 65.86 47.01
CA UNK D 968 -30.16 65.30 45.68
C UNK D 968 -30.42 63.81 45.67
N UNK D 969 -30.87 63.31 44.54
CA UNK D 969 -31.35 61.94 44.43
C UNK D 969 -30.27 60.90 44.61
N UNK D 970 -30.70 59.69 44.94
CA UNK D 970 -29.80 58.57 45.04
C UNK D 970 -29.37 58.20 43.65
N UNK D 971 -30.31 58.30 42.73
CA UNK D 971 -30.07 57.96 41.34
C UNK D 971 -29.30 59.07 40.65
N UNK D 972 -29.98 60.19 40.44
CA UNK D 972 -29.56 61.27 39.54
C UNK D 972 -28.19 61.91 39.79
N UNK D 973 -27.59 61.60 40.93
CA UNK D 973 -26.25 62.05 41.22
C UNK D 973 -25.23 61.40 40.30
N UNK D 974 -25.52 60.19 39.87
CA UNK D 974 -24.59 59.45 39.02
C UNK D 974 -24.50 60.08 37.64
N UNK D 975 -25.55 60.77 37.21
CA UNK D 975 -25.51 61.53 35.96
C UNK D 975 -24.58 62.71 36.12
N UNK D 976 -24.49 63.24 37.34
CA UNK D 976 -23.54 64.32 37.63
C UNK D 976 -22.15 63.77 37.87
N UNK D 977 -22.03 62.45 37.89
CA UNK D 977 -20.73 61.82 37.87
C UNK D 977 -20.40 61.48 36.42
N UNK D 978 -21.39 61.03 35.67
CA UNK D 978 -21.17 60.56 34.30
C UNK D 978 -20.92 61.69 33.32
N UNK D 979 -21.72 62.75 33.41
CA UNK D 979 -21.58 63.89 32.51
C UNK D 979 -20.33 64.68 32.83
N UNK D 980 -19.79 64.47 34.02
CA UNK D 980 -18.48 65.01 34.37
C UNK D 980 -17.44 64.31 33.54
N UNK D 981 -17.43 62.98 33.60
CA UNK D 981 -16.38 62.20 32.96
C UNK D 981 -16.71 61.86 31.53
N UNK D 982 -17.78 62.43 30.99
CA UNK D 982 -18.11 62.20 29.60
C UNK D 982 -17.14 62.97 28.73
N UNK D 983 -16.63 62.30 27.71
CA UNK D 983 -15.68 62.94 26.81
C UNK D 983 -16.41 63.80 25.77
N UNK D 984 -15.69 64.11 24.70
CA UNK D 984 -16.11 65.07 23.67
C UNK D 984 -16.50 66.42 24.26
N UNK D 985 -15.77 66.82 25.29
CA UNK D 985 -15.98 68.10 25.93
C UNK D 985 -14.60 68.65 26.26
N UNK D 986 -14.51 69.47 27.28
CA UNK D 986 -13.23 69.96 27.73
C UNK D 986 -12.82 69.13 28.91
N UNK D 987 -11.95 69.67 29.74
CA UNK D 987 -11.69 69.07 31.02
C UNK D 987 -12.58 69.76 32.05
N UNK D 988 -13.13 69.01 32.98
CA UNK D 988 -13.95 69.62 34.02
C UNK D 988 -13.05 70.27 35.05
N UNK D 989 -13.42 71.46 35.52
CA UNK D 989 -12.61 72.17 36.49
C UNK D 989 -12.67 71.52 37.85
N UNK D 990 -13.87 71.15 38.26
CA UNK D 990 -14.08 70.55 39.57
C UNK D 990 -13.60 69.11 39.64
N UNK D 991 -12.86 68.77 40.69
CA UNK D 991 -12.51 67.39 40.98
C UNK D 991 -13.80 66.70 41.33
N UNK D 992 -14.28 65.86 40.42
CA UNK D 992 -15.67 65.43 40.40
C UNK D 992 -16.10 64.60 41.58
N UNK D 993 -15.21 63.81 42.14
CA UNK D 993 -15.59 62.94 43.25
C UNK D 993 -14.42 62.57 44.13
N UNK D 994 -14.71 62.38 45.40
CA UNK D 994 -13.66 62.18 46.38
C UNK D 994 -13.13 60.75 46.40
N UNK D 995 -13.77 59.86 45.65
CA UNK D 995 -13.37 58.46 45.70
C UNK D 995 -13.64 57.71 44.41
N UNK D 996 -13.68 58.43 43.29
CA UNK D 996 -13.81 57.78 41.99
C UNK D 996 -12.43 57.63 41.36
N UNK D 997 -11.45 58.29 42.00
CA UNK D 997 -10.04 58.32 41.59
C UNK D 997 -9.88 58.78 40.16
N UNK D 998 -10.05 60.07 39.91
CA UNK D 998 -10.12 60.56 38.54
C UNK D 998 -9.28 61.80 38.30
N UNK D 999 -8.15 61.92 38.99
CA UNK D 999 -7.37 63.15 38.95
C UNK D 999 -6.58 63.31 37.67
N UNK D 1076 18.98 81.43 4.34
CA UNK D 1076 20.08 81.99 3.56
C UNK D 1076 21.24 81.01 3.50
N UNK D 1077 21.14 80.04 2.58
CA UNK D 1077 22.17 79.04 2.38
C UNK D 1077 22.03 78.46 0.98
N UNK D 1078 23.04 77.75 0.52
CA UNK D 1078 22.97 77.07 -0.77
C UNK D 1078 22.00 75.92 -0.65
N UNK D 1079 22.51 74.78 -0.22
CA UNK D 1079 21.68 73.63 0.05
C UNK D 1079 22.35 72.75 1.09
N UNK D 1080 22.29 71.44 0.89
CA UNK D 1080 23.08 70.52 1.67
C UNK D 1080 23.69 69.52 0.69
N UNK D 1081 25.02 69.40 0.72
CA UNK D 1081 25.84 68.61 -0.22
C UNK D 1081 25.65 69.03 -1.69
N UNK D 1082 26.58 69.85 -2.18
CA UNK D 1082 26.58 70.33 -3.57
C UNK D 1082 27.90 70.00 -4.26
N UNK D 1083 28.03 70.38 -5.54
CA UNK D 1083 29.20 70.01 -6.33
C UNK D 1083 29.67 71.12 -7.25
N UNK D 1084 28.95 72.24 -7.27
CA UNK D 1084 29.31 73.36 -8.11
C UNK D 1084 30.47 74.12 -7.49
N UNK D 1085 31.68 73.56 -7.60
CA UNK D 1085 32.85 74.15 -6.95
C UNK D 1085 34.08 74.19 -7.86
N UNK D 1086 34.24 75.31 -8.57
CA UNK D 1086 35.38 75.53 -9.46
C UNK D 1086 35.56 77.02 -9.70
N UNK D 1087 35.41 77.43 -10.96
CA UNK D 1087 35.48 78.83 -11.33
C UNK D 1087 34.08 79.40 -11.57
N UNK D 1088 33.09 78.85 -10.86
CA UNK D 1088 31.70 79.29 -10.85
C UNK D 1088 31.04 79.22 -12.23
N UNK D 1089 30.13 80.15 -12.52
CA UNK D 1089 29.53 80.22 -13.86
C UNK D 1089 30.14 81.37 -14.66
N UNK D 1090 29.68 82.58 -14.38
CA UNK D 1090 30.28 83.85 -14.84
C UNK D 1090 30.46 84.02 -16.35
N UNK D 1091 31.64 83.66 -16.87
CA UNK D 1091 32.01 83.95 -18.25
C UNK D 1091 31.22 83.15 -19.29
N UNK D 1092 30.62 83.87 -20.25
CA UNK D 1092 29.82 83.25 -21.30
C UNK D 1092 30.04 83.96 -22.64
N UNK D 1093 29.68 85.24 -22.70
CA UNK D 1093 29.77 86.10 -23.88
C UNK D 1093 29.11 85.46 -25.09
N UNK D 1094 29.88 84.64 -25.78
CA UNK D 1094 29.36 83.78 -26.82
C UNK D 1094 29.12 82.40 -26.23
N UNK D 1095 28.12 82.29 -25.36
CA UNK D 1095 27.76 81.01 -24.74
C UNK D 1095 27.17 80.06 -25.76
N UNK D 1096 27.29 78.76 -25.51
CA UNK D 1096 26.80 77.77 -26.46
C UNK D 1096 26.33 76.48 -25.79
N UNK D 1097 26.69 75.36 -26.40
CA UNK D 1097 26.36 73.99 -25.97
C UNK D 1097 24.86 73.73 -25.89
N UNK D 1098 24.34 73.04 -26.90
CA UNK D 1098 22.93 72.70 -26.97
C UNK D 1098 22.58 71.50 -26.08
N UNK D 1099 21.39 70.96 -26.26
CA UNK D 1099 20.85 70.00 -25.32
C UNK D 1099 20.56 68.61 -25.89
N UNK D 1100 20.22 67.70 -24.98
CA UNK D 1100 19.87 66.33 -25.30
C UNK D 1100 19.10 65.68 -24.14
N UNK D 1101 19.82 65.11 -23.18
CA UNK D 1101 19.21 64.47 -22.02
C UNK D 1101 19.52 65.20 -20.73
N UNK D 1102 20.81 65.32 -20.38
CA UNK D 1102 21.33 66.21 -19.32
C UNK D 1102 20.80 66.05 -17.88
N UNK D 1103 19.48 65.93 -17.73
CA UNK D 1103 18.79 65.69 -16.45
C UNK D 1103 18.98 66.74 -15.35
N UNK D 1104 18.46 67.94 -15.60
CA UNK D 1104 18.25 69.00 -14.61
C UNK D 1104 19.49 69.46 -13.86
N UNK D 1105 19.28 70.18 -12.76
CA UNK D 1105 20.30 70.60 -11.80
C UNK D 1105 21.47 71.36 -12.41
N UNK D 1106 22.30 70.63 -13.16
CA UNK D 1106 23.46 71.17 -13.82
C UNK D 1106 23.08 72.23 -14.85
N UNK D 1107 21.93 72.04 -15.51
CA UNK D 1107 21.44 73.00 -16.49
C UNK D 1107 21.05 74.26 -15.75
N UNK D 1108 20.55 74.09 -14.54
CA UNK D 1108 20.31 75.22 -13.66
C UNK D 1108 21.63 75.66 -13.05
N UNK D 1109 22.58 74.75 -12.90
CA UNK D 1109 23.87 75.11 -12.29
C UNK D 1109 24.79 75.76 -13.31
N UNK D 1110 24.57 75.49 -14.58
CA UNK D 1110 25.34 76.17 -15.62
C UNK D 1110 24.85 77.59 -15.73
N UNK D 1111 23.56 77.76 -15.48
CA UNK D 1111 22.90 79.04 -15.51
C UNK D 1111 23.41 79.97 -14.43
N UNK D 1112 23.74 79.40 -13.28
CA UNK D 1112 24.22 80.21 -12.17
C UNK D 1112 25.10 79.42 -11.24
N UNK D 1113 26.26 79.98 -10.94
CA UNK D 1113 27.15 79.47 -9.89
C UNK D 1113 27.89 80.68 -9.35
N UNK D 1114 27.80 80.90 -8.03
CA UNK D 1114 28.37 82.05 -7.32
C UNK D 1114 28.01 83.41 -7.94
N UNK D 1115 26.84 83.94 -7.60
CA UNK D 1115 26.41 85.23 -8.13
C UNK D 1115 25.44 85.88 -7.17
N UNK D 1116 24.63 86.80 -7.69
CA UNK D 1116 23.68 87.53 -6.85
C UNK D 1116 22.46 88.03 -7.61
N UNK D 1117 21.30 87.59 -7.12
CA UNK D 1117 19.98 88.06 -7.55
C UNK D 1117 19.73 87.92 -9.04
N UNK D 1118 20.19 88.92 -9.79
CA UNK D 1118 19.81 89.15 -11.18
C UNK D 1118 20.23 88.04 -12.15
N UNK D 1119 21.11 87.15 -11.71
CA UNK D 1119 21.50 86.03 -12.53
C UNK D 1119 21.39 84.74 -11.73
N UNK D 1120 21.12 84.87 -10.44
CA UNK D 1120 21.13 83.71 -9.58
C UNK D 1120 19.73 83.36 -9.10
N UNK D 1121 18.73 84.02 -9.65
CA UNK D 1121 17.35 83.73 -9.30
C UNK D 1121 16.85 82.49 -10.03
N UNK D 1122 17.38 82.26 -11.23
CA UNK D 1122 16.89 81.19 -12.12
C UNK D 1122 17.34 79.78 -11.75
N UNK D 1123 17.54 79.53 -10.46
CA UNK D 1123 17.82 78.22 -9.89
C UNK D 1123 17.62 78.37 -8.39
N UNK D 1124 17.38 79.60 -7.99
CA UNK D 1124 17.07 79.90 -6.60
C UNK D 1124 15.67 79.40 -6.28
N UNK D 1125 14.82 79.43 -7.30
CA UNK D 1125 13.48 78.87 -7.21
C UNK D 1125 13.56 77.36 -7.16
N UNK D 1126 13.49 76.80 -5.96
CA UNK D 1126 13.53 75.36 -5.80
C UNK D 1126 12.32 74.89 -5.03
N UNK D 1127 11.59 75.83 -4.43
CA UNK D 1127 10.39 75.49 -3.69
C UNK D 1127 9.42 76.66 -3.61
N UNK D 1128 9.85 77.73 -2.95
CA UNK D 1128 8.96 78.85 -2.66
C UNK D 1128 9.14 80.01 -3.62
N UNK D 1129 8.14 80.20 -4.48
CA UNK D 1129 8.14 81.38 -5.35
C UNK D 1129 7.74 82.57 -4.51
N UNK D 1130 6.73 82.35 -3.67
CA UNK D 1130 6.21 83.32 -2.70
C UNK D 1130 5.69 84.64 -3.29
N UNK D 1131 5.14 84.60 -4.48
CA UNK D 1131 4.37 85.74 -4.97
C UNK D 1131 3.05 85.72 -4.20
N UNK D 1132 2.85 86.76 -3.38
CA UNK D 1132 1.77 86.85 -2.38
C UNK D 1132 1.80 85.69 -1.38
N UNK D 1133 0.66 85.44 -0.73
CA UNK D 1133 0.61 84.51 0.39
C UNK D 1133 0.48 83.05 -0.03
N UNK D 1134 1.53 82.52 -0.65
CA UNK D 1134 1.67 81.11 -1.01
C UNK D 1134 3.11 80.82 -1.38
N UNK D 1135 3.30 79.84 -2.26
CA UNK D 1135 4.62 79.44 -2.75
C UNK D 1135 4.45 78.54 -3.97
N UNK D 1136 5.41 78.52 -4.90
CA UNK D 1136 5.27 77.71 -6.12
C UNK D 1136 6.55 77.37 -6.87
N UNK D 1137 7.68 77.92 -6.44
CA UNK D 1137 8.97 77.92 -7.17
C UNK D 1137 8.89 78.44 -8.62
N UNK D 1138 8.34 77.63 -9.52
CA UNK D 1138 8.21 77.90 -10.97
C UNK D 1138 9.53 78.14 -11.70
N UNK D 1139 9.41 78.61 -12.95
CA UNK D 1139 10.49 78.79 -13.92
C UNK D 1139 11.26 77.51 -14.21
N UNK D 1140 10.97 76.89 -15.35
CA UNK D 1140 11.59 75.62 -15.74
C UNK D 1140 12.01 75.61 -17.21
N UNK D 1141 13.19 75.04 -17.46
CA UNK D 1141 13.75 75.02 -18.81
C UNK D 1141 14.76 73.88 -19.00
N UNK D 1142 14.41 72.91 -19.87
CA UNK D 1142 15.30 71.78 -20.23
C UNK D 1142 14.90 71.12 -21.55
N UNK D 1143 15.08 71.82 -22.66
CA UNK D 1143 14.58 71.35 -23.95
C UNK D 1143 15.67 71.15 -25.00
N UNK D 1144 15.96 72.18 -25.79
CA UNK D 1144 16.93 72.07 -26.89
C UNK D 1144 17.53 73.43 -27.32
N UNK D 1145 18.83 73.59 -27.06
CA UNK D 1145 19.68 74.75 -27.47
C UNK D 1145 19.34 76.11 -26.88
N UNK D 1146 20.36 76.81 -26.38
CA UNK D 1146 20.23 78.10 -25.73
C UNK D 1146 21.57 78.84 -25.64
N UNK D 1147 21.55 80.11 -25.22
CA UNK D 1147 22.77 80.89 -25.06
C UNK D 1147 22.61 82.05 -24.09
N UNK D 1148 23.71 82.76 -23.82
CA UNK D 1148 23.72 83.80 -22.79
C UNK D 1148 24.56 85.02 -23.14
N UNK D 1149 24.22 86.17 -22.54
CA UNK D 1149 24.97 87.40 -22.76
C UNK D 1149 26.24 87.42 -21.93
N UNK D 1150 26.41 88.48 -21.13
CA UNK D 1150 27.61 88.61 -20.31
C UNK D 1150 27.38 89.46 -19.07
N UNK D 1151 28.41 89.55 -18.23
CA UNK D 1151 28.48 90.41 -17.04
C UNK D 1151 27.40 90.17 -15.98
N UNK D 1152 27.48 90.96 -14.91
CA UNK D 1152 26.57 90.84 -13.78
C UNK D 1152 25.21 91.44 -14.10
N UNK D 1153 25.10 92.77 -14.01
CA UNK D 1153 23.83 93.46 -14.19
C UNK D 1153 23.56 93.78 -15.65
N UNK D 1154 24.31 93.16 -16.54
CA UNK D 1154 24.09 93.27 -17.97
C UNK D 1154 23.75 91.89 -18.52
N UNK D 1155 23.37 90.99 -17.64
CA UNK D 1155 23.13 89.60 -18.01
C UNK D 1155 21.85 89.42 -18.80
N UNK D 1156 21.92 88.56 -19.81
CA UNK D 1156 20.74 88.24 -20.62
C UNK D 1156 20.87 86.86 -21.24
N UNK D 1157 20.29 85.86 -20.60
CA UNK D 1157 20.30 84.50 -21.14
C UNK D 1157 19.06 84.29 -21.99
N UNK D 1158 19.16 83.37 -22.95
CA UNK D 1158 18.08 83.18 -23.89
C UNK D 1158 18.02 81.76 -24.42
N UNK D 1159 16.81 81.26 -24.62
CA UNK D 1159 16.61 79.96 -25.22
C UNK D 1159 16.13 80.12 -26.65
N UNK D 1160 16.28 79.05 -27.41
CA UNK D 1160 15.91 79.04 -28.81
C UNK D 1160 15.72 77.59 -29.27
N UNK D 1161 14.48 77.20 -29.51
CA UNK D 1161 14.20 75.81 -29.82
C UNK D 1161 13.18 75.67 -30.93
N UNK D 1162 12.92 74.43 -31.33
CA UNK D 1162 11.75 74.02 -32.12
C UNK D 1162 11.59 74.67 -33.50
N UNK D 1163 10.36 74.60 -34.00
CA UNK D 1163 9.92 75.18 -35.29
C UNK D 1163 10.78 74.74 -36.46
N UNK D 1164 11.93 75.40 -36.61
CA UNK D 1164 12.90 75.06 -37.63
C UNK D 1164 14.28 75.07 -37.01
N UNK D 1165 14.48 75.99 -36.07
CA UNK D 1165 15.81 76.21 -35.51
C UNK D 1165 15.81 76.92 -34.15
N UNK D 1166 15.07 78.03 -34.04
CA UNK D 1166 15.31 78.93 -32.92
C UNK D 1166 14.12 79.75 -32.42
N UNK D 1167 14.46 80.86 -31.77
CA UNK D 1167 13.55 81.85 -31.18
C UNK D 1167 12.62 81.26 -30.12
N UNK D 1168 12.95 81.51 -28.85
CA UNK D 1168 12.15 81.00 -27.74
C UNK D 1168 12.38 81.76 -26.44
N UNK D 1169 12.07 83.05 -26.44
CA UNK D 1169 12.13 83.94 -25.26
C UNK D 1169 13.50 84.05 -24.56
N UNK D 1170 13.55 84.84 -23.50
CA UNK D 1170 14.80 85.14 -22.83
C UNK D 1170 14.57 85.61 -21.41
N UNK D 1171 15.43 85.17 -20.49
CA UNK D 1171 15.35 85.65 -19.12
C UNK D 1171 16.32 86.80 -18.91
N UNK D 1172 15.78 87.99 -18.66
CA UNK D 1172 16.61 89.18 -18.63
C UNK D 1172 16.26 90.09 -17.46
N UNK D 1173 17.27 90.49 -16.71
CA UNK D 1173 17.08 91.31 -15.52
C UNK D 1173 16.89 92.77 -15.88
N UNK D 1174 16.76 93.61 -14.87
CA UNK D 1174 16.39 94.99 -15.09
C UNK D 1174 17.19 95.94 -14.24
N UNK D 1175 16.79 97.20 -14.32
CA UNK D 1175 17.38 98.24 -13.49
C UNK D 1175 16.78 98.13 -12.09
N UNK D 1176 15.51 98.51 -12.00
CA UNK D 1176 14.80 98.47 -10.73
C UNK D 1176 14.50 97.03 -10.35
N UNK D 1177 13.35 96.53 -10.78
CA UNK D 1177 12.89 95.25 -10.30
C UNK D 1177 11.99 94.50 -11.26
N UNK D 1178 12.60 93.80 -12.22
CA UNK D 1178 11.88 92.89 -13.08
C UNK D 1178 12.88 91.87 -13.62
N UNK D 1179 12.38 90.75 -14.15
CA UNK D 1179 13.26 89.70 -14.63
C UNK D 1179 12.59 88.71 -15.58
N UNK D 1180 11.76 89.16 -16.51
CA UNK D 1180 11.00 88.17 -17.28
C UNK D 1180 10.63 88.57 -18.70
N UNK D 1181 10.28 87.56 -19.49
CA UNK D 1181 9.78 87.69 -20.86
C UNK D 1181 9.25 86.34 -21.32
N UNK D 1182 8.27 86.36 -22.22
CA UNK D 1182 7.78 85.13 -22.84
C UNK D 1182 7.16 85.45 -24.20
N UNK D 1183 7.90 85.15 -25.25
CA UNK D 1183 7.45 85.47 -26.60
C UNK D 1183 7.01 84.20 -27.32
N UNK D 1184 6.09 84.37 -28.27
CA UNK D 1184 5.61 83.26 -29.09
C UNK D 1184 5.05 83.77 -30.42
N UNK D 1185 5.37 83.06 -31.50
CA UNK D 1185 4.85 83.43 -32.81
C UNK D 1185 3.59 82.63 -33.11
N UNK D 1186 3.35 82.40 -34.39
CA UNK D 1186 2.33 81.47 -34.90
C UNK D 1186 0.89 81.74 -34.47
N UNK D 1187 0.18 82.57 -35.23
CA UNK D 1187 -1.24 82.84 -34.97
C UNK D 1187 -1.92 83.37 -36.22
N UNK D 1188 -1.46 84.54 -36.66
CA UNK D 1188 -1.97 85.20 -37.84
C UNK D 1188 -0.94 86.20 -38.32
N UNK D 1189 -0.34 86.91 -37.37
CA UNK D 1189 0.74 87.86 -37.65
C UNK D 1189 1.88 87.62 -36.67
N UNK D 1190 2.79 86.73 -37.03
CA UNK D 1190 3.73 86.11 -36.10
C UNK D 1190 4.71 87.06 -35.40
N UNK D 1191 4.22 87.73 -34.36
CA UNK D 1191 5.04 88.58 -33.50
C UNK D 1191 4.28 88.90 -32.22
N UNK D 1192 4.66 88.31 -31.10
CA UNK D 1192 4.03 88.61 -29.82
C UNK D 1192 4.94 88.29 -28.65
N UNK D 1193 4.80 89.01 -27.54
CA UNK D 1193 5.66 88.79 -26.38
C UNK D 1193 5.04 89.28 -25.09
N UNK D 1194 4.67 88.36 -24.19
CA UNK D 1194 4.09 88.73 -22.90
C UNK D 1194 5.17 89.14 -21.91
N UNK D 1195 4.78 89.45 -20.68
CA UNK D 1195 5.72 89.97 -19.70
C UNK D 1195 5.30 89.78 -18.24
N UNK D 1196 5.99 88.89 -17.54
CA UNK D 1196 5.79 88.75 -16.10
C UNK D 1196 6.69 89.74 -15.35
N UNK D 1197 6.75 89.64 -14.03
CA UNK D 1197 7.65 90.50 -13.25
C UNK D 1197 8.28 89.74 -12.09
N UNK D 1198 9.31 90.33 -11.49
CA UNK D 1198 10.04 89.68 -10.42
C UNK D 1198 10.75 90.72 -9.57
N UNK D 1199 10.76 90.52 -8.25
CA UNK D 1199 11.30 91.53 -7.35
C UNK D 1199 12.33 90.99 -6.36
N UNK D 1200 13.59 91.34 -6.55
CA UNK D 1200 14.64 90.96 -5.60
C UNK D 1200 14.78 92.03 -4.54
N UNK D 1201 14.80 91.62 -3.28
CA UNK D 1201 14.85 92.58 -2.18
C UNK D 1201 15.99 92.30 -1.20
N UNK D 1202 16.71 91.19 -1.44
CA UNK D 1202 17.90 90.79 -0.68
C UNK D 1202 17.68 90.64 0.82
N UNK D 1203 16.78 89.75 1.21
CA UNK D 1203 16.56 89.44 2.61
C UNK D 1203 16.15 87.99 2.77
N UNK D 1204 17.14 87.15 3.10
CA UNK D 1204 16.98 85.72 3.36
C UNK D 1204 16.34 84.94 2.23
N UNK D 1205 15.03 84.77 2.32
CA UNK D 1205 14.31 83.90 1.41
C UNK D 1205 14.19 84.47 0.00
N UNK D 1206 15.29 84.41 -0.75
CA UNK D 1206 15.31 84.62 -2.22
C UNK D 1206 14.78 85.95 -2.71
N UNK D 1207 13.67 85.93 -3.45
CA UNK D 1207 13.25 87.13 -4.16
C UNK D 1207 11.77 87.29 -4.55
N UNK D 1208 11.47 86.97 -5.82
CA UNK D 1208 10.39 87.57 -6.62
C UNK D 1208 8.98 87.74 -6.04
N UNK D 1209 8.30 88.78 -6.56
CA UNK D 1209 6.93 89.13 -6.16
C UNK D 1209 6.30 90.08 -7.16
N UNK D 1210 5.09 89.76 -7.60
CA UNK D 1210 4.39 90.61 -8.57
C UNK D 1210 2.87 90.41 -8.56
N UNK D 1211 2.16 91.47 -8.17
CA UNK D 1211 0.72 91.53 -8.36
C UNK D 1211 0.47 92.62 -9.38
N UNK D 1212 -0.80 92.98 -9.57
CA UNK D 1212 -1.27 93.91 -10.60
C UNK D 1212 -0.88 93.48 -12.01
N UNK D 1213 -0.74 92.18 -12.22
CA UNK D 1213 -0.50 91.65 -13.55
C UNK D 1213 -1.86 91.40 -14.13
N UNK D 1214 -2.21 90.14 -14.36
CA UNK D 1214 -3.54 89.70 -14.80
C UNK D 1214 -4.06 90.40 -16.06
N UNK D 1215 -4.32 91.71 -15.93
CA UNK D 1215 -4.65 92.58 -17.03
C UNK D 1215 -3.57 92.59 -18.12
N UNK D 1216 -2.31 92.47 -17.70
CA UNK D 1216 -1.22 92.37 -18.66
C UNK D 1216 -1.32 91.05 -19.40
N UNK D 1217 -1.73 90.01 -18.69
CA UNK D 1217 -1.95 88.71 -19.30
C UNK D 1217 -3.21 88.77 -20.12
N UNK D 1218 -4.13 89.66 -19.71
CA UNK D 1218 -5.34 89.91 -20.46
C UNK D 1218 -5.05 90.92 -21.58
N UNK D 1219 -3.83 91.43 -21.62
CA UNK D 1219 -3.37 92.18 -22.76
C UNK D 1219 -2.37 91.33 -23.53
N UNK D 1220 -2.13 90.11 -23.05
CA UNK D 1220 -1.17 89.22 -23.70
C UNK D 1220 -1.88 88.24 -24.60
N UNK D 1221 -3.17 88.05 -24.35
CA UNK D 1221 -3.97 87.23 -25.21
C UNK D 1221 -4.86 88.16 -26.02
N UNK D 1222 -4.49 89.43 -26.02
CA UNK D 1222 -5.35 90.50 -26.51
C UNK D 1222 -5.55 90.46 -28.01
N UNK D 1223 -4.62 89.84 -28.70
CA UNK D 1223 -4.69 89.80 -30.15
C UNK D 1223 -4.16 88.47 -30.62
N UNK D 1224 -3.69 87.68 -29.66
CA UNK D 1224 -3.16 86.36 -29.97
C UNK D 1224 -4.32 85.46 -30.35
N UNK D 1225 -5.46 85.71 -29.72
CA UNK D 1225 -6.68 85.01 -30.08
C UNK D 1225 -7.53 85.95 -30.91
N UNK D 1226 -7.62 87.19 -30.46
CA UNK D 1226 -8.50 88.16 -31.11
C UNK D 1226 -7.82 88.82 -32.29
N UNK D 1227 -8.33 89.99 -32.67
CA UNK D 1227 -7.90 90.65 -33.88
C UNK D 1227 -6.90 91.76 -33.62
N UNK D 1228 -7.39 92.99 -33.66
CA UNK D 1228 -6.56 94.17 -33.43
C UNK D 1228 -7.47 95.33 -33.03
N UNK D 1229 -8.76 95.03 -32.89
CA UNK D 1229 -9.69 95.95 -32.28
C UNK D 1229 -9.33 96.03 -30.82
N UNK D 1230 -9.06 97.24 -30.33
CA UNK D 1230 -8.49 97.45 -29.00
C UNK D 1230 -9.40 96.99 -27.88
N UNK D 1231 -8.78 96.46 -26.82
CA UNK D 1231 -9.51 95.88 -25.70
C UNK D 1231 -10.25 96.97 -24.96
N UNK D 1232 -11.56 96.95 -25.08
CA UNK D 1232 -12.40 98.02 -24.57
C UNK D 1232 -12.91 97.76 -23.16
N UNK D 1233 -13.14 98.84 -22.42
CA UNK D 1233 -13.83 98.74 -21.15
C UNK D 1233 -15.28 98.38 -21.44
N UNK D 1234 -15.57 97.09 -21.45
CA UNK D 1234 -16.86 96.61 -21.93
C UNK D 1234 -17.77 96.11 -20.83
N UNK D 1235 -19.07 96.32 -21.03
CA UNK D 1235 -20.09 95.93 -20.07
C UNK D 1235 -20.30 94.43 -20.03
N UNK D 1236 -21.19 93.99 -19.16
CA UNK D 1236 -21.46 92.56 -19.02
C UNK D 1236 -22.68 92.17 -19.81
N UNK D 1237 -22.97 92.87 -20.90
CA UNK D 1237 -24.14 92.57 -21.71
C UNK D 1237 -24.08 93.17 -23.12
N UNK D 1238 -23.31 92.59 -24.04
CA UNK D 1238 -23.21 93.16 -25.39
C UNK D 1238 -22.63 92.21 -26.45
N UNK D 1239 -21.30 92.18 -26.50
CA UNK D 1239 -20.41 91.68 -27.58
C UNK D 1239 -20.93 90.77 -28.68
N UNK D 1240 -20.69 91.20 -29.92
CA UNK D 1240 -21.03 90.45 -31.13
C UNK D 1240 -20.29 91.06 -32.32
N UNK D 1241 -19.61 90.24 -33.11
CA UNK D 1241 -18.81 90.75 -34.23
C UNK D 1241 -18.62 89.76 -35.38
N UNK D 1242 -17.76 90.15 -36.33
CA UNK D 1242 -17.38 89.43 -37.56
C UNK D 1242 -18.54 89.22 -38.55
N UNK D 1243 -18.19 89.18 -39.83
CA UNK D 1243 -19.19 89.06 -40.88
C UNK D 1243 -18.62 88.43 -42.15
N UNK D 1244 -18.53 87.11 -42.16
CA UNK D 1244 -17.79 86.41 -43.21
C UNK D 1244 -18.61 86.03 -44.42
N UNK D 1245 -17.99 85.22 -45.27
CA UNK D 1245 -18.65 84.59 -46.40
C UNK D 1245 -18.09 83.18 -46.52
N UNK D 1246 -18.90 82.25 -47.00
CA UNK D 1246 -18.50 80.85 -47.03
C UNK D 1246 -18.06 80.40 -48.43
N UNK D 1247 -16.75 80.33 -48.63
CA UNK D 1247 -16.19 80.01 -49.94
C UNK D 1247 -16.16 78.51 -50.19
N UNK D 1248 -15.22 78.10 -51.03
CA UNK D 1248 -15.03 76.69 -51.33
C UNK D 1248 -13.94 76.10 -50.44
N UNK D 1249 -13.73 76.76 -49.32
CA UNK D 1249 -12.79 76.30 -48.32
C UNK D 1249 -13.53 75.47 -47.28
N UNK D 1250 -14.69 74.96 -47.67
CA UNK D 1250 -15.48 74.05 -46.88
C UNK D 1250 -14.67 72.79 -46.68
N UNK D 1251 -14.03 72.33 -47.75
CA UNK D 1251 -13.13 71.19 -47.68
C UNK D 1251 -11.89 71.55 -46.88
N UNK D 1252 -11.53 72.84 -46.88
CA UNK D 1252 -10.37 73.31 -46.15
C UNK D 1252 -10.62 73.40 -44.64
N UNK D 1253 -11.80 72.99 -44.20
CA UNK D 1253 -12.02 72.65 -42.80
C UNK D 1253 -12.32 71.17 -42.74
N UNK D 1254 -13.04 70.67 -43.74
CA UNK D 1254 -13.53 69.31 -43.74
C UNK D 1254 -12.40 68.33 -43.89
N UNK D 1255 -11.66 68.46 -44.98
CA UNK D 1255 -10.53 67.58 -45.22
C UNK D 1255 -9.42 67.91 -44.25
N UNK D 1256 -9.40 69.17 -43.80
CA UNK D 1256 -8.46 69.61 -42.80
C UNK D 1256 -8.73 68.90 -41.47
N UNK D 1257 -9.99 68.63 -41.19
CA UNK D 1257 -10.33 67.91 -39.98
C UNK D 1257 -11.03 66.60 -40.34
N UNK D 1258 -10.34 65.76 -41.11
CA UNK D 1258 -10.80 64.44 -41.58
C UNK D 1258 -12.04 64.47 -42.48
N UNK D 1259 -11.86 63.96 -43.70
CA UNK D 1259 -12.91 63.92 -44.71
C UNK D 1259 -14.07 63.01 -44.31
N UNK D 1260 -15.19 63.14 -45.00
CA UNK D 1260 -16.41 62.41 -44.65
C UNK D 1260 -17.38 62.29 -45.83
N UNK D 1261 -18.66 62.53 -45.58
CA UNK D 1261 -19.69 62.47 -46.61
C UNK D 1261 -19.56 63.63 -47.56
N UNK D 1262 -18.56 63.52 -48.43
CA UNK D 1262 -18.15 64.61 -49.29
C UNK D 1262 -19.09 64.78 -50.47
N UNK D 1263 -19.98 63.82 -50.65
CA UNK D 1263 -21.11 63.97 -51.54
C UNK D 1263 -21.93 65.13 -51.02
N UNK D 1264 -22.12 65.14 -49.71
CA UNK D 1264 -22.79 66.23 -49.04
C UNK D 1264 -21.81 67.30 -48.62
N UNK D 1265 -20.55 67.17 -49.01
CA UNK D 1265 -19.53 68.07 -48.51
C UNK D 1265 -18.32 68.26 -49.42
N UNK D 1266 -18.52 68.37 -50.73
CA UNK D 1266 -17.43 68.79 -51.61
C UNK D 1266 -17.90 69.39 -52.92
N UNK D 1267 -18.16 68.51 -53.88
CA UNK D 1267 -18.21 68.91 -55.28
C UNK D 1267 -19.58 69.26 -55.85
N UNK D 1268 -20.27 68.25 -56.37
CA UNK D 1268 -21.45 68.48 -57.20
C UNK D 1268 -22.73 68.74 -56.41
N UNK D 1269 -23.54 69.66 -56.93
CA UNK D 1269 -24.92 69.98 -56.50
C UNK D 1269 -25.08 70.39 -55.04
N UNK D 1270 -25.13 71.70 -54.82
CA UNK D 1270 -25.29 72.34 -53.51
C UNK D 1270 -24.23 71.89 -52.52
N UNK D 1271 -23.04 72.48 -52.61
CA UNK D 1271 -21.92 72.15 -51.73
C UNK D 1271 -22.21 72.58 -50.32
N UNK D 1272 -22.95 71.73 -49.61
CA UNK D 1272 -23.40 72.04 -48.26
C UNK D 1272 -22.24 72.02 -47.29
N UNK D 1273 -21.91 73.18 -46.73
CA UNK D 1273 -20.88 73.26 -45.72
C UNK D 1273 -21.41 72.57 -44.47
N UNK D 1274 -20.64 71.62 -43.96
CA UNK D 1274 -21.10 70.76 -42.88
C UNK D 1274 -21.24 71.54 -41.58
N UNK D 1275 -22.29 71.21 -40.82
CA UNK D 1275 -22.71 71.98 -39.66
C UNK D 1275 -21.84 71.73 -38.44
N UNK D 1276 -21.27 70.54 -38.36
CA UNK D 1276 -20.42 70.16 -37.23
C UNK D 1276 -19.16 71.02 -37.23
N UNK D 1277 -18.67 71.31 -38.41
CA UNK D 1277 -17.60 72.28 -38.58
C UNK D 1277 -18.20 73.59 -39.05
N UNK D 1278 -17.34 74.51 -39.49
CA UNK D 1278 -17.67 75.85 -40.01
C UNK D 1278 -18.39 76.81 -39.05
N UNK D 1279 -19.21 76.29 -38.13
CA UNK D 1279 -19.93 77.06 -37.14
C UNK D 1279 -19.00 77.82 -36.24
N UNK D 1280 -18.11 77.12 -35.54
CA UNK D 1280 -17.13 77.77 -34.65
C UNK D 1280 -16.13 78.57 -35.46
N UNK D 1281 -15.94 78.16 -36.71
CA UNK D 1281 -15.07 78.87 -37.65
C UNK D 1281 -15.63 80.24 -37.97
N UNK D 1282 -16.94 80.35 -37.97
CA UNK D 1282 -17.57 81.65 -38.09
C UNK D 1282 -18.13 82.04 -36.74
N UNK D 1283 -17.33 81.82 -35.70
CA UNK D 1283 -17.72 82.20 -34.35
C UNK D 1283 -16.51 82.47 -33.49
N UNK D 1284 -15.36 82.05 -33.99
CA UNK D 1284 -14.11 82.12 -33.23
C UNK D 1284 -13.70 83.54 -32.89
N UNK D 1285 -14.08 84.48 -33.75
CA UNK D 1285 -13.78 85.87 -33.51
C UNK D 1285 -14.88 86.53 -32.68
N UNK D 1286 -15.88 85.75 -32.29
CA UNK D 1286 -16.97 86.29 -31.51
C UNK D 1286 -17.27 85.41 -30.32
N UNK D 1287 -17.71 84.18 -30.58
CA UNK D 1287 -18.11 83.27 -29.52
C UNK D 1287 -16.89 82.80 -28.75
N UNK D 1288 -15.80 82.55 -29.45
CA UNK D 1288 -14.55 82.19 -28.79
C UNK D 1288 -13.84 83.45 -28.34
N UNK D 1289 -14.28 84.60 -28.83
CA UNK D 1289 -13.84 85.86 -28.26
C UNK D 1289 -14.61 86.03 -26.98
N UNK D 1290 -15.73 86.77 -27.08
CA UNK D 1290 -16.75 86.87 -26.05
C UNK D 1290 -16.27 87.34 -24.70
N UNK D 1291 -17.15 87.20 -23.73
CA UNK D 1291 -16.91 87.68 -22.38
C UNK D 1291 -15.93 86.80 -21.62
N UNK D 1292 -14.67 86.87 -22.01
CA UNK D 1292 -13.61 86.16 -21.33
C UNK D 1292 -12.39 86.95 -21.70
N UNK D 1293 -12.43 87.45 -22.92
CA UNK D 1293 -11.51 88.48 -23.36
C UNK D 1293 -12.26 89.78 -23.25
N UNK D 1294 -13.51 89.69 -22.82
CA UNK D 1294 -14.33 90.87 -22.59
C UNK D 1294 -14.82 90.89 -21.16
N UNK D 1295 -14.55 89.83 -20.42
CA UNK D 1295 -14.96 89.74 -19.03
C UNK D 1295 -14.03 90.54 -18.13
N UNK D 1296 -12.94 91.05 -18.72
CA UNK D 1296 -12.01 91.94 -18.05
C UNK D 1296 -12.74 93.20 -17.66
N UNK D 1297 -12.37 93.73 -16.48
CA UNK D 1297 -13.08 94.77 -15.71
C UNK D 1297 -14.47 94.33 -15.21
N UNK D 1298 -15.22 93.56 -15.99
CA UNK D 1298 -16.42 92.89 -15.53
C UNK D 1298 -16.04 91.89 -14.45
N UNK D 1299 -15.65 90.69 -14.84
CA UNK D 1299 -15.24 89.69 -13.84
C UNK D 1299 -14.33 88.65 -14.44
N UNK D 1300 -13.06 88.67 -14.05
CA UNK D 1300 -12.08 87.71 -14.52
C UNK D 1300 -10.89 87.62 -13.59
N UNK D 1301 -9.95 86.75 -13.95
CA UNK D 1301 -8.71 86.58 -13.19
C UNK D 1301 -7.60 86.11 -14.11
N UNK D 1302 -7.02 84.95 -13.79
CA UNK D 1302 -5.96 84.40 -14.62
C UNK D 1302 -6.52 83.75 -15.86
N UNK D 1303 -5.96 84.07 -17.01
CA UNK D 1303 -6.42 83.49 -18.25
C UNK D 1303 -5.71 82.18 -18.50
N UNK D 1304 -4.59 81.99 -17.80
CA UNK D 1304 -3.66 80.90 -18.10
C UNK D 1304 -4.09 79.54 -17.58
N UNK D 1305 -5.30 79.43 -17.03
CA UNK D 1305 -5.77 78.14 -16.55
C UNK D 1305 -7.20 77.90 -17.01
N UNK D 1306 -7.69 78.72 -17.93
CA UNK D 1306 -9.06 78.60 -18.39
C UNK D 1306 -9.19 77.43 -19.36
N UNK D 1307 -10.25 76.65 -19.21
CA UNK D 1307 -10.48 75.51 -20.09
C UNK D 1307 -11.96 75.27 -20.26
N UNK D 1308 -12.47 75.63 -21.43
CA UNK D 1308 -13.91 75.63 -21.71
C UNK D 1308 -14.49 74.25 -21.83
N UNK D 1309 -15.37 73.89 -20.91
CA UNK D 1309 -15.97 72.56 -20.86
C UNK D 1309 -16.86 72.28 -22.07
N UNK D 1310 -18.14 72.61 -21.97
CA UNK D 1310 -19.10 72.13 -22.97
C UNK D 1310 -19.31 73.04 -24.16
N UNK D 1311 -20.25 72.64 -25.01
CA UNK D 1311 -20.62 73.38 -26.20
C UNK D 1311 -22.01 72.93 -26.61
N UNK D 1312 -22.82 73.82 -27.18
CA UNK D 1312 -24.12 73.41 -27.69
C UNK D 1312 -24.25 73.75 -29.17
N UNK D 1313 -24.28 72.72 -30.01
CA UNK D 1313 -24.47 72.89 -31.44
C UNK D 1313 -25.84 72.37 -31.86
N UNK D 1314 -26.81 73.27 -32.03
CA UNK D 1314 -28.16 72.89 -32.43
C UNK D 1314 -28.64 73.66 -33.65
N UNK D 1315 -29.27 72.98 -34.59
CA UNK D 1315 -29.85 73.64 -35.75
C UNK D 1315 -31.15 74.30 -35.31
N UNK D 1316 -31.54 75.37 -35.99
CA UNK D 1316 -32.73 76.10 -35.60
C UNK D 1316 -33.96 75.55 -36.30
N UNK D 1317 -33.94 75.53 -37.63
CA UNK D 1317 -35.11 75.12 -38.40
C UNK D 1317 -34.84 74.77 -39.87
N UNK D 1318 -34.44 75.77 -40.65
CA UNK D 1318 -34.52 75.72 -42.10
C UNK D 1318 -33.42 74.93 -42.81
N UNK D 1319 -32.76 75.58 -43.77
CA UNK D 1319 -31.73 74.94 -44.56
C UNK D 1319 -30.44 74.76 -43.77
N UNK D 1320 -29.47 74.10 -44.37
CA UNK D 1320 -28.21 73.84 -43.70
C UNK D 1320 -27.28 75.04 -43.85
N UNK D 1321 -26.14 74.83 -44.49
CA UNK D 1321 -25.20 75.91 -44.75
C UNK D 1321 -24.64 75.77 -46.15
N UNK D 1322 -25.33 76.34 -47.13
CA UNK D 1322 -24.85 76.39 -48.50
C UNK D 1322 -23.86 77.54 -48.60
N UNK D 1323 -22.94 77.46 -49.57
CA UNK D 1323 -21.75 78.31 -49.62
C UNK D 1323 -22.05 79.79 -49.73
N UNK D 1324 -22.48 80.40 -48.61
CA UNK D 1324 -22.93 81.78 -48.63
C UNK D 1324 -22.94 82.50 -47.28
N UNK D 1325 -22.17 83.58 -47.21
CA UNK D 1325 -22.38 84.69 -46.27
C UNK D 1325 -22.28 84.40 -44.78
N UNK D 1326 -23.37 84.68 -44.06
CA UNK D 1326 -23.52 84.65 -42.59
C UNK D 1326 -22.64 85.65 -41.83
N UNK D 1327 -23.22 86.17 -40.75
CA UNK D 1327 -22.56 87.13 -39.88
C UNK D 1327 -23.04 86.92 -38.46
N UNK D 1328 -22.22 86.26 -37.65
CA UNK D 1328 -22.65 85.77 -36.35
C UNK D 1328 -22.90 86.85 -35.31
N UNK D 1329 -23.43 86.44 -34.16
CA UNK D 1329 -23.71 87.36 -33.06
C UNK D 1329 -23.68 86.58 -31.76
N UNK D 1330 -23.18 87.22 -30.71
CA UNK D 1330 -22.94 86.52 -29.46
C UNK D 1330 -23.70 87.13 -28.28
N UNK D 1331 -23.92 86.32 -27.24
CA UNK D 1331 -24.73 86.74 -26.11
C UNK D 1331 -23.97 86.80 -24.80
N UNK D 1332 -23.51 85.64 -24.33
CA UNK D 1332 -22.84 85.45 -23.03
C UNK D 1332 -23.67 85.95 -21.86
N UNK D 1333 -24.59 85.10 -21.41
CA UNK D 1333 -25.37 85.37 -20.23
C UNK D 1333 -25.22 84.20 -19.27
N UNK D 1334 -26.03 84.19 -18.21
CA UNK D 1334 -26.01 83.19 -17.14
C UNK D 1334 -24.62 83.07 -16.53
N UNK D 1335 -24.12 84.17 -16.01
CA UNK D 1335 -22.74 84.22 -15.52
C UNK D 1335 -22.64 83.85 -14.05
N UNK D 1336 -22.92 82.59 -13.74
CA UNK D 1336 -22.89 82.12 -12.36
C UNK D 1336 -21.46 81.99 -11.85
N UNK D 1337 -21.35 81.55 -10.61
CA UNK D 1337 -20.04 81.38 -10.02
C UNK D 1337 -20.03 80.18 -9.11
N UNK D 1338 -19.14 79.24 -9.38
CA UNK D 1338 -19.06 78.06 -8.54
C UNK D 1338 -18.32 78.38 -7.27
N UNK D 1339 -18.14 77.35 -6.45
CA UNK D 1339 -17.35 77.52 -5.24
C UNK D 1339 -16.09 76.69 -5.39
N UNK D 1340 -16.19 75.58 -6.11
CA UNK D 1340 -15.04 74.74 -6.37
C UNK D 1340 -14.27 75.28 -7.56
N UNK D 1341 -14.91 76.21 -8.26
CA UNK D 1341 -14.28 76.97 -9.32
C UNK D 1341 -15.09 78.24 -9.57
N UNK D 1342 -15.16 78.67 -10.82
CA UNK D 1342 -16.06 79.73 -11.26
C UNK D 1342 -16.28 79.54 -12.74
N UNK D 1343 -17.53 79.40 -13.14
CA UNK D 1343 -17.85 79.12 -14.53
C UNK D 1343 -18.43 80.34 -15.21
N UNK D 1344 -18.73 80.20 -16.49
CA UNK D 1344 -19.30 81.28 -17.27
C UNK D 1344 -20.02 80.71 -18.48
N UNK D 1345 -21.34 80.80 -18.48
CA UNK D 1345 -22.10 80.32 -19.62
C UNK D 1345 -21.95 81.30 -20.77
N UNK D 1346 -22.25 80.83 -21.97
CA UNK D 1346 -22.16 81.69 -23.13
C UNK D 1346 -23.18 81.23 -24.15
N UNK D 1347 -23.64 82.16 -24.97
CA UNK D 1347 -24.61 81.84 -26.00
C UNK D 1347 -24.35 82.68 -27.23
N UNK D 1348 -24.84 82.23 -28.38
CA UNK D 1348 -24.61 82.94 -29.63
C UNK D 1348 -25.66 82.57 -30.67
N UNK D 1349 -25.96 83.51 -31.55
CA UNK D 1349 -26.97 83.30 -32.58
C UNK D 1349 -26.41 83.51 -33.98
N UNK D 1350 -25.85 82.45 -34.56
CA UNK D 1350 -25.31 82.52 -35.90
C UNK D 1350 -26.43 82.69 -36.90
N UNK D 1351 -26.82 83.94 -37.13
CA UNK D 1351 -27.85 84.27 -38.08
C UNK D 1351 -27.37 83.97 -39.49
N UNK D 1352 -28.28 83.57 -40.37
CA UNK D 1352 -27.92 83.30 -41.75
C UNK D 1352 -27.98 84.59 -42.56
N UNK D 1353 -28.78 84.61 -43.61
CA UNK D 1353 -28.99 85.82 -44.41
C UNK D 1353 -29.97 86.73 -43.68
N UNK D 1354 -31.12 86.18 -43.35
CA UNK D 1354 -32.01 86.84 -42.43
C UNK D 1354 -31.50 86.55 -41.04
N UNK D 1355 -32.19 85.65 -40.34
CA UNK D 1355 -31.71 85.17 -39.06
C UNK D 1355 -32.24 83.76 -38.84
N UNK D 1356 -32.05 83.26 -37.62
CA UNK D 1356 -32.45 81.92 -37.18
C UNK D 1356 -31.83 80.80 -38.03
N UNK D 1357 -30.73 80.25 -37.56
CA UNK D 1357 -30.07 79.20 -38.31
C UNK D 1357 -29.42 78.18 -37.39
N UNK D 1358 -28.47 78.60 -36.56
CA UNK D 1358 -27.81 77.70 -35.63
C UNK D 1358 -27.31 78.45 -34.41
N UNK D 1359 -27.80 78.05 -33.25
CA UNK D 1359 -27.43 78.73 -32.01
C UNK D 1359 -26.30 78.00 -31.32
N UNK D 1360 -25.26 78.74 -30.94
CA UNK D 1360 -24.12 78.13 -30.29
C UNK D 1360 -24.07 78.51 -28.83
N UNK D 1361 -23.68 77.57 -27.97
CA UNK D 1361 -23.61 77.83 -26.54
C UNK D 1361 -22.58 76.96 -25.82
N UNK D 1362 -21.46 77.56 -25.44
CA UNK D 1362 -20.41 76.82 -24.77
C UNK D 1362 -20.44 77.09 -23.27
N UNK D 1363 -19.77 76.23 -22.50
CA UNK D 1363 -19.70 76.41 -21.05
C UNK D 1363 -18.24 76.48 -20.60
N UNK D 1364 -17.72 77.70 -20.47
CA UNK D 1364 -16.34 77.91 -20.08
C UNK D 1364 -16.23 78.18 -18.59
N UNK D 1365 -15.13 77.74 -17.98
CA UNK D 1365 -14.90 77.94 -16.54
C UNK D 1365 -13.45 78.27 -16.21
N UNK D 1366 -13.21 79.47 -15.71
CA UNK D 1366 -11.87 79.85 -15.29
C UNK D 1366 -11.57 79.17 -13.96
N UNK D 1367 -10.31 79.23 -13.53
CA UNK D 1367 -9.81 78.39 -12.42
C UNK D 1367 -10.36 78.73 -11.05
N UNK D 1368 -9.81 78.06 -10.05
CA UNK D 1368 -10.38 78.04 -8.70
C UNK D 1368 -10.23 79.35 -7.93
N UNK D 1369 -11.13 79.54 -6.97
CA UNK D 1369 -11.24 80.72 -6.11
C UNK D 1369 -11.35 82.03 -6.88
N UNK D 1370 -11.89 81.97 -8.10
CA UNK D 1370 -11.89 83.12 -9.01
C UNK D 1370 -12.91 84.14 -8.56
N UNK D 1371 -14.17 83.75 -8.64
CA UNK D 1371 -15.23 84.62 -8.18
C UNK D 1371 -15.62 84.28 -6.74
N UNK D 1372 -14.61 83.87 -5.96
CA UNK D 1372 -14.80 83.44 -4.58
C UNK D 1372 -15.27 84.58 -3.69
N UNK D 1373 -14.62 85.73 -3.82
CA UNK D 1373 -15.00 86.92 -3.09
C UNK D 1373 -15.94 87.76 -3.93
N UNK D 1374 -16.41 87.18 -5.03
CA UNK D 1374 -17.31 87.87 -5.93
C UNK D 1374 -18.67 87.19 -5.95
N UNK D 1375 -19.19 86.94 -4.76
CA UNK D 1375 -20.55 86.43 -4.62
C UNK D 1375 -21.52 87.55 -4.96
N UNK D 1376 -21.06 88.79 -4.90
CA UNK D 1376 -21.85 89.93 -5.35
C UNK D 1376 -21.81 90.07 -6.86
N UNK D 1377 -21.63 91.29 -7.34
CA UNK D 1377 -21.90 91.72 -8.72
C UNK D 1377 -21.23 90.90 -9.81
N UNK D 1378 -21.73 89.69 -10.00
CA UNK D 1378 -21.13 88.71 -10.88
C UNK D 1378 -22.15 87.63 -11.26
N UNK D 1379 -22.66 86.95 -10.25
CA UNK D 1379 -23.62 85.88 -10.46
C UNK D 1379 -24.93 86.43 -10.97
N UNK D 1380 -25.04 86.47 -12.28
CA UNK D 1380 -26.27 86.88 -12.93
C UNK D 1380 -26.74 85.75 -13.81
N UNK D 1381 -27.55 84.87 -13.25
CA UNK D 1381 -28.02 83.72 -14.00
C UNK D 1381 -29.37 84.01 -14.63
N UNK D 1382 -29.47 83.84 -15.94
CA UNK D 1382 -30.74 83.90 -16.64
C UNK D 1382 -30.94 82.55 -17.29
N UNK D 1383 -32.17 82.05 -17.30
CA UNK D 1383 -32.40 80.71 -17.82
C UNK D 1383 -33.52 80.68 -18.85
N UNK D 1384 -34.18 79.53 -18.97
CA UNK D 1384 -35.31 79.38 -19.88
C UNK D 1384 -36.33 78.37 -19.35
N UNK D 1385 -35.89 77.14 -19.09
CA UNK D 1385 -36.71 76.03 -18.55
C UNK D 1385 -37.95 75.71 -19.39
N UNK D 1386 -37.82 74.71 -20.26
CA UNK D 1386 -38.77 74.53 -21.35
C UNK D 1386 -40.11 73.89 -20.98
N UNK D 1387 -41.18 74.63 -21.27
CA UNK D 1387 -42.56 74.14 -21.39
C UNK D 1387 -43.21 73.55 -20.13
N UNK D 1388 -44.52 73.29 -20.25
CA UNK D 1388 -45.31 72.67 -19.17
C UNK D 1388 -46.63 72.11 -19.71
N UNK D 1389 -47.42 71.51 -18.82
CA UNK D 1389 -48.77 71.01 -19.09
C UNK D 1389 -49.50 70.77 -17.76
N UNK D 1390 -50.64 71.44 -17.56
CA UNK D 1390 -51.36 71.27 -16.30
C UNK D 1390 -52.87 71.17 -16.52
N UNK D 1391 -53.40 69.94 -16.45
CA UNK D 1391 -54.80 69.66 -16.77
C UNK D 1391 -55.82 70.22 -15.77
N UNK D 1392 -57.09 69.87 -15.96
CA UNK D 1392 -58.14 70.34 -15.09
C UNK D 1392 -59.02 69.19 -14.63
N UNK D 1393 -58.92 68.85 -13.36
CA UNK D 1393 -59.65 67.71 -12.83
C UNK D 1393 -60.76 68.12 -11.87
N UNK D 1394 -60.68 67.59 -10.65
CA UNK D 1394 -61.75 67.75 -9.67
C UNK D 1394 -61.75 69.13 -9.03
N UNK D 1395 -62.16 70.12 -9.81
CA UNK D 1395 -62.45 71.49 -9.35
C UNK D 1395 -61.34 72.20 -8.59
N UNK D 1396 -60.93 71.63 -7.46
CA UNK D 1396 -59.96 72.23 -6.56
C UNK D 1396 -58.60 72.40 -7.20
N UNK D 1397 -58.29 71.53 -8.15
CA UNK D 1397 -57.10 71.65 -8.96
C UNK D 1397 -57.15 72.96 -9.72
N UNK D 1398 -58.32 73.29 -10.27
CA UNK D 1398 -58.50 74.57 -10.97
C UNK D 1398 -58.50 75.69 -9.96
N UNK D 1399 -58.94 75.38 -8.74
CA UNK D 1399 -58.93 76.36 -7.68
C UNK D 1399 -57.52 76.49 -7.12
N UNK D 1400 -56.72 75.43 -7.24
CA UNK D 1400 -55.34 75.47 -6.80
C UNK D 1400 -54.56 76.46 -7.64
N UNK D 1401 -54.82 76.42 -8.94
CA UNK D 1401 -54.21 77.36 -9.87
C UNK D 1401 -54.98 78.66 -9.89
N UNK D 1402 -56.07 78.73 -9.13
CA UNK D 1402 -56.74 80.00 -8.90
C UNK D 1402 -56.39 80.47 -7.50
N UNK D 1403 -55.17 80.20 -7.07
CA UNK D 1403 -54.77 80.53 -5.71
C UNK D 1403 -53.31 80.97 -5.61
N UNK D 1404 -52.42 80.23 -6.25
CA UNK D 1404 -50.99 80.37 -5.98
C UNK D 1404 -50.25 81.49 -6.72
N UNK D 1405 -50.88 82.67 -6.82
CA UNK D 1405 -50.29 83.89 -7.36
C UNK D 1405 -49.67 83.75 -8.76
N UNK D 1406 -50.31 82.96 -9.60
CA UNK D 1406 -49.92 82.87 -11.00
C UNK D 1406 -50.94 83.63 -11.82
N UNK D 1407 -51.82 84.35 -11.11
CA UNK D 1407 -52.70 85.40 -11.64
C UNK D 1407 -53.64 85.01 -12.77
N UNK D 1408 -54.21 86.04 -13.40
CA UNK D 1408 -55.13 85.87 -14.53
C UNK D 1408 -55.18 87.15 -15.36
N UNK D 1409 -55.47 86.99 -16.65
CA UNK D 1409 -55.56 88.11 -17.56
C UNK D 1409 -56.81 88.00 -18.42
N UNK D 1410 -57.95 87.90 -17.74
CA UNK D 1410 -59.27 87.91 -18.36
C UNK D 1410 -60.26 88.28 -17.28
N UNK D 1411 -59.71 88.59 -16.11
CA UNK D 1411 -60.44 88.87 -14.87
C UNK D 1411 -61.39 87.74 -14.52
N UNK D 1412 -62.65 87.88 -14.92
CA UNK D 1412 -63.65 86.90 -14.59
C UNK D 1412 -63.90 85.98 -15.78
N UNK D 1413 -63.47 86.41 -16.95
CA UNK D 1413 -63.75 85.66 -18.17
C UNK D 1413 -62.93 84.40 -18.24
N UNK D 1414 -63.48 83.39 -18.91
CA UNK D 1414 -62.85 82.09 -19.16
C UNK D 1414 -62.42 81.38 -17.89
N UNK D 1415 -63.25 81.49 -16.86
CA UNK D 1415 -62.96 80.84 -15.60
C UNK D 1415 -63.10 79.35 -15.75
N UNK D 1416 -64.29 78.90 -16.13
CA UNK D 1416 -64.59 77.48 -16.23
C UNK D 1416 -64.15 76.87 -17.54
N UNK D 1417 -63.46 77.66 -18.37
CA UNK D 1417 -62.74 77.11 -19.51
C UNK D 1417 -61.56 76.37 -18.96
N UNK D 1418 -61.06 76.90 -17.83
CA UNK D 1418 -60.03 76.23 -17.04
C UNK D 1418 -60.65 75.22 -16.06
N UNK D 1419 -61.89 74.80 -16.29
CA UNK D 1419 -62.48 73.72 -15.54
C UNK D 1419 -62.47 72.46 -16.38
N UNK D 1420 -61.75 72.51 -17.49
CA UNK D 1420 -61.70 71.36 -18.38
C UNK D 1420 -60.39 71.28 -19.14
N UNK D 1421 -59.77 72.42 -19.41
CA UNK D 1421 -58.61 72.48 -20.29
C UNK D 1421 -57.33 71.96 -19.65
N UNK D 1422 -56.20 72.30 -20.26
CA UNK D 1422 -54.91 71.92 -19.69
C UNK D 1422 -53.90 73.04 -19.79
N UNK D 1423 -53.45 73.54 -18.64
CA UNK D 1423 -52.54 74.67 -18.61
C UNK D 1423 -51.14 74.28 -19.05
N UNK D 1424 -50.83 74.52 -20.32
CA UNK D 1424 -49.49 74.28 -20.85
C UNK D 1424 -48.75 75.60 -21.02
N UNK D 1425 -48.34 76.19 -19.90
CA UNK D 1425 -47.66 77.48 -19.90
C UNK D 1425 -46.17 77.31 -20.16
N UNK D 1426 -45.48 78.41 -20.44
CA UNK D 1426 -44.03 78.37 -20.68
C UNK D 1426 -43.39 79.71 -20.34
N UNK D 1427 -42.51 79.73 -19.34
CA UNK D 1427 -41.91 80.98 -18.87
C UNK D 1427 -40.41 80.99 -19.10
N UNK D 1428 -39.73 81.98 -18.50
CA UNK D 1428 -38.27 82.11 -18.59
C UNK D 1428 -37.76 83.00 -17.46
N UNK D 1429 -37.06 82.41 -16.50
CA UNK D 1429 -36.70 83.13 -15.27
C UNK D 1429 -35.25 83.54 -15.20
N UNK D 1430 -34.98 84.57 -14.40
CA UNK D 1430 -33.62 85.04 -14.17
C UNK D 1430 -33.34 85.06 -12.68
N UNK D 1431 -32.07 84.95 -12.32
CA UNK D 1431 -31.68 84.82 -10.94
C UNK D 1431 -30.69 85.89 -10.54
N UNK D 1432 -30.63 86.13 -9.24
CA UNK D 1432 -29.68 87.10 -8.69
C UNK D 1432 -28.43 86.39 -8.24
N UNK D 1433 -27.86 86.85 -7.13
CA UNK D 1433 -26.57 86.36 -6.69
C UNK D 1433 -26.57 85.96 -5.23
N UNK D 1434 -26.48 86.96 -4.36
CA UNK D 1434 -26.36 86.83 -2.91
C UNK D 1434 -25.19 85.93 -2.49
N UNK D 1435 -25.44 85.03 -1.55
CA UNK D 1435 -24.36 84.29 -0.89
C UNK D 1435 -23.82 83.11 -1.70
N UNK D 1436 -23.65 81.98 -1.03
CA UNK D 1436 -23.25 80.74 -1.68
C UNK D 1436 -24.50 79.92 -1.95
N UNK D 1437 -25.61 80.37 -1.39
CA UNK D 1437 -26.94 79.87 -1.72
C UNK D 1437 -27.90 81.05 -1.60
N UNK D 1438 -29.14 80.87 -2.05
CA UNK D 1438 -30.21 81.90 -2.13
C UNK D 1438 -29.89 83.09 -3.03
N UNK D 1439 -30.95 83.76 -3.48
CA UNK D 1439 -30.82 84.95 -4.30
C UNK D 1439 -32.09 85.75 -4.22
N UNK D 1440 -32.41 86.46 -5.30
CA UNK D 1440 -33.65 87.19 -5.39
C UNK D 1440 -34.35 86.77 -6.67
N UNK D 1441 -35.25 85.82 -6.56
CA UNK D 1441 -35.83 85.17 -7.73
C UNK D 1441 -36.79 86.06 -8.49
N UNK D 1442 -36.91 85.79 -9.78
CA UNK D 1442 -37.90 86.46 -10.61
C UNK D 1442 -38.20 85.57 -11.80
N UNK D 1443 -39.46 85.26 -11.99
CA UNK D 1443 -39.87 84.49 -13.15
C UNK D 1443 -40.57 85.41 -14.14
N UNK D 1444 -40.82 84.91 -15.33
CA UNK D 1444 -41.66 85.59 -16.29
C UNK D 1444 -42.84 84.69 -16.53
N UNK D 1445 -43.51 84.85 -17.67
CA UNK D 1445 -44.68 84.03 -17.96
C UNK D 1445 -45.06 83.97 -19.43
N UNK D 1446 -46.17 84.63 -19.78
CA UNK D 1446 -46.95 84.46 -21.00
C UNK D 1446 -47.39 83.00 -21.15
N UNK D 1447 -48.70 82.79 -21.00
CA UNK D 1447 -49.23 81.44 -20.97
C UNK D 1447 -50.24 81.16 -22.07
N UNK D 1448 -50.50 79.87 -22.27
CA UNK D 1448 -51.46 79.39 -23.24
C UNK D 1448 -51.89 78.01 -22.82
N UNK D 1449 -53.05 77.93 -22.18
CA UNK D 1449 -53.58 76.65 -21.74
C UNK D 1449 -54.14 75.86 -22.93
N UNK D 1450 -54.50 74.61 -22.72
CA UNK D 1450 -55.05 73.81 -23.82
C UNK D 1450 -56.52 74.13 -24.04
N UNK D 1451 -57.16 73.31 -24.87
CA UNK D 1451 -58.55 73.54 -25.23
C UNK D 1451 -59.31 72.21 -25.27
N UNK D 1452 -59.48 71.66 -26.48
CA UNK D 1452 -60.16 70.38 -26.66
C UNK D 1452 -59.60 69.65 -27.87
N UNK D 1453 -59.33 70.39 -28.93
CA UNK D 1453 -58.71 69.85 -30.13
C UNK D 1453 -57.22 70.18 -30.14
N UNK D 1454 -56.64 70.22 -28.94
CA UNK D 1454 -55.26 70.65 -28.66
C UNK D 1454 -54.98 72.05 -29.25
N UNK D 1455 -55.95 72.95 -29.08
CA UNK D 1455 -55.83 74.30 -29.61
C UNK D 1455 -55.36 75.26 -28.52
N UNK D 1456 -55.05 76.49 -28.91
CA UNK D 1456 -54.53 77.47 -27.97
C UNK D 1456 -54.75 78.91 -28.42
N UNK D 1457 -54.65 79.81 -27.46
CA UNK D 1457 -54.68 81.25 -27.70
C UNK D 1457 -53.91 81.92 -26.57
N UNK D 1458 -53.83 83.23 -26.60
CA UNK D 1458 -53.14 83.96 -25.55
C UNK D 1458 -53.94 83.90 -24.27
N UNK D 1459 -53.43 83.16 -23.30
CA UNK D 1459 -54.14 82.98 -22.05
C UNK D 1459 -53.85 84.12 -21.06
N UNK D 1460 -53.19 83.80 -19.96
CA UNK D 1460 -52.99 84.77 -18.89
C UNK D 1460 -51.52 84.96 -18.60
N UNK D 1461 -51.23 85.87 -17.67
CA UNK D 1461 -49.86 86.17 -17.30
C UNK D 1461 -49.61 85.88 -15.83
N UNK D 1462 -48.35 85.94 -15.43
CA UNK D 1462 -47.94 85.54 -14.08
C UNK D 1462 -46.64 86.19 -13.69
N UNK D 1463 -46.37 86.24 -12.38
CA UNK D 1463 -45.14 86.83 -11.86
C UNK D 1463 -44.91 86.37 -10.43
N UNK D 1464 -43.68 86.56 -9.96
CA UNK D 1464 -43.25 86.25 -8.60
C UNK D 1464 -41.88 86.85 -8.35
N UNK D 1465 -41.81 88.07 -7.82
CA UNK D 1465 -40.52 88.70 -7.54
C UNK D 1465 -39.98 88.32 -6.16
N UNK D 1466 -39.91 87.01 -5.89
CA UNK D 1466 -39.57 86.48 -4.57
C UNK D 1466 -38.11 86.74 -4.20
N UNK D 1467 -37.82 86.71 -2.91
CA UNK D 1467 -36.50 87.12 -2.47
C UNK D 1467 -36.02 86.39 -1.22
N UNK D 1468 -35.69 85.11 -1.40
CA UNK D 1468 -35.09 84.32 -0.34
C UNK D 1468 -34.35 83.14 -0.94
N UNK D 1469 -34.65 81.94 -0.46
CA UNK D 1469 -33.96 80.75 -0.90
C UNK D 1469 -34.83 79.91 -1.82
N UNK D 1470 -34.18 79.19 -2.72
CA UNK D 1470 -34.78 78.24 -3.67
C UNK D 1470 -35.87 78.82 -4.57
N UNK D 1471 -36.57 77.94 -5.29
CA UNK D 1471 -37.61 78.39 -6.22
C UNK D 1471 -38.98 78.06 -5.68
N UNK D 1472 -40.01 78.42 -6.43
CA UNK D 1472 -41.36 78.13 -6.00
C UNK D 1472 -42.25 77.97 -7.22
N UNK D 1473 -41.83 78.59 -8.31
CA UNK D 1473 -42.64 78.64 -9.52
C UNK D 1473 -42.74 77.27 -10.18
N UNK D 1474 -41.60 76.62 -10.35
CA UNK D 1474 -41.54 75.33 -11.01
C UNK D 1474 -42.20 74.28 -10.16
N UNK D 1475 -42.06 74.48 -8.85
CA UNK D 1475 -42.53 73.52 -7.87
C UNK D 1475 -44.06 73.46 -7.77
N UNK D 1476 -44.75 74.53 -8.17
CA UNK D 1476 -46.22 74.51 -8.13
C UNK D 1476 -46.77 73.98 -9.43
N UNK D 1477 -45.88 73.42 -10.24
CA UNK D 1477 -46.21 72.86 -11.53
C UNK D 1477 -45.62 71.47 -11.65
N UNK D 1478 -44.30 71.37 -11.55
CA UNK D 1478 -43.60 70.12 -11.76
C UNK D 1478 -43.98 69.11 -10.72
N UNK D 1479 -44.04 69.56 -9.47
CA UNK D 1479 -44.48 68.70 -8.39
C UNK D 1479 -46.00 68.55 -8.45
N UNK D 1480 -46.65 69.56 -9.00
CA UNK D 1480 -48.10 69.55 -9.09
C UNK D 1480 -48.55 68.61 -10.19
N UNK D 1481 -48.77 69.16 -11.37
CA UNK D 1481 -49.12 68.35 -12.52
C UNK D 1481 -47.86 67.84 -13.20
N UNK D 1482 -47.97 67.56 -14.48
CA UNK D 1482 -46.84 66.98 -15.19
C UNK D 1482 -46.58 67.72 -16.49
N UNK D 1483 -45.39 68.31 -16.59
CA UNK D 1483 -45.03 69.20 -17.68
C UNK D 1483 -44.98 68.53 -19.04
N UNK D 1484 -44.80 69.36 -20.06
CA UNK D 1484 -44.68 68.88 -21.44
C UNK D 1484 -43.42 68.07 -21.56
N UNK D 1485 -43.53 66.80 -21.19
CA UNK D 1485 -42.36 65.98 -20.99
C UNK D 1485 -42.28 64.86 -22.01
N UNK D 1486 -41.18 64.83 -22.75
CA UNK D 1486 -40.96 63.76 -23.69
C UNK D 1486 -40.11 62.71 -23.01
N UNK D 1487 -39.04 62.30 -23.69
CA UNK D 1487 -38.04 61.34 -23.21
C UNK D 1487 -38.64 60.00 -22.82
N UNK D 1488 -38.67 59.06 -23.75
CA UNK D 1488 -39.09 57.71 -23.43
C UNK D 1488 -37.85 56.90 -23.05
N UNK D 1489 -38.02 55.61 -22.80
CA UNK D 1489 -36.87 54.73 -22.64
C UNK D 1489 -36.63 54.05 -23.97
N UNK D 1490 -35.91 52.94 -23.95
CA UNK D 1490 -35.83 52.07 -25.12
C UNK D 1490 -35.80 50.67 -24.58
N UNK D 1491 -36.29 50.54 -23.36
CA UNK D 1491 -36.37 49.29 -22.59
C UNK D 1491 -35.02 48.59 -22.45
N UNK D 1492 -34.29 49.01 -21.41
CA UNK D 1492 -33.07 48.38 -20.89
C UNK D 1492 -31.83 48.40 -21.78
N UNK D 1493 -31.99 48.64 -23.08
CA UNK D 1493 -30.85 48.73 -23.97
C UNK D 1493 -31.22 49.63 -25.14
N UNK D 1494 -30.34 50.57 -25.45
CA UNK D 1494 -30.63 51.58 -26.46
C UNK D 1494 -30.06 51.18 -27.82
N UNK D 1495 -30.14 49.88 -28.12
CA UNK D 1495 -29.54 49.25 -29.30
C UNK D 1495 -28.05 49.57 -29.42
N UNK D 1496 -27.53 49.51 -30.65
CA UNK D 1496 -26.15 49.88 -30.94
C UNK D 1496 -26.00 50.12 -32.42
N UNK D 1497 -24.78 49.95 -32.89
CA UNK D 1497 -24.49 50.08 -34.30
C UNK D 1497 -23.21 49.32 -34.58
N UNK D 1498 -22.21 50.06 -35.04
CA UNK D 1498 -20.90 49.49 -35.31
C UNK D 1498 -19.90 50.62 -35.17
N UNK D 1499 -18.62 50.31 -34.98
CA UNK D 1499 -17.62 51.33 -34.68
C UNK D 1499 -16.20 51.05 -35.21
N UNK D 1500 -15.48 52.13 -35.50
CA UNK D 1500 -14.08 52.05 -35.86
C UNK D 1500 -13.29 53.01 -35.00
N UNK D 1501 -11.98 52.99 -35.15
CA UNK D 1501 -11.10 53.82 -34.33
C UNK D 1501 -11.14 55.29 -34.76
N UNK D 1502 -10.35 56.11 -34.09
CA UNK D 1502 -10.18 57.49 -34.48
C UNK D 1502 -8.70 57.80 -34.53
N UNK D 1503 -8.30 58.63 -35.47
CA UNK D 1503 -6.90 58.99 -35.63
C UNK D 1503 -6.46 59.89 -34.49
N UNK D 1504 -5.46 59.45 -33.72
CA UNK D 1504 -5.10 60.11 -32.46
C UNK D 1504 -4.38 61.44 -32.62
N UNK D 1505 -4.93 62.33 -33.44
CA UNK D 1505 -4.42 63.67 -33.77
C UNK D 1505 -3.02 63.63 -34.30
N UNK D 1506 -2.90 63.82 -35.61
CA UNK D 1506 -1.66 63.56 -36.35
C UNK D 1506 -0.40 64.32 -35.93
N UNK D 1507 -0.03 64.19 -34.67
CA UNK D 1507 1.23 64.66 -34.10
C UNK D 1507 1.55 66.14 -34.28
N UNK D 1508 0.58 66.95 -34.64
CA UNK D 1508 0.85 68.34 -35.00
C UNK D 1508 -0.38 69.18 -34.84
N UNK D 1509 -0.37 70.04 -33.84
CA UNK D 1509 -1.50 70.91 -33.60
C UNK D 1509 -1.52 72.05 -34.59
N UNK D 1510 -0.36 72.37 -35.16
CA UNK D 1510 -0.19 73.56 -35.99
C UNK D 1510 -1.01 73.51 -37.25
N UNK D 1511 -1.14 72.32 -37.81
CA UNK D 1511 -1.88 72.13 -39.03
C UNK D 1511 -3.37 72.18 -38.75
N UNK D 1512 -3.74 71.86 -37.53
CA UNK D 1512 -5.13 71.60 -37.22
C UNK D 1512 -5.93 72.87 -36.94
N UNK D 1513 -6.41 72.98 -35.72
CA UNK D 1513 -7.26 74.08 -35.30
C UNK D 1513 -6.49 75.39 -35.29
N UNK D 1514 -5.17 75.30 -35.21
CA UNK D 1514 -4.29 76.45 -35.23
C UNK D 1514 -4.40 77.21 -36.53
N UNK D 1515 -4.56 76.45 -37.61
CA UNK D 1515 -4.86 77.06 -38.90
C UNK D 1515 -6.33 76.93 -39.16
N UNK D 1516 -7.13 77.24 -38.14
CA UNK D 1516 -8.58 77.20 -38.27
C UNK D 1516 -9.25 78.13 -37.28
N UNK D 1517 -9.08 77.85 -35.99
CA UNK D 1517 -9.90 78.53 -35.01
C UNK D 1517 -9.12 79.28 -33.94
N UNK D 1518 -9.66 79.27 -32.72
CA UNK D 1518 -9.12 80.03 -31.61
C UNK D 1518 -7.88 79.38 -31.02
N UNK D 1519 -6.77 79.50 -31.73
CA UNK D 1519 -5.52 78.91 -31.27
C UNK D 1519 -4.93 79.68 -30.10
N UNK D 1520 -4.76 79.00 -28.98
CA UNK D 1520 -4.11 79.61 -27.84
C UNK D 1520 -2.61 79.46 -27.97
N UNK D 1521 -1.95 79.22 -26.85
CA UNK D 1521 -0.57 78.82 -26.85
C UNK D 1521 -0.51 77.39 -26.40
N UNK D 1522 -1.70 76.80 -26.23
CA UNK D 1522 -1.81 75.42 -25.78
C UNK D 1522 -1.63 74.45 -26.94
N UNK D 1523 -0.45 74.50 -27.54
CA UNK D 1523 -0.12 73.70 -28.70
C UNK D 1523 1.41 73.63 -28.77
N UNK D 1524 2.04 74.79 -28.65
CA UNK D 1524 3.49 74.89 -28.59
C UNK D 1524 3.96 74.59 -27.17
N UNK D 1525 4.99 73.76 -27.05
CA UNK D 1525 5.44 73.27 -25.74
C UNK D 1525 6.20 74.32 -24.92
N UNK D 1526 6.32 75.53 -25.45
CA UNK D 1526 6.96 76.62 -24.73
C UNK D 1526 6.08 77.09 -23.58
N UNK D 1527 5.27 78.11 -23.85
CA UNK D 1527 4.51 78.80 -22.81
C UNK D 1527 3.43 77.95 -22.17
N UNK D 1528 2.97 76.93 -22.90
CA UNK D 1528 1.93 76.05 -22.40
C UNK D 1528 2.45 75.20 -21.24
N UNK D 1529 3.76 74.95 -21.24
CA UNK D 1529 4.38 74.16 -20.19
C UNK D 1529 4.62 74.95 -18.91
N UNK D 1530 4.17 76.21 -18.87
CA UNK D 1530 4.28 77.02 -17.66
C UNK D 1530 3.01 76.92 -16.83
N UNK D 1531 2.33 75.79 -16.91
CA UNK D 1531 1.13 75.50 -16.14
C UNK D 1531 0.83 74.01 -16.18
N UNK D 1532 0.74 73.47 -17.39
CA UNK D 1532 0.18 72.15 -17.62
C UNK D 1532 1.22 71.04 -17.69
N UNK D 1533 0.81 69.93 -18.29
CA UNK D 1533 1.55 68.68 -18.17
C UNK D 1533 1.83 67.98 -19.47
N UNK D 1534 1.02 68.24 -20.49
CA UNK D 1534 1.13 67.51 -21.75
C UNK D 1534 2.24 68.06 -22.67
N UNK D 1535 1.87 68.35 -23.91
CA UNK D 1535 2.69 69.07 -24.88
C UNK D 1535 1.77 69.55 -26.01
N UNK D 1536 0.47 69.36 -25.82
CA UNK D 1536 -0.50 69.58 -26.89
C UNK D 1536 -1.95 69.77 -26.42
N UNK D 1537 -2.67 68.65 -26.31
CA UNK D 1537 -4.09 68.53 -25.90
C UNK D 1537 -5.09 69.11 -26.90
N UNK D 1538 -6.29 68.53 -26.95
CA UNK D 1538 -7.26 68.78 -28.02
C UNK D 1538 -8.27 69.88 -27.82
N UNK D 1539 -8.75 70.46 -28.92
CA UNK D 1539 -9.77 71.50 -28.86
C UNK D 1539 -11.16 70.91 -28.99
N UNK D 1540 -12.01 71.62 -29.73
CA UNK D 1540 -13.29 71.09 -30.18
C UNK D 1540 -13.05 70.14 -31.35
N UNK D 1541 -11.84 70.22 -31.91
CA UNK D 1541 -11.35 69.29 -32.91
C UNK D 1541 -11.24 67.86 -32.39
N UNK D 1542 -11.26 67.70 -31.07
CA UNK D 1542 -11.50 66.43 -30.44
C UNK D 1542 -12.83 65.86 -30.91
N UNK D 1543 -13.90 66.53 -30.54
CA UNK D 1543 -15.23 66.02 -30.80
C UNK D 1543 -15.67 66.26 -32.23
N UNK D 1544 -14.88 67.02 -32.97
CA UNK D 1544 -15.22 67.32 -34.35
C UNK D 1544 -15.11 66.09 -35.23
N UNK D 1545 -14.23 65.18 -34.86
CA UNK D 1545 -14.04 63.96 -35.60
C UNK D 1545 -15.25 63.08 -35.43
N UNK D 1546 -15.70 63.00 -34.18
CA UNK D 1546 -16.81 62.12 -33.83
C UNK D 1546 -18.10 62.63 -34.40
N UNK D 1547 -18.21 63.96 -34.53
CA UNK D 1547 -19.45 64.59 -34.97
C UNK D 1547 -19.77 64.33 -36.43
N UNK D 1548 -18.80 63.75 -37.14
CA UNK D 1548 -19.05 63.13 -38.42
C UNK D 1548 -19.04 61.62 -38.23
N UNK D 1549 -18.18 61.14 -37.33
CA UNK D 1549 -18.00 59.72 -37.14
C UNK D 1549 -19.22 59.12 -36.48
N UNK D 1550 -19.87 59.87 -35.60
CA UNK D 1550 -21.14 59.41 -35.07
C UNK D 1550 -22.18 59.60 -36.16
N UNK D 1551 -22.04 60.69 -36.91
CA UNK D 1551 -23.00 61.05 -37.95
C UNK D 1551 -22.99 60.05 -39.07
N UNK D 1552 -21.81 59.48 -39.34
CA UNK D 1552 -21.68 58.44 -40.33
C UNK D 1552 -22.43 57.20 -39.89
N UNK D 1553 -22.25 56.83 -38.63
CA UNK D 1553 -22.94 55.68 -38.09
C UNK D 1553 -24.40 56.02 -37.83
N UNK D 1554 -24.73 57.31 -37.75
CA UNK D 1554 -26.11 57.73 -37.57
C UNK D 1554 -26.90 57.50 -38.83
N UNK D 1555 -26.41 58.07 -39.93
CA UNK D 1555 -27.04 57.89 -41.22
C UNK D 1555 -26.00 58.11 -42.31
N UNK D 1556 -26.37 57.82 -43.54
CA UNK D 1556 -25.51 58.13 -44.64
C UNK D 1556 -25.61 59.62 -44.86
N UNK D 1557 -26.85 60.05 -45.06
CA UNK D 1557 -27.15 61.44 -45.31
C UNK D 1557 -27.01 62.22 -44.03
N UNK D 1558 -26.00 63.08 -43.98
CA UNK D 1558 -25.70 63.83 -42.77
C UNK D 1558 -26.46 65.14 -42.71
N UNK D 1559 -27.60 65.21 -43.37
CA UNK D 1559 -28.45 66.37 -43.31
C UNK D 1559 -29.51 66.17 -42.24
N UNK D 1560 -29.45 65.02 -41.58
CA UNK D 1560 -30.47 64.64 -40.62
C UNK D 1560 -30.10 65.03 -39.19
N UNK D 1561 -29.22 66.02 -39.05
CA UNK D 1561 -28.73 66.41 -37.73
C UNK D 1561 -29.78 67.19 -36.95
N UNK D 1562 -29.43 67.54 -35.71
CA UNK D 1562 -30.39 68.22 -34.84
C UNK D 1562 -29.71 69.03 -33.72
N UNK D 1563 -29.34 68.35 -32.64
CA UNK D 1563 -28.80 69.03 -31.47
C UNK D 1563 -27.74 68.20 -30.74
N UNK D 1564 -26.49 68.43 -31.09
CA UNK D 1564 -25.40 67.78 -30.39
C UNK D 1564 -24.81 68.73 -29.37
N UNK D 1565 -24.64 68.23 -28.15
CA UNK D 1565 -24.04 68.99 -27.07
C UNK D 1565 -22.84 68.23 -26.52
N UNK D 1566 -21.89 67.96 -27.40
CA UNK D 1566 -20.80 67.00 -27.17
C UNK D 1566 -19.85 67.31 -26.00
N UNK D 1567 -18.89 66.41 -25.79
CA UNK D 1567 -18.29 66.26 -24.46
C UNK D 1567 -16.78 66.16 -24.31
N UNK D 1568 -16.09 67.30 -24.41
CA UNK D 1568 -14.64 67.39 -24.13
C UNK D 1568 -14.27 66.94 -22.71
N UNK D 1569 -13.52 65.84 -22.62
CA UNK D 1569 -13.34 65.12 -21.36
C UNK D 1569 -12.17 65.57 -20.48
N UNK D 1570 -11.24 64.66 -20.20
CA UNK D 1570 -10.08 64.96 -19.37
C UNK D 1570 -9.07 65.82 -20.10
N VAL D 1616 -13.62 70.09 -21.18
CA VAL D 1616 -12.56 71.09 -21.28
C VAL D 1616 -11.59 70.73 -22.39
N LEU D 1617 -10.90 71.72 -22.95
CA LEU D 1617 -10.18 71.52 -24.20
C LEU D 1617 -8.89 72.31 -24.38
N PRO D 1618 -8.33 72.27 -25.60
CA PRO D 1618 -7.12 73.00 -25.98
C PRO D 1618 -6.95 73.21 -27.49
N ASN D 1619 -6.17 72.33 -28.14
CA ASN D 1619 -5.92 72.48 -29.57
C ASN D 1619 -5.93 71.12 -30.26
N THR D 1620 -4.91 70.28 -30.05
CA THR D 1620 -4.85 68.96 -30.70
C THR D 1620 -4.08 67.85 -29.95
N ALA D 1621 -4.81 66.94 -29.31
CA ALA D 1621 -4.37 65.57 -28.99
C ALA D 1621 -5.64 64.74 -28.73
N LEU D 1622 -6.00 63.88 -29.67
CA LEU D 1622 -7.38 63.41 -29.92
C LEU D 1622 -8.06 62.46 -28.91
N LYS D 1623 -9.15 61.83 -29.34
CA LYS D 1623 -10.04 61.09 -28.43
C LYS D 1623 -10.94 59.99 -29.03
N THR D 1624 -11.61 59.26 -28.14
CA THR D 1624 -12.56 58.20 -28.47
C THR D 1624 -13.83 58.34 -27.63
N SER D 1625 -14.89 57.62 -28.00
CA SER D 1625 -16.19 57.79 -27.35
C SER D 1625 -17.15 56.61 -27.56
N ILE D 1626 -18.28 56.67 -26.85
CA ILE D 1626 -19.31 55.64 -26.96
C ILE D 1626 -20.56 56.20 -27.64
N GLN D 1627 -21.27 55.37 -28.39
CA GLN D 1627 -22.40 55.85 -29.20
C GLN D 1627 -23.57 54.86 -29.29
N HIS D 1628 -24.80 55.33 -29.03
CA HIS D 1628 -25.97 54.47 -29.12
C HIS D 1628 -27.29 55.22 -29.41
N VAL D 1629 -28.37 54.46 -29.64
CA VAL D 1629 -29.68 55.01 -30.05
C VAL D 1629 -30.67 55.10 -28.90
N GLY D 1630 -30.66 56.25 -28.22
CA GLY D 1630 -31.26 56.46 -26.89
C GLY D 1630 -32.72 56.04 -26.69
N MET D 1631 -33.63 56.67 -27.41
CA MET D 1631 -35.06 56.46 -27.20
C MET D 1631 -35.89 56.85 -28.41
N ILE D 1632 -36.47 58.05 -28.36
CA ILE D 1632 -37.27 58.60 -29.46
C ILE D 1632 -37.50 60.11 -29.38
N ASN D 1633 -37.86 60.59 -28.19
CA ASN D 1633 -38.53 61.86 -27.97
C ASN D 1633 -39.73 61.94 -28.90
N GLY D 1634 -39.54 62.56 -30.06
CA GLY D 1634 -40.59 62.59 -31.07
C GLY D 1634 -40.00 62.18 -32.40
N ARG D 1635 -38.76 61.70 -32.35
CA ARG D 1635 -38.05 61.38 -33.58
C ARG D 1635 -37.20 60.11 -33.45
N LYS D 1636 -36.11 60.14 -32.68
CA LYS D 1636 -35.19 59.00 -32.63
C LYS D 1636 -34.32 58.88 -31.38
N LEU D 1637 -33.70 59.99 -30.97
CA LEU D 1637 -32.83 60.11 -29.78
C LEU D 1637 -31.58 59.22 -29.79
N ILE D 1638 -30.43 59.87 -29.77
CA ILE D 1638 -29.16 59.14 -29.77
C ILE D 1638 -28.43 59.37 -28.47
N LYS D 1639 -27.63 58.38 -28.07
CA LYS D 1639 -26.90 58.46 -26.82
C LYS D 1639 -25.41 58.37 -27.06
N PHE D 1640 -24.71 59.46 -26.76
CA PHE D 1640 -23.27 59.53 -26.93
C PHE D 1640 -22.65 60.62 -26.08
N GLU D 1641 -21.45 60.35 -25.57
CA GLU D 1641 -20.65 61.35 -24.86
C GLU D 1641 -19.20 61.05 -25.14
N THR D 1642 -18.40 62.11 -25.24
CA THR D 1642 -17.01 61.96 -25.64
C THR D 1642 -16.10 61.82 -24.44
N ARG D 1643 -14.98 61.16 -24.67
CA ARG D 1643 -14.16 60.64 -23.60
C ARG D 1643 -12.70 60.93 -23.86
N ASN D 1644 -11.85 59.98 -23.48
CA ASN D 1644 -10.45 60.03 -23.84
C ASN D 1644 -9.92 58.61 -24.09
N GLU D 1645 -8.61 58.42 -23.95
CA GLU D 1645 -7.92 57.19 -24.37
C GLU D 1645 -8.31 55.95 -23.56
N ASP D 1646 -8.37 56.09 -22.24
CA ASP D 1646 -8.92 55.05 -21.37
C ASP D 1646 -10.33 55.47 -20.94
N ASP D 1647 -11.04 56.07 -21.90
CA ASP D 1647 -12.42 56.54 -21.77
C ASP D 1647 -12.67 57.46 -20.58
N VAL D 1648 -12.42 58.75 -20.75
CA VAL D 1648 -12.63 59.69 -19.67
C VAL D 1648 -14.02 60.31 -19.73
N VAL D 1649 -14.19 61.48 -19.11
CA VAL D 1649 -15.48 62.15 -19.01
C VAL D 1649 -15.39 63.61 -18.56
N VAL D 1650 -15.91 64.51 -19.38
CA VAL D 1650 -16.30 65.88 -19.00
C VAL D 1650 -17.08 66.48 -20.17
N LEU D 1651 -17.70 67.64 -19.91
CA LEU D 1651 -18.51 68.44 -20.84
C LEU D 1651 -19.76 67.74 -21.37
N THR D 1652 -20.33 66.87 -20.53
CA THR D 1652 -21.65 66.23 -20.68
C THR D 1652 -21.79 65.20 -21.83
N GLY D 1653 -22.64 65.47 -22.82
CA GLY D 1653 -23.07 64.47 -23.81
C GLY D 1653 -23.87 65.06 -24.97
N GLU D 1654 -23.67 64.54 -26.17
CA GLU D 1654 -24.44 64.98 -27.33
C GLU D 1654 -25.70 64.14 -27.49
N ALA D 1655 -26.48 64.44 -28.54
CA ALA D 1655 -27.79 63.83 -28.71
C ALA D 1655 -28.20 63.75 -30.16
N GLU D 1656 -29.00 64.72 -30.60
CA GLU D 1656 -29.55 64.84 -31.97
C GLU D 1656 -30.37 63.65 -32.45
N ILE D 1657 -31.68 63.83 -32.43
CA ILE D 1657 -32.62 62.79 -32.81
C ILE D 1657 -32.73 62.64 -34.32
N GLU D 1658 -31.79 61.95 -34.94
CA GLU D 1658 -31.78 61.84 -36.39
C GLU D 1658 -32.78 60.80 -36.92
N GLN D 1659 -33.72 61.20 -37.78
CA GLN D 1659 -34.66 60.25 -38.41
C GLN D 1659 -34.74 60.42 -39.93
N PRO D 1660 -35.71 59.76 -40.55
CA PRO D 1660 -35.83 59.82 -42.01
C PRO D 1660 -37.24 60.24 -42.44
N VAL D 1661 -37.42 60.47 -43.74
CA VAL D 1661 -38.70 60.93 -44.27
C VAL D 1661 -39.73 59.81 -44.24
N THR D 1662 -40.50 59.77 -43.17
CA THR D 1662 -41.41 58.68 -42.94
C THR D 1662 -42.64 58.74 -43.81
N THR D 1663 -43.38 57.65 -43.82
CA THR D 1663 -44.62 57.55 -44.58
C THR D 1663 -45.52 56.51 -43.97
N PHE D 1664 -46.70 56.92 -43.52
CA PHE D 1664 -47.64 55.99 -42.91
C PHE D 1664 -48.85 55.75 -43.81
N VAL D 1665 -49.39 54.54 -43.79
CA VAL D 1665 -50.56 54.22 -44.60
C VAL D 1665 -51.63 53.49 -43.81
N PHE D 1666 -52.36 52.58 -44.45
CA PHE D 1666 -53.46 51.91 -43.80
C PHE D 1666 -53.81 50.54 -44.38
N THR D 1667 -54.97 50.03 -43.98
CA THR D 1667 -55.39 48.67 -44.31
C THR D 1667 -56.05 48.55 -45.67
N GLY D 1668 -56.84 47.48 -45.82
CA GLY D 1668 -57.48 47.19 -47.10
C GLY D 1668 -58.70 46.26 -47.05
N GLN D 1669 -59.26 46.05 -45.87
CA GLN D 1669 -60.58 45.40 -45.67
C GLN D 1669 -60.63 43.96 -46.20
N GLY D 1670 -59.49 43.30 -46.31
CA GLY D 1670 -59.52 42.00 -46.96
C GLY D 1670 -58.78 40.88 -46.29
N SER D 1671 -57.94 41.19 -45.30
CA SER D 1671 -57.10 40.19 -44.67
C SER D 1671 -57.55 39.85 -43.27
N GLN D 1672 -58.86 39.95 -43.01
CA GLN D 1672 -59.41 39.73 -41.69
C GLN D 1672 -59.37 38.25 -41.32
N GLU D 1673 -59.26 37.98 -40.02
CA GLU D 1673 -59.12 36.63 -39.51
C GLU D 1673 -59.53 36.62 -38.04
N GLN D 1674 -59.16 35.55 -37.33
CA GLN D 1674 -59.58 35.39 -35.95
C GLN D 1674 -58.79 36.28 -35.01
N GLY D 1675 -57.46 36.31 -35.15
CA GLY D 1675 -56.59 36.92 -34.17
C GLY D 1675 -56.73 38.43 -34.02
N MET D 1676 -56.35 39.16 -35.06
CA MET D 1676 -56.61 40.59 -35.24
C MET D 1676 -56.08 41.44 -34.09
N GLY D 1677 -54.79 41.27 -33.80
CA GLY D 1677 -54.10 42.12 -32.85
C GLY D 1677 -54.55 41.98 -31.42
N MET D 1678 -55.22 40.88 -31.08
CA MET D 1678 -55.67 40.65 -29.72
C MET D 1678 -54.52 40.35 -28.77
N ASP D 1679 -53.36 39.97 -29.29
CA ASP D 1679 -52.16 39.97 -28.47
C ASP D 1679 -51.72 41.39 -28.15
N LEU D 1680 -51.98 42.32 -29.06
CA LEU D 1680 -51.67 43.72 -28.75
C LEU D 1680 -52.66 44.27 -27.75
N TYR D 1681 -53.85 43.66 -27.67
CA TYR D 1681 -54.87 44.09 -26.72
C TYR D 1681 -54.41 43.96 -25.28
N LYS D 1682 -53.69 42.89 -24.96
CA LYS D 1682 -53.21 42.73 -23.60
C LYS D 1682 -51.94 43.51 -23.33
N THR D 1683 -51.33 44.10 -24.35
CA THR D 1683 -49.97 44.59 -24.18
C THR D 1683 -49.95 45.96 -23.51
N SER D 1684 -50.52 46.97 -24.14
CA SER D 1684 -50.54 48.29 -23.54
C SER D 1684 -51.92 48.60 -22.99
N LYS D 1685 -51.92 49.32 -21.87
CA LYS D 1685 -53.18 49.83 -21.33
C LYS D 1685 -53.82 50.80 -22.30
N ALA D 1686 -53.01 51.65 -22.94
CA ALA D 1686 -53.51 52.50 -24.01
C ALA D 1686 -54.01 51.65 -25.17
N ALA D 1687 -53.37 50.51 -25.42
CA ALA D 1687 -53.95 49.59 -26.39
C ALA D 1687 -55.17 48.90 -25.81
N GLN D 1688 -55.22 48.74 -24.50
CA GLN D 1688 -56.33 48.00 -23.90
C GLN D 1688 -57.61 48.83 -23.92
N ASP D 1689 -57.53 50.06 -23.39
CA ASP D 1689 -58.74 50.78 -23.05
C ASP D 1689 -59.48 51.27 -24.28
N VAL D 1690 -58.75 51.61 -25.35
CA VAL D 1690 -59.39 52.08 -26.57
C VAL D 1690 -60.13 50.94 -27.23
N TRP D 1691 -59.64 49.72 -27.04
CA TRP D 1691 -60.39 48.56 -27.44
C TRP D 1691 -61.58 48.32 -26.53
N ASN D 1692 -61.58 48.89 -25.34
CA ASN D 1692 -62.73 48.69 -24.47
C ASN D 1692 -63.62 49.90 -24.41
N ARG D 1693 -63.13 51.03 -24.92
CA ARG D 1693 -63.84 52.30 -24.82
C ARG D 1693 -65.13 52.25 -25.61
N ALA D 1694 -65.02 52.02 -26.91
CA ALA D 1694 -66.21 51.88 -27.74
C ALA D 1694 -66.96 50.60 -27.43
N ASP D 1695 -66.25 49.61 -26.89
CA ASP D 1695 -66.90 48.36 -26.50
C ASP D 1695 -67.93 48.61 -25.41
N ASN D 1696 -67.63 49.53 -24.50
CA ASN D 1696 -68.64 49.99 -23.56
C ASN D 1696 -69.72 50.76 -24.29
N HIS D 1697 -69.33 51.51 -25.33
CA HIS D 1697 -70.28 52.32 -26.06
C HIS D 1697 -71.21 51.48 -26.91
N PHE D 1698 -70.78 50.28 -27.32
CA PHE D 1698 -71.65 49.40 -28.09
C PHE D 1698 -72.88 48.99 -27.30
N LYS D 1699 -72.68 48.39 -26.13
CA LYS D 1699 -73.81 47.93 -25.34
C LYS D 1699 -74.62 49.07 -24.76
N ASP D 1700 -74.06 50.27 -24.73
CA ASP D 1700 -74.84 51.45 -24.38
C ASP D 1700 -75.57 52.02 -25.58
N THR D 1701 -75.36 51.44 -26.76
CA THR D 1701 -76.16 51.74 -27.94
C THR D 1701 -76.88 50.50 -28.44
N TYR D 1702 -76.14 49.42 -28.64
CA TYR D 1702 -76.66 48.25 -29.33
C TYR D 1702 -75.93 47.06 -28.74
N GLY D 1703 -76.59 46.35 -27.83
CA GLY D 1703 -75.92 45.42 -26.95
C GLY D 1703 -75.31 44.17 -27.53
N PHE D 1704 -73.98 44.21 -27.68
CA PHE D 1704 -73.09 43.06 -27.82
C PHE D 1704 -71.68 43.60 -27.72
N SER D 1705 -70.79 42.81 -27.15
CA SER D 1705 -69.38 43.20 -27.07
C SER D 1705 -68.66 42.67 -28.28
N ILE D 1706 -68.02 43.58 -29.02
CA ILE D 1706 -67.18 43.20 -30.15
C ILE D 1706 -65.97 42.42 -29.66
N LEU D 1707 -65.51 42.70 -28.43
CA LEU D 1707 -64.45 41.89 -27.83
C LEU D 1707 -64.91 40.46 -27.59
N ASP D 1708 -66.21 40.26 -27.36
CA ASP D 1708 -66.71 38.88 -27.33
C ASP D 1708 -66.79 38.30 -28.73
N ILE D 1709 -66.77 39.15 -29.76
CA ILE D 1709 -66.86 38.60 -31.10
C ILE D 1709 -65.51 38.14 -31.59
N VAL D 1710 -64.50 38.99 -31.49
CA VAL D 1710 -63.30 38.68 -32.26
C VAL D 1710 -62.35 37.78 -31.49
N ILE D 1711 -62.45 37.70 -30.16
CA ILE D 1711 -61.54 36.83 -29.43
C ILE D 1711 -61.96 35.39 -29.61
N ASN D 1712 -63.23 35.11 -29.39
CA ASN D 1712 -63.83 33.83 -29.70
C ASN D 1712 -64.92 34.09 -30.73
N ASN D 1713 -64.68 33.64 -31.95
CA ASN D 1713 -65.58 33.89 -33.05
C ASN D 1713 -66.90 33.18 -32.83
N PRO D 1714 -68.00 33.89 -32.71
CA PRO D 1714 -69.29 33.23 -32.59
C PRO D 1714 -69.66 32.63 -33.93
N VAL D 1715 -69.18 31.40 -34.17
CA VAL D 1715 -69.31 30.73 -35.45
C VAL D 1715 -70.79 30.42 -35.65
N ASN D 1716 -71.17 30.04 -36.87
CA ASN D 1716 -72.36 30.45 -37.61
C ASN D 1716 -73.62 30.75 -36.79
N LEU D 1717 -73.87 30.00 -35.72
CA LEU D 1717 -74.88 30.43 -34.76
C LEU D 1717 -74.29 31.61 -33.99
N THR D 1718 -74.56 32.82 -34.45
CA THR D 1718 -73.97 33.98 -33.80
C THR D 1718 -74.94 34.52 -32.74
N ILE D 1719 -74.67 35.74 -32.29
CA ILE D 1719 -75.39 36.31 -31.16
C ILE D 1719 -76.80 36.70 -31.58
N HIS D 1720 -77.74 36.59 -30.66
CA HIS D 1720 -79.16 36.65 -30.96
C HIS D 1720 -79.85 37.87 -30.38
N PHE D 1721 -79.11 38.73 -29.67
CA PHE D 1721 -79.65 39.85 -28.91
C PHE D 1721 -80.67 39.39 -27.86
N GLY D 1722 -80.15 38.77 -26.80
CA GLY D 1722 -80.94 38.49 -25.60
C GLY D 1722 -81.78 39.67 -25.16
N GLY D 1723 -81.12 40.79 -24.83
CA GLY D 1723 -81.71 42.13 -24.76
C GLY D 1723 -82.99 42.33 -23.99
N GLU D 1724 -82.95 42.24 -22.66
CA GLU D 1724 -84.18 42.28 -21.87
C GLU D 1724 -84.86 43.63 -21.95
N LYS D 1725 -86.19 43.63 -21.79
CA LYS D 1725 -87.05 44.77 -22.00
C LYS D 1725 -87.17 45.64 -20.78
N GLY D 1726 -86.15 45.68 -19.93
CA GLY D 1726 -86.17 46.50 -18.75
C GLY D 1726 -85.87 47.93 -19.09
N LYS D 1727 -84.87 48.49 -18.41
CA LYS D 1727 -84.50 49.89 -18.60
C LYS D 1727 -83.99 50.18 -20.01
N ARG D 1728 -83.44 49.19 -20.70
CA ARG D 1728 -82.76 49.40 -21.97
C ARG D 1728 -83.63 49.13 -23.16
N ILE D 1729 -84.95 49.07 -23.01
CA ILE D 1729 -85.80 48.74 -24.14
C ILE D 1729 -85.77 49.85 -25.17
N ARG D 1730 -85.76 51.10 -24.71
CA ARG D 1730 -85.79 52.22 -25.63
C ARG D 1730 -84.44 52.44 -26.28
N GLU D 1731 -83.38 51.89 -25.71
CA GLU D 1731 -82.06 52.11 -26.26
C GLU D 1731 -81.67 51.02 -27.24
N ASN D 1732 -82.21 49.82 -27.09
CA ASN D 1732 -81.77 48.71 -27.91
C ASN D 1732 -82.89 48.10 -28.74
N TYR D 1733 -84.00 47.69 -28.13
CA TYR D 1733 -85.07 47.10 -28.91
C TYR D 1733 -86.07 48.17 -29.35
N SER D 1734 -85.51 49.30 -29.78
CA SER D 1734 -86.20 50.53 -30.13
C SER D 1734 -85.13 51.38 -30.77
N ALA D 1735 -85.34 52.70 -30.74
CA ALA D 1735 -84.37 53.72 -31.12
C ALA D 1735 -82.94 53.45 -30.66
N MET D 1736 -81.99 53.89 -31.49
CA MET D 1736 -80.59 53.50 -31.70
C MET D 1736 -80.54 52.21 -32.53
N ILE D 1737 -81.68 51.62 -32.84
CA ILE D 1737 -81.87 50.81 -34.03
C ILE D 1737 -83.27 51.18 -34.49
N PHE D 1738 -83.70 50.60 -35.62
CA PHE D 1738 -85.05 50.78 -36.18
C PHE D 1738 -85.27 52.22 -36.62
N GLU D 1739 -84.19 52.88 -37.04
CA GLU D 1739 -84.25 54.15 -37.75
C GLU D 1739 -83.31 54.14 -38.95
N THR D 1740 -83.14 52.99 -39.56
CA THR D 1740 -82.21 52.84 -40.66
C THR D 1740 -82.96 52.99 -41.99
N ILE D 1741 -82.47 53.88 -42.86
CA ILE D 1741 -83.17 54.24 -44.09
C ILE D 1741 -82.26 53.98 -45.28
N VAL D 1742 -82.73 53.19 -46.24
CA VAL D 1742 -81.97 52.93 -47.47
C VAL D 1742 -82.60 53.72 -48.61
N ASP D 1743 -81.75 54.35 -49.40
CA ASP D 1743 -82.16 55.05 -50.61
C ASP D 1743 -81.91 54.19 -51.84
N GLY D 1744 -82.02 52.87 -51.70
CA GLY D 1744 -81.80 51.98 -52.82
C GLY D 1744 -82.94 51.98 -53.81
N LYS D 1745 -84.14 52.25 -53.33
CA LYS D 1745 -85.32 52.40 -54.17
C LYS D 1745 -85.96 53.73 -53.82
N LEU D 1746 -87.25 53.85 -54.13
CA LEU D 1746 -88.13 54.87 -53.59
C LEU D 1746 -87.82 55.14 -52.12
N LYS D 1747 -87.60 56.43 -51.82
CA LYS D 1747 -86.58 56.85 -50.85
C LYS D 1747 -86.84 56.33 -49.44
N THR D 1748 -88.01 56.63 -48.88
CA THR D 1748 -88.27 56.33 -47.48
C THR D 1748 -88.48 54.82 -47.34
N GLU D 1749 -87.36 54.11 -47.24
CA GLU D 1749 -87.33 52.65 -47.20
C GLU D 1749 -86.61 52.27 -45.91
N LYS D 1750 -87.38 51.99 -44.86
CA LYS D 1750 -86.82 51.70 -43.56
C LYS D 1750 -86.21 50.31 -43.55
N ILE D 1751 -84.94 50.22 -43.21
CA ILE D 1751 -84.20 48.99 -43.45
C ILE D 1751 -84.57 47.94 -42.42
N PHE D 1752 -84.79 46.71 -42.91
CA PHE D 1752 -84.76 45.48 -42.14
C PHE D 1752 -85.80 45.49 -41.05
N LYS D 1753 -87.05 45.32 -41.46
CA LYS D 1753 -88.20 45.44 -40.58
C LYS D 1753 -88.30 44.20 -39.69
N GLU D 1754 -89.52 43.97 -39.17
CA GLU D 1754 -89.84 43.10 -38.04
C GLU D 1754 -89.02 43.47 -36.79
N ILE D 1755 -88.68 44.75 -36.66
CA ILE D 1755 -88.17 45.24 -35.39
C ILE D 1755 -89.17 46.28 -34.88
N ASN D 1756 -90.45 46.05 -35.15
CA ASN D 1756 -91.47 46.91 -34.58
C ASN D 1756 -91.65 46.60 -33.10
N GLU D 1757 -92.23 47.57 -32.38
CA GLU D 1757 -91.94 47.93 -31.00
C GLU D 1757 -91.58 46.81 -30.02
N HIS D 1758 -92.20 45.64 -30.14
CA HIS D 1758 -91.83 44.56 -29.24
C HIS D 1758 -90.58 43.83 -29.70
N SER D 1759 -90.74 43.00 -30.75
CA SER D 1759 -89.71 42.30 -31.52
C SER D 1759 -88.53 41.79 -30.69
N THR D 1760 -88.84 40.91 -29.77
CA THR D 1760 -87.81 40.37 -28.91
C THR D 1760 -86.82 39.52 -29.70
N SER D 1761 -85.54 39.80 -29.49
CA SER D 1761 -84.39 39.08 -30.05
C SER D 1761 -84.38 39.09 -31.58
N TYR D 1762 -84.16 40.28 -32.11
CA TYR D 1762 -83.65 40.36 -33.48
C TYR D 1762 -82.27 39.74 -33.51
N THR D 1763 -82.08 38.80 -34.42
CA THR D 1763 -80.96 37.87 -34.32
C THR D 1763 -80.12 37.91 -35.58
N PHE D 1764 -78.83 38.17 -35.41
CA PHE D 1764 -77.88 38.01 -36.49
C PHE D 1764 -77.36 36.59 -36.54
N ARG D 1765 -77.06 36.13 -37.76
CA ARG D 1765 -76.35 34.87 -37.93
C ARG D 1765 -75.66 34.87 -39.28
N SER D 1766 -74.39 34.52 -39.31
CA SER D 1766 -73.73 34.26 -40.58
C SER D 1766 -73.72 32.76 -40.84
N GLU D 1767 -72.97 32.35 -41.85
CA GLU D 1767 -72.72 30.94 -42.09
C GLU D 1767 -71.25 30.64 -42.31
N LYS D 1768 -70.36 31.55 -41.93
CA LYS D 1768 -68.93 31.34 -42.11
C LYS D 1768 -68.15 31.84 -40.89
N GLY D 1769 -68.80 31.84 -39.73
CA GLY D 1769 -68.26 32.57 -38.60
C GLY D 1769 -68.78 33.98 -38.62
N LEU D 1770 -68.88 34.61 -37.44
CA LEU D 1770 -69.44 35.95 -37.37
C LEU D 1770 -68.53 36.99 -38.00
N LEU D 1771 -67.21 36.74 -38.02
CA LEU D 1771 -66.31 37.70 -38.63
C LEU D 1771 -66.45 37.71 -40.14
N SER D 1772 -67.51 38.36 -40.61
CA SER D 1772 -67.95 38.27 -41.98
C SER D 1772 -68.90 39.43 -42.24
N ALA D 1773 -69.59 39.37 -43.39
CA ALA D 1773 -70.76 40.19 -43.72
C ALA D 1773 -70.46 41.67 -43.89
N THR D 1774 -69.17 42.07 -43.81
CA THR D 1774 -68.70 43.46 -43.94
C THR D 1774 -69.42 44.40 -42.98
N GLN D 1775 -69.86 43.87 -41.86
CA GLN D 1775 -70.71 44.56 -40.93
C GLN D 1775 -70.12 44.62 -39.54
N PHE D 1776 -69.51 43.55 -39.11
CA PHE D 1776 -68.74 43.52 -37.89
C PHE D 1776 -67.26 43.64 -38.13
N THR D 1777 -66.78 43.15 -39.27
CA THR D 1777 -65.35 43.19 -39.58
C THR D 1777 -64.87 44.62 -39.73
N GLN D 1778 -65.65 45.45 -40.43
CA GLN D 1778 -65.24 46.82 -40.68
C GLN D 1778 -65.12 47.67 -39.42
N PRO D 1779 -66.01 47.61 -38.42
CA PRO D 1779 -65.66 48.27 -37.16
C PRO D 1779 -64.55 47.56 -36.43
N ALA D 1780 -64.44 46.25 -36.58
CA ALA D 1780 -63.36 45.55 -35.90
C ALA D 1780 -62.02 45.88 -36.55
N LEU D 1781 -62.01 46.01 -37.86
CA LEU D 1781 -60.74 46.24 -38.55
C LEU D 1781 -60.24 47.64 -38.27
N THR D 1782 -61.13 48.61 -38.16
CA THR D 1782 -60.66 49.95 -37.91
C THR D 1782 -60.27 50.16 -36.46
N LEU D 1783 -60.71 49.30 -35.55
CA LEU D 1783 -60.35 49.52 -34.17
C LEU D 1783 -59.04 48.83 -33.84
N MET D 1784 -58.76 47.73 -34.53
CA MET D 1784 -57.54 46.97 -34.30
C MET D 1784 -56.31 47.80 -34.62
N GLU D 1785 -56.23 48.28 -35.85
CA GLU D 1785 -55.04 49.00 -36.28
C GLU D 1785 -54.92 50.36 -35.59
N LYS D 1786 -56.05 50.95 -35.21
CA LYS D 1786 -56.03 52.26 -34.57
C LYS D 1786 -55.33 52.19 -33.23
N ALA D 1787 -55.73 51.22 -32.40
CA ALA D 1787 -55.02 50.99 -31.15
C ALA D 1787 -53.62 50.48 -31.40
N ALA D 1788 -53.41 49.79 -32.53
CA ALA D 1788 -52.08 49.35 -32.88
C ALA D 1788 -51.19 50.53 -33.25
N PHE D 1789 -51.78 51.63 -33.70
CA PHE D 1789 -50.97 52.79 -33.98
C PHE D 1789 -50.66 53.59 -32.72
N GLU D 1790 -51.57 53.58 -31.75
CA GLU D 1790 -51.41 54.51 -30.64
C GLU D 1790 -50.35 54.07 -29.65
N ASP D 1791 -50.00 52.79 -29.64
CA ASP D 1791 -48.83 52.37 -28.89
C ASP D 1791 -47.58 52.97 -29.47
N LEU D 1792 -47.56 53.13 -30.79
CA LEU D 1792 -46.44 53.83 -31.41
C LEU D 1792 -46.52 55.32 -31.09
N LYS D 1793 -47.72 55.83 -30.85
CA LYS D 1793 -47.85 57.19 -30.36
C LYS D 1793 -47.39 57.29 -28.93
N SER D 1794 -47.53 56.20 -28.17
CA SER D 1794 -47.15 56.23 -26.76
C SER D 1794 -45.65 56.32 -26.57
N LYS D 1795 -44.89 55.88 -27.55
CA LYS D 1795 -43.43 55.89 -27.43
C LYS D 1795 -42.78 56.92 -28.33
N GLY D 1796 -43.54 57.90 -28.82
CA GLY D 1796 -42.98 59.05 -29.52
C GLY D 1796 -42.32 58.73 -30.84
N LEU D 1797 -42.96 57.88 -31.63
CA LEU D 1797 -42.40 57.37 -32.87
C LEU D 1797 -43.00 58.05 -34.09
N ILE D 1798 -43.42 59.30 -33.95
CA ILE D 1798 -44.14 59.99 -35.02
C ILE D 1798 -43.59 61.39 -35.22
N PRO D 1799 -43.22 61.79 -36.45
CA PRO D 1799 -42.77 63.16 -36.69
C PRO D 1799 -43.88 64.19 -36.66
N ALA D 1800 -43.53 65.45 -36.93
CA ALA D 1800 -44.52 66.51 -36.92
C ALA D 1800 -45.43 66.46 -38.15
N ASP D 1801 -44.97 65.82 -39.22
CA ASP D 1801 -45.77 65.63 -40.42
C ASP D 1801 -45.31 64.39 -41.15
N ALA D 1802 -46.27 63.72 -41.79
CA ALA D 1802 -46.04 62.47 -42.50
C ALA D 1802 -47.11 62.33 -43.58
N THR D 1803 -47.35 61.10 -44.00
CA THR D 1803 -48.31 60.80 -45.05
C THR D 1803 -49.56 60.16 -44.47
N PHE D 1804 -50.64 60.21 -45.23
CA PHE D 1804 -51.92 59.60 -44.87
C PHE D 1804 -52.47 58.90 -46.10
N ALA D 1805 -52.92 57.66 -45.94
CA ALA D 1805 -53.52 56.94 -47.04
C ALA D 1805 -54.55 55.97 -46.52
N GLY D 1806 -55.32 55.40 -47.45
CA GLY D 1806 -56.26 54.35 -47.13
C GLY D 1806 -56.65 53.64 -48.41
N HIS D 1807 -57.28 52.48 -48.25
CA HIS D 1807 -57.73 51.74 -49.42
C HIS D 1807 -59.14 51.24 -49.13
N SER D 1808 -60.11 52.10 -49.41
CA SER D 1808 -61.57 51.90 -49.32
C SER D 1808 -62.08 51.67 -47.90
N LEU D 1809 -61.20 51.56 -46.93
CA LEU D 1809 -61.55 51.61 -45.53
C LEU D 1809 -60.63 52.50 -44.72
N GLY D 1810 -59.34 52.52 -45.05
CA GLY D 1810 -58.36 53.29 -44.29
C GLY D 1810 -58.50 54.78 -44.43
N GLU D 1811 -59.26 55.24 -45.43
CA GLU D 1811 -59.59 56.65 -45.54
C GLU D 1811 -60.49 57.07 -44.39
N TYR D 1812 -61.35 56.17 -43.94
CA TYR D 1812 -62.15 56.44 -42.74
C TYR D 1812 -61.26 56.44 -41.52
N ALA D 1813 -60.38 55.44 -41.39
CA ALA D 1813 -59.42 55.43 -40.30
C ALA D 1813 -58.17 56.21 -40.66
N ALA D 1814 -58.36 57.40 -41.20
CA ALA D 1814 -57.27 58.31 -41.49
C ALA D 1814 -57.31 59.51 -40.56
N LEU D 1815 -58.40 60.27 -40.60
CA LEU D 1815 -58.64 61.32 -39.63
C LEU D 1815 -59.38 60.78 -38.41
N ALA D 1816 -59.58 59.47 -38.37
CA ALA D 1816 -59.92 58.76 -37.14
C ALA D 1816 -58.66 58.23 -36.47
N SER D 1817 -57.65 57.92 -37.27
CA SER D 1817 -56.32 57.64 -36.77
C SER D 1817 -55.61 58.95 -36.49
N LEU D 1818 -54.28 58.89 -36.47
CA LEU D 1818 -53.38 60.03 -36.32
C LEU D 1818 -53.85 61.26 -37.06
N ALA D 1819 -53.74 62.40 -36.37
CA ALA D 1819 -54.59 63.57 -36.58
C ALA D 1819 -56.06 63.14 -36.53
N ASP D 1820 -56.51 62.83 -35.32
CA ASP D 1820 -57.91 62.52 -35.13
C ASP D 1820 -58.75 63.80 -35.03
N VAL D 1821 -59.92 63.76 -35.66
CA VAL D 1821 -60.89 64.85 -35.57
C VAL D 1821 -62.17 64.38 -34.92
N MET D 1822 -62.36 63.07 -34.81
CA MET D 1822 -63.58 62.54 -34.24
C MET D 1822 -63.28 61.83 -32.92
N SER D 1823 -64.33 61.48 -32.19
CA SER D 1823 -64.19 60.67 -31.00
C SER D 1823 -64.02 59.22 -31.40
N ILE D 1824 -63.75 58.38 -30.41
CA ILE D 1824 -63.69 56.94 -30.64
C ILE D 1824 -65.09 56.41 -30.94
N GLU D 1825 -66.07 56.82 -30.14
CA GLU D 1825 -67.41 56.28 -30.29
C GLU D 1825 -68.11 56.85 -31.51
N SER D 1826 -67.69 58.02 -31.97
CA SER D 1826 -68.23 58.54 -33.22
C SER D 1826 -67.74 57.73 -34.40
N LEU D 1827 -66.54 57.17 -34.28
CA LEU D 1827 -66.01 56.34 -35.35
C LEU D 1827 -66.81 55.06 -35.51
N VAL D 1828 -66.98 54.31 -34.42
CA VAL D 1828 -67.52 52.96 -34.53
C VAL D 1828 -68.99 52.93 -34.91
N GLU D 1829 -69.72 54.02 -34.66
CA GLU D 1829 -71.09 54.09 -35.13
C GLU D 1829 -71.11 54.23 -36.65
N VAL D 1830 -70.39 55.22 -37.18
CA VAL D 1830 -70.51 55.53 -38.59
C VAL D 1830 -69.83 54.50 -39.47
N VAL D 1831 -69.00 53.64 -38.90
CA VAL D 1831 -68.54 52.50 -39.67
C VAL D 1831 -69.64 51.45 -39.76
N PHE D 1832 -70.21 51.10 -38.61
CA PHE D 1832 -71.28 50.12 -38.55
C PHE D 1832 -72.53 50.61 -39.26
N TYR D 1833 -72.73 51.92 -39.26
CA TYR D 1833 -73.69 52.54 -40.17
C TYR D 1833 -73.34 52.20 -41.60
N ARG D 1834 -72.10 52.49 -42.00
CA ARG D 1834 -71.68 52.27 -43.37
C ARG D 1834 -71.56 50.79 -43.68
N GLY D 1835 -71.04 50.01 -42.72
CA GLY D 1835 -70.91 48.58 -42.93
C GLY D 1835 -72.24 47.86 -42.97
N MET D 1836 -73.30 48.51 -42.50
CA MET D 1836 -74.64 48.05 -42.82
C MET D 1836 -75.12 48.62 -44.14
N THR D 1837 -74.66 49.81 -44.51
CA THR D 1837 -75.22 50.50 -45.66
C THR D 1837 -74.82 49.83 -46.97
N MET D 1838 -73.59 49.34 -47.04
CA MET D 1838 -73.13 48.66 -48.23
C MET D 1838 -73.84 47.33 -48.47
N GLN D 1839 -74.38 46.71 -47.43
CA GLN D 1839 -75.11 45.47 -47.59
C GLN D 1839 -76.43 45.66 -48.31
N VAL D 1840 -77.08 46.80 -48.10
CA VAL D 1840 -78.35 47.08 -48.73
C VAL D 1840 -78.17 47.94 -49.96
N ALA D 1841 -77.02 47.85 -50.63
CA ALA D 1841 -76.83 48.55 -51.88
C ALA D 1841 -77.76 48.03 -52.97
N VAL D 1842 -78.18 46.78 -52.89
CA VAL D 1842 -79.10 46.23 -53.88
C VAL D 1842 -80.11 45.29 -53.24
N PRO D 1843 -81.41 45.47 -53.50
CA PRO D 1843 -82.40 44.46 -53.12
C PRO D 1843 -82.47 43.35 -54.15
N ARG D 1844 -81.98 42.18 -53.78
CA ARG D 1844 -81.89 41.10 -54.76
C ARG D 1844 -81.82 39.76 -54.05
N ASP D 1845 -82.55 38.78 -54.61
CA ASP D 1845 -82.46 37.37 -54.26
C ASP D 1845 -82.80 37.04 -52.82
N GLU D 1846 -84.09 36.96 -52.53
CA GLU D 1846 -84.65 36.59 -51.24
C GLU D 1846 -84.04 35.36 -50.54
N LEU D 1847 -83.40 34.45 -51.28
CA LEU D 1847 -82.67 33.34 -50.65
C LEU D 1847 -81.24 33.77 -50.35
N GLY D 1848 -80.50 34.11 -51.39
CA GLY D 1848 -79.39 35.05 -51.30
C GLY D 1848 -78.27 34.71 -52.24
N ARG D 1849 -78.01 35.63 -53.17
CA ARG D 1849 -77.23 35.50 -54.39
C ARG D 1849 -77.05 36.92 -54.93
N SER D 1850 -76.16 37.12 -55.89
CA SER D 1850 -75.83 38.48 -56.29
C SER D 1850 -75.70 38.55 -57.80
N ASN D 1851 -76.09 39.71 -58.34
CA ASN D 1851 -75.85 40.05 -59.73
C ASN D 1851 -74.64 40.96 -59.90
N TYR D 1852 -73.80 41.04 -58.88
CA TYR D 1852 -72.64 41.92 -58.87
C TYR D 1852 -71.40 41.06 -58.67
N GLY D 1853 -70.25 41.71 -58.54
CA GLY D 1853 -69.02 40.98 -58.31
C GLY D 1853 -67.81 41.84 -58.62
N MET D 1854 -66.64 41.29 -58.29
CA MET D 1854 -65.37 41.93 -58.58
C MET D 1854 -64.48 40.90 -59.27
N ILE D 1855 -63.67 41.37 -60.21
CA ILE D 1855 -62.70 40.53 -60.90
C ILE D 1855 -61.35 41.23 -60.85
N ALA D 1856 -60.29 40.44 -60.79
CA ALA D 1856 -58.92 40.91 -60.85
C ALA D 1856 -58.34 40.52 -62.20
N ILE D 1857 -57.14 41.04 -62.49
CA ILE D 1857 -56.53 40.84 -63.80
C ILE D 1857 -55.01 40.85 -63.67
N ASN D 1858 -54.36 40.23 -64.63
CA ASN D 1858 -52.97 40.21 -65.04
C ASN D 1858 -52.68 41.43 -65.92
N PRO D 1859 -51.41 41.74 -66.15
CA PRO D 1859 -51.07 42.38 -67.42
C PRO D 1859 -51.32 41.41 -68.55
N GLY D 1860 -51.81 41.94 -69.65
CA GLY D 1860 -52.51 41.17 -70.64
C GLY D 1860 -51.87 41.12 -72.01
N ARG D 1861 -50.57 40.76 -72.12
CA ARG D 1861 -49.80 40.86 -73.36
C ARG D 1861 -49.71 42.32 -73.77
N VAL D 1862 -48.63 42.99 -73.35
CA VAL D 1862 -48.50 44.25 -72.61
C VAL D 1862 -49.67 45.22 -72.68
N ALA D 1863 -49.95 45.84 -71.52
CA ALA D 1863 -51.25 46.23 -71.00
C ALA D 1863 -51.20 47.66 -70.48
N ALA D 1864 -52.07 47.98 -69.50
CA ALA D 1864 -52.14 49.29 -68.85
C ALA D 1864 -52.56 50.39 -69.82
N SER D 1865 -53.88 50.44 -70.08
CA SER D 1865 -54.62 51.16 -71.12
C SER D 1865 -54.58 50.41 -72.44
N PHE D 1866 -54.26 49.12 -72.36
CA PHE D 1866 -54.65 48.16 -73.39
C PHE D 1866 -56.16 48.19 -73.53
N SER D 1867 -56.86 47.73 -72.49
CA SER D 1867 -58.29 47.47 -72.52
C SER D 1867 -59.07 48.50 -71.71
N GLN D 1868 -58.43 49.61 -71.36
CA GLN D 1868 -59.11 50.65 -70.59
C GLN D 1868 -60.24 51.29 -71.40
N GLU D 1869 -60.03 51.49 -72.69
CA GLU D 1869 -61.13 51.91 -73.53
C GLU D 1869 -62.01 50.76 -73.97
N ALA D 1870 -61.45 49.53 -74.03
CA ALA D 1870 -62.19 48.41 -74.59
C ALA D 1870 -63.31 47.96 -73.67
N LEU D 1871 -63.12 48.09 -72.36
CA LEU D 1871 -64.20 47.84 -71.43
C LEU D 1871 -65.29 48.88 -71.57
N GLN D 1872 -64.91 50.10 -71.95
CA GLN D 1872 -65.89 51.12 -72.25
C GLN D 1872 -66.58 50.88 -73.58
N TYR D 1873 -66.05 49.98 -74.40
CA TYR D 1873 -66.81 49.53 -75.55
C TYR D 1873 -67.83 48.47 -75.15
N VAL D 1874 -67.58 47.77 -74.05
CA VAL D 1874 -68.55 46.81 -73.58
C VAL D 1874 -69.76 47.53 -72.98
N VAL D 1875 -69.54 48.70 -72.38
CA VAL D 1875 -70.64 49.39 -71.71
C VAL D 1875 -71.44 50.26 -72.65
N GLU D 1876 -71.16 50.20 -73.95
CA GLU D 1876 -72.13 50.60 -74.95
C GLU D 1876 -73.49 49.96 -74.68
N ARG D 1877 -73.49 48.69 -74.32
CA ARG D 1877 -74.71 47.90 -74.34
C ARG D 1877 -75.38 47.69 -73.00
N VAL D 1878 -74.65 47.33 -71.94
CA VAL D 1878 -75.25 46.86 -70.70
C VAL D 1878 -74.85 47.72 -69.49
N GLY D 1879 -73.55 47.88 -69.24
CA GLY D 1879 -73.12 48.71 -68.14
C GLY D 1879 -72.33 48.03 -67.04
N LYS D 1880 -71.07 48.44 -66.85
CA LYS D 1880 -70.22 48.05 -65.74
C LYS D 1880 -69.13 49.11 -65.59
N ARG D 1881 -68.30 48.97 -64.57
CA ARG D 1881 -67.24 49.93 -64.32
C ARG D 1881 -65.93 49.20 -64.05
N THR D 1882 -64.88 49.97 -63.79
CA THR D 1882 -63.70 49.42 -63.16
C THR D 1882 -63.74 49.69 -61.67
N GLY D 1883 -63.13 48.81 -60.91
CA GLY D 1883 -62.98 49.01 -59.48
C GLY D 1883 -61.85 49.97 -59.20
N TRP D 1884 -60.99 49.65 -58.24
CA TRP D 1884 -59.91 50.55 -57.91
C TRP D 1884 -58.67 50.20 -58.71
N LEU D 1885 -58.15 51.20 -59.43
CA LEU D 1885 -56.97 51.07 -60.28
C LEU D 1885 -55.77 50.97 -59.34
N VAL D 1886 -55.50 49.75 -58.90
CA VAL D 1886 -54.60 49.57 -57.77
C VAL D 1886 -53.14 49.53 -58.22
N GLU D 1887 -52.84 48.89 -59.34
CA GLU D 1887 -51.48 48.83 -59.83
C GLU D 1887 -51.50 48.77 -61.35
N ILE D 1888 -50.35 48.48 -61.95
CA ILE D 1888 -50.33 48.10 -63.36
C ILE D 1888 -50.45 46.59 -63.47
N VAL D 1889 -49.84 45.86 -62.55
CA VAL D 1889 -49.98 44.41 -62.49
C VAL D 1889 -51.20 44.01 -61.68
N ASN D 1890 -52.06 44.95 -61.34
CA ASN D 1890 -53.23 44.66 -60.52
C ASN D 1890 -54.32 45.66 -60.86
N TYR D 1891 -55.52 45.17 -61.10
CA TYR D 1891 -56.66 46.04 -61.38
C TYR D 1891 -57.94 45.39 -60.86
N ASN D 1892 -58.95 46.22 -60.68
CA ASN D 1892 -60.28 45.77 -60.29
C ASN D 1892 -61.30 46.28 -61.29
N VAL D 1893 -62.29 45.46 -61.58
CA VAL D 1893 -63.34 45.83 -62.51
C VAL D 1893 -64.68 45.56 -61.86
N GLU D 1894 -65.52 46.60 -61.80
CA GLU D 1894 -66.86 46.42 -61.27
C GLU D 1894 -67.69 45.62 -62.25
N ASN D 1895 -68.32 44.58 -61.74
CA ASN D 1895 -68.90 43.54 -62.58
C ASN D 1895 -70.40 43.54 -62.44
N GLN D 1896 -71.09 43.45 -63.56
CA GLN D 1896 -72.52 43.15 -63.56
C GLN D 1896 -72.64 41.74 -64.10
N GLN D 1897 -73.10 40.81 -63.26
CA GLN D 1897 -72.74 39.37 -63.18
C GLN D 1897 -72.40 38.67 -64.50
N TYR D 1898 -73.11 39.02 -65.58
CA TYR D 1898 -72.79 38.48 -66.90
C TYR D 1898 -71.39 38.85 -67.41
N VAL D 1899 -70.75 39.89 -66.87
CA VAL D 1899 -69.41 40.26 -67.32
C VAL D 1899 -68.39 39.20 -66.92
N ALA D 1900 -68.58 38.60 -65.73
CA ALA D 1900 -67.68 37.56 -65.25
C ALA D 1900 -67.83 36.27 -66.05
N ALA D 1901 -68.97 36.09 -66.71
CA ALA D 1901 -69.19 34.91 -67.51
C ALA D 1901 -69.13 35.21 -69.00
N GLY D 1902 -69.82 36.25 -69.47
CA GLY D 1902 -69.91 36.50 -70.89
C GLY D 1902 -68.67 37.15 -71.45
N ASP D 1903 -68.16 38.16 -70.75
CA ASP D 1903 -66.97 38.84 -71.26
C ASP D 1903 -65.67 38.14 -70.90
N LEU D 1904 -65.72 36.98 -70.24
CA LEU D 1904 -64.48 36.27 -69.93
C LEU D 1904 -63.84 35.71 -71.20
N ARG D 1905 -64.65 35.17 -72.10
CA ARG D 1905 -64.13 34.76 -73.40
C ARG D 1905 -63.76 35.98 -74.25
N ALA D 1906 -64.42 37.11 -74.01
CA ALA D 1906 -64.05 38.34 -74.72
C ALA D 1906 -62.65 38.80 -74.33
N LEU D 1907 -62.26 38.56 -73.08
CA LEU D 1907 -60.90 38.86 -72.67
C LEU D 1907 -59.97 37.67 -72.85
N ASP D 1908 -60.51 36.47 -73.00
CA ASP D 1908 -59.70 35.31 -73.36
C ASP D 1908 -59.52 35.17 -74.86
N THR D 1909 -60.20 35.98 -75.67
CA THR D 1909 -59.93 36.02 -77.09
C THR D 1909 -58.59 36.67 -77.39
N VAL D 1910 -58.17 37.59 -76.53
CA VAL D 1910 -57.03 38.43 -76.83
C VAL D 1910 -55.70 37.77 -76.48
N THR D 1911 -55.70 36.78 -75.58
CA THR D 1911 -54.49 36.04 -75.29
C THR D 1911 -54.06 35.17 -76.47
N ASN D 1912 -54.97 34.88 -77.39
CA ASN D 1912 -54.57 34.47 -78.73
C ASN D 1912 -53.85 35.65 -79.35
N VAL D 1913 -52.60 35.41 -79.75
CA VAL D 1913 -51.51 36.39 -79.78
C VAL D 1913 -51.84 37.64 -80.58
N LEU D 1914 -52.00 38.77 -79.88
CA LEU D 1914 -52.41 40.02 -80.53
C LEU D 1914 -51.98 41.20 -79.67
N ASN D 1915 -50.87 41.84 -80.05
CA ASN D 1915 -50.41 43.09 -79.43
C ASN D 1915 -50.88 44.29 -80.24
N PHE D 1916 -50.29 45.46 -79.99
CA PHE D 1916 -50.71 46.69 -80.65
C PHE D 1916 -50.38 46.67 -82.15
N ILE D 1917 -51.39 47.03 -82.95
CA ILE D 1917 -51.26 47.07 -84.41
C ILE D 1917 -51.68 48.48 -84.80
N LYS D 1918 -51.90 48.73 -86.10
CA LYS D 1918 -52.24 50.07 -86.57
C LYS D 1918 -53.69 50.46 -86.32
N LEU D 1919 -54.15 51.51 -87.02
CA LEU D 1919 -55.31 52.33 -86.70
C LEU D 1919 -56.62 51.58 -86.45
N GLN D 1920 -57.49 52.23 -85.68
CA GLN D 1920 -58.68 51.66 -85.07
C GLN D 1920 -59.94 51.97 -85.88
N LYS D 1921 -61.10 51.77 -85.23
CA LYS D 1921 -62.47 52.01 -85.68
C LYS D 1921 -62.95 50.98 -86.67
N ILE D 1922 -62.23 49.87 -86.81
CA ILE D 1922 -62.67 48.69 -87.56
C ILE D 1922 -62.35 47.51 -86.65
N ASP D 1923 -63.29 47.16 -85.79
CA ASP D 1923 -62.89 46.94 -84.41
C ASP D 1923 -63.83 45.97 -83.69
N ILE D 1924 -63.97 46.22 -82.40
CA ILE D 1924 -64.61 45.56 -81.28
C ILE D 1924 -66.14 45.44 -81.42
N ILE D 1925 -66.87 45.25 -80.31
CA ILE D 1925 -67.81 44.24 -79.85
C ILE D 1925 -68.68 43.46 -80.84
N GLU D 1926 -68.61 43.73 -82.14
CA GLU D 1926 -69.18 42.77 -83.08
C GLU D 1926 -68.56 41.37 -82.95
N LEU D 1927 -67.35 41.25 -82.39
CA LEU D 1927 -66.81 39.97 -81.99
C LEU D 1927 -67.20 39.57 -80.57
N GLN D 1928 -67.47 40.55 -79.71
CA GLN D 1928 -67.61 40.28 -78.28
C GLN D 1928 -69.01 39.80 -77.92
N LYS D 1929 -70.03 40.53 -78.37
CA LYS D 1929 -71.43 40.22 -78.09
C LYS D 1929 -71.92 38.95 -78.80
N SER D 1930 -71.08 38.33 -79.61
CA SER D 1930 -71.25 36.94 -79.98
C SER D 1930 -71.09 36.00 -78.79
N LEU D 1931 -70.47 36.46 -77.70
CA LEU D 1931 -70.20 35.61 -76.56
C LEU D 1931 -70.90 36.02 -75.28
N SER D 1932 -71.33 37.29 -75.19
CA SER D 1932 -71.95 37.76 -73.95
C SER D 1932 -73.34 37.17 -73.77
N LEU D 1933 -74.13 37.15 -74.85
CA LEU D 1933 -75.48 36.61 -74.86
C LEU D 1933 -75.50 35.10 -75.02
N GLU D 1934 -74.33 34.45 -74.92
CA GLU D 1934 -74.16 33.05 -75.25
C GLU D 1934 -74.33 32.15 -74.03
N GLU D 1935 -74.06 32.66 -72.85
CA GLU D 1935 -74.20 31.89 -71.62
C GLU D 1935 -75.24 32.46 -70.68
N VAL D 1936 -76.01 33.46 -71.11
CA VAL D 1936 -77.18 33.87 -70.33
C VAL D 1936 -78.20 32.73 -70.31
N GLU D 1937 -78.31 31.98 -71.41
CA GLU D 1937 -79.03 30.72 -71.42
C GLU D 1937 -78.29 29.62 -70.69
N GLY D 1938 -77.01 29.81 -70.40
CA GLY D 1938 -76.28 28.84 -69.61
C GLY D 1938 -76.81 28.70 -68.21
N HIS D 1939 -76.98 29.83 -67.51
CA HIS D 1939 -77.40 29.78 -66.12
C HIS D 1939 -78.00 31.11 -65.68
N LEU D 1940 -78.51 31.13 -64.44
CA LEU D 1940 -79.12 32.31 -63.83
C LEU D 1940 -78.19 33.06 -62.88
N PHE D 1941 -77.34 32.37 -62.13
CA PHE D 1941 -76.44 33.02 -61.21
C PHE D 1941 -75.07 32.40 -61.35
N GLU D 1942 -74.57 32.44 -62.58
CA GLU D 1942 -73.43 31.64 -63.06
C GLU D 1942 -72.16 31.67 -62.22
N ILE D 1943 -71.62 30.49 -61.94
CA ILE D 1943 -70.34 30.37 -61.27
C ILE D 1943 -69.26 30.79 -62.26
N ILE D 1944 -68.22 31.45 -61.76
CA ILE D 1944 -67.23 32.07 -62.62
C ILE D 1944 -66.21 31.10 -63.19
N ASP D 1945 -65.06 31.64 -63.58
CA ASP D 1945 -63.97 30.85 -64.15
C ASP D 1945 -62.65 31.62 -64.04
N GLU D 1946 -61.55 30.96 -64.38
CA GLU D 1946 -60.24 31.60 -64.40
C GLU D 1946 -59.91 32.08 -65.82
N ALA D 1947 -58.72 31.73 -66.33
CA ALA D 1947 -58.22 32.09 -67.67
C ALA D 1947 -58.25 33.59 -67.96
N SER D 1948 -57.13 34.26 -67.68
CA SER D 1948 -56.94 35.71 -67.79
C SER D 1948 -57.96 36.53 -67.02
N LYS D 1949 -58.55 35.97 -65.97
CA LYS D 1949 -59.55 36.64 -65.15
C LYS D 1949 -59.73 35.94 -63.80
N LYS D 1950 -59.03 36.45 -62.78
CA LYS D 1950 -59.13 35.86 -61.45
C LYS D 1950 -60.25 36.54 -60.67
N SER D 1951 -61.17 35.72 -60.18
CA SER D 1951 -62.39 36.24 -59.57
C SER D 1951 -62.21 36.62 -58.11
N ALA D 1952 -63.07 37.53 -57.65
CA ALA D 1952 -63.18 37.84 -56.24
C ALA D 1952 -64.47 37.24 -55.73
N VAL D 1953 -64.92 37.66 -54.55
CA VAL D 1953 -66.10 37.03 -53.96
C VAL D 1953 -67.01 38.01 -53.21
N LYS D 1954 -67.11 39.24 -53.68
CA LYS D 1954 -68.00 40.22 -53.05
C LYS D 1954 -69.43 40.07 -53.56
N PRO D 1955 -70.23 41.12 -53.41
CA PRO D 1955 -71.62 41.10 -53.84
C PRO D 1955 -72.20 42.50 -54.03
N ARG D 1956 -71.37 43.44 -54.48
CA ARG D 1956 -71.80 44.82 -54.60
C ARG D 1956 -70.95 45.59 -55.60
N PRO D 1957 -70.77 46.87 -55.33
CA PRO D 1957 -69.90 47.69 -56.14
C PRO D 1957 -69.02 48.51 -55.21
N LEU D 1958 -68.46 49.59 -55.75
CA LEU D 1958 -67.69 50.54 -54.98
C LEU D 1958 -67.77 51.86 -55.70
N LYS D 1959 -68.67 51.90 -56.69
CA LYS D 1959 -68.88 53.09 -57.50
C LYS D 1959 -70.28 53.19 -58.09
N LEU D 1960 -70.89 52.06 -58.44
CA LEU D 1960 -72.21 52.03 -59.11
C LEU D 1960 -73.41 52.39 -58.23
N GLU D 1961 -73.13 52.77 -56.98
CA GLU D 1961 -74.11 53.24 -56.03
C GLU D 1961 -74.82 54.48 -56.55
N ARG D 1962 -74.00 55.41 -57.04
CA ARG D 1962 -74.43 56.66 -57.67
C ARG D 1962 -75.36 57.46 -56.76
N GLY D 1963 -76.64 57.14 -56.86
CA GLY D 1963 -77.64 57.74 -56.01
C GLY D 1963 -77.76 56.99 -54.69
N PHE D 1964 -76.66 56.92 -53.95
CA PHE D 1964 -76.67 56.33 -52.63
C PHE D 1964 -75.96 57.26 -51.67
N ALA D 1965 -76.15 58.55 -51.91
CA ALA D 1965 -75.70 59.57 -50.98
C ALA D 1965 -76.92 60.37 -50.64
N CYS D 1966 -76.88 61.68 -50.92
CA CYS D 1966 -77.97 62.64 -50.68
C CYS D 1966 -78.46 62.62 -49.22
N ILE D 1967 -79.26 61.61 -48.89
CA ILE D 1967 -79.74 61.45 -47.53
C ILE D 1967 -79.18 60.19 -46.88
N PRO D 1968 -78.14 59.62 -47.49
CA PRO D 1968 -77.54 58.44 -46.91
C PRO D 1968 -76.56 58.86 -45.83
N LEU D 1969 -75.30 58.46 -45.99
CA LEU D 1969 -74.24 58.85 -45.07
C LEU D 1969 -73.97 60.33 -45.22
N VAL D 1970 -74.31 60.84 -46.39
CA VAL D 1970 -74.35 62.26 -46.69
C VAL D 1970 -75.20 63.04 -45.70
N GLY D 1971 -76.27 62.42 -45.20
CA GLY D 1971 -77.06 63.04 -44.16
C GLY D 1971 -76.45 62.79 -42.80
N ILE D 1972 -75.95 61.58 -42.60
CA ILE D 1972 -75.59 61.12 -41.26
C ILE D 1972 -74.32 61.73 -40.73
N SER D 1973 -73.49 62.28 -41.61
CA SER D 1973 -72.20 62.79 -41.20
C SER D 1973 -72.33 64.17 -40.56
N VAL D 1974 -73.44 64.86 -40.81
CA VAL D 1974 -73.68 66.15 -40.21
C VAL D 1974 -73.93 65.96 -38.72
N PRO D 1975 -74.57 64.84 -38.39
CA PRO D 1975 -74.60 64.40 -37.03
C PRO D 1975 -73.23 63.83 -36.72
N PHE D 1976 -72.73 64.13 -35.54
CA PHE D 1976 -71.52 63.53 -34.97
C PHE D 1976 -70.22 63.70 -35.77
N HIS D 1977 -70.08 64.79 -36.52
CA HIS D 1977 -68.79 65.15 -37.15
C HIS D 1977 -68.76 66.61 -37.59
N SER D 1978 -69.63 67.44 -37.02
CA SER D 1978 -69.77 68.82 -37.49
C SER D 1978 -69.28 69.82 -36.49
N THR D 1979 -68.54 70.82 -37.00
CA THR D 1979 -67.87 71.90 -36.24
C THR D 1979 -66.81 71.42 -35.24
N TYR D 1980 -65.86 72.31 -34.97
CA TYR D 1980 -64.64 72.04 -34.21
C TYR D 1980 -63.90 70.83 -34.79
N LEU D 1981 -63.58 70.92 -36.07
CA LEU D 1981 -62.95 69.83 -36.81
C LEU D 1981 -61.48 70.12 -37.07
N MET D 1982 -60.78 70.52 -35.99
CA MET D 1982 -59.34 70.79 -35.97
C MET D 1982 -58.86 71.86 -36.95
N ASN D 1983 -57.55 72.06 -36.96
CA ASN D 1983 -56.95 73.06 -37.81
C ASN D 1983 -56.66 72.48 -39.18
N GLY D 1984 -55.77 73.13 -39.90
CA GLY D 1984 -55.30 72.63 -41.18
C GLY D 1984 -54.05 71.80 -40.97
N VAL D 1985 -53.96 71.15 -39.82
CA VAL D 1985 -52.89 70.22 -39.49
C VAL D 1985 -52.97 69.05 -40.45
N LYS D 1986 -54.18 68.70 -40.86
CA LYS D 1986 -54.38 67.74 -41.93
C LYS D 1986 -54.35 68.46 -43.26
N PRO D 1987 -53.18 68.96 -43.64
CA PRO D 1987 -53.00 69.55 -44.96
C PRO D 1987 -52.36 68.51 -45.86
N PHE D 1988 -52.23 67.29 -45.33
CA PHE D 1988 -51.56 66.21 -46.04
C PHE D 1988 -52.40 64.94 -46.11
N LYS D 1989 -53.69 65.04 -45.81
CA LYS D 1989 -54.57 63.88 -45.91
C LYS D 1989 -55.02 63.66 -47.35
N SER D 1990 -54.07 63.24 -48.19
CA SER D 1990 -54.33 63.01 -49.60
C SER D 1990 -55.26 61.84 -49.77
N PHE D 1991 -56.56 62.12 -49.68
CA PHE D 1991 -57.58 61.08 -49.68
C PHE D 1991 -57.75 60.44 -51.05
N LEU D 1992 -58.52 59.37 -51.10
CA LEU D 1992 -58.77 58.63 -52.33
C LEU D 1992 -59.52 59.47 -53.34
N LYS D 1993 -59.24 59.23 -54.61
CA LYS D 1993 -59.78 59.98 -55.76
C LYS D 1993 -59.54 61.48 -55.64
N LYS D 1994 -58.31 61.85 -55.29
CA LYS D 1994 -57.96 63.26 -55.14
C LYS D 1994 -56.47 63.45 -55.29
N ASN D 1995 -55.98 64.59 -54.83
CA ASN D 1995 -54.55 64.90 -54.85
C ASN D 1995 -54.24 65.90 -53.75
N ILE D 1996 -53.42 65.46 -52.80
CA ILE D 1996 -53.02 66.24 -51.61
C ILE D 1996 -54.22 66.77 -50.82
N ILE D 1997 -54.02 67.88 -50.10
CA ILE D 1997 -55.09 68.50 -49.32
C ILE D 1997 -54.83 69.98 -49.15
N LYS D 1998 -55.37 70.80 -50.05
CA LYS D 1998 -55.16 72.23 -50.03
C LYS D 1998 -56.49 72.98 -50.07
N GLU D 1999 -56.71 73.83 -49.07
CA GLU D 1999 -57.99 74.52 -48.92
C GLU D 1999 -58.11 75.76 -49.81
N ASN D 2000 -58.05 75.58 -51.12
CA ASN D 2000 -58.09 76.73 -52.03
C ASN D 2000 -59.12 76.54 -53.15
N VAL D 2001 -58.70 76.76 -54.39
CA VAL D 2001 -59.55 76.56 -55.54
C VAL D 2001 -59.39 75.13 -56.04
N LYS D 2002 -59.81 74.19 -55.22
CA LYS D 2002 -59.81 72.78 -55.61
C LYS D 2002 -61.00 72.55 -56.50
N VAL D 2003 -60.84 72.86 -57.78
CA VAL D 2003 -61.95 72.76 -58.73
C VAL D 2003 -62.13 71.34 -59.21
N ALA D 2004 -61.17 70.48 -58.91
CA ALA D 2004 -61.23 69.08 -59.34
C ALA D 2004 -62.24 68.31 -58.51
N ARG D 2005 -62.63 68.87 -57.37
CA ARG D 2005 -63.69 68.30 -56.57
C ARG D 2005 -65.04 68.45 -57.25
N LEU D 2006 -65.16 69.46 -58.12
CA LEU D 2006 -66.40 69.70 -58.84
C LEU D 2006 -66.63 68.64 -59.91
N ALA D 2007 -65.54 68.03 -60.38
CA ALA D 2007 -65.65 66.95 -61.34
C ALA D 2007 -65.76 65.60 -60.62
N GLY D 2008 -66.82 65.45 -59.84
CA GLY D 2008 -66.99 64.25 -59.03
C GLY D 2008 -68.45 63.96 -58.78
N LYS D 2009 -69.05 64.73 -57.89
CA LYS D 2009 -70.46 64.59 -57.57
C LYS D 2009 -70.99 65.94 -57.11
N TYR D 2010 -71.45 66.74 -58.06
CA TYR D 2010 -71.82 68.14 -57.80
C TYR D 2010 -73.07 68.28 -56.95
N ILE D 2011 -72.98 69.12 -55.92
CA ILE D 2011 -74.10 69.36 -55.04
C ILE D 2011 -73.91 70.71 -54.38
N PRO D 2012 -73.12 70.70 -53.32
CA PRO D 2012 -72.74 71.92 -52.64
C PRO D 2012 -71.46 72.44 -53.28
N ASN D 2013 -70.88 71.61 -54.14
CA ASN D 2013 -69.62 71.92 -54.81
C ASN D 2013 -69.80 72.73 -56.08
N LEU D 2014 -70.88 73.48 -56.14
CA LEU D 2014 -71.09 74.53 -57.13
C LEU D 2014 -72.01 75.51 -56.43
N THR D 2015 -72.29 75.18 -55.17
CA THR D 2015 -73.12 76.03 -54.32
C THR D 2015 -72.22 76.73 -53.32
N ALA D 2016 -71.05 76.14 -53.08
CA ALA D 2016 -70.08 76.76 -52.21
C ALA D 2016 -68.84 77.06 -53.02
N LYS D 2017 -68.99 77.05 -54.34
CA LYS D 2017 -67.86 77.27 -55.22
C LYS D 2017 -67.92 78.65 -55.82
N PRO D 2018 -68.54 78.74 -56.99
CA PRO D 2018 -68.61 79.98 -57.74
C PRO D 2018 -69.60 80.94 -57.11
N PHE D 2019 -70.53 80.42 -56.32
CA PHE D 2019 -71.42 81.28 -55.57
C PHE D 2019 -70.59 81.92 -54.48
N GLN D 2020 -69.65 81.14 -53.96
CA GLN D 2020 -68.73 81.64 -52.96
C GLN D 2020 -67.55 82.33 -53.62
N VAL D 2021 -66.34 81.80 -53.37
CA VAL D 2021 -65.06 82.36 -53.77
C VAL D 2021 -64.89 83.81 -53.30
N THR D 2022 -64.15 83.94 -52.19
CA THR D 2022 -63.92 85.21 -51.48
C THR D 2022 -65.21 85.91 -51.12
N LYS D 2023 -66.05 85.21 -50.38
CA LYS D 2023 -67.29 85.78 -49.87
C LYS D 2023 -67.07 86.30 -48.46
N GLU D 2024 -65.81 86.38 -48.05
CA GLU D 2024 -65.44 86.93 -46.75
C GLU D 2024 -64.03 87.52 -46.81
N TYR D 2025 -63.25 87.29 -45.77
CA TYR D 2025 -61.92 87.87 -45.70
C TYR D 2025 -60.85 86.80 -45.52
N PHE D 2026 -61.24 85.53 -45.67
CA PHE D 2026 -60.35 84.36 -45.60
C PHE D 2026 -59.51 84.27 -44.33
N GLN D 2027 -60.09 84.63 -43.19
CA GLN D 2027 -59.40 84.55 -41.91
C GLN D 2027 -59.46 83.13 -41.37
N ASP D 2028 -58.98 82.95 -40.15
CA ASP D 2028 -59.09 81.65 -39.50
C ASP D 2028 -60.48 81.51 -38.90
N VAL D 2029 -60.55 81.43 -37.58
CA VAL D 2029 -61.79 81.43 -36.80
C VAL D 2029 -62.80 80.37 -37.21
N TYR D 2030 -63.50 80.66 -38.31
CA TYR D 2030 -64.52 79.76 -38.83
C TYR D 2030 -64.39 79.61 -40.33
N ASP D 2031 -63.83 80.63 -40.97
CA ASP D 2031 -63.67 80.65 -42.41
C ASP D 2031 -62.70 79.57 -42.84
N LEU D 2032 -61.69 79.37 -42.01
CA LEU D 2032 -60.75 78.28 -42.22
C LEU D 2032 -61.18 77.05 -41.43
N THR D 2033 -62.43 77.03 -40.99
CA THR D 2033 -62.97 75.85 -40.33
C THR D 2033 -64.14 75.30 -41.13
N GLY D 2034 -65.01 76.20 -41.59
CA GLY D 2034 -66.21 75.77 -42.30
C GLY D 2034 -65.89 75.32 -43.71
N SER D 2035 -64.87 75.92 -44.30
CA SER D 2035 -64.46 75.62 -45.68
C SER D 2035 -64.00 74.18 -45.78
N GLU D 2036 -63.28 73.76 -44.76
CA GLU D 2036 -62.82 72.39 -44.70
C GLU D 2036 -63.95 71.50 -44.24
N PRO D 2037 -64.87 72.03 -43.45
CA PRO D 2037 -65.95 71.24 -42.88
C PRO D 2037 -66.88 70.71 -43.96
N ILE D 2038 -67.06 71.49 -45.03
CA ILE D 2038 -67.91 71.08 -46.13
C ILE D 2038 -67.18 70.09 -47.03
N LYS D 2039 -65.96 70.44 -47.40
CA LYS D 2039 -65.21 69.65 -48.38
C LYS D 2039 -64.76 68.32 -47.81
N GLU D 2040 -64.51 68.25 -46.51
CA GLU D 2040 -64.11 66.99 -45.91
C GLU D 2040 -65.33 66.14 -45.72
N ILE D 2041 -66.47 66.79 -45.56
CA ILE D 2041 -67.73 66.09 -45.60
C ILE D 2041 -67.91 65.62 -47.03
N ILE D 2042 -67.57 66.50 -47.97
CA ILE D 2042 -67.68 66.17 -49.37
C ILE D 2042 -66.60 65.18 -49.80
N ASP D 2043 -65.50 65.12 -49.07
CA ASP D 2043 -64.49 64.11 -49.36
C ASP D 2043 -64.97 62.79 -48.79
N ASN D 2044 -65.80 62.89 -47.76
CA ASN D 2044 -66.38 61.70 -47.18
C ASN D 2044 -67.64 61.31 -47.93
N TRP D 2045 -68.03 62.09 -48.93
CA TRP D 2045 -69.29 61.87 -49.64
C TRP D 2045 -69.26 60.63 -50.52
N GLU D 2046 -68.95 60.84 -51.79
CA GLU D 2046 -68.97 59.73 -52.72
C GLU D 2046 -67.67 58.95 -52.73
N LYS D 2047 -67.11 58.71 -51.56
CA LYS D 2047 -65.97 57.81 -51.40
C LYS D 2047 -66.51 56.41 -51.39
N TYR D 2048 -67.77 56.30 -51.00
CA TYR D 2048 -68.55 55.09 -51.14
C TYR D 2048 -68.63 54.73 -52.61
N GLU D 2049 -68.88 55.75 -53.42
CA GLU D 2049 -68.89 55.60 -54.86
C GLU D 2049 -67.52 55.87 -55.43
N GLN D 2050 -67.46 56.09 -56.74
CA GLN D 2050 -66.28 56.55 -57.47
C GLN D 2050 -65.01 55.74 -57.26
N SER D 2051 -64.95 54.57 -57.88
CA SER D 2051 -63.85 53.64 -57.66
C SER D 2051 -62.62 54.03 -58.47
N UNK E 11 -57.43 57.29 -56.62
CA UNK E 11 -57.12 56.49 -57.79
C UNK E 11 -56.01 55.48 -57.48
N UNK E 12 -55.75 55.31 -56.18
CA UNK E 12 -54.88 54.25 -55.64
C UNK E 12 -53.45 54.24 -56.17
N UNK E 13 -53.28 53.77 -57.41
CA UNK E 13 -51.97 53.70 -58.04
C UNK E 13 -51.51 55.10 -58.38
N UNK E 14 -52.47 55.93 -58.76
CA UNK E 14 -52.18 57.33 -59.01
C UNK E 14 -52.11 58.07 -57.68
N UNK E 15 -52.58 57.43 -56.61
CA UNK E 15 -52.37 57.93 -55.27
C UNK E 15 -51.04 57.39 -54.73
N UNK E 16 -50.63 56.23 -55.24
CA UNK E 16 -49.38 55.61 -54.84
C UNK E 16 -48.20 56.44 -55.33
N UNK E 17 -48.30 56.89 -56.57
CA UNK E 17 -47.26 57.67 -57.21
C UNK E 17 -47.14 59.05 -56.60
N UNK E 18 -48.23 59.50 -55.98
CA UNK E 18 -48.25 60.76 -55.29
C UNK E 18 -47.31 60.71 -54.10
N UNK E 19 -47.16 59.54 -53.52
CA UNK E 19 -46.19 59.36 -52.46
C UNK E 19 -44.79 59.30 -53.05
N UNK E 20 -44.70 58.83 -54.30
CA UNK E 20 -43.41 58.59 -54.93
C UNK E 20 -42.74 59.87 -55.42
N UNK E 21 -43.53 60.92 -55.60
CA UNK E 21 -42.97 62.20 -55.99
C UNK E 21 -42.70 63.05 -54.76
N UNK E 22 -43.17 62.53 -53.63
CA UNK E 22 -43.09 63.22 -52.35
C UNK E 22 -41.76 62.98 -51.66
N UNK E 23 -40.82 62.39 -52.41
CA UNK E 23 -39.49 61.99 -51.95
C UNK E 23 -39.58 61.08 -50.74
N UNK E 24 -40.45 60.09 -50.84
CA UNK E 24 -40.69 59.16 -49.74
C UNK E 24 -39.51 58.23 -49.52
N UNK E 25 -39.48 57.61 -48.34
CA UNK E 25 -38.42 56.68 -47.99
C UNK E 25 -39.00 55.49 -47.23
N UNK E 26 -39.23 55.71 -45.94
CA UNK E 26 -39.75 54.65 -45.07
C UNK E 26 -41.28 54.56 -45.13
N UNK E 27 -41.79 53.50 -45.75
CA UNK E 27 -43.22 53.26 -45.81
C UNK E 27 -43.66 52.33 -44.68
N UNK E 28 -44.85 52.57 -44.12
CA UNK E 28 -45.28 51.81 -42.95
C UNK E 28 -46.40 50.82 -43.21
N UNK E 29 -47.64 51.31 -43.22
CA UNK E 29 -48.90 50.55 -43.38
C UNK E 29 -49.18 49.51 -42.30
N UNK E 30 -50.46 49.17 -42.15
CA UNK E 30 -50.89 48.24 -41.12
C UNK E 30 -52.22 47.58 -41.46
N UNK E 31 -52.28 46.27 -41.30
CA UNK E 31 -53.47 45.45 -41.56
C UNK E 31 -53.23 44.04 -41.04
N UNK E 32 -52.54 43.29 -41.88
CA UNK E 32 -52.07 41.96 -41.54
C UNK E 32 -50.82 41.69 -42.36
N UNK E 33 -50.92 41.94 -43.67
CA UNK E 33 -49.80 41.75 -44.59
C UNK E 33 -49.93 42.52 -45.89
N UNK E 34 -51.16 42.84 -46.28
CA UNK E 34 -51.45 43.31 -47.62
C UNK E 34 -51.11 44.78 -47.88
N UNK E 35 -51.86 45.38 -48.81
CA UNK E 35 -51.71 46.76 -49.29
C UNK E 35 -50.32 47.04 -49.83
N UNK E 36 -49.36 47.16 -48.92
CA UNK E 36 -47.97 47.44 -49.25
C UNK E 36 -47.27 46.29 -50.00
N UNK E 37 -47.88 45.12 -49.99
CA UNK E 37 -47.45 44.01 -50.82
C UNK E 37 -47.61 44.41 -52.27
N UNK E 38 -48.67 45.14 -52.55
CA UNK E 38 -48.88 45.71 -53.87
C UNK E 38 -48.21 47.08 -53.98
N UNK E 39 -46.96 47.19 -53.57
CA UNK E 39 -46.27 48.47 -53.59
C UNK E 39 -44.77 48.28 -53.75
N UNK E 40 -44.26 47.16 -53.23
CA UNK E 40 -42.86 46.83 -53.41
C UNK E 40 -42.65 46.48 -54.87
N UNK E 41 -43.68 45.90 -55.46
CA UNK E 41 -43.73 45.68 -56.89
C UNK E 41 -43.78 47.03 -57.58
N UNK E 42 -44.54 47.94 -57.01
CA UNK E 42 -44.64 49.28 -57.57
C UNK E 42 -43.36 50.04 -57.30
N UNK E 43 -42.68 49.69 -56.21
CA UNK E 43 -41.37 50.25 -55.95
C UNK E 43 -40.40 49.71 -56.97
N UNK E 44 -40.56 48.43 -57.32
CA UNK E 44 -39.66 47.77 -58.26
C UNK E 44 -39.84 48.27 -59.68
N UNK E 45 -41.02 48.79 -59.99
CA UNK E 45 -41.24 49.39 -61.30
C UNK E 45 -40.78 50.83 -61.25
N UNK E 46 -40.72 51.38 -60.04
CA UNK E 46 -40.23 52.73 -59.87
C UNK E 46 -38.74 52.66 -59.57
N UNK E 47 -37.95 52.33 -60.59
CA UNK E 47 -36.58 51.93 -60.36
C UNK E 47 -35.52 52.85 -60.96
N UNK E 48 -35.86 53.55 -62.02
CA UNK E 48 -34.87 54.29 -62.79
C UNK E 48 -34.41 55.58 -62.11
N UNK E 49 -34.96 55.89 -60.95
CA UNK E 49 -34.67 57.15 -60.29
C UNK E 49 -33.84 56.97 -59.03
N UNK E 50 -33.27 55.78 -58.83
CA UNK E 50 -32.53 55.52 -57.59
C UNK E 50 -31.13 56.13 -57.59
N UNK E 51 -31.07 57.46 -57.71
CA UNK E 51 -29.83 58.18 -57.66
C UNK E 51 -29.55 58.51 -56.20
N UNK E 52 -28.89 57.57 -55.53
CA UNK E 52 -28.44 57.69 -54.14
C UNK E 52 -29.56 57.97 -53.15
N UNK E 53 -30.70 57.33 -53.34
CA UNK E 53 -31.77 57.39 -52.36
C UNK E 53 -32.08 55.98 -51.91
N UNK E 54 -32.33 55.79 -50.62
CA UNK E 54 -32.60 54.46 -50.09
C UNK E 54 -34.07 54.10 -50.26
N UNK E 55 -34.60 53.28 -49.36
CA UNK E 55 -36.02 52.89 -49.38
C UNK E 55 -36.51 52.36 -48.05
N UNK E 56 -36.62 51.03 -47.95
CA UNK E 56 -37.17 50.24 -46.84
C UNK E 56 -38.65 50.56 -46.56
N UNK E 57 -39.50 49.57 -46.79
CA UNK E 57 -40.94 49.71 -46.53
C UNK E 57 -41.35 48.73 -45.45
N UNK E 58 -41.85 49.25 -44.34
CA UNK E 58 -42.19 48.41 -43.20
C UNK E 58 -43.52 47.71 -43.40
N UNK E 59 -43.99 47.01 -42.37
CA UNK E 59 -45.12 46.13 -42.53
C UNK E 59 -46.22 46.33 -41.51
N UNK E 60 -45.82 46.59 -40.27
CA UNK E 60 -46.61 46.36 -39.04
C UNK E 60 -47.00 44.89 -39.00
N UNK E 61 -46.04 44.09 -39.43
CA UNK E 61 -46.11 42.66 -39.39
C UNK E 61 -44.66 42.27 -39.20
N UNK E 62 -43.90 43.25 -38.71
CA UNK E 62 -42.48 43.08 -38.42
C UNK E 62 -42.03 44.12 -37.39
N UNK E 63 -42.32 43.84 -36.13
CA UNK E 63 -42.14 44.81 -35.05
C UNK E 63 -40.69 45.03 -34.65
N UNK E 64 -39.78 44.25 -35.20
CA UNK E 64 -38.36 44.52 -35.03
C UNK E 64 -38.05 45.78 -35.82
N UNK E 65 -38.77 45.95 -36.92
CA UNK E 65 -38.67 47.17 -37.72
C UNK E 65 -39.75 48.17 -37.34
N UNK E 66 -40.96 47.67 -37.18
CA UNK E 66 -42.13 48.51 -36.99
C UNK E 66 -42.13 49.23 -35.65
N UNK E 67 -41.94 48.48 -34.57
CA UNK E 67 -41.92 49.09 -33.24
C UNK E 67 -40.56 49.68 -32.94
N UNK E 68 -39.64 49.57 -33.89
CA UNK E 68 -38.34 50.21 -33.90
C UNK E 68 -37.46 49.81 -32.72
N UNK E 69 -37.69 48.61 -32.23
CA UNK E 69 -36.73 48.01 -31.33
C UNK E 69 -35.74 47.32 -32.21
N UNK E 70 -34.73 48.05 -32.67
CA UNK E 70 -33.67 47.48 -33.50
C UNK E 70 -32.85 46.53 -32.64
N UNK E 71 -33.35 45.29 -32.55
CA UNK E 71 -32.86 44.23 -31.67
C UNK E 71 -32.73 44.70 -30.23
N UNK E 72 -31.78 44.12 -29.52
CA UNK E 72 -31.48 44.50 -28.14
C UNK E 72 -30.10 44.01 -27.77
N UNK E 73 -29.95 42.69 -27.81
CA UNK E 73 -28.76 42.02 -27.31
C UNK E 73 -27.63 41.99 -28.33
N UNK E 74 -27.84 42.61 -29.48
CA UNK E 74 -26.79 42.70 -30.47
C UNK E 74 -25.98 43.93 -30.15
N UNK E 75 -25.11 43.79 -29.16
CA UNK E 75 -24.21 44.85 -28.68
C UNK E 75 -24.95 46.12 -28.26
N UNK E 137 -6.71 28.37 -13.19
CA UNK E 137 -6.04 27.38 -14.03
C UNK E 137 -5.12 28.08 -15.03
N UNK E 138 -5.69 28.59 -16.12
CA UNK E 138 -4.91 29.30 -17.14
C UNK E 138 -5.79 30.24 -17.95
N UNK E 139 -5.21 30.82 -18.99
CA UNK E 139 -5.93 31.75 -19.87
C UNK E 139 -5.29 31.84 -21.24
N UNK E 140 -6.10 32.23 -22.21
CA UNK E 140 -5.64 32.54 -23.56
C UNK E 140 -6.70 33.44 -24.19
N UNK E 141 -6.47 33.84 -25.44
CA UNK E 141 -7.46 34.64 -26.16
C UNK E 141 -8.05 33.82 -27.29
N UNK E 142 -8.81 34.47 -28.17
CA UNK E 142 -9.63 33.78 -29.16
C UNK E 142 -8.90 33.32 -30.42
N UNK E 143 -7.58 33.24 -30.40
CA UNK E 143 -6.83 32.79 -31.57
C UNK E 143 -5.81 31.72 -31.21
N UNK E 144 -6.26 30.67 -30.53
CA UNK E 144 -5.38 29.57 -30.16
C UNK E 144 -6.02 28.22 -30.49
N UNK E 145 -6.76 28.19 -31.59
CA UNK E 145 -7.49 26.99 -31.98
C UNK E 145 -7.37 26.73 -33.48
N UNK E 146 -8.46 26.91 -34.21
CA UNK E 146 -8.52 26.54 -35.62
C UNK E 146 -8.41 27.72 -36.59
N UNK E 147 -7.36 28.51 -36.46
CA UNK E 147 -7.20 29.71 -37.26
C UNK E 147 -6.90 29.38 -38.71
N UNK E 148 -7.74 29.90 -39.61
CA UNK E 148 -7.62 29.73 -41.06
C UNK E 148 -7.57 28.27 -41.46
N UNK E 149 -6.36 27.74 -41.41
CA UNK E 149 -6.12 26.34 -41.71
C UNK E 149 -4.85 25.93 -40.99
N UNK E 150 -4.55 26.58 -39.86
CA UNK E 150 -3.31 26.34 -39.11
C UNK E 150 -3.32 24.93 -38.54
N UNK E 151 -4.52 24.46 -38.20
CA UNK E 151 -4.75 23.08 -37.85
C UNK E 151 -6.17 22.79 -38.26
N UNK E 152 -6.84 23.85 -38.71
CA UNK E 152 -8.25 23.83 -39.02
C UNK E 152 -8.52 22.89 -40.17
N UNK E 153 -8.03 23.25 -41.34
CA UNK E 153 -8.08 22.32 -42.45
C UNK E 153 -7.00 21.30 -42.19
N UNK E 154 -5.86 21.78 -41.70
CA UNK E 154 -4.61 21.02 -41.71
C UNK E 154 -4.60 19.69 -40.97
N UNK E 155 -5.24 19.60 -39.82
CA UNK E 155 -5.25 18.34 -39.07
C UNK E 155 -6.25 17.40 -39.72
N UNK E 156 -7.31 17.99 -40.27
CA UNK E 156 -8.24 17.23 -41.08
C UNK E 156 -7.52 16.91 -42.38
N UNK E 157 -6.69 17.85 -42.84
CA UNK E 157 -5.88 17.61 -44.03
C UNK E 157 -4.67 16.74 -43.71
N UNK E 158 -4.33 16.59 -42.43
CA UNK E 158 -3.29 15.65 -42.04
C UNK E 158 -3.82 14.25 -42.29
N UNK E 159 -5.12 14.09 -42.09
CA UNK E 159 -5.79 12.87 -42.48
C UNK E 159 -6.25 13.01 -43.93
N UNK E 160 -5.33 12.87 -44.88
CA UNK E 160 -5.66 12.90 -46.31
C UNK E 160 -4.69 12.10 -47.18
N UNK E 161 -3.56 12.72 -47.50
CA UNK E 161 -2.56 12.10 -48.36
C UNK E 161 -1.43 11.46 -47.55
N UNK E 162 -1.77 10.91 -46.38
CA UNK E 162 -0.88 10.19 -45.46
C UNK E 162 0.30 11.01 -44.93
N UNK E 163 0.19 11.46 -43.67
CA UNK E 163 1.25 12.22 -43.00
C UNK E 163 1.50 11.75 -41.57
N UNK E 164 2.42 12.42 -40.89
CA UNK E 164 2.78 12.03 -39.54
C UNK E 164 2.49 13.13 -38.51
N UNK E 165 3.42 14.06 -38.30
CA UNK E 165 3.29 15.10 -37.27
C UNK E 165 3.07 16.51 -37.83
N UNK E 166 3.84 16.87 -38.85
CA UNK E 166 3.65 18.12 -39.57
C UNK E 166 3.79 17.86 -41.06
N UNK E 167 2.68 17.90 -41.79
CA UNK E 167 2.57 17.39 -43.16
C UNK E 167 3.43 18.14 -44.16
N UNK E 168 3.62 19.42 -43.91
CA UNK E 168 4.46 20.23 -44.77
C UNK E 168 4.96 21.46 -44.03
N UNK E 169 4.01 22.30 -43.61
CA UNK E 169 4.26 23.69 -43.16
C UNK E 169 5.07 24.38 -44.25
N UNK E 170 4.37 24.83 -45.29
CA UNK E 170 4.87 25.13 -46.64
C UNK E 170 5.53 23.93 -47.33
N UNK E 171 5.61 24.04 -48.66
CA UNK E 171 6.27 23.08 -49.55
C UNK E 171 5.75 21.65 -49.49
N UNK E 172 4.76 21.36 -50.33
CA UNK E 172 4.27 20.00 -50.58
C UNK E 172 3.55 19.98 -51.92
N UNK E 173 3.28 21.18 -52.45
CA UNK E 173 2.52 21.41 -53.69
C UNK E 173 1.16 20.73 -53.70
N UNK E 174 0.47 20.83 -52.56
CA UNK E 174 -0.83 20.19 -52.29
C UNK E 174 -0.76 18.68 -52.52
N UNK E 175 0.32 18.06 -52.08
CA UNK E 175 0.55 16.66 -52.35
C UNK E 175 1.44 16.01 -51.30
N UNK E 176 0.98 14.92 -50.69
CA UNK E 176 1.82 14.14 -49.80
C UNK E 176 1.84 12.69 -50.25
N UNK E 177 1.19 12.45 -51.40
CA UNK E 177 1.16 11.13 -52.05
C UNK E 177 0.80 11.30 -53.53
N UNK E 178 -0.18 10.53 -54.00
CA UNK E 178 -0.71 10.66 -55.36
C UNK E 178 -2.03 11.41 -55.30
N UNK E 179 -3.02 10.97 -56.08
CA UNK E 179 -4.37 11.53 -55.95
C UNK E 179 -5.50 10.59 -56.39
N UNK E 180 -6.25 10.94 -57.45
CA UNK E 180 -7.66 10.52 -57.67
C UNK E 180 -8.50 10.86 -56.45
N UNK E 181 -8.39 10.08 -55.39
CA UNK E 181 -9.04 10.39 -54.12
C UNK E 181 -8.04 10.58 -52.98
N UNK E 182 -7.52 11.80 -52.82
CA UNK E 182 -6.56 12.10 -51.75
C UNK E 182 -6.55 13.59 -51.45
N UNK E 183 -5.82 14.32 -52.29
CA UNK E 183 -5.77 15.75 -52.17
C UNK E 183 -6.98 16.34 -52.87
N UNK E 184 -7.64 15.51 -53.67
CA UNK E 184 -8.91 15.88 -54.27
C UNK E 184 -9.94 15.93 -53.17
N UNK E 185 -9.80 15.01 -52.22
CA UNK E 185 -10.62 15.00 -51.03
C UNK E 185 -10.30 16.24 -50.23
N UNK E 186 -9.03 16.62 -50.24
CA UNK E 186 -8.63 17.88 -49.63
C UNK E 186 -9.15 19.04 -50.48
N UNK E 187 -9.17 18.89 -51.79
CA UNK E 187 -9.73 19.92 -52.66
C UNK E 187 -11.23 19.96 -52.48
N UNK E 188 -11.82 18.82 -52.15
CA UNK E 188 -13.24 18.74 -51.81
C UNK E 188 -13.44 19.17 -50.36
N UNK E 189 -12.41 19.00 -49.53
CA UNK E 189 -12.44 19.59 -48.19
C UNK E 189 -12.27 21.10 -48.34
N UNK E 190 -11.66 21.53 -49.46
CA UNK E 190 -11.57 22.95 -49.81
C UNK E 190 -12.79 23.41 -50.61
N UNK E 191 -13.95 22.88 -50.23
CA UNK E 191 -15.21 23.18 -50.88
C UNK E 191 -16.32 22.84 -49.93
N UNK E 192 -16.07 21.87 -49.04
CA UNK E 192 -17.09 21.40 -48.10
C UNK E 192 -16.88 21.92 -46.69
N UNK E 193 -16.35 23.13 -46.55
CA UNK E 193 -16.09 23.69 -45.23
C UNK E 193 -16.07 25.21 -45.19
N UNK E 194 -15.16 25.82 -45.96
CA UNK E 194 -14.91 27.26 -45.83
C UNK E 194 -14.20 27.98 -47.00
N UNK E 195 -14.81 29.09 -47.43
CA UNK E 195 -14.17 30.21 -48.13
C UNK E 195 -13.32 29.95 -49.37
N UNK E 196 -13.97 29.47 -50.42
CA UNK E 196 -13.43 29.47 -51.78
C UNK E 196 -12.10 28.77 -51.96
N UNK E 197 -11.39 29.20 -52.98
CA UNK E 197 -10.09 28.65 -53.30
C UNK E 197 -9.33 29.68 -54.11
N UNK E 198 -8.18 30.11 -53.60
CA UNK E 198 -7.30 31.03 -54.31
C UNK E 198 -6.80 30.33 -55.55
N UNK E 199 -6.10 29.22 -55.35
CA UNK E 199 -5.81 28.26 -56.41
C UNK E 199 -6.63 27.02 -56.10
N UNK E 200 -6.74 26.10 -57.04
CA UNK E 200 -7.49 24.88 -56.78
C UNK E 200 -6.61 23.92 -56.00
N UNK E 201 -6.30 22.78 -56.58
CA UNK E 201 -5.34 21.88 -55.95
C UNK E 201 -3.95 22.39 -56.25
N UNK E 202 -3.53 23.43 -55.53
CA UNK E 202 -2.25 24.07 -55.75
C UNK E 202 -1.90 24.92 -54.53
N UNK E 203 -0.71 24.66 -53.98
CA UNK E 203 -0.04 25.51 -52.98
C UNK E 203 -0.78 25.76 -51.67
N UNK E 204 -0.41 25.00 -50.64
CA UNK E 204 -1.10 25.08 -49.36
C UNK E 204 -0.14 25.17 -48.18
N UNK E 205 -0.53 24.54 -47.06
CA UNK E 205 0.28 24.39 -45.84
C UNK E 205 0.72 25.72 -45.21
N UNK E 206 1.48 26.53 -45.94
CA UNK E 206 1.73 27.90 -45.54
C UNK E 206 1.50 28.84 -46.71
N UNK E 207 1.37 28.27 -47.91
CA UNK E 207 1.02 29.06 -49.10
C UNK E 207 -0.47 29.34 -49.08
N UNK E 208 -1.17 28.54 -48.29
CA UNK E 208 -2.55 28.80 -47.92
C UNK E 208 -2.63 29.99 -46.98
N UNK E 209 -1.54 30.26 -46.29
CA UNK E 209 -1.43 31.44 -45.45
C UNK E 209 -0.77 32.59 -46.21
N UNK E 210 -0.67 32.45 -47.52
CA UNK E 210 0.04 33.42 -48.33
C UNK E 210 -0.85 34.10 -49.35
N UNK E 211 -1.58 33.30 -50.12
CA UNK E 211 -2.35 33.79 -51.27
C UNK E 211 -3.46 34.74 -50.86
N UNK E 212 -4.17 34.34 -49.82
CA UNK E 212 -5.26 35.11 -49.27
C UNK E 212 -5.36 34.72 -47.83
N UNK E 213 -4.59 35.40 -46.98
CA UNK E 213 -4.53 35.04 -45.57
C UNK E 213 -5.81 35.41 -44.82
N UNK E 214 -6.62 36.29 -45.40
CA UNK E 214 -7.84 36.75 -44.74
C UNK E 214 -9.09 36.28 -45.49
N UNK E 215 -9.62 35.11 -45.12
CA UNK E 215 -10.82 34.58 -45.74
C UNK E 215 -11.59 33.61 -44.83
N UNK E 216 -10.86 32.75 -44.13
CA UNK E 216 -11.47 31.76 -43.25
C UNK E 216 -10.75 31.72 -41.92
N UNK E 217 -10.19 32.87 -41.54
CA UNK E 217 -9.27 32.97 -40.41
C UNK E 217 -9.91 32.79 -39.04
N UNK E 218 -11.22 32.58 -38.99
CA UNK E 218 -11.89 32.27 -37.73
C UNK E 218 -11.62 30.81 -37.35
N UNK E 219 -12.68 30.04 -37.14
CA UNK E 219 -12.52 28.65 -36.73
C UNK E 219 -13.76 27.81 -36.98
N UNK E 220 -13.52 26.58 -37.44
CA UNK E 220 -14.48 25.48 -37.39
C UNK E 220 -15.79 25.70 -38.12
N UNK E 221 -15.78 25.48 -39.43
CA UNK E 221 -17.01 25.56 -40.20
C UNK E 221 -17.24 24.22 -40.88
N UNK E 222 -18.31 23.53 -40.47
CA UNK E 222 -18.71 22.21 -40.96
C UNK E 222 -17.61 21.14 -40.87
N UNK E 223 -16.81 21.01 -41.92
CA UNK E 223 -15.75 20.01 -42.00
C UNK E 223 -14.50 20.44 -41.24
N UNK E 224 -14.49 21.69 -40.80
CA UNK E 224 -13.49 22.17 -39.88
C UNK E 224 -14.09 22.14 -38.49
N UNK E 225 -15.39 21.83 -38.41
CA UNK E 225 -16.12 21.91 -37.15
C UNK E 225 -16.45 20.56 -36.53
N UNK E 226 -17.13 19.69 -37.27
CA UNK E 226 -17.72 18.48 -36.69
C UNK E 226 -17.04 17.18 -37.10
N UNK E 227 -15.88 17.26 -37.73
CA UNK E 227 -15.14 16.07 -38.14
C UNK E 227 -14.55 15.38 -36.91
N UNK E 228 -14.26 16.19 -35.90
CA UNK E 228 -13.74 15.69 -34.64
C UNK E 228 -14.87 15.25 -33.71
N UNK E 229 -16.11 15.51 -34.09
CA UNK E 229 -17.26 15.08 -33.31
C UNK E 229 -17.48 13.59 -33.53
N UNK E 230 -16.91 13.05 -34.60
CA UNK E 230 -16.90 11.62 -34.83
C UNK E 230 -15.59 11.05 -34.31
N UNK E 231 -14.66 11.94 -34.00
CA UNK E 231 -13.46 11.57 -33.28
C UNK E 231 -13.72 11.75 -31.81
N UNK E 232 -14.89 12.33 -31.51
CA UNK E 232 -15.36 12.42 -30.16
C UNK E 232 -16.83 12.02 -30.11
N UNK E 233 -17.09 10.78 -30.51
CA UNK E 233 -18.34 10.06 -30.24
C UNK E 233 -18.08 8.55 -30.31
N UNK E 234 -17.06 8.17 -31.09
CA UNK E 234 -16.67 6.78 -31.23
C UNK E 234 -15.21 6.66 -31.67
N UNK E 235 -14.29 7.06 -30.80
CA UNK E 235 -12.86 7.01 -31.12
C UNK E 235 -11.99 6.85 -29.88
N UNK E 236 -12.61 6.78 -28.71
CA UNK E 236 -11.88 6.62 -27.46
C UNK E 236 -12.72 5.89 -26.41
N UNK E 237 -12.73 6.41 -25.20
CA UNK E 237 -13.40 5.75 -24.09
C UNK E 237 -14.91 5.95 -24.11
N UNK E 238 -15.51 5.73 -22.95
CA UNK E 238 -16.95 5.92 -22.77
C UNK E 238 -17.24 7.36 -22.37
N UNK E 239 -18.35 7.89 -22.89
CA UNK E 239 -18.78 9.29 -22.75
C UNK E 239 -17.67 10.25 -23.17
N UNK E 240 -17.41 10.32 -24.47
CA UNK E 240 -16.40 11.20 -24.99
C UNK E 240 -16.95 12.10 -26.09
N UNK E 241 -16.98 13.40 -25.83
CA UNK E 241 -17.44 14.41 -26.78
C UNK E 241 -16.43 15.54 -26.84
N UNK E 242 -16.50 16.34 -27.89
CA UNK E 242 -15.50 17.38 -28.15
C UNK E 242 -15.70 18.51 -27.15
N UNK E 243 -16.96 18.76 -26.82
CA UNK E 243 -17.29 19.75 -25.81
C UNK E 243 -16.93 19.22 -24.43
N UNK E 244 -17.00 17.91 -24.26
CA UNK E 244 -16.60 17.29 -23.01
C UNK E 244 -15.08 17.30 -22.95
N UNK E 245 -14.48 17.20 -24.12
CA UNK E 245 -13.05 17.37 -24.25
C UNK E 245 -12.73 18.85 -24.07
N UNK E 246 -13.67 19.70 -24.45
CA UNK E 246 -13.53 21.12 -24.18
C UNK E 246 -13.87 21.38 -22.72
N UNK E 247 -14.64 20.49 -22.13
CA UNK E 247 -14.87 20.57 -20.69
C UNK E 247 -13.63 20.02 -20.03
N UNK E 248 -12.94 19.13 -20.72
CA UNK E 248 -11.62 18.70 -20.30
C UNK E 248 -10.59 19.78 -20.65
N UNK E 249 -10.96 20.70 -21.54
CA UNK E 249 -10.10 21.84 -21.88
C UNK E 249 -10.60 23.14 -21.25
N UNK E 250 -11.52 23.02 -20.30
CA UNK E 250 -12.06 24.17 -19.58
C UNK E 250 -11.00 24.73 -18.64
N UNK E 251 -11.12 24.43 -17.35
CA UNK E 251 -10.10 24.84 -16.38
C UNK E 251 -9.46 23.61 -15.79
N UNK E 252 -9.62 22.48 -16.47
CA UNK E 252 -9.04 21.22 -16.04
C UNK E 252 -7.53 21.25 -16.19
N UNK E 253 -7.06 21.09 -17.41
CA UNK E 253 -5.63 21.11 -17.68
C UNK E 253 -5.26 22.23 -18.64
N UNK E 254 -5.33 23.46 -18.14
CA UNK E 254 -5.01 24.71 -18.87
C UNK E 254 -5.79 24.92 -20.17
N UNK E 255 -5.41 25.98 -20.90
CA UNK E 255 -6.05 26.44 -22.13
C UNK E 255 -7.56 26.76 -22.03
N UNK E 256 -8.08 27.39 -23.08
CA UNK E 256 -9.49 27.72 -23.14
C UNK E 256 -10.25 26.55 -23.75
N UNK E 257 -11.56 26.68 -23.84
CA UNK E 257 -12.42 25.59 -24.27
C UNK E 257 -13.00 25.78 -25.67
N UNK E 258 -12.64 26.87 -26.32
CA UNK E 258 -13.10 27.16 -27.67
C UNK E 258 -12.14 28.17 -28.28
N UNK E 259 -11.64 29.02 -27.39
CA UNK E 259 -10.65 30.02 -27.75
C UNK E 259 -9.28 29.35 -27.83
N UNK E 260 -9.19 28.18 -27.22
CA UNK E 260 -8.00 27.36 -27.36
C UNK E 260 -8.34 25.88 -27.34
N UNK E 261 -9.39 25.49 -28.07
CA UNK E 261 -9.78 24.08 -28.17
C UNK E 261 -10.57 23.73 -29.42
N UNK E 262 -10.05 24.11 -30.58
CA UNK E 262 -10.49 23.51 -31.83
C UNK E 262 -9.21 22.98 -32.44
N UNK E 263 -8.21 22.89 -31.57
CA UNK E 263 -6.90 22.38 -31.96
C UNK E 263 -6.24 21.73 -30.75
N UNK E 264 -7.06 21.19 -29.86
CA UNK E 264 -6.56 20.52 -28.66
C UNK E 264 -6.82 19.02 -28.79
N UNK E 265 -8.10 18.67 -28.77
CA UNK E 265 -8.51 17.30 -29.06
C UNK E 265 -8.38 17.07 -30.56
N UNK E 266 -8.42 18.17 -31.32
CA UNK E 266 -8.15 18.13 -32.75
C UNK E 266 -6.65 17.95 -33.01
N UNK E 267 -5.83 18.21 -32.00
CA UNK E 267 -4.41 17.88 -32.06
C UNK E 267 -4.23 16.45 -31.61
N UNK E 268 -5.26 15.90 -30.99
CA UNK E 268 -5.27 14.51 -30.60
C UNK E 268 -6.15 13.75 -31.58
N UNK E 269 -5.97 14.04 -32.86
CA UNK E 269 -6.75 13.41 -33.91
C UNK E 269 -5.84 12.77 -34.96
N UNK E 270 -4.54 12.78 -34.68
CA UNK E 270 -3.54 12.13 -35.53
C UNK E 270 -2.32 11.80 -34.68
N UNK E 271 -2.26 12.42 -33.50
CA UNK E 271 -1.15 12.25 -32.59
C UNK E 271 -1.54 11.30 -31.46
N UNK E 272 -2.54 11.69 -30.68
CA UNK E 272 -3.04 10.84 -29.62
C UNK E 272 -4.26 10.09 -30.11
N UNK E 273 -4.25 9.73 -31.40
CA UNK E 273 -5.33 8.97 -32.02
C UNK E 273 -5.35 7.56 -31.48
N UNK E 274 -5.95 7.40 -30.31
CA UNK E 274 -6.04 6.10 -29.66
C UNK E 274 -7.00 5.22 -30.44
N UNK E 275 -6.56 4.00 -30.75
CA UNK E 275 -7.39 3.02 -31.44
C UNK E 275 -8.13 2.17 -30.42
N UNK E 276 -9.32 2.64 -30.04
CA UNK E 276 -10.16 2.05 -28.98
C UNK E 276 -9.44 1.90 -27.64
N UNK E 277 -9.22 3.03 -26.97
CA UNK E 277 -8.69 3.03 -25.60
C UNK E 277 -9.82 3.47 -24.66
N UNK E 278 -10.18 2.59 -23.74
CA UNK E 278 -11.43 2.79 -22.99
C UNK E 278 -11.29 2.78 -21.46
N UNK E 279 -11.22 4.00 -20.90
CA UNK E 279 -11.29 4.22 -19.46
C UNK E 279 -11.59 5.69 -19.24
N UNK E 280 -12.31 6.01 -18.16
CA UNK E 280 -12.62 7.39 -17.80
C UNK E 280 -11.35 8.18 -17.52
N UNK E 281 -10.36 7.51 -16.95
CA UNK E 281 -9.06 8.11 -16.72
C UNK E 281 -8.30 8.23 -18.02
N UNK E 282 -8.23 7.15 -18.78
CA UNK E 282 -7.34 7.08 -19.96
C UNK E 282 -7.78 7.91 -21.16
N UNK E 283 -8.94 8.55 -21.07
CA UNK E 283 -9.32 9.57 -22.03
C UNK E 283 -9.45 10.89 -21.29
N UNK E 284 -8.62 11.06 -20.27
CA UNK E 284 -8.60 12.28 -19.47
C UNK E 284 -7.25 12.44 -18.78
N UNK E 285 -6.64 11.33 -18.39
CA UNK E 285 -5.29 11.37 -17.84
C UNK E 285 -4.30 11.54 -18.97
N UNK E 286 -4.75 11.19 -20.18
CA UNK E 286 -4.03 11.54 -21.38
C UNK E 286 -4.56 12.87 -21.91
N UNK E 287 -4.81 13.81 -21.00
CA UNK E 287 -5.18 15.18 -21.36
C UNK E 287 -4.49 16.15 -20.42
N UNK E 288 -3.65 15.63 -19.53
CA UNK E 288 -2.91 16.47 -18.60
C UNK E 288 -1.46 16.55 -19.04
N UNK E 289 -1.19 16.02 -20.23
CA UNK E 289 0.15 16.06 -20.79
C UNK E 289 0.01 16.19 -22.30
N UNK E 290 -1.19 15.87 -22.79
CA UNK E 290 -1.55 16.10 -24.19
C UNK E 290 -2.09 17.51 -24.33
N UNK E 291 -2.21 18.19 -23.19
CA UNK E 291 -2.37 19.64 -23.13
C UNK E 291 -1.00 20.27 -22.89
N UNK E 292 0.05 19.54 -23.30
CA UNK E 292 1.43 20.03 -23.26
C UNK E 292 2.14 19.66 -24.57
N UNK E 293 1.53 20.03 -25.70
CA UNK E 293 2.08 19.71 -27.03
C UNK E 293 1.67 20.69 -28.13
N UNK E 294 0.42 21.16 -28.07
CA UNK E 294 -0.06 22.17 -29.00
C UNK E 294 0.12 23.55 -28.37
N UNK E 295 0.76 23.56 -27.21
CA UNK E 295 1.06 24.80 -26.50
C UNK E 295 2.37 25.38 -27.03
N UNK E 296 2.99 24.66 -27.96
CA UNK E 296 4.06 25.24 -28.76
C UNK E 296 3.44 25.66 -30.08
N UNK E 297 2.39 24.95 -30.48
CA UNK E 297 1.60 25.35 -31.63
C UNK E 297 0.90 26.64 -31.24
N UNK E 298 -0.12 26.53 -30.40
CA UNK E 298 -0.69 27.71 -29.76
C UNK E 298 0.30 28.16 -28.71
N UNK E 299 1.29 28.95 -29.11
CA UNK E 299 2.50 29.20 -28.32
C UNK E 299 2.33 29.98 -27.01
N UNK E 300 1.35 29.60 -26.20
CA UNK E 300 1.18 30.10 -24.85
C UNK E 300 1.20 28.90 -23.92
N UNK E 301 1.76 29.08 -22.73
CA UNK E 301 2.05 27.98 -21.84
C UNK E 301 0.81 27.36 -21.19
N UNK E 302 1.07 26.46 -20.25
CA UNK E 302 0.01 25.80 -19.49
C UNK E 302 -0.12 26.45 -18.12
N UNK E 303 0.85 27.32 -17.81
CA UNK E 303 1.00 27.98 -16.50
C UNK E 303 1.07 26.98 -15.36
N UNK E 304 -0.08 26.71 -14.76
CA UNK E 304 -0.18 25.76 -13.64
C UNK E 304 -0.36 24.33 -14.14
N UNK E 305 0.71 23.76 -14.70
CA UNK E 305 0.77 22.41 -15.24
C UNK E 305 -0.30 22.12 -16.31
N UNK E 360 -18.67 -4.21 5.40
CA UNK E 360 -19.88 -4.94 5.04
C UNK E 360 -20.05 -6.19 5.90
N UNK E 361 -20.18 -5.98 7.22
CA UNK E 361 -20.36 -7.10 8.15
C UNK E 361 -21.78 -7.10 8.73
N UNK E 362 -22.77 -7.04 7.85
CA UNK E 362 -24.17 -7.17 8.25
C UNK E 362 -24.80 -8.36 7.50
N UNK E 363 -23.95 -9.11 6.81
CA UNK E 363 -24.38 -10.30 6.07
C UNK E 363 -24.57 -11.49 7.00
N UNK E 364 -23.55 -11.77 7.81
CA UNK E 364 -23.65 -12.80 8.83
C UNK E 364 -24.05 -12.17 10.17
N UNK E 365 -24.93 -11.17 10.11
CA UNK E 365 -25.38 -10.46 11.30
C UNK E 365 -26.74 -9.80 11.09
N UNK E 366 -27.47 -10.23 10.07
CA UNK E 366 -28.85 -9.76 9.85
C UNK E 366 -29.68 -10.72 9.01
N UNK E 367 -29.17 -11.93 8.78
CA UNK E 367 -29.85 -12.89 7.92
C UNK E 367 -29.98 -14.25 8.61
N UNK E 368 -28.84 -14.80 9.01
CA UNK E 368 -28.82 -16.10 9.67
C UNK E 368 -29.42 -15.95 11.04
N UNK E 369 -29.11 -14.83 11.69
CA UNK E 369 -29.72 -14.49 12.97
C UNK E 369 -31.19 -14.17 12.74
N UNK E 370 -31.47 -13.58 11.58
CA UNK E 370 -32.85 -13.34 11.18
C UNK E 370 -33.51 -14.66 10.85
N UNK E 371 -32.73 -15.59 10.31
CA UNK E 371 -33.23 -16.94 10.13
C UNK E 371 -33.36 -17.59 11.50
N UNK E 372 -32.41 -17.30 12.39
CA UNK E 372 -32.47 -17.79 13.76
C UNK E 372 -33.56 -17.07 14.51
N UNK E 373 -33.91 -15.87 14.05
CA UNK E 373 -35.13 -15.25 14.52
C UNK E 373 -36.28 -16.04 13.94
N UNK E 374 -36.27 -16.24 12.62
CA UNK E 374 -37.40 -16.84 11.90
C UNK E 374 -37.72 -18.26 12.34
N UNK E 375 -36.71 -19.01 12.75
CA UNK E 375 -36.94 -20.36 13.26
C UNK E 375 -37.15 -20.35 14.76
N UNK E 376 -37.41 -19.16 15.30
CA UNK E 376 -37.74 -19.00 16.70
C UNK E 376 -38.97 -18.12 16.80
N UNK E 377 -39.09 -17.16 15.89
CA UNK E 377 -40.22 -16.24 15.90
C UNK E 377 -41.49 -16.96 15.59
N UNK E 378 -41.42 -17.89 14.65
CA UNK E 378 -42.54 -18.75 14.32
C UNK E 378 -42.82 -19.67 15.50
N UNK E 379 -41.75 -20.12 16.15
CA UNK E 379 -41.83 -21.09 17.23
C UNK E 379 -42.56 -20.55 18.45
N UNK E 380 -42.59 -19.23 18.57
CA UNK E 380 -43.39 -18.61 19.61
C UNK E 380 -44.70 -18.16 19.02
N UNK E 381 -44.73 -17.95 17.70
CA UNK E 381 -45.89 -17.38 17.03
C UNK E 381 -47.08 -18.30 17.13
N UNK E 382 -46.88 -19.54 16.71
CA UNK E 382 -47.94 -20.52 16.81
C UNK E 382 -48.16 -20.84 18.28
N UNK E 383 -47.11 -20.71 19.07
CA UNK E 383 -47.20 -20.93 20.51
C UNK E 383 -48.03 -19.84 21.17
N UNK E 384 -48.08 -18.67 20.56
CA UNK E 384 -48.78 -17.54 21.15
C UNK E 384 -50.28 -17.75 21.10
N UNK E 385 -50.72 -18.59 20.20
CA UNK E 385 -52.14 -18.87 20.11
C UNK E 385 -52.40 -20.25 20.67
N UNK E 386 -51.34 -20.98 20.93
CA UNK E 386 -51.46 -22.38 21.34
C UNK E 386 -52.02 -22.46 22.73
N UNK E 387 -51.61 -21.54 23.59
CA UNK E 387 -52.15 -21.50 24.92
C UNK E 387 -53.53 -20.86 24.86
N UNK E 388 -53.75 -20.05 23.83
CA UNK E 388 -54.96 -19.26 23.71
C UNK E 388 -56.19 -20.12 23.45
N UNK E 389 -56.07 -21.03 22.49
CA UNK E 389 -57.18 -21.89 22.12
C UNK E 389 -57.55 -22.86 23.24
N UNK E 390 -56.59 -23.13 24.13
CA UNK E 390 -56.85 -23.96 25.28
C UNK E 390 -57.10 -23.10 26.50
N UNK E 391 -57.35 -21.83 26.27
CA UNK E 391 -57.72 -20.94 27.36
C UNK E 391 -59.15 -20.50 27.15
N UNK E 392 -59.66 -20.77 25.95
CA UNK E 392 -61.00 -20.39 25.50
C UNK E 392 -61.26 -18.90 25.59
N UNK E 393 -60.23 -18.08 25.39
CA UNK E 393 -60.39 -16.64 25.46
C UNK E 393 -60.88 -16.10 24.12
N UNK E 394 -60.39 -14.94 23.72
CA UNK E 394 -60.85 -14.32 22.47
C UNK E 394 -59.75 -13.63 21.69
N UNK E 395 -58.63 -13.35 22.37
CA UNK E 395 -57.44 -12.73 21.79
C UNK E 395 -57.74 -11.43 21.08
N UNK E 396 -58.28 -11.55 19.87
CA UNK E 396 -58.63 -10.38 19.09
C UNK E 396 -60.04 -9.92 19.40
N UNK E 397 -60.32 -9.68 20.67
CA UNK E 397 -61.59 -9.11 21.08
C UNK E 397 -61.55 -7.61 20.90
N UNK E 398 -60.34 -7.09 20.81
CA UNK E 398 -60.13 -5.66 20.75
C UNK E 398 -60.45 -5.09 19.38
N UNK E 399 -59.68 -5.48 18.37
CA UNK E 399 -59.72 -4.85 17.06
C UNK E 399 -61.05 -5.06 16.35
N UNK E 400 -61.81 -6.07 16.75
CA UNK E 400 -63.15 -6.22 16.23
C UNK E 400 -64.06 -5.19 16.86
N UNK E 401 -63.86 -4.94 18.14
CA UNK E 401 -64.75 -4.09 18.90
C UNK E 401 -64.60 -2.62 18.53
N UNK E 402 -63.43 -2.05 18.80
CA UNK E 402 -63.19 -0.63 18.57
C UNK E 402 -62.94 -0.31 17.09
N UNK E 403 -63.83 -0.79 16.23
CA UNK E 403 -63.78 -0.55 14.81
C UNK E 403 -65.22 -0.38 14.39
N UNK E 404 -66.05 -1.29 14.89
CA UNK E 404 -67.47 -1.29 14.57
C UNK E 404 -68.12 -0.04 15.12
N UNK E 405 -67.79 0.27 16.37
CA UNK E 405 -68.33 1.45 17.02
C UNK E 405 -67.66 2.69 16.47
N UNK E 406 -66.43 2.52 16.00
CA UNK E 406 -65.74 3.59 15.29
C UNK E 406 -66.45 3.83 13.98
N UNK E 407 -66.97 2.76 13.40
CA UNK E 407 -67.75 2.86 12.18
C UNK E 407 -69.17 3.33 12.50
N UNK E 408 -69.68 2.92 13.65
CA UNK E 408 -71.02 3.29 14.05
C UNK E 408 -71.06 4.77 14.35
N UNK E 409 -70.00 5.27 14.97
CA UNK E 409 -69.92 6.69 15.29
C UNK E 409 -69.70 7.49 14.04
N UNK E 410 -69.09 6.86 13.04
CA UNK E 410 -68.87 7.50 11.75
C UNK E 410 -70.21 7.73 11.08
N UNK E 411 -71.16 6.84 11.33
CA UNK E 411 -72.52 7.03 10.83
C UNK E 411 -73.22 8.15 11.58
N UNK E 412 -72.75 8.44 12.79
CA UNK E 412 -73.24 9.61 13.50
C UNK E 412 -72.33 10.77 13.19
N UNK E 413 -71.23 10.50 12.51
CA UNK E 413 -70.34 11.57 12.08
C UNK E 413 -70.61 11.96 10.64
N UNK E 414 -71.89 12.12 10.31
CA UNK E 414 -72.30 12.58 8.99
C UNK E 414 -73.67 13.18 9.13
N UNK E 415 -74.36 12.78 10.19
CA UNK E 415 -75.64 13.37 10.51
C UNK E 415 -75.40 14.68 11.23
N UNK E 416 -74.16 14.91 11.64
CA UNK E 416 -73.76 16.20 12.13
C UNK E 416 -72.95 16.90 11.06
N UNK E 417 -73.19 16.51 9.81
CA UNK E 417 -72.56 17.17 8.69
C UNK E 417 -73.62 17.85 7.83
N UNK E 418 -74.84 17.34 7.88
CA UNK E 418 -75.93 17.87 7.07
C UNK E 418 -76.38 19.22 7.57
N UNK E 419 -76.31 19.42 8.89
CA UNK E 419 -76.82 20.64 9.52
C UNK E 419 -76.04 21.87 9.08
N UNK E 420 -74.77 21.67 8.75
CA UNK E 420 -73.94 22.74 8.23
C UNK E 420 -74.30 23.09 6.79
N ARG E 520 -85.25 77.33 33.26
CA ARG E 520 -83.93 76.88 32.83
C ARG E 520 -82.88 77.94 33.09
N LYS E 521 -82.41 78.02 34.33
CA LYS E 521 -81.35 78.95 34.71
C LYS E 521 -80.24 78.23 35.46
N LEU E 522 -79.58 77.32 34.75
CA LEU E 522 -78.59 76.42 35.36
C LEU E 522 -77.18 77.00 35.36
N SER E 523 -76.41 76.68 36.39
CA SER E 523 -75.04 77.17 36.52
C SER E 523 -74.22 76.26 37.43
N GLN E 524 -74.13 76.63 38.71
CA GLN E 524 -73.44 75.82 39.70
C GLN E 524 -74.22 74.53 39.91
N TYR E 525 -75.54 74.62 39.77
CA TYR E 525 -76.39 73.44 39.87
C TYR E 525 -76.30 72.58 38.61
N VAL E 526 -77.33 72.65 37.76
CA VAL E 526 -77.45 71.89 36.50
C VAL E 526 -77.33 70.39 36.70
N GLN E 527 -76.12 69.90 36.54
CA GLN E 527 -75.82 68.50 36.76
C GLN E 527 -75.91 68.23 38.25
N GLU E 528 -75.52 69.22 39.05
CA GLU E 528 -75.67 69.12 40.48
C GLU E 528 -77.15 69.18 40.82
N MET E 529 -77.91 69.92 40.02
CA MET E 529 -79.36 69.99 40.22
C MET E 529 -79.98 68.64 39.89
N ALA E 530 -79.36 67.91 38.97
CA ALA E 530 -79.85 66.59 38.62
C ALA E 530 -79.58 65.64 39.77
N LEU E 531 -78.48 65.89 40.48
CA LEU E 531 -78.15 65.10 41.63
C LEU E 531 -79.11 65.44 42.76
N GLY E 532 -79.64 66.65 42.76
CA GLY E 532 -80.56 67.09 43.78
C GLY E 532 -81.88 66.35 43.66
N GLY E 533 -82.30 66.11 42.42
CA GLY E 533 -83.51 65.34 42.19
C GLY E 533 -83.25 63.88 42.51
N PRO E 534 -82.01 63.45 42.27
CA PRO E 534 -81.60 62.09 42.56
C PRO E 534 -81.52 61.87 44.06
N ILE E 535 -81.14 62.92 44.78
CA ILE E 535 -81.08 62.86 46.22
C ILE E 535 -82.49 62.87 46.77
N THR E 536 -83.38 63.54 46.06
CA THR E 536 -84.75 63.67 46.50
C THR E 536 -85.51 62.36 46.33
N LYS E 537 -85.09 61.57 45.36
CA LYS E 537 -85.82 60.36 44.97
C LYS E 537 -85.79 59.29 46.04
N GLU E 538 -84.61 58.79 46.37
CA GLU E 538 -84.49 57.81 47.43
C GLU E 538 -84.68 58.53 48.75
N SER E 539 -85.93 58.61 49.20
CA SER E 539 -86.25 59.41 50.38
C SER E 539 -85.78 58.76 51.66
N GLN E 540 -86.32 57.56 51.96
CA GLN E 540 -86.07 56.82 53.20
C GLN E 540 -86.40 57.64 54.44
N PRO E 541 -87.65 57.52 54.88
CA PRO E 541 -88.21 58.32 55.96
C PRO E 541 -87.44 58.23 57.25
N THR E 542 -87.01 59.39 57.73
CA THR E 542 -86.22 59.58 58.93
C THR E 542 -84.89 58.84 58.89
N ILE E 543 -84.41 58.55 57.70
CA ILE E 543 -83.16 57.85 57.58
C ILE E 543 -82.22 58.85 57.00
N GLU E 544 -82.54 59.28 55.78
CA GLU E 544 -81.72 60.24 55.08
C GLU E 544 -82.00 61.66 55.57
N GLU E 545 -82.91 61.80 56.52
CA GLU E 545 -83.11 63.07 57.17
C GLU E 545 -81.95 63.33 58.11
N ASP E 546 -81.67 62.37 58.98
CA ASP E 546 -80.78 62.59 60.11
C ASP E 546 -79.33 62.80 59.72
N LEU E 547 -78.88 62.10 58.69
CA LEU E 547 -77.52 62.27 58.19
C LEU E 547 -77.41 63.65 57.59
N THR E 548 -78.47 64.05 56.93
CA THR E 548 -78.55 65.38 56.36
C THR E 548 -78.79 66.40 57.45
N ARG E 549 -79.28 65.95 58.60
CA ARG E 549 -79.50 66.86 59.71
C ARG E 549 -78.18 67.17 60.38
N VAL E 550 -77.21 66.28 60.21
CA VAL E 550 -75.86 66.53 60.71
C VAL E 550 -75.01 67.19 59.63
N TYR E 551 -75.66 67.98 58.79
CA TYR E 551 -74.99 68.92 57.92
C TYR E 551 -74.98 70.23 58.67
N LYS E 552 -75.84 70.31 59.67
CA LYS E 552 -75.77 71.36 60.67
C LYS E 552 -74.66 70.96 61.62
N ALA E 553 -75.02 70.72 62.88
CA ALA E 553 -74.18 70.03 63.88
C ALA E 553 -72.77 70.57 64.07
N ILE E 554 -71.96 70.28 63.06
CA ILE E 554 -70.61 70.77 63.00
C ILE E 554 -70.50 71.85 61.93
N SER E 555 -71.51 72.71 61.85
CA SER E 555 -71.50 73.77 60.85
C SER E 555 -70.66 74.96 61.30
N ALA E 556 -69.35 74.77 61.35
CA ALA E 556 -68.44 75.81 61.81
C ALA E 556 -68.33 76.93 60.80
N GLN E 557 -69.02 78.03 61.06
CA GLN E 557 -68.96 79.18 60.17
C GLN E 557 -67.61 79.87 60.26
N ALA E 558 -66.64 79.31 59.55
CA ALA E 558 -65.29 79.86 59.52
C ALA E 558 -64.75 79.71 58.12
N ASP E 559 -65.51 79.00 57.31
CA ASP E 559 -65.16 78.82 55.92
C ASP E 559 -66.29 79.33 55.05
N LYS E 560 -65.94 80.09 54.02
CA LYS E 560 -66.91 80.66 53.10
C LYS E 560 -67.57 79.54 52.32
N GLN E 561 -66.78 78.50 52.06
CA GLN E 561 -67.30 77.28 51.51
C GLN E 561 -68.31 76.66 52.47
N ASP E 562 -68.02 76.70 53.77
CA ASP E 562 -68.91 76.10 54.74
C ASP E 562 -70.19 76.90 54.85
N ILE E 563 -70.06 78.21 54.74
CA ILE E 563 -71.22 79.09 54.86
C ILE E 563 -72.11 78.99 53.63
N SER E 564 -71.48 78.74 52.49
CA SER E 564 -72.21 78.60 51.24
C SER E 564 -73.02 77.33 51.25
N SER E 565 -72.42 76.28 51.80
CA SER E 565 -73.09 74.99 51.87
C SER E 565 -74.12 75.02 52.98
N SER E 566 -73.92 75.91 53.93
CA SER E 566 -74.89 76.11 55.00
C SER E 566 -76.16 76.68 54.41
N THR E 567 -75.99 77.51 53.39
CA THR E 567 -77.12 78.02 52.64
C THR E 567 -77.73 76.88 51.85
N ARG E 568 -76.85 76.00 51.37
CA ARG E 568 -77.29 74.87 50.60
C ARG E 568 -77.88 73.79 51.50
N VAL E 569 -77.63 73.90 52.80
CA VAL E 569 -78.04 72.87 53.75
C VAL E 569 -79.54 72.76 53.89
N GLU E 570 -80.20 73.85 54.26
CA GLU E 570 -81.63 73.81 54.56
C GLU E 570 -82.48 73.64 53.30
N PHE E 571 -82.04 74.19 52.19
CA PHE E 571 -82.81 74.15 50.95
C PHE E 571 -82.91 72.73 50.40
N GLU E 572 -81.82 71.98 50.54
CA GLU E 572 -81.82 70.58 50.13
C GLU E 572 -82.52 69.74 51.18
N LYS E 573 -82.55 70.27 52.39
CA LYS E 573 -83.26 69.62 53.47
C LYS E 573 -84.74 69.88 53.35
N LEU E 574 -85.09 70.97 52.69
CA LEU E 574 -86.46 71.43 52.60
C LEU E 574 -87.35 70.49 51.80
N TYR E 575 -87.01 70.33 50.52
CA TYR E 575 -87.81 69.54 49.60
C TYR E 575 -87.78 68.07 49.98
N SER E 576 -86.66 67.66 50.56
CA SER E 576 -86.50 66.30 51.03
C SER E 576 -87.39 66.05 52.23
N ASP E 577 -87.67 67.11 52.98
CA ASP E 577 -88.63 66.99 54.07
C ASP E 577 -90.03 67.02 53.48
N LEU E 578 -90.15 67.59 52.30
CA LEU E 578 -91.46 67.75 51.70
C LEU E 578 -91.82 66.60 50.79
N MET E 579 -90.94 65.60 50.66
CA MET E 579 -91.20 64.51 49.73
C MET E 579 -91.12 63.14 50.39
N LYS E 580 -91.13 63.11 51.72
CA LYS E 580 -91.19 61.88 52.46
C LYS E 580 -92.56 61.29 52.23
N PHE E 581 -92.59 60.00 51.84
CA PHE E 581 -93.78 59.30 51.33
C PHE E 581 -94.41 60.05 50.16
N LEU E 582 -93.93 59.77 48.96
CA LEU E 582 -94.43 60.41 47.75
C LEU E 582 -94.49 59.42 46.62
N GLU E 583 -94.84 59.87 45.42
CA GLU E 583 -94.73 59.03 44.26
C GLU E 583 -93.24 58.90 43.96
N SER E 584 -92.83 57.74 43.47
CA SER E 584 -91.40 57.42 43.32
C SER E 584 -90.72 58.18 42.19
N SER E 585 -90.55 59.48 42.43
CA SER E 585 -89.77 60.41 41.62
C SER E 585 -90.25 60.58 40.19
N LYS E 586 -89.58 61.47 39.47
CA LYS E 586 -89.95 61.83 38.12
C LYS E 586 -89.36 60.88 37.10
N GLU E 587 -89.25 61.38 35.89
CA GLU E 587 -88.41 60.75 34.87
C GLU E 587 -87.65 61.88 34.20
N ILE E 588 -87.75 63.06 34.80
CA ILE E 588 -87.36 64.30 34.16
C ILE E 588 -85.88 64.42 33.85
N ASP E 589 -85.58 64.95 32.68
CA ASP E 589 -84.21 65.22 32.29
C ASP E 589 -83.96 66.71 32.41
N PRO E 590 -83.17 67.11 33.40
CA PRO E 590 -82.94 68.51 33.65
C PRO E 590 -81.78 69.03 32.81
N SER E 591 -81.15 68.13 32.06
CA SER E 591 -80.07 68.51 31.16
C SER E 591 -80.65 69.33 30.01
N GLN E 592 -79.86 70.23 29.44
CA GLN E 592 -80.34 71.10 28.36
C GLN E 592 -80.60 70.29 27.10
N THR E 593 -81.63 70.68 26.35
CA THR E 593 -82.00 69.99 25.12
C THR E 593 -80.92 70.18 24.06
N THR E 594 -80.86 69.28 23.10
CA THR E 594 -79.78 69.30 22.12
C THR E 594 -80.23 69.15 20.68
N GLN E 595 -79.25 69.18 19.78
CA GLN E 595 -79.49 68.96 18.36
C GLN E 595 -78.19 68.48 17.72
N LEU E 596 -77.55 69.32 16.91
CA LEU E 596 -76.35 68.90 16.22
C LEU E 596 -75.35 70.04 16.02
N ALA E 597 -74.10 69.69 15.76
CA ALA E 597 -73.06 70.67 15.49
C ALA E 597 -72.01 70.09 14.55
N GLY E 598 -72.41 69.81 13.32
CA GLY E 598 -71.50 69.28 12.31
C GLY E 598 -70.90 70.41 11.51
N MET E 599 -69.59 70.48 11.51
CA MET E 599 -68.92 71.54 10.80
C MET E 599 -67.66 71.05 10.10
N ASP E 600 -67.50 71.49 8.86
CA ASP E 600 -66.25 71.32 8.15
C ASP E 600 -65.54 72.66 8.18
N VAL E 601 -64.57 72.80 9.09
CA VAL E 601 -63.96 74.09 9.34
C VAL E 601 -62.98 74.49 8.26
N GLU E 602 -62.22 75.54 8.54
CA GLU E 602 -61.37 76.19 7.55
C GLU E 602 -60.18 75.35 7.09
N ASP E 603 -59.22 75.19 7.98
CA ASP E 603 -57.93 74.60 7.63
C ASP E 603 -58.00 73.08 7.53
N ALA E 604 -57.08 72.43 8.22
CA ALA E 604 -57.00 70.97 8.24
C ALA E 604 -58.09 70.42 9.13
N LEU E 605 -58.59 71.29 10.02
CA LEU E 605 -59.77 71.01 10.80
C LEU E 605 -60.94 70.72 9.88
N ASP E 606 -61.09 69.44 9.57
CA ASP E 606 -62.14 69.01 8.68
C ASP E 606 -63.44 68.91 9.46
N LYS E 607 -63.93 67.68 9.56
CA LYS E 607 -65.21 67.40 10.20
C LYS E 607 -65.19 67.74 11.68
N ASP E 608 -66.24 68.39 12.15
CA ASP E 608 -66.42 68.60 13.57
C ASP E 608 -67.15 67.38 14.15
N SER E 609 -68.27 67.61 14.83
CA SER E 609 -69.02 66.52 15.44
C SER E 609 -70.48 66.90 15.68
N THR E 610 -70.80 67.13 16.94
CA THR E 610 -72.17 67.43 17.33
C THR E 610 -72.21 68.20 18.65
N LYS E 611 -73.37 68.17 19.29
CA LYS E 611 -73.66 68.81 20.58
C LYS E 611 -73.39 70.30 20.58
N GLU E 612 -74.23 71.04 19.87
CA GLU E 612 -74.12 72.49 19.89
C GLU E 612 -74.73 73.03 21.17
N VAL E 613 -75.97 73.51 21.07
CA VAL E 613 -76.69 74.01 22.23
C VAL E 613 -78.17 73.97 21.93
N ALA E 614 -78.50 73.90 20.64
CA ALA E 614 -79.85 73.94 20.08
C ALA E 614 -80.60 75.22 20.44
N SER E 615 -80.87 76.02 19.41
CA SER E 615 -81.55 77.29 19.56
C SER E 615 -82.99 77.10 20.01
N LEU E 616 -83.41 77.93 20.96
CA LEU E 616 -84.71 77.88 21.63
C LEU E 616 -85.00 76.50 22.20
N PRO E 617 -84.35 76.16 23.30
CA PRO E 617 -84.45 74.81 23.83
C PRO E 617 -84.20 74.75 25.32
N ASN E 618 -83.04 74.19 25.68
CA ASN E 618 -82.65 73.83 27.05
C ASN E 618 -83.70 72.97 27.73
N LYS E 619 -84.70 73.61 28.33
CA LYS E 619 -85.75 72.92 29.07
C LYS E 619 -86.65 72.10 28.16
N SER E 620 -87.07 70.94 28.66
CA SER E 620 -87.96 70.07 27.90
C SER E 620 -89.37 70.65 27.87
N THR E 621 -89.66 71.50 28.85
CA THR E 621 -90.93 72.22 28.89
C THR E 621 -90.94 73.22 27.76
N ILE E 622 -89.78 73.78 27.49
CA ILE E 622 -89.62 74.64 26.34
C ILE E 622 -89.67 73.77 25.10
N SER E 623 -89.26 72.50 25.24
CA SER E 623 -89.25 71.58 24.12
C SER E 623 -90.58 70.84 24.00
N LYS E 624 -91.50 71.13 24.91
CA LYS E 624 -92.82 70.54 24.85
C LYS E 624 -93.56 71.10 23.66
N THR E 625 -93.94 72.37 23.77
CA THR E 625 -94.72 73.06 22.75
C THR E 625 -93.95 73.25 21.45
N VAL E 626 -92.64 73.17 21.53
CA VAL E 626 -91.80 73.19 20.34
C VAL E 626 -92.00 71.92 19.56
N SER E 627 -92.30 70.84 20.27
CA SER E 627 -92.54 69.58 19.63
C SER E 627 -94.02 69.37 19.36
N SER E 628 -94.77 70.46 19.31
CA SER E 628 -96.22 70.34 19.11
C SER E 628 -96.61 70.70 17.69
N THR E 629 -97.00 71.95 17.50
CA THR E 629 -97.46 72.44 16.21
C THR E 629 -96.31 72.47 15.23
N ILE E 630 -96.14 71.36 14.51
CA ILE E 630 -95.00 71.20 13.61
C ILE E 630 -95.29 71.68 12.21
N PRO E 631 -94.22 71.88 11.45
CA PRO E 631 -94.29 72.50 10.15
C PRO E 631 -94.65 71.52 9.06
N ARG E 632 -94.01 71.69 7.90
CA ARG E 632 -94.27 70.96 6.65
C ARG E 632 -95.75 71.07 6.26
N GLU E 633 -96.45 69.95 6.32
CA GLU E 633 -97.89 69.92 6.11
C GLU E 633 -98.43 68.68 6.82
N THR E 634 -98.17 68.61 8.12
CA THR E 634 -98.50 67.40 8.88
C THR E 634 -99.33 67.70 10.14
N ILE E 635 -99.62 66.64 10.88
CA ILE E 635 -100.42 66.75 12.08
C ILE E 635 -99.62 67.40 13.19
N PRO E 636 -98.49 66.78 13.54
CA PRO E 636 -97.62 67.33 14.57
C PRO E 636 -96.23 66.78 14.42
N PHE E 637 -95.41 67.04 15.43
CA PHE E 637 -94.03 66.57 15.43
C PHE E 637 -93.96 65.11 15.89
N LEU E 638 -95.06 64.59 16.40
CA LEU E 638 -95.11 63.21 16.90
C LEU E 638 -96.55 62.72 16.96
N HIS E 639 -97.14 62.37 15.81
CA HIS E 639 -98.55 62.01 15.77
C HIS E 639 -98.85 60.66 16.37
N LEU E 640 -100.08 60.21 16.25
CA LEU E 640 -100.48 58.91 16.78
C LEU E 640 -101.66 58.36 16.00
N ARG E 641 -101.38 57.62 14.94
CA ARG E 641 -102.43 57.16 14.04
C ARG E 641 -103.18 55.95 14.58
N LYS E 642 -103.92 55.29 13.71
CA LYS E 642 -104.69 54.11 14.11
C LYS E 642 -104.90 53.20 12.92
N LYS E 643 -106.00 52.43 12.95
CA LYS E 643 -106.46 51.76 11.75
C LYS E 643 -107.24 52.80 10.97
N THR E 644 -107.44 52.59 9.68
CA THR E 644 -108.12 53.61 8.89
C THR E 644 -109.38 53.09 8.19
N PRO E 645 -110.50 53.03 8.92
CA PRO E 645 -111.80 52.54 8.44
C PRO E 645 -111.71 51.13 7.87
N ALA E 646 -111.09 51.01 6.71
CA ALA E 646 -110.64 49.72 6.21
C ALA E 646 -109.29 49.86 5.55
N GLY E 647 -108.39 50.63 6.17
CA GLY E 647 -107.09 50.87 5.55
C GLY E 647 -106.00 51.12 6.58
N ASP E 648 -105.04 51.98 6.20
CA ASP E 648 -103.78 52.12 6.91
C ASP E 648 -103.84 52.97 8.18
N TRP E 649 -103.09 54.07 8.20
CA TRP E 649 -102.83 54.76 9.45
C TRP E 649 -103.17 56.24 9.42
N LYS E 650 -104.46 56.55 9.50
CA LYS E 650 -104.90 57.93 9.48
C LYS E 650 -104.56 58.61 10.79
N TYR E 651 -104.02 59.82 10.70
CA TYR E 651 -103.58 60.54 11.89
C TYR E 651 -104.76 61.04 12.71
N ASP E 652 -105.38 60.16 13.48
CA ASP E 652 -106.51 60.52 14.34
C ASP E 652 -106.08 61.42 15.47
N ARG E 653 -106.75 62.55 15.60
CA ARG E 653 -106.36 63.58 16.55
C ARG E 653 -106.54 63.16 18.00
N GLN E 654 -107.51 62.28 18.23
CA GLN E 654 -107.89 61.91 19.59
C GLN E 654 -106.80 61.08 20.23
N LEU E 655 -106.22 60.20 19.45
CA LEU E 655 -105.09 59.44 19.91
C LEU E 655 -103.87 60.34 19.91
N SER E 656 -103.90 61.37 19.07
CA SER E 656 -102.77 62.29 18.95
C SER E 656 -102.85 63.38 19.99
N SER E 657 -103.97 63.42 20.69
CA SER E 657 -104.16 64.42 21.73
C SER E 657 -103.32 64.10 22.94
N LEU E 658 -103.73 63.09 23.67
CA LEU E 658 -103.26 62.81 25.02
C LEU E 658 -101.78 62.47 25.11
N PHE E 659 -101.22 61.93 24.03
CA PHE E 659 -99.81 61.58 24.00
C PHE E 659 -98.97 62.84 24.04
N LEU E 660 -99.46 63.88 23.37
CA LEU E 660 -98.83 65.17 23.43
C LEU E 660 -99.09 65.76 24.79
N ASP E 661 -100.26 65.47 25.33
CA ASP E 661 -100.63 65.97 26.65
C ASP E 661 -99.87 65.23 27.74
N GLY E 662 -99.45 64.01 27.45
CA GLY E 662 -98.69 63.22 28.41
C GLY E 662 -97.29 63.79 28.61
N LEU E 663 -96.75 64.36 27.55
CA LEU E 663 -95.48 65.06 27.65
C LEU E 663 -95.70 66.38 28.34
N GLU E 664 -96.89 66.93 28.16
CA GLU E 664 -97.31 68.13 28.87
C GLU E 664 -97.63 67.74 30.30
N LYS E 665 -97.97 66.47 30.46
CA LYS E 665 -98.07 65.88 31.79
C LYS E 665 -96.71 65.41 32.27
N ALA E 666 -95.66 65.70 31.51
CA ALA E 666 -94.31 65.41 31.95
C ALA E 666 -93.58 66.71 32.18
N ALA E 667 -92.26 66.66 32.03
CA ALA E 667 -91.35 67.78 32.25
C ALA E 667 -91.54 68.43 33.62
N PHE E 668 -92.48 69.37 33.68
CA PHE E 668 -92.82 70.06 34.91
C PHE E 668 -93.38 69.05 35.88
N ASN E 669 -94.43 68.38 35.44
CA ASN E 669 -94.98 67.30 36.22
C ASN E 669 -94.02 66.14 36.14
N GLY E 670 -94.06 65.32 37.17
CA GLY E 670 -93.17 64.17 37.28
C GLY E 670 -93.72 63.00 36.49
N VAL E 671 -92.98 61.89 36.46
CA VAL E 671 -93.48 60.65 35.85
C VAL E 671 -93.20 59.49 36.81
N THR E 672 -94.26 58.82 37.26
CA THR E 672 -94.20 57.81 38.31
C THR E 672 -94.34 56.40 37.73
N PHE E 673 -93.71 55.42 38.39
CA PHE E 673 -93.65 54.09 37.80
C PHE E 673 -93.69 52.96 38.82
N LYS E 674 -94.43 53.12 39.92
CA LYS E 674 -94.34 52.14 41.00
C LYS E 674 -95.01 50.82 40.61
N ASP E 675 -94.44 49.73 41.11
CA ASP E 675 -94.94 48.36 40.99
C ASP E 675 -95.12 47.95 39.53
N LYS E 676 -94.00 47.88 38.83
CA LYS E 676 -94.11 47.65 37.41
C LYS E 676 -93.47 46.38 36.93
N TYR E 677 -92.27 46.03 37.40
CA TYR E 677 -91.70 44.67 37.32
C TYR E 677 -91.52 44.19 35.88
N VAL E 678 -90.57 44.80 35.17
CA VAL E 678 -90.43 44.63 33.71
C VAL E 678 -89.06 43.99 33.41
N LEU E 679 -88.99 43.18 32.35
CA LEU E 679 -87.70 42.79 31.80
C LEU E 679 -87.49 43.50 30.46
N ILE E 680 -86.21 43.64 30.11
CA ILE E 680 -85.77 44.40 28.94
C ILE E 680 -84.68 43.61 28.25
N THR E 681 -84.81 43.43 26.94
CA THR E 681 -83.71 42.79 26.22
C THR E 681 -82.56 43.77 25.97
N GLY E 682 -82.90 45.03 25.69
CA GLY E 682 -82.02 46.08 25.21
C GLY E 682 -80.65 46.22 25.86
N ALA E 683 -79.64 46.22 25.02
CA ALA E 683 -78.25 46.03 25.45
C ALA E 683 -77.71 47.31 26.06
N GLY E 684 -76.39 47.40 26.15
CA GLY E 684 -75.75 48.36 27.03
C GLY E 684 -75.61 49.76 26.49
N LYS E 685 -74.35 50.20 26.34
CA LYS E 685 -73.97 51.59 26.55
C LYS E 685 -74.66 52.55 25.60
N GLY E 686 -74.58 52.33 24.30
CA GLY E 686 -75.11 53.29 23.37
C GLY E 686 -76.57 53.06 23.05
N SER E 687 -77.14 51.99 23.59
CA SER E 687 -78.49 51.59 23.23
C SER E 687 -79.52 52.56 23.80
N ILE E 688 -80.70 52.58 23.21
CA ILE E 688 -81.75 53.45 23.72
C ILE E 688 -82.36 52.85 24.98
N GLY E 689 -82.41 51.52 25.05
CA GLY E 689 -82.90 50.84 26.24
C GLY E 689 -82.06 51.09 27.47
N ALA E 690 -80.80 51.50 27.30
CA ALA E 690 -79.99 51.97 28.42
C ALA E 690 -80.66 53.15 29.10
N GLU E 691 -81.06 54.15 28.32
CA GLU E 691 -81.72 55.29 28.91
C GLU E 691 -83.13 54.95 29.39
N VAL E 692 -83.74 53.94 28.77
CA VAL E 692 -85.01 53.43 29.27
C VAL E 692 -84.83 52.84 30.66
N LEU E 693 -83.75 52.08 30.83
CA LEU E 693 -83.41 51.54 32.15
C LEU E 693 -83.15 52.64 33.16
N GLN E 694 -82.59 53.75 32.69
CA GLN E 694 -82.33 54.88 33.56
C GLN E 694 -83.63 55.46 34.09
N GLY E 695 -84.67 55.42 33.29
CA GLY E 695 -85.93 56.00 33.69
C GLY E 695 -86.65 55.21 34.74
N LEU E 696 -86.68 53.88 34.59
CA LEU E 696 -87.55 53.08 35.44
C LEU E 696 -87.01 52.97 36.85
N LEU E 697 -85.70 52.88 36.98
CA LEU E 697 -85.11 52.88 38.31
C LEU E 697 -85.28 54.22 38.98
N GLN E 698 -85.26 55.29 38.18
CA GLN E 698 -85.69 56.59 38.68
C GLN E 698 -87.17 56.58 38.98
N GLY E 699 -87.97 55.94 38.12
CA GLY E 699 -89.38 55.81 38.37
C GLY E 699 -89.71 54.82 39.47
N GLY E 700 -88.75 54.01 39.87
CA GLY E 700 -88.92 53.12 40.98
C GLY E 700 -89.45 51.76 40.63
N ALA E 701 -89.41 51.38 39.37
CA ALA E 701 -89.80 50.02 39.00
C ALA E 701 -88.73 49.05 39.45
N LYS E 702 -89.05 47.77 39.43
CA LYS E 702 -88.08 46.74 39.76
C LYS E 702 -87.83 45.92 38.51
N VAL E 703 -86.77 46.28 37.80
CA VAL E 703 -86.53 45.87 36.43
C VAL E 703 -85.39 44.86 36.41
N VAL E 704 -85.54 43.82 35.62
CA VAL E 704 -84.44 42.89 35.38
C VAL E 704 -83.99 43.04 33.93
N VAL E 705 -82.75 42.65 33.65
CA VAL E 705 -82.12 42.91 32.37
C VAL E 705 -81.25 41.73 31.97
N THR E 706 -81.43 41.26 30.74
CA THR E 706 -80.58 40.25 30.15
C THR E 706 -79.48 40.87 29.31
N THR E 707 -78.49 40.04 29.00
CA THR E 707 -77.40 40.42 28.11
C THR E 707 -76.69 39.19 27.62
N SER E 708 -75.95 39.37 26.53
CA SER E 708 -75.12 38.29 26.00
C SER E 708 -73.77 38.28 26.68
N ARG E 709 -73.04 39.38 26.58
CA ARG E 709 -71.71 39.49 27.17
C ARG E 709 -71.82 39.57 28.68
N PHE E 710 -71.01 38.76 29.37
CA PHE E 710 -70.93 38.78 30.81
C PHE E 710 -69.48 38.75 31.22
N SER E 711 -69.06 39.75 31.98
CA SER E 711 -67.72 39.80 32.54
C SER E 711 -67.73 40.76 33.70
N LYS E 712 -66.55 40.98 34.27
CA LYS E 712 -66.39 42.06 35.24
C LYS E 712 -66.67 43.41 34.60
N GLN E 713 -66.23 43.59 33.35
CA GLN E 713 -66.53 44.81 32.62
C GLN E 713 -68.03 44.99 32.40
N VAL E 714 -68.74 43.88 32.20
CA VAL E 714 -70.19 43.97 32.14
C VAL E 714 -70.75 44.29 33.52
N THR E 715 -70.11 43.80 34.58
CA THR E 715 -70.70 43.85 35.90
C THR E 715 -70.73 45.26 36.45
N ASP E 716 -69.56 45.92 36.50
CA ASP E 716 -69.42 47.17 37.23
C ASP E 716 -70.16 48.32 36.57
N TYR E 717 -70.38 48.24 35.26
CA TYR E 717 -71.25 49.21 34.61
C TYR E 717 -72.66 49.13 35.16
N TYR E 718 -73.13 47.91 35.40
CA TYR E 718 -74.39 47.74 36.12
C TYR E 718 -74.14 47.64 37.61
N GLN E 719 -73.30 48.54 38.11
CA GLN E 719 -73.28 48.90 39.51
C GLN E 719 -73.60 50.37 39.68
N SER E 720 -72.95 51.23 38.89
CA SER E 720 -73.10 52.66 39.08
C SER E 720 -74.46 53.15 38.63
N ILE E 721 -75.02 52.54 37.59
CA ILE E 721 -76.36 52.92 37.15
C ILE E 721 -77.36 52.60 38.25
N TYR E 722 -77.19 51.46 38.90
CA TYR E 722 -77.97 51.20 40.10
C TYR E 722 -77.57 52.14 41.22
N ALA E 723 -76.30 52.53 41.29
CA ALA E 723 -75.84 53.45 42.32
C ALA E 723 -76.20 54.89 42.01
N LYS E 724 -76.42 55.24 40.75
CA LYS E 724 -76.87 56.57 40.41
C LYS E 724 -78.38 56.69 40.33
N TYR E 725 -79.10 55.58 40.26
CA TYR E 725 -80.53 55.67 40.04
C TYR E 725 -81.34 54.77 40.94
N GLY E 726 -80.76 54.29 42.03
CA GLY E 726 -81.58 53.60 43.02
C GLY E 726 -82.50 54.56 43.72
N ALA E 727 -83.77 54.54 43.34
CA ALA E 727 -84.76 55.35 44.00
C ALA E 727 -85.37 54.53 45.14
N LYS E 728 -86.49 55.01 45.68
CA LYS E 728 -87.04 54.51 46.93
C LYS E 728 -87.48 53.05 46.84
N GLY E 729 -87.85 52.58 45.67
CA GLY E 729 -88.37 51.23 45.54
C GLY E 729 -87.77 50.45 44.39
N SER E 730 -86.47 50.57 44.18
CA SER E 730 -85.85 50.14 42.95
C SER E 730 -84.83 49.04 43.22
N THR E 731 -85.04 47.86 42.65
CA THR E 731 -83.99 46.86 42.59
C THR E 731 -83.74 46.46 41.15
N LEU E 732 -82.57 45.88 40.91
CA LEU E 732 -82.12 45.53 39.59
C LEU E 732 -81.55 44.13 39.61
N ILE E 733 -81.83 43.34 38.58
CA ILE E 733 -81.19 42.05 38.40
C ILE E 733 -80.56 42.04 37.03
N VAL E 734 -79.27 41.75 36.99
CA VAL E 734 -78.57 41.43 35.75
C VAL E 734 -78.65 39.92 35.55
N VAL E 735 -79.07 39.49 34.37
CA VAL E 735 -79.06 38.07 34.05
C VAL E 735 -78.25 37.88 32.79
N PRO E 736 -77.41 36.86 32.69
CA PRO E 736 -76.81 36.52 31.40
C PRO E 736 -77.67 35.51 30.66
N PHE E 737 -77.98 35.82 29.41
CA PHE E 737 -78.94 35.02 28.64
C PHE E 737 -78.82 35.38 27.18
N ASN E 738 -78.77 34.38 26.32
CA ASN E 738 -78.75 34.59 24.88
C ASN E 738 -80.17 34.61 24.37
N GLN E 739 -80.52 35.69 23.67
CA GLN E 739 -81.91 35.89 23.25
C GLN E 739 -82.31 34.88 22.18
N GLY E 740 -81.40 34.52 21.29
CA GLY E 740 -81.65 33.47 20.34
C GLY E 740 -81.45 32.12 21.00
N SER E 741 -81.54 31.07 20.17
CA SER E 741 -81.28 29.69 20.56
C SER E 741 -82.22 29.25 21.69
N LYS E 742 -83.49 29.07 21.30
CA LYS E 742 -84.65 28.98 22.16
C LYS E 742 -84.57 28.06 23.37
N GLN E 743 -83.62 27.12 23.41
CA GLN E 743 -83.47 26.20 24.53
C GLN E 743 -83.10 26.90 25.84
N ASP E 744 -82.73 28.18 25.77
CA ASP E 744 -82.52 28.99 26.95
C ASP E 744 -83.67 29.96 27.23
N VAL E 745 -84.61 30.15 26.29
CA VAL E 745 -85.61 31.19 26.52
C VAL E 745 -86.70 30.73 27.46
N GLU E 746 -86.87 29.41 27.65
CA GLU E 746 -87.96 28.94 28.49
C GLU E 746 -87.65 29.15 29.95
N ALA E 747 -86.40 28.85 30.35
CA ALA E 747 -86.05 28.79 31.75
C ALA E 747 -86.04 30.15 32.41
N LEU E 748 -85.59 31.18 31.70
CA LEU E 748 -85.62 32.53 32.25
C LEU E 748 -87.06 33.01 32.41
N ILE E 749 -87.90 32.74 31.42
CA ILE E 749 -89.32 33.06 31.54
C ILE E 749 -89.96 32.22 32.62
N GLU E 750 -89.45 31.01 32.84
CA GLU E 750 -89.84 30.28 34.03
C GLU E 750 -89.32 30.98 35.27
N PHE E 751 -88.02 31.32 35.27
CA PHE E 751 -87.36 31.90 36.43
C PHE E 751 -87.96 33.21 36.87
N ILE E 752 -88.54 33.97 35.94
CA ILE E 752 -89.21 35.20 36.31
C ILE E 752 -90.61 34.96 36.84
N TYR E 753 -91.09 33.72 36.86
CA TYR E 753 -92.44 33.44 37.32
C TYR E 753 -92.52 32.32 38.34
N ASP E 754 -91.39 31.77 38.81
CA ASP E 754 -91.52 30.57 39.61
C ASP E 754 -91.92 30.86 41.05
N THR E 755 -92.31 29.79 41.71
CA THR E 755 -92.64 29.76 43.12
C THR E 755 -91.42 30.11 43.95
N GLU E 756 -91.65 30.88 45.01
CA GLU E 756 -90.60 31.26 45.96
C GLU E 756 -89.94 30.05 46.61
N LYS E 757 -90.66 28.94 46.76
CA LYS E 757 -90.06 27.71 47.24
C LYS E 757 -89.37 26.93 46.13
N ASN E 758 -89.22 27.54 44.96
CA ASN E 758 -88.32 27.09 43.92
C ASN E 758 -87.42 28.29 43.71
N GLY E 759 -86.70 28.34 42.59
CA GLY E 759 -85.78 29.41 42.22
C GLY E 759 -86.19 30.84 42.54
N GLY E 760 -87.49 31.11 42.47
CA GLY E 760 -88.04 32.27 43.11
C GLY E 760 -88.48 33.29 42.10
N LEU E 761 -88.43 34.55 42.53
CA LEU E 761 -88.75 35.73 41.71
C LEU E 761 -90.19 35.62 41.19
N GLY E 762 -91.10 35.61 42.15
CA GLY E 762 -92.49 35.38 41.83
C GLY E 762 -93.21 36.65 41.45
N TRP E 763 -92.96 37.13 40.26
CA TRP E 763 -93.48 38.42 39.85
C TRP E 763 -94.62 38.22 38.86
N ASP E 764 -95.15 39.35 38.37
CA ASP E 764 -96.30 39.31 37.47
C ASP E 764 -96.02 39.82 36.08
N LEU E 765 -94.93 40.56 35.88
CA LEU E 765 -94.46 41.03 34.58
C LEU E 765 -95.49 41.91 33.87
N ASP E 766 -95.69 43.09 34.44
CA ASP E 766 -96.72 43.99 33.92
C ASP E 766 -96.37 44.61 32.58
N ALA E 767 -95.08 44.77 32.24
CA ALA E 767 -94.76 45.28 30.92
C ALA E 767 -93.45 44.68 30.44
N ILE E 768 -93.21 44.76 29.13
CA ILE E 768 -92.10 44.09 28.44
C ILE E 768 -91.67 44.96 27.27
N ILE E 769 -90.39 45.30 27.18
CA ILE E 769 -89.87 45.88 25.93
C ILE E 769 -88.60 45.14 25.49
N PRO E 770 -88.68 44.31 24.50
CA PRO E 770 -87.47 43.70 23.97
C PRO E 770 -86.88 44.53 22.84
N PHE E 771 -85.56 44.65 22.81
CA PHE E 771 -84.87 45.27 21.70
C PHE E 771 -83.97 44.26 21.00
N ALA E 772 -83.41 44.71 19.90
CA ALA E 772 -82.71 43.84 18.98
C ALA E 772 -81.21 43.86 19.28
N ALA E 773 -80.44 43.39 18.31
CA ALA E 773 -78.98 43.39 18.24
C ALA E 773 -78.66 43.25 16.76
N ILE E 774 -77.44 42.78 16.45
CA ILE E 774 -77.10 42.12 15.19
C ILE E 774 -77.29 43.04 13.98
N PRO E 775 -76.32 43.90 13.67
CA PRO E 775 -76.51 44.91 12.61
C PRO E 775 -76.89 44.39 11.22
N GLU E 776 -76.15 43.43 10.66
CA GLU E 776 -76.40 42.85 9.33
C GLU E 776 -76.40 43.93 8.24
N GLN E 777 -75.21 44.42 7.97
CA GLN E 777 -75.04 45.53 7.06
C GLN E 777 -74.27 45.11 5.82
N GLY E 778 -74.37 45.93 4.79
CA GLY E 778 -73.53 45.81 3.63
C GLY E 778 -73.73 44.58 2.78
N ILE E 779 -74.90 43.98 2.82
CA ILE E 779 -75.18 42.78 2.04
C ILE E 779 -76.56 42.89 1.41
N GLU E 780 -76.62 42.70 0.09
CA GLU E 780 -77.85 42.83 -0.68
C GLU E 780 -78.61 41.50 -0.66
N LEU E 781 -79.53 41.34 -1.61
CA LEU E 781 -80.40 40.18 -1.75
C LEU E 781 -79.65 38.86 -1.89
N GLU E 782 -78.40 38.89 -2.36
CA GLU E 782 -77.73 37.66 -2.76
C GLU E 782 -77.25 36.83 -1.58
N HIS E 783 -77.41 37.32 -0.36
CA HIS E 783 -76.74 36.72 0.80
C HIS E 783 -77.75 36.32 1.86
N ILE E 784 -78.32 35.13 1.69
CA ILE E 784 -79.17 34.51 2.70
C ILE E 784 -78.41 33.44 3.48
N ASP E 785 -77.08 33.55 3.47
CA ASP E 785 -76.22 32.61 4.16
C ASP E 785 -76.18 32.91 5.65
N SER E 786 -75.17 32.38 6.33
CA SER E 786 -75.10 32.32 7.78
C SER E 786 -74.84 33.69 8.39
N LYS E 787 -74.30 33.75 9.60
CA LYS E 787 -74.70 34.57 10.74
C LYS E 787 -75.60 35.81 10.50
N SER E 788 -75.57 36.44 9.32
CA SER E 788 -76.74 37.20 8.86
C SER E 788 -78.04 36.41 8.99
N GLU E 789 -78.01 35.09 8.77
CA GLU E 789 -79.17 34.24 8.96
C GLU E 789 -79.67 34.29 10.40
N PHE E 790 -78.75 34.37 11.35
CA PHE E 790 -79.05 34.26 12.79
C PHE E 790 -79.90 35.41 13.28
N ALA E 791 -79.99 36.50 12.52
CA ALA E 791 -80.79 37.63 12.95
C ALA E 791 -82.28 37.35 12.82
N HIS E 792 -82.68 36.61 11.78
CA HIS E 792 -84.10 36.40 11.57
C HIS E 792 -84.68 35.49 12.63
N ARG E 793 -83.88 34.57 13.14
CA ARG E 793 -84.36 33.75 14.24
C ARG E 793 -84.41 34.56 15.52
N ILE E 794 -83.57 35.59 15.65
CA ILE E 794 -83.51 36.31 16.91
C ILE E 794 -84.36 37.58 16.88
N MET E 795 -84.76 38.07 15.72
CA MET E 795 -85.55 39.28 15.70
C MET E 795 -87.05 39.02 15.67
N LEU E 796 -87.48 37.84 15.35
CA LEU E 796 -88.88 37.55 15.59
C LEU E 796 -89.12 36.18 16.19
N THR E 797 -88.29 35.20 15.86
CA THR E 797 -88.71 33.81 16.02
C THR E 797 -88.58 33.34 17.46
N ASN E 798 -87.48 33.68 18.12
CA ASN E 798 -87.48 33.57 19.57
C ASN E 798 -88.46 34.54 20.18
N ILE E 799 -88.66 35.69 19.54
CA ILE E 799 -89.46 36.74 20.14
C ILE E 799 -90.95 36.39 20.09
N LEU E 800 -91.43 35.91 18.94
CA LEU E 800 -92.85 35.63 18.80
C LEU E 800 -93.28 34.47 19.68
N ARG E 801 -92.37 33.54 19.97
CA ARG E 801 -92.71 32.55 20.97
C ARG E 801 -92.68 33.11 22.38
N MET E 802 -91.94 34.20 22.60
CA MET E 802 -91.77 34.70 23.96
C MET E 802 -93.03 35.38 24.46
N MET E 803 -93.65 36.22 23.63
CA MET E 803 -94.93 36.80 24.05
C MET E 803 -96.02 35.75 24.09
N GLY E 804 -95.91 34.70 23.30
CA GLY E 804 -96.86 33.61 23.40
C GLY E 804 -96.75 32.87 24.71
N CYS E 805 -95.53 32.47 25.07
CA CYS E 805 -95.33 31.59 26.22
C CYS E 805 -95.60 32.30 27.54
N VAL E 806 -95.40 33.62 27.57
CA VAL E 806 -95.71 34.38 28.78
C VAL E 806 -97.20 34.33 29.05
N LYS E 807 -98.01 34.40 27.99
CA LYS E 807 -99.44 34.17 28.14
C LYS E 807 -99.72 32.76 28.61
N LYS E 808 -98.96 31.79 28.09
CA LYS E 808 -99.11 30.41 28.54
C LYS E 808 -98.68 30.28 30.00
N GLN E 809 -97.72 31.09 30.43
CA GLN E 809 -97.37 31.12 31.83
C GLN E 809 -98.44 31.82 32.65
N LYS E 810 -98.94 32.94 32.15
CA LYS E 810 -99.89 33.75 32.91
C LYS E 810 -101.22 33.04 33.05
N SER E 811 -101.76 32.56 31.94
CA SER E 811 -103.08 31.97 31.97
C SER E 811 -103.08 30.58 32.60
N ALA E 812 -101.91 29.98 32.81
CA ALA E 812 -101.87 28.77 33.62
C ALA E 812 -102.18 29.08 35.07
N ARG E 813 -101.79 30.27 35.54
CA ARG E 813 -102.02 30.60 36.93
C ARG E 813 -103.38 31.26 37.13
N GLY E 814 -103.83 32.05 36.16
CA GLY E 814 -105.16 32.61 36.26
C GLY E 814 -105.19 34.03 36.81
N ILE E 815 -104.40 34.92 36.22
CA ILE E 815 -104.18 36.26 36.76
C ILE E 815 -104.80 37.28 35.83
N GLU E 816 -105.95 36.91 35.25
CA GLU E 816 -106.53 37.53 34.06
C GLU E 816 -106.82 39.03 34.20
N THR E 817 -106.94 39.56 35.41
CA THR E 817 -107.31 40.96 35.57
C THR E 817 -106.18 41.94 35.27
N ARG E 818 -104.97 41.47 35.04
CA ARG E 818 -103.80 42.33 34.94
C ARG E 818 -102.96 41.89 33.78
N PRO E 819 -103.23 42.43 32.60
CA PRO E 819 -102.49 42.00 31.41
C PRO E 819 -101.11 42.61 31.37
N ALA E 820 -100.35 42.23 30.35
CA ALA E 820 -99.00 42.71 30.17
C ALA E 820 -98.90 43.52 28.89
N GLN E 821 -98.29 44.70 28.97
CA GLN E 821 -98.19 45.58 27.83
C GLN E 821 -96.81 45.49 27.21
N VAL E 822 -96.75 45.17 25.93
CA VAL E 822 -95.47 45.18 25.24
C VAL E 822 -95.37 46.44 24.42
N ILE E 823 -94.14 46.83 24.15
CA ILE E 823 -93.83 47.92 23.23
C ILE E 823 -92.77 47.38 22.29
N LEU E 824 -93.15 47.11 21.10
CA LEU E 824 -92.25 46.55 20.11
C LEU E 824 -91.69 47.66 19.24
N PRO E 825 -90.37 47.72 19.06
CA PRO E 825 -89.80 48.68 18.11
C PRO E 825 -90.16 48.35 16.68
N MET E 826 -90.52 49.38 15.93
CA MET E 826 -90.80 49.29 14.50
C MET E 826 -89.86 50.24 13.76
N SER E 827 -90.05 50.33 12.44
CA SER E 827 -89.21 51.19 11.62
C SER E 827 -89.91 51.55 10.32
N PRO E 828 -89.75 52.78 9.84
CA PRO E 828 -90.47 53.17 8.62
C PRO E 828 -89.66 53.02 7.35
N ASN E 829 -88.40 52.59 7.43
CA ASN E 829 -87.49 52.67 6.28
C ASN E 829 -87.47 51.34 5.55
N HIS E 830 -88.61 50.65 5.58
CA HIS E 830 -88.76 49.34 4.98
C HIS E 830 -88.67 49.48 3.47
N GLY E 831 -87.70 48.79 2.88
CA GLY E 831 -87.44 48.94 1.46
C GLY E 831 -86.87 50.27 1.07
N THR E 832 -86.35 51.04 2.02
CA THR E 832 -85.82 52.36 1.71
C THR E 832 -84.31 52.34 1.64
N PHE E 833 -83.65 51.92 2.71
CA PHE E 833 -82.20 51.92 2.72
C PHE E 833 -81.67 50.69 2.00
N GLY E 834 -80.34 50.58 1.92
CA GLY E 834 -79.70 49.75 0.95
C GLY E 834 -79.47 48.32 1.38
N GLY E 835 -78.21 47.90 1.47
CA GLY E 835 -77.89 46.49 1.66
C GLY E 835 -78.26 46.01 3.05
N ASP E 836 -79.57 45.95 3.31
CA ASP E 836 -80.11 45.67 4.62
C ASP E 836 -79.95 44.21 4.98
N GLY E 837 -80.01 43.36 4.00
CA GLY E 837 -80.15 41.94 4.30
C GLY E 837 -81.58 41.61 4.76
N MET E 838 -81.70 41.15 5.99
CA MET E 838 -82.97 40.70 6.53
C MET E 838 -83.46 41.55 7.69
N TYR E 839 -82.84 42.71 7.92
CA TYR E 839 -83.14 43.48 9.13
C TYR E 839 -84.49 44.17 9.02
N SER E 840 -84.65 45.08 8.07
CA SER E 840 -85.92 45.76 7.86
C SER E 840 -86.98 44.78 7.40
N GLU E 841 -86.56 43.71 6.73
CA GLU E 841 -87.49 42.79 6.10
C GLU E 841 -88.11 41.86 7.13
N SER E 842 -87.35 41.51 8.18
CA SER E 842 -87.98 40.83 9.30
C SER E 842 -88.73 41.82 10.16
N LYS E 843 -88.37 43.09 10.06
CA LYS E 843 -89.00 44.10 10.89
C LYS E 843 -90.44 44.34 10.46
N LEU E 844 -90.71 44.30 9.18
CA LEU E 844 -92.05 44.58 8.71
C LEU E 844 -92.95 43.35 8.77
N SER E 845 -92.53 42.31 9.47
CA SER E 845 -93.31 41.13 9.73
C SER E 845 -93.96 41.15 11.11
N LEU E 846 -93.83 42.25 11.84
CA LEU E 846 -94.37 42.26 13.19
C LEU E 846 -95.81 42.67 13.24
N GLU E 847 -96.23 43.49 12.27
CA GLU E 847 -97.51 44.22 12.30
C GLU E 847 -98.72 43.31 12.24
N THR E 848 -98.53 42.05 11.87
CA THR E 848 -99.57 41.05 11.94
C THR E 848 -100.08 40.84 13.36
N LEU E 849 -99.27 41.15 14.37
CA LEU E 849 -99.67 41.05 15.78
C LEU E 849 -100.88 41.92 16.09
N PHE E 850 -101.09 42.97 15.32
CA PHE E 850 -102.25 43.81 15.51
C PHE E 850 -103.53 43.06 15.17
N ASN E 851 -103.63 42.54 13.96
CA ASN E 851 -104.82 41.80 13.59
C ASN E 851 -104.91 40.46 14.28
N ARG E 852 -103.80 39.96 14.82
CA ARG E 852 -103.86 38.79 15.67
C ARG E 852 -104.51 39.11 17.01
N TRP E 853 -104.58 40.38 17.42
CA TRP E 853 -105.25 40.74 18.66
C TRP E 853 -106.76 40.72 18.52
N HIS E 854 -107.27 40.34 17.36
CA HIS E 854 -108.58 39.71 17.30
C HIS E 854 -108.39 38.35 16.64
N SER E 855 -109.40 37.51 16.79
CA SER E 855 -109.45 36.14 16.27
C SER E 855 -108.34 35.25 16.80
N GLU E 856 -107.74 35.60 17.92
CA GLU E 856 -106.85 34.70 18.63
C GLU E 856 -106.94 35.00 20.12
N SER E 857 -107.27 33.99 20.91
CA SER E 857 -107.64 34.18 22.31
C SER E 857 -106.41 34.46 23.15
N TRP E 858 -105.97 35.72 23.12
CA TRP E 858 -104.99 36.14 24.10
C TRP E 858 -105.19 37.59 24.51
N ALA E 859 -106.34 38.18 24.17
CA ALA E 859 -106.51 39.62 24.36
C ALA E 859 -106.69 40.01 25.81
N ASN E 860 -107.09 39.09 26.67
CA ASN E 860 -107.18 39.41 28.08
C ASN E 860 -105.88 39.20 28.80
N GLN E 861 -104.79 39.03 28.07
CA GLN E 861 -103.50 38.81 28.70
C GLN E 861 -102.40 39.74 28.21
N LEU E 862 -102.45 40.21 26.96
CA LEU E 862 -101.38 41.04 26.44
C LEU E 862 -101.91 42.27 25.72
N THR E 863 -100.98 43.13 25.31
CA THR E 863 -101.32 44.34 24.56
C THR E 863 -100.08 44.79 23.80
N VAL E 864 -100.24 45.03 22.49
CA VAL E 864 -99.17 45.58 21.66
C VAL E 864 -99.44 47.06 21.42
N CYS E 865 -98.38 47.86 21.44
CA CYS E 865 -98.43 49.27 21.05
C CYS E 865 -97.10 49.58 20.39
N GLY E 866 -97.10 49.78 19.08
CA GLY E 866 -95.87 49.88 18.33
C GLY E 866 -95.11 51.17 18.59
N ALA E 867 -93.90 51.21 18.04
CA ALA E 867 -93.02 52.37 18.18
C ALA E 867 -92.03 52.32 17.04
N ILE E 868 -92.05 53.33 16.16
CA ILE E 868 -91.45 53.17 14.84
C ILE E 868 -90.07 53.81 14.78
N ILE E 869 -89.53 54.23 15.92
CA ILE E 869 -88.56 55.30 16.14
C ILE E 869 -87.47 55.47 15.09
N GLY E 870 -87.23 56.71 14.69
CA GLY E 870 -86.34 56.99 13.58
C GLY E 870 -85.27 57.98 13.92
N TRP E 871 -84.07 57.69 13.42
CA TRP E 871 -83.01 58.67 13.20
C TRP E 871 -82.52 59.33 14.49
N THR E 872 -81.85 58.52 15.29
CA THR E 872 -81.27 58.99 16.53
C THR E 872 -79.84 59.46 16.32
N ARG E 873 -79.53 60.63 16.85
CA ARG E 873 -78.17 61.17 16.94
C ARG E 873 -77.47 60.49 18.12
N GLY E 874 -76.32 61.01 18.54
CA GLY E 874 -75.67 60.50 19.74
C GLY E 874 -74.92 59.19 19.60
N THR E 875 -73.82 59.18 18.87
CA THR E 875 -72.99 57.99 18.75
C THR E 875 -72.33 57.73 20.08
N GLY E 876 -72.94 56.84 20.86
CA GLY E 876 -72.22 56.05 21.82
C GLY E 876 -72.05 54.70 21.17
N LEU E 877 -73.17 54.17 20.68
CA LEU E 877 -73.25 53.06 19.74
C LEU E 877 -74.53 53.19 18.93
N MET E 878 -74.47 52.74 17.67
CA MET E 878 -75.62 52.57 16.78
C MET E 878 -76.36 53.89 16.50
N SER E 879 -75.63 54.96 16.24
CA SER E 879 -76.22 56.16 15.64
C SER E 879 -75.77 56.22 14.19
N ALA E 880 -76.58 55.62 13.32
CA ALA E 880 -76.24 55.48 11.91
C ALA E 880 -76.23 56.84 11.21
N ASN E 881 -75.21 57.04 10.38
CA ASN E 881 -75.00 58.26 9.60
C ASN E 881 -74.93 59.49 10.52
N ASN E 882 -74.01 59.41 11.47
CA ASN E 882 -73.87 60.47 12.45
C ASN E 882 -73.03 61.62 11.92
N ILE E 883 -73.37 62.12 10.73
CA ILE E 883 -72.53 63.08 10.05
C ILE E 883 -73.37 64.29 9.73
N ILE E 884 -74.54 64.07 9.16
CA ILE E 884 -75.20 65.16 8.49
C ILE E 884 -76.04 65.98 9.46
N ALA E 885 -77.20 65.43 9.83
CA ALA E 885 -78.06 65.91 10.91
C ALA E 885 -78.54 67.35 10.85
N GLU E 886 -78.11 68.12 9.87
CA GLU E 886 -78.40 69.54 9.93
C GLU E 886 -78.94 70.06 8.62
N GLY E 887 -78.40 69.60 7.49
CA GLY E 887 -79.01 69.92 6.22
C GLY E 887 -80.34 69.24 6.04
N ILE E 888 -80.57 68.16 6.77
CA ILE E 888 -81.90 67.58 6.84
C ILE E 888 -82.82 68.35 7.77
N GLU E 889 -82.31 69.32 8.52
CA GLU E 889 -83.19 70.27 9.19
C GLU E 889 -83.45 71.51 8.35
N LYS E 890 -82.93 71.58 7.13
CA LYS E 890 -83.20 72.74 6.29
C LYS E 890 -84.00 72.38 5.04
N MET E 891 -83.47 71.50 4.19
CA MET E 891 -84.17 71.11 2.97
C MET E 891 -85.28 70.15 3.38
N GLY E 892 -86.39 70.75 3.81
CA GLY E 892 -87.24 70.06 4.73
C GLY E 892 -86.76 70.42 6.13
N VAL E 893 -87.67 70.95 6.94
CA VAL E 893 -87.33 71.66 8.17
C VAL E 893 -87.41 70.69 9.33
N ARG E 894 -87.23 69.41 9.03
CA ARG E 894 -87.69 68.37 9.92
C ARG E 894 -86.64 67.99 10.96
N THR E 895 -87.11 67.69 12.17
CA THR E 895 -86.32 67.53 13.39
C THR E 895 -85.62 66.19 13.50
N PHE E 896 -85.34 65.84 14.76
CA PHE E 896 -84.73 64.62 15.25
C PHE E 896 -83.28 64.44 14.88
N SER E 897 -82.47 65.35 15.39
CA SER E 897 -81.10 65.08 15.76
C SER E 897 -80.98 64.95 17.28
N GLN E 898 -82.01 64.42 17.94
CA GLN E 898 -82.12 64.46 19.39
C GLN E 898 -82.08 63.06 19.97
N LYS E 899 -81.06 62.78 20.77
CA LYS E 899 -80.87 61.45 21.33
C LYS E 899 -81.77 61.15 22.50
N GLU E 900 -82.47 62.14 23.06
CA GLU E 900 -83.25 61.86 24.24
C GLU E 900 -84.73 61.72 23.91
N MET E 901 -84.98 61.07 22.78
CA MET E 901 -86.31 60.67 22.34
C MET E 901 -86.96 59.63 23.23
N ALA E 902 -86.17 58.91 24.03
CA ALA E 902 -86.71 57.94 24.96
C ALA E 902 -87.61 58.57 26.00
N PHE E 903 -87.47 59.88 26.21
CA PHE E 903 -88.41 60.64 27.00
C PHE E 903 -89.82 60.52 26.47
N ASN E 904 -89.99 60.49 25.15
CA ASN E 904 -91.30 60.18 24.59
C ASN E 904 -91.66 58.72 24.83
N LEU E 905 -90.67 57.83 24.70
CA LEU E 905 -90.92 56.40 24.90
C LEU E 905 -91.35 56.12 26.32
N LEU E 906 -90.71 56.79 27.28
CA LEU E 906 -91.01 56.55 28.68
C LEU E 906 -92.39 57.04 29.05
N GLY E 907 -92.94 57.98 28.28
CA GLY E 907 -94.34 58.32 28.47
C GLY E 907 -95.26 57.21 28.03
N LEU E 908 -94.80 56.36 27.13
CA LEU E 908 -95.64 55.30 26.59
C LEU E 908 -95.63 54.06 27.44
N LEU E 909 -95.33 54.18 28.73
CA LEU E 909 -95.57 53.12 29.70
C LEU E 909 -96.46 53.60 30.84
N THR E 910 -96.76 54.85 30.87
CA THR E 910 -97.40 55.50 32.00
C THR E 910 -98.88 55.14 32.09
N PRO E 911 -99.42 55.00 33.30
CA PRO E 911 -100.86 54.85 33.46
C PRO E 911 -101.56 56.14 33.06
N GLU E 912 -102.84 55.96 32.70
CA GLU E 912 -103.79 56.77 31.92
C GLU E 912 -103.49 56.63 30.44
N VAL E 913 -102.38 55.99 30.09
CA VAL E 913 -102.17 55.58 28.71
C VAL E 913 -102.40 54.09 28.55
N VAL E 914 -101.99 53.33 29.57
CA VAL E 914 -102.21 51.88 29.62
C VAL E 914 -103.70 51.56 29.60
N GLU E 915 -104.53 52.49 30.09
CA GLU E 915 -105.96 52.40 29.93
C GLU E 915 -106.35 52.33 28.47
N LEU E 916 -105.75 53.18 27.64
CA LEU E 916 -106.00 53.12 26.21
C LEU E 916 -105.37 51.88 25.59
N CYS E 917 -104.29 51.42 26.19
CA CYS E 917 -103.73 50.13 25.81
C CYS E 917 -104.64 48.99 26.22
N GLN E 918 -105.44 49.18 27.26
CA GLN E 918 -106.46 48.18 27.52
C GLN E 918 -107.68 48.33 26.62
N LYS E 919 -107.73 49.37 25.79
CA LYS E 919 -108.79 49.48 24.79
C LYS E 919 -108.37 48.92 23.44
N SER E 920 -107.39 49.55 22.81
CA SER E 920 -107.04 49.26 21.43
C SER E 920 -105.55 49.47 21.26
N PRO E 921 -104.91 48.73 20.34
CA PRO E 921 -103.48 48.94 20.09
C PRO E 921 -103.22 50.29 19.45
N VAL E 922 -102.01 50.78 19.65
CA VAL E 922 -101.66 52.15 19.29
C VAL E 922 -100.47 52.11 18.33
N MET E 923 -100.68 52.59 17.11
CA MET E 923 -99.59 52.96 16.22
C MET E 923 -99.34 54.46 16.38
N ALA E 924 -98.17 54.81 16.88
CA ALA E 924 -97.80 56.21 17.06
C ALA E 924 -96.47 56.43 16.36
N ASP E 925 -96.49 57.21 15.29
CA ASP E 925 -95.26 57.47 14.56
C ASP E 925 -94.38 58.40 15.38
N LEU E 926 -93.51 57.80 16.19
CA LEU E 926 -92.56 58.58 16.99
C LEU E 926 -91.45 59.14 16.14
N ASN E 927 -91.31 58.64 14.91
CA ASN E 927 -90.50 59.35 13.96
C ASN E 927 -91.11 60.71 13.68
N GLY E 928 -90.32 61.73 13.93
CA GLY E 928 -90.77 63.07 13.64
C GLY E 928 -90.61 63.35 12.17
N GLY E 929 -91.53 62.84 11.36
CA GLY E 929 -91.79 63.42 10.05
C GLY E 929 -90.73 63.27 8.99
N LEU E 930 -89.82 62.31 9.12
CA LEU E 930 -88.84 62.16 8.06
C LEU E 930 -89.40 61.49 6.80
N GLN E 931 -90.57 60.87 6.88
CA GLN E 931 -91.11 60.13 5.74
C GLN E 931 -91.65 61.05 4.65
N PHE E 932 -91.74 62.35 4.91
CA PHE E 932 -92.40 63.24 3.99
C PHE E 932 -91.47 63.76 2.90
N VAL E 933 -90.17 63.59 3.05
CA VAL E 933 -89.28 63.90 1.95
C VAL E 933 -89.43 62.78 0.92
N PRO E 934 -89.44 63.09 -0.36
CA PRO E 934 -89.33 62.02 -1.36
C PRO E 934 -87.87 61.73 -1.62
N GLU E 935 -87.58 60.43 -1.75
CA GLU E 935 -86.26 59.91 -2.10
C GLU E 935 -85.20 60.33 -1.09
N LEU E 936 -85.32 59.76 0.11
CA LEU E 936 -84.39 60.06 1.18
C LEU E 936 -82.99 59.49 0.92
N LYS E 937 -82.90 58.48 0.07
CA LYS E 937 -81.67 57.68 -0.02
C LYS E 937 -80.53 58.46 -0.64
N GLU E 938 -80.73 59.00 -1.85
CA GLU E 938 -79.69 59.85 -2.42
C GLU E 938 -79.61 61.17 -1.66
N PHE E 939 -80.75 61.63 -1.14
CA PHE E 939 -80.77 62.84 -0.31
C PHE E 939 -79.88 62.68 0.91
N THR E 940 -79.82 61.46 1.44
CA THR E 940 -78.80 61.15 2.42
C THR E 940 -77.42 61.22 1.81
N ALA E 941 -77.26 60.63 0.62
CA ALA E 941 -75.94 60.57 0.01
C ALA E 941 -75.50 61.93 -0.53
N LYS E 942 -76.47 62.80 -0.87
CA LYS E 942 -76.16 64.06 -1.53
C LYS E 942 -75.40 64.99 -0.60
N LEU E 943 -75.79 65.05 0.65
CA LEU E 943 -74.99 65.82 1.58
C LEU E 943 -73.75 65.05 2.00
N ARG E 944 -73.77 63.73 1.87
CA ARG E 944 -72.54 62.99 2.09
C ARG E 944 -71.58 63.24 0.95
N LYS E 945 -72.05 63.18 -0.28
CA LYS E 945 -71.17 63.28 -1.44
C LYS E 945 -70.64 64.69 -1.68
N GLU E 946 -71.14 65.68 -0.97
CA GLU E 946 -70.71 67.05 -1.17
C GLU E 946 -69.86 67.56 -0.01
N LEU E 947 -70.26 67.23 1.21
CA LEU E 947 -69.62 67.85 2.37
C LEU E 947 -68.29 67.20 2.68
N VAL E 948 -68.15 65.90 2.40
CA VAL E 948 -66.81 65.32 2.40
C VAL E 948 -66.02 65.85 1.21
N GLU E 949 -66.71 66.11 0.11
CA GLU E 949 -66.07 66.66 -1.07
C GLU E 949 -65.66 68.11 -0.85
N THR E 950 -66.43 68.85 -0.05
CA THR E 950 -66.04 70.21 0.29
C THR E 950 -64.79 70.25 1.14
N SER E 951 -64.66 69.28 2.04
CA SER E 951 -63.43 69.13 2.81
C SER E 951 -62.25 68.77 1.93
N GLU E 952 -62.52 68.00 0.88
CA GLU E 952 -61.47 67.60 -0.06
C GLU E 952 -60.89 68.78 -0.82
N VAL E 953 -61.63 69.89 -0.91
CA VAL E 953 -61.14 71.07 -1.62
C VAL E 953 -60.00 71.70 -0.84
N ARG E 954 -60.28 72.18 0.37
CA ARG E 954 -59.29 72.93 1.13
C ARG E 954 -58.16 72.04 1.63
N LYS E 955 -58.43 70.74 1.80
CA LYS E 955 -57.37 69.80 2.11
C LYS E 955 -56.34 69.76 0.99
N ALA E 956 -56.81 69.72 -0.25
CA ALA E 956 -55.89 69.79 -1.38
C ALA E 956 -55.26 71.16 -1.48
N VAL E 957 -55.95 72.19 -1.01
CA VAL E 957 -55.40 73.53 -1.02
C VAL E 957 -54.29 73.64 0.01
N SER E 958 -54.49 73.04 1.18
CA SER E 958 -53.67 73.34 2.35
C SER E 958 -52.24 72.82 2.20
N ILE E 959 -52.10 71.60 1.70
CA ILE E 959 -50.81 70.91 1.72
C ILE E 959 -49.83 71.55 0.76
N GLU E 960 -50.27 71.87 -0.45
CA GLU E 960 -49.39 72.48 -1.42
C GLU E 960 -49.03 73.90 -1.04
N THR E 961 -49.93 74.58 -0.33
CA THR E 961 -49.67 75.95 0.09
C THR E 961 -48.55 76.00 1.10
N ALA E 962 -48.53 75.04 2.03
CA ALA E 962 -47.36 74.90 2.87
C ALA E 962 -46.17 74.39 2.06
N LEU E 963 -46.43 73.51 1.09
CA LEU E 963 -45.36 73.03 0.23
C LEU E 963 -44.83 74.14 -0.65
N GLU E 964 -45.69 75.08 -1.03
CA GLU E 964 -45.23 76.29 -1.72
C GLU E 964 -44.45 77.18 -0.78
N HIS E 965 -44.71 77.09 0.52
CA HIS E 965 -43.89 77.82 1.46
C HIS E 965 -42.61 77.06 1.79
N LYS E 966 -42.73 75.76 2.07
CA LYS E 966 -41.63 75.02 2.66
C LYS E 966 -40.49 74.81 1.68
N VAL E 967 -40.77 74.89 0.38
CA VAL E 967 -39.70 74.72 -0.58
C VAL E 967 -38.85 75.98 -0.63
N VAL E 968 -39.39 77.11 -0.21
CA VAL E 968 -38.62 78.34 -0.19
C VAL E 968 -37.63 78.32 0.97
N ASN E 969 -38.15 78.15 2.17
CA ASN E 969 -37.35 78.27 3.37
C ASN E 969 -36.84 76.89 3.76
N GLY E 970 -36.28 76.76 4.96
CA GLY E 970 -35.75 75.49 5.41
C GLY E 970 -35.87 75.24 6.90
N LEU E 1015 -49.48 62.53 79.04
CA LEU E 1015 -48.05 62.51 78.73
C LEU E 1015 -47.34 61.38 79.45
N GLU E 1016 -46.14 61.04 78.94
CA GLU E 1016 -45.12 60.22 79.60
C GLU E 1016 -45.51 58.74 79.69
N ARG E 1017 -46.76 58.42 79.41
CA ARG E 1017 -47.18 57.04 79.22
C ARG E 1017 -48.15 56.95 78.07
N VAL E 1018 -48.32 58.00 77.32
CA VAL E 1018 -49.00 57.95 76.05
C VAL E 1018 -48.12 57.17 75.10
N ILE E 1019 -48.72 56.40 74.22
CA ILE E 1019 -47.99 55.49 73.36
C ILE E 1019 -48.19 55.92 71.91
N VAL E 1020 -47.12 55.85 71.13
CA VAL E 1020 -47.04 56.50 69.84
C VAL E 1020 -46.77 55.47 68.75
N VAL E 1021 -47.53 55.54 67.67
CA VAL E 1021 -47.19 54.81 66.47
C VAL E 1021 -46.00 55.49 65.81
N THR E 1022 -44.93 54.75 65.60
CA THR E 1022 -43.68 55.32 65.12
C THR E 1022 -43.24 54.76 63.77
N GLY E 1023 -43.36 53.47 63.58
CA GLY E 1023 -42.97 52.87 62.32
C GLY E 1023 -43.68 51.57 62.07
N PHE E 1024 -43.93 51.30 60.79
CA PHE E 1024 -44.71 50.15 60.38
C PHE E 1024 -44.51 49.93 58.90
N ALA E 1025 -44.64 48.67 58.47
CA ALA E 1025 -44.49 48.31 57.07
C ALA E 1025 -45.12 46.95 56.82
N GLU E 1026 -46.28 46.92 56.18
CA GLU E 1026 -46.90 45.65 55.88
C GLU E 1026 -46.37 45.18 54.54
N VAL E 1027 -46.09 43.88 54.45
CA VAL E 1027 -45.88 43.19 53.19
C VAL E 1027 -47.04 42.22 53.02
N GLY E 1028 -48.11 42.69 52.40
CA GLY E 1028 -49.28 41.87 52.20
C GLY E 1028 -49.17 41.16 50.88
N PRO E 1029 -50.29 40.85 50.26
CA PRO E 1029 -50.23 40.24 48.94
C PRO E 1029 -49.81 41.26 47.90
N TRP E 1030 -50.00 42.54 48.15
CA TRP E 1030 -49.36 43.51 47.29
C TRP E 1030 -47.98 43.84 47.84
N GLY E 1031 -47.38 44.91 47.35
CA GLY E 1031 -46.01 45.21 47.72
C GLY E 1031 -45.83 45.83 49.09
N SER E 1032 -44.95 46.82 49.19
CA SER E 1032 -44.64 47.42 50.48
C SER E 1032 -45.80 48.28 50.99
N ALA E 1033 -45.58 48.88 52.16
CA ALA E 1033 -46.65 49.61 52.82
C ALA E 1033 -46.94 50.95 52.17
N ARG E 1034 -46.11 51.37 51.22
CA ARG E 1034 -46.48 52.54 50.46
C ARG E 1034 -47.37 52.16 49.28
N THR E 1035 -47.37 50.88 48.91
CA THR E 1035 -48.08 50.48 47.70
C THR E 1035 -49.58 50.42 47.94
N ARG E 1036 -50.01 49.62 48.91
CA ARG E 1036 -51.42 49.29 49.04
C ARG E 1036 -52.26 50.45 49.55
N TRP E 1037 -51.67 51.51 50.07
CA TRP E 1037 -52.45 52.71 50.34
C TRP E 1037 -52.88 53.35 49.05
N GLU E 1038 -51.97 53.42 48.07
CA GLU E 1038 -52.31 54.01 46.79
C GLU E 1038 -53.20 53.10 45.96
N MET E 1039 -52.98 51.78 46.06
CA MET E 1039 -53.88 50.86 45.38
C MET E 1039 -55.26 50.90 46.01
N GLU E 1040 -55.34 51.19 47.30
CA GLU E 1040 -56.61 51.58 47.88
C GLU E 1040 -57.07 52.92 47.33
N ALA E 1041 -56.15 53.84 47.12
CA ALA E 1041 -56.53 55.19 46.73
C ALA E 1041 -56.88 55.25 45.25
N PHE E 1042 -56.22 54.42 44.43
CA PHE E 1042 -56.46 54.43 43.00
C PHE E 1042 -56.38 53.02 42.45
N GLY E 1043 -57.13 52.78 41.39
CA GLY E 1043 -57.11 51.47 40.75
C GLY E 1043 -55.80 51.21 40.04
N GLU E 1044 -55.18 52.27 39.56
CA GLU E 1044 -53.93 52.16 38.83
C GLU E 1044 -52.76 52.29 39.80
N PHE E 1045 -51.56 52.53 39.29
CA PHE E 1045 -50.37 52.55 40.13
C PHE E 1045 -49.54 53.82 40.11
N SER E 1046 -49.91 54.85 39.34
CA SER E 1046 -49.51 56.23 39.63
C SER E 1046 -48.00 56.48 39.66
N LEU E 1047 -47.38 56.59 38.48
CA LEU E 1047 -46.03 56.17 38.11
C LEU E 1047 -44.97 56.12 39.20
N GLU E 1048 -44.88 57.16 40.03
CA GLU E 1048 -43.94 57.13 41.14
C GLU E 1048 -44.30 56.06 42.16
N GLY E 1049 -45.57 55.73 42.26
CA GLY E 1049 -45.93 54.54 43.00
C GLY E 1049 -45.61 53.28 42.23
N CYS E 1050 -45.67 53.36 40.90
CA CYS E 1050 -45.68 52.15 40.09
C CYS E 1050 -44.31 51.49 40.02
N VAL E 1051 -43.26 52.30 39.95
CA VAL E 1051 -41.94 51.71 39.77
C VAL E 1051 -41.46 51.08 41.06
N GLU E 1052 -41.99 51.52 42.20
CA GLU E 1052 -41.61 50.86 43.45
C GLU E 1052 -42.22 49.48 43.53
N MET E 1053 -43.47 49.34 43.06
CA MET E 1053 -44.05 48.02 42.86
C MET E 1053 -43.25 47.28 41.81
N ALA E 1054 -42.79 47.98 40.79
CA ALA E 1054 -41.99 47.37 39.76
C ALA E 1054 -40.57 47.07 40.19
N TRP E 1055 -40.09 47.68 41.28
CA TRP E 1055 -38.78 47.33 41.80
C TRP E 1055 -38.77 45.89 42.27
N ILE E 1056 -39.68 45.57 43.17
CA ILE E 1056 -39.83 44.21 43.65
C ILE E 1056 -40.52 43.47 42.51
N MET E 1057 -40.49 42.14 42.56
CA MET E 1057 -40.63 41.13 41.51
C MET E 1057 -39.46 41.15 40.55
N GLY E 1058 -38.49 42.05 40.71
CA GLY E 1058 -37.29 42.04 39.90
C GLY E 1058 -37.46 42.33 38.44
N PHE E 1059 -38.60 42.88 38.03
CA PHE E 1059 -38.76 43.24 36.62
C PHE E 1059 -37.86 44.40 36.26
N ILE E 1060 -37.60 45.27 37.22
CA ILE E 1060 -36.82 46.48 37.00
C ILE E 1060 -35.42 46.25 37.55
N SER E 1061 -34.42 46.79 36.86
CA SER E 1061 -33.02 46.46 37.12
C SER E 1061 -32.26 47.74 37.45
N TYR E 1062 -32.75 48.45 38.48
CA TYR E 1062 -32.06 49.54 39.19
C TYR E 1062 -30.59 49.27 39.43
N HIS E 1063 -29.78 50.34 39.37
CA HIS E 1063 -28.34 50.27 39.14
C HIS E 1063 -28.08 49.45 37.87
N ASN E 1064 -28.47 50.04 36.74
CA ASN E 1064 -28.23 49.39 35.44
C ASN E 1064 -26.75 49.29 35.13
N GLY E 1065 -25.93 50.12 35.76
CA GLY E 1065 -24.55 50.24 35.39
C GLY E 1065 -24.32 51.62 34.86
N ASN E 1066 -23.52 52.39 35.59
CA ASN E 1066 -23.23 53.75 35.15
C ASN E 1066 -22.35 53.76 33.91
N LEU E 1067 -21.67 52.65 33.64
CA LEU E 1067 -20.89 52.48 32.43
C LEU E 1067 -21.37 51.18 31.77
N LYS E 1068 -20.63 50.73 30.75
CA LYS E 1068 -20.87 49.62 29.81
C LYS E 1068 -22.31 49.57 29.35
N GLY E 1069 -22.91 50.72 29.08
CA GLY E 1069 -24.18 50.75 28.41
C GLY E 1069 -24.02 50.59 26.91
N ARG E 1070 -24.77 51.35 26.14
CA ARG E 1070 -24.56 51.43 24.71
C ARG E 1070 -23.23 52.15 24.50
N PRO E 1071 -22.24 51.54 23.75
CA PRO E 1071 -20.80 51.56 24.13
C PRO E 1071 -20.23 52.77 24.84
N TYR E 1072 -20.75 53.95 24.51
CA TYR E 1072 -20.48 55.22 25.16
C TYR E 1072 -21.20 55.28 26.51
N THR E 1073 -21.38 56.48 27.02
CA THR E 1073 -21.97 56.69 28.32
C THR E 1073 -23.45 56.30 28.35
N GLY E 1074 -24.07 56.56 29.50
CA GLY E 1074 -25.51 56.40 29.53
C GLY E 1074 -25.90 55.38 30.57
N TRP E 1075 -26.64 55.84 31.56
CA TRP E 1075 -27.30 54.95 32.49
C TRP E 1075 -28.71 55.45 32.72
N VAL E 1076 -29.65 54.51 32.75
CA VAL E 1076 -31.05 54.75 33.11
C VAL E 1076 -31.49 53.53 33.89
N ASP E 1077 -32.22 53.75 35.00
CA ASP E 1077 -32.90 52.69 35.73
C ASP E 1077 -33.74 51.88 34.75
N SER E 1078 -33.33 50.64 34.54
CA SER E 1078 -33.76 49.81 33.43
C SER E 1078 -34.50 48.58 33.94
N LYS E 1079 -34.79 47.65 33.04
CA LYS E 1079 -35.61 46.49 33.35
C LYS E 1079 -34.85 45.19 33.09
N THR E 1080 -35.30 44.13 33.80
CA THR E 1080 -35.03 42.70 33.57
C THR E 1080 -33.57 42.38 33.25
N LYS E 1081 -32.76 42.27 34.31
CA LYS E 1081 -31.33 42.54 34.42
C LYS E 1081 -30.53 42.28 33.15
N GLU E 1082 -30.59 41.07 32.57
CA GLU E 1082 -30.04 40.97 31.23
C GLU E 1082 -30.83 40.16 30.18
N PRO E 1083 -32.18 40.12 30.16
CA PRO E 1083 -32.84 40.03 28.85
C PRO E 1083 -32.89 41.33 28.07
N VAL E 1084 -33.61 42.32 28.61
CA VAL E 1084 -34.08 43.47 27.85
C VAL E 1084 -33.59 44.72 28.57
N ASP E 1085 -32.33 44.71 28.99
CA ASP E 1085 -31.73 45.79 29.78
C ASP E 1085 -31.68 47.16 29.08
N ASP E 1086 -32.14 47.27 27.84
CA ASP E 1086 -31.86 48.40 26.97
C ASP E 1086 -32.58 49.69 27.33
N LYS E 1087 -32.19 50.29 28.45
CA LYS E 1087 -32.21 51.72 28.67
C LYS E 1087 -33.57 52.40 28.87
N ASP E 1088 -34.68 51.69 28.60
CA ASP E 1088 -35.86 51.63 29.46
C ASP E 1088 -36.20 52.85 30.32
N VAL E 1089 -36.58 53.98 29.72
CA VAL E 1089 -36.70 55.23 30.47
C VAL E 1089 -37.85 55.17 31.49
N LYS E 1090 -37.66 55.89 32.60
CA LYS E 1090 -38.60 55.97 33.72
C LYS E 1090 -39.88 56.70 33.37
N ALA E 1091 -39.94 57.32 32.20
CA ALA E 1091 -41.05 58.13 31.75
C ALA E 1091 -42.18 57.24 31.27
N LYS E 1092 -42.94 57.72 30.29
CA LYS E 1092 -44.13 57.13 29.67
C LYS E 1092 -44.08 55.61 29.45
N TYR E 1093 -42.91 54.99 29.43
CA TYR E 1093 -42.81 53.54 29.48
C TYR E 1093 -43.27 52.95 30.81
N GLU E 1094 -43.10 51.63 30.92
CA GLU E 1094 -43.28 50.71 32.05
C GLU E 1094 -44.72 50.65 32.55
N THR E 1095 -45.52 51.62 32.15
CA THR E 1095 -46.92 51.44 31.87
C THR E 1095 -46.96 50.82 30.48
N SER E 1096 -47.62 49.67 30.38
CA SER E 1096 -47.81 48.90 29.16
C SER E 1096 -46.51 48.43 28.53
N ILE E 1097 -45.41 48.42 29.26
CA ILE E 1097 -44.29 47.60 28.81
C ILE E 1097 -43.78 46.92 30.07
N LEU E 1098 -44.29 47.35 31.23
CA LEU E 1098 -44.18 46.57 32.44
C LEU E 1098 -45.51 46.44 33.17
N GLU E 1099 -46.63 46.74 32.52
CA GLU E 1099 -47.96 46.52 33.08
C GLU E 1099 -48.39 45.08 32.87
N HIS E 1100 -49.70 44.85 32.78
CA HIS E 1100 -50.48 43.69 33.21
C HIS E 1100 -49.77 42.35 33.33
N SER E 1101 -48.84 42.01 32.43
CA SER E 1101 -47.88 40.96 32.78
C SER E 1101 -47.15 41.28 34.06
N GLY E 1102 -46.75 42.54 34.21
CA GLY E 1102 -46.24 43.01 35.48
C GLY E 1102 -47.29 43.22 36.54
N ILE E 1103 -48.57 43.32 36.17
CA ILE E 1103 -49.57 43.47 37.21
C ILE E 1103 -50.17 42.12 37.51
N ARG E 1104 -50.84 41.52 36.52
CA ARG E 1104 -51.65 40.34 36.76
C ARG E 1104 -50.80 39.08 36.77
N LEU E 1105 -49.94 39.01 37.77
CA LEU E 1105 -49.44 37.74 38.23
C LEU E 1105 -49.59 37.58 39.72
N ILE E 1106 -49.91 38.65 40.46
CA ILE E 1106 -50.17 38.48 41.88
C ILE E 1106 -51.66 38.38 42.11
N GLU E 1107 -52.26 37.24 41.70
CA GLU E 1107 -53.58 36.67 41.95
C GLU E 1107 -53.57 35.33 41.19
N PRO E 1108 -54.71 34.60 41.02
CA PRO E 1108 -54.81 33.21 41.46
C PRO E 1108 -54.02 32.13 40.72
N GLU E 1109 -54.34 30.87 41.06
CA GLU E 1109 -53.77 29.56 40.70
C GLU E 1109 -52.53 29.26 41.52
N LEU E 1110 -52.07 30.20 42.33
CA LEU E 1110 -51.12 30.14 43.44
C LEU E 1110 -49.69 29.79 43.08
N PHE E 1111 -49.49 28.88 42.13
CA PHE E 1111 -48.61 28.86 40.96
C PHE E 1111 -48.40 27.41 40.63
N ASN E 1112 -47.65 27.15 39.59
CA ASN E 1112 -46.81 25.97 39.58
C ASN E 1112 -45.40 26.40 39.96
N GLY E 1113 -44.68 25.48 40.60
CA GLY E 1113 -43.31 25.75 40.95
C GLY E 1113 -43.12 26.81 41.99
N TYR E 1114 -44.06 26.93 42.93
CA TYR E 1114 -43.92 27.89 43.99
C TYR E 1114 -44.01 27.30 45.38
N ASN E 1115 -45.05 26.55 45.68
CA ASN E 1115 -45.33 26.13 47.06
C ASN E 1115 -45.45 24.62 47.26
N PRO E 1116 -44.36 23.84 47.10
CA PRO E 1116 -43.18 24.00 46.28
C PRO E 1116 -43.65 23.74 44.85
N GLU E 1117 -44.57 22.80 44.68
CA GLU E 1117 -45.19 22.56 43.39
C GLU E 1117 -46.70 22.76 43.40
N LYS E 1118 -47.43 21.93 44.17
CA LYS E 1118 -48.84 22.10 44.53
C LYS E 1118 -49.74 22.31 43.30
N LYS E 1119 -49.90 21.24 42.52
CA LYS E 1119 -50.53 21.33 41.20
C LYS E 1119 -52.00 21.73 41.29
N GLU E 1120 -52.65 21.46 42.41
CA GLU E 1120 -53.95 21.95 42.84
C GLU E 1120 -55.13 21.38 42.09
N MET E 1121 -54.90 20.64 41.01
CA MET E 1121 -55.88 19.68 40.54
C MET E 1121 -55.36 18.27 40.67
N ILE E 1122 -54.14 18.11 41.15
CA ILE E 1122 -53.48 16.83 41.32
C ILE E 1122 -53.07 16.74 42.78
N GLN E 1123 -53.81 15.98 43.58
CA GLN E 1123 -53.57 15.88 45.01
C GLN E 1123 -52.84 14.58 45.33
N GLU E 1124 -51.91 14.66 46.26
CA GLU E 1124 -51.06 13.52 46.59
C GLU E 1124 -51.60 12.84 47.84
N VAL E 1125 -52.43 11.83 47.63
CA VAL E 1125 -52.99 11.02 48.70
C VAL E 1125 -52.38 9.64 48.57
N ILE E 1126 -52.21 8.95 49.70
CA ILE E 1126 -51.52 7.68 49.74
C ILE E 1126 -52.55 6.60 50.10
N VAL E 1127 -52.97 5.83 49.10
CA VAL E 1127 -53.89 4.70 49.30
C VAL E 1127 -53.04 3.45 49.39
N GLU E 1128 -53.53 2.45 50.10
CA GLU E 1128 -52.71 1.28 50.40
C GLU E 1128 -53.25 0.02 49.73
N GLU E 1129 -52.35 -0.93 49.52
CA GLU E 1129 -52.67 -2.15 48.78
C GLU E 1129 -51.62 -3.20 49.11
N ASP E 1130 -51.99 -4.46 48.92
CA ASP E 1130 -51.21 -5.59 49.42
C ASP E 1130 -51.19 -6.75 48.43
N LEU E 1131 -50.86 -6.45 47.17
CA LEU E 1131 -50.87 -7.42 46.09
C LEU E 1131 -49.90 -8.59 46.32
N GLU E 1132 -50.12 -9.69 45.58
CA GLU E 1132 -49.25 -10.86 45.69
C GLU E 1132 -48.62 -11.42 44.41
N PRO E 1133 -48.11 -10.61 43.47
CA PRO E 1133 -46.94 -11.09 42.72
C PRO E 1133 -45.63 -10.56 43.26
N PHE E 1134 -44.51 -11.10 42.76
CA PHE E 1134 -43.22 -11.00 43.41
C PHE E 1134 -42.17 -10.55 42.40
N GLU E 1135 -41.05 -10.01 42.89
CA GLU E 1135 -40.26 -9.14 42.04
C GLU E 1135 -38.81 -9.58 41.89
N ALA E 1136 -38.11 -9.85 43.00
CA ALA E 1136 -36.66 -10.05 43.07
C ALA E 1136 -35.89 -8.86 42.46
N SER E 1137 -36.03 -7.71 43.11
CA SER E 1137 -35.39 -6.47 42.68
C SER E 1137 -34.00 -6.35 43.32
N LYS E 1138 -33.41 -5.16 43.30
CA LYS E 1138 -32.05 -4.95 43.79
C LYS E 1138 -31.97 -3.62 44.52
N GLU E 1139 -30.85 -3.40 45.21
CA GLU E 1139 -30.70 -2.37 46.24
C GLU E 1139 -29.25 -2.38 46.72
N THR E 1140 -28.93 -1.44 47.60
CA THR E 1140 -27.65 -1.41 48.29
C THR E 1140 -27.71 -2.03 49.68
N ALA E 1141 -26.53 -2.20 50.27
CA ALA E 1141 -26.36 -2.97 51.48
C ALA E 1141 -26.84 -2.19 52.68
N GLU E 1142 -27.13 -2.94 53.75
CA GLU E 1142 -27.50 -2.50 55.09
C GLU E 1142 -28.86 -1.83 55.15
N GLN E 1143 -29.43 -1.47 54.01
CA GLN E 1143 -30.73 -0.84 53.99
C GLN E 1143 -31.83 -1.85 53.93
N PHE E 1144 -31.45 -3.08 53.59
CA PHE E 1144 -32.34 -4.22 53.75
C PHE E 1144 -32.71 -4.42 55.21
N LYS E 1145 -31.87 -4.02 56.14
CA LYS E 1145 -32.15 -4.27 57.54
C LYS E 1145 -33.24 -3.35 58.06
N HIS E 1146 -33.25 -2.08 57.64
CA HIS E 1146 -34.44 -1.27 57.89
C HIS E 1146 -35.56 -1.53 56.89
N GLN E 1147 -35.39 -2.49 55.98
CA GLN E 1147 -36.55 -3.18 55.43
C GLN E 1147 -36.80 -4.47 56.19
N HIS E 1148 -35.80 -5.00 56.87
CA HIS E 1148 -36.03 -6.22 57.63
C HIS E 1148 -36.41 -5.94 59.07
N GLY E 1149 -36.07 -4.78 59.60
CA GLY E 1149 -36.75 -4.33 60.79
C GLY E 1149 -38.19 -3.97 60.51
N ASP E 1150 -38.43 -3.30 59.37
CA ASP E 1150 -39.75 -2.77 59.02
C ASP E 1150 -40.76 -3.89 58.80
N LYS E 1151 -40.40 -4.87 57.99
CA LYS E 1151 -41.30 -5.97 57.67
C LYS E 1151 -40.75 -7.21 58.33
N VAL E 1152 -41.64 -8.16 58.65
CA VAL E 1152 -41.22 -9.34 59.40
C VAL E 1152 -40.36 -10.24 58.50
N ASP E 1153 -39.77 -11.27 59.12
CA ASP E 1153 -38.81 -12.09 58.40
C ASP E 1153 -39.44 -13.01 57.37
N ILE E 1154 -40.67 -13.49 57.62
CA ILE E 1154 -41.20 -14.59 56.82
C ILE E 1154 -41.59 -14.10 55.43
N PHE E 1155 -41.91 -12.82 55.31
CA PHE E 1155 -41.93 -12.19 54.01
C PHE E 1155 -40.57 -11.55 53.78
N GLU E 1156 -40.04 -11.72 52.57
CA GLU E 1156 -38.83 -11.08 52.11
C GLU E 1156 -37.60 -11.47 52.94
N ILE E 1157 -37.20 -12.71 52.80
CA ILE E 1157 -35.79 -13.01 53.13
C ILE E 1157 -34.91 -12.29 52.12
N PRO E 1158 -33.84 -11.62 52.53
CA PRO E 1158 -33.07 -10.90 51.50
C PRO E 1158 -32.25 -11.79 50.59
N GLU E 1159 -30.97 -12.03 50.94
CA GLU E 1159 -29.98 -13.03 50.57
C GLU E 1159 -28.69 -12.34 50.98
N THR E 1160 -27.53 -12.85 50.59
CA THR E 1160 -26.37 -11.97 50.50
C THR E 1160 -26.00 -11.69 49.04
N GLY E 1161 -25.67 -10.44 48.77
CA GLY E 1161 -25.25 -9.97 47.45
C GLY E 1161 -23.78 -10.19 47.14
N GLU E 1162 -23.44 -11.38 46.65
CA GLU E 1162 -22.06 -11.81 46.48
C GLU E 1162 -21.21 -10.88 45.59
N TYR E 1163 -20.00 -10.58 46.09
CA TYR E 1163 -19.06 -9.50 45.71
C TYR E 1163 -19.75 -8.16 45.44
N SER E 1164 -20.79 -7.85 46.19
CA SER E 1164 -21.63 -6.71 45.88
C SER E 1164 -22.19 -6.18 47.19
N VAL E 1165 -23.30 -5.48 47.12
CA VAL E 1165 -23.83 -4.89 48.33
C VAL E 1165 -24.65 -5.90 49.13
N LYS E 1166 -25.86 -6.25 48.69
CA LYS E 1166 -26.75 -7.24 49.32
C LYS E 1166 -27.72 -7.72 48.23
N LEU E 1167 -28.83 -8.34 48.65
CA LEU E 1167 -29.86 -8.83 47.73
C LEU E 1167 -31.27 -8.60 48.31
N LEU E 1168 -32.32 -9.15 47.67
CA LEU E 1168 -33.66 -8.57 47.85
C LEU E 1168 -34.85 -9.52 47.62
N LYS E 1169 -35.97 -8.98 47.13
CA LYS E 1169 -37.36 -9.27 47.50
C LYS E 1169 -37.92 -10.68 47.43
N GLY E 1170 -39.13 -10.82 47.98
CA GLY E 1170 -39.84 -12.09 48.08
C GLY E 1170 -41.36 -11.98 48.15
N ALA E 1171 -41.96 -12.74 49.06
CA ALA E 1171 -43.40 -12.99 49.11
C ALA E 1171 -44.21 -11.75 49.48
N THR E 1172 -45.55 -11.87 49.56
CA THR E 1172 -46.60 -10.88 49.29
C THR E 1172 -46.34 -9.40 49.69
N LEU E 1173 -45.52 -9.16 50.71
CA LEU E 1173 -44.78 -7.92 50.99
C LEU E 1173 -45.55 -6.70 51.50
N TYR E 1174 -46.87 -6.64 51.30
CA TYR E 1174 -47.78 -5.72 51.97
C TYR E 1174 -47.39 -4.24 52.06
N ILE E 1175 -47.06 -3.64 50.91
CA ILE E 1175 -46.48 -2.31 50.75
C ILE E 1175 -46.82 -2.10 49.28
N PRO E 1176 -46.47 -1.00 48.55
CA PRO E 1176 -45.74 0.28 48.67
C PRO E 1176 -46.62 1.46 49.00
N LYS E 1177 -47.93 1.23 49.03
CA LYS E 1177 -48.95 2.26 49.20
C LYS E 1177 -48.76 3.36 48.15
N ALA E 1178 -49.13 3.00 46.92
CA ALA E 1178 -48.50 3.52 45.70
C ALA E 1178 -48.53 5.03 45.51
N LEU E 1179 -49.70 5.58 45.23
CA LEU E 1179 -49.95 6.98 44.91
C LEU E 1179 -51.42 7.10 44.59
N ARG E 1180 -51.90 8.33 44.45
CA ARG E 1180 -53.22 8.61 43.93
C ARG E 1180 -53.18 9.80 42.98
N PHE E 1181 -54.23 9.92 42.18
CA PHE E 1181 -54.51 11.12 41.39
C PHE E 1181 -55.86 11.66 41.86
N ASP E 1182 -55.86 12.87 42.44
CA ASP E 1182 -57.05 13.44 43.06
C ASP E 1182 -57.16 14.93 42.77
N ARG E 1183 -58.39 15.38 42.51
CA ARG E 1183 -58.70 16.77 42.18
C ARG E 1183 -59.30 17.46 43.40
N LEU E 1184 -58.82 18.68 43.68
CA LEU E 1184 -59.36 19.51 44.76
C LEU E 1184 -59.98 20.76 44.19
N VAL E 1185 -61.20 21.06 44.63
CA VAL E 1185 -61.86 22.29 44.21
C VAL E 1185 -61.31 23.49 44.97
N ALA E 1186 -61.46 23.49 46.28
CA ALA E 1186 -61.24 24.70 47.07
C ALA E 1186 -59.78 25.00 47.28
N GLY E 1187 -59.24 25.87 46.44
CA GLY E 1187 -57.91 26.39 46.63
C GLY E 1187 -57.60 27.43 45.59
N GLN E 1188 -56.31 27.55 45.26
CA GLN E 1188 -55.76 28.29 44.10
C GLN E 1188 -56.09 29.79 44.08
N ILE E 1189 -56.59 30.36 45.17
CA ILE E 1189 -56.95 31.78 45.13
C ILE E 1189 -55.79 32.76 45.33
N PRO E 1190 -54.96 32.72 46.40
CA PRO E 1190 -53.99 33.82 46.58
C PRO E 1190 -52.60 33.50 46.04
N THR E 1191 -51.67 34.46 46.11
CA THR E 1191 -50.35 34.31 45.48
C THR E 1191 -49.19 35.04 46.14
N GLY E 1192 -48.13 35.19 45.34
CA GLY E 1192 -46.94 35.93 45.68
C GLY E 1192 -46.33 36.77 44.56
N TRP E 1193 -45.02 37.01 44.65
CA TRP E 1193 -44.37 38.19 44.08
C TRP E 1193 -43.07 37.86 43.36
N ASN E 1194 -42.76 36.58 43.18
CA ASN E 1194 -41.80 36.07 42.20
C ASN E 1194 -40.35 36.52 42.42
N ALA E 1195 -40.03 37.23 43.52
CA ALA E 1195 -38.67 37.63 43.84
C ALA E 1195 -38.60 38.11 45.29
N LYS E 1196 -37.69 37.51 46.07
CA LYS E 1196 -37.42 37.97 47.46
C LYS E 1196 -35.96 37.75 47.87
N THR E 1197 -35.13 38.79 47.67
CA THR E 1197 -33.85 38.96 48.35
C THR E 1197 -33.48 40.43 48.21
N TYR E 1198 -33.53 41.16 49.32
CA TYR E 1198 -33.31 42.61 49.22
C TYR E 1198 -31.83 42.96 49.24
N GLY E 1199 -31.25 42.84 50.42
CA GLY E 1199 -29.85 43.08 50.68
C GLY E 1199 -29.47 42.09 51.76
N ILE E 1200 -30.23 40.99 51.78
CA ILE E 1200 -30.12 40.01 52.85
C ILE E 1200 -28.79 39.27 52.71
N SER E 1201 -28.36 38.69 53.82
CA SER E 1201 -27.12 37.95 53.79
C SER E 1201 -27.37 36.63 53.12
N ASP E 1202 -26.59 36.35 52.08
CA ASP E 1202 -26.63 35.05 51.46
C ASP E 1202 -26.13 34.00 52.45
N ASP E 1203 -26.65 32.78 52.27
CA ASP E 1203 -26.33 31.49 52.89
C ASP E 1203 -26.59 31.41 54.39
N ILE E 1204 -27.06 32.50 54.98
CA ILE E 1204 -28.06 32.37 56.03
C ILE E 1204 -29.30 31.77 55.40
N ILE E 1205 -29.62 32.22 54.20
CA ILE E 1205 -30.71 31.64 53.44
C ILE E 1205 -30.25 30.36 52.76
N SER E 1206 -30.10 29.33 53.57
CA SER E 1206 -30.16 27.93 53.19
C SER E 1206 -30.92 27.16 54.25
N GLN E 1207 -31.21 27.81 55.36
CA GLN E 1207 -31.68 27.23 56.60
C GLN E 1207 -32.94 27.90 57.11
N VAL E 1208 -33.16 29.15 56.70
CA VAL E 1208 -33.97 30.10 57.44
C VAL E 1208 -35.26 30.48 56.74
N ASP E 1209 -35.58 29.85 55.63
CA ASP E 1209 -36.47 30.38 54.60
C ASP E 1209 -37.88 30.84 54.97
N PRO E 1210 -38.78 29.94 55.36
CA PRO E 1210 -40.12 29.97 54.77
C PRO E 1210 -40.98 31.15 55.18
N ILE E 1211 -40.84 31.62 56.42
CA ILE E 1211 -41.56 32.81 56.85
C ILE E 1211 -40.64 33.87 57.39
N THR E 1212 -39.44 33.49 57.83
CA THR E 1212 -38.61 34.39 58.62
C THR E 1212 -38.04 35.50 57.78
N LEU E 1213 -37.95 35.29 56.48
CA LEU E 1213 -37.52 36.36 55.59
C LEU E 1213 -38.52 37.50 55.59
N PHE E 1214 -39.81 37.17 55.65
CA PHE E 1214 -40.86 38.17 55.55
C PHE E 1214 -40.84 39.13 56.73
N VAL E 1215 -40.68 38.59 57.94
CA VAL E 1215 -40.56 39.47 59.07
C VAL E 1215 -39.20 40.14 59.09
N LEU E 1216 -38.20 39.51 58.47
CA LEU E 1216 -36.89 40.15 58.42
C LEU E 1216 -36.89 41.37 57.51
N VAL E 1217 -37.59 41.31 56.38
CA VAL E 1217 -37.64 42.48 55.53
C VAL E 1217 -38.67 43.47 56.06
N SER E 1218 -39.52 43.02 56.97
CA SER E 1218 -40.52 43.90 57.55
C SER E 1218 -39.88 44.95 58.43
N VAL E 1219 -39.05 44.51 59.37
CA VAL E 1219 -38.58 45.37 60.45
C VAL E 1219 -37.70 46.49 59.94
N VAL E 1220 -36.84 46.20 58.97
CA VAL E 1220 -35.90 47.21 58.46
C VAL E 1220 -36.64 48.28 57.70
N GLU E 1221 -37.62 47.89 56.88
CA GLU E 1221 -38.43 48.86 56.18
C GLU E 1221 -39.33 49.63 57.15
N ALA E 1222 -39.69 49.03 58.29
CA ALA E 1222 -40.32 49.83 59.32
C ALA E 1222 -39.33 50.81 59.95
N PHE E 1223 -38.05 50.46 59.94
CA PHE E 1223 -37.10 51.32 60.64
C PHE E 1223 -36.70 52.53 59.83
N ILE E 1224 -36.57 52.37 58.51
CA ILE E 1224 -36.32 53.54 57.68
C ILE E 1224 -37.56 54.42 57.62
N ALA E 1225 -38.75 53.81 57.70
CA ALA E 1225 -39.96 54.62 57.80
C ALA E 1225 -40.06 55.30 59.15
N SER E 1226 -39.53 54.69 60.20
CA SER E 1226 -39.40 55.35 61.48
C SER E 1226 -38.04 55.99 61.68
N GLY E 1227 -37.27 56.11 60.60
CA GLY E 1227 -36.13 57.01 60.56
C GLY E 1227 -34.97 56.63 61.45
N ILE E 1228 -34.87 55.38 61.85
CA ILE E 1228 -33.76 54.93 62.68
C ILE E 1228 -33.01 53.87 61.89
N THR E 1229 -32.01 54.30 61.14
CA THR E 1229 -31.07 53.33 60.61
C THR E 1229 -30.12 52.93 61.73
N ASP E 1230 -29.54 51.72 61.60
CA ASP E 1230 -28.44 51.23 62.44
C ASP E 1230 -28.86 51.15 63.91
N PRO E 1231 -29.72 50.20 64.30
CA PRO E 1231 -30.36 50.25 65.65
C PRO E 1231 -29.44 50.08 66.84
N TYR E 1232 -28.13 49.97 66.59
CA TYR E 1232 -27.14 50.35 67.58
C TYR E 1232 -27.17 51.83 67.91
N GLU E 1233 -27.84 52.65 67.08
CA GLU E 1233 -27.97 54.09 67.34
C GLU E 1233 -28.68 54.39 68.65
N MET E 1234 -29.52 53.46 69.13
CA MET E 1234 -30.27 53.70 70.36
C MET E 1234 -29.36 53.75 71.58
N TYR E 1235 -28.32 52.94 71.61
CA TYR E 1235 -27.57 52.73 72.83
C TYR E 1235 -26.63 53.87 73.19
N LYS E 1236 -26.59 54.93 72.39
CA LYS E 1236 -26.02 56.20 72.82
C LYS E 1236 -27.08 57.13 73.40
N TYR E 1237 -28.24 56.57 73.73
CA TYR E 1237 -29.23 57.25 74.55
C TYR E 1237 -29.25 56.48 75.86
N VAL E 1238 -28.03 56.31 76.40
CA VAL E 1238 -27.53 55.24 77.26
C VAL E 1238 -28.51 54.81 78.34
N HIS E 1239 -28.68 53.51 78.43
CA HIS E 1239 -29.56 52.83 79.34
C HIS E 1239 -28.65 51.97 80.20
N VAL E 1240 -29.23 51.02 80.92
CA VAL E 1240 -28.43 49.88 81.35
C VAL E 1240 -28.89 48.72 80.46
N SER E 1241 -29.51 49.08 79.33
CA SER E 1241 -29.87 48.21 78.20
C SER E 1241 -30.85 47.12 78.58
N GLU E 1242 -31.76 47.40 79.50
CA GLU E 1242 -32.79 46.45 79.87
C GLU E 1242 -34.11 46.74 79.16
N VAL E 1243 -34.05 47.07 77.88
CA VAL E 1243 -35.22 47.55 77.14
C VAL E 1243 -35.23 46.89 75.76
N GLY E 1244 -36.34 46.23 75.41
CA GLY E 1244 -36.25 45.36 74.25
C GLY E 1244 -37.44 44.60 73.68
N ASN E 1245 -37.22 43.29 73.48
CA ASN E 1245 -37.73 42.44 72.41
C ASN E 1245 -39.23 42.33 72.21
N CYS E 1246 -39.61 41.79 71.05
CA CYS E 1246 -40.92 41.91 70.45
C CYS E 1246 -41.95 40.96 71.05
N SER E 1247 -43.05 40.82 70.32
CA SER E 1247 -44.18 39.99 70.70
C SER E 1247 -44.72 39.24 69.49
N GLY E 1248 -43.85 38.48 68.80
CA GLY E 1248 -44.24 37.76 67.60
C GLY E 1248 -45.39 36.77 67.80
N SER E 1249 -46.13 36.54 66.73
CA SER E 1249 -47.38 35.77 66.83
C SER E 1249 -47.74 35.14 65.48
N GLY E 1250 -48.76 34.27 65.52
CA GLY E 1250 -49.24 33.56 64.36
C GLY E 1250 -49.38 32.08 64.68
N MET E 1251 -50.49 31.46 64.29
CA MET E 1251 -50.62 30.02 64.50
C MET E 1251 -49.66 29.25 63.61
N GLY E 1252 -49.42 29.78 62.42
CA GLY E 1252 -48.70 29.05 61.40
C GLY E 1252 -47.20 29.10 61.56
N GLY E 1253 -46.52 29.45 60.49
CA GLY E 1253 -45.09 29.25 60.42
C GLY E 1253 -44.72 27.79 60.32
N VAL E 1254 -45.63 26.96 59.81
CA VAL E 1254 -45.41 25.52 59.77
C VAL E 1254 -44.37 25.23 58.70
N SER E 1255 -44.73 25.34 57.41
CA SER E 1255 -43.95 25.80 56.25
C SER E 1255 -42.55 25.20 56.04
N ALA E 1256 -42.03 24.52 57.05
CA ALA E 1256 -40.98 23.53 57.00
C ALA E 1256 -41.31 22.42 57.95
N LEU E 1257 -42.27 22.62 58.86
CA LEU E 1257 -42.78 21.55 59.69
C LEU E 1257 -43.55 20.54 58.88
N ARG E 1258 -44.05 20.94 57.70
CA ARG E 1258 -44.51 19.98 56.72
C ARG E 1258 -43.39 19.04 56.34
N GLY E 1259 -42.19 19.57 56.17
CA GLY E 1259 -41.03 18.72 56.04
C GLY E 1259 -40.69 17.96 57.31
N MET E 1260 -41.12 18.44 58.46
CA MET E 1260 -40.86 17.68 59.68
C MET E 1260 -41.70 16.43 59.74
N PHE E 1261 -42.81 16.37 59.03
CA PHE E 1261 -43.62 15.16 59.07
C PHE E 1261 -43.79 14.50 57.72
N LYS E 1262 -44.10 15.24 56.67
CA LYS E 1262 -44.20 14.56 55.38
C LYS E 1262 -42.83 14.24 54.79
N ASP E 1263 -41.78 14.90 55.25
CA ASP E 1263 -40.44 14.59 54.76
C ASP E 1263 -39.58 13.91 55.83
N ARG E 1264 -40.18 13.01 56.59
CA ARG E 1264 -39.41 12.13 57.46
C ARG E 1264 -40.15 10.82 57.53
N PHE E 1265 -39.38 9.73 57.57
CA PHE E 1265 -39.69 8.34 57.22
C PHE E 1265 -39.97 8.20 55.72
N LYS E 1266 -39.79 9.28 54.96
CA LYS E 1266 -39.96 9.32 53.52
C LYS E 1266 -38.70 9.82 52.82
N ASP E 1267 -37.79 10.47 53.56
CA ASP E 1267 -36.35 10.54 53.24
C ASP E 1267 -36.04 11.33 51.96
N GLU E 1268 -36.31 12.62 52.02
CA GLU E 1268 -35.81 13.60 51.07
C GLU E 1268 -35.14 14.69 51.88
N PRO E 1269 -34.12 15.42 51.30
CA PRO E 1269 -33.13 16.10 52.15
C PRO E 1269 -33.63 17.21 53.07
N VAL E 1270 -33.50 16.96 54.37
CA VAL E 1270 -33.80 17.92 55.41
C VAL E 1270 -32.54 18.13 56.20
N GLN E 1271 -32.24 19.39 56.55
CA GLN E 1271 -31.08 19.69 57.36
C GLN E 1271 -31.18 19.04 58.74
N ASN E 1272 -30.04 18.95 59.41
CA ASN E 1272 -29.95 18.13 60.61
C ASN E 1272 -30.59 18.80 61.82
N ASP E 1273 -31.04 20.03 61.70
CA ASP E 1273 -31.71 20.73 62.79
C ASP E 1273 -32.88 21.51 62.20
N ILE E 1274 -34.09 21.02 62.40
CA ILE E 1274 -35.28 21.72 61.94
C ILE E 1274 -36.22 22.07 63.08
N LEU E 1275 -36.02 21.47 64.25
CA LEU E 1275 -36.88 21.74 65.39
C LEU E 1275 -36.58 23.10 66.01
N GLN E 1276 -35.43 23.70 65.69
CA GLN E 1276 -35.19 25.09 66.06
C GLN E 1276 -36.17 26.01 65.37
N GLU E 1277 -36.29 25.89 64.05
CA GLU E 1277 -37.22 26.71 63.28
C GLU E 1277 -38.61 26.07 63.24
N SER E 1278 -38.92 25.21 64.19
CA SER E 1278 -40.25 24.64 64.26
C SER E 1278 -41.18 25.54 65.05
N PHE E 1279 -40.64 26.27 66.02
CA PHE E 1279 -41.43 26.91 67.05
C PHE E 1279 -42.09 28.19 66.54
N ILE E 1280 -42.51 29.01 67.48
CA ILE E 1280 -43.16 30.28 67.16
C ILE E 1280 -42.41 31.47 67.72
N ASN E 1281 -41.51 31.25 68.65
CA ASN E 1281 -40.66 32.31 69.18
C ASN E 1281 -39.34 32.40 68.45
N THR E 1282 -39.04 31.41 67.62
CA THR E 1282 -37.75 31.33 66.96
C THR E 1282 -37.55 32.44 65.95
N MET E 1283 -38.63 32.92 65.33
CA MET E 1283 -38.53 34.13 64.54
C MET E 1283 -38.19 35.32 65.43
N SER E 1284 -38.89 35.43 66.54
CA SER E 1284 -38.63 36.47 67.52
C SER E 1284 -37.28 36.30 68.20
N ALA E 1285 -36.64 35.15 68.07
CA ALA E 1285 -35.24 35.05 68.42
C ALA E 1285 -34.38 35.69 67.35
N TRP E 1286 -34.69 35.44 66.08
CA TRP E 1286 -33.84 35.91 65.01
C TRP E 1286 -33.95 37.41 64.77
N VAL E 1287 -35.00 38.06 65.24
CA VAL E 1287 -34.98 39.52 65.23
C VAL E 1287 -33.98 40.03 66.25
N ASN E 1288 -33.69 39.23 67.27
CA ASN E 1288 -32.78 39.72 68.29
C ASN E 1288 -31.33 39.57 67.85
N MET E 1289 -30.85 38.35 67.66
CA MET E 1289 -29.42 38.22 67.49
C MET E 1289 -28.96 38.55 66.08
N LEU E 1290 -29.81 38.42 65.07
CA LEU E 1290 -29.40 38.71 63.70
C LEU E 1290 -29.61 40.18 63.36
N LEU E 1291 -30.10 40.95 64.33
CA LEU E 1291 -30.41 42.37 64.19
C LEU E 1291 -30.18 43.03 65.54
N ILE E 1292 -30.94 44.10 65.79
CA ILE E 1292 -31.08 44.77 67.09
C ILE E 1292 -31.14 43.76 68.23
N SER E 1293 -30.20 43.90 69.16
CA SER E 1293 -29.71 42.76 69.91
C SER E 1293 -29.89 42.89 71.39
N SER E 1294 -31.10 43.19 71.84
CA SER E 1294 -31.36 43.55 73.23
C SER E 1294 -31.27 42.34 74.15
N SER E 1295 -31.66 42.57 75.40
CA SER E 1295 -31.55 41.58 76.46
C SER E 1295 -32.80 41.51 77.32
N GLY E 1296 -33.75 42.41 77.11
CA GLY E 1296 -34.84 42.60 78.02
C GLY E 1296 -35.97 41.61 77.88
N PRO E 1297 -37.20 42.12 77.77
CA PRO E 1297 -38.38 41.28 77.90
C PRO E 1297 -38.89 40.72 76.57
N ILE E 1298 -39.47 39.53 76.67
CA ILE E 1298 -39.97 38.77 75.54
C ILE E 1298 -41.36 38.27 75.91
N LYS E 1299 -42.35 38.52 75.06
CA LYS E 1299 -43.72 38.14 75.40
C LYS E 1299 -44.29 37.06 74.48
N THR E 1300 -44.34 37.29 73.17
CA THR E 1300 -44.76 36.34 72.13
C THR E 1300 -46.10 35.67 72.38
N PRO E 1301 -47.22 36.35 72.15
CA PRO E 1301 -48.50 35.68 72.18
C PRO E 1301 -48.73 34.91 70.88
N VAL E 1302 -49.85 34.20 70.81
CA VAL E 1302 -50.23 33.61 69.52
C VAL E 1302 -51.56 34.18 69.08
N GLY E 1303 -52.62 33.83 69.80
CA GLY E 1303 -53.99 34.31 69.61
C GLY E 1303 -54.56 34.43 68.21
N ALA E 1304 -54.25 33.48 67.33
CA ALA E 1304 -54.50 33.66 65.91
C ALA E 1304 -55.99 33.50 65.56
N CYS E 1305 -56.30 33.97 64.34
CA CYS E 1305 -57.57 34.31 63.68
C CYS E 1305 -58.09 35.64 64.24
N ALA E 1306 -57.47 36.12 65.31
CA ALA E 1306 -57.68 37.44 65.87
C ALA E 1306 -56.38 37.94 66.46
N THR E 1307 -55.26 37.56 65.88
CA THR E 1307 -53.96 37.89 66.44
C THR E 1307 -53.58 39.33 66.13
N SER E 1308 -52.30 39.62 66.33
CA SER E 1308 -51.63 40.86 65.93
C SER E 1308 -52.16 42.09 66.66
N VAL E 1309 -52.98 41.90 67.68
CA VAL E 1309 -53.52 43.03 68.42
C VAL E 1309 -53.21 42.88 69.90
N GLU E 1310 -53.38 41.67 70.43
CA GLU E 1310 -53.03 41.37 71.80
C GLU E 1310 -51.52 41.47 71.99
N SER E 1311 -50.77 41.18 70.94
CA SER E 1311 -49.35 41.47 70.89
C SER E 1311 -49.09 42.94 71.09
N VAL E 1312 -49.86 43.78 70.42
CA VAL E 1312 -49.83 45.19 70.73
C VAL E 1312 -50.39 45.42 72.11
N ASP E 1313 -51.48 44.73 72.45
CA ASP E 1313 -52.21 45.12 73.65
C ASP E 1313 -51.52 44.63 74.91
N ILE E 1314 -50.87 43.47 74.87
CA ILE E 1314 -50.01 43.19 76.01
C ILE E 1314 -48.70 43.94 75.84
N GLY E 1315 -48.30 44.21 74.60
CA GLY E 1315 -47.13 45.04 74.37
C GLY E 1315 -47.35 46.47 74.81
N VAL E 1316 -48.58 46.95 74.75
CA VAL E 1316 -48.82 48.29 75.29
C VAL E 1316 -48.94 48.24 76.79
N GLU E 1317 -49.19 47.07 77.38
CA GLU E 1317 -49.14 46.97 78.83
C GLU E 1317 -47.70 46.99 79.31
N THR E 1318 -46.77 46.57 78.46
CA THR E 1318 -45.37 46.50 78.84
C THR E 1318 -44.80 47.89 79.03
N ILE E 1319 -45.24 48.84 78.22
CA ILE E 1319 -44.61 50.13 78.17
C ILE E 1319 -45.25 51.12 79.15
N LEU E 1320 -46.52 50.93 79.47
CA LEU E 1320 -47.11 51.71 80.56
C LEU E 1320 -46.46 51.37 81.88
N SER E 1321 -46.11 50.11 82.09
CA SER E 1321 -45.24 49.76 83.18
C SER E 1321 -43.86 50.30 82.86
N GLY E 1322 -43.16 50.72 83.90
CA GLY E 1322 -41.79 51.13 83.68
C GLY E 1322 -40.81 50.01 83.53
N LYS E 1323 -41.28 48.77 83.39
CA LYS E 1323 -40.41 47.63 83.21
C LYS E 1323 -39.68 47.67 81.89
N ALA E 1324 -40.20 48.38 80.90
CA ALA E 1324 -39.60 48.30 79.59
C ALA E 1324 -39.84 49.58 78.80
N ARG E 1325 -39.12 49.66 77.69
CA ARG E 1325 -39.31 50.70 76.69
C ARG E 1325 -39.17 49.99 75.36
N ILE E 1326 -38.82 50.77 74.33
CA ILE E 1326 -39.15 50.65 72.92
C ILE E 1326 -39.20 49.23 72.39
N CYS E 1327 -40.32 48.87 71.75
CA CYS E 1327 -40.68 47.49 71.50
C CYS E 1327 -41.29 47.34 70.12
N ILE E 1328 -41.48 46.07 69.73
CA ILE E 1328 -41.95 45.67 68.41
C ILE E 1328 -43.08 44.66 68.64
N VAL E 1329 -43.89 44.41 67.63
CA VAL E 1329 -44.94 43.38 67.71
C VAL E 1329 -44.87 42.53 66.44
N GLY E 1330 -45.34 41.28 66.52
CA GLY E 1330 -45.30 40.37 65.39
C GLY E 1330 -46.43 40.55 64.41
N GLY E 1331 -46.86 39.46 63.78
CA GLY E 1331 -47.89 39.55 62.76
C GLY E 1331 -47.74 38.66 61.53
N TYR E 1332 -46.79 37.75 61.54
CA TYR E 1332 -46.63 36.83 60.41
C TYR E 1332 -47.70 35.75 60.44
N ASP E 1333 -47.97 35.22 59.26
CA ASP E 1333 -48.70 33.97 59.07
C ASP E 1333 -48.32 33.43 57.69
N ASP E 1334 -48.87 32.26 57.33
CA ASP E 1334 -48.44 31.60 56.10
C ASP E 1334 -49.54 30.68 55.58
N PHE E 1335 -49.41 30.34 54.29
CA PHE E 1335 -50.24 29.40 53.58
C PHE E 1335 -49.36 28.28 53.04
N GLN E 1336 -49.87 27.06 53.05
CA GLN E 1336 -49.12 25.90 52.57
C GLN E 1336 -50.09 24.86 52.05
N GLU E 1337 -49.55 23.67 51.72
CA GLU E 1337 -50.36 22.51 51.38
C GLU E 1337 -51.36 22.20 52.47
N GLU E 1338 -50.86 21.96 53.68
CA GLU E 1338 -51.74 21.73 54.83
C GLU E 1338 -52.46 22.99 55.26
N GLY E 1339 -52.29 24.11 54.55
CA GLY E 1339 -53.13 25.26 54.77
C GLY E 1339 -54.53 25.09 54.21
N SER E 1340 -54.77 24.00 53.49
CA SER E 1340 -56.13 23.56 53.26
C SER E 1340 -56.46 22.45 54.24
N PHE E 1341 -57.58 21.74 54.03
CA PHE E 1341 -57.79 20.40 54.56
C PHE E 1341 -57.82 20.30 56.08
N GLU E 1342 -58.96 20.63 56.68
CA GLU E 1342 -59.29 21.33 57.94
C GLU E 1342 -59.29 22.81 57.59
N PHE E 1343 -59.01 23.16 56.34
CA PHE E 1343 -59.41 24.42 55.76
C PHE E 1343 -60.00 24.10 54.40
N GLY E 1344 -61.24 24.50 54.17
CA GLY E 1344 -61.98 23.99 53.05
C GLY E 1344 -62.82 22.83 53.55
N ASN E 1345 -62.20 21.99 54.37
CA ASN E 1345 -62.95 21.04 55.16
C ASN E 1345 -63.54 21.69 56.40
N MET E 1346 -63.02 22.85 56.79
CA MET E 1346 -63.70 23.63 57.80
C MET E 1346 -64.91 24.36 57.25
N LYS E 1347 -65.02 24.44 55.93
CA LYS E 1347 -66.16 24.94 55.16
C LYS E 1347 -66.46 26.42 55.40
N ALA E 1348 -65.53 27.17 55.99
CA ALA E 1348 -65.69 28.61 56.12
C ALA E 1348 -64.68 29.37 55.29
N THR E 1349 -63.71 28.67 54.74
CA THR E 1349 -62.51 29.28 54.25
C THR E 1349 -62.68 29.98 52.92
N SER E 1350 -62.99 29.19 51.89
CA SER E 1350 -63.19 29.59 50.50
C SER E 1350 -63.54 28.33 49.74
N ASN E 1351 -64.22 28.53 48.62
CA ASN E 1351 -64.56 27.45 47.71
C ASN E 1351 -64.95 28.07 46.38
N THR E 1352 -64.23 27.75 45.32
CA THR E 1352 -64.68 28.16 44.00
C THR E 1352 -65.80 27.24 43.54
N LEU E 1353 -66.23 27.43 42.29
CA LEU E 1353 -67.35 26.70 41.69
C LEU E 1353 -68.61 26.94 42.52
N GLU E 1354 -69.25 28.08 42.24
CA GLU E 1354 -70.10 29.01 43.01
C GLU E 1354 -69.22 30.07 43.66
N GLU E 1355 -67.92 30.04 43.43
CA GLU E 1355 -67.18 31.27 43.20
C GLU E 1355 -66.54 31.20 41.83
N PHE E 1356 -66.89 30.18 41.06
CA PHE E 1356 -66.75 30.18 39.62
C PHE E 1356 -68.09 30.22 38.92
N GLU E 1357 -69.16 29.76 39.55
CA GLU E 1357 -70.34 29.43 38.77
C GLU E 1357 -71.23 30.64 38.50
N HIS E 1358 -71.90 31.15 39.54
CA HIS E 1358 -72.79 32.28 39.30
C HIS E 1358 -72.00 33.57 39.26
N GLY E 1359 -70.89 33.62 39.97
CA GLY E 1359 -69.89 34.63 39.79
C GLY E 1359 -68.64 33.97 39.27
N ARG E 1360 -68.28 34.28 38.02
CA ARG E 1360 -67.09 33.74 37.41
C ARG E 1360 -65.86 34.23 38.16
N THR E 1361 -65.62 35.53 38.06
CA THR E 1361 -64.92 36.44 38.98
C THR E 1361 -63.66 35.93 39.66
N PRO E 1362 -62.55 35.72 38.95
CA PRO E 1362 -61.29 35.44 39.64
C PRO E 1362 -60.71 36.65 40.32
N ALA E 1363 -61.00 37.85 39.83
CA ALA E 1363 -60.48 39.04 40.48
C ALA E 1363 -61.30 39.38 41.71
N GLU E 1364 -62.62 39.23 41.64
CA GLU E 1364 -63.43 39.47 42.82
C GLU E 1364 -63.15 38.43 43.88
N MET E 1365 -63.73 37.25 43.67
CA MET E 1365 -63.69 36.05 44.51
C MET E 1365 -64.23 36.22 45.93
N SER E 1366 -64.48 37.46 46.36
CA SER E 1366 -64.84 37.75 47.75
C SER E 1366 -65.31 39.20 47.77
N ARG E 1367 -66.53 39.42 48.26
CA ARG E 1367 -67.00 40.77 48.55
C ARG E 1367 -67.76 40.68 49.86
N PRO E 1368 -67.22 41.25 50.95
CA PRO E 1368 -67.84 41.08 52.26
C PRO E 1368 -69.14 41.86 52.38
N ALA E 1369 -70.02 41.34 53.25
CA ALA E 1369 -71.32 41.92 53.58
C ALA E 1369 -72.20 42.08 52.34
N THR E 1370 -72.28 41.01 51.56
CA THR E 1370 -72.98 41.06 50.29
C THR E 1370 -74.04 39.99 50.10
N THR E 1371 -74.05 38.94 50.94
CA THR E 1371 -74.63 37.58 50.89
C THR E 1371 -73.97 36.71 49.83
N THR E 1372 -73.12 37.25 48.99
CA THR E 1372 -72.42 36.48 47.99
C THR E 1372 -71.24 35.73 48.62
N ARG E 1373 -70.90 36.06 49.86
CA ARG E 1373 -69.77 35.44 50.53
C ARG E 1373 -70.03 33.96 50.76
N ASN E 1374 -69.07 33.15 50.35
CA ASN E 1374 -69.05 31.73 50.65
C ASN E 1374 -67.76 31.33 51.35
N GLY E 1375 -66.73 32.13 51.24
CA GLY E 1375 -65.52 31.91 52.01
C GLY E 1375 -64.62 33.10 51.83
N PHE E 1376 -63.75 33.31 52.82
CA PHE E 1376 -63.25 34.67 52.92
C PHE E 1376 -62.04 34.95 52.02
N MET E 1377 -60.79 34.71 52.48
CA MET E 1377 -59.52 34.40 51.82
C MET E 1377 -58.42 34.64 52.86
N GLU E 1378 -57.24 34.04 52.69
CA GLU E 1378 -56.03 34.54 53.33
C GLU E 1378 -54.85 34.19 52.46
N ALA E 1379 -53.74 34.88 52.70
CA ALA E 1379 -52.55 34.76 51.86
C ALA E 1379 -51.33 34.74 52.77
N GLN E 1380 -50.16 34.99 52.19
CA GLN E 1380 -48.89 34.94 52.91
C GLN E 1380 -48.80 36.01 53.98
N GLY E 1381 -48.70 37.27 53.58
CA GLY E 1381 -48.69 38.38 54.53
C GLY E 1381 -47.46 38.55 55.38
N ALA E 1382 -47.18 39.79 55.78
CA ALA E 1382 -46.15 40.12 56.76
C ALA E 1382 -46.42 41.51 57.29
N GLY E 1383 -46.67 41.62 58.59
CA GLY E 1383 -46.99 42.93 59.15
C GLY E 1383 -46.19 43.28 60.39
N ILE E 1384 -45.82 44.56 60.53
CA ILE E 1384 -44.88 44.95 61.57
C ILE E 1384 -45.21 46.36 62.07
N GLN E 1385 -44.98 46.58 63.37
CA GLN E 1385 -45.17 47.87 64.01
C GLN E 1385 -44.15 48.02 65.15
N ILE E 1386 -43.83 49.26 65.48
CA ILE E 1386 -42.99 49.56 66.64
C ILE E 1386 -43.59 50.69 67.48
N ILE E 1387 -43.25 50.70 68.77
CA ILE E 1387 -43.92 51.52 69.78
C ILE E 1387 -42.90 52.13 70.72
N MET E 1388 -43.22 53.32 71.23
CA MET E 1388 -42.31 54.08 72.08
C MET E 1388 -43.07 54.68 73.27
N GLN E 1389 -42.30 55.16 74.25
CA GLN E 1389 -42.82 55.80 75.44
C GLN E 1389 -43.28 57.23 75.19
N ALA E 1390 -43.00 57.75 74.01
CA ALA E 1390 -43.39 59.05 73.45
C ALA E 1390 -42.67 60.23 74.07
N ASP E 1391 -42.05 60.07 75.23
CA ASP E 1391 -41.19 61.15 75.69
C ASP E 1391 -39.86 61.05 74.99
N LEU E 1392 -39.34 59.83 74.91
CA LEU E 1392 -38.17 59.57 74.09
C LEU E 1392 -38.46 59.78 72.62
N ALA E 1393 -39.72 59.61 72.20
CA ALA E 1393 -40.04 59.92 70.81
C ALA E 1393 -40.03 61.41 70.57
N LEU E 1394 -40.13 62.20 71.63
CA LEU E 1394 -39.80 63.60 71.45
C LEU E 1394 -38.30 63.82 71.51
N LYS E 1395 -37.57 62.94 72.16
CA LYS E 1395 -36.13 63.08 72.21
C LYS E 1395 -35.54 62.61 70.90
N MET E 1396 -35.22 63.58 70.03
CA MET E 1396 -34.66 63.36 68.70
C MET E 1396 -35.60 62.46 67.87
N GLY E 1397 -36.76 63.04 67.60
CA GLY E 1397 -37.93 62.43 66.99
C GLY E 1397 -37.76 61.46 65.84
N VAL E 1398 -38.59 60.42 65.84
CA VAL E 1398 -38.47 59.31 64.90
C VAL E 1398 -39.19 59.51 63.56
N PRO E 1399 -40.36 60.20 63.43
CA PRO E 1399 -41.36 60.92 64.22
C PRO E 1399 -42.69 60.18 64.47
N ILE E 1400 -43.64 61.00 64.91
CA ILE E 1400 -44.92 60.58 65.46
C ILE E 1400 -45.84 60.17 64.32
N TYR E 1401 -46.63 59.12 64.52
CA TYR E 1401 -47.76 58.91 63.62
C TYR E 1401 -49.11 58.91 64.33
N GLY E 1402 -49.36 58.02 65.29
CA GLY E 1402 -50.70 57.69 65.69
C GLY E 1402 -51.04 58.03 67.13
N ILE E 1403 -52.02 57.29 67.66
CA ILE E 1403 -52.50 57.45 69.03
C ILE E 1403 -53.16 56.15 69.47
N VAL E 1404 -52.82 55.67 70.67
CA VAL E 1404 -53.15 54.32 71.12
C VAL E 1404 -54.37 54.35 72.04
N ALA E 1405 -55.40 53.59 71.66
CA ALA E 1405 -56.72 53.74 72.28
C ALA E 1405 -57.17 52.51 73.06
N MET E 1406 -57.33 51.37 72.40
CA MET E 1406 -58.21 50.36 72.94
C MET E 1406 -57.52 49.41 73.91
N ALA E 1407 -58.34 48.59 74.54
CA ALA E 1407 -57.87 47.50 75.39
C ALA E 1407 -58.87 46.37 75.23
N ALA E 1408 -58.61 45.48 74.28
CA ALA E 1408 -59.53 44.45 73.84
C ALA E 1408 -59.30 43.17 74.64
N THR E 1409 -59.73 42.05 74.08
CA THR E 1409 -59.28 40.70 74.39
C THR E 1409 -59.67 40.24 75.80
N ALA E 1410 -60.98 40.05 75.99
CA ALA E 1410 -61.51 39.17 77.02
C ALA E 1410 -62.86 38.61 76.60
N THR E 1411 -62.90 37.29 76.36
CA THR E 1411 -64.07 36.63 75.77
C THR E 1411 -65.25 36.55 76.71
N ASP E 1412 -65.08 35.96 77.92
CA ASP E 1412 -66.11 35.86 78.96
C ASP E 1412 -67.37 35.09 78.50
N LYS E 1413 -67.22 34.19 77.52
CA LYS E 1413 -68.37 33.43 77.03
C LYS E 1413 -67.98 31.99 76.78
N ILE E 1414 -68.61 31.06 77.50
CA ILE E 1414 -68.28 29.63 77.40
C ILE E 1414 -69.55 28.88 76.98
N GLY E 1415 -69.71 28.68 75.68
CA GLY E 1415 -70.74 27.80 75.14
C GLY E 1415 -70.26 26.36 75.12
N ARG E 1416 -70.54 25.66 74.01
CA ARG E 1416 -69.88 24.38 73.78
C ARG E 1416 -69.60 24.16 72.30
N SER E 1417 -69.05 25.17 71.63
CA SER E 1417 -68.58 24.96 70.27
C SER E 1417 -67.45 25.92 69.95
N VAL E 1418 -66.89 25.75 68.76
CA VAL E 1418 -65.87 26.64 68.23
C VAL E 1418 -66.13 26.75 66.73
N PRO E 1419 -65.99 27.93 66.12
CA PRO E 1419 -65.87 29.28 66.65
C PRO E 1419 -67.13 30.11 66.44
N ALA E 1420 -67.04 31.42 66.70
CA ALA E 1420 -68.17 32.32 66.53
C ALA E 1420 -67.66 33.66 66.04
N PRO E 1421 -68.01 34.06 64.81
CA PRO E 1421 -67.56 35.36 64.30
C PRO E 1421 -68.30 36.53 64.94
N GLY E 1422 -67.92 37.74 64.53
CA GLY E 1422 -68.22 38.89 65.36
C GLY E 1422 -69.55 39.56 65.13
N LYS E 1423 -70.52 39.03 65.86
CA LYS E 1423 -71.63 39.74 66.45
C LYS E 1423 -71.26 39.91 67.93
N GLY E 1424 -72.25 40.12 68.80
CA GLY E 1424 -71.99 40.50 70.19
C GLY E 1424 -71.39 39.48 71.16
N ILE E 1425 -70.44 38.66 70.67
CA ILE E 1425 -69.75 37.66 71.49
C ILE E 1425 -69.04 38.31 72.67
N LEU E 1426 -68.04 39.12 72.38
CA LEU E 1426 -67.28 39.80 73.41
C LEU E 1426 -67.23 41.27 73.07
N THR E 1427 -66.36 42.01 73.76
CA THR E 1427 -66.16 43.46 73.67
C THR E 1427 -67.40 44.28 74.05
N THR E 1428 -68.45 43.62 74.50
CA THR E 1428 -69.51 44.28 75.21
C THR E 1428 -69.22 44.29 76.69
N ALA E 1429 -68.27 43.47 77.14
CA ALA E 1429 -67.60 43.76 78.39
C ALA E 1429 -66.67 44.95 78.24
N ARG E 1430 -66.04 45.08 77.07
CA ARG E 1430 -65.52 46.38 76.69
C ARG E 1430 -66.69 47.32 76.46
N GLU E 1431 -66.39 48.62 76.46
CA GLU E 1431 -67.35 49.73 76.52
C GLU E 1431 -68.42 49.50 77.60
N HIS E 1432 -68.00 48.99 78.77
CA HIS E 1432 -68.87 48.58 79.86
C HIS E 1432 -69.68 49.74 80.39
N HIS E 1433 -68.99 50.69 81.02
CA HIS E 1433 -69.34 52.11 81.13
C HIS E 1433 -70.82 52.35 81.51
N SER E 1434 -71.17 51.83 82.69
CA SER E 1434 -72.55 51.60 83.09
C SER E 1434 -73.28 52.91 83.37
N SER E 1435 -74.59 52.78 83.59
CA SER E 1435 -75.47 53.93 83.74
C SER E 1435 -76.53 53.73 84.82
N VAL E 1436 -76.15 53.25 86.00
CA VAL E 1436 -77.07 53.44 87.13
C VAL E 1436 -77.09 54.92 87.49
N LYS E 1437 -78.15 55.35 88.21
CA LYS E 1437 -78.69 56.72 88.15
C LYS E 1437 -77.68 57.82 88.46
N TYR E 1438 -77.33 58.58 87.43
CA TYR E 1438 -76.46 59.74 87.61
C TYR E 1438 -77.09 61.02 87.10
N ALA E 1439 -77.51 61.06 85.83
CA ALA E 1439 -78.19 62.18 85.16
C ALA E 1439 -77.50 63.54 85.30
N SER E 1440 -76.20 63.56 85.61
CA SER E 1440 -75.54 64.82 85.96
C SER E 1440 -74.07 64.78 85.53
N PRO E 1441 -73.65 65.66 84.63
CA PRO E 1441 -72.27 65.62 84.15
C PRO E 1441 -71.30 66.30 85.10
N ASN E 1442 -70.09 65.75 85.15
CA ASN E 1442 -68.97 66.22 85.96
C ASN E 1442 -69.29 66.37 87.43
N LYS E 1514 -61.08 53.27 85.40
CA LYS E 1514 -60.50 52.56 86.53
C LYS E 1514 -61.60 51.93 87.35
N ARG E 1515 -61.86 52.50 88.52
CA ARG E 1515 -62.94 52.02 89.38
C ARG E 1515 -64.29 52.46 88.81
N ASP E 1516 -64.59 53.77 88.83
CA ASP E 1516 -65.39 54.60 87.93
C ASP E 1516 -66.47 53.87 87.14
N PRO E 1517 -67.55 53.43 87.77
CA PRO E 1517 -68.57 52.65 87.03
C PRO E 1517 -69.36 53.46 86.02
N ARG E 1518 -69.07 54.74 85.83
CA ARG E 1518 -69.82 55.61 84.95
C ARG E 1518 -69.20 55.68 83.56
N ILE E 1519 -67.96 56.14 83.48
CA ILE E 1519 -67.31 56.29 82.22
C ILE E 1519 -65.98 55.58 82.36
N UNK E 1747 -25.01 68.80 86.22
CA UNK E 1747 -26.40 68.55 86.59
C UNK E 1747 -26.96 69.70 87.41
N UNK E 1748 -26.25 70.83 87.42
CA UNK E 1748 -26.61 72.07 88.12
C UNK E 1748 -26.85 71.94 89.63
N UNK E 1749 -27.92 71.23 90.01
CA UNK E 1749 -28.45 71.17 91.37
C UNK E 1749 -27.48 70.69 92.45
N UNK E 1750 -26.46 69.94 92.05
CA UNK E 1750 -25.41 69.51 92.98
C UNK E 1750 -24.61 70.72 93.45
N UNK E 1751 -24.59 71.77 92.63
CA UNK E 1751 -24.02 73.05 93.01
C UNK E 1751 -25.04 74.17 92.93
N UNK E 1752 -26.26 73.88 92.52
CA UNK E 1752 -27.30 74.91 92.49
C UNK E 1752 -28.28 74.73 93.63
N UNK E 1753 -28.86 73.54 93.73
CA UNK E 1753 -29.79 73.28 94.82
C UNK E 1753 -29.02 73.09 96.11
N UNK E 1754 -28.15 72.09 96.13
CA UNK E 1754 -27.44 71.67 97.34
C UNK E 1754 -26.54 72.73 97.94
N UNK E 1755 -25.77 73.41 97.10
CA UNK E 1755 -24.82 74.43 97.57
C UNK E 1755 -25.55 75.62 98.15
N UNK E 1756 -26.68 75.97 97.54
CA UNK E 1756 -27.49 77.03 98.09
C UNK E 1756 -28.24 76.51 99.30
N UNK E 1757 -28.50 75.20 99.31
CA UNK E 1757 -29.10 74.60 100.48
C UNK E 1757 -28.05 74.49 101.56
N UNK E 1758 -26.79 74.40 101.14
CA UNK E 1758 -25.69 74.40 102.09
C UNK E 1758 -25.56 75.80 102.66
N UNK E 1759 -25.93 76.79 101.87
CA UNK E 1759 -25.95 78.16 102.32
C UNK E 1759 -27.10 78.38 103.32
N UNK E 1760 -28.20 77.66 103.14
CA UNK E 1760 -29.35 77.82 104.02
C UNK E 1760 -29.15 77.06 105.31
N UNK E 1761 -28.55 75.88 105.18
CA UNK E 1761 -28.25 75.04 106.32
C UNK E 1761 -27.16 75.69 107.15
N UNK E 1762 -25.95 75.74 106.60
CA UNK E 1762 -24.78 76.17 107.36
C UNK E 1762 -24.60 77.68 107.41
N UNK E 1763 -25.70 78.41 107.52
CA UNK E 1763 -25.69 79.81 107.87
C UNK E 1763 -27.02 80.13 108.52
N UNK E 1764 -27.52 79.15 109.27
CA UNK E 1764 -28.75 79.32 110.03
C UNK E 1764 -28.45 79.84 111.44
N UNK E 1765 -28.89 81.06 111.72
CA UNK E 1765 -28.72 81.71 113.02
C UNK E 1765 -29.73 82.83 113.21
N UNK E 1766 -29.60 83.88 112.41
CA UNK E 1766 -30.55 85.00 112.41
C UNK E 1766 -31.91 84.54 111.91
N UNK E 1767 -32.78 84.15 112.84
CA UNK E 1767 -34.05 83.48 112.54
C UNK E 1767 -35.01 84.29 111.68
N UNK E 1768 -34.73 84.29 110.39
CA UNK E 1768 -35.56 84.92 109.39
C UNK E 1768 -35.62 84.00 108.17
N UNK E 1769 -35.31 82.73 108.39
CA UNK E 1769 -35.40 81.72 107.36
C UNK E 1769 -36.86 81.34 107.13
N UNK E 1770 -37.17 80.82 105.95
CA UNK E 1770 -38.57 80.51 105.59
C UNK E 1770 -38.68 79.44 104.52
N UNK E 1771 -37.88 79.57 103.45
CA UNK E 1771 -37.75 78.62 102.35
C UNK E 1771 -39.03 78.35 101.54
N UNK E 1772 -39.10 78.89 100.33
CA UNK E 1772 -40.21 78.60 99.44
C UNK E 1772 -39.75 77.86 98.19
N UNK E 1773 -40.56 76.89 97.75
CA UNK E 1773 -40.20 76.04 96.61
C UNK E 1773 -41.42 75.72 95.76
N UNK E 1774 -41.22 75.61 94.45
CA UNK E 1774 -42.34 75.34 93.54
C UNK E 1774 -41.92 74.59 92.28
N UNK E 1775 -42.90 74.07 91.54
CA UNK E 1775 -42.62 73.27 90.36
C UNK E 1775 -42.21 74.10 89.16
N UNK E 1776 -41.68 73.43 88.14
CA UNK E 1776 -41.26 74.12 86.93
C UNK E 1776 -42.40 74.33 85.96
N UNK E 1777 -43.55 73.73 86.26
CA UNK E 1777 -44.69 73.83 85.36
C UNK E 1777 -45.88 74.39 86.09
N UNK E 1778 -45.69 74.65 87.37
CA UNK E 1778 -46.75 75.21 88.18
C UNK E 1778 -47.00 76.68 87.84
N UNK E 1779 -46.14 77.55 88.32
CA UNK E 1779 -46.38 79.00 88.26
C UNK E 1779 -46.22 79.59 86.87
N UNK E 1780 -45.34 79.00 86.06
CA UNK E 1780 -45.10 79.51 84.72
C UNK E 1780 -45.96 78.76 83.71
N UNK E 1781 -47.12 78.28 84.16
CA UNK E 1781 -48.04 77.58 83.27
C UNK E 1781 -48.71 78.57 82.33
N UNK E 1782 -48.98 79.77 82.82
CA UNK E 1782 -49.56 80.83 82.00
C UNK E 1782 -48.46 81.71 81.45
N UNK E 1783 -47.49 81.08 80.79
CA UNK E 1783 -46.28 81.74 80.33
C UNK E 1783 -46.57 82.76 79.24
N UNK E 1784 -47.66 82.54 78.52
CA UNK E 1784 -48.13 83.52 77.56
C UNK E 1784 -49.64 83.38 77.46
N UNK E 1785 -50.27 83.23 78.61
CA UNK E 1785 -51.71 82.99 78.65
C UNK E 1785 -52.45 84.01 79.48
N UNK E 1786 -52.22 83.97 80.78
CA UNK E 1786 -53.00 84.79 81.70
C UNK E 1786 -52.19 85.95 82.28
N UNK E 1787 -52.57 87.17 81.87
CA UNK E 1787 -51.97 88.39 82.39
C UNK E 1787 -52.53 88.72 83.77
N UNK E 1788 -53.55 87.99 84.18
CA UNK E 1788 -54.03 88.03 85.55
C UNK E 1788 -53.33 86.97 86.38
N UNK E 1789 -52.35 86.31 85.78
CA UNK E 1789 -51.53 85.34 86.48
C UNK E 1789 -50.05 85.55 86.19
N UNK E 1790 -49.75 86.23 85.08
CA UNK E 1790 -48.38 86.57 84.77
C UNK E 1790 -48.07 87.96 85.30
N UNK E 1791 -48.85 88.94 84.85
CA UNK E 1791 -48.64 90.32 85.25
C UNK E 1791 -49.40 90.66 86.53
N UNK E 1792 -49.31 89.78 87.52
CA UNK E 1792 -49.89 90.02 88.83
C UNK E 1792 -49.02 89.30 89.82
N UNK E 1793 -47.93 88.74 89.30
CA UNK E 1793 -46.90 88.14 90.12
C UNK E 1793 -45.65 89.00 90.00
N UNK E 1794 -45.72 90.17 90.63
CA UNK E 1794 -44.69 91.21 90.58
C UNK E 1794 -44.35 91.60 89.16
N UNK E 1795 -45.27 92.31 88.52
CA UNK E 1795 -45.03 92.81 87.17
C UNK E 1795 -44.19 94.07 87.26
N UNK E 1796 -42.90 93.90 87.52
CA UNK E 1796 -41.98 95.01 87.65
C UNK E 1796 -41.44 95.43 86.29
N UNK E 1797 -40.36 96.19 86.31
CA UNK E 1797 -39.64 96.47 85.08
C UNK E 1797 -38.91 95.19 84.73
N UNK E 1798 -38.38 94.56 85.77
CA UNK E 1798 -37.88 93.21 85.65
C UNK E 1798 -39.05 92.26 85.75
N UNK E 1799 -39.77 92.11 84.65
CA UNK E 1799 -40.88 91.16 84.57
C UNK E 1799 -40.95 90.61 83.16
N UNK E 1800 -39.92 90.92 82.39
CA UNK E 1800 -39.82 90.49 81.02
C UNK E 1800 -38.36 90.53 80.61
N UNK E 1801 -37.67 91.57 81.06
CA UNK E 1801 -36.28 91.80 80.70
C UNK E 1801 -35.37 90.74 81.33
N UNK E 1802 -35.65 90.41 82.59
CA UNK E 1802 -34.98 89.28 83.21
C UNK E 1802 -35.94 88.11 83.24
N UNK E 1803 -36.93 88.15 82.35
CA UNK E 1803 -37.97 87.13 82.34
C UNK E 1803 -38.49 86.79 80.94
N UNK E 1804 -37.63 86.93 79.95
CA UNK E 1804 -37.88 86.41 78.61
C UNK E 1804 -36.54 86.26 77.93
N UNK E 1805 -35.54 85.92 78.74
CA UNK E 1805 -34.16 85.83 78.25
C UNK E 1805 -33.82 84.41 77.83
N UNK E 1806 -33.24 83.65 78.75
CA UNK E 1806 -32.88 82.26 78.48
C UNK E 1806 -34.15 81.41 78.43
N UNK E 1807 -34.59 80.97 79.61
CA UNK E 1807 -35.82 80.23 79.70
C UNK E 1807 -36.99 81.19 79.83
N UNK E 1808 -38.08 80.68 80.38
CA UNK E 1808 -39.26 81.48 80.65
C UNK E 1808 -39.96 80.74 81.76
N UNK E 1809 -39.90 79.43 81.64
CA UNK E 1809 -40.44 78.54 82.65
C UNK E 1809 -39.38 78.25 83.70
N UNK E 1810 -38.27 78.98 83.63
CA UNK E 1810 -37.30 79.01 84.71
C UNK E 1810 -36.90 80.45 84.91
N UNK E 1811 -37.33 81.30 83.98
CA UNK E 1811 -37.03 82.72 84.04
C UNK E 1811 -38.20 83.48 84.65
N UNK E 1812 -39.38 82.90 84.53
CA UNK E 1812 -40.55 83.46 85.19
C UNK E 1812 -41.22 82.34 85.97
N UNK E 1813 -40.44 81.71 86.84
CA UNK E 1813 -40.96 80.60 87.63
C UNK E 1813 -40.20 80.48 88.94
N UNK E 1814 -38.89 80.55 88.85
CA UNK E 1814 -38.02 80.45 90.03
C UNK E 1814 -38.24 81.66 90.91
N UNK E 1815 -38.58 82.78 90.26
CA UNK E 1815 -38.93 84.00 90.94
C UNK E 1815 -40.19 83.84 91.79
N UNK E 1816 -41.15 83.08 91.29
CA UNK E 1816 -42.44 82.95 91.99
C UNK E 1816 -42.36 82.08 93.24
N UNK E 1817 -41.21 81.48 93.49
CA UNK E 1817 -40.93 80.84 94.76
C UNK E 1817 -39.81 81.60 95.44
N UNK E 1818 -39.42 82.74 94.88
CA UNK E 1818 -38.34 83.54 95.46
C UNK E 1818 -38.78 84.97 95.73
N UNK E 1819 -39.78 85.42 95.00
CA UNK E 1819 -40.31 86.76 95.23
C UNK E 1819 -41.52 86.70 96.14
N UNK E 1820 -41.47 85.77 97.09
CA UNK E 1820 -42.54 85.58 98.04
C UNK E 1820 -41.97 84.90 99.28
N UNK E 1821 -40.75 84.38 99.13
CA UNK E 1821 -40.07 83.75 100.24
C UNK E 1821 -39.63 84.84 101.20
N UNK E 1822 -39.30 85.99 100.64
CA UNK E 1822 -38.96 87.17 101.43
C UNK E 1822 -40.17 87.65 102.22
N UNK E 1823 -41.36 87.46 101.64
CA UNK E 1823 -42.60 87.78 102.32
C UNK E 1823 -42.81 86.78 103.45
N UNK E 1824 -42.31 85.57 103.25
CA UNK E 1824 -42.37 84.57 104.29
C UNK E 1824 -41.18 84.71 105.25
N UNK E 1825 -40.16 85.44 104.83
CA UNK E 1825 -38.94 85.54 105.63
C UNK E 1825 -39.06 86.52 106.78
N UNK E 1826 -40.15 87.26 106.83
CA UNK E 1826 -40.33 88.26 107.87
C UNK E 1826 -41.57 87.98 108.71
N UNK E 1827 -42.02 86.73 108.67
CA UNK E 1827 -43.27 86.27 109.31
C UNK E 1827 -44.47 87.13 108.90
N UNK E 1828 -44.74 87.16 107.59
CA UNK E 1828 -45.88 87.91 107.05
C UNK E 1828 -46.36 87.25 105.76
N UNK E 1829 -47.23 87.93 105.03
CA UNK E 1829 -47.77 87.39 103.79
C UNK E 1829 -48.15 88.52 102.84
N UNK E 1830 -47.81 88.35 101.56
CA UNK E 1830 -48.02 89.41 100.58
C UNK E 1830 -49.07 89.06 99.53
N UNK E 1831 -49.26 89.98 98.59
CA UNK E 1831 -50.10 89.74 97.43
C UNK E 1831 -49.29 90.02 96.19
N UNK E 1832 -48.08 89.45 96.15
CA UNK E 1832 -47.06 89.67 95.13
C UNK E 1832 -46.71 91.15 94.96
N UNK E 1833 -46.74 91.87 96.08
CA UNK E 1833 -46.43 93.30 96.09
C UNK E 1833 -45.01 93.50 96.56
N UNK E 1834 -44.23 92.42 96.53
CA UNK E 1834 -42.86 92.43 97.01
C UNK E 1834 -41.91 93.03 95.98
N UNK E 1835 -40.81 92.33 95.71
CA UNK E 1835 -39.74 92.90 94.92
C UNK E 1835 -39.03 91.92 94.01
N UNK E 1836 -38.05 92.44 93.29
CA UNK E 1836 -37.17 91.66 92.43
C UNK E 1836 -35.93 92.50 92.18
N UNK E 1837 -34.77 91.97 92.54
CA UNK E 1837 -33.54 92.73 92.36
C UNK E 1837 -33.04 92.66 90.93
N UNK E 1838 -31.85 92.11 90.74
CA UNK E 1838 -31.24 92.09 89.43
C UNK E 1838 -30.18 91.03 89.29
N UNK E 1839 -29.91 90.70 88.03
CA UNK E 1839 -28.74 89.94 87.59
C UNK E 1839 -28.61 88.53 88.16
N UNK E 1840 -29.01 87.55 87.38
CA UNK E 1840 -28.94 86.15 87.78
C UNK E 1840 -27.51 85.62 87.67
N UNK E 1841 -26.65 86.07 88.60
CA UNK E 1841 -25.24 85.68 88.70
C UNK E 1841 -24.44 85.90 87.42
N UNK E 1842 -24.25 87.16 87.05
CA UNK E 1842 -23.49 87.51 85.85
C UNK E 1842 -22.83 88.87 86.01
N UNK E 1843 -23.37 89.69 86.90
CA UNK E 1843 -22.83 91.02 87.13
C UNK E 1843 -23.10 91.49 88.56
N UNK E 1844 -24.36 91.37 88.99
CA UNK E 1844 -24.77 91.78 90.33
C UNK E 1844 -25.42 90.63 91.08
N UNK E 1845 -25.54 90.78 92.39
CA UNK E 1845 -26.14 89.74 93.21
C UNK E 1845 -27.64 89.77 93.06
N UNK E 1846 -28.26 88.60 93.13
CA UNK E 1846 -29.70 88.52 93.23
C UNK E 1846 -30.07 89.00 94.62
N UNK E 1847 -30.17 90.32 94.76
CA UNK E 1847 -30.34 90.95 96.06
C UNK E 1847 -31.79 90.92 96.50
N UNK E 1848 -32.12 91.69 97.53
CA UNK E 1848 -33.46 91.63 98.07
C UNK E 1848 -34.02 93.00 98.43
N UNK E 1849 -35.33 93.02 98.69
CA UNK E 1849 -36.12 94.21 99.05
C UNK E 1849 -36.02 95.32 98.03
N UNK E 1850 -35.82 94.97 96.76
CA UNK E 1850 -35.66 95.94 95.69
C UNK E 1850 -36.95 96.68 95.41
N UNK E 1851 -37.19 97.72 96.22
CA UNK E 1851 -38.39 98.56 96.19
C UNK E 1851 -39.66 97.73 96.35
N UNK E 1852 -39.65 96.84 97.33
CA UNK E 1852 -40.87 96.14 97.72
C UNK E 1852 -41.79 97.17 98.37
N UNK E 1853 -42.53 97.91 97.57
CA UNK E 1853 -43.17 99.12 98.05
C UNK E 1853 -44.67 99.15 97.83
N UNK E 1854 -45.41 98.54 98.76
CA UNK E 1854 -46.86 98.61 98.80
C UNK E 1854 -47.32 98.20 100.20
N UNK E 1855 -46.96 96.98 100.57
CA UNK E 1855 -47.24 96.45 101.90
C UNK E 1855 -46.09 95.54 102.32
N UNK E 1856 -44.95 95.73 101.67
CA UNK E 1856 -43.76 94.92 101.94
C UNK E 1856 -42.58 95.82 102.29
N UNK E 1857 -42.85 96.89 103.01
CA UNK E 1857 -41.81 97.82 103.45
C UNK E 1857 -42.15 98.40 104.80
N UNK E 1858 -43.43 98.75 104.97
CA UNK E 1858 -43.90 99.34 106.21
C UNK E 1858 -44.10 98.27 107.28
N UNK E 1859 -44.15 97.02 106.85
CA UNK E 1859 -44.30 95.89 107.76
C UNK E 1859 -43.26 94.82 107.45
N UNK E 1860 -42.16 95.24 106.82
CA UNK E 1860 -41.10 94.32 106.47
C UNK E 1860 -39.75 94.84 106.92
N UNK E 1861 -39.31 95.96 106.33
CA UNK E 1861 -38.09 96.62 106.72
C UNK E 1861 -38.28 97.21 108.11
N UNK E 1862 -39.49 97.73 108.34
CA UNK E 1862 -39.86 98.29 109.62
C UNK E 1862 -40.11 97.19 110.65
N UNK E 1863 -40.40 95.98 110.16
CA UNK E 1863 -40.58 94.84 111.04
C UNK E 1863 -39.24 94.45 111.63
N UNK E 1864 -38.30 94.09 110.76
CA UNK E 1864 -36.95 93.74 111.18
C UNK E 1864 -36.01 93.90 110.00
N UNK E 1865 -34.71 93.79 110.28
CA UNK E 1865 -33.64 93.75 109.27
C UNK E 1865 -33.61 94.91 108.28
N UNK E 1866 -32.82 94.72 107.23
CA UNK E 1866 -32.69 95.68 106.14
C UNK E 1866 -32.07 94.99 104.94
N UNK E 1867 -31.12 94.10 105.21
CA UNK E 1867 -30.34 93.45 104.17
C UNK E 1867 -30.66 91.97 104.05
N UNK E 1868 -31.62 91.64 103.20
CA UNK E 1868 -32.00 90.25 103.07
C UNK E 1868 -31.25 89.58 101.92
N UNK E 1869 -31.23 88.25 101.95
CA UNK E 1869 -30.51 87.47 100.95
C UNK E 1869 -31.33 86.25 100.51
N UNK E 1870 -31.44 86.06 99.20
CA UNK E 1870 -32.22 84.96 98.66
C UNK E 1870 -31.30 83.89 98.09
N UNK E 1871 -31.86 82.73 97.79
CA UNK E 1871 -31.09 81.64 97.23
C UNK E 1871 -31.84 80.95 96.10
N UNK E 1872 -31.91 81.63 94.95
CA UNK E 1872 -32.63 81.11 93.80
C UNK E 1872 -31.91 79.93 93.18
N UNK E 1873 -32.08 78.75 93.78
CA UNK E 1873 -31.53 77.52 93.26
C UNK E 1873 -32.21 77.20 91.94
N UNK E 1874 -31.64 77.71 90.86
CA UNK E 1874 -32.24 77.58 89.54
C UNK E 1874 -32.19 76.14 89.06
N UNK E 1875 -33.27 75.66 88.45
CA UNK E 1875 -33.31 74.30 87.93
C UNK E 1875 -34.29 74.14 86.78
N UNK E 1876 -34.63 72.89 86.50
CA UNK E 1876 -35.57 72.55 85.44
C UNK E 1876 -36.76 71.84 86.05
N UNK E 1877 -36.87 71.96 87.36
CA UNK E 1877 -37.86 71.20 88.09
C UNK E 1877 -38.38 71.95 89.32
N UNK E 1878 -37.50 72.13 90.29
CA UNK E 1878 -37.89 72.85 91.49
C UNK E 1878 -37.04 74.10 91.68
N UNK E 1879 -37.37 74.86 92.72
CA UNK E 1879 -36.65 76.08 93.05
C UNK E 1879 -36.85 76.43 94.51
N UNK E 1880 -36.05 75.84 95.38
CA UNK E 1880 -36.12 76.11 96.81
C UNK E 1880 -35.31 77.35 97.18
N UNK E 1881 -36.00 78.45 97.46
CA UNK E 1881 -35.33 79.73 97.67
C UNK E 1881 -35.24 80.09 99.15
N UNK E 1882 -34.00 80.25 99.62
CA UNK E 1882 -33.76 80.57 101.02
C UNK E 1882 -33.66 82.07 101.23
N UNK E 1883 -34.78 82.68 101.61
CA UNK E 1883 -34.79 84.09 101.89
C UNK E 1883 -34.31 84.33 103.32
N UNK E 1884 -33.08 84.80 103.44
CA UNK E 1884 -32.49 85.05 104.76
C UNK E 1884 -32.21 86.54 104.94
N UNK E 1885 -32.73 87.12 106.02
CA UNK E 1885 -32.61 88.56 106.26
C UNK E 1885 -31.45 88.93 107.17
N UNK E 1886 -31.19 90.24 107.27
CA UNK E 1886 -30.12 90.74 108.13
C UNK E 1886 -30.54 90.64 109.59
N UNK E 1887 -30.91 91.78 110.18
CA UNK E 1887 -31.35 91.81 111.57
C UNK E 1887 -32.75 91.24 111.70
N LEU F 1 -65.10 67.03 84.96
CA LEU F 1 -64.54 65.73 84.67
C LEU F 1 -64.07 65.67 83.22
N ASN F 2 -65.04 65.64 82.32
CA ASN F 2 -64.76 65.31 80.94
C ASN F 2 -64.31 66.51 80.13
N MET F 3 -64.22 67.67 80.75
CA MET F 3 -63.67 68.85 80.09
C MET F 3 -62.16 68.92 80.29
N LYS F 4 -61.58 70.01 79.81
CA LYS F 4 -60.24 70.40 80.23
C LYS F 4 -60.36 70.97 81.63
N TYR F 5 -60.50 70.08 82.62
CA TYR F 5 -60.95 70.48 83.95
C TYR F 5 -59.81 71.09 84.74
N ARG F 6 -58.81 70.25 85.09
CA ARG F 6 -57.55 70.61 85.70
C ARG F 6 -57.68 71.43 86.97
N LYS F 7 -58.86 71.41 87.58
CA LYS F 7 -59.08 72.22 88.76
C LYS F 7 -58.54 71.49 89.98
N ARG F 8 -58.99 70.27 90.20
CA ARG F 8 -58.43 69.44 91.27
C ARG F 8 -56.97 69.06 90.99
N GLN F 9 -56.53 69.18 89.74
CA GLN F 9 -55.09 69.19 89.48
C GLN F 9 -54.42 70.37 90.15
N LEU F 10 -55.01 71.55 90.05
CA LEU F 10 -54.36 72.75 90.55
C LEU F 10 -54.69 73.06 92.00
N VAL F 11 -55.75 72.49 92.55
CA VAL F 11 -56.12 72.85 93.92
C VAL F 11 -55.50 71.90 94.92
N THR F 12 -55.89 70.62 94.92
CA THR F 12 -55.45 69.76 96.01
C THR F 12 -54.04 69.19 95.75
N ARG F 13 -53.63 69.14 94.50
CA ARG F 13 -52.23 69.07 94.15
C ARG F 13 -51.87 70.43 93.60
N GLU F 14 -50.56 70.65 93.39
CA GLU F 14 -49.89 71.94 93.16
C GLU F 14 -50.03 72.90 94.34
N ALA F 15 -50.63 72.45 95.44
CA ALA F 15 -50.61 73.17 96.71
C ALA F 15 -50.09 72.32 97.85
N GLN F 16 -50.58 71.10 98.02
CA GLN F 16 -50.07 70.27 99.10
C GLN F 16 -48.69 69.75 98.77
N ILE F 17 -48.44 69.38 97.52
CA ILE F 17 -47.08 69.08 97.10
C ILE F 17 -46.26 70.37 97.10
N LYS F 18 -46.90 71.50 96.79
CA LYS F 18 -46.25 72.78 96.98
C LYS F 18 -46.01 73.07 98.47
N ASP F 19 -46.83 72.50 99.36
CA ASP F 19 -46.62 72.76 100.78
C ASP F 19 -45.42 71.99 101.34
N TRP F 20 -45.47 70.67 101.35
CA TRP F 20 -44.39 69.98 102.06
C TRP F 20 -43.20 69.70 101.14
N VAL F 21 -42.75 70.73 100.45
CA VAL F 21 -41.40 70.73 99.91
C VAL F 21 -40.69 71.85 100.64
N GLU F 22 -41.47 72.88 100.99
CA GLU F 22 -41.03 73.84 101.97
C GLU F 22 -40.89 73.17 103.33
N ASN F 23 -41.81 72.25 103.63
CA ASN F 23 -41.83 71.62 104.93
C ASN F 23 -41.04 70.33 104.98
N GLU F 24 -40.40 69.94 103.89
CA GLU F 24 -39.71 68.67 103.95
C GLU F 24 -38.19 68.82 104.14
N LEU F 25 -37.57 69.80 103.49
CA LEU F 25 -36.15 70.04 103.71
C LEU F 25 -35.90 70.62 105.10
N GLU F 26 -36.89 71.30 105.67
CA GLU F 26 -36.82 71.75 107.05
C GLU F 26 -36.93 70.59 108.04
N ALA F 27 -37.57 69.49 107.67
CA ALA F 27 -37.52 68.30 108.51
C ALA F 27 -36.13 67.70 108.52
N LEU F 28 -35.42 67.80 107.39
CA LEU F 28 -34.00 67.51 107.38
C LEU F 28 -33.21 68.53 108.18
N LYS F 29 -33.70 69.77 108.28
CA LYS F 29 -33.03 70.76 109.11
C LYS F 29 -33.20 70.44 110.59
N LEU F 30 -34.18 69.62 110.95
CA LEU F 30 -34.23 69.14 112.33
C LEU F 30 -33.13 68.12 112.56
N GLU F 31 -32.82 67.33 111.55
CA GLU F 31 -31.72 66.37 111.60
C GLU F 31 -30.50 66.92 110.88
N ALA F 32 -30.30 68.25 110.97
CA ALA F 32 -29.28 68.92 110.18
C ALA F 32 -27.89 68.45 110.56
N GLU F 33 -27.48 68.64 111.81
CA GLU F 33 -26.24 67.99 112.25
C GLU F 33 -26.47 66.56 112.72
N GLU F 34 -27.04 66.38 113.91
CA GLU F 34 -27.04 65.11 114.67
C GLU F 34 -25.65 64.47 114.76
N ILE F 35 -24.62 65.31 114.77
CA ILE F 35 -23.15 65.13 114.71
C ILE F 35 -22.66 64.30 113.51
N PRO F 36 -23.31 64.43 112.33
CA PRO F 36 -22.59 64.85 111.12
C PRO F 36 -22.28 66.34 111.07
N SER F 37 -21.93 66.84 109.87
CA SER F 37 -21.05 67.95 109.45
C SER F 37 -19.62 67.44 109.38
N GLU F 38 -19.45 66.13 109.50
CA GLU F 38 -18.34 65.43 108.88
C GLU F 38 -18.69 64.88 107.51
N ASP F 39 -19.98 64.65 107.25
CA ASP F 39 -20.50 64.14 106.00
C ASP F 39 -21.78 64.86 105.62
N GLN F 40 -21.81 66.18 105.82
CA GLN F 40 -23.01 66.95 105.49
C GLN F 40 -23.23 67.01 103.99
N ASN F 41 -22.21 67.47 103.24
CA ASN F 41 -22.25 67.48 101.79
C ASN F 41 -22.44 66.09 101.22
N GLU F 42 -21.95 65.05 101.92
CA GLU F 42 -22.33 63.70 101.61
C GLU F 42 -23.83 63.52 101.74
N PHE F 43 -24.41 63.86 102.90
CA PHE F 43 -25.85 63.77 103.04
C PHE F 43 -26.60 64.78 102.19
N LEU F 44 -25.97 65.87 101.76
CA LEU F 44 -26.62 66.67 100.74
C LEU F 44 -26.62 65.92 99.42
N LEU F 45 -25.47 65.36 99.03
CA LEU F 45 -25.45 64.46 97.91
C LEU F 45 -26.21 63.17 98.21
N GLU F 46 -26.39 62.79 99.47
CA GLU F 46 -27.26 61.64 99.69
C GLU F 46 -28.72 62.10 99.75
N ARG F 47 -29.08 62.85 100.80
CA ARG F 47 -30.49 62.94 101.14
C ARG F 47 -31.23 63.95 100.29
N THR F 48 -30.57 65.04 99.92
CA THR F 48 -31.29 66.11 99.25
C THR F 48 -31.52 65.82 97.77
N ARG F 49 -30.66 65.02 97.14
CA ARG F 49 -31.00 64.61 95.78
C ARG F 49 -31.96 63.43 95.75
N GLU F 50 -32.24 62.79 96.90
CA GLU F 50 -33.38 61.91 96.94
C GLU F 50 -34.68 62.69 96.89
N ILE F 51 -34.84 63.61 97.84
CA ILE F 51 -36.14 64.22 98.10
C ILE F 51 -36.61 65.11 96.97
N HIS F 52 -35.70 65.60 96.13
CA HIS F 52 -36.13 66.36 94.98
C HIS F 52 -36.80 65.46 93.96
N ASN F 53 -36.27 64.27 93.75
CA ASN F 53 -36.96 63.29 92.93
C ASN F 53 -38.26 62.85 93.60
N GLU F 54 -38.26 62.79 94.93
CA GLU F 54 -39.49 62.55 95.65
C GLU F 54 -40.44 63.73 95.48
N ALA F 55 -39.90 64.94 95.41
CA ALA F 55 -40.71 66.07 95.01
C ALA F 55 -41.11 65.95 93.54
N GLU F 56 -40.31 65.27 92.74
CA GLU F 56 -40.64 65.13 91.34
C GLU F 56 -41.65 64.02 91.12
N SER F 57 -41.43 62.86 91.74
CA SER F 57 -42.28 61.71 91.48
C SER F 57 -43.66 61.88 92.10
N GLN F 58 -43.75 62.58 93.23
CA GLN F 58 -45.04 62.78 93.88
C GLN F 58 -45.95 63.66 93.04
N LEU F 59 -45.37 64.62 92.32
CA LEU F 59 -46.15 65.38 91.35
C LEU F 59 -46.51 64.50 90.18
N ARG F 60 -45.63 63.58 89.82
CA ARG F 60 -45.99 62.62 88.80
C ARG F 60 -46.97 61.58 89.30
N ALA F 61 -47.01 61.34 90.62
CA ALA F 61 -48.04 60.48 91.17
C ALA F 61 -49.43 61.07 90.97
N ALA F 62 -49.53 62.40 91.02
CA ALA F 62 -50.77 63.05 90.60
C ALA F 62 -50.97 62.88 89.10
N GLN F 63 -49.89 62.88 88.34
CA GLN F 63 -49.99 62.75 86.90
C GLN F 63 -50.37 61.36 86.43
N GLN F 64 -50.62 60.40 87.33
CA GLN F 64 -51.41 59.26 86.90
C GLN F 64 -52.81 59.70 86.49
N GLN F 65 -53.61 60.14 87.44
CA GLN F 65 -54.97 60.50 87.10
C GLN F 65 -55.03 61.92 86.55
N TRP F 66 -56.25 62.48 86.52
CA TRP F 66 -56.57 63.80 85.98
C TRP F 66 -56.11 63.90 84.52
N GLY F 67 -56.67 63.04 83.70
CA GLY F 67 -56.40 63.11 82.29
C GLY F 67 -55.64 61.94 81.72
N ASN F 68 -54.69 61.39 82.48
CA ASN F 68 -53.91 60.28 81.97
C ASN F 68 -54.35 58.95 82.56
N ASP F 69 -54.84 58.93 83.79
CA ASP F 69 -55.61 57.81 84.34
C ASP F 69 -56.91 58.37 84.85
N PHE F 70 -57.58 59.13 83.98
CA PHE F 70 -58.70 59.97 84.37
C PHE F 70 -59.88 59.16 84.88
N TYR F 71 -60.31 58.18 84.11
CA TYR F 71 -61.26 57.22 84.63
C TYR F 71 -60.53 56.36 85.62
N MET G 1 44.91 19.04 -31.81
CA MET G 1 43.70 18.43 -31.25
C MET G 1 43.99 17.43 -30.12
N ASP G 2 43.05 16.53 -29.90
CA ASP G 2 43.06 15.64 -28.74
C ASP G 2 42.68 14.24 -29.15
N ALA G 3 43.22 13.25 -28.44
CA ALA G 3 42.81 11.86 -28.60
C ALA G 3 41.70 11.57 -27.61
N TYR G 4 40.45 11.73 -28.07
CA TYR G 4 39.31 11.89 -27.18
C TYR G 4 38.81 10.59 -26.56
N SER G 5 37.59 10.64 -26.01
CA SER G 5 36.88 9.52 -25.37
C SER G 5 37.61 9.03 -24.11
N THR G 6 37.57 9.90 -23.10
CA THR G 6 37.81 9.71 -21.68
C THR G 6 39.31 9.55 -21.37
N ARG G 7 40.19 9.47 -22.37
CA ARG G 7 41.63 9.44 -22.11
C ARG G 7 42.33 10.36 -23.10
N PRO G 8 42.36 11.66 -22.81
CA PRO G 8 42.83 12.63 -23.80
C PRO G 8 44.34 12.66 -23.93
N LEU G 9 44.79 12.93 -25.16
CA LEU G 9 46.20 13.06 -25.49
C LEU G 9 46.31 13.94 -26.73
N THR G 10 47.31 14.84 -26.73
CA THR G 10 47.38 15.88 -27.74
C THR G 10 47.85 15.36 -29.09
N LEU G 11 47.31 15.95 -30.15
CA LEU G 11 47.74 15.72 -31.54
C LEU G 11 47.76 17.09 -32.19
N SER G 12 48.97 17.59 -32.44
CA SER G 12 49.35 19.00 -32.45
C SER G 12 48.45 19.90 -33.29
N HIS G 13 47.92 20.95 -32.65
CA HIS G 13 47.29 22.06 -33.33
C HIS G 13 48.35 22.80 -34.15
N GLY G 14 48.32 22.68 -35.47
CA GLY G 14 49.44 23.19 -36.24
C GLY G 14 49.51 24.68 -36.49
N SER G 15 48.63 25.48 -35.87
CA SER G 15 48.48 26.93 -36.10
C SER G 15 48.20 27.24 -37.58
N LEU G 16 47.02 26.79 -38.04
CA LEU G 16 46.36 27.01 -39.34
C LEU G 16 46.98 26.18 -40.48
N GLU G 17 48.13 25.53 -40.24
CA GLU G 17 48.65 24.60 -41.24
C GLU G 17 48.21 23.17 -40.97
N HIS G 18 47.78 22.87 -39.76
CA HIS G 18 47.25 21.55 -39.44
C HIS G 18 45.94 21.59 -38.69
N VAL G 19 45.53 22.76 -38.19
CA VAL G 19 44.20 22.90 -37.58
C VAL G 19 43.11 22.82 -38.65
N LEU G 20 43.45 23.06 -39.92
CA LEU G 20 42.47 23.01 -40.99
C LEU G 20 42.29 21.61 -41.58
N LEU G 21 43.22 20.70 -41.33
CA LEU G 21 43.10 19.36 -41.89
C LEU G 21 42.53 18.36 -40.89
N VAL G 22 42.54 18.68 -39.61
CA VAL G 22 41.86 17.88 -38.60
C VAL G 22 40.32 17.88 -38.63
N PRO G 23 39.59 18.85 -39.22
CA PRO G 23 38.15 18.56 -39.46
C PRO G 23 37.93 17.44 -40.46
N THR G 24 38.90 17.17 -41.33
CA THR G 24 38.97 15.91 -42.07
C THR G 24 39.59 14.78 -41.25
N ALA G 25 39.68 14.94 -39.94
CA ALA G 25 40.09 13.88 -39.04
C ALA G 25 39.14 13.75 -37.85
N SER G 26 38.55 14.86 -37.41
CA SER G 26 37.89 14.88 -36.10
C SER G 26 36.55 14.15 -36.12
N PHE G 27 35.71 14.44 -37.10
CA PHE G 27 34.52 13.60 -37.26
C PHE G 27 34.90 12.24 -37.82
N PHE G 28 36.06 12.15 -38.45
CA PHE G 28 36.37 11.01 -39.30
C PHE G 28 36.62 9.75 -38.50
N ILE G 29 37.22 9.88 -37.31
CA ILE G 29 37.24 8.78 -36.35
C ILE G 29 36.11 8.91 -35.34
N ALA G 30 35.22 9.89 -35.50
CA ALA G 30 34.00 9.93 -34.73
C ALA G 30 32.86 9.20 -35.44
N SER G 31 33.21 8.19 -36.22
CA SER G 31 32.22 7.30 -36.80
C SER G 31 31.47 6.56 -35.71
N GLN G 32 30.26 6.09 -36.07
CA GLN G 32 29.41 5.36 -35.12
C GLN G 32 30.08 4.08 -34.66
N LEU G 33 30.94 3.51 -35.50
CA LEU G 33 31.76 2.36 -35.11
C LEU G 33 32.72 2.69 -33.98
N GLN G 34 33.19 3.93 -33.88
CA GLN G 34 33.89 4.39 -32.69
C GLN G 34 32.97 5.10 -31.71
N GLU G 35 31.72 5.37 -32.10
CA GLU G 35 30.76 6.06 -31.25
C GLU G 35 29.72 5.13 -30.66
N GLN G 36 29.59 3.91 -31.19
CA GLN G 36 28.87 2.88 -30.44
C GLN G 36 29.85 2.11 -29.56
N PHE G 37 31.13 2.40 -29.71
CA PHE G 37 32.21 1.87 -28.89
C PHE G 37 32.37 2.61 -27.57
N ASN G 38 31.59 3.67 -27.34
CA ASN G 38 31.86 4.55 -26.22
C ASN G 38 30.78 4.59 -25.15
N LYS G 39 29.58 4.12 -25.45
CA LYS G 39 28.59 3.85 -24.41
C LYS G 39 28.93 2.59 -23.63
N ILE G 40 29.71 1.68 -24.23
CA ILE G 40 30.26 0.52 -23.51
C ILE G 40 31.35 0.95 -22.54
N LEU G 41 31.88 2.16 -22.69
CA LEU G 41 32.97 2.57 -21.80
C LEU G 41 32.56 2.93 -20.37
N PRO G 42 31.37 3.55 -20.05
CA PRO G 42 31.05 3.75 -18.63
C PRO G 42 30.81 2.50 -17.78
N GLU G 43 29.79 1.70 -18.06
CA GLU G 43 29.52 0.65 -17.08
C GLU G 43 30.35 -0.62 -17.29
N PRO G 44 30.37 -1.31 -18.47
CA PRO G 44 31.38 -2.40 -18.58
C PRO G 44 32.69 -1.86 -19.15
N THR G 45 33.46 -1.22 -18.27
CA THR G 45 34.54 -0.31 -18.64
C THR G 45 35.71 -0.95 -19.37
N GLU G 46 35.81 -0.67 -20.68
CA GLU G 46 37.00 -0.87 -21.51
C GLU G 46 37.45 -2.33 -21.59
N GLY G 47 36.51 -3.27 -21.44
CA GLY G 47 36.86 -4.65 -21.70
C GLY G 47 37.14 -4.88 -23.17
N PHE G 48 36.51 -4.07 -24.00
CA PHE G 48 36.67 -4.07 -25.44
C PHE G 48 36.94 -2.62 -25.78
N ALA G 49 36.86 -2.27 -27.08
CA ALA G 49 36.76 -0.89 -27.53
C ALA G 49 37.94 -0.02 -27.14
N ALA G 50 39.08 -0.19 -27.82
CA ALA G 50 40.30 0.60 -27.64
C ALA G 50 40.03 2.09 -27.53
N ASP G 51 40.94 2.80 -26.85
CA ASP G 51 40.72 3.71 -25.71
C ASP G 51 40.83 2.97 -24.38
N ASP G 52 41.26 1.71 -24.41
CA ASP G 52 41.54 1.02 -23.15
C ASP G 52 42.80 1.56 -22.49
N GLU G 53 43.65 2.22 -23.27
CA GLU G 53 44.88 2.88 -22.89
C GLU G 53 45.09 3.96 -23.93
N PRO G 54 45.51 5.17 -23.52
CA PRO G 54 45.46 6.32 -24.44
C PRO G 54 46.32 6.20 -25.68
N THR G 55 47.26 5.26 -25.73
CA THR G 55 47.92 4.97 -26.99
C THR G 55 46.96 4.31 -27.97
N THR G 56 46.11 3.43 -27.48
CA THR G 56 45.24 2.62 -28.33
C THR G 56 44.21 3.36 -29.20
N PRO G 57 43.74 4.57 -28.88
CA PRO G 57 42.99 5.28 -29.94
C PRO G 57 43.89 6.09 -30.86
N ALA G 58 45.03 6.59 -30.37
CA ALA G 58 45.93 7.36 -31.21
C ALA G 58 46.57 6.48 -32.26
N GLU G 59 46.70 5.19 -31.97
CA GLU G 59 47.10 4.27 -33.02
C GLU G 59 45.88 3.82 -33.81
N LEU G 60 44.69 3.89 -33.22
CA LEU G 60 43.48 3.58 -33.97
C LEU G 60 43.15 4.70 -34.95
N VAL G 61 43.44 5.94 -34.56
CA VAL G 61 43.43 7.02 -35.54
C VAL G 61 44.62 6.86 -36.48
N GLY G 62 45.78 6.47 -35.95
CA GLY G 62 46.93 6.15 -36.76
C GLY G 62 46.72 4.95 -37.65
N LYS G 63 45.83 4.03 -37.24
CA LYS G 63 45.27 3.07 -38.17
C LYS G 63 44.44 3.77 -39.23
N PHE G 64 43.41 4.49 -38.78
CA PHE G 64 42.28 4.83 -39.64
C PHE G 64 42.66 5.84 -40.71
N LEU G 65 43.41 6.87 -40.34
CA LEU G 65 43.92 7.82 -41.32
C LEU G 65 44.89 7.16 -42.30
N GLY G 66 45.70 6.23 -41.82
CA GLY G 66 46.69 5.60 -42.68
C GLY G 66 46.13 4.45 -43.49
N TYR G 67 44.89 4.05 -43.22
CA TYR G 67 44.30 2.91 -43.90
C TYR G 67 43.19 3.29 -44.86
N VAL G 68 42.64 4.49 -44.74
CA VAL G 68 41.75 5.06 -45.75
C VAL G 68 42.60 6.16 -46.37
N SER G 69 43.92 5.93 -46.37
CA SER G 69 44.90 6.89 -46.85
C SER G 69 44.97 6.89 -48.37
N SER G 70 46.07 7.46 -48.89
CA SER G 70 46.33 7.44 -50.33
C SER G 70 46.35 6.03 -50.90
N LEU G 71 46.85 5.07 -50.11
CA LEU G 71 46.86 3.63 -50.37
C LEU G 71 47.76 3.24 -51.55
N VAL G 72 48.49 4.19 -52.13
CA VAL G 72 49.40 3.95 -53.24
C VAL G 72 50.65 4.81 -53.06
N GLU G 73 51.79 4.29 -53.56
CA GLU G 73 53.06 5.01 -53.52
C GLU G 73 53.16 6.07 -54.63
N PRO G 74 52.62 5.85 -55.87
CA PRO G 74 52.29 7.01 -56.72
C PRO G 74 51.07 7.72 -56.14
N SER G 75 51.32 8.57 -55.15
CA SER G 75 50.38 8.85 -54.08
C SER G 75 49.14 9.60 -54.54
N LYS G 76 47.98 9.04 -54.21
CA LYS G 76 46.73 9.78 -54.16
C LYS G 76 46.90 11.00 -53.26
N VAL G 77 46.23 12.10 -53.64
CA VAL G 77 46.70 13.49 -53.42
C VAL G 77 47.06 13.78 -51.95
N GLY G 78 48.07 14.63 -51.77
CA GLY G 78 48.82 14.80 -50.52
C GLY G 78 48.11 15.04 -49.21
N GLN G 79 46.78 15.22 -49.24
CA GLN G 79 45.98 15.21 -48.01
C GLN G 79 46.18 13.93 -47.21
N PHE G 80 46.01 12.79 -47.85
CA PHE G 80 46.12 11.49 -47.20
C PHE G 80 47.54 10.97 -47.30
N ASP G 81 48.52 11.87 -47.27
CA ASP G 81 49.92 11.47 -47.38
C ASP G 81 50.78 12.12 -46.32
N GLN G 82 50.48 13.38 -45.97
CA GLN G 82 51.35 14.13 -45.08
C GLN G 82 50.88 14.17 -43.64
N VAL G 83 49.58 14.27 -43.39
CA VAL G 83 49.09 14.26 -42.02
C VAL G 83 49.23 12.88 -41.38
N LEU G 84 49.44 11.83 -42.18
CA LEU G 84 49.89 10.55 -41.66
C LEU G 84 51.26 10.66 -41.02
N ASN G 85 52.16 11.43 -41.63
CA ASN G 85 53.51 11.58 -41.11
C ASN G 85 53.51 12.31 -39.78
N LEU G 86 52.66 13.32 -39.63
CA LEU G 86 52.55 13.96 -38.32
C LEU G 86 51.78 13.09 -37.35
N CYS G 87 50.81 12.30 -37.84
CA CYS G 87 50.16 11.34 -36.96
C CYS G 87 51.02 10.11 -36.69
N LEU G 88 52.18 10.02 -37.33
CA LEU G 88 53.23 9.09 -36.91
C LEU G 88 54.21 9.76 -35.95
N THR G 89 54.72 10.94 -36.33
CA THR G 89 55.84 11.57 -35.64
C THR G 89 55.44 12.00 -34.23
N GLU G 90 54.19 12.40 -34.06
CA GLU G 90 53.65 12.70 -32.73
C GLU G 90 53.72 11.47 -31.85
N PHE G 91 53.32 10.31 -32.38
CA PHE G 91 53.42 9.08 -31.61
C PHE G 91 54.89 8.63 -31.46
N GLU G 92 55.72 9.00 -32.44
CA GLU G 92 57.09 8.50 -32.53
C GLU G 92 57.96 8.87 -31.34
N ASN G 93 57.66 9.95 -30.65
CA ASN G 93 58.34 10.29 -29.40
C ASN G 93 57.35 10.46 -28.28
N CYS G 94 56.18 9.86 -28.42
CA CYS G 94 55.23 9.88 -27.33
C CYS G 94 55.24 8.58 -26.53
N TYR G 95 55.58 7.46 -27.17
CA TYR G 95 55.45 6.22 -26.43
C TYR G 95 56.54 5.18 -26.68
N LEU G 96 57.51 5.48 -27.52
CA LEU G 96 58.59 4.52 -27.74
C LEU G 96 59.97 5.05 -27.43
N GLU G 97 60.28 6.27 -27.90
CA GLU G 97 61.54 6.98 -27.66
C GLU G 97 62.72 6.16 -28.16
N GLY G 98 62.62 5.73 -29.42
CA GLY G 98 63.50 4.72 -29.94
C GLY G 98 62.95 3.34 -29.63
N ASN G 99 63.85 2.34 -29.66
CA ASN G 99 63.68 1.04 -29.02
C ASN G 99 62.58 0.17 -29.65
N ASP G 100 62.08 0.51 -30.85
CA ASP G 100 61.40 -0.44 -31.74
C ASP G 100 60.14 -1.12 -31.19
N ILE G 101 58.98 -0.49 -31.39
CA ILE G 101 57.72 -0.63 -30.64
C ILE G 101 57.23 -2.04 -30.30
N HIS G 102 57.90 -3.09 -30.76
CA HIS G 102 57.70 -4.40 -30.14
C HIS G 102 58.09 -4.39 -28.66
N ALA G 103 58.95 -3.46 -28.24
CA ALA G 103 59.10 -3.19 -26.82
C ALA G 103 57.81 -2.67 -26.20
N LEU G 104 57.02 -1.89 -26.95
CA LEU G 104 55.75 -1.43 -26.40
C LEU G 104 54.74 -2.56 -26.25
N ALA G 105 54.92 -3.66 -26.99
CA ALA G 105 54.16 -4.87 -26.67
C ALA G 105 54.53 -5.43 -25.32
N ALA G 106 55.80 -5.29 -24.89
CA ALA G 106 56.11 -5.57 -23.50
C ALA G 106 55.47 -4.55 -22.58
N LYS G 107 55.46 -3.28 -22.99
CA LYS G 107 54.71 -2.26 -22.26
C LYS G 107 53.22 -2.55 -22.20
N LEU G 108 52.66 -3.13 -23.26
CA LEU G 108 51.27 -3.55 -23.18
C LEU G 108 51.12 -4.76 -22.28
N LEU G 109 52.13 -5.60 -22.18
CA LEU G 109 52.01 -6.71 -21.25
C LEU G 109 52.48 -6.37 -19.86
N GLN G 110 52.69 -5.09 -19.53
CA GLN G 110 53.03 -4.76 -18.16
C GLN G 110 52.19 -3.61 -17.61
N GLU G 111 51.62 -2.76 -18.46
CA GLU G 111 50.94 -1.57 -17.96
C GLU G 111 49.42 -1.72 -17.97
N ASN G 112 48.84 -1.90 -19.14
CA ASN G 112 47.39 -1.92 -19.30
C ASN G 112 46.89 -3.36 -19.21
N ASP G 113 45.66 -3.58 -19.68
CA ASP G 113 45.05 -4.90 -19.68
C ASP G 113 45.82 -5.89 -20.54
N THR G 114 45.73 -7.16 -20.15
CA THR G 114 46.44 -8.24 -20.82
C THR G 114 45.65 -8.66 -22.06
N THR G 115 45.88 -7.94 -23.15
CA THR G 115 45.35 -8.30 -24.45
C THR G 115 46.51 -8.65 -25.37
N LEU G 116 46.34 -9.72 -26.14
CA LEU G 116 47.29 -10.05 -27.19
C LEU G 116 46.67 -9.87 -28.56
N VAL G 117 45.43 -10.34 -28.73
CA VAL G 117 44.77 -10.25 -30.03
C VAL G 117 44.46 -8.81 -30.37
N LYS G 118 44.33 -7.95 -29.36
CA LYS G 118 44.27 -6.52 -29.60
C LYS G 118 45.66 -5.97 -29.87
N THR G 119 46.67 -6.55 -29.22
CA THR G 119 48.04 -6.06 -29.38
C THR G 119 48.54 -6.30 -30.78
N LYS G 120 48.08 -7.37 -31.42
CA LYS G 120 48.53 -7.71 -32.76
C LYS G 120 48.14 -6.66 -33.78
N GLU G 121 46.99 -6.00 -33.59
CA GLU G 121 46.60 -4.96 -34.53
C GLU G 121 47.42 -3.70 -34.35
N LEU G 122 47.74 -3.35 -33.10
CA LEU G 122 48.54 -2.15 -32.88
C LEU G 122 50.00 -2.35 -33.27
N ILE G 123 50.42 -3.58 -33.49
CA ILE G 123 51.62 -3.81 -34.29
C ILE G 123 51.35 -3.44 -35.74
N LYS G 124 50.23 -3.94 -36.27
CA LYS G 124 49.91 -3.83 -37.68
C LYS G 124 49.51 -2.42 -38.06
N ASN G 125 48.72 -1.75 -37.20
CA ASN G 125 48.36 -0.35 -37.42
C ASN G 125 49.59 0.55 -37.39
N TYR G 126 50.65 0.11 -36.72
CA TYR G 126 51.91 0.84 -36.83
C TYR G 126 52.61 0.50 -38.12
N ILE G 127 52.98 -0.77 -38.29
CA ILE G 127 54.01 -1.13 -39.27
C ILE G 127 53.49 -1.00 -40.69
N THR G 128 52.22 -1.33 -40.92
CA THR G 128 51.64 -1.09 -42.25
C THR G 128 51.52 0.40 -42.53
N ALA G 129 51.01 1.17 -41.57
CA ALA G 129 51.02 2.62 -41.71
C ALA G 129 52.40 3.22 -41.57
N ARG G 130 53.38 2.47 -41.08
CA ARG G 130 54.75 2.97 -41.15
C ARG G 130 55.24 3.03 -42.59
N ILE G 131 54.74 2.16 -43.45
CA ILE G 131 55.19 2.11 -44.84
C ILE G 131 54.18 2.72 -45.81
N MET G 132 53.05 3.23 -45.33
CA MET G 132 52.06 3.83 -46.22
C MET G 132 52.61 5.13 -46.80
N ALA G 133 53.27 5.01 -47.96
CA ALA G 133 53.74 6.10 -48.81
C ALA G 133 54.73 7.08 -48.18
N LYS G 134 55.33 6.72 -47.04
CA LYS G 134 56.51 7.40 -46.51
C LYS G 134 57.16 6.43 -45.53
N ARG G 135 58.31 6.83 -44.98
CA ARG G 135 58.97 6.30 -43.79
C ARG G 135 59.45 4.85 -43.88
N PRO G 136 60.52 4.56 -44.63
CA PRO G 136 61.17 3.27 -44.38
C PRO G 136 62.19 3.37 -43.25
N GLN G 155 74.67 -14.90 -27.22
CA GLN G 155 74.97 -15.89 -28.25
C GLN G 155 73.70 -16.41 -28.89
N LEU G 156 73.80 -16.87 -30.13
CA LEU G 156 72.64 -17.16 -30.95
C LEU G 156 72.77 -18.50 -31.64
N VAL G 157 71.83 -19.40 -31.36
CA VAL G 157 71.69 -20.68 -32.04
C VAL G 157 70.30 -20.78 -32.61
N ALA G 158 70.20 -20.88 -33.93
CA ALA G 158 68.91 -20.94 -34.58
C ALA G 158 68.45 -22.39 -34.69
N ILE G 159 67.17 -22.60 -34.41
CA ILE G 159 66.57 -23.92 -34.51
C ILE G 159 65.34 -23.83 -35.39
N PHE G 160 65.28 -24.69 -36.38
CA PHE G 160 64.16 -24.77 -37.31
C PHE G 160 63.27 -25.94 -36.95
N GLY G 161 61.97 -25.71 -37.01
CA GLY G 161 61.00 -26.74 -36.70
C GLY G 161 60.65 -27.60 -37.90
N GLY G 162 59.39 -28.02 -37.93
CA GLY G 162 58.90 -28.84 -39.01
C GLY G 162 58.37 -30.16 -38.50
N GLN G 163 57.18 -30.56 -38.98
CA GLN G 163 56.45 -31.74 -38.51
C GLN G 163 56.24 -31.71 -37.01
N GLY G 164 55.87 -30.55 -36.50
CA GLY G 164 55.71 -30.36 -35.07
C GLY G 164 54.39 -30.91 -34.56
N ASN G 165 54.05 -30.49 -33.34
CA ASN G 165 52.75 -30.80 -32.75
C ASN G 165 51.78 -29.63 -32.99
N THR G 166 51.74 -29.20 -34.26
CA THR G 166 51.01 -28.00 -34.67
C THR G 166 49.92 -28.43 -35.63
N ASP G 167 48.69 -28.48 -35.14
CA ASP G 167 47.63 -29.21 -35.83
C ASP G 167 46.95 -28.41 -36.93
N ASP G 168 47.43 -27.20 -37.24
CA ASP G 168 46.94 -26.47 -38.39
C ASP G 168 48.02 -26.26 -39.44
N TYR G 169 49.25 -25.88 -39.03
CA TYR G 169 50.44 -25.78 -39.87
C TYR G 169 50.36 -24.74 -40.99
N PHE G 170 49.24 -24.01 -41.08
CA PHE G 170 49.04 -23.08 -42.20
C PHE G 170 48.47 -21.75 -41.72
N GLU G 171 47.67 -21.79 -40.65
CA GLU G 171 46.97 -20.59 -40.22
C GLU G 171 47.91 -19.60 -39.56
N GLU G 172 49.10 -20.04 -39.18
CA GLU G 172 50.10 -19.10 -38.69
C GLU G 172 50.72 -18.33 -39.83
N LEU G 173 50.73 -18.90 -41.04
CA LEU G 173 51.03 -18.07 -42.21
C LEU G 173 49.86 -17.14 -42.49
N ARG G 174 48.64 -17.62 -42.23
CA ARG G 174 47.48 -16.74 -42.27
C ARG G 174 47.57 -15.68 -41.19
N ASP G 175 48.08 -16.02 -40.00
CA ASP G 175 48.41 -14.99 -39.02
C ASP G 175 49.84 -14.47 -39.20
N LEU G 176 50.37 -14.55 -40.40
CA LEU G 176 51.54 -13.78 -40.76
C LEU G 176 51.23 -12.73 -41.79
N TYR G 177 50.52 -13.12 -42.84
CA TYR G 177 50.09 -12.20 -43.88
C TYR G 177 49.05 -11.21 -43.37
N GLN G 178 48.25 -11.62 -42.38
CA GLN G 178 47.24 -10.72 -41.84
C GLN G 178 47.88 -9.66 -40.96
N THR G 179 48.76 -10.07 -40.05
CA THR G 179 49.42 -9.09 -39.18
C THR G 179 50.41 -8.26 -39.96
N TYR G 180 51.22 -8.89 -40.77
CA TYR G 180 52.32 -8.21 -41.45
C TYR G 180 51.99 -8.17 -42.93
N HIS G 181 52.04 -6.96 -43.48
CA HIS G 181 51.86 -6.81 -44.92
C HIS G 181 53.10 -6.17 -45.53
N VAL G 182 53.93 -5.56 -44.69
CA VAL G 182 55.15 -4.91 -45.17
C VAL G 182 56.24 -5.93 -45.37
N LEU G 183 56.42 -6.82 -44.39
CA LEU G 183 57.61 -7.62 -44.31
C LEU G 183 57.48 -8.92 -45.08
N VAL G 184 56.26 -9.29 -45.45
CA VAL G 184 56.00 -10.56 -46.09
C VAL G 184 55.37 -10.41 -47.47
N GLY G 185 54.84 -9.23 -47.82
CA GLY G 185 54.14 -9.06 -49.08
C GLY G 185 55.04 -9.16 -50.30
N ASP G 186 56.34 -8.94 -50.12
CA ASP G 186 57.27 -9.06 -51.23
C ASP G 186 57.53 -10.52 -51.58
N LEU G 187 57.88 -11.33 -50.58
CA LEU G 187 58.40 -12.67 -50.84
C LEU G 187 57.32 -13.63 -51.30
N ILE G 188 56.07 -13.35 -50.95
CA ILE G 188 54.98 -14.22 -51.35
C ILE G 188 54.70 -14.08 -52.84
N LYS G 189 54.93 -12.90 -53.41
CA LYS G 189 54.61 -12.68 -54.83
C LYS G 189 55.55 -13.48 -55.72
N PHE G 190 56.78 -13.67 -55.28
CA PHE G 190 57.65 -14.63 -55.95
C PHE G 190 57.18 -16.05 -55.67
N SER G 191 57.08 -16.41 -54.39
CA SER G 191 57.04 -17.81 -53.99
C SER G 191 55.72 -18.47 -54.36
N ALA G 192 54.59 -17.78 -54.11
CA ALA G 192 53.29 -18.39 -54.34
C ALA G 192 53.01 -18.59 -55.82
N GLU G 193 53.62 -17.77 -56.67
CA GLU G 193 53.65 -18.09 -58.08
C GLU G 193 54.57 -19.27 -58.34
N THR G 194 55.70 -19.33 -57.62
CA THR G 194 56.79 -20.25 -57.98
C THR G 194 56.41 -21.70 -57.73
N LEU G 195 55.68 -21.97 -56.65
CA LEU G 195 55.22 -23.32 -56.41
C LEU G 195 54.16 -23.74 -57.41
N SER G 196 53.28 -22.82 -57.79
CA SER G 196 52.40 -23.05 -58.92
C SER G 196 53.17 -23.05 -60.24
N GLU G 197 54.37 -22.49 -60.27
CA GLU G 197 55.22 -22.54 -61.44
C GLU G 197 56.02 -23.83 -61.54
N LEU G 198 55.77 -24.80 -60.67
CA LEU G 198 56.49 -26.06 -60.70
C LEU G 198 55.62 -27.27 -60.95
N ILE G 199 54.30 -27.08 -61.11
CA ILE G 199 53.39 -28.22 -61.11
C ILE G 199 53.43 -28.95 -62.44
N ARG G 200 53.66 -28.22 -63.53
CA ARG G 200 53.70 -28.82 -64.85
C ARG G 200 55.08 -29.37 -65.20
N THR G 201 56.08 -29.14 -64.36
CA THR G 201 57.44 -29.56 -64.67
C THR G 201 57.60 -31.07 -64.56
N THR G 202 57.40 -31.60 -63.37
CA THR G 202 57.23 -33.04 -63.19
C THR G 202 55.81 -33.36 -63.62
N LEU G 203 55.68 -34.05 -64.75
CA LEU G 203 54.36 -34.49 -65.17
C LEU G 203 53.84 -35.55 -64.23
N ASP G 204 52.51 -35.62 -64.14
CA ASP G 204 51.71 -36.48 -63.27
C ASP G 204 51.88 -36.16 -61.78
N ALA G 205 52.66 -35.13 -61.44
CA ALA G 205 52.57 -34.54 -60.11
C ALA G 205 51.32 -33.71 -59.96
N GLU G 206 50.69 -33.35 -61.07
CA GLU G 206 49.41 -32.66 -61.08
C GLU G 206 48.32 -33.55 -60.48
N LYS G 207 48.33 -34.82 -60.85
CA LYS G 207 47.45 -35.83 -60.26
C LYS G 207 47.87 -36.24 -58.86
N VAL G 208 49.07 -35.88 -58.45
CA VAL G 208 49.43 -35.94 -57.04
C VAL G 208 48.85 -34.73 -56.32
N PHE G 209 48.63 -33.64 -57.04
CA PHE G 209 48.31 -32.33 -56.49
C PHE G 209 46.88 -31.92 -56.85
N THR G 210 45.92 -32.83 -56.63
CA THR G 210 44.60 -32.70 -57.24
C THR G 210 43.78 -31.51 -56.70
N GLN G 211 44.25 -30.85 -55.66
CA GLN G 211 43.77 -29.52 -55.36
C GLN G 211 44.83 -28.52 -55.78
N GLY G 212 44.42 -27.50 -56.53
CA GLY G 212 45.38 -26.64 -57.20
C GLY G 212 46.12 -25.74 -56.22
N LEU G 213 47.31 -25.31 -56.63
CA LEU G 213 48.25 -24.62 -55.75
C LEU G 213 48.18 -23.10 -55.91
N ASN G 214 46.98 -22.55 -56.06
CA ASN G 214 46.79 -21.11 -55.86
C ASN G 214 46.57 -20.89 -54.37
N ILE G 215 47.67 -20.78 -53.64
CA ILE G 215 47.59 -20.55 -52.20
C ILE G 215 47.19 -19.14 -51.85
N LEU G 216 47.19 -18.23 -52.83
CA LEU G 216 46.93 -16.83 -52.58
C LEU G 216 45.48 -16.62 -52.17
N GLU G 217 44.55 -17.21 -52.90
CA GLU G 217 43.15 -17.12 -52.52
C GLU G 217 42.83 -17.92 -51.27
N TRP G 218 43.68 -18.86 -50.87
CA TRP G 218 43.53 -19.47 -49.56
C TRP G 218 43.79 -18.46 -48.47
N LEU G 219 44.71 -17.54 -48.73
CA LEU G 219 44.94 -16.43 -47.83
C LEU G 219 43.91 -15.34 -48.02
N GLU G 220 43.42 -15.16 -49.24
CA GLU G 220 42.48 -14.09 -49.49
C GLU G 220 41.11 -14.37 -48.89
N ASN G 221 40.76 -15.63 -48.68
CA ASN G 221 39.50 -15.94 -48.06
C ASN G 221 39.62 -17.19 -47.20
N PRO G 222 38.90 -17.25 -46.08
CA PRO G 222 38.69 -18.54 -45.42
C PRO G 222 37.55 -19.33 -46.04
N SER G 223 36.88 -18.75 -47.04
CA SER G 223 35.79 -19.47 -47.71
C SER G 223 36.33 -20.63 -48.53
N ASN G 224 37.12 -20.34 -49.56
CA ASN G 224 37.73 -21.38 -50.36
C ASN G 224 39.19 -21.54 -49.97
N THR G 225 39.48 -21.30 -48.71
CA THR G 225 40.61 -21.96 -48.08
C THR G 225 40.25 -23.42 -47.88
N PRO G 226 41.08 -24.35 -48.34
CA PRO G 226 40.65 -25.76 -48.39
C PRO G 226 40.58 -26.39 -47.02
N ASP G 227 40.05 -27.61 -47.00
CA ASP G 227 39.89 -28.36 -45.76
C ASP G 227 41.24 -28.75 -45.19
N LYS G 228 41.34 -28.68 -43.86
CA LYS G 228 42.64 -28.68 -43.19
C LYS G 228 43.35 -30.02 -43.31
N ASP G 229 42.59 -31.11 -43.39
CA ASP G 229 43.20 -32.43 -43.55
C ASP G 229 43.87 -32.54 -44.90
N TYR G 230 43.33 -31.88 -45.90
CA TYR G 230 43.96 -31.85 -47.21
C TYR G 230 44.94 -30.70 -47.33
N LEU G 231 44.90 -29.78 -46.37
CA LEU G 231 46.05 -28.96 -46.10
C LEU G 231 47.08 -29.71 -45.27
N LEU G 232 46.70 -30.85 -44.70
CA LEU G 232 47.60 -31.67 -43.90
C LEU G 232 48.21 -32.82 -44.71
N SER G 233 47.69 -33.07 -45.92
CA SER G 233 48.35 -33.97 -46.84
C SER G 233 49.76 -33.47 -47.14
N ILE G 234 50.70 -34.40 -47.17
CA ILE G 234 52.14 -34.14 -47.02
C ILE G 234 52.69 -33.16 -48.06
N PRO G 235 52.53 -33.34 -49.39
CA PRO G 235 53.08 -32.30 -50.27
C PRO G 235 52.11 -31.15 -50.48
N ILE G 236 51.37 -30.83 -49.43
CA ILE G 236 50.88 -29.49 -49.16
C ILE G 236 51.50 -28.90 -47.92
N SER G 237 51.68 -29.70 -46.87
CA SER G 237 52.26 -29.28 -45.61
C SER G 237 53.75 -28.96 -45.73
N CYS G 238 54.53 -29.87 -46.31
CA CYS G 238 55.99 -29.72 -46.28
C CYS G 238 56.60 -28.51 -47.01
N PRO G 239 56.09 -28.00 -48.17
CA PRO G 239 56.80 -26.84 -48.75
C PRO G 239 56.43 -25.50 -48.14
N LEU G 240 55.19 -25.32 -47.70
CA LEU G 240 54.81 -24.00 -47.21
C LEU G 240 55.32 -23.76 -45.80
N ILE G 241 55.54 -24.84 -45.04
CA ILE G 241 56.12 -24.71 -43.71
C ILE G 241 57.51 -24.09 -43.80
N GLY G 242 58.29 -24.50 -44.79
CA GLY G 242 59.57 -23.89 -45.07
C GLY G 242 59.48 -22.43 -45.47
N VAL G 243 58.36 -22.03 -46.06
CA VAL G 243 58.16 -20.62 -46.35
C VAL G 243 57.94 -19.84 -45.07
N ILE G 244 57.30 -20.46 -44.07
CA ILE G 244 57.12 -19.79 -42.78
C ILE G 244 58.46 -19.68 -42.07
N GLN G 245 59.27 -20.72 -42.15
CA GLN G 245 60.64 -20.66 -41.64
C GLN G 245 61.57 -19.89 -42.56
N LEU G 246 61.06 -19.28 -43.63
CA LEU G 246 61.80 -18.35 -44.45
C LEU G 246 61.27 -16.93 -44.30
N ALA G 247 59.95 -16.79 -44.18
CA ALA G 247 59.37 -15.46 -44.12
C ALA G 247 59.61 -14.79 -42.77
N HIS G 248 59.58 -15.55 -41.68
CA HIS G 248 59.91 -15.00 -40.37
C HIS G 248 61.36 -14.56 -40.28
N TYR G 249 62.23 -15.21 -41.04
CA TYR G 249 63.63 -14.80 -41.08
C TYR G 249 63.77 -13.48 -41.83
N VAL G 250 62.84 -13.19 -42.74
CA VAL G 250 62.81 -11.88 -43.38
C VAL G 250 62.19 -10.86 -42.44
N VAL G 251 61.28 -11.30 -41.56
CA VAL G 251 60.64 -10.42 -40.58
C VAL G 251 61.68 -9.75 -39.68
N THR G 252 62.54 -10.55 -39.05
CA THR G 252 63.56 -9.99 -38.17
C THR G 252 64.61 -9.22 -38.95
N ALA G 253 64.91 -9.64 -40.19
CA ALA G 253 65.77 -8.84 -41.05
C ALA G 253 65.12 -7.50 -41.36
N LYS G 254 63.80 -7.50 -41.55
CA LYS G 254 63.09 -6.25 -41.76
C LYS G 254 62.85 -5.52 -40.45
N LEU G 255 62.75 -6.24 -39.34
CA LEU G 255 62.56 -5.55 -38.06
C LEU G 255 63.85 -4.93 -37.57
N LEU G 256 64.95 -5.69 -37.61
CA LEU G 256 66.22 -5.17 -37.13
C LEU G 256 66.95 -4.36 -38.19
N GLY G 257 66.29 -4.09 -39.32
CA GLY G 257 66.88 -3.30 -40.38
C GLY G 257 68.06 -3.98 -41.05
N PHE G 258 68.01 -5.29 -41.16
CA PHE G 258 69.19 -6.03 -41.58
C PHE G 258 68.95 -6.76 -42.89
N THR G 259 70.06 -7.16 -43.50
CA THR G 259 70.03 -8.19 -44.52
C THR G 259 70.24 -9.53 -43.84
N PRO G 260 69.82 -10.62 -44.49
CA PRO G 260 70.17 -11.97 -44.02
C PRO G 260 71.65 -12.19 -43.73
N GLY G 261 72.56 -11.56 -44.46
CA GLY G 261 73.97 -11.62 -44.11
C GLY G 261 74.26 -10.94 -42.78
N GLU G 262 73.57 -9.84 -42.51
CA GLU G 262 73.66 -9.21 -41.20
C GLU G 262 72.95 -10.03 -40.14
N LEU G 263 72.07 -10.94 -40.55
CA LEU G 263 71.61 -11.96 -39.63
C LEU G 263 72.57 -13.14 -39.59
N ARG G 264 73.13 -13.51 -40.73
CA ARG G 264 74.11 -14.60 -40.76
C ARG G 264 75.42 -14.21 -40.09
N SER G 265 75.69 -12.90 -39.99
CA SER G 265 76.82 -12.44 -39.21
C SER G 265 76.60 -12.76 -37.74
N TYR G 266 75.40 -12.48 -37.23
CA TYR G 266 75.12 -12.72 -35.82
C TYR G 266 74.49 -14.10 -35.66
N LEU G 267 75.33 -15.12 -35.82
CA LEU G 267 74.91 -16.49 -35.58
C LEU G 267 76.11 -17.29 -35.07
N LYS G 268 75.80 -18.30 -34.27
CA LYS G 268 76.79 -19.29 -33.90
C LYS G 268 76.27 -20.71 -34.01
N GLY G 269 74.97 -20.90 -34.07
CA GLY G 269 74.37 -22.21 -34.13
C GLY G 269 73.82 -22.56 -35.49
N ALA G 270 72.53 -22.27 -35.67
CA ALA G 270 71.78 -22.50 -36.91
C ALA G 270 71.72 -23.99 -37.22
N THR G 271 70.97 -24.70 -36.40
CA THR G 271 70.78 -26.14 -36.54
C THR G 271 69.35 -26.48 -36.17
N GLY G 272 68.62 -27.11 -37.10
CA GLY G 272 67.20 -27.34 -36.94
C GLY G 272 66.77 -28.76 -37.25
N HIS G 273 65.47 -28.96 -37.19
CA HIS G 273 64.86 -30.27 -37.36
C HIS G 273 64.82 -30.65 -38.84
N SER G 274 64.30 -31.86 -39.10
CA SER G 274 64.34 -32.49 -40.42
C SER G 274 63.69 -31.67 -41.52
N GLN G 275 62.47 -31.18 -41.28
CA GLN G 275 61.82 -30.34 -42.26
C GLN G 275 62.29 -28.90 -42.23
N GLY G 276 63.30 -28.60 -41.43
CA GLY G 276 63.91 -27.28 -41.46
C GLY G 276 65.43 -27.33 -41.50
N LEU G 277 66.00 -28.53 -41.56
CA LEU G 277 67.45 -28.61 -41.67
C LEU G 277 67.93 -28.11 -43.03
N VAL G 278 67.29 -28.58 -44.09
CA VAL G 278 67.64 -28.10 -45.42
C VAL G 278 67.17 -26.67 -45.65
N THR G 279 66.22 -26.17 -44.85
CA THR G 279 65.94 -24.75 -44.84
C THR G 279 67.09 -23.98 -44.20
N ALA G 280 67.73 -24.58 -43.20
CA ALA G 280 68.91 -23.99 -42.60
C ALA G 280 70.15 -24.18 -43.44
N VAL G 281 70.12 -25.10 -44.40
CA VAL G 281 71.28 -25.36 -45.25
C VAL G 281 71.50 -24.21 -46.22
N ALA G 282 70.48 -23.88 -47.01
CA ALA G 282 70.65 -22.84 -48.02
C ALA G 282 70.72 -21.45 -47.40
N ILE G 283 70.13 -21.28 -46.21
CA ILE G 283 70.09 -19.95 -45.60
C ILE G 283 71.44 -19.58 -44.99
N ALA G 284 72.33 -20.55 -44.80
CA ALA G 284 73.65 -20.26 -44.24
C ALA G 284 74.56 -19.66 -45.31
N GLU G 285 74.39 -20.06 -46.56
CA GLU G 285 75.11 -19.43 -47.66
C GLU G 285 74.24 -18.37 -48.33
N THR G 286 73.78 -17.43 -47.52
CA THR G 286 72.90 -16.37 -48.00
C THR G 286 73.40 -15.04 -47.45
N ASP G 287 74.04 -14.25 -48.32
CA ASP G 287 74.61 -12.96 -47.92
C ASP G 287 73.61 -11.82 -48.13
N SER G 288 73.20 -11.61 -49.37
CA SER G 288 72.40 -10.45 -49.70
C SER G 288 70.93 -10.82 -49.78
N TRP G 289 70.11 -9.78 -49.96
CA TRP G 289 68.76 -9.98 -50.46
C TRP G 289 68.75 -10.49 -51.88
N GLU G 290 69.85 -10.29 -52.61
CA GLU G 290 69.95 -10.71 -53.98
C GLU G 290 70.56 -12.11 -54.10
N SER G 291 71.32 -12.53 -53.09
CA SER G 291 71.62 -13.94 -52.93
C SER G 291 70.52 -14.67 -52.17
N PHE G 292 69.44 -13.97 -51.80
CA PHE G 292 68.38 -14.60 -51.02
C PHE G 292 67.47 -15.41 -51.90
N PHE G 293 66.82 -14.75 -52.87
CA PHE G 293 65.76 -15.39 -53.64
C PHE G 293 66.30 -16.44 -54.60
N VAL G 294 67.57 -16.33 -54.97
CA VAL G 294 68.19 -17.40 -55.72
C VAL G 294 68.49 -18.60 -54.82
N SER G 295 68.60 -18.38 -53.51
CA SER G 295 68.77 -19.47 -52.56
C SER G 295 67.45 -19.94 -51.98
N VAL G 296 66.37 -19.17 -52.17
CA VAL G 296 65.03 -19.67 -51.85
C VAL G 296 64.67 -20.81 -52.79
N ARG G 297 65.15 -20.76 -54.03
CA ARG G 297 64.85 -21.83 -54.97
C ARG G 297 65.59 -23.12 -54.63
N LYS G 298 66.66 -23.03 -53.81
CA LYS G 298 67.20 -24.23 -53.19
C LYS G 298 66.21 -24.87 -52.24
N ALA G 299 65.32 -24.05 -51.64
CA ALA G 299 64.38 -24.56 -50.65
C ALA G 299 63.04 -24.92 -51.24
N ILE G 300 62.63 -24.25 -52.32
CA ILE G 300 61.36 -24.60 -52.95
C ILE G 300 61.44 -25.97 -53.59
N THR G 301 62.44 -26.16 -54.45
CA THR G 301 62.50 -27.34 -55.28
C THR G 301 62.85 -28.61 -54.51
N VAL G 302 63.28 -28.50 -53.25
CA VAL G 302 63.43 -29.72 -52.48
C VAL G 302 62.09 -30.18 -51.92
N LEU G 303 61.44 -29.35 -51.10
CA LEU G 303 60.25 -29.78 -50.36
C LEU G 303 59.07 -30.03 -51.27
N PHE G 304 59.02 -29.35 -52.41
CA PHE G 304 58.06 -29.70 -53.45
C PHE G 304 58.35 -31.10 -53.97
N PHE G 305 59.60 -31.35 -54.33
CA PHE G 305 59.96 -32.67 -54.80
C PHE G 305 60.04 -33.69 -53.67
N ILE G 306 60.25 -33.26 -52.43
CA ILE G 306 60.27 -34.21 -51.31
C ILE G 306 58.91 -34.84 -51.13
N GLY G 307 57.86 -34.02 -51.08
CA GLY G 307 56.54 -34.54 -50.83
C GLY G 307 56.00 -35.36 -51.99
N VAL G 308 56.37 -35.00 -53.21
CA VAL G 308 55.83 -35.73 -54.35
C VAL G 308 56.52 -37.08 -54.50
N ARG G 309 57.74 -37.23 -53.99
CA ARG G 309 58.42 -38.50 -54.18
C ARG G 309 57.99 -39.55 -53.16
N CYS G 310 57.82 -39.16 -51.90
CA CYS G 310 57.45 -40.13 -50.90
C CYS G 310 55.99 -40.53 -50.98
N TYR G 311 55.13 -39.65 -51.48
CA TYR G 311 53.71 -39.96 -51.56
C TYR G 311 53.45 -41.05 -52.59
N GLU G 312 54.23 -41.06 -53.66
CA GLU G 312 54.20 -42.15 -54.61
C GLU G 312 54.75 -43.43 -54.02
N ALA G 313 55.63 -43.33 -53.03
CA ALA G 313 56.19 -44.54 -52.43
C ALA G 313 55.18 -45.19 -51.50
N TYR G 314 54.65 -44.45 -50.54
CA TYR G 314 53.55 -44.94 -49.71
C TYR G 314 52.35 -44.02 -49.89
N PRO G 315 51.29 -44.49 -50.51
CA PRO G 315 50.07 -43.68 -50.60
C PRO G 315 49.26 -43.76 -49.32
N ASN G 316 48.41 -42.77 -49.13
CA ASN G 316 47.41 -42.83 -48.09
C ASN G 316 46.36 -43.85 -48.49
N THR G 317 45.84 -44.56 -47.51
CA THR G 317 44.67 -45.39 -47.76
C THR G 317 43.57 -45.02 -46.78
N SER G 318 42.34 -45.25 -47.20
CA SER G 318 41.22 -45.12 -46.29
C SER G 318 41.28 -46.25 -45.27
N LEU G 319 41.30 -45.89 -44.00
CA LEU G 319 41.51 -46.89 -42.96
C LEU G 319 40.27 -47.76 -42.80
N PRO G 320 40.42 -49.03 -42.47
CA PRO G 320 39.30 -49.81 -41.97
C PRO G 320 38.71 -49.16 -40.73
N PRO G 321 37.43 -48.80 -40.76
CA PRO G 321 36.83 -48.05 -39.65
C PRO G 321 36.62 -48.88 -38.41
N SER G 322 36.82 -50.20 -38.48
CA SER G 322 36.83 -51.04 -37.30
C SER G 322 37.95 -50.63 -36.36
N ILE G 323 39.05 -50.14 -36.91
CA ILE G 323 40.14 -49.59 -36.10
C ILE G 323 39.76 -48.19 -35.59
N LEU G 324 38.87 -47.50 -36.30
CA LEU G 324 38.60 -46.10 -36.00
C LEU G 324 37.85 -45.89 -34.70
N GLU G 325 37.19 -46.91 -34.16
CA GLU G 325 36.40 -46.70 -32.95
C GLU G 325 37.28 -46.63 -31.71
N ASP G 326 38.10 -47.67 -31.47
CA ASP G 326 38.83 -47.73 -30.21
C ASP G 326 39.97 -46.73 -30.16
N SER G 327 40.33 -46.16 -31.30
CA SER G 327 41.25 -45.03 -31.29
C SER G 327 40.64 -43.81 -30.64
N LEU G 328 39.31 -43.73 -30.56
CA LEU G 328 38.66 -42.59 -29.93
C LEU G 328 38.59 -42.71 -28.42
N GLU G 329 38.37 -43.92 -27.88
CA GLU G 329 38.16 -44.06 -26.44
C GLU G 329 39.45 -43.88 -25.66
N ASN G 330 40.58 -44.26 -26.25
CA ASN G 330 41.89 -43.97 -25.69
C ASN G 330 42.37 -42.58 -26.09
N ASN G 331 41.52 -41.82 -26.79
CA ASN G 331 41.74 -40.44 -27.19
C ASN G 331 42.98 -40.28 -28.05
N GLU G 332 43.27 -41.30 -28.86
CA GLU G 332 44.46 -41.30 -29.68
C GLU G 332 44.25 -40.56 -31.00
N GLY G 333 43.04 -40.14 -31.30
CA GLY G 333 42.78 -39.38 -32.50
C GLY G 333 42.87 -40.23 -33.75
N VAL G 334 43.07 -39.56 -34.87
CA VAL G 334 43.20 -40.23 -36.17
C VAL G 334 44.49 -41.04 -36.18
N PRO G 335 44.45 -42.29 -36.58
CA PRO G 335 45.63 -43.17 -36.42
C PRO G 335 46.69 -43.03 -37.49
N SER G 336 46.77 -41.85 -38.15
CA SER G 336 47.76 -41.44 -39.13
C SER G 336 49.16 -41.96 -38.82
N PRO G 337 49.87 -42.52 -39.80
CA PRO G 337 50.99 -43.42 -39.48
C PRO G 337 52.21 -42.75 -38.88
N MET G 338 52.04 -42.17 -37.70
CA MET G 338 53.13 -41.59 -36.94
C MET G 338 52.66 -41.52 -35.49
N LEU G 339 53.23 -42.36 -34.63
CA LEU G 339 52.81 -42.43 -33.25
C LEU G 339 54.02 -42.34 -32.34
N SER G 340 53.94 -41.47 -31.33
CA SER G 340 54.99 -41.29 -30.37
C SER G 340 54.53 -41.79 -29.01
N ILE G 341 55.47 -42.15 -28.19
CA ILE G 341 55.19 -42.52 -26.81
C ILE G 341 55.73 -41.44 -25.91
N SER G 342 55.36 -41.51 -24.64
CA SER G 342 55.75 -40.51 -23.66
C SER G 342 56.25 -41.19 -22.41
N ASN G 343 57.51 -40.90 -22.08
CA ASN G 343 58.07 -41.06 -20.75
C ASN G 343 58.09 -42.52 -20.31
N LEU G 344 58.65 -43.35 -21.17
CA LEU G 344 59.16 -44.64 -20.76
C LEU G 344 60.62 -44.69 -21.12
N THR G 345 61.36 -45.59 -20.50
CA THR G 345 62.76 -45.72 -20.87
C THR G 345 62.84 -46.70 -22.03
N GLN G 346 63.88 -46.53 -22.83
CA GLN G 346 63.94 -47.21 -24.11
C GLN G 346 64.20 -48.70 -23.91
N GLU G 347 63.92 -49.45 -24.98
CA GLU G 347 64.08 -50.89 -25.15
C GLU G 347 63.14 -51.73 -24.30
N GLN G 348 62.37 -51.10 -23.41
CA GLN G 348 61.21 -51.78 -22.87
C GLN G 348 60.15 -51.92 -23.94
N VAL G 349 59.88 -50.84 -24.65
CA VAL G 349 58.85 -50.86 -25.67
C VAL G 349 59.34 -51.58 -26.92
N GLN G 350 60.66 -51.72 -27.07
CA GLN G 350 61.22 -52.45 -28.19
C GLN G 350 60.86 -53.93 -28.12
N ASP G 351 60.70 -54.46 -26.91
CA ASP G 351 60.13 -55.78 -26.72
C ASP G 351 58.74 -55.87 -27.32
N TYR G 352 57.93 -54.84 -27.09
CA TYR G 352 56.63 -54.79 -27.71
C TYR G 352 56.73 -54.57 -29.22
N VAL G 353 57.80 -53.90 -29.67
CA VAL G 353 58.08 -53.90 -31.11
C VAL G 353 58.49 -55.28 -31.58
N ASN G 354 59.29 -55.98 -30.75
CA ASN G 354 59.83 -57.29 -31.13
C ASN G 354 58.74 -58.33 -31.27
N LYS G 355 57.76 -58.30 -30.38
CA LYS G 355 56.64 -59.23 -30.48
C LYS G 355 55.78 -58.90 -31.68
N THR G 356 55.53 -57.61 -31.93
CA THR G 356 54.68 -57.24 -33.05
C THR G 356 55.39 -57.47 -34.38
N ASN G 357 56.68 -57.16 -34.44
CA ASN G 357 57.42 -57.45 -35.65
C ASN G 357 57.69 -58.94 -35.83
N SER G 358 57.50 -59.75 -34.79
CA SER G 358 57.54 -61.20 -34.97
C SER G 358 56.32 -61.67 -35.75
N HIS G 359 55.13 -61.32 -35.28
CA HIS G 359 53.90 -61.69 -35.96
C HIS G 359 53.70 -60.93 -37.25
N LEU G 360 54.41 -59.86 -37.46
CA LEU G 360 54.32 -59.24 -38.75
C LEU G 360 55.12 -60.02 -39.79
N PRO G 361 54.68 -60.01 -41.03
CA PRO G 361 55.54 -60.44 -42.14
C PRO G 361 56.53 -59.34 -42.48
N ALA G 362 57.41 -59.65 -43.42
CA ALA G 362 58.57 -58.79 -43.69
C ALA G 362 58.17 -57.49 -44.38
N GLY G 363 57.01 -57.46 -45.03
CA GLY G 363 56.63 -56.27 -45.77
C GLY G 363 56.21 -55.12 -44.90
N LYS G 364 55.72 -55.40 -43.71
CA LYS G 364 55.12 -54.37 -42.88
C LYS G 364 55.70 -54.37 -41.48
N GLN G 365 57.01 -54.61 -41.34
CA GLN G 365 57.58 -54.55 -40.01
C GLN G 365 57.79 -53.10 -39.59
N VAL G 366 57.86 -52.89 -38.28
CA VAL G 366 57.73 -51.57 -37.68
C VAL G 366 59.07 -51.18 -37.06
N GLU G 367 59.46 -49.92 -37.23
CA GLU G 367 60.74 -49.42 -36.76
C GLU G 367 60.56 -48.08 -36.08
N ILE G 368 61.44 -47.79 -35.12
CA ILE G 368 61.40 -46.55 -34.36
C ILE G 368 62.20 -45.48 -35.11
N SER G 369 61.55 -44.35 -35.38
CA SER G 369 62.22 -43.29 -36.13
C SER G 369 63.16 -42.48 -35.24
N LEU G 370 62.64 -41.88 -34.17
CA LEU G 370 63.35 -40.82 -33.50
C LEU G 370 63.57 -41.11 -32.02
N VAL G 371 64.58 -40.45 -31.46
CA VAL G 371 64.94 -40.52 -30.04
C VAL G 371 64.91 -39.09 -29.52
N ASN G 372 63.93 -38.30 -29.99
CA ASN G 372 63.85 -36.90 -29.61
C ASN G 372 63.56 -36.76 -28.13
N GLY G 373 64.53 -36.22 -27.40
CA GLY G 373 64.45 -36.13 -25.96
C GLY G 373 64.89 -37.42 -25.30
N ALA G 374 65.03 -37.34 -23.98
CA ALA G 374 65.48 -38.52 -23.24
C ALA G 374 64.39 -39.56 -23.13
N LYS G 375 63.13 -39.20 -23.34
CA LYS G 375 62.04 -40.13 -23.10
C LYS G 375 61.21 -40.41 -24.33
N ASN G 376 60.75 -39.38 -25.03
CA ASN G 376 59.76 -39.56 -26.10
C ASN G 376 60.40 -40.19 -27.33
N LEU G 377 59.72 -41.18 -27.88
CA LEU G 377 60.24 -41.95 -29.01
C LEU G 377 59.18 -41.99 -30.10
N VAL G 378 59.52 -41.48 -31.27
CA VAL G 378 58.59 -41.46 -32.40
C VAL G 378 58.74 -42.77 -33.18
N VAL G 379 57.61 -43.35 -33.57
CA VAL G 379 57.61 -44.62 -34.30
C VAL G 379 56.83 -44.43 -35.60
N SER G 380 57.37 -44.92 -36.72
CA SER G 380 56.75 -44.79 -38.03
C SER G 380 56.67 -46.14 -38.72
N GLY G 381 55.61 -46.35 -39.50
CA GLY G 381 55.40 -47.59 -40.19
C GLY G 381 54.00 -47.71 -40.75
N PRO G 382 53.57 -48.93 -41.07
CA PRO G 382 52.18 -49.15 -41.52
C PRO G 382 51.22 -48.94 -40.38
N PRO G 383 50.07 -48.30 -40.65
CA PRO G 383 49.25 -47.80 -39.54
C PRO G 383 48.49 -48.88 -38.80
N GLN G 384 48.12 -49.96 -39.48
CA GLN G 384 47.50 -51.09 -38.80
C GLN G 384 48.44 -51.67 -37.78
N SER G 385 49.69 -51.85 -38.17
CA SER G 385 50.66 -52.38 -37.24
C SER G 385 51.07 -51.34 -36.22
N LEU G 386 51.04 -50.07 -36.59
CA LEU G 386 51.17 -49.01 -35.60
C LEU G 386 50.00 -49.03 -34.64
N TYR G 387 48.80 -49.28 -35.15
CA TYR G 387 47.69 -49.55 -34.25
C TYR G 387 47.88 -50.88 -33.54
N GLY G 388 48.53 -51.82 -34.21
CA GLY G 388 48.82 -53.11 -33.58
C GLY G 388 49.78 -52.99 -32.43
N LEU G 389 50.65 -51.98 -32.45
CA LEU G 389 51.55 -51.78 -31.33
C LEU G 389 50.79 -51.30 -30.09
N ASN G 390 49.71 -50.55 -30.28
CA ASN G 390 48.90 -50.09 -29.15
C ASN G 390 48.25 -51.23 -28.40
N LEU G 391 48.00 -52.36 -29.07
CA LEU G 391 47.24 -53.45 -28.47
C LEU G 391 47.99 -54.06 -27.31
N THR G 392 49.25 -54.41 -27.52
CA THR G 392 50.06 -54.84 -26.39
C THR G 392 50.50 -53.66 -25.53
N LEU G 393 50.37 -52.43 -26.01
CA LEU G 393 50.67 -51.30 -25.18
C LEU G 393 49.44 -50.75 -24.47
N ARG G 394 48.26 -51.29 -24.78
CA ARG G 394 47.13 -51.14 -23.88
C ARG G 394 47.18 -52.17 -22.76
N LYS G 395 47.96 -53.24 -22.95
CA LYS G 395 48.45 -54.03 -21.85
C LYS G 395 49.65 -53.33 -21.23
N ALA G 396 50.01 -53.73 -20.01
CA ALA G 396 51.09 -53.20 -19.19
C ALA G 396 50.95 -51.72 -18.91
N LYS G 397 49.72 -51.20 -18.94
CA LYS G 397 49.48 -49.78 -18.88
C LYS G 397 48.40 -49.51 -17.84
N ALA G 398 48.66 -48.58 -16.96
CA ALA G 398 47.63 -48.32 -15.97
C ALA G 398 46.58 -47.35 -16.52
N PRO G 399 45.37 -47.37 -15.93
CA PRO G 399 44.42 -46.26 -16.11
C PRO G 399 44.67 -45.09 -15.15
N SER G 400 45.91 -44.97 -14.67
CA SER G 400 46.42 -43.86 -13.83
C SER G 400 45.84 -43.89 -12.42
N GLY G 401 45.92 -45.06 -11.77
CA GLY G 401 45.61 -45.14 -10.36
C GLY G 401 46.85 -44.93 -9.50
N LEU G 402 46.60 -44.50 -8.25
CA LEU G 402 47.67 -44.10 -7.35
C LEU G 402 48.39 -45.31 -6.76
N ASP G 403 49.70 -45.37 -6.93
CA ASP G 403 50.51 -46.46 -6.37
C ASP G 403 51.78 -45.94 -5.69
N GLN G 404 51.90 -44.63 -5.50
CA GLN G 404 53.00 -44.08 -4.73
C GLN G 404 52.87 -44.36 -3.25
N SER G 405 51.69 -44.79 -2.81
CA SER G 405 51.49 -45.17 -1.42
C SER G 405 52.26 -46.44 -1.08
N ARG G 406 51.93 -47.55 -1.74
CA ARG G 406 52.51 -48.84 -1.39
C ARG G 406 53.64 -49.15 -2.35
N ILE G 407 54.86 -48.78 -1.96
CA ILE G 407 56.15 -49.14 -2.55
C ILE G 407 56.16 -48.83 -4.04
N PRO G 408 56.27 -47.55 -4.44
CA PRO G 408 56.19 -47.20 -5.86
C PRO G 408 57.34 -47.73 -6.71
N PHE G 409 58.58 -47.55 -6.26
CA PHE G 409 59.73 -47.92 -7.08
C PHE G 409 60.14 -49.38 -6.84
N SER G 410 59.19 -50.32 -6.78
CA SER G 410 59.54 -51.73 -6.84
C SER G 410 58.58 -52.61 -7.61
N GLU G 411 57.30 -52.24 -7.78
CA GLU G 411 56.34 -53.14 -8.42
C GLU G 411 55.33 -52.45 -9.34
N ARG G 412 55.64 -51.25 -9.84
CA ARG G 412 54.64 -50.37 -10.42
C ARG G 412 54.13 -50.86 -11.78
N LYS G 413 52.82 -50.66 -12.01
CA LYS G 413 52.29 -50.57 -13.36
C LYS G 413 52.33 -49.12 -13.81
N LEU G 414 52.89 -48.87 -14.98
CA LEU G 414 53.43 -47.58 -15.36
C LEU G 414 52.36 -46.68 -15.98
N LYS G 415 52.79 -45.55 -16.54
CA LYS G 415 51.89 -44.57 -17.15
C LYS G 415 52.29 -44.30 -18.60
N PHE G 416 51.33 -43.80 -19.36
CA PHE G 416 51.50 -43.53 -20.79
C PHE G 416 50.77 -42.26 -21.19
N SER G 417 51.13 -41.75 -22.36
CA SER G 417 50.30 -40.81 -23.10
C SER G 417 50.74 -40.94 -24.55
N ASN G 418 49.90 -41.55 -25.38
CA ASN G 418 50.28 -41.95 -26.71
C ASN G 418 49.29 -41.46 -27.74
N ARG G 419 48.97 -40.18 -27.72
CA ARG G 419 48.15 -39.64 -28.80
C ARG G 419 48.96 -39.54 -30.08
N PHE G 420 48.26 -39.57 -31.21
CA PHE G 420 48.90 -39.70 -32.51
C PHE G 420 49.50 -38.39 -32.98
N LEU G 421 50.18 -38.46 -34.13
CA LEU G 421 50.76 -37.34 -34.82
C LEU G 421 50.24 -37.32 -36.25
N PRO G 422 49.95 -36.16 -36.77
CA PRO G 422 49.28 -36.08 -38.09
C PRO G 422 50.26 -35.97 -39.25
N VAL G 423 51.06 -37.00 -39.44
CA VAL G 423 51.93 -37.09 -40.60
C VAL G 423 51.35 -38.12 -41.54
N ALA G 424 51.12 -37.72 -42.78
CA ALA G 424 50.44 -38.57 -43.74
C ALA G 424 51.41 -39.32 -44.65
N SER G 425 52.70 -39.32 -44.34
CA SER G 425 53.66 -40.18 -45.02
C SER G 425 54.78 -40.49 -44.03
N PRO G 426 55.02 -41.75 -43.74
CA PRO G 426 55.80 -42.11 -42.55
C PRO G 426 57.29 -41.82 -42.67
N PHE G 427 57.68 -40.58 -42.37
CA PHE G 427 59.06 -40.13 -42.52
C PHE G 427 60.00 -40.86 -41.56
N HIS G 428 61.29 -40.82 -41.90
CA HIS G 428 62.38 -41.44 -41.13
C HIS G 428 62.14 -42.94 -40.95
N SER G 429 62.00 -43.61 -42.09
CA SER G 429 61.61 -45.00 -42.11
C SER G 429 62.58 -45.81 -42.93
N HIS G 430 62.21 -47.05 -43.21
CA HIS G 430 63.03 -47.91 -44.03
C HIS G 430 62.37 -48.30 -45.34
N LEU G 431 61.05 -48.47 -45.34
CA LEU G 431 60.33 -48.90 -46.52
C LEU G 431 60.38 -47.90 -47.66
N LEU G 432 60.58 -46.61 -47.35
CA LEU G 432 60.54 -45.59 -48.38
C LEU G 432 61.93 -45.29 -48.93
N VAL G 433 62.59 -46.33 -49.40
CA VAL G 433 63.87 -46.20 -50.09
C VAL G 433 63.81 -45.71 -51.55
N PRO G 434 62.87 -46.08 -52.45
CA PRO G 434 63.12 -45.76 -53.87
C PRO G 434 62.90 -44.29 -54.20
N ALA G 435 62.15 -43.56 -53.38
CA ALA G 435 62.01 -42.12 -53.55
C ALA G 435 63.31 -41.40 -53.25
N SER G 436 64.15 -41.98 -52.41
CA SER G 436 65.43 -41.36 -52.07
C SER G 436 66.35 -41.30 -53.27
N ASP G 437 66.56 -42.43 -53.93
CA ASP G 437 67.49 -42.41 -55.04
C ASP G 437 66.87 -41.77 -56.28
N LEU G 438 65.55 -41.58 -56.30
CA LEU G 438 64.87 -40.96 -57.43
C LEU G 438 64.89 -39.44 -57.36
N ILE G 439 64.76 -38.88 -56.17
CA ILE G 439 64.64 -37.42 -56.05
C ILE G 439 65.96 -36.73 -56.34
N ASN G 440 67.09 -37.39 -56.06
CA ASN G 440 68.36 -36.71 -56.31
C ASN G 440 68.69 -36.74 -57.78
N LYS G 441 68.09 -37.65 -58.53
CA LYS G 441 68.04 -37.52 -59.97
C LYS G 441 67.25 -36.29 -60.37
N ASP G 442 66.10 -36.07 -59.71
CA ASP G 442 65.29 -34.89 -59.98
C ASP G 442 65.98 -33.60 -59.56
N LEU G 443 66.81 -33.66 -58.52
CA LEU G 443 67.53 -32.45 -58.14
C LEU G 443 68.82 -32.28 -58.91
N VAL G 444 69.32 -33.35 -59.52
CA VAL G 444 70.34 -33.20 -60.55
C VAL G 444 69.75 -32.52 -61.78
N LYS G 445 68.46 -32.77 -62.04
CA LYS G 445 67.80 -32.38 -63.30
C LYS G 445 67.74 -30.87 -63.49
N ASN G 446 67.67 -30.10 -62.40
CA ASN G 446 67.76 -28.64 -62.50
C ASN G 446 68.85 -28.09 -61.58
N ASN G 447 70.07 -28.02 -62.12
CA ASN G 447 71.05 -26.93 -61.96
C ASN G 447 71.21 -26.27 -60.58
N VAL G 448 70.80 -26.90 -59.49
CA VAL G 448 70.82 -26.26 -58.18
C VAL G 448 71.61 -27.07 -57.18
N SER G 449 72.14 -28.21 -57.59
CA SER G 449 72.77 -29.18 -56.70
C SER G 449 74.26 -28.91 -56.55
N PHE G 450 74.58 -27.67 -56.17
CA PHE G 450 75.98 -27.32 -55.95
C PHE G 450 76.40 -27.61 -54.51
N ASN G 451 75.72 -27.00 -53.54
CA ASN G 451 76.00 -27.04 -52.11
C ASN G 451 77.49 -26.98 -51.78
N ALA G 452 78.11 -25.87 -52.17
CA ALA G 452 79.55 -25.70 -52.03
C ALA G 452 79.91 -25.37 -50.58
N LYS G 453 81.13 -24.88 -50.38
CA LYS G 453 81.61 -24.52 -49.06
C LYS G 453 81.00 -23.21 -48.54
N ASP G 454 80.11 -22.54 -49.29
CA ASP G 454 79.68 -21.18 -48.98
C ASP G 454 78.85 -21.07 -47.71
N ILE G 455 78.46 -22.18 -47.09
CA ILE G 455 77.85 -22.17 -45.77
C ILE G 455 78.88 -21.62 -44.79
N GLN G 456 78.50 -20.54 -44.10
CA GLN G 456 79.42 -19.89 -43.19
C GLN G 456 79.23 -20.41 -41.77
N ILE G 457 78.00 -20.35 -41.28
CA ILE G 457 77.70 -20.75 -39.90
C ILE G 457 77.81 -22.27 -39.81
N PRO G 458 78.48 -22.82 -38.78
CA PRO G 458 78.55 -24.28 -38.68
C PRO G 458 77.19 -24.84 -38.32
N VAL G 459 76.49 -25.32 -39.35
CA VAL G 459 75.22 -25.98 -39.15
C VAL G 459 75.51 -27.40 -38.70
N TYR G 460 74.79 -27.84 -37.68
CA TYR G 460 74.95 -29.22 -37.27
C TYR G 460 73.84 -30.05 -37.88
N ASP G 461 74.13 -31.34 -38.00
CA ASP G 461 73.25 -32.33 -38.59
C ASP G 461 72.02 -32.54 -37.71
N THR G 462 71.06 -33.25 -38.28
CA THR G 462 69.99 -33.85 -37.49
C THR G 462 70.41 -35.24 -37.00
N PHE G 463 71.64 -35.67 -37.33
CA PHE G 463 72.27 -36.79 -36.66
C PHE G 463 73.77 -36.58 -36.69
N ASP G 464 74.38 -36.45 -35.50
CA ASP G 464 75.83 -36.38 -35.30
C ASP G 464 76.43 -35.19 -36.04
N GLY G 465 76.26 -34.01 -35.45
CA GLY G 465 76.38 -32.75 -36.15
C GLY G 465 77.73 -32.34 -36.67
N SER G 466 78.17 -33.00 -37.73
CA SER G 466 79.39 -32.61 -38.42
C SER G 466 79.23 -31.23 -39.07
N ASP G 467 80.37 -30.65 -39.43
CA ASP G 467 80.40 -29.32 -40.04
C ASP G 467 79.75 -29.31 -41.42
N LEU G 468 79.79 -30.45 -42.12
CA LEU G 468 79.15 -30.71 -43.40
C LEU G 468 79.69 -29.88 -44.54
N ARG G 469 80.79 -29.16 -44.35
CA ARG G 469 81.53 -28.61 -45.47
C ARG G 469 82.66 -29.57 -45.84
N VAL G 470 82.25 -30.83 -46.00
CA VAL G 470 83.13 -31.96 -46.25
C VAL G 470 82.62 -32.54 -47.58
N LEU G 471 82.23 -31.63 -48.50
CA LEU G 471 81.76 -31.95 -49.85
C LEU G 471 82.74 -32.86 -50.59
N SER G 472 82.27 -33.50 -51.68
CA SER G 472 82.42 -34.91 -52.06
C SER G 472 81.50 -35.69 -51.13
N GLY G 473 80.40 -35.03 -50.76
CA GLY G 473 79.22 -35.69 -50.25
C GLY G 473 78.09 -35.52 -51.26
N SER G 474 78.27 -34.54 -52.16
CA SER G 474 77.26 -34.05 -53.11
C SER G 474 75.97 -33.74 -52.36
N ILE G 475 76.11 -32.78 -51.43
CA ILE G 475 75.31 -32.58 -50.23
C ILE G 475 73.81 -32.55 -50.46
N SER G 476 73.38 -32.14 -51.66
CA SER G 476 71.97 -32.28 -51.99
C SER G 476 71.64 -33.69 -52.48
N GLU G 477 72.08 -34.69 -51.73
CA GLU G 477 71.82 -36.13 -51.67
C GLU G 477 71.72 -36.60 -50.23
N ARG G 478 72.51 -36.00 -49.33
CA ARG G 478 72.39 -36.29 -47.92
C ARG G 478 71.09 -35.75 -47.35
N ILE G 479 70.55 -34.71 -48.00
CA ILE G 479 69.37 -33.97 -47.57
C ILE G 479 68.11 -34.80 -47.40
N VAL G 480 68.04 -35.96 -48.05
CA VAL G 480 66.79 -36.69 -48.15
C VAL G 480 66.80 -37.96 -47.29
N ASP G 481 67.91 -38.68 -47.26
CA ASP G 481 68.00 -39.79 -46.33
C ASP G 481 68.12 -39.29 -44.90
N CYS G 482 68.63 -38.07 -44.71
CA CYS G 482 68.49 -37.41 -43.43
C CYS G 482 67.03 -37.17 -43.06
N ILE G 483 66.16 -37.04 -44.04
CA ILE G 483 64.74 -36.94 -43.75
C ILE G 483 64.11 -38.31 -43.87
N ILE G 484 64.10 -38.89 -45.07
CA ILE G 484 63.67 -40.27 -45.17
C ILE G 484 64.86 -41.23 -45.37
N ARG G 485 65.64 -41.44 -44.32
CA ARG G 485 66.09 -42.76 -43.92
C ARG G 485 66.39 -42.69 -42.43
N LEU G 486 66.74 -41.48 -41.96
CA LEU G 486 67.71 -41.64 -40.89
C LEU G 486 67.07 -41.44 -39.52
N PRO G 487 67.56 -42.16 -38.52
CA PRO G 487 67.24 -41.82 -37.14
C PRO G 487 67.94 -40.53 -36.74
N VAL G 488 67.31 -39.82 -35.81
CA VAL G 488 67.75 -38.47 -35.51
C VAL G 488 68.60 -38.43 -34.26
N LYS G 489 68.07 -38.96 -33.15
CA LYS G 489 68.68 -38.89 -31.82
C LYS G 489 68.98 -37.44 -31.45
N TRP G 490 67.89 -36.69 -31.23
CA TRP G 490 67.92 -35.22 -31.22
C TRP G 490 68.78 -34.62 -30.12
N GLU G 491 69.06 -35.38 -29.06
CA GLU G 491 69.88 -34.87 -27.96
C GLU G 491 71.30 -34.56 -28.42
N THR G 492 71.91 -35.47 -29.18
CA THR G 492 73.26 -35.24 -29.66
C THR G 492 73.30 -34.31 -30.86
N THR G 493 72.15 -33.86 -31.36
CA THR G 493 72.18 -32.86 -32.40
C THR G 493 72.54 -31.50 -31.83
N THR G 494 72.28 -31.26 -30.55
CA THR G 494 72.44 -29.89 -30.05
C THR G 494 73.89 -29.59 -29.71
N GLN G 495 74.37 -30.15 -28.59
CA GLN G 495 75.78 -30.15 -28.14
C GLN G 495 76.49 -28.81 -28.31
N PHE G 496 75.82 -27.74 -27.91
CA PHE G 496 76.25 -26.39 -28.28
C PHE G 496 77.06 -25.74 -27.18
N LYS G 497 77.68 -24.62 -27.54
CA LYS G 497 78.28 -23.71 -26.57
C LYS G 497 77.72 -22.33 -26.86
N ALA G 498 76.57 -22.03 -26.27
CA ALA G 498 75.89 -20.77 -26.49
C ALA G 498 75.47 -20.15 -25.17
N THR G 499 74.62 -19.14 -25.24
CA THR G 499 74.05 -18.59 -24.04
C THR G 499 72.54 -18.44 -24.24
N HIS G 500 72.14 -18.24 -25.48
CA HIS G 500 70.74 -18.15 -25.84
C HIS G 500 70.54 -18.81 -27.19
N ILE G 501 69.28 -19.10 -27.51
CA ILE G 501 68.94 -19.94 -28.65
C ILE G 501 67.77 -19.32 -29.40
N LEU G 502 67.89 -19.19 -30.71
CA LEU G 502 66.76 -18.81 -31.54
C LEU G 502 65.93 -20.03 -31.91
N ASP G 503 64.63 -19.83 -32.02
CA ASP G 503 63.75 -20.79 -32.65
C ASP G 503 62.97 -20.07 -33.74
N PHE G 504 62.65 -20.81 -34.80
CA PHE G 504 61.75 -20.37 -35.84
C PHE G 504 60.60 -21.34 -36.00
N GLY G 505 60.03 -21.77 -34.87
CA GLY G 505 59.05 -22.82 -34.82
C GLY G 505 57.77 -22.48 -35.56
N PRO G 506 57.50 -23.21 -36.63
CA PRO G 506 56.32 -22.90 -37.45
C PRO G 506 55.06 -23.36 -36.75
N GLY G 507 54.56 -22.51 -35.86
CA GLY G 507 53.32 -22.77 -35.17
C GLY G 507 53.44 -22.80 -33.67
N GLY G 508 52.97 -21.73 -33.04
CA GLY G 508 52.76 -21.63 -31.60
C GLY G 508 53.96 -21.77 -30.71
N ALA G 509 53.72 -21.74 -29.41
CA ALA G 509 54.73 -22.10 -28.42
C ALA G 509 54.73 -23.60 -28.17
N SER G 510 54.77 -24.36 -29.27
CA SER G 510 54.66 -25.80 -29.23
C SER G 510 55.64 -26.52 -30.13
N GLY G 511 56.14 -25.86 -31.18
CA GLY G 511 56.93 -26.58 -32.16
C GLY G 511 58.41 -26.58 -31.88
N LEU G 512 58.89 -27.66 -31.27
CA LEU G 512 60.30 -28.02 -31.11
C LEU G 512 61.12 -26.98 -30.35
N GLY G 513 60.48 -26.09 -29.63
CA GLY G 513 61.22 -25.23 -28.72
C GLY G 513 61.00 -25.70 -27.31
N VAL G 514 59.74 -25.95 -26.98
CA VAL G 514 59.40 -26.40 -25.65
C VAL G 514 59.89 -27.82 -25.44
N LEU G 515 59.88 -28.63 -26.48
CA LEU G 515 60.35 -29.99 -26.38
C LEU G 515 61.87 -30.07 -26.33
N THR G 516 62.56 -29.02 -26.78
CA THR G 516 64.01 -28.97 -26.61
C THR G 516 64.37 -28.51 -25.22
N HIS G 517 63.45 -27.84 -24.54
CA HIS G 517 63.79 -27.12 -23.34
C HIS G 517 64.10 -28.03 -22.16
N ARG G 518 63.52 -29.23 -22.14
CA ARG G 518 63.85 -30.19 -21.10
C ARG G 518 65.29 -30.64 -21.18
N ASN G 519 65.82 -30.71 -22.40
CA ASN G 519 67.12 -31.32 -22.64
C ASN G 519 68.25 -30.48 -22.05
N LYS G 520 68.13 -29.16 -22.11
CA LYS G 520 69.17 -28.28 -21.64
C LYS G 520 68.75 -27.71 -20.30
N ASP G 521 69.70 -27.58 -19.38
CA ASP G 521 69.47 -26.85 -18.15
C ASP G 521 70.77 -26.23 -17.67
N GLY G 522 70.65 -25.25 -16.79
CA GLY G 522 71.77 -24.43 -16.42
C GLY G 522 72.19 -23.45 -17.49
N THR G 523 71.36 -23.24 -18.52
CA THR G 523 71.72 -22.49 -19.71
C THR G 523 70.45 -21.77 -20.18
N GLY G 524 70.38 -21.46 -21.48
CA GLY G 524 69.52 -20.45 -22.07
C GLY G 524 68.04 -20.37 -21.79
N VAL G 525 67.49 -19.19 -22.05
CA VAL G 525 66.11 -18.78 -21.75
C VAL G 525 65.45 -18.47 -23.08
N ARG G 526 65.75 -19.33 -24.08
CA ARG G 526 65.54 -19.13 -25.52
C ARG G 526 64.22 -18.48 -25.91
N VAL G 527 64.29 -17.65 -26.95
CA VAL G 527 63.19 -16.80 -27.41
C VAL G 527 62.90 -17.16 -28.87
N ILE G 528 61.61 -17.29 -29.20
CA ILE G 528 61.19 -17.61 -30.55
C ILE G 528 60.61 -16.34 -31.17
N VAL G 529 60.42 -16.38 -32.49
CA VAL G 529 59.94 -15.23 -33.25
C VAL G 529 58.41 -15.26 -33.44
N ALA G 530 57.84 -16.44 -33.61
CA ALA G 530 56.43 -16.55 -33.98
C ALA G 530 55.53 -16.29 -32.78
N GLY G 531 54.51 -15.45 -33.00
CA GLY G 531 53.57 -15.12 -31.94
C GLY G 531 54.08 -14.07 -30.99
N THR G 532 53.25 -13.69 -30.02
CA THR G 532 53.65 -12.81 -28.92
C THR G 532 53.14 -13.28 -27.57
N LEU G 533 52.78 -14.55 -27.44
CA LEU G 533 52.31 -15.11 -26.19
C LEU G 533 53.45 -15.26 -25.18
N ASP G 534 53.04 -15.67 -23.99
CA ASP G 534 53.91 -16.10 -22.91
C ASP G 534 53.12 -17.06 -22.04
N ILE G 535 53.85 -17.92 -21.33
CA ILE G 535 53.20 -18.87 -20.44
C ILE G 535 53.79 -18.79 -19.04
N ASN G 536 55.11 -18.69 -18.95
CA ASN G 536 55.82 -18.54 -17.70
C ASN G 536 57.15 -17.91 -18.00
N PRO G 537 57.82 -17.30 -17.02
CA PRO G 537 59.18 -16.79 -17.26
C PRO G 537 60.24 -17.89 -17.47
N ASP G 538 60.01 -18.73 -18.46
CA ASP G 538 60.87 -19.81 -18.92
C ASP G 538 61.21 -19.64 -20.39
N ASP G 539 60.21 -19.39 -21.22
CA ASP G 539 60.32 -19.30 -22.66
C ASP G 539 59.52 -18.12 -23.17
N ASP G 540 59.67 -16.98 -22.50
CA ASP G 540 58.93 -15.79 -22.90
C ASP G 540 59.47 -15.27 -24.21
N TYR G 541 58.59 -14.62 -24.98
CA TYR G 541 58.96 -14.28 -26.34
C TYR G 541 58.11 -13.08 -26.77
N GLY G 542 58.32 -12.65 -28.00
CA GLY G 542 57.53 -11.56 -28.54
C GLY G 542 58.30 -10.26 -28.59
N PHE G 543 59.11 -9.98 -27.58
CA PHE G 543 59.74 -8.67 -27.51
C PHE G 543 61.24 -8.71 -27.24
N LYS G 544 61.85 -9.88 -27.09
CA LYS G 544 63.28 -9.90 -26.84
C LYS G 544 64.10 -9.66 -28.10
N GLN G 545 63.46 -9.73 -29.26
CA GLN G 545 64.14 -9.49 -30.52
C GLN G 545 64.35 -8.02 -30.77
N GLU G 546 63.57 -7.17 -30.09
CA GLU G 546 63.51 -5.76 -30.45
C GLU G 546 63.64 -4.87 -29.24
N ILE G 547 64.80 -4.92 -28.59
CA ILE G 547 65.07 -4.08 -27.43
C ILE G 547 66.56 -3.92 -27.14
N PHE G 548 66.81 -3.41 -25.94
CA PHE G 548 68.15 -3.27 -25.41
C PHE G 548 68.04 -3.16 -23.90
N ASP G 549 69.18 -3.26 -23.21
CA ASP G 549 69.32 -3.12 -21.76
C ASP G 549 68.45 -4.08 -20.92
N VAL G 550 68.27 -5.32 -21.39
CA VAL G 550 67.54 -6.34 -20.64
C VAL G 550 67.91 -7.75 -21.09
N THR G 551 69.03 -8.26 -20.61
CA THR G 551 69.48 -9.60 -21.00
C THR G 551 69.18 -10.61 -19.91
N SER G 552 68.04 -11.28 -20.02
CA SER G 552 67.62 -12.22 -18.98
C SER G 552 68.27 -13.59 -19.14
N ASN G 553 69.33 -13.82 -18.38
CA ASN G 553 69.95 -15.14 -18.31
C ASN G 553 69.60 -15.76 -16.97
N GLY G 554 68.78 -16.80 -17.01
CA GLY G 554 68.22 -17.40 -15.81
C GLY G 554 69.19 -18.36 -15.13
N LEU G 555 68.73 -19.56 -14.84
CA LEU G 555 69.45 -20.48 -13.97
C LEU G 555 70.73 -21.03 -14.57
N LYS G 556 71.75 -21.16 -13.71
CA LYS G 556 72.98 -21.83 -14.07
C LYS G 556 73.18 -23.01 -13.13
N LYS G 557 72.16 -23.87 -13.03
CA LYS G 557 72.08 -24.95 -12.04
C LYS G 557 73.10 -26.05 -12.25
N ASN G 558 74.37 -25.70 -12.08
CA ASN G 558 75.48 -26.62 -12.27
C ASN G 558 76.70 -25.94 -11.69
N PRO G 559 77.20 -24.96 -12.43
CA PRO G 559 78.28 -24.10 -11.98
C PRO G 559 77.77 -23.30 -10.80
N ASN G 560 76.72 -22.52 -11.02
CA ASN G 560 76.04 -21.86 -9.92
C ASN G 560 75.31 -22.93 -9.13
N TRP G 561 75.28 -22.76 -7.81
CA TRP G 561 74.83 -23.76 -6.84
C TRP G 561 75.56 -25.08 -7.05
N LEU G 562 76.71 -25.24 -6.42
CA LEU G 562 77.54 -26.42 -6.63
C LEU G 562 78.09 -26.98 -5.32
N GLU G 563 79.29 -26.59 -4.94
CA GLU G 563 79.92 -27.17 -3.76
C GLU G 563 80.99 -26.27 -3.13
N GLU G 564 80.81 -25.94 -1.85
CA GLU G 564 81.76 -25.12 -1.09
C GLU G 564 81.61 -25.19 0.43
N TYR G 565 82.74 -25.35 1.11
CA TYR G 565 82.83 -25.09 2.55
C TYR G 565 83.19 -23.60 2.69
N HIS G 566 83.30 -23.07 3.91
CA HIS G 566 83.49 -21.63 4.07
C HIS G 566 84.17 -21.17 5.36
N PRO G 567 85.07 -20.20 5.21
CA PRO G 567 85.84 -19.68 6.32
C PRO G 567 85.02 -18.77 7.21
N LYS G 568 85.62 -18.39 8.33
CA LYS G 568 84.99 -17.47 9.26
C LYS G 568 85.39 -16.07 8.94
N LEU G 569 85.05 -15.17 9.86
CA LEU G 569 85.55 -13.81 9.82
C LEU G 569 87.05 -13.90 10.10
N ILE G 570 87.42 -14.86 10.94
CA ILE G 570 88.82 -15.18 11.18
C ILE G 570 89.13 -16.61 10.76
N LYS G 571 88.60 -17.00 9.62
CA LYS G 571 88.97 -18.24 8.90
C LYS G 571 88.80 -19.56 9.66
N ASN G 572 87.69 -20.26 9.37
CA ASN G 572 87.38 -21.56 10.00
C ASN G 572 87.06 -22.63 8.96
N LYS G 573 85.85 -23.20 9.02
CA LYS G 573 85.34 -24.16 8.04
C LYS G 573 83.83 -24.38 8.19
N SER G 574 82.98 -23.71 7.38
CA SER G 574 81.54 -24.02 7.35
C SER G 574 80.94 -23.92 5.94
N UNK G 583 79.40 -25.48 10.27
CA UNK G 583 80.66 -26.20 10.30
C UNK G 583 80.48 -27.63 9.83
N UNK G 584 80.95 -27.91 8.62
CA UNK G 584 80.89 -29.20 7.94
C UNK G 584 79.47 -29.72 7.82
N UNK G 585 78.87 -29.48 6.65
CA UNK G 585 77.45 -29.70 6.46
C UNK G 585 77.02 -31.17 6.40
N UNK G 586 76.53 -31.67 7.52
CA UNK G 586 75.91 -32.99 7.61
C UNK G 586 75.04 -33.03 8.85
N UNK G 587 73.76 -32.71 8.72
CA UNK G 587 72.86 -32.58 9.89
C UNK G 587 72.55 -33.91 10.56
N UNK G 588 72.02 -33.85 11.78
CA UNK G 588 71.69 -35.06 12.53
C UNK G 588 70.61 -34.78 13.57
N UNK G 589 69.47 -35.48 13.46
CA UNK G 589 68.34 -35.29 14.38
C UNK G 589 67.34 -36.46 14.36
N UNK G 590 67.46 -37.37 15.33
CA UNK G 590 66.58 -38.54 15.37
C UNK G 590 65.52 -38.36 16.46
N UNK G 591 65.01 -39.47 16.99
CA UNK G 591 63.93 -39.40 17.97
C UNK G 591 63.76 -40.62 18.88
N UNK G 592 64.80 -41.43 19.05
CA UNK G 592 64.73 -42.53 20.01
C UNK G 592 66.11 -42.82 20.54
N UNK G 593 67.08 -42.10 19.99
CA UNK G 593 68.45 -42.19 20.45
C UNK G 593 68.82 -40.89 21.12
N UNK G 594 68.76 -39.83 20.34
CA UNK G 594 69.00 -38.49 20.85
C UNK G 594 67.87 -38.07 21.77
N UNK G 595 68.16 -37.93 23.05
CA UNK G 595 67.13 -37.59 24.00
C UNK G 595 67.68 -36.84 25.20
N UNK G 596 68.99 -36.88 25.41
CA UNK G 596 69.56 -36.28 26.61
C UNK G 596 70.98 -35.80 26.43
N UNK G 597 71.72 -35.79 27.54
CA UNK G 597 73.08 -35.27 27.57
C UNK G 597 74.10 -36.22 26.94
N UNK G 598 73.63 -37.34 26.38
CA UNK G 598 74.48 -38.25 25.62
C UNK G 598 74.38 -37.92 24.13
N UNK G 599 73.82 -36.76 23.83
CA UNK G 599 73.84 -36.24 22.48
C UNK G 599 74.62 -34.93 22.51
N UNK G 600 75.00 -34.55 23.72
CA UNK G 600 75.78 -33.34 23.93
C UNK G 600 77.19 -33.56 23.40
N UNK G 601 77.71 -34.76 23.61
CA UNK G 601 79.04 -35.11 23.14
C UNK G 601 79.08 -35.26 21.62
N UNK G 602 77.91 -35.47 21.03
CA UNK G 602 77.80 -35.57 19.58
C UNK G 602 78.04 -34.22 18.96
N UNK G 603 77.74 -33.17 19.70
CA UNK G 603 77.97 -31.82 19.23
C UNK G 603 79.39 -31.39 19.53
N UNK G 604 80.06 -32.14 20.39
CA UNK G 604 81.37 -31.75 20.91
C UNK G 604 82.44 -31.83 19.84
N UNK G 605 82.31 -32.80 18.95
CA UNK G 605 83.27 -32.92 17.87
C UNK G 605 82.91 -31.94 16.75
N UNK G 606 82.04 -32.35 15.83
CA UNK G 606 81.70 -31.54 14.67
C UNK G 606 80.33 -31.89 14.10
N UNK G 607 79.27 -31.25 14.59
CA UNK G 607 77.93 -31.61 14.18
C UNK G 607 76.89 -30.51 14.36
N UNK G 608 75.69 -30.76 13.85
CA UNK G 608 74.55 -29.88 14.02
C UNK G 608 73.49 -30.57 14.88
N UNK G 609 73.70 -30.56 16.19
CA UNK G 609 72.87 -31.31 17.11
C UNK G 609 71.49 -30.73 17.32
N UNK G 610 70.48 -31.59 17.32
CA UNK G 610 69.12 -31.19 17.67
C UNK G 610 68.60 -32.06 18.82
N UNK G 611 67.65 -31.56 19.59
CA UNK G 611 67.17 -32.29 20.75
C UNK G 611 65.72 -31.97 21.09
N UNK G 612 64.83 -32.93 20.88
CA UNK G 612 63.42 -32.77 21.21
C UNK G 612 62.74 -34.12 21.46
N UNK G 613 61.42 -34.10 21.50
CA UNK G 613 60.56 -35.27 21.75
C UNK G 613 60.90 -36.01 23.05
N UNK G 614 61.27 -35.23 24.07
CA UNK G 614 61.67 -35.78 25.35
C UNK G 614 60.48 -35.91 26.27
N UNK G 615 59.53 -36.76 25.89
CA UNK G 615 58.33 -37.10 26.66
C UNK G 615 57.49 -35.89 27.08
N UNK G 616 57.59 -35.53 28.36
CA UNK G 616 56.84 -34.40 28.88
C UNK G 616 57.45 -33.11 28.37
N UNK G 617 56.65 -32.05 28.34
CA UNK G 617 57.17 -30.71 28.08
C UNK G 617 56.77 -29.85 29.26
N UNK G 618 56.68 -30.49 30.42
CA UNK G 618 56.35 -29.80 31.64
C UNK G 618 57.61 -29.56 32.43
N UNK G 619 58.42 -28.64 31.93
CA UNK G 619 59.60 -28.08 32.61
C UNK G 619 60.74 -29.04 33.01
N UNK G 620 60.53 -30.36 33.01
CA UNK G 620 61.57 -31.31 33.38
C UNK G 620 62.67 -31.28 32.34
N UNK G 621 62.39 -31.85 31.17
CA UNK G 621 63.29 -31.74 30.04
C UNK G 621 63.20 -30.34 29.44
N UNK G 622 63.69 -29.36 30.18
CA UNK G 622 63.53 -27.95 29.88
C UNK G 622 64.37 -27.23 30.89
N UNK G 623 64.44 -27.82 32.07
CA UNK G 623 65.44 -27.44 33.05
C UNK G 623 66.63 -28.31 32.74
N UNK G 624 66.36 -29.37 32.00
CA UNK G 624 67.39 -30.32 31.61
C UNK G 624 68.13 -29.84 30.38
N UNK G 625 67.56 -28.88 29.67
CA UNK G 625 68.22 -28.26 28.54
C UNK G 625 69.47 -27.54 29.02
N UNK G 626 69.33 -26.90 30.18
CA UNK G 626 70.44 -26.22 30.82
C UNK G 626 71.19 -27.16 31.74
N UNK G 627 70.88 -28.44 31.68
CA UNK G 627 71.68 -29.45 32.35
C UNK G 627 72.67 -30.00 31.35
N UNK G 628 72.62 -29.48 30.14
CA UNK G 628 73.54 -29.86 29.09
C UNK G 628 73.91 -28.65 28.26
N UNK G 629 73.43 -27.48 28.66
CA UNK G 629 73.82 -26.25 27.99
C UNK G 629 75.06 -25.66 28.65
N UNK G 630 75.30 -26.07 29.89
CA UNK G 630 76.47 -25.58 30.62
C UNK G 630 77.60 -26.56 30.41
N UNK G 631 77.25 -27.76 30.01
CA UNK G 631 78.26 -28.76 29.70
C UNK G 631 78.40 -28.84 28.19
N UNK G 632 77.85 -27.85 27.49
CA UNK G 632 77.82 -27.86 26.04
C UNK G 632 79.15 -27.42 25.41
N UNK G 633 79.05 -26.57 24.39
CA UNK G 633 80.22 -26.12 23.64
C UNK G 633 80.83 -24.82 24.17
N UNK G 634 81.92 -24.40 23.57
CA UNK G 634 82.53 -23.13 23.92
C UNK G 634 81.68 -22.02 23.34
N UNK G 635 81.38 -22.14 22.04
CA UNK G 635 80.57 -21.16 21.36
C UNK G 635 79.81 -21.76 20.17
N UNK G 636 78.56 -22.11 20.40
CA UNK G 636 77.69 -22.62 19.35
C UNK G 636 76.23 -22.44 19.72
N UNK G 637 75.39 -23.35 19.23
CA UNK G 637 73.96 -23.32 19.53
C UNK G 637 73.32 -24.69 19.33
N UNK G 638 72.34 -25.02 20.17
CA UNK G 638 71.66 -26.31 20.09
C UNK G 638 70.36 -26.16 19.31
N UNK G 639 69.65 -27.26 19.11
CA UNK G 639 68.41 -27.23 18.34
C UNK G 639 67.34 -28.16 18.91
N UNK G 640 66.10 -27.97 18.47
CA UNK G 640 64.99 -28.72 19.02
C UNK G 640 63.90 -28.96 17.98
N UNK G 641 63.97 -30.12 17.32
CA UNK G 641 62.98 -30.47 16.31
C UNK G 641 61.65 -30.83 16.95
N UNK G 642 60.94 -29.83 17.43
CA UNK G 642 59.69 -30.05 18.14
C UNK G 642 58.60 -30.46 17.18
N UNK G 643 57.51 -30.99 17.72
CA UNK G 643 56.40 -31.39 16.88
C UNK G 643 55.40 -30.24 16.76
N UNK G 644 54.40 -30.44 15.91
CA UNK G 644 53.31 -29.49 15.76
C UNK G 644 52.12 -30.26 15.21
N UNK G 645 52.03 -31.51 15.63
CA UNK G 645 50.89 -32.34 15.33
C UNK G 645 50.19 -32.66 16.64
N UNK G 646 50.86 -33.40 17.51
CA UNK G 646 50.31 -33.71 18.83
C UNK G 646 50.41 -32.48 19.73
N UNK G 647 49.47 -31.55 19.56
CA UNK G 647 49.63 -30.20 20.08
C UNK G 647 49.41 -30.04 21.57
N UNK G 648 49.24 -31.15 22.28
CA UNK G 648 49.23 -31.11 23.73
C UNK G 648 50.63 -30.84 24.23
N UNK G 649 51.62 -31.25 23.44
CA UNK G 649 53.01 -31.04 23.80
C UNK G 649 53.53 -29.75 23.20
N UNK G 650 52.69 -29.06 22.44
CA UNK G 650 53.09 -27.86 21.70
C UNK G 650 53.46 -26.73 22.62
N UNK G 651 52.46 -26.02 23.13
CA UNK G 651 52.64 -24.83 23.96
C UNK G 651 53.37 -25.12 25.25
N UNK G 652 53.27 -26.36 25.73
CA UNK G 652 54.00 -26.81 26.91
C UNK G 652 55.48 -26.73 26.63
N UNK G 653 55.86 -27.02 25.40
CA UNK G 653 57.23 -26.80 24.96
C UNK G 653 57.41 -25.40 24.34
N UNK G 654 56.45 -24.95 23.55
CA UNK G 654 56.61 -23.75 22.71
C UNK G 654 56.75 -22.48 23.51
N UNK G 655 56.08 -22.41 24.65
CA UNK G 655 56.20 -21.24 25.50
C UNK G 655 57.57 -21.25 26.12
N UNK G 656 58.01 -22.44 26.50
CA UNK G 656 59.31 -22.62 27.11
C UNK G 656 60.40 -22.41 26.07
N UNK G 657 60.04 -22.65 24.82
CA UNK G 657 60.95 -22.46 23.71
C UNK G 657 61.30 -20.98 23.56
N UNK G 658 60.30 -20.12 23.73
CA UNK G 658 60.54 -18.68 23.64
C UNK G 658 61.13 -18.17 24.94
N UNK G 659 60.98 -18.95 26.00
CA UNK G 659 61.39 -18.54 27.33
C UNK G 659 62.89 -18.53 27.49
N UNK G 660 63.51 -19.65 27.16
CA UNK G 660 64.95 -19.76 27.26
C UNK G 660 65.61 -18.99 26.11
N UNK G 661 64.82 -18.69 25.09
CA UNK G 661 65.25 -17.86 23.97
C UNK G 661 65.58 -16.47 24.45
N UNK G 662 64.79 -15.99 25.39
CA UNK G 662 65.09 -14.73 26.04
C UNK G 662 66.27 -14.91 26.99
N UNK G 663 66.40 -16.12 27.54
CA UNK G 663 67.49 -16.40 28.46
C UNK G 663 68.76 -16.62 27.68
N UNK G 664 69.05 -17.86 27.33
CA UNK G 664 70.34 -18.17 26.73
C UNK G 664 70.34 -19.39 25.82
N UNK G 665 71.31 -19.41 24.91
CA UNK G 665 71.65 -20.52 24.01
C UNK G 665 70.55 -20.96 23.03
N UNK G 666 70.93 -21.86 22.13
CA UNK G 666 70.09 -22.49 21.09
C UNK G 666 69.51 -21.51 20.07
N UNK G 667 69.88 -21.72 18.82
CA UNK G 667 69.51 -20.80 17.75
C UNK G 667 68.99 -21.51 16.50
N UNK G 668 68.12 -22.50 16.66
CA UNK G 668 67.68 -23.25 15.48
C UNK G 668 66.26 -23.82 15.56
N UNK G 669 66.12 -25.04 16.08
CA UNK G 669 64.86 -25.81 16.19
C UNK G 669 64.18 -26.14 14.86
N UNK G 670 63.24 -27.08 14.94
CA UNK G 670 62.59 -27.58 13.73
C UNK G 670 61.18 -28.13 14.01
N UNK G 671 60.43 -28.36 12.95
CA UNK G 671 59.04 -28.79 13.10
C UNK G 671 58.81 -30.14 12.45
N UNK G 672 58.03 -31.00 13.10
CA UNK G 672 57.79 -32.38 12.65
C UNK G 672 57.00 -32.42 11.36
N UNK G 673 55.69 -32.33 11.50
CA UNK G 673 54.79 -32.24 10.35
C UNK G 673 54.91 -30.87 9.69
N UNK G 674 54.26 -30.70 8.55
CA UNK G 674 54.30 -29.43 7.82
C UNK G 674 53.53 -28.38 8.59
N UNK G 675 54.19 -27.28 8.91
CA UNK G 675 53.54 -26.23 9.69
C UNK G 675 52.58 -25.46 8.80
N UNK G 676 51.60 -24.82 9.43
CA UNK G 676 50.58 -24.09 8.70
C UNK G 676 51.13 -22.80 8.12
N UNK G 677 50.38 -22.24 7.19
CA UNK G 677 50.84 -21.05 6.49
C UNK G 677 50.70 -19.83 7.35
N UNK G 678 51.69 -18.95 7.25
CA UNK G 678 51.63 -17.57 7.73
C UNK G 678 51.30 -17.39 9.20
N UNK G 679 50.05 -17.72 9.54
CA UNK G 679 49.47 -17.51 10.85
C UNK G 679 50.27 -18.13 11.97
N UNK G 680 50.48 -19.44 11.89
CA UNK G 680 51.33 -20.11 12.85
C UNK G 680 52.77 -19.77 12.52
N UNK G 681 53.02 -19.58 11.24
CA UNK G 681 54.36 -19.38 10.74
C UNK G 681 54.92 -18.02 11.13
N UNK G 682 54.48 -16.98 10.43
CA UNK G 682 55.07 -15.65 10.51
C UNK G 682 54.91 -14.98 11.88
N UNK G 683 54.04 -15.53 12.71
CA UNK G 683 54.01 -15.15 14.12
C UNK G 683 55.30 -15.60 14.78
N UNK G 684 55.53 -16.90 14.79
CA UNK G 684 56.66 -17.49 15.49
C UNK G 684 57.97 -17.15 14.83
N UNK G 685 57.92 -16.96 13.51
CA UNK G 685 59.10 -16.63 12.73
C UNK G 685 59.57 -15.22 13.05
N UNK G 686 58.62 -14.37 13.42
CA UNK G 686 58.95 -13.04 13.85
C UNK G 686 58.98 -12.99 15.38
N UNK G 687 58.91 -14.15 16.03
CA UNK G 687 58.91 -14.16 17.49
C UNK G 687 60.21 -14.72 18.06
N UNK G 688 61.30 -13.99 17.84
CA UNK G 688 62.58 -14.17 18.53
C UNK G 688 63.25 -15.53 18.43
N UNK G 689 64.22 -15.63 17.53
CA UNK G 689 65.06 -16.81 17.42
C UNK G 689 66.41 -16.34 16.90
N UNK G 690 67.01 -17.09 15.99
CA UNK G 690 68.18 -16.63 15.25
C UNK G 690 68.25 -17.42 13.97
N UNK G 691 67.11 -17.45 13.29
CA UNK G 691 66.86 -18.24 12.09
C UNK G 691 67.17 -19.71 12.32
N UNK G 692 67.76 -20.35 11.30
CA UNK G 692 68.00 -21.79 11.24
C UNK G 692 66.72 -22.56 11.48
N UNK G 693 65.69 -22.22 10.73
CA UNK G 693 64.40 -22.88 10.87
C UNK G 693 64.24 -24.01 9.86
N UNK G 694 63.76 -25.15 10.33
CA UNK G 694 63.62 -26.30 9.45
C UNK G 694 62.23 -26.89 9.51
N UNK G 695 61.48 -26.73 8.42
CA UNK G 695 60.18 -27.37 8.29
C UNK G 695 60.28 -28.49 7.27
N UNK G 696 60.60 -29.69 7.74
CA UNK G 696 60.85 -30.84 6.86
C UNK G 696 59.60 -31.26 6.11
N UNK G 697 59.56 -30.93 4.82
CA UNK G 697 58.40 -31.20 3.97
C UNK G 697 58.15 -32.68 3.81
N UNK G 698 56.94 -33.06 3.43
CA UNK G 698 56.56 -34.47 3.41
C UNK G 698 55.89 -34.89 2.12
N UNK G 699 54.78 -34.23 1.80
CA UNK G 699 54.07 -34.49 0.56
C UNK G 699 54.89 -34.02 -0.61
N UNK G 700 54.47 -34.43 -1.81
CA UNK G 700 55.20 -34.07 -3.02
C UNK G 700 55.00 -32.61 -3.38
N UNK G 701 53.99 -31.98 -2.79
CA UNK G 701 53.77 -30.55 -2.99
C UNK G 701 54.16 -29.78 -1.75
N UNK G 702 54.55 -30.50 -0.70
CA UNK G 702 54.90 -29.86 0.57
C UNK G 702 56.19 -29.06 0.47
N UNK G 703 56.98 -29.36 -0.55
CA UNK G 703 58.10 -28.51 -0.91
C UNK G 703 57.54 -27.17 -1.32
N UNK G 704 56.50 -27.22 -2.14
CA UNK G 704 55.93 -25.99 -2.64
C UNK G 704 55.02 -25.37 -1.58
N UNK G 705 54.72 -26.12 -0.53
CA UNK G 705 54.14 -25.50 0.65
C UNK G 705 55.19 -24.64 1.31
N UNK G 706 56.40 -25.18 1.35
CA UNK G 706 57.50 -24.48 1.99
C UNK G 706 57.98 -23.32 1.14
N UNK G 707 57.63 -23.34 -0.15
CA UNK G 707 58.07 -22.32 -1.10
C UNK G 707 57.57 -20.95 -0.71
N UNK G 708 56.25 -20.82 -0.61
CA UNK G 708 55.66 -19.55 -0.23
C UNK G 708 55.70 -19.36 1.27
N UNK G 709 56.06 -20.41 2.00
CA UNK G 709 56.20 -20.31 3.45
C UNK G 709 57.45 -19.53 3.79
N UNK G 710 58.38 -19.51 2.85
CA UNK G 710 59.62 -18.77 3.04
C UNK G 710 59.57 -17.45 2.29
N UNK G 711 58.37 -17.01 1.92
CA UNK G 711 58.23 -15.74 1.23
C UNK G 711 58.54 -14.60 2.20
N UNK G 712 59.04 -13.50 1.65
CA UNK G 712 59.60 -12.36 2.39
C UNK G 712 60.67 -12.86 3.32
N UNK G 713 61.75 -13.34 2.74
CA UNK G 713 62.78 -14.05 3.48
C UNK G 713 63.85 -13.14 4.07
N UNK G 714 64.36 -13.56 5.22
CA UNK G 714 65.49 -12.93 5.86
C UNK G 714 66.12 -13.98 6.75
N UNK G 715 65.27 -14.70 7.47
CA UNK G 715 65.69 -15.85 8.24
C UNK G 715 65.94 -16.98 7.27
N UNK G 716 66.97 -17.79 7.50
CA UNK G 716 67.24 -18.90 6.63
C UNK G 716 66.21 -20.01 6.87
N UNK G 717 65.94 -20.80 5.84
CA UNK G 717 64.97 -21.88 5.96
C UNK G 717 65.57 -23.21 5.49
N UNK G 718 65.26 -24.29 6.19
CA UNK G 718 65.87 -25.58 5.89
C UNK G 718 64.85 -26.66 5.62
N UNK G 719 65.19 -27.61 4.76
CA UNK G 719 64.30 -28.71 4.43
C UNK G 719 65.06 -29.91 3.88
N UNK G 720 64.40 -31.06 3.88
CA UNK G 720 64.97 -32.29 3.34
C UNK G 720 63.86 -33.16 2.75
N UNK G 721 63.82 -33.32 1.43
CA UNK G 721 62.74 -34.03 0.75
C UNK G 721 62.73 -35.50 1.09
N UNK G 722 62.28 -35.81 2.29
CA UNK G 722 62.29 -37.16 2.83
C UNK G 722 61.32 -38.03 2.04
N UNK G 723 61.89 -39.03 1.37
CA UNK G 723 61.15 -39.77 0.37
C UNK G 723 61.40 -41.26 0.46
N UNK G 724 62.67 -41.66 0.44
CA UNK G 724 63.01 -43.07 0.52
C UNK G 724 64.19 -43.35 1.45
N UNK G 725 63.90 -44.09 2.52
CA UNK G 725 64.90 -44.56 3.49
C UNK G 725 64.27 -45.64 4.37
N UNK G 726 65.03 -46.15 5.34
CA UNK G 726 64.50 -47.07 6.34
C UNK G 726 64.03 -46.27 7.55
N UNK G 727 63.27 -45.21 7.30
CA UNK G 727 62.92 -44.22 8.32
C UNK G 727 61.64 -43.43 7.98
N UNK G 728 61.68 -42.12 8.24
CA UNK G 728 60.53 -41.24 8.05
C UNK G 728 60.26 -41.00 6.57
N UNK G 729 59.27 -41.72 6.05
CA UNK G 729 58.99 -41.68 4.62
C UNK G 729 57.52 -41.48 4.31
N UNK G 730 57.18 -40.28 3.83
CA UNK G 730 55.85 -40.04 3.30
C UNK G 730 55.78 -40.73 1.95
N UNK G 731 54.57 -41.11 1.55
CA UNK G 731 54.34 -41.76 0.26
C UNK G 731 54.73 -40.82 -0.88
N UNK G 732 56.03 -40.77 -1.16
CA UNK G 732 56.61 -39.69 -1.96
C UNK G 732 57.78 -40.16 -2.83
N UNK G 733 57.59 -41.28 -3.53
CA UNK G 733 58.54 -41.85 -4.49
C UNK G 733 59.92 -42.18 -3.93
N UNK G 734 60.82 -42.52 -4.85
CA UNK G 734 62.21 -42.72 -4.50
C UNK G 734 62.73 -41.35 -4.11
N UNK G 735 62.54 -40.38 -4.98
CA UNK G 735 62.88 -39.01 -4.68
C UNK G 735 62.14 -38.09 -5.63
N UNK G 736 61.10 -38.61 -6.27
CA UNK G 736 60.39 -37.85 -7.29
C UNK G 736 59.23 -37.05 -6.73
N UNK G 737 59.29 -36.75 -5.44
CA UNK G 737 58.29 -35.91 -4.81
C UNK G 737 58.45 -34.49 -5.30
N UNK G 738 59.67 -33.98 -5.21
CA UNK G 738 59.97 -32.63 -5.63
C UNK G 738 61.19 -32.64 -6.52
N UNK G 739 61.42 -33.77 -7.18
CA UNK G 739 62.45 -33.86 -8.19
C UNK G 739 62.01 -33.00 -9.35
N UNK G 740 60.70 -33.03 -9.58
CA UNK G 740 60.07 -32.12 -10.54
C UNK G 740 60.22 -30.69 -10.05
N UNK G 741 60.20 -30.51 -8.74
CA UNK G 741 60.23 -29.17 -8.17
C UNK G 741 61.63 -28.72 -7.78
N UNK G 742 62.65 -29.46 -8.24
CA UNK G 742 64.03 -29.26 -7.81
C UNK G 742 64.62 -27.89 -8.14
N UNK G 743 64.17 -27.30 -9.24
CA UNK G 743 64.61 -25.97 -9.61
C UNK G 743 63.44 -25.02 -9.46
N UNK G 744 62.27 -25.58 -9.21
CA UNK G 744 61.11 -24.78 -8.89
C UNK G 744 61.32 -24.23 -7.50
N UNK G 745 61.89 -25.07 -6.66
CA UNK G 745 62.23 -24.69 -5.30
C UNK G 745 63.42 -23.76 -5.28
N UNK G 746 64.18 -23.72 -6.37
CA UNK G 746 65.37 -22.88 -6.44
C UNK G 746 64.98 -21.42 -6.40
N UNK G 747 65.38 -20.78 -5.32
CA UNK G 747 65.18 -19.37 -5.08
C UNK G 747 66.25 -18.97 -4.09
N UNK G 748 66.31 -17.70 -3.73
CA UNK G 748 67.28 -17.28 -2.73
C UNK G 748 66.80 -17.71 -1.36
N UNK G 749 67.75 -17.88 -0.44
CA UNK G 749 67.50 -18.22 0.97
C UNK G 749 66.68 -19.48 1.13
N UNK G 750 67.23 -20.62 0.73
CA UNK G 750 66.52 -21.89 0.84
C UNK G 750 67.48 -23.08 0.87
N UNK G 751 68.12 -23.28 2.01
CA UNK G 751 69.08 -24.38 2.14
C UNK G 751 68.36 -25.71 2.21
N UNK G 752 68.48 -26.50 1.16
CA UNK G 752 67.81 -27.80 1.11
C UNK G 752 68.80 -28.93 1.34
N UNK G 753 69.31 -29.03 2.56
CA UNK G 753 70.19 -30.13 2.91
C UNK G 753 69.38 -31.39 3.06
N UNK G 754 69.59 -32.36 2.18
CA UNK G 754 68.74 -33.55 2.16
C UNK G 754 69.12 -34.55 3.23
N UNK G 755 68.42 -35.68 3.22
CA UNK G 755 68.56 -36.67 4.28
C UNK G 755 68.53 -38.09 3.75
N UNK G 756 67.34 -38.67 3.80
CA UNK G 756 67.08 -40.08 3.48
C UNK G 756 68.00 -41.00 4.26
N UNK G 757 69.08 -41.43 3.62
CA UNK G 757 70.03 -42.31 4.26
C UNK G 757 71.41 -42.13 3.68
N UNK G 758 72.40 -42.69 4.36
CA UNK G 758 73.78 -42.64 3.92
C UNK G 758 74.57 -43.73 4.62
N UNK G 759 75.53 -44.31 3.92
CA UNK G 759 76.46 -45.26 4.54
C UNK G 759 77.56 -44.47 5.25
N UNK G 760 78.78 -44.54 4.72
CA UNK G 760 79.90 -43.80 5.30
C UNK G 760 80.00 -42.41 4.69
N UNK G 761 80.17 -42.39 3.37
CA UNK G 761 80.16 -41.17 2.58
C UNK G 761 79.92 -41.63 1.16
N UNK G 762 79.69 -42.94 1.05
CA UNK G 762 79.61 -43.62 -0.23
C UNK G 762 78.22 -43.56 -0.84
N UNK G 763 77.59 -42.39 -0.75
CA UNK G 763 76.31 -42.12 -1.36
C UNK G 763 76.17 -40.62 -1.43
N UNK G 764 76.58 -39.98 -0.34
CA UNK G 764 76.51 -38.53 -0.19
C UNK G 764 77.49 -37.86 -1.14
N UNK G 765 78.61 -38.53 -1.36
CA UNK G 765 79.59 -38.06 -2.33
C UNK G 765 79.01 -38.16 -3.74
N UNK G 766 78.10 -39.10 -3.94
CA UNK G 766 77.39 -39.19 -5.21
C UNK G 766 76.20 -38.25 -5.18
N UNK G 767 75.82 -37.80 -3.97
CA UNK G 767 74.65 -36.96 -3.82
C UNK G 767 75.00 -35.48 -3.70
N UNK G 768 76.18 -35.18 -3.19
CA UNK G 768 76.64 -33.80 -3.15
C UNK G 768 76.93 -33.36 -4.57
N UNK G 769 77.44 -34.31 -5.34
CA UNK G 769 77.70 -34.10 -6.75
C UNK G 769 76.39 -34.04 -7.51
N UNK G 770 75.86 -35.19 -7.86
CA UNK G 770 74.63 -35.27 -8.63
C UNK G 770 73.76 -36.43 -8.20
N UNK G 771 72.84 -36.14 -7.29
CA UNK G 771 71.87 -37.13 -6.82
C UNK G 771 70.76 -37.32 -7.85
N UNK G 772 71.11 -37.84 -9.02
CA UNK G 772 70.20 -38.00 -10.14
C UNK G 772 70.84 -38.85 -11.22
N UNK G 773 70.01 -39.47 -12.04
CA UNK G 773 70.47 -40.31 -13.14
C UNK G 773 69.38 -40.49 -14.17
N UNK G 774 68.91 -39.38 -14.73
CA UNK G 774 67.88 -39.41 -15.76
C UNK G 774 67.87 -38.11 -16.54
N UNK G 775 67.99 -37.00 -15.80
CA UNK G 775 67.87 -35.67 -16.40
C UNK G 775 68.52 -34.59 -15.53
N UNK G 776 68.69 -33.41 -16.12
CA UNK G 776 69.31 -32.22 -15.51
C UNK G 776 70.69 -32.54 -14.96
N UNK G 777 70.93 -32.10 -13.73
CA UNK G 777 72.19 -32.39 -13.07
C UNK G 777 71.98 -32.37 -11.57
N UNK G 778 71.72 -31.17 -11.04
CA UNK G 778 71.43 -30.88 -9.63
C UNK G 778 72.54 -31.25 -8.66
N UNK G 779 72.45 -30.65 -7.48
CA UNK G 779 73.40 -30.92 -6.42
C UNK G 779 72.74 -30.58 -5.08
N UNK G 780 72.65 -31.57 -4.20
CA UNK G 780 72.00 -31.39 -2.91
C UNK G 780 72.87 -30.50 -2.04
N UNK G 781 72.26 -29.80 -1.09
CA UNK G 781 73.02 -28.93 -0.21
C UNK G 781 73.85 -29.78 0.75
N UNK G 782 73.23 -30.76 1.40
CA UNK G 782 73.96 -31.71 2.26
C UNK G 782 73.15 -32.97 2.57
N UNK G 783 73.82 -33.95 3.17
CA UNK G 783 73.20 -35.21 3.54
C UNK G 783 73.16 -35.39 5.05
N UNK G 784 72.03 -35.85 5.57
CA UNK G 784 71.86 -35.99 7.01
C UNK G 784 72.28 -37.36 7.52
N UNK G 785 71.66 -37.81 8.61
CA UNK G 785 72.01 -39.08 9.23
C UNK G 785 70.87 -39.67 10.05
N UNK G 786 70.26 -40.72 9.51
CA UNK G 786 69.23 -41.47 10.22
C UNK G 786 69.90 -42.37 11.23
N UNK G 787 70.34 -43.54 10.76
CA UNK G 787 71.09 -44.47 11.60
C UNK G 787 72.52 -43.98 11.73
N UNK G 788 73.45 -44.74 11.17
CA UNK G 788 74.88 -44.41 11.11
C UNK G 788 75.48 -44.13 12.48
N UNK G 789 75.17 -42.96 13.02
CA UNK G 789 75.57 -42.60 14.37
C UNK G 789 74.52 -43.00 15.39
N UNK G 790 73.90 -44.16 15.19
CA UNK G 790 72.90 -44.66 16.12
C UNK G 790 73.52 -45.67 17.06
N UNK G 791 74.85 -45.72 17.10
CA UNK G 791 75.54 -46.71 17.90
C UNK G 791 76.96 -46.30 18.26
N UNK G 792 77.13 -45.09 18.79
CA UNK G 792 78.45 -44.66 19.22
C UNK G 792 78.65 -44.94 20.70
N UNK G 793 78.25 -43.97 21.51
CA UNK G 793 78.32 -44.10 22.95
C UNK G 793 77.15 -43.37 23.59
N UNK G 794 75.96 -43.95 23.53
CA UNK G 794 74.76 -43.31 24.06
C UNK G 794 73.61 -44.28 24.31
N UNK G 795 73.24 -45.03 23.28
CA UNK G 795 71.97 -45.77 23.25
C UNK G 795 71.94 -47.03 24.11
N UNK G 796 70.94 -47.88 23.84
CA UNK G 796 70.78 -49.14 24.56
C UNK G 796 71.90 -50.09 24.17
N UNK G 797 72.22 -51.02 25.06
CA UNK G 797 73.49 -51.72 25.03
C UNK G 797 73.61 -52.80 23.96
N UNK G 798 73.35 -54.04 24.34
CA UNK G 798 73.74 -55.19 23.54
C UNK G 798 72.97 -55.34 22.23
N UNK G 799 71.87 -54.63 22.10
CA UNK G 799 71.16 -54.59 20.85
C UNK G 799 71.98 -53.81 19.85
N UNK G 800 72.71 -52.81 20.33
CA UNK G 800 73.62 -52.08 19.47
C UNK G 800 74.82 -52.96 19.17
N UNK G 801 75.10 -53.91 20.07
CA UNK G 801 76.10 -54.92 19.78
C UNK G 801 75.49 -55.94 18.82
N UNK G 802 74.16 -56.04 18.86
CA UNK G 802 73.46 -56.96 17.98
C UNK G 802 73.15 -56.32 16.63
N UNK G 803 73.05 -54.99 16.59
CA UNK G 803 72.75 -54.29 15.35
C UNK G 803 73.93 -54.30 14.39
N UNK G 804 74.22 -55.46 13.82
CA UNK G 804 75.36 -55.63 12.92
C UNK G 804 74.90 -56.42 11.73
N UNK G 805 74.17 -55.76 10.84
CA UNK G 805 73.59 -56.45 9.70
C UNK G 805 73.48 -55.54 8.50
N UNK G 806 72.98 -56.09 7.40
CA UNK G 806 72.90 -55.37 6.15
C UNK G 806 71.73 -55.83 5.29
N UNK G 807 70.98 -54.85 4.79
CA UNK G 807 69.96 -55.09 3.78
C UNK G 807 70.49 -54.52 2.48
N UNK G 808 69.73 -54.65 1.40
CA UNK G 808 70.16 -54.19 0.09
C UNK G 808 70.19 -52.67 0.03
N UNK G 809 70.84 -52.12 -0.98
CA UNK G 809 70.98 -50.67 -1.12
C UNK G 809 69.72 -50.04 -1.69
N UNK G 810 69.88 -49.27 -2.76
CA UNK G 810 68.75 -48.80 -3.54
C UNK G 810 68.83 -49.46 -4.90
N UNK G 811 69.56 -50.56 -4.94
CA UNK G 811 69.78 -51.32 -6.16
C UNK G 811 68.49 -51.91 -6.67
N UNK G 812 68.09 -53.05 -6.12
CA UNK G 812 66.85 -53.67 -6.55
C UNK G 812 65.72 -53.34 -5.58
N UNK G 813 65.88 -52.28 -4.82
CA UNK G 813 64.93 -51.99 -3.76
C UNK G 813 64.42 -50.57 -3.77
N UNK G 814 65.24 -49.65 -3.27
CA UNK G 814 64.84 -48.34 -2.76
C UNK G 814 63.73 -48.55 -1.76
N UNK G 815 62.50 -48.63 -2.23
CA UNK G 815 61.41 -49.06 -1.36
C UNK G 815 61.23 -50.56 -1.56
N UNK G 816 61.27 -51.30 -0.44
CA UNK G 816 61.14 -52.75 -0.43
C UNK G 816 60.91 -53.22 1.00
N UNK G 817 61.20 -52.31 1.93
CA UNK G 817 61.24 -52.63 3.35
C UNK G 817 59.87 -52.63 4.01
N UNK G 818 58.81 -52.62 3.21
CA UNK G 818 57.46 -52.69 3.74
C UNK G 818 57.26 -54.04 4.38
N UNK G 819 56.95 -55.03 3.55
CA UNK G 819 56.81 -56.39 4.04
C UNK G 819 58.15 -57.08 3.94
N UNK G 820 58.07 -58.40 3.75
CA UNK G 820 59.19 -59.34 3.64
C UNK G 820 60.07 -59.42 4.88
N UNK G 821 60.72 -60.57 5.01
CA UNK G 821 61.67 -60.79 6.08
C UNK G 821 63.08 -60.65 5.52
N UNK G 822 63.22 -59.81 4.50
CA UNK G 822 64.52 -59.57 3.88
C UNK G 822 65.26 -58.48 4.65
N UNK G 823 65.62 -58.80 5.89
CA UNK G 823 66.36 -57.95 6.81
C UNK G 823 65.75 -56.57 7.05
N UNK G 824 64.42 -56.46 6.95
CA UNK G 824 63.72 -55.19 7.17
C UNK G 824 62.23 -55.41 7.37
N UNK G 825 61.55 -54.42 7.95
CA UNK G 825 60.11 -54.50 8.16
C UNK G 825 59.49 -53.12 8.37
N UNK G 826 58.16 -53.09 8.49
CA UNK G 826 57.46 -51.84 8.68
C UNK G 826 56.09 -52.05 9.31
N UNK G 827 55.77 -51.28 10.34
CA UNK G 827 54.42 -51.22 10.88
C UNK G 827 54.04 -49.75 10.93
N UNK G 828 53.25 -49.37 11.91
CA UNK G 828 52.76 -48.00 11.98
C UNK G 828 52.41 -47.56 13.38
N UNK G 829 53.33 -46.85 14.04
CA UNK G 829 53.07 -46.31 15.35
C UNK G 829 52.04 -45.22 15.24
N UNK G 830 50.97 -45.36 16.03
CA UNK G 830 49.75 -44.56 15.94
C UNK G 830 49.21 -44.56 14.52
N UNK G 831 49.23 -45.75 13.92
CA UNK G 831 48.70 -46.03 12.58
C UNK G 831 49.26 -45.16 11.45
N UNK G 832 50.46 -44.62 11.63
CA UNK G 832 51.05 -43.78 10.60
C UNK G 832 51.76 -44.64 9.55
N UNK G 833 53.07 -44.51 9.47
CA UNK G 833 53.89 -45.34 8.60
C UNK G 833 55.28 -45.37 9.18
N UNK G 834 55.80 -46.56 9.46
CA UNK G 834 57.09 -46.65 10.14
C UNK G 834 58.06 -47.54 9.37
N UNK G 835 59.21 -47.80 9.98
CA UNK G 835 60.23 -48.64 9.36
C UNK G 835 61.18 -49.25 10.40
N UNK G 836 61.45 -50.54 10.29
CA UNK G 836 62.33 -51.22 11.23
C UNK G 836 62.97 -52.48 10.67
N UNK G 837 63.82 -53.11 11.47
CA UNK G 837 64.48 -54.36 11.10
C UNK G 837 64.95 -55.09 12.35
N UNK G 838 64.23 -56.13 12.75
CA UNK G 838 64.52 -56.79 14.02
C UNK G 838 64.15 -58.27 14.03
N UNK G 839 64.05 -58.81 15.24
CA UNK G 839 63.98 -60.25 15.43
C UNK G 839 62.68 -60.76 16.06
N UNK G 840 62.51 -60.44 17.34
CA UNK G 840 61.38 -60.94 18.10
C UNK G 840 60.09 -60.23 17.74
N UNK G 841 60.19 -59.11 17.05
CA UNK G 841 59.04 -58.27 16.72
C UNK G 841 58.20 -58.78 15.55
N UNK G 842 58.38 -60.04 15.17
CA UNK G 842 57.68 -60.64 14.07
C UNK G 842 56.20 -60.76 14.39
N UNK G 843 55.91 -60.95 15.67
CA UNK G 843 54.55 -61.09 16.14
C UNK G 843 53.76 -59.82 15.94
N UNK G 844 54.44 -58.67 15.95
CA UNK G 844 53.78 -57.40 15.70
C UNK G 844 53.30 -57.38 14.27
N UNK G 845 54.15 -57.87 13.39
CA UNK G 845 53.82 -57.92 11.98
C UNK G 845 52.83 -59.03 11.73
N UNK G 846 52.94 -60.12 12.49
CA UNK G 846 52.10 -61.28 12.24
C UNK G 846 50.69 -61.07 12.76
N UNK G 847 50.53 -60.12 13.67
CA UNK G 847 49.22 -59.82 14.21
C UNK G 847 48.68 -58.55 13.59
N UNK G 848 49.51 -57.90 12.79
CA UNK G 848 49.15 -56.64 12.15
C UNK G 848 48.01 -56.82 11.16
N UNK G 849 48.22 -57.73 10.22
CA UNK G 849 47.24 -57.98 9.19
C UNK G 849 46.06 -58.78 9.74
N UNK G 850 46.33 -59.60 10.75
CA UNK G 850 45.32 -60.50 11.26
C UNK G 850 44.32 -59.77 12.13
N UNK G 851 44.62 -59.71 13.41
CA UNK G 851 43.69 -59.20 14.42
C UNK G 851 43.48 -57.70 14.32
N UNK G 852 44.56 -56.96 14.10
CA UNK G 852 44.47 -55.51 14.01
C UNK G 852 43.75 -55.12 12.73
N UNK G 853 44.23 -55.60 11.60
CA UNK G 853 43.59 -55.27 10.35
C UNK G 853 42.34 -56.12 10.11
N UNK G 854 41.21 -55.52 10.43
CA UNK G 854 39.91 -56.04 10.04
C UNK G 854 38.98 -54.85 10.05
N UNK G 855 37.69 -55.04 9.84
CA UNK G 855 36.72 -53.97 10.02
C UNK G 855 36.65 -53.63 11.49
N UNK G 856 36.90 -52.37 11.82
CA UNK G 856 37.09 -51.93 13.19
C UNK G 856 35.86 -52.12 14.06
N UNK G 857 34.68 -52.15 13.45
CA UNK G 857 33.47 -52.43 14.20
C UNK G 857 33.38 -53.91 14.48
N UNK G 858 33.97 -54.72 13.60
CA UNK G 858 33.91 -56.16 13.77
C UNK G 858 35.25 -56.67 14.30
N UNK G 859 36.06 -55.75 14.80
CA UNK G 859 37.45 -56.05 15.15
C UNK G 859 37.60 -57.05 16.29
N UNK G 860 36.80 -56.88 17.32
CA UNK G 860 37.01 -57.62 18.57
C UNK G 860 36.62 -59.08 18.49
N UNK G 861 35.65 -59.40 17.63
CA UNK G 861 35.00 -60.70 17.63
C UNK G 861 35.96 -61.82 17.28
N UNK G 862 36.93 -61.50 16.44
CA UNK G 862 37.95 -62.47 16.09
C UNK G 862 39.19 -62.22 16.92
N UNK G 863 39.26 -61.03 17.50
CA UNK G 863 40.37 -60.70 18.38
C UNK G 863 40.16 -61.45 19.66
N UNK G 864 38.89 -61.66 19.99
CA UNK G 864 38.53 -62.44 21.15
C UNK G 864 38.46 -63.92 20.79
N UNK G 865 38.66 -64.24 19.52
CA UNK G 865 38.61 -65.64 19.13
C UNK G 865 39.87 -66.34 19.57
N UNK G 866 40.92 -66.24 18.77
CA UNK G 866 42.15 -66.99 19.02
C UNK G 866 42.93 -66.44 20.22
N UNK G 867 42.37 -66.61 21.42
CA UNK G 867 42.95 -66.01 22.61
C UNK G 867 44.16 -66.77 23.09
N UNK G 868 44.01 -68.06 23.30
CA UNK G 868 45.04 -68.86 23.93
C UNK G 868 46.26 -69.06 23.03
N UNK G 869 46.05 -68.95 21.72
CA UNK G 869 47.17 -69.02 20.81
C UNK G 869 47.90 -67.70 20.83
N UNK G 870 47.19 -66.65 21.18
CA UNK G 870 47.77 -65.33 21.26
C UNK G 870 48.05 -64.97 22.70
N UNK G 871 48.10 -65.97 23.57
CA UNK G 871 48.37 -65.72 24.97
C UNK G 871 49.83 -65.98 25.26
N UNK G 872 50.24 -67.22 25.00
CA UNK G 872 51.62 -67.65 25.22
C UNK G 872 52.54 -66.96 24.24
N UNK G 873 52.00 -66.61 23.09
CA UNK G 873 52.68 -65.76 22.14
C UNK G 873 52.92 -64.41 22.79
N UNK G 874 51.87 -63.86 23.41
CA UNK G 874 51.97 -62.55 24.02
C UNK G 874 52.81 -62.60 25.28
N UNK G 875 52.86 -63.75 25.93
CA UNK G 875 53.57 -63.85 27.19
C UNK G 875 55.00 -64.33 26.97
N UNK G 876 55.39 -64.48 25.72
CA UNK G 876 56.75 -64.89 25.42
C UNK G 876 57.21 -64.32 24.10
N UNK G 877 57.26 -63.00 24.00
CA UNK G 877 57.76 -62.33 22.80
C UNK G 877 58.22 -60.91 23.09
N UNK G 878 57.24 -60.01 23.08
CA UNK G 878 57.50 -58.57 23.12
C UNK G 878 58.03 -58.12 24.47
N UNK G 879 57.15 -57.64 25.31
CA UNK G 879 57.59 -57.01 26.54
C UNK G 879 56.53 -57.07 27.63
N UNK G 880 55.63 -58.03 27.55
CA UNK G 880 54.54 -58.09 28.52
C UNK G 880 53.93 -59.45 28.65
N UNK G 881 52.79 -59.50 29.31
CA UNK G 881 52.01 -60.73 29.46
C UNK G 881 50.56 -60.39 29.76
N UNK G 882 49.76 -61.42 30.03
CA UNK G 882 48.36 -61.22 30.40
C UNK G 882 48.22 -61.14 31.91
N UNK G 883 49.09 -60.34 32.52
CA UNK G 883 49.09 -60.00 33.94
C UNK G 883 49.10 -61.21 34.87
N UNK G 884 50.29 -61.74 35.13
CA UNK G 884 50.49 -62.79 36.12
C UNK G 884 51.96 -62.88 36.52
N UNK G 885 52.24 -63.71 37.52
CA UNK G 885 53.61 -64.06 37.94
C UNK G 885 53.71 -65.57 38.14
N UNK G 886 54.93 -66.09 38.10
CA UNK G 886 55.22 -67.53 38.01
C UNK G 886 54.46 -68.17 36.85
N UNK G 887 53.17 -68.49 37.03
CA UNK G 887 52.36 -69.07 35.96
C UNK G 887 51.51 -68.01 35.27
N UNK G 888 50.36 -68.40 34.72
CA UNK G 888 49.50 -67.46 33.99
C UNK G 888 48.06 -67.93 33.84
N UNK G 889 47.12 -67.01 33.94
CA UNK G 889 45.71 -67.30 33.64
C UNK G 889 44.97 -66.01 33.27
N UNK G 890 43.65 -66.09 33.15
CA UNK G 890 42.85 -64.89 32.89
C UNK G 890 42.78 -64.03 34.16
N UNK G 891 43.10 -62.74 34.03
CA UNK G 891 43.40 -61.90 35.19
C UNK G 891 42.21 -61.49 36.05
N UNK G 892 41.03 -62.02 35.77
CA UNK G 892 39.89 -61.83 36.66
C UNK G 892 39.91 -62.93 37.71
N UNK G 893 40.77 -63.91 37.49
CA UNK G 893 40.85 -65.06 38.38
C UNK G 893 42.18 -65.10 39.10
N UNK G 894 42.53 -64.00 39.75
CA UNK G 894 43.78 -63.94 40.47
C UNK G 894 43.55 -64.09 41.97
N UNK G 895 44.49 -64.70 42.66
CA UNK G 895 44.46 -64.77 44.12
C UNK G 895 44.80 -63.40 44.67
N UNK G 896 44.04 -62.93 45.67
CA UNK G 896 43.97 -61.52 46.04
C UNK G 896 45.29 -60.92 46.48
N UNK G 897 46.11 -61.71 47.13
CA UNK G 897 47.39 -61.20 47.52
C UNK G 897 48.34 -61.22 46.35
N UNK G 898 48.18 -62.25 45.52
CA UNK G 898 49.23 -62.67 44.57
C UNK G 898 49.57 -61.64 43.52
N UNK G 899 48.64 -60.74 43.24
CA UNK G 899 48.86 -59.69 42.27
C UNK G 899 49.89 -58.69 42.76
N UNK G 900 49.97 -58.51 44.08
CA UNK G 900 50.87 -57.52 44.66
C UNK G 900 52.31 -57.96 44.51
N UNK G 901 52.54 -59.25 44.68
CA UNK G 901 53.87 -59.79 44.47
C UNK G 901 54.13 -59.85 42.97
N UNK G 902 53.06 -60.01 42.20
CA UNK G 902 53.17 -59.99 40.75
C UNK G 902 53.50 -58.58 40.26
N UNK G 903 53.06 -57.58 41.00
CA UNK G 903 53.33 -56.20 40.68
C UNK G 903 54.80 -55.89 40.84
N UNK G 904 55.36 -56.31 41.97
CA UNK G 904 56.77 -56.11 42.26
C UNK G 904 57.63 -56.95 41.35
N UNK G 905 57.07 -58.06 40.90
CA UNK G 905 57.70 -58.90 39.91
C UNK G 905 57.81 -58.15 38.60
N UNK G 906 56.82 -57.30 38.32
CA UNK G 906 56.84 -56.51 37.11
C UNK G 906 57.25 -55.09 37.41
N UNK G 907 57.99 -54.91 38.49
CA UNK G 907 58.45 -53.58 38.86
C UNK G 907 59.96 -53.48 38.80
N UNK G 908 60.59 -53.62 39.97
CA UNK G 908 62.01 -53.36 40.12
C UNK G 908 62.90 -54.45 39.56
N UNK G 909 64.09 -54.54 40.13
CA UNK G 909 65.08 -55.54 39.76
C UNK G 909 66.13 -55.61 40.85
N UNK G 910 67.38 -55.81 40.44
CA UNK G 910 68.50 -55.73 41.35
C UNK G 910 68.74 -54.27 41.71
N UNK G 911 68.40 -53.37 40.80
CA UNK G 911 68.55 -51.94 41.03
C UNK G 911 67.44 -51.41 41.92
N UNK G 912 66.64 -50.48 41.40
CA UNK G 912 65.61 -49.84 42.21
C UNK G 912 64.47 -49.22 41.39
N UNK G 913 63.47 -50.03 41.08
CA UNK G 913 62.21 -49.64 40.43
C UNK G 913 62.36 -48.95 39.08
N UNK G 914 61.22 -48.61 38.49
CA UNK G 914 61.22 -47.88 37.23
C UNK G 914 61.25 -46.40 37.57
N UNK G 915 60.32 -45.64 37.02
CA UNK G 915 60.28 -44.21 37.28
C UNK G 915 59.58 -43.91 38.59
N UNK G 916 58.77 -42.86 38.59
CA UNK G 916 58.03 -42.49 39.79
C UNK G 916 56.56 -42.77 39.56
N UNK G 917 56.19 -42.85 38.30
CA UNK G 917 54.80 -43.08 37.90
C UNK G 917 54.34 -44.48 38.26
N UNK G 918 55.29 -45.39 38.43
CA UNK G 918 54.96 -46.71 38.92
C UNK G 918 55.15 -46.75 40.42
N UNK G 919 56.00 -45.86 40.91
CA UNK G 919 56.40 -45.85 42.33
C UNK G 919 55.24 -45.49 43.22
N UNK G 920 54.30 -44.72 42.70
CA UNK G 920 53.10 -44.43 43.46
C UNK G 920 51.97 -45.31 42.97
N UNK G 921 52.19 -45.97 41.83
CA UNK G 921 51.17 -46.86 41.29
C UNK G 921 51.14 -48.15 42.10
N UNK G 922 52.26 -48.47 42.74
CA UNK G 922 52.28 -49.55 43.69
C UNK G 922 51.50 -49.12 44.92
N UNK G 923 51.73 -47.87 45.32
CA UNK G 923 51.08 -47.30 46.49
C UNK G 923 49.68 -46.81 46.17
N UNK G 924 48.84 -47.75 45.77
CA UNK G 924 47.41 -47.52 45.56
C UNK G 924 46.84 -48.92 45.53
N UNK G 925 47.57 -49.79 44.83
CA UNK G 925 47.22 -51.20 44.76
C UNK G 925 47.38 -51.79 46.14
N UNK G 926 48.44 -51.39 46.82
CA UNK G 926 48.70 -51.83 48.17
C UNK G 926 47.69 -51.20 49.11
N UNK G 927 47.27 -49.99 48.75
CA UNK G 927 46.30 -49.27 49.56
C UNK G 927 44.95 -49.94 49.49
N UNK G 928 44.50 -50.23 48.26
CA UNK G 928 43.19 -50.82 48.05
C UNK G 928 43.12 -52.24 48.58
N UNK G 929 44.24 -52.95 48.52
CA UNK G 929 44.31 -54.30 49.06
C UNK G 929 44.33 -54.27 50.58
N UNK G 930 44.69 -53.12 51.15
CA UNK G 930 44.58 -52.91 52.58
C UNK G 930 43.24 -52.30 52.90
N UNK G 931 42.47 -52.02 51.85
CA UNK G 931 41.21 -51.32 52.03
C UNK G 931 39.98 -52.19 51.81
N UNK G 932 40.06 -53.17 50.91
CA UNK G 932 38.90 -53.99 50.62
C UNK G 932 38.65 -54.92 51.79
N UNK G 933 39.66 -55.70 52.13
CA UNK G 933 39.60 -56.42 53.38
C UNK G 933 39.85 -55.38 54.46
N UNK G 934 38.79 -54.98 55.17
CA UNK G 934 38.88 -53.98 56.24
C UNK G 934 37.67 -53.96 57.15
N UNK G 935 37.57 -52.90 57.95
CA UNK G 935 36.46 -52.69 58.89
C UNK G 935 36.31 -51.21 59.29
N UNK G 936 36.09 -50.94 60.57
CA UNK G 936 35.84 -49.59 61.05
C UNK G 936 37.12 -48.76 61.27
N UNK G 937 37.49 -48.49 62.52
CA UNK G 937 38.57 -47.57 62.83
C UNK G 937 39.93 -48.23 63.08
N UNK G 938 40.95 -47.76 62.35
CA UNK G 938 42.31 -48.29 62.43
C UNK G 938 43.28 -47.35 61.72
N UNK G 939 42.81 -46.81 60.60
CA UNK G 939 43.49 -45.80 59.78
C UNK G 939 44.87 -46.19 59.24
N UNK G 940 44.86 -46.70 58.00
CA UNK G 940 46.04 -46.80 57.12
C UNK G 940 47.19 -47.68 57.60
N UNK G 941 48.18 -47.83 56.73
CA UNK G 941 49.36 -48.60 57.06
C UNK G 941 50.55 -48.02 56.33
N UNK G 942 50.70 -48.36 55.06
CA UNK G 942 51.77 -47.80 54.26
C UNK G 942 51.43 -46.34 54.00
N UNK G 943 52.28 -45.43 54.49
CA UNK G 943 51.94 -44.01 54.45
C UNK G 943 53.12 -43.11 54.12
N UNK G 944 54.21 -43.67 53.60
CA UNK G 944 55.39 -42.86 53.33
C UNK G 944 56.04 -43.17 51.99
N UNK G 945 55.65 -44.29 51.40
CA UNK G 945 56.13 -44.75 50.09
C UNK G 945 57.64 -44.88 50.01
N UNK G 946 58.18 -45.84 50.74
CA UNK G 946 59.59 -46.15 50.67
C UNK G 946 59.84 -47.07 49.49
N UNK G 947 58.77 -47.73 49.05
CA UNK G 947 58.76 -48.74 48.00
C UNK G 947 59.79 -49.82 48.27
N UNK G 948 59.65 -50.47 49.41
CA UNK G 948 60.59 -51.50 49.83
C UNK G 948 60.43 -52.76 48.98
N UNK G 949 61.48 -53.06 48.23
CA UNK G 949 61.46 -54.14 47.27
C UNK G 949 61.34 -55.49 47.94
N UNK G 950 60.11 -55.99 47.98
CA UNK G 950 59.77 -57.35 48.39
C UNK G 950 60.26 -57.71 49.78
N UNK G 951 60.02 -56.81 50.72
CA UNK G 951 60.35 -57.11 52.10
C UNK G 951 59.31 -56.46 52.99
N UNK G 952 58.60 -55.49 52.43
CA UNK G 952 57.47 -54.88 53.12
C UNK G 952 56.21 -55.52 52.63
N UNK G 953 56.36 -56.54 51.79
CA UNK G 953 55.26 -57.28 51.20
C UNK G 953 54.43 -57.95 52.28
N UNK G 954 54.96 -59.04 52.83
CA UNK G 954 54.32 -59.78 53.91
C UNK G 954 54.18 -58.97 55.20
N UNK G 955 54.96 -57.89 55.31
CA UNK G 955 54.77 -56.92 56.36
C UNK G 955 53.43 -56.19 56.21
N UNK G 956 52.85 -56.21 55.01
CA UNK G 956 51.46 -55.79 54.82
C UNK G 956 50.59 -56.97 54.41
N UNK G 957 51.15 -57.84 53.57
CA UNK G 957 50.40 -58.97 53.01
C UNK G 957 50.07 -59.99 54.09
N UNK G 958 51.09 -60.49 54.77
CA UNK G 958 50.86 -61.44 55.84
C UNK G 958 50.47 -60.71 57.12
N UNK G 959 50.49 -59.39 57.10
CA UNK G 959 49.88 -58.61 58.17
C UNK G 959 48.39 -58.84 58.10
N UNK G 960 47.71 -58.17 57.18
CA UNK G 960 46.30 -58.44 56.96
C UNK G 960 46.20 -59.77 56.22
N UNK G 961 46.22 -60.86 56.99
CA UNK G 961 46.48 -62.17 56.44
C UNK G 961 45.24 -63.00 56.17
N UNK G 962 44.71 -62.89 54.97
CA UNK G 962 43.57 -63.70 54.55
C UNK G 962 43.50 -63.71 53.04
N UNK G 963 44.10 -62.70 52.43
CA UNK G 963 43.94 -62.47 51.02
C UNK G 963 44.90 -63.30 50.17
N UNK G 964 45.68 -64.14 50.83
CA UNK G 964 46.46 -65.13 50.11
C UNK G 964 45.62 -66.38 49.96
N UNK G 965 44.42 -66.33 50.53
CA UNK G 965 43.46 -67.40 50.41
C UNK G 965 42.26 -66.96 49.60
N UNK G 966 42.11 -65.66 49.41
CA UNK G 966 40.96 -65.16 48.67
C UNK G 966 41.29 -64.91 47.20
N UNK G 967 40.28 -65.02 46.36
CA UNK G 967 40.41 -64.67 44.97
C UNK G 967 40.07 -63.19 44.81
N UNK G 968 40.55 -62.57 43.74
CA UNK G 968 40.36 -61.14 43.53
C UNK G 968 38.90 -60.82 43.25
N UNK G 969 38.47 -59.65 43.68
CA UNK G 969 37.07 -59.28 43.65
C UNK G 969 36.49 -59.14 42.26
N UNK G 970 35.17 -59.24 42.19
CA UNK G 970 34.47 -59.01 40.95
C UNK G 970 34.54 -57.54 40.64
N UNK G 971 34.43 -56.75 41.68
CA UNK G 971 34.45 -55.31 41.56
C UNK G 971 35.86 -54.81 41.35
N UNK G 972 36.67 -54.91 42.41
CA UNK G 972 37.96 -54.23 42.52
C UNK G 972 39.02 -54.50 41.45
N UNK G 973 38.77 -55.49 40.61
CA UNK G 973 39.64 -55.77 39.49
C UNK G 973 39.59 -54.65 38.45
N UNK G 974 38.44 -53.97 38.37
CA UNK G 974 38.26 -52.92 37.39
C UNK G 974 39.11 -51.70 37.73
N UNK G 975 39.42 -51.53 39.01
CA UNK G 975 40.33 -50.47 39.44
C UNK G 975 41.74 -50.81 38.98
N UNK G 976 42.04 -52.10 38.88
CA UNK G 976 43.32 -52.55 38.34
C UNK G 976 43.31 -52.54 36.83
N UNK G 977 42.15 -52.26 36.25
CA UNK G 977 42.06 -52.00 34.83
C UNK G 977 42.13 -50.49 34.63
N UNK G 978 41.47 -49.74 35.50
CA UNK G 978 41.36 -48.30 35.36
C UNK G 978 42.65 -47.56 35.68
N UNK G 979 43.30 -47.95 36.77
CA UNK G 979 44.55 -47.30 37.18
C UNK G 979 45.69 -47.68 36.24
N UNK G 980 45.50 -48.75 35.49
CA UNK G 980 46.41 -49.10 34.42
C UNK G 980 46.30 -48.05 33.34
N UNK G 981 45.09 -47.83 32.86
CA UNK G 981 44.89 -46.96 31.72
C UNK G 981 44.70 -45.50 32.12
N UNK G 982 44.90 -45.20 33.39
CA UNK G 982 44.81 -43.82 33.84
C UNK G 982 46.02 -43.06 33.35
N UNK G 983 45.78 -41.88 32.81
CA UNK G 983 46.86 -41.06 32.30
C UNK G 983 47.55 -40.30 33.43
N UNK G 984 48.30 -39.27 33.05
CA UNK G 984 49.19 -38.50 33.93
C UNK G 984 50.16 -39.41 34.67
N UNK G 985 50.64 -40.43 33.97
CA UNK G 985 51.62 -41.36 34.51
C UNK G 985 52.57 -41.68 33.38
N UNK G 986 53.18 -42.86 33.42
CA UNK G 986 54.03 -43.28 32.34
C UNK G 986 53.22 -44.22 31.49
N UNK G 987 53.90 -45.07 30.74
CA UNK G 987 53.22 -46.17 30.09
C UNK G 987 53.35 -47.38 30.99
N UNK G 988 52.29 -48.19 31.09
CA UNK G 988 52.36 -49.39 31.90
C UNK G 988 53.13 -50.46 31.14
N UNK G 989 53.98 -51.20 31.82
CA UNK G 989 54.78 -52.24 31.17
C UNK G 989 53.92 -53.42 30.78
N UNK G 990 53.06 -53.83 31.69
CA UNK G 990 52.22 -55.00 31.48
C UNK G 990 51.07 -54.71 30.52
N UNK G 991 50.86 -55.60 29.55
CA UNK G 991 49.67 -55.55 28.70
C UNK G 991 48.50 -55.85 29.60
N UNK G 992 47.72 -54.82 29.88
CA UNK G 992 46.81 -54.82 31.02
C UNK G 992 45.69 -55.83 30.95
N UNK G 993 45.21 -56.13 29.75
CA UNK G 993 44.08 -57.04 29.64
C UNK G 993 44.03 -57.72 28.29
N UNK G 994 43.54 -58.95 28.28
CA UNK G 994 43.57 -59.77 27.09
C UNK G 994 42.47 -59.43 26.10
N UNK G 995 41.54 -58.57 26.49
CA UNK G 995 40.41 -58.27 25.62
C UNK G 995 39.85 -56.87 25.82
N UNK G 996 40.68 -55.95 26.28
CA UNK G 996 40.26 -54.55 26.38
C UNK G 996 40.76 -53.80 25.15
N UNK G 997 41.61 -54.48 24.38
CA UNK G 997 42.24 -53.98 23.15
C UNK G 997 42.96 -52.66 23.38
N UNK G 998 44.12 -52.73 24.03
CA UNK G 998 44.78 -51.50 24.49
C UNK G 998 46.26 -51.46 24.18
N UNK G 999 46.67 -52.07 23.07
CA UNK G 999 48.09 -52.23 22.80
C UNK G 999 48.75 -50.95 22.32
N UNK G 1076 80.56 -20.36 10.27
CA UNK G 1076 81.61 -19.63 9.58
C UNK G 1076 81.16 -19.26 8.17
N UNK G 1077 80.40 -18.17 8.07
CA UNK G 1077 79.91 -17.68 6.79
C UNK G 1077 79.57 -16.20 6.95
N UNK G 1078 79.38 -15.51 5.83
CA UNK G 1078 78.96 -14.11 5.86
C UNK G 1078 77.52 -14.06 6.34
N UNK G 1079 76.60 -14.19 5.39
CA UNK G 1079 75.19 -14.27 5.73
C UNK G 1079 74.47 -15.04 4.63
N UNK G 1080 73.29 -14.56 4.26
CA UNK G 1080 72.61 -15.06 3.08
C UNK G 1080 72.09 -13.83 2.32
N UNK G 1081 72.48 -13.73 1.05
CA UNK G 1081 72.23 -12.57 0.17
C UNK G 1081 72.79 -11.25 0.72
N UNK G 1082 73.96 -10.88 0.22
CA UNK G 1082 74.64 -9.62 0.61
C UNK G 1082 74.96 -8.77 -0.61
N UNK G 1083 75.57 -7.60 -0.40
CA UNK G 1083 75.80 -6.66 -1.50
C UNK G 1083 77.16 -5.96 -1.39
N UNK G 1084 77.90 -6.25 -0.33
CA UNK G 1084 79.22 -5.64 -0.14
C UNK G 1084 80.23 -6.31 -1.04
N UNK G 1085 80.19 -5.99 -2.34
CA UNK G 1085 81.05 -6.65 -3.32
C UNK G 1085 81.71 -5.67 -4.29
N UNK G 1086 82.92 -5.21 -3.94
CA UNK G 1086 83.68 -4.31 -4.78
C UNK G 1086 85.16 -4.37 -4.39
N UNK G 1087 85.69 -3.26 -3.91
CA UNK G 1087 87.06 -3.19 -3.42
C UNK G 1087 87.09 -3.20 -1.88
N UNK G 1088 86.10 -3.86 -1.29
CA UNK G 1088 85.97 -4.09 0.16
C UNK G 1088 85.90 -2.77 0.95
N UNK G 1089 86.45 -2.76 2.18
CA UNK G 1089 86.52 -1.53 2.96
C UNK G 1089 87.94 -0.94 2.92
N UNK G 1090 88.83 -1.51 3.73
CA UNK G 1090 90.29 -1.30 3.69
C UNK G 1090 90.76 0.16 3.82
N UNK G 1091 90.96 0.82 2.69
CA UNK G 1091 91.61 2.14 2.67
C UNK G 1091 90.77 3.27 3.28
N UNK G 1092 91.36 3.98 4.23
CA UNK G 1092 90.68 5.08 4.92
C UNK G 1092 91.63 6.25 5.17
N UNK G 1093 92.67 5.99 5.97
CA UNK G 1093 93.70 6.97 6.37
C UNK G 1093 93.08 8.23 6.95
N UNK G 1094 92.73 9.13 6.05
CA UNK G 1094 91.93 10.29 6.39
C UNK G 1094 90.48 10.00 6.04
N UNK G 1095 89.86 9.10 6.79
CA UNK G 1095 88.46 8.74 6.58
C UNK G 1095 87.54 9.89 6.95
N UNK G 1096 86.36 9.93 6.34
CA UNK G 1096 85.43 11.03 6.59
C UNK G 1096 83.97 10.62 6.47
N UNK G 1097 83.18 11.50 5.85
CA UNK G 1097 81.74 11.35 5.60
C UNK G 1097 80.93 11.19 6.89
N UNK G 1098 80.28 12.28 7.27
CA UNK G 1098 79.45 12.32 8.48
C UNK G 1098 78.07 11.69 8.23
N UNK G 1099 77.17 11.88 9.19
CA UNK G 1099 75.93 11.12 9.20
C UNK G 1099 74.66 11.95 9.06
N UNK G 1100 73.55 11.23 8.91
CA UNK G 1100 72.22 11.82 8.81
C UNK G 1100 71.14 10.77 9.11
N UNK G 1101 70.73 10.01 8.10
CA UNK G 1101 69.70 8.99 8.25
C UNK G 1101 70.28 7.58 8.02
N UNK G 1102 70.81 7.33 6.82
CA UNK G 1102 71.63 6.15 6.49
C UNK G 1102 71.03 4.74 6.69
N UNK G 1103 70.41 4.50 7.84
CA UNK G 1103 69.70 3.26 8.20
C UNK G 1103 70.55 1.98 8.22
N UNK G 1104 71.49 1.92 9.17
CA UNK G 1104 72.22 0.71 9.56
C UNK G 1104 72.96 -0.01 8.46
N UNK G 1105 73.34 -1.26 8.74
CA UNK G 1105 73.95 -2.20 7.79
C UNK G 1105 75.19 -1.68 7.07
N UNK G 1106 74.96 -0.73 6.18
CA UNK G 1106 76.00 -0.09 5.39
C UNK G 1106 76.99 0.64 6.28
N UNK G 1107 76.51 1.24 7.37
CA UNK G 1107 77.37 1.93 8.32
C UNK G 1107 78.25 0.91 9.00
N UNK G 1108 77.69 -0.28 9.21
CA UNK G 1108 78.48 -1.39 9.69
C UNK G 1108 79.27 -1.98 8.52
N UNK G 1109 78.77 -1.85 7.31
CA UNK G 1109 79.48 -2.41 6.16
C UNK G 1109 80.59 -1.48 5.69
N UNK G 1110 80.49 -0.20 5.99
CA UNK G 1110 81.57 0.72 5.68
C UNK G 1110 82.71 0.47 6.65
N UNK G 1111 82.32 0.09 7.86
CA UNK G 1111 83.26 -0.21 8.93
C UNK G 1111 84.11 -1.42 8.61
N UNK G 1112 83.52 -2.39 7.93
CA UNK G 1112 84.25 -3.60 7.60
C UNK G 1112 83.68 -4.27 6.36
N UNK G 1113 84.59 -4.59 5.44
CA UNK G 1113 84.28 -5.41 4.28
C UNK G 1113 85.56 -6.15 3.93
N UNK G 1114 85.50 -7.48 3.88
CA UNK G 1114 86.64 -8.38 3.64
C UNK G 1114 87.85 -8.10 4.55
N UNK G 1115 87.84 -8.65 5.76
CA UNK G 1115 88.94 -8.45 6.69
C UNK G 1115 89.01 -9.60 7.67
N UNK G 1116 89.63 -9.36 8.83
CA UNK G 1116 89.79 -10.41 9.82
C UNK G 1116 89.92 -9.89 11.24
N UNK G 1117 89.01 -10.35 12.08
CA UNK G 1117 89.01 -10.16 13.53
C UNK G 1117 89.05 -8.71 13.96
N UNK G 1118 90.27 -8.15 13.99
CA UNK G 1118 90.56 -6.88 14.64
C UNK G 1118 89.88 -5.66 14.02
N UNK G 1119 89.32 -5.82 12.82
CA UNK G 1119 88.58 -4.74 12.20
C UNK G 1119 87.24 -5.25 11.72
N UNK G 1120 87.03 -6.55 11.83
CA UNK G 1120 85.82 -7.15 11.27
C UNK G 1120 84.89 -7.65 12.36
N UNK G 1121 85.23 -7.34 13.61
CA UNK G 1121 84.38 -7.73 14.72
C UNK G 1121 83.19 -6.79 14.86
N UNK G 1122 83.38 -5.53 14.47
CA UNK G 1122 82.38 -4.47 14.69
C UNK G 1122 81.19 -4.49 13.73
N UNK G 1123 80.83 -5.68 13.26
CA UNK G 1123 79.63 -5.91 12.45
C UNK G 1123 79.44 -7.42 12.45
N UNK G 1124 80.41 -8.11 13.04
CA UNK G 1124 80.33 -9.54 13.22
C UNK G 1124 79.29 -9.86 14.28
N UNK G 1125 79.17 -8.95 15.23
CA UNK G 1125 78.15 -9.04 16.26
C UNK G 1125 76.79 -8.74 15.65
N UNK G 1126 76.05 -9.79 15.34
CA UNK G 1126 74.73 -9.63 14.77
C UNK G 1126 73.71 -10.39 15.61
N UNK G 1127 74.19 -11.23 16.51
CA UNK G 1127 73.30 -11.98 17.39
C UNK G 1127 74.00 -12.38 18.68
N UNK G 1128 75.02 -13.22 18.55
CA UNK G 1128 75.64 -13.82 19.72
C UNK G 1128 76.94 -13.12 20.12
N UNK G 1129 76.90 -12.41 21.24
CA UNK G 1129 78.11 -11.83 21.79
C UNK G 1129 78.90 -12.93 22.44
N UNK G 1130 78.18 -13.78 23.17
CA UNK G 1130 78.70 -14.98 23.84
C UNK G 1130 79.82 -14.74 24.86
N UNK G 1131 79.78 -13.62 25.55
CA UNK G 1131 80.61 -13.45 26.74
C UNK G 1131 79.97 -14.31 27.82
N UNK G 1132 80.69 -15.35 28.24
CA UNK G 1132 80.21 -16.43 29.11
C UNK G 1132 78.99 -17.15 28.53
N UNK G 1133 78.22 -17.81 29.39
CA UNK G 1133 77.15 -18.71 28.94
C UNK G 1133 75.85 -17.99 28.62
N UNK G 1134 75.88 -17.19 27.54
CA UNK G 1134 74.69 -16.52 26.99
C UNK G 1134 75.04 -15.98 25.61
N UNK G 1135 74.38 -14.89 25.23
CA UNK G 1135 74.59 -14.22 23.95
C UNK G 1135 73.91 -12.86 23.99
N UNK G 1136 74.41 -11.87 23.24
CA UNK G 1136 73.82 -10.53 23.28
C UNK G 1136 74.13 -9.61 22.09
N UNK G 1137 74.98 -10.06 21.17
CA UNK G 1137 75.57 -9.23 20.10
C UNK G 1137 76.28 -7.94 20.57
N UNK G 1138 75.49 -6.93 20.94
CA UNK G 1138 75.94 -5.60 21.39
C UNK G 1138 76.78 -4.82 20.36
N UNK G 1139 77.36 -3.73 20.84
CA UNK G 1139 78.11 -2.73 20.05
C UNK G 1139 77.28 -2.11 18.93
N UNK G 1140 76.80 -0.89 19.17
CA UNK G 1140 75.94 -0.18 18.22
C UNK G 1140 76.34 1.29 18.05
N UNK G 1141 76.31 1.75 16.81
CA UNK G 1141 76.73 3.10 16.49
C UNK G 1141 76.09 3.64 15.19
N UNK G 1142 75.24 4.65 15.31
CA UNK G 1142 74.61 5.31 14.15
C UNK G 1142 74.08 6.72 14.49
N UNK G 1143 74.97 7.66 14.75
CA UNK G 1143 74.58 8.97 15.24
C UNK G 1143 74.98 10.13 14.33
N UNK G 1144 76.17 10.70 14.55
CA UNK G 1144 76.63 11.88 13.79
C UNK G 1144 78.16 12.05 13.78
N UNK G 1145 78.75 11.87 12.60
CA UNK G 1145 80.19 12.09 12.27
C UNK G 1145 81.20 11.18 12.97
N UNK G 1146 82.13 10.64 12.18
CA UNK G 1146 83.16 9.70 12.67
C UNK G 1146 84.31 9.57 11.67
N UNK G 1147 85.38 8.89 12.07
CA UNK G 1147 86.53 8.66 11.19
C UNK G 1147 87.37 7.45 11.60
N UNK G 1148 88.37 7.13 10.79
CA UNK G 1148 89.14 5.90 10.97
C UNK G 1148 90.64 6.05 10.68
N UNK G 1149 91.45 5.19 11.30
CA UNK G 1149 92.89 5.19 11.08
C UNK G 1149 93.23 4.48 9.78
N UNK G 1150 94.13 3.49 9.86
CA UNK G 1150 94.56 2.77 8.67
C UNK G 1150 95.04 1.36 9.00
N UNK G 1151 95.36 0.61 7.95
CA UNK G 1151 95.97 -0.73 8.00
C UNK G 1151 95.15 -1.80 8.74
N UNK G 1152 95.73 -3.00 8.78
CA UNK G 1152 95.08 -4.15 9.39
C UNK G 1152 95.18 -4.09 10.92
N UNK G 1153 96.32 -4.48 11.46
CA UNK G 1153 96.51 -4.55 12.91
C UNK G 1153 96.96 -3.22 13.51
N UNK G 1154 96.82 -2.16 12.72
CA UNK G 1154 97.08 -0.82 13.19
C UNK G 1154 95.80 -0.01 13.11
N UNK G 1155 94.68 -0.71 13.01
CA UNK G 1155 93.40 -0.06 12.80
C UNK G 1155 92.88 0.66 14.05
N UNK G 1156 92.29 1.82 13.85
CA UNK G 1156 91.71 2.58 14.94
C UNK G 1156 90.61 3.50 14.44
N UNK G 1157 89.36 3.04 14.53
CA UNK G 1157 88.22 3.85 14.13
C UNK G 1157 87.71 4.63 15.32
N UNK G 1158 87.07 5.78 15.06
CA UNK G 1158 86.66 6.64 16.14
C UNK G 1158 85.44 7.46 15.78
N UNK G 1159 84.56 7.66 16.76
CA UNK G 1159 83.40 8.51 16.58
C UNK G 1159 83.61 9.82 17.30
N UNK G 1160 82.83 10.81 16.91
CA UNK G 1160 82.92 12.15 17.47
C UNK G 1160 81.61 12.89 17.21
N UNK G 1161 80.82 13.10 18.25
CA UNK G 1161 79.50 13.70 18.07
C UNK G 1161 79.19 14.72 19.14
N UNK G 1162 78.03 15.34 19.01
CA UNK G 1162 77.36 16.11 20.07
C UNK G 1162 78.13 17.30 20.66
N UNK G 1163 77.69 17.70 21.86
CA UNK G 1163 78.27 18.79 22.66
C UNK G 1163 78.39 20.10 21.89
N UNK G 1164 79.45 20.18 21.10
CA UNK G 1164 79.68 21.33 20.23
C UNK G 1164 80.10 20.85 18.88
N UNK G 1165 80.85 19.75 18.85
CA UNK G 1165 81.46 19.27 17.62
C UNK G 1165 81.87 17.79 17.66
N UNK G 1166 82.58 17.37 18.70
CA UNK G 1166 83.31 16.12 18.62
C UNK G 1166 83.51 15.36 19.93
N UNK G 1167 84.54 14.51 19.91
CA UNK G 1167 85.00 13.65 21.00
C UNK G 1167 83.94 12.66 21.49
N UNK G 1168 84.06 11.41 21.07
CA UNK G 1168 83.11 10.37 21.46
C UNK G 1168 83.67 8.95 21.31
N UNK G 1169 84.73 8.65 22.06
CA UNK G 1169 85.37 7.31 22.12
C UNK G 1169 85.85 6.73 20.78
N UNK G 1170 86.40 5.52 20.85
CA UNK G 1170 87.04 4.91 19.69
C UNK G 1170 87.13 3.41 19.84
N UNK G 1171 86.90 2.68 18.76
CA UNK G 1171 87.07 1.23 18.77
C UNK G 1171 88.45 0.86 18.26
N UNK G 1172 89.28 0.32 19.13
CA UNK G 1172 90.67 0.10 18.78
C UNK G 1172 91.17 -1.26 19.23
N UNK G 1173 91.79 -2.00 18.32
CA UNK G 1173 92.26 -3.35 18.60
C UNK G 1173 93.58 -3.32 19.35
N UNK G 1174 94.12 -4.51 19.60
CA UNK G 1174 95.28 -4.63 20.46
C UNK G 1174 96.29 -5.59 19.92
N UNK G 1175 97.32 -5.82 20.73
CA UNK G 1175 98.33 -6.80 20.44
C UNK G 1175 97.78 -8.18 20.73
N UNK G 1176 97.62 -8.47 22.02
CA UNK G 1176 97.10 -9.75 22.45
C UNK G 1176 95.62 -9.84 22.17
N UNK G 1177 94.80 -9.40 23.13
CA UNK G 1177 93.38 -9.64 23.02
C UNK G 1177 92.53 -8.60 23.74
N UNK G 1178 92.28 -7.48 23.08
CA UNK G 1178 91.33 -6.49 23.57
C UNK G 1178 90.86 -5.67 22.37
N UNK G 1179 89.75 -4.95 22.52
CA UNK G 1179 89.20 -4.18 21.42
C UNK G 1179 88.21 -3.09 21.85
N UNK G 1180 88.47 -2.35 22.91
CA UNK G 1180 87.42 -1.46 23.39
C UNK G 1180 87.89 -0.20 24.09
N UNK G 1181 86.97 0.77 24.19
CA UNK G 1181 87.14 2.03 24.91
C UNK G 1181 85.80 2.73 25.00
N UNK G 1182 85.59 3.51 26.05
CA UNK G 1182 84.40 4.34 26.18
C UNK G 1182 84.69 5.54 27.06
N UNK G 1183 84.88 6.70 26.45
CA UNK G 1183 85.23 7.90 27.18
C UNK G 1183 84.04 8.83 27.27
N UNK G 1184 84.00 9.65 28.31
CA UNK G 1184 82.96 10.65 28.50
C UNK G 1184 83.43 11.78 29.40
N UNK G 1185 83.10 13.02 29.04
CA UNK G 1185 83.46 14.16 29.84
C UNK G 1185 82.32 14.53 30.77
N UNK G 1186 82.23 15.82 31.12
CA UNK G 1186 81.09 16.43 31.81
C UNK G 1186 80.73 15.82 33.17
N UNK G 1187 81.35 16.32 34.24
CA UNK G 1187 81.01 15.89 35.59
C UNK G 1187 81.47 16.93 36.62
N UNK G 1188 82.78 17.14 36.66
CA UNK G 1188 83.39 18.11 37.55
C UNK G 1188 84.76 18.45 37.02
N UNK G 1189 85.47 17.41 36.57
CA UNK G 1189 86.79 17.58 35.96
C UNK G 1189 86.83 16.77 34.66
N UNK G 1190 86.42 17.39 33.57
CA UNK G 1190 86.06 16.69 32.33
C UNK G 1190 87.16 15.89 31.66
N UNK G 1191 87.42 14.70 32.17
CA UNK G 1191 88.34 13.74 31.58
C UNK G 1191 88.14 12.36 32.19
N UNK G 1192 87.55 11.43 31.46
CA UNK G 1192 87.36 10.06 31.96
C UNK G 1192 87.21 9.07 30.81
N UNK G 1193 87.64 7.83 31.02
CA UNK G 1193 87.54 6.81 29.97
C UNK G 1193 87.54 5.39 30.51
N UNK G 1194 86.41 4.70 30.38
CA UNK G 1194 86.31 3.32 30.85
C UNK G 1194 86.91 2.36 29.83
N UNK G 1195 86.84 1.06 30.12
CA UNK G 1195 87.50 0.06 29.28
C UNK G 1195 86.92 -1.35 29.37
N UNK G 1196 86.25 -1.79 28.31
CA UNK G 1196 85.79 -3.17 28.22
C UNK G 1196 86.90 -4.03 27.62
N UNK G 1197 86.61 -5.28 27.32
CA UNK G 1197 87.60 -6.16 26.68
C UNK G 1197 86.94 -7.07 25.64
N UNK G 1198 87.76 -7.70 24.80
CA UNK G 1198 87.26 -8.53 23.73
C UNK G 1198 88.32 -9.54 23.30
N UNK G 1199 87.92 -10.77 23.02
CA UNK G 1199 88.89 -11.82 22.73
C UNK G 1199 88.61 -12.59 21.44
N UNK G 1200 89.44 -12.37 20.43
CA UNK G 1200 89.32 -13.11 19.17
C UNK G 1200 90.16 -14.38 19.26
N UNK G 1201 89.59 -15.51 18.89
CA UNK G 1201 90.29 -16.78 19.01
C UNK G 1201 90.28 -17.57 17.71
N UNK G 1202 89.59 -17.05 16.69
CA UNK G 1202 89.55 -17.60 15.33
C UNK G 1202 89.07 -19.05 15.25
N UNK G 1203 87.86 -19.30 15.72
CA UNK G 1203 87.25 -20.62 15.58
C UNK G 1203 85.75 -20.49 15.43
N UNK G 1204 85.29 -20.54 14.17
CA UNK G 1204 83.88 -20.51 13.77
C UNK G 1204 83.12 -19.29 14.27
N UNK G 1205 82.46 -19.46 15.41
CA UNK G 1205 81.55 -18.43 15.91
C UNK G 1205 82.27 -17.20 16.44
N UNK G 1206 82.76 -16.36 15.52
CA UNK G 1206 83.21 -14.99 15.80
C UNK G 1206 84.32 -14.84 16.85
N UNK G 1207 84.01 -14.21 17.98
CA UNK G 1207 85.07 -13.81 18.90
C UNK G 1207 84.71 -13.58 20.38
N UNK G 1208 84.54 -12.31 20.74
CA UNK G 1208 84.82 -11.74 22.08
C UNK G 1208 84.35 -12.46 23.35
N UNK G 1209 85.12 -12.24 24.42
CA UNK G 1209 84.86 -12.83 25.73
C UNK G 1209 85.66 -12.10 26.81
N UNK G 1210 84.99 -11.71 27.90
CA UNK G 1210 85.67 -11.01 28.99
C UNK G 1210 84.92 -11.11 30.31
N UNK G 1211 85.56 -11.77 31.28
CA UNK G 1211 85.10 -11.71 32.65
C UNK G 1211 86.17 -10.97 33.43
N UNK G 1212 86.07 -10.98 34.76
CA UNK G 1212 86.91 -10.22 35.69
C UNK G 1212 86.91 -8.72 35.40
N UNK G 1213 85.81 -8.22 34.85
CA UNK G 1213 85.64 -6.80 34.64
C UNK G 1213 85.01 -6.29 35.91
N UNK G 1214 83.77 -5.81 35.83
CA UNK G 1214 82.94 -5.40 36.97
C UNK G 1214 83.61 -4.38 37.90
N UNK G 1215 84.67 -4.81 38.56
CA UNK G 1215 85.54 -3.95 39.36
C UNK G 1215 86.14 -2.81 38.52
N UNK G 1216 86.43 -3.08 37.25
CA UNK G 1216 86.91 -2.04 36.35
C UNK G 1216 85.79 -1.04 36.11
N UNK G 1217 84.57 -1.54 36.00
CA UNK G 1217 83.40 -0.68 35.86
C UNK G 1217 83.13 -0.01 37.18
N UNK G 1218 83.53 -0.67 38.26
CA UNK G 1218 83.44 -0.10 39.59
C UNK G 1218 84.65 0.81 39.85
N UNK G 1219 85.58 0.83 38.91
CA UNK G 1219 86.64 1.80 38.93
C UNK G 1219 86.37 2.83 37.82
N UNK G 1220 85.27 2.65 37.09
CA UNK G 1220 84.91 3.55 36.01
C UNK G 1220 83.92 4.58 36.46
N UNK G 1221 83.22 4.28 37.54
CA UNK G 1221 82.32 5.22 38.13
C UNK G 1221 82.97 5.72 39.40
N UNK G 1222 84.27 5.48 39.51
CA UNK G 1222 85.00 5.67 40.74
C UNK G 1222 85.14 7.11 41.17
N UNK G 1223 85.06 8.00 40.19
CA UNK G 1223 85.25 9.40 40.46
C UNK G 1223 84.31 10.19 39.58
N UNK G 1224 83.59 9.48 38.73
CA UNK G 1224 82.65 10.11 37.82
C UNK G 1224 81.47 10.57 38.64
N UNK G 1225 81.15 9.81 39.68
CA UNK G 1225 80.12 10.22 40.61
C UNK G 1225 80.79 10.75 41.87
N UNK G 1226 81.82 10.03 42.31
CA UNK G 1226 82.50 10.38 43.56
C UNK G 1226 83.55 11.44 43.35
N UNK G 1227 84.47 11.52 44.30
CA UNK G 1227 85.45 12.58 44.32
C UNK G 1227 86.80 12.18 43.74
N UNK G 1228 87.75 11.90 44.63
CA UNK G 1228 89.08 11.49 44.24
C UNK G 1228 89.72 10.77 45.42
N UNK G 1229 88.94 10.60 46.48
CA UNK G 1229 89.34 9.74 47.58
C UNK G 1229 89.30 8.32 47.03
N UNK G 1230 90.41 7.60 47.14
CA UNK G 1230 90.58 6.31 46.47
C UNK G 1230 89.63 5.24 46.97
N UNK G 1231 89.20 4.39 46.05
CA UNK G 1231 88.21 3.36 46.35
C UNK G 1231 88.80 2.33 47.29
N UNK G 1232 88.32 2.35 48.52
CA UNK G 1232 88.89 1.55 49.59
C UNK G 1232 88.22 0.20 49.76
N UNK G 1233 88.98 -0.77 50.22
CA UNK G 1233 88.41 -2.05 50.63
C UNK G 1233 87.60 -1.81 51.89
N UNK G 1234 86.31 -1.53 51.71
CA UNK G 1234 85.47 -1.07 52.80
C UNK G 1234 84.49 -2.11 53.30
N UNK G 1235 84.24 -2.07 54.60
CA UNK G 1235 83.33 -3.01 55.25
C UNK G 1235 81.88 -2.73 54.92
N UNK G 1236 81.00 -3.56 55.45
CA UNK G 1236 79.57 -3.41 55.18
C UNK G 1236 78.88 -2.66 56.30
N UNK G 1237 79.61 -1.77 56.98
CA UNK G 1237 79.03 -1.00 58.08
C UNK G 1237 79.85 0.22 58.46
N UNK G 1238 79.77 1.31 57.68
CA UNK G 1238 80.55 2.51 57.99
C UNK G 1238 80.08 3.80 57.30
N UNK G 1239 80.56 3.96 56.06
CA UNK G 1239 80.62 5.20 55.25
C UNK G 1239 79.78 6.43 55.58
N UNK G 1240 80.48 7.56 55.70
CA UNK G 1240 79.89 8.86 55.94
C UNK G 1240 80.91 9.95 55.66
N UNK G 1241 80.55 10.96 54.87
CA UNK G 1241 81.51 12.00 54.48
C UNK G 1241 80.88 13.36 54.14
N UNK G 1242 81.72 14.26 53.63
CA UNK G 1242 81.42 15.64 53.22
C UNK G 1242 80.97 16.55 54.37
N UNK G 1243 81.28 17.84 54.24
CA UNK G 1243 80.98 18.81 55.29
C UNK G 1243 80.83 20.23 54.73
N UNK G 1244 79.67 20.53 54.19
CA UNK G 1244 79.49 21.75 53.43
C UNK G 1244 79.04 22.94 54.25
N UNK G 1245 78.69 24.01 53.52
CA UNK G 1245 78.05 25.19 54.08
C UNK G 1245 77.00 25.65 53.09
N UNK G 1246 75.93 26.26 53.59
CA UNK G 1246 74.81 26.63 52.72
C UNK G 1246 74.81 28.12 52.39
N UNK G 1247 75.26 28.45 51.19
CA UNK G 1247 75.41 29.83 50.76
C UNK G 1247 74.09 30.40 50.25
N UNK G 1248 74.22 31.38 49.37
CA UNK G 1248 73.05 32.00 48.74
C UNK G 1248 72.77 31.36 47.41
N UNK G 1249 73.26 30.14 47.25
CA UNK G 1249 73.02 29.34 46.07
C UNK G 1249 71.81 28.45 46.30
N UNK G 1250 70.99 28.86 47.26
CA UNK G 1250 69.72 28.21 47.54
C UNK G 1250 68.84 28.36 46.32
N UNK G 1251 68.86 29.55 45.74
CA UNK G 1251 68.14 29.80 44.50
C UNK G 1251 68.79 29.05 43.35
N UNK G 1252 70.09 28.80 43.48
CA UNK G 1252 70.83 28.08 42.44
C UNK G 1252 70.57 26.57 42.48
N UNK G 1253 69.67 26.14 43.36
CA UNK G 1253 69.05 24.84 43.22
C UNK G 1253 67.57 25.06 42.96
N UNK G 1254 67.03 26.09 43.61
CA UNK G 1254 65.59 26.35 43.60
C UNK G 1254 65.14 26.80 42.23
N UNK G 1255 65.73 27.89 41.76
CA UNK G 1255 65.39 28.41 40.44
C UNK G 1255 65.95 27.48 39.38
N UNK G 1256 67.02 26.78 39.74
CA UNK G 1256 67.60 25.77 38.87
C UNK G 1256 66.64 24.63 38.65
N UNK G 1257 65.87 24.31 39.69
CA UNK G 1257 64.87 23.26 39.55
C UNK G 1257 63.48 23.84 39.80
N UNK G 1258 63.10 24.82 38.99
CA UNK G 1258 61.81 25.53 39.02
C UNK G 1258 61.52 26.29 40.31
N UNK G 1259 61.33 27.60 40.16
CA UNK G 1259 61.08 28.50 41.29
C UNK G 1259 59.74 28.22 41.96
N UNK G 1260 59.56 28.78 43.16
CA UNK G 1260 58.39 28.48 43.97
C UNK G 1260 58.11 29.58 45.01
N UNK G 1261 57.81 29.18 46.24
CA UNK G 1261 57.54 30.11 47.33
C UNK G 1261 58.81 30.80 47.77
N UNK G 1262 59.24 31.74 46.95
CA UNK G 1262 60.53 32.38 47.09
C UNK G 1262 60.54 33.42 48.20
N UNK G 1263 59.36 33.73 48.70
CA UNK G 1263 59.23 34.46 49.95
C UNK G 1263 59.89 33.64 51.03
N UNK G 1264 59.60 32.35 51.00
CA UNK G 1264 60.23 31.40 51.90
C UNK G 1264 61.50 30.83 51.31
N UNK G 1265 61.91 31.35 50.14
CA UNK G 1265 63.04 30.76 49.44
C UNK G 1265 63.82 31.70 48.53
N UNK G 1266 64.06 32.94 48.95
CA UNK G 1266 65.00 33.79 48.24
C UNK G 1266 65.60 34.90 49.09
N UNK G 1267 64.87 36.00 49.19
CA UNK G 1267 65.46 37.27 49.58
C UNK G 1267 65.35 37.63 51.05
N UNK G 1268 64.27 38.31 51.42
CA UNK G 1268 64.18 38.96 52.72
C UNK G 1268 63.79 38.02 53.87
N UNK G 1269 64.43 38.27 55.03
CA UNK G 1269 64.13 37.66 56.34
C UNK G 1269 64.20 36.14 56.40
N UNK G 1270 65.33 35.64 56.88
CA UNK G 1270 65.63 34.21 57.05
C UNK G 1270 65.44 33.43 55.75
N UNK G 1271 66.45 33.49 54.88
CA UNK G 1271 66.41 32.82 53.58
C UNK G 1271 66.44 31.32 53.78
N UNK G 1272 65.28 30.75 54.05
CA UNK G 1272 65.16 29.33 54.37
C UNK G 1272 65.41 28.49 53.14
N UNK G 1273 66.49 27.72 53.16
CA UNK G 1273 66.78 26.80 52.07
C UNK G 1273 65.74 25.70 52.12
N UNK G 1274 65.06 25.47 51.00
CA UNK G 1274 63.93 24.57 50.96
C UNK G 1274 64.36 23.12 51.16
N UNK G 1275 63.54 22.38 51.89
CA UNK G 1275 63.88 21.05 52.35
C UNK G 1275 63.78 19.98 51.28
N UNK G 1276 62.89 20.19 50.32
CA UNK G 1276 62.67 19.26 49.23
C UNK G 1276 63.92 19.17 48.37
N UNK G 1277 64.58 20.31 48.20
CA UNK G 1277 65.88 20.34 47.57
C UNK G 1277 66.93 20.47 48.67
N UNK G 1278 68.17 20.77 48.26
CA UNK G 1278 69.36 20.96 49.12
C UNK G 1278 69.80 19.76 49.97
N UNK G 1279 68.86 18.91 50.40
CA UNK G 1279 69.12 17.72 51.18
C UNK G 1279 70.01 16.74 50.44
N UNK G 1280 69.58 16.30 49.27
CA UNK G 1280 70.39 15.37 48.45
C UNK G 1280 71.63 16.06 47.93
N UNK G 1281 71.55 17.39 47.81
CA UNK G 1281 72.68 18.22 47.41
C UNK G 1281 73.78 18.18 48.45
N UNK G 1282 73.39 18.06 49.70
CA UNK G 1282 74.36 17.83 50.76
C UNK G 1282 74.27 16.39 51.20
N UNK G 1283 74.19 15.49 50.23
CA UNK G 1283 74.15 14.07 50.50
C UNK G 1283 74.70 13.27 49.34
N UNK G 1284 74.84 13.94 48.20
CA UNK G 1284 75.24 13.29 46.96
C UNK G 1284 76.63 12.69 47.03
N UNK G 1285 77.49 13.28 47.84
CA UNK G 1285 78.84 12.78 48.02
C UNK G 1285 78.87 11.72 49.12
N UNK G 1286 77.73 11.45 49.72
CA UNK G 1286 77.68 10.48 50.79
C UNK G 1286 76.55 9.48 50.58
N UNK G 1287 75.32 9.98 50.59
CA UNK G 1287 74.16 9.09 50.47
C UNK G 1287 74.05 8.56 49.07
N UNK G 1288 74.36 9.39 48.08
CA UNK G 1288 74.38 8.92 46.70
C UNK G 1288 75.72 8.26 46.42
N UNK G 1289 76.69 8.46 47.30
CA UNK G 1289 77.91 7.67 47.25
C UNK G 1289 77.54 6.32 47.82
N UNK G 1290 77.81 6.17 49.11
CA UNK G 1290 77.34 5.06 49.94
C UNK G 1290 77.73 3.68 49.45
N UNK G 1291 77.09 2.70 50.07
CA UNK G 1291 77.40 1.30 49.80
C UNK G 1291 76.83 0.83 48.46
N UNK G 1292 77.44 1.30 47.39
CA UNK G 1292 77.08 0.88 46.05
C UNK G 1292 78.32 1.17 45.26
N UNK G 1293 78.96 2.25 45.67
CA UNK G 1293 80.32 2.53 45.24
C UNK G 1293 81.21 2.07 46.37
N UNK G 1294 80.58 1.58 47.43
CA UNK G 1294 81.31 1.03 48.56
C UNK G 1294 80.90 -0.41 48.81
N UNK G 1295 79.90 -0.87 48.06
CA UNK G 1295 79.43 -2.25 48.19
C UNK G 1295 80.36 -3.22 47.47
N UNK G 1296 81.31 -2.67 46.74
CA UNK G 1296 82.37 -3.43 46.07
C UNK G 1296 83.18 -4.15 47.13
N UNK G 1297 83.60 -5.37 46.81
CA UNK G 1297 84.15 -6.42 47.69
C UNK G 1297 83.14 -6.92 48.75
N UNK G 1298 82.30 -6.05 49.29
CA UNK G 1298 81.15 -6.46 50.09
C UNK G 1298 80.20 -7.25 49.22
N UNK G 1299 79.31 -6.59 48.50
CA UNK G 1299 78.40 -7.31 47.62
C UNK G 1299 77.89 -6.42 46.50
N UNK G 1300 78.32 -6.71 45.28
CA UNK G 1300 77.87 -5.95 44.11
C UNK G 1300 78.09 -6.74 42.84
N UNK G 1301 77.71 -6.13 41.72
CA UNK G 1301 77.89 -6.72 40.41
C UNK G 1301 78.03 -5.64 39.34
N UNK G 1302 77.14 -5.64 38.37
CA UNK G 1302 77.18 -4.63 37.31
C UNK G 1302 76.58 -3.33 37.81
N UNK G 1303 77.29 -2.23 37.57
CA UNK G 1303 76.80 -0.93 37.99
C UNK G 1303 75.91 -0.35 36.91
N UNK G 1304 76.03 -0.91 35.70
CA UNK G 1304 75.44 -0.30 34.52
C UNK G 1304 73.95 -0.55 34.35
N UNK G 1305 73.31 -1.15 35.34
CA UNK G 1305 71.86 -1.37 35.26
C UNK G 1305 71.19 -1.00 36.57
N UNK G 1306 71.93 -0.32 37.44
CA UNK G 1306 71.38 0.04 38.75
C UNK G 1306 70.44 1.22 38.61
N UNK G 1307 69.30 1.16 39.28
CA UNK G 1307 68.32 2.24 39.23
C UNK G 1307 67.57 2.34 40.55
N UNK G 1308 67.92 3.35 41.33
CA UNK G 1308 67.43 3.51 42.70
C UNK G 1308 65.97 3.89 42.77
N UNK G 1309 65.15 2.99 43.31
CA UNK G 1309 63.71 3.19 43.39
C UNK G 1309 63.33 4.35 44.31
N UNK G 1310 63.14 4.08 45.59
CA UNK G 1310 62.51 5.07 46.47
C UNK G 1310 63.48 6.01 47.17
N UNK G 1311 62.89 6.85 48.02
CA UNK G 1311 63.64 7.81 48.82
C UNK G 1311 62.77 8.19 50.00
N UNK G 1312 63.37 8.49 51.15
CA UNK G 1312 62.61 8.98 52.30
C UNK G 1312 63.12 10.33 52.77
N UNK G 1313 62.32 11.35 52.56
CA UNK G 1313 62.65 12.70 53.02
C UNK G 1313 61.74 13.11 54.17
N UNK G 1314 62.22 13.00 55.41
CA UNK G 1314 61.43 13.36 56.59
C UNK G 1314 62.18 14.34 57.49
N UNK G 1315 61.46 15.34 57.97
CA UNK G 1315 62.05 16.29 58.93
C UNK G 1315 62.09 15.61 60.29
N UNK G 1316 63.04 16.00 61.13
CA UNK G 1316 63.18 15.36 62.43
C UNK G 1316 62.35 16.06 63.47
N UNK G 1317 62.57 17.36 63.66
CA UNK G 1317 61.89 18.12 64.72
C UNK G 1317 61.92 19.64 64.57
N UNK G 1318 63.12 20.21 64.68
CA UNK G 1318 63.29 21.64 64.97
C UNK G 1318 63.10 22.58 63.78
N UNK G 1319 64.11 23.42 63.54
CA UNK G 1319 64.05 24.42 62.49
C UNK G 1319 64.23 23.79 61.12
N UNK G 1320 64.09 24.61 60.09
CA UNK G 1320 64.22 24.12 58.73
C UNK G 1320 65.68 24.07 58.32
N UNK G 1321 66.03 24.83 57.29
CA UNK G 1321 67.41 24.93 56.84
C UNK G 1321 67.74 26.37 56.48
N UNK G 1322 68.17 27.14 57.49
CA UNK G 1322 68.63 28.50 57.27
C UNK G 1322 70.06 28.43 56.76
N UNK G 1323 70.49 29.46 56.05
CA UNK G 1323 71.72 29.42 55.26
C UNK G 1323 72.99 29.17 56.07
N UNK G 1324 73.18 27.93 56.50
CA UNK G 1324 74.28 27.62 57.41
C UNK G 1324 74.69 26.15 57.45
N UNK G 1325 75.96 25.91 57.10
CA UNK G 1325 76.73 24.74 57.55
C UNK G 1325 76.24 23.35 57.11
N UNK G 1326 75.96 22.50 58.10
CA UNK G 1326 75.63 21.07 58.00
C UNK G 1326 76.74 20.18 57.43
N UNK G 1327 76.82 18.98 57.98
CA UNK G 1327 77.78 17.97 57.56
C UNK G 1327 77.16 16.60 57.71
N UNK G 1328 76.74 16.02 56.59
CA UNK G 1328 75.90 14.82 56.61
C UNK G 1328 76.62 13.56 57.06
N UNK G 1329 75.85 12.49 57.22
CA UNK G 1329 76.39 11.20 57.64
C UNK G 1329 75.47 10.10 57.14
N UNK G 1330 76.06 8.98 56.73
CA UNK G 1330 75.30 7.93 56.07
C UNK G 1330 75.37 6.60 56.79
N UNK G 1331 74.37 5.76 56.55
CA UNK G 1331 74.25 4.49 57.27
C UNK G 1331 74.36 3.25 56.38
N UNK G 1332 73.40 3.10 55.47
CA UNK G 1332 73.27 1.92 54.59
C UNK G 1332 73.21 0.61 55.36
N UNK G 1333 72.01 0.29 55.83
CA UNK G 1333 71.76 -0.99 56.46
C UNK G 1333 70.58 -1.65 55.76
N UNK G 1334 70.10 -2.75 56.35
CA UNK G 1334 69.01 -3.57 55.81
C UNK G 1334 69.30 -4.02 54.39
N UNK G 1335 70.41 -4.73 54.22
CA UNK G 1335 70.89 -5.10 52.89
C UNK G 1335 70.33 -6.44 52.44
N UNK G 1336 69.02 -6.50 52.22
CA UNK G 1336 68.37 -7.73 51.80
C UNK G 1336 68.69 -8.08 50.36
N UNK G 1337 68.12 -9.18 49.90
CA UNK G 1337 68.37 -9.62 48.54
C UNK G 1337 67.12 -10.23 47.97
N UNK G 1338 66.64 -9.69 46.86
CA UNK G 1338 65.45 -10.25 46.24
C UNK G 1338 65.80 -11.49 45.47
N UNK G 1339 64.80 -12.06 44.82
CA UNK G 1339 65.03 -13.21 43.96
C UNK G 1339 64.79 -12.77 42.53
N UNK G 1340 63.85 -11.84 42.34
CA UNK G 1340 63.56 -11.30 41.02
C UNK G 1340 64.55 -10.20 40.69
N UNK G 1341 65.27 -9.77 41.72
CA UNK G 1341 66.39 -8.85 41.57
C UNK G 1341 67.27 -8.96 42.80
N UNK G 1342 67.85 -7.85 43.21
CA UNK G 1342 68.55 -7.73 44.48
C UNK G 1342 68.56 -6.25 44.85
N UNK G 1343 68.04 -5.95 46.03
CA UNK G 1343 67.90 -4.56 46.43
C UNK G 1343 68.92 -4.21 47.50
N UNK G 1344 68.88 -2.95 47.94
CA UNK G 1344 69.79 -2.48 48.96
C UNK G 1344 69.21 -1.23 49.61
N UNK G 1345 68.80 -1.36 50.86
CA UNK G 1345 68.28 -0.22 51.58
C UNK G 1345 69.42 0.70 51.97
N UNK G 1346 69.10 1.95 52.26
CA UNK G 1346 70.11 2.89 52.67
C UNK G 1346 69.48 3.90 53.60
N UNK G 1347 70.30 4.47 54.49
CA UNK G 1347 69.81 5.45 55.44
C UNK G 1347 70.89 6.49 55.67
N UNK G 1348 70.49 7.66 56.15
CA UNK G 1348 71.43 8.74 56.38
C UNK G 1348 70.89 9.74 57.38
N UNK G 1349 71.79 10.37 58.12
CA UNK G 1349 71.39 11.34 59.15
C UNK G 1349 72.03 12.70 58.93
N UNK G 1350 71.37 13.55 58.14
CA UNK G 1350 71.87 14.88 57.87
C UNK G 1350 71.77 15.73 59.12
N UNK G 1351 72.81 15.65 59.95
CA UNK G 1351 72.89 16.41 61.17
C UNK G 1351 73.04 17.88 60.83
N UNK G 1352 72.49 18.74 61.68
CA UNK G 1352 72.61 20.18 61.47
C UNK G 1352 73.90 20.68 62.11
N UNK G 1353 73.80 21.64 63.02
CA UNK G 1353 74.96 22.13 63.74
C UNK G 1353 75.30 21.15 64.86
N UNK G 1354 74.30 20.85 65.68
CA UNK G 1354 74.42 19.73 66.60
C UNK G 1354 74.11 18.49 65.80
N UNK G 1355 72.92 17.94 66.01
CA UNK G 1355 72.43 16.85 65.20
C UNK G 1355 70.91 16.89 65.16
N UNK G 1356 70.31 15.83 64.62
CA UNK G 1356 68.86 15.65 64.45
C UNK G 1356 68.24 16.78 63.63
N UNK G 1357 68.05 16.53 62.34
CA UNK G 1357 67.49 17.55 61.47
C UNK G 1357 66.63 16.92 60.38
N UNK G 1358 67.23 16.11 59.52
CA UNK G 1358 66.50 15.46 58.44
C UNK G 1358 67.16 14.15 58.06
N UNK G 1359 66.41 13.06 58.19
CA UNK G 1359 66.96 11.74 57.89
C UNK G 1359 66.59 11.32 56.48
N UNK G 1360 67.59 10.88 55.72
CA UNK G 1360 67.36 10.47 54.35
C UNK G 1360 67.47 8.96 54.21
N UNK G 1361 66.61 8.37 53.38
CA UNK G 1361 66.63 6.93 53.19
C UNK G 1361 66.09 6.51 51.82
N UNK G 1362 66.99 6.11 50.94
CA UNK G 1362 66.60 5.69 49.60
C UNK G 1362 66.58 4.18 49.48
N UNK G 1363 65.92 3.66 48.45
CA UNK G 1363 65.86 2.23 48.21
C UNK G 1363 66.39 1.89 46.83
N UNK G 1364 67.67 1.54 46.76
CA UNK G 1364 68.31 1.23 45.49
C UNK G 1364 68.36 -0.27 45.24
N UNK G 1365 68.25 -0.67 43.98
CA UNK G 1365 68.27 -2.10 43.62
C UNK G 1365 69.06 -2.36 42.34
N UNK G 1366 70.15 -3.10 42.45
CA UNK G 1366 70.93 -3.48 41.28
C UNK G 1366 70.19 -4.61 40.57
N UNK G 1367 70.64 -4.94 39.35
CA UNK G 1367 69.88 -5.78 38.42
C UNK G 1367 69.74 -7.24 38.84
N UNK G 1368 69.18 -8.02 37.94
CA UNK G 1368 68.71 -9.37 38.25
C UNK G 1368 69.82 -10.38 38.44
N UNK G 1369 69.49 -11.43 39.19
CA UNK G 1369 70.39 -12.54 39.57
C UNK G 1369 71.67 -12.09 40.25
N UNK G 1370 71.63 -10.93 40.92
CA UNK G 1370 72.83 -10.30 41.46
C UNK G 1370 73.29 -11.04 42.69
N UNK G 1371 72.48 -10.99 43.74
CA UNK G 1371 72.80 -11.71 44.96
C UNK G 1371 72.10 -13.06 44.95
N UNK G 1372 71.97 -13.65 43.77
CA UNK G 1372 71.27 -14.92 43.57
C UNK G 1372 71.98 -16.08 44.26
N UNK G 1373 73.30 -16.13 44.08
CA UNK G 1373 74.10 -17.14 44.74
C UNK G 1373 74.67 -16.59 46.04
N UNK G 1374 74.16 -15.43 46.43
CA UNK G 1374 74.60 -14.77 47.66
C UNK G 1374 73.47 -14.72 48.66
N UNK G 1375 72.84 -15.87 48.88
CA UNK G 1375 71.84 -15.99 49.93
C UNK G 1375 72.56 -15.99 51.28
N UNK G 1376 73.86 -16.28 51.28
CA UNK G 1376 74.67 -16.16 52.47
C UNK G 1376 75.07 -14.71 52.73
N UNK G 1377 76.34 -14.50 53.07
CA UNK G 1377 76.86 -13.27 53.67
C UNK G 1377 76.56 -11.98 52.93
N UNK G 1378 75.30 -11.58 53.01
CA UNK G 1378 74.78 -10.46 52.25
C UNK G 1378 73.49 -9.94 52.87
N UNK G 1379 72.50 -10.83 52.95
CA UNK G 1379 71.20 -10.45 53.49
C UNK G 1379 71.29 -10.19 54.98
N UNK G 1380 71.52 -8.93 55.30
CA UNK G 1380 71.55 -8.49 56.68
C UNK G 1380 70.48 -7.42 56.85
N UNK G 1381 69.28 -7.84 57.21
CA UNK G 1381 68.18 -6.91 57.36
C UNK G 1381 68.06 -6.47 58.81
N UNK G 1382 68.09 -5.16 59.03
CA UNK G 1382 67.79 -4.61 60.35
C UNK G 1382 66.59 -3.69 60.16
N UNK G 1383 65.68 -3.68 61.13
CA UNK G 1383 64.46 -2.91 60.94
C UNK G 1383 64.19 -2.00 62.13
N UNK G 1384 62.92 -1.67 62.35
CA UNK G 1384 62.53 -0.85 63.49
C UNK G 1384 61.13 -1.24 64.00
N UNK G 1385 60.12 -1.19 63.12
CA UNK G 1385 58.71 -1.53 63.41
C UNK G 1385 58.11 -0.74 64.56
N UNK G 1386 57.39 0.33 64.23
CA UNK G 1386 57.05 1.35 65.21
C UNK G 1386 55.91 1.01 66.17
N UNK G 1387 56.22 1.05 67.47
CA UNK G 1387 55.28 1.15 68.59
C UNK G 1387 54.28 0.00 68.79
N UNK G 1388 53.58 0.07 69.92
CA UNK G 1388 52.54 -0.90 70.27
C UNK G 1388 51.62 -0.37 71.37
N UNK G 1389 50.63 -1.18 71.76
CA UNK G 1389 49.71 -0.92 72.87
C UNK G 1389 49.00 -2.21 73.25
N UNK G 1390 49.14 -2.65 74.50
CA UNK G 1390 48.50 -3.90 74.92
C UNK G 1390 47.88 -3.79 76.31
N UNK G 1391 46.56 -3.63 76.36
CA UNK G 1391 45.82 -3.38 77.60
C UNK G 1391 45.79 -4.55 78.59
N UNK G 1392 45.03 -4.39 79.65
CA UNK G 1392 44.90 -5.43 80.66
C UNK G 1392 43.46 -5.71 81.01
N UNK G 1393 42.96 -6.87 80.59
CA UNK G 1393 41.55 -7.18 80.78
C UNK G 1393 41.35 -8.29 81.79
N UNK G 1394 40.68 -9.37 81.35
CA UNK G 1394 40.26 -10.44 82.24
C UNK G 1394 41.41 -11.36 82.63
N UNK G 1395 42.29 -10.85 83.47
CA UNK G 1395 43.35 -11.62 84.14
C UNK G 1395 44.29 -12.42 83.24
N UNK G 1396 43.73 -13.36 82.50
CA UNK G 1396 44.49 -14.29 81.68
C UNK G 1396 45.25 -13.60 80.57
N UNK G 1397 44.74 -12.46 80.13
CA UNK G 1397 45.44 -11.60 79.19
C UNK G 1397 46.74 -11.13 79.81
N UNK G 1398 46.71 -10.77 81.10
CA UNK G 1398 47.92 -10.39 81.82
C UNK G 1398 48.76 -11.63 82.06
N UNK G 1399 48.10 -12.77 82.17
CA UNK G 1399 48.84 -14.02 82.33
C UNK G 1399 49.38 -14.47 80.99
N UNK G 1400 48.74 -14.06 79.90
CA UNK G 1400 49.21 -14.38 78.57
C UNK G 1400 50.54 -13.71 78.33
N UNK G 1401 50.63 -12.46 78.76
CA UNK G 1401 51.87 -11.72 78.67
C UNK G 1401 52.78 -12.04 79.84
N UNK G 1402 52.31 -12.89 80.76
CA UNK G 1402 53.18 -13.44 81.78
C UNK G 1402 53.49 -14.87 81.40
N UNK G 1403 53.62 -15.13 80.11
CA UNK G 1403 53.85 -16.49 79.64
C UNK G 1403 54.77 -16.58 78.44
N UNK G 1404 54.55 -15.72 77.45
CA UNK G 1404 55.15 -15.89 76.13
C UNK G 1404 56.59 -15.34 75.97
N UNK G 1405 57.43 -15.56 76.98
CA UNK G 1405 58.87 -15.24 76.94
C UNK G 1405 59.21 -13.81 76.53
N UNK G 1406 58.39 -12.86 76.98
CA UNK G 1406 58.69 -11.45 76.81
C UNK G 1406 59.15 -10.90 78.17
N UNK G 1407 59.35 -11.82 79.10
CA UNK G 1407 60.08 -11.61 80.37
C UNK G 1407 59.56 -10.50 81.27
N UNK G 1408 60.38 -10.17 82.26
CA UNK G 1408 60.09 -9.10 83.23
C UNK G 1408 61.38 -8.58 83.85
N UNK G 1409 61.34 -7.32 84.27
CA UNK G 1409 62.49 -6.68 84.89
C UNK G 1409 62.07 -5.92 86.13
N UNK G 1410 61.43 -6.66 87.05
CA UNK G 1410 61.06 -6.16 88.36
C UNK G 1410 60.83 -7.38 89.24
N UNK G 1411 61.13 -8.54 88.66
CA UNK G 1411 60.89 -9.86 89.24
C UNK G 1411 59.44 -10.04 89.66
N UNK G 1412 59.18 -9.78 90.93
CA UNK G 1412 57.85 -9.97 91.46
C UNK G 1412 57.12 -8.64 91.57
N UNK G 1413 57.87 -7.55 91.51
CA UNK G 1413 57.30 -6.23 91.68
C UNK G 1413 56.46 -5.82 90.49
N UNK G 1414 55.46 -4.99 90.76
CA UNK G 1414 54.55 -4.42 89.77
C UNK G 1414 53.84 -5.46 88.91
N UNK G 1415 53.46 -6.55 89.56
CA UNK G 1415 52.77 -7.62 88.87
C UNK G 1415 51.37 -7.16 88.49
N UNK G 1416 50.59 -6.78 89.50
CA UNK G 1416 49.20 -6.41 89.29
C UNK G 1416 49.03 -4.95 88.88
N UNK G 1417 50.15 -4.28 88.64
CA UNK G 1417 50.12 -2.98 87.97
C UNK G 1417 49.79 -3.26 86.52
N UNK G 1418 50.25 -4.43 86.08
CA UNK G 1418 49.89 -4.97 84.78
C UNK G 1418 48.59 -5.77 84.83
N UNK G 1419 47.78 -5.54 85.87
CA UNK G 1419 46.44 -6.09 85.92
C UNK G 1419 45.43 -5.00 85.61
N UNK G 1420 45.94 -3.87 85.13
CA UNK G 1420 45.06 -2.75 84.82
C UNK G 1420 45.61 -1.88 83.70
N UNK G 1421 46.94 -1.82 83.57
CA UNK G 1421 47.58 -0.88 82.66
C UNK G 1421 47.47 -1.29 81.19
N UNK G 1422 48.31 -0.67 80.36
CA UNK G 1422 48.34 -1.04 78.96
C UNK G 1422 49.77 -1.10 78.43
N UNK G 1423 50.18 -2.29 78.00
CA UNK G 1423 51.55 -2.49 77.56
C UNK G 1423 51.80 -1.85 76.19
N UNK G 1424 52.35 -0.65 76.19
CA UNK G 1424 52.73 0.03 74.96
C UNK G 1424 54.24 -0.04 74.77
N UNK G 1425 54.73 -1.21 74.41
CA UNK G 1425 56.16 -1.43 74.23
C UNK G 1425 56.62 -1.02 72.84
N UNK G 1426 57.92 -0.93 72.63
CA UNK G 1426 58.46 -0.59 71.31
C UNK G 1426 59.87 -1.13 71.14
N UNK G 1427 60.05 -2.04 70.19
CA UNK G 1427 61.33 -2.71 69.98
C UNK G 1427 61.94 -2.38 68.63
N UNK G 1428 62.99 -3.12 68.27
CA UNK G 1428 63.67 -2.95 66.98
C UNK G 1428 64.48 -4.20 66.65
N UNK G 1429 64.04 -4.94 65.64
CA UNK G 1429 64.61 -6.26 65.37
C UNK G 1429 65.53 -6.31 64.15
N UNK G 1430 66.42 -7.29 64.14
CA UNK G 1430 67.33 -7.50 63.02
C UNK G 1430 67.19 -8.92 62.53
N UNK G 1431 67.50 -9.13 61.26
CA UNK G 1431 67.29 -10.44 60.64
C UNK G 1431 68.57 -10.97 60.04
N UNK G 1432 68.59 -12.28 59.86
CA UNK G 1432 69.73 -12.94 59.24
C UNK G 1432 69.48 -13.13 57.76
N UNK G 1433 69.92 -14.26 57.22
CA UNK G 1433 69.88 -14.47 55.79
C UNK G 1433 69.26 -15.81 55.43
N UNK G 1434 70.07 -16.87 55.56
CA UNK G 1434 69.74 -18.24 55.17
C UNK G 1434 69.29 -18.35 53.72
N UNK G 1435 68.21 -19.09 53.48
CA UNK G 1435 67.83 -19.48 52.13
C UNK G 1435 67.10 -18.40 51.34
N UNK G 1436 66.01 -18.79 50.68
CA UNK G 1436 65.15 -17.85 49.97
C UNK G 1436 63.97 -17.51 50.88
N UNK G 1437 63.88 -18.25 51.99
CA UNK G 1437 62.98 -17.94 53.08
C UNK G 1437 63.68 -18.38 54.36
N UNK G 1438 63.13 -18.00 55.52
CA UNK G 1438 63.67 -18.24 56.88
C UNK G 1438 65.04 -17.59 57.14
N UNK G 1439 65.32 -17.40 58.42
CA UNK G 1439 66.59 -16.84 58.85
C UNK G 1439 66.84 -17.20 60.30
N UNK G 1440 67.55 -16.33 61.00
CA UNK G 1440 67.77 -16.50 62.42
C UNK G 1440 67.35 -15.22 63.11
N UNK G 1441 66.11 -15.20 63.60
CA UNK G 1441 65.51 -13.97 64.09
C UNK G 1441 66.09 -13.51 65.42
N UNK G 1442 66.02 -12.20 65.63
CA UNK G 1442 66.41 -11.62 66.90
C UNK G 1442 65.69 -10.30 67.06
N UNK G 1443 64.95 -10.15 68.15
CA UNK G 1443 64.31 -8.88 68.44
C UNK G 1443 65.06 -8.18 69.56
N UNK G 1444 64.70 -6.92 69.80
CA UNK G 1444 65.19 -6.22 70.97
C UNK G 1444 63.96 -5.87 71.78
N UNK G 1445 64.05 -4.86 72.63
CA UNK G 1445 62.91 -4.50 73.48
C UNK G 1445 62.97 -3.08 74.03
N UNK G 1446 63.22 -2.99 75.34
CA UNK G 1446 62.97 -1.82 76.20
C UNK G 1446 61.51 -1.40 76.12
N UNK G 1447 60.80 -1.61 77.23
CA UNK G 1447 59.37 -1.39 77.24
C UNK G 1447 58.93 -0.34 78.24
N UNK G 1448 57.69 0.11 78.06
CA UNK G 1448 57.06 1.08 78.94
C UNK G 1448 55.57 0.93 78.79
N UNK G 1449 54.94 0.23 79.73
CA UNK G 1449 53.50 0.04 79.70
C UNK G 1449 52.78 1.31 80.13
N UNK G 1450 51.46 1.35 79.98
CA UNK G 1450 50.73 2.55 80.39
C UNK G 1450 50.51 2.58 81.89
N UNK G 1451 49.66 3.51 82.32
CA UNK G 1451 49.40 3.71 83.74
C UNK G 1451 47.92 3.97 83.99
N UNK G 1452 47.57 5.25 84.15
CA UNK G 1452 46.18 5.64 84.36
C UNK G 1452 45.93 7.02 83.77
N UNK G 1453 46.89 7.92 83.95
CA UNK G 1453 46.83 9.26 83.37
C UNK G 1453 47.69 9.31 82.11
N UNK G 1454 47.74 8.19 81.40
CA UNK G 1454 48.60 7.94 80.24
C UNK G 1454 50.08 8.22 80.55
N UNK G 1455 50.50 7.79 81.73
CA UNK G 1455 51.87 8.02 82.19
C UNK G 1455 52.74 6.79 81.93
N UNK G 1456 54.04 6.93 82.12
CA UNK G 1456 54.97 5.84 81.85
C UNK G 1456 56.28 5.95 82.62
N UNK G 1457 56.97 4.82 82.69
CA UNK G 1457 58.31 4.75 83.26
C UNK G 1457 59.01 3.57 82.61
N UNK G 1458 60.25 3.32 83.00
CA UNK G 1458 60.99 2.19 82.45
C UNK G 1458 60.40 0.90 82.97
N UNK G 1459 59.77 0.16 82.08
CA UNK G 1459 59.12 -1.09 82.47
C UNK G 1459 60.09 -2.26 82.47
N UNK G 1460 59.86 -3.21 81.56
CA UNK G 1460 60.63 -4.44 81.55
C UNK G 1460 61.32 -4.64 80.22
N UNK G 1461 62.08 -5.72 80.12
CA UNK G 1461 62.81 -6.04 78.89
C UNK G 1461 62.39 -7.38 78.34
N UNK G 1462 62.84 -7.69 77.13
CA UNK G 1462 62.41 -8.87 76.41
C UNK G 1462 63.41 -9.28 75.36
N UNK G 1463 63.35 -10.55 74.94
CA UNK G 1463 64.24 -11.08 73.93
C UNK G 1463 63.67 -12.35 73.32
N UNK G 1464 64.22 -12.74 72.17
CA UNK G 1464 63.87 -13.97 71.47
C UNK G 1464 64.89 -14.22 70.37
N UNK G 1465 65.93 -15.00 70.64
CA UNK G 1465 66.94 -15.31 69.62
C UNK G 1465 66.56 -16.53 68.78
N UNK G 1466 65.35 -16.50 68.23
CA UNK G 1466 64.77 -17.64 67.52
C UNK G 1466 65.48 -17.93 66.20
N UNK G 1467 65.35 -19.16 65.71
CA UNK G 1467 66.13 -19.56 64.57
C UNK G 1467 65.43 -20.57 63.68
N UNK G 1468 64.42 -20.10 62.95
CA UNK G 1468 63.74 -20.92 61.95
C UNK G 1468 63.05 -20.00 60.96
N UNK G 1469 61.76 -20.25 60.73
CA UNK G 1469 61.01 -19.49 59.75
C UNK G 1469 60.08 -18.49 60.41
N UNK G 1470 59.82 -17.40 59.69
CA UNK G 1470 58.89 -16.33 60.07
C UNK G 1470 59.17 -15.66 61.42
N UNK G 1471 58.23 -14.83 61.87
CA UNK G 1471 58.40 -14.11 63.13
C UNK G 1471 57.51 -14.69 64.19
N UNK G 1472 57.57 -14.11 65.38
CA UNK G 1472 56.73 -14.57 66.46
C UNK G 1472 56.46 -13.43 67.41
N UNK G 1473 57.37 -12.47 67.42
CA UNK G 1473 57.31 -11.37 68.38
C UNK G 1473 56.15 -10.44 68.09
N UNK G 1474 56.02 -10.04 66.84
CA UNK G 1474 54.97 -9.11 66.44
C UNK G 1474 53.62 -9.77 66.54
N UNK G 1475 53.63 -11.07 66.28
CA UNK G 1475 52.41 -11.85 66.24
C UNK G 1475 51.77 -12.06 67.60
N UNK G 1476 52.55 -11.96 68.68
CA UNK G 1476 51.97 -12.12 70.02
C UNK G 1476 51.52 -10.79 70.55
N UNK G 1477 51.48 -9.80 69.66
CA UNK G 1477 51.06 -8.46 69.97
C UNK G 1477 50.02 -7.99 68.96
N UNK G 1478 50.42 -7.96 67.69
CA UNK G 1478 49.59 -7.42 66.63
C UNK G 1478 48.34 -8.25 66.47
N UNK G 1479 48.51 -9.56 66.49
CA UNK G 1479 47.37 -10.47 66.42
C UNK G 1479 46.68 -10.49 67.78
N UNK G 1480 47.46 -10.24 68.82
CA UNK G 1480 46.92 -10.27 70.18
C UNK G 1480 46.08 -9.04 70.43
N UNK G 1481 46.70 -8.02 71.01
CA UNK G 1481 46.03 -6.75 71.23
C UNK G 1481 46.16 -5.88 70.00
N UNK G 1482 46.07 -4.58 70.19
CA UNK G 1482 46.09 -3.67 69.07
C UNK G 1482 47.09 -2.55 69.29
N UNK G 1483 48.08 -2.48 68.41
CA UNK G 1483 49.22 -1.58 68.56
C UNK G 1483 48.87 -0.11 68.48
N UNK G 1484 49.86 0.73 68.78
CA UNK G 1484 49.71 2.17 68.72
C UNK G 1484 49.47 2.56 67.29
N UNK G 1485 48.21 2.48 66.89
CA UNK G 1485 47.85 2.56 65.49
C UNK G 1485 47.03 3.81 65.18
N UNK G 1486 47.55 4.62 64.27
CA UNK G 1486 46.82 5.79 63.84
C UNK G 1486 46.07 5.42 62.58
N UNK G 1487 46.21 6.26 61.55
CA UNK G 1487 45.62 6.08 60.22
C UNK G 1487 44.11 5.95 60.24
N UNK G 1488 43.41 7.06 60.09
CA UNK G 1488 41.96 7.00 59.95
C UNK G 1488 41.63 6.91 58.47
N UNK G 1489 40.34 6.94 58.14
CA UNK G 1489 39.94 7.06 56.74
C UNK G 1489 39.65 8.53 56.48
N UNK G 1490 38.90 8.80 55.43
CA UNK G 1490 38.34 10.14 55.24
C UNK G 1490 36.98 9.92 54.63
N UNK G 1491 36.46 8.71 54.85
CA UNK G 1491 35.16 8.24 54.37
C UNK G 1491 35.01 8.36 52.86
N UNK G 1492 35.49 7.32 52.16
CA UNK G 1492 35.28 7.04 50.73
C UNK G 1492 35.92 8.02 49.74
N UNK G 1493 36.30 9.21 50.17
CA UNK G 1493 36.97 10.15 49.28
C UNK G 1493 37.84 11.06 50.13
N UNK G 1494 39.09 11.24 49.68
CA UNK G 1494 40.07 11.97 50.47
C UNK G 1494 40.15 13.43 50.02
N UNK G 1495 38.99 14.00 49.69
CA UNK G 1495 38.84 15.34 49.10
C UNK G 1495 39.71 15.51 47.84
N UNK G 1496 40.06 16.76 47.54
CA UNK G 1496 40.96 17.07 46.44
C UNK G 1496 41.49 18.47 46.62
N UNK G 1497 41.87 19.07 45.50
CA UNK G 1497 42.35 20.43 45.49
C UNK G 1497 42.18 20.98 44.10
N UNK G 1498 43.30 21.34 43.50
CA UNK G 1498 43.32 21.85 42.14
C UNK G 1498 44.71 21.54 41.59
N UNK G 1499 44.86 21.53 40.27
CA UNK G 1499 46.12 21.11 39.66
C UNK G 1499 46.49 21.78 38.33
N UNK G 1500 47.80 21.90 38.09
CA UNK G 1500 48.31 22.38 36.82
C UNK G 1500 49.33 21.39 36.29
N UNK G 1501 49.84 21.66 35.09
CA UNK G 1501 50.78 20.76 34.45
C UNK G 1501 52.17 20.85 35.06
N UNK G 1502 53.09 20.08 34.51
CA UNK G 1502 54.49 20.18 34.92
C UNK G 1502 55.33 20.28 33.65
N UNK G 1503 56.40 21.05 33.73
CA UNK G 1503 57.29 21.24 32.58
C UNK G 1503 58.07 19.98 32.30
N UNK G 1504 57.90 19.40 31.11
CA UNK G 1504 58.43 18.07 30.81
C UNK G 1504 59.95 17.99 30.64
N UNK G 1505 60.69 18.56 31.60
CA UNK G 1505 62.15 18.62 31.64
C UNK G 1505 62.73 19.27 30.41
N UNK G 1506 63.18 20.52 30.57
CA UNK G 1506 63.52 21.40 29.45
C UNK G 1506 64.62 20.92 28.50
N UNK G 1507 64.42 19.74 27.91
CA UNK G 1507 65.23 19.20 26.82
C UNK G 1507 66.73 19.08 27.06
N UNK G 1508 67.17 19.18 28.31
CA UNK G 1508 68.58 19.24 28.60
C UNK G 1508 68.87 18.80 30.01
N UNK G 1509 69.49 17.65 30.14
CA UNK G 1509 69.81 17.12 31.44
C UNK G 1509 71.01 17.85 32.03
N UNK G 1510 71.84 18.43 31.15
CA UNK G 1510 73.13 18.99 31.55
C UNK G 1510 73.00 20.16 32.48
N UNK G 1511 71.95 20.94 32.27
CA UNK G 1511 71.72 22.11 33.09
C UNK G 1511 71.16 21.71 34.42
N UNK G 1512 70.51 20.56 34.46
CA UNK G 1512 69.70 20.19 35.62
C UNK G 1512 70.51 19.60 36.75
N UNK G 1513 70.23 18.33 37.05
CA UNK G 1513 70.84 17.62 38.15
C UNK G 1513 72.32 17.38 37.90
N UNK G 1514 72.72 17.43 36.63
CA UNK G 1514 74.11 17.28 36.22
C UNK G 1514 74.97 18.38 36.79
N UNK G 1515 74.42 19.57 36.85
CA UNK G 1515 75.07 20.67 37.53
C UNK G 1515 74.44 20.83 38.90
N UNK G 1516 74.26 19.71 39.58
CA UNK G 1516 73.69 19.73 40.92
C UNK G 1516 74.13 18.49 41.71
N UNK G 1517 73.72 17.32 41.26
CA UNK G 1517 73.85 16.14 42.09
C UNK G 1517 74.65 15.02 41.47
N UNK G 1518 74.24 13.79 41.78
CA UNK G 1518 74.94 12.59 41.37
C UNK G 1518 74.71 12.26 39.91
N UNK G 1519 75.34 13.00 39.02
CA UNK G 1519 75.20 12.79 37.60
C UNK G 1519 75.92 11.54 37.15
N UNK G 1520 75.17 10.61 36.57
CA UNK G 1520 75.78 9.42 36.00
C UNK G 1520 76.23 9.70 34.58
N UNK G 1521 76.06 8.72 33.72
CA UNK G 1521 76.22 8.93 32.29
C UNK G 1521 74.85 8.80 31.68
N UNK G 1522 73.84 8.66 32.54
CA UNK G 1522 72.46 8.52 32.09
C UNK G 1522 71.85 9.87 31.76
N UNK G 1523 72.44 10.54 30.79
CA UNK G 1523 72.04 11.87 30.38
C UNK G 1523 72.56 12.08 28.96
N UNK G 1524 73.83 11.76 28.77
CA UNK G 1524 74.45 11.80 27.45
C UNK G 1524 74.10 10.53 26.69
N UNK G 1525 73.71 10.68 25.42
CA UNK G 1525 73.22 9.55 24.64
C UNK G 1525 74.31 8.59 24.17
N UNK G 1526 75.55 8.84 24.57
CA UNK G 1526 76.65 7.96 24.24
C UNK G 1526 76.57 6.67 25.04
N UNK G 1527 77.24 6.64 26.19
CA UNK G 1527 77.40 5.41 26.98
C UNK G 1527 76.11 4.90 27.58
N UNK G 1528 75.14 5.78 27.76
CA UNK G 1528 73.86 5.40 28.32
C UNK G 1528 73.08 4.50 27.37
N UNK G 1529 73.34 4.67 26.07
CA UNK G 1529 72.68 3.87 25.06
C UNK G 1529 73.27 2.47 24.92
N UNK G 1530 74.23 2.12 25.76
CA UNK G 1530 74.80 0.78 25.75
C UNK G 1530 74.11 -0.12 26.76
N UNK G 1531 72.83 0.17 27.01
CA UNK G 1531 71.98 -0.63 27.90
C UNK G 1531 70.51 -0.29 27.66
N UNK G 1532 70.21 1.00 27.73
CA UNK G 1532 68.82 1.46 27.82
C UNK G 1532 68.22 1.85 26.49
N UNK G 1533 67.16 2.64 26.58
CA UNK G 1533 66.28 2.85 25.44
C UNK G 1533 65.95 4.30 25.13
N UNK G 1534 66.08 5.17 26.14
CA UNK G 1534 65.67 6.56 25.97
C UNK G 1534 66.74 7.42 25.29
N UNK G 1535 67.08 8.54 25.93
CA UNK G 1535 68.21 9.39 25.57
C UNK G 1535 68.50 10.31 26.76
N UNK G 1536 67.80 10.07 27.87
CA UNK G 1536 67.83 10.98 29.01
C UNK G 1536 67.38 10.36 30.35
N UNK G 1537 66.07 10.43 30.60
CA UNK G 1537 65.36 9.95 31.80
C UNK G 1537 65.67 10.71 33.09
N UNK G 1538 64.71 10.78 34.00
CA UNK G 1538 64.76 11.69 35.15
C UNK G 1538 65.35 11.18 36.44
N UNK G 1539 65.89 12.07 37.25
CA UNK G 1539 66.45 11.71 38.55
C UNK G 1539 65.40 11.85 39.65
N UNK G 1540 65.86 12.34 40.80
CA UNK G 1540 64.98 12.79 41.86
C UNK G 1540 64.40 14.15 41.50
N UNK G 1541 65.02 14.77 40.49
CA UNK G 1541 64.54 16.00 39.87
C UNK G 1541 63.18 15.81 39.20
N UNK G 1542 62.81 14.56 38.95
CA UNK G 1542 61.44 14.20 38.63
C UNK G 1542 60.51 14.67 39.72
N UNK G 1543 60.65 14.07 40.89
CA UNK G 1543 59.73 14.33 41.98
C UNK G 1543 60.04 15.63 42.69
N UNK G 1544 61.15 16.27 42.35
CA UNK G 1544 61.54 17.50 42.98
C UNK G 1544 60.62 18.64 42.59
N UNK G 1545 60.06 18.54 41.40
CA UNK G 1545 59.13 19.55 40.91
C UNK G 1545 57.84 19.47 41.70
N UNK G 1546 57.38 18.24 41.89
CA UNK G 1546 56.11 17.99 42.54
C UNK G 1546 56.20 18.34 44.01
N UNK G 1547 57.38 18.16 44.60
CA UNK G 1547 57.57 18.34 46.04
C UNK G 1547 57.47 19.80 46.46
N UNK G 1548 57.43 20.70 45.48
CA UNK G 1548 56.97 22.06 45.69
C UNK G 1548 55.57 22.19 45.12
N UNK G 1549 55.31 21.50 44.02
CA UNK G 1549 54.04 21.64 43.33
C UNK G 1549 52.92 21.02 44.14
N UNK G 1550 53.21 19.95 44.87
CA UNK G 1550 52.23 19.44 45.80
C UNK G 1550 52.20 20.36 46.99
N UNK G 1551 53.38 20.87 47.35
CA UNK G 1551 53.52 21.72 48.53
C UNK G 1551 52.81 23.03 48.35
N UNK G 1552 52.78 23.51 47.11
CA UNK G 1552 52.04 24.72 46.78
C UNK G 1552 50.56 24.50 46.97
N UNK G 1553 50.08 23.37 46.48
CA UNK G 1553 48.67 23.03 46.63
C UNK G 1553 48.40 22.58 48.05
N UNK G 1554 49.43 22.20 48.79
CA UNK G 1554 49.27 21.81 50.19
C UNK G 1554 48.97 23.04 51.04
N UNK G 1555 49.87 24.01 50.95
CA UNK G 1555 49.69 25.26 51.67
C UNK G 1555 50.47 26.36 50.96
N UNK G 1556 50.28 27.58 51.39
CA UNK G 1556 51.08 28.67 50.88
C UNK G 1556 52.43 28.54 51.53
N UNK G 1557 52.39 28.55 52.86
CA UNK G 1557 53.59 28.46 53.66
C UNK G 1557 54.13 27.05 53.60
N UNK G 1558 55.28 26.90 52.96
CA UNK G 1558 55.88 25.59 52.77
C UNK G 1558 56.77 25.18 53.91
N UNK G 1559 56.52 25.72 55.10
CA UNK G 1559 57.26 25.33 56.28
C UNK G 1559 56.49 24.25 57.01
N UNK G 1560 55.35 23.86 56.45
CA UNK G 1560 54.47 22.92 57.11
C UNK G 1560 54.71 21.48 56.69
N UNK G 1561 55.91 21.20 56.20
CA UNK G 1561 56.22 19.87 55.68
C UNK G 1561 56.41 18.85 56.79
N UNK G 1562 56.64 17.60 56.41
CA UNK G 1562 56.76 16.53 57.38
C UNK G 1562 57.55 15.33 56.87
N UNK G 1563 56.89 14.45 56.12
CA UNK G 1563 57.50 13.20 55.67
C UNK G 1563 57.02 12.77 54.30
N UNK G 1564 57.76 13.16 53.27
CA UNK G 1564 57.46 12.71 51.92
C UNK G 1564 58.37 11.55 51.56
N UNK G 1565 57.77 10.50 51.03
CA UNK G 1565 58.51 9.33 50.57
C UNK G 1565 58.17 9.07 49.12
N UNK G 1566 58.43 10.06 48.27
CA UNK G 1566 57.92 10.13 46.90
C UNK G 1566 58.35 9.01 45.94
N UNK G 1567 57.85 9.07 44.71
CA UNK G 1567 57.72 7.87 43.90
C UNK G 1567 58.17 7.86 42.44
N UNK G 1568 59.48 7.78 42.22
CA UNK G 1568 60.06 7.59 40.87
C UNK G 1568 59.55 6.34 40.15
N UNK G 1569 58.81 6.56 39.06
CA UNK G 1569 58.00 5.50 38.44
C UNK G 1569 58.70 4.64 37.38
N UNK G 1570 58.17 4.64 36.16
CA UNK G 1570 58.73 3.87 35.05
C UNK G 1570 60.03 4.48 34.54
N VAL G 1616 62.39 4.22 40.40
CA VAL G 1616 63.72 4.19 39.80
C VAL G 1616 63.95 5.43 38.95
N LEU G 1617 65.20 5.82 38.75
CA LEU G 1617 65.50 7.15 38.21
C LEU G 1617 66.74 7.25 37.32
N PRO G 1618 67.12 8.50 36.99
CA PRO G 1618 68.31 8.80 36.18
C PRO G 1618 68.81 10.24 36.33
N ASN G 1619 68.43 11.12 35.41
CA ASN G 1619 68.89 12.50 35.45
C ASN G 1619 67.77 13.48 35.09
N THR G 1620 67.36 13.54 33.82
CA THR G 1620 66.27 14.45 33.41
C THR G 1620 65.44 14.03 32.19
N ALA G 1621 64.22 13.55 32.44
CA ALA G 1621 63.07 13.56 31.51
C ALA G 1621 61.81 13.39 32.35
N LEU G 1622 61.05 14.47 32.52
CA LEU G 1622 60.15 14.68 33.68
C LEU G 1622 58.86 13.86 33.82
N LYS G 1623 57.94 14.32 34.68
CA LYS G 1623 56.77 13.53 35.09
C LYS G 1623 55.55 14.28 35.63
N THR G 1624 54.48 13.51 35.85
CA THR G 1624 53.20 13.99 36.41
C THR G 1624 52.72 13.04 37.51
N SER G 1625 51.73 13.46 38.29
CA SER G 1625 51.28 12.69 39.45
C SER G 1625 49.89 13.06 39.96
N ILE G 1626 49.40 12.27 40.90
CA ILE G 1626 48.10 12.52 41.52
C ILE G 1626 48.25 12.95 42.97
N GLN G 1627 47.36 13.80 43.46
CA GLN G 1627 47.51 14.40 44.78
C GLN G 1627 46.19 14.60 45.55
N HIS G 1628 46.11 14.14 46.79
CA HIS G 1628 44.90 14.32 47.60
C HIS G 1628 45.14 14.33 49.12
N VAL G 1629 44.08 14.62 49.90
CA VAL G 1629 44.16 14.79 51.35
C VAL G 1629 43.69 13.58 52.12
N GLY G 1630 44.62 12.67 52.41
CA GLY G 1630 44.35 11.28 52.82
C GLY G 1630 43.39 11.07 54.00
N MET G 1631 43.75 11.55 55.18
CA MET G 1631 42.98 11.27 56.39
C MET G 1631 43.23 12.29 57.48
N ILE G 1632 44.10 11.94 58.43
CA ILE G 1632 44.50 12.82 59.52
C ILE G 1632 45.77 12.40 60.26
N ASN G 1633 45.87 11.10 60.57
CA ASN G 1633 46.74 10.56 61.60
C ASN G 1633 46.52 11.35 62.88
N GLY G 1634 47.35 12.35 63.11
CA GLY G 1634 47.17 13.24 64.25
C GLY G 1634 47.24 14.67 63.76
N ARG G 1635 47.26 14.84 62.46
CA ARG G 1635 47.44 16.16 61.87
C ARG G 1635 46.58 16.38 60.62
N LYS G 1636 46.88 15.72 59.50
CA LYS G 1636 46.18 15.98 58.25
C LYS G 1636 46.18 14.87 57.22
N LEU G 1637 47.36 14.28 56.95
CA LEU G 1637 47.59 13.18 56.00
C LEU G 1637 47.24 13.47 54.55
N ILE G 1638 48.26 13.42 53.69
CA ILE G 1638 48.08 13.67 52.27
C ILE G 1638 48.34 12.42 51.47
N LYS G 1639 47.66 12.31 50.34
CA LYS G 1639 47.79 11.14 49.48
C LYS G 1639 48.31 11.51 48.12
N PHE G 1640 49.52 11.04 47.81
CA PHE G 1640 50.14 11.32 46.52
C PHE G 1640 51.23 10.30 46.20
N GLU G 1641 51.35 9.97 44.91
CA GLU G 1641 52.43 9.13 44.42
C GLU G 1641 52.75 9.58 43.02
N THR G 1642 54.02 9.51 42.67
CA THR G 1642 54.48 10.05 41.40
C THR G 1642 54.50 8.99 40.32
N ARG G 1643 54.35 9.45 39.09
CA ARG G 1643 54.00 8.59 37.97
C ARG G 1643 54.86 8.91 36.78
N ASN G 1644 54.24 8.81 35.60
CA ASN G 1644 54.87 9.26 34.37
C ASN G 1644 53.82 9.86 33.44
N GLU G 1645 54.11 9.86 32.14
CA GLU G 1645 53.32 10.60 31.14
C GLU G 1645 51.91 10.05 30.92
N ASP G 1646 51.79 8.73 30.83
CA ASP G 1646 50.49 8.08 30.83
C ASP G 1646 50.27 7.44 32.21
N ASP G 1647 50.71 8.18 33.23
CA ASP G 1647 50.60 7.83 34.66
C ASP G 1647 51.14 6.46 35.01
N VAL G 1648 52.43 6.37 35.27
CA VAL G 1648 53.03 5.09 35.62
C VAL G 1648 53.09 4.91 37.13
N VAL G 1649 53.98 4.03 37.59
CA VAL G 1649 54.09 3.69 39.01
C VAL G 1649 55.38 2.94 39.37
N VAL G 1650 56.15 3.50 40.29
CA VAL G 1650 57.18 2.81 41.07
C VAL G 1650 57.64 3.73 42.19
N LEU G 1651 58.42 3.18 43.13
CA LEU G 1651 59.00 3.85 44.30
C LEU G 1651 57.98 4.41 45.28
N THR G 1652 56.84 3.73 45.38
CA THR G 1652 55.78 3.91 46.40
C THR G 1652 54.99 5.24 46.35
N GLY G 1653 55.09 6.08 47.39
CA GLY G 1653 54.18 7.23 47.59
C GLY G 1653 54.63 8.16 48.72
N GLU G 1654 54.43 9.46 48.53
CA GLU G 1654 54.74 10.42 49.58
C GLU G 1654 53.53 10.66 50.48
N ALA G 1655 53.70 11.55 51.46
CA ALA G 1655 52.69 11.73 52.48
C ALA G 1655 52.70 13.14 53.07
N GLU G 1656 53.36 13.29 54.22
CA GLU G 1656 53.50 14.54 54.97
C GLU G 1656 52.19 15.20 55.39
N ILE G 1657 51.86 15.03 56.66
CA ILE G 1657 50.62 15.56 57.23
C ILE G 1657 50.71 17.05 57.51
N GLU G 1658 50.54 17.87 56.50
CA GLU G 1658 50.69 19.31 56.69
C GLU G 1658 49.46 19.98 57.32
N GLN G 1659 49.62 20.64 58.47
CA GLN G 1659 48.51 21.37 59.10
C GLN G 1659 48.90 22.81 59.47
N PRO G 1660 48.05 23.49 60.24
CA PRO G 1660 48.30 24.88 60.60
C PRO G 1660 48.22 25.08 62.11
N VAL G 1661 48.59 26.28 62.57
CA VAL G 1661 48.62 26.60 63.99
C VAL G 1661 47.21 26.73 64.54
N THR G 1662 46.70 25.63 65.06
CA THR G 1662 45.32 25.57 65.48
C THR G 1662 45.08 26.31 66.79
N THR G 1663 43.80 26.49 67.09
CA THR G 1663 43.39 27.14 68.32
C THR G 1663 41.98 26.70 68.68
N PHE G 1664 41.84 26.08 69.85
CA PHE G 1664 40.53 25.61 70.29
C PHE G 1664 40.02 26.43 71.48
N VAL G 1665 38.71 26.63 71.55
CA VAL G 1665 38.13 27.40 72.65
C VAL G 1665 36.92 26.70 73.25
N PHE G 1666 35.93 27.46 73.70
CA PHE G 1666 34.79 26.88 74.39
C PHE G 1666 33.52 27.72 74.33
N THR G 1667 32.55 27.35 75.15
CA THR G 1667 31.21 27.92 75.12
C THR G 1667 31.08 29.21 75.89
N GLY G 1668 29.84 29.54 76.27
CA GLY G 1668 29.55 30.79 76.97
C GLY G 1668 28.25 30.84 77.76
N GLN G 1669 27.63 29.68 78.02
CA GLN G 1669 26.52 29.53 78.97
C GLN G 1669 25.28 30.34 78.61
N GLY G 1670 25.12 30.70 77.33
CA GLY G 1670 24.04 31.60 77.01
C GLY G 1670 23.18 31.26 75.82
N SER G 1671 23.60 30.30 75.01
CA SER G 1671 22.91 29.98 73.78
C SER G 1671 22.18 28.64 73.87
N GLN G 1672 21.74 28.27 75.06
CA GLN G 1672 21.10 26.98 75.28
C GLN G 1672 19.71 26.94 74.68
N GLU G 1673 19.29 25.75 74.27
CA GLU G 1673 18.01 25.56 73.60
C GLU G 1673 17.60 24.10 73.74
N GLN G 1674 16.65 23.67 72.91
CA GLN G 1674 16.10 22.33 73.03
C GLN G 1674 17.05 21.28 72.46
N GLY G 1675 17.59 21.52 71.27
CA GLY G 1675 18.32 20.51 70.52
C GLY G 1675 19.61 20.03 71.15
N MET G 1676 20.60 20.92 71.22
CA MET G 1676 21.83 20.75 71.99
C MET G 1676 22.61 19.49 71.62
N GLY G 1677 22.89 19.36 70.32
CA GLY G 1677 23.76 18.31 69.83
C GLY G 1677 23.21 16.90 69.98
N MET G 1678 21.90 16.76 70.15
CA MET G 1678 21.29 15.45 70.28
C MET G 1678 21.29 14.68 68.97
N ASP G 1679 21.46 15.36 67.83
CA ASP G 1679 21.77 14.67 66.61
C ASP G 1679 23.17 14.09 66.64
N LEU G 1680 24.09 14.74 67.35
CA LEU G 1680 25.42 14.17 67.50
C LEU G 1680 25.38 12.99 68.46
N TYR G 1681 24.36 12.95 69.33
CA TYR G 1681 24.21 11.85 70.28
C TYR G 1681 24.01 10.52 69.57
N LYS G 1682 23.25 10.50 68.49
CA LYS G 1682 23.05 9.25 67.77
C LYS G 1682 24.20 8.92 66.83
N THR G 1683 25.14 9.84 66.64
CA THR G 1683 26.07 9.68 65.53
C THR G 1683 27.20 8.73 65.88
N SER G 1684 28.02 9.07 66.86
CA SER G 1684 29.12 8.21 67.25
C SER G 1684 28.78 7.48 68.53
N LYS G 1685 29.25 6.24 68.62
CA LYS G 1685 29.15 5.50 69.87
C LYS G 1685 29.95 6.18 70.96
N ALA G 1686 31.14 6.69 70.61
CA ALA G 1686 31.91 7.49 71.54
C ALA G 1686 31.15 8.77 71.89
N ALA G 1687 30.40 9.31 70.93
CA ALA G 1687 29.51 10.41 71.30
C ALA G 1687 28.32 9.90 72.10
N GLN G 1688 27.93 8.64 71.88
CA GLN G 1688 26.74 8.14 72.56
C GLN G 1688 27.02 7.86 74.02
N ASP G 1689 28.07 7.10 74.30
CA ASP G 1689 28.23 6.51 75.62
C ASP G 1689 28.61 7.55 76.67
N VAL G 1690 29.37 8.57 76.28
CA VAL G 1690 29.78 9.60 77.22
C VAL G 1690 28.57 10.42 77.62
N TRP G 1691 27.62 10.55 76.70
CA TRP G 1691 26.34 11.13 77.06
C TRP G 1691 25.51 10.19 77.93
N ASN G 1692 25.84 8.92 77.94
CA ASN G 1692 25.07 8.02 78.79
C ASN G 1692 25.84 7.62 80.03
N ARG G 1693 27.13 7.90 80.05
CA ARG G 1693 28.00 7.48 81.14
C ARG G 1693 27.61 8.16 82.44
N ALA G 1694 27.67 9.48 82.46
CA ALA G 1694 27.24 10.21 83.64
C ALA G 1694 25.74 10.14 83.83
N ASP G 1695 25.00 9.88 82.75
CA ASP G 1695 23.56 9.71 82.84
C ASP G 1695 23.22 8.52 83.72
N ASN G 1696 24.00 7.45 83.61
CA ASN G 1696 23.88 6.36 84.56
C ASN G 1696 24.32 6.81 85.94
N HIS G 1697 25.31 7.69 86.01
CA HIS G 1697 25.82 8.14 87.29
C HIS G 1697 24.85 9.08 87.99
N PHE G 1698 23.99 9.77 87.23
CA PHE G 1698 23.00 10.64 87.85
C PHE G 1698 22.03 9.86 88.71
N LYS G 1699 21.36 8.87 88.13
CA LYS G 1699 20.38 8.12 88.89
C LYS G 1699 21.01 7.23 89.95
N ASP G 1700 22.32 6.98 89.86
CA ASP G 1700 23.04 6.33 90.92
C ASP G 1700 23.48 7.30 91.99
N THR G 1701 23.24 8.60 91.78
CA THR G 1701 23.43 9.61 92.81
C THR G 1701 22.10 10.31 93.12
N TYR G 1702 21.43 10.80 92.09
CA TYR G 1702 20.28 11.69 92.26
C TYR G 1702 19.37 11.43 91.07
N GLY G 1703 18.32 10.65 91.31
CA GLY G 1703 17.58 10.04 90.22
C GLY G 1703 16.77 10.93 89.31
N PHE G 1704 17.32 11.18 88.12
CA PHE G 1704 16.64 11.63 86.91
C PHE G 1704 17.64 11.55 85.79
N SER G 1705 17.16 11.23 84.60
CA SER G 1705 18.02 11.18 83.42
C SER G 1705 18.02 12.54 82.76
N ILE G 1706 19.21 13.11 82.60
CA ILE G 1706 19.37 14.37 81.87
C ILE G 1706 19.03 14.16 80.40
N LEU G 1707 19.25 12.94 79.88
CA LEU G 1707 18.82 12.61 78.53
C LEU G 1707 17.29 12.65 78.41
N ASP G 1708 16.57 12.37 79.51
CA ASP G 1708 15.14 12.60 79.48
C ASP G 1708 14.81 14.08 79.58
N ILE G 1709 15.77 14.90 80.01
CA ILE G 1709 15.47 16.31 80.12
C ILE G 1709 15.63 17.00 78.78
N VAL G 1710 16.77 16.80 78.13
CA VAL G 1710 17.08 17.72 77.04
C VAL G 1710 16.48 17.25 75.72
N ILE G 1711 16.14 15.96 75.58
CA ILE G 1711 15.56 15.50 74.32
C ILE G 1711 14.11 15.97 74.23
N ASN G 1712 13.36 15.70 75.27
CA ASN G 1712 12.02 16.24 75.43
C ASN G 1712 12.01 17.09 76.68
N ASN G 1713 11.91 18.39 76.51
CA ASN G 1713 12.00 19.33 77.59
C ASN G 1713 10.81 19.16 78.52
N PRO G 1714 11.03 18.81 79.77
CA PRO G 1714 9.91 18.73 80.71
C PRO G 1714 9.46 20.12 81.05
N VAL G 1715 8.57 20.67 80.22
CA VAL G 1715 8.12 22.05 80.30
C VAL G 1715 7.33 22.19 81.59
N ASN G 1716 7.05 23.43 81.99
CA ASN G 1716 7.11 23.96 83.36
C ASN G 1716 6.75 23.00 84.50
N LEU G 1717 5.81 22.10 84.30
CA LEU G 1717 5.66 20.99 85.23
C LEU G 1717 6.81 20.03 84.99
N THR G 1718 7.89 20.19 85.73
CA THR G 1718 9.06 19.35 85.50
C THR G 1718 9.01 18.12 86.40
N ILE G 1719 10.14 17.43 86.51
CA ILE G 1719 10.20 16.16 87.20
C ILE G 1719 10.10 16.38 88.71
N HIS G 1720 9.49 15.43 89.39
CA HIS G 1720 9.06 15.58 90.77
C HIS G 1720 9.81 14.69 91.74
N PHE G 1721 10.75 13.88 91.25
CA PHE G 1721 11.45 12.85 92.02
C PHE G 1721 10.46 11.86 92.64
N GLY G 1722 9.91 10.99 91.78
CA GLY G 1722 9.15 9.83 92.21
C GLY G 1722 9.84 9.06 93.34
N GLY G 1723 11.05 8.55 93.07
CA GLY G 1723 12.03 8.15 94.07
C GLY G 1723 11.61 7.25 95.21
N GLU G 1724 11.31 5.98 94.93
CA GLU G 1724 10.75 5.11 95.96
C GLU G 1724 11.75 4.83 97.07
N LYS G 1725 11.21 4.56 98.26
CA LYS G 1725 11.97 4.44 99.49
C LYS G 1725 12.51 3.06 99.72
N GLY G 1726 12.77 2.32 98.66
CA GLY G 1726 13.32 0.98 98.78
C GLY G 1726 14.80 1.03 99.06
N LYS G 1727 15.56 0.33 98.22
CA LYS G 1727 17.01 0.24 98.40
C LYS G 1727 17.71 1.59 98.25
N ARG G 1728 17.12 2.52 97.51
CA ARG G 1728 17.79 3.77 97.15
C ARG G 1728 17.43 4.92 98.05
N ILE G 1729 16.84 4.67 99.22
CA ILE G 1729 16.42 5.78 100.06
C ILE G 1729 17.63 6.53 100.59
N ARG G 1730 18.68 5.82 100.94
CA ARG G 1730 19.85 6.46 101.51
C ARG G 1730 20.67 7.16 100.45
N GLU G 1731 20.46 6.82 99.18
CA GLU G 1731 21.25 7.41 98.12
C GLU G 1731 20.58 8.63 97.54
N ASN G 1732 19.26 8.70 97.60
CA ASN G 1732 18.55 9.78 96.92
C ASN G 1732 17.72 10.63 97.87
N TYR G 1733 16.83 10.03 98.66
CA TYR G 1733 16.02 10.83 99.57
C TYR G 1733 16.70 10.95 100.92
N SER G 1734 18.01 11.16 100.88
CA SER G 1734 18.93 11.18 102.00
C SER G 1734 20.21 11.71 101.41
N ALA G 1735 21.33 11.37 102.05
CA ALA G 1735 22.69 11.59 101.58
C ALA G 1735 22.90 11.34 100.09
N MET G 1736 23.80 12.12 99.50
CA MET G 1736 24.00 12.52 98.10
C MET G 1736 23.00 13.61 97.73
N ILE G 1737 22.09 13.96 98.63
CA ILE G 1737 21.48 15.27 98.71
C ILE G 1737 21.36 15.52 100.20
N PHE G 1738 20.87 16.71 100.58
CA PHE G 1738 20.63 17.10 101.96
C PHE G 1738 21.93 17.20 102.75
N GLU G 1739 23.01 17.56 102.04
CA GLU G 1739 24.27 17.96 102.66
C GLU G 1739 24.82 19.21 101.97
N THR G 1740 23.93 20.07 101.51
CA THR G 1740 24.33 21.26 100.78
C THR G 1740 24.42 22.45 101.72
N ILE G 1741 25.56 23.14 101.72
CA ILE G 1741 25.84 24.20 102.70
C ILE G 1741 26.15 25.49 101.94
N VAL G 1742 25.42 26.56 102.24
CA VAL G 1742 25.68 27.87 101.65
C VAL G 1742 26.35 28.76 102.68
N ASP G 1743 27.39 29.45 102.24
CA ASP G 1743 28.08 30.45 103.05
C ASP G 1743 27.60 31.85 102.73
N GLY G 1744 26.34 31.99 102.33
CA GLY G 1744 25.79 33.30 101.99
C GLY G 1744 25.54 34.16 103.20
N LYS G 1745 25.25 33.53 104.34
CA LYS G 1745 25.10 34.23 105.61
C LYS G 1745 26.00 33.54 106.61
N LEU G 1746 25.69 33.72 107.88
CA LEU G 1746 26.19 32.89 108.98
C LEU G 1746 26.30 31.44 108.56
N LYS G 1747 27.50 30.88 108.75
CA LYS G 1747 28.10 29.92 107.82
C LYS G 1747 27.29 28.65 107.64
N THR G 1748 27.03 27.94 108.74
CA THR G 1748 26.41 26.62 108.66
C THR G 1748 24.94 26.79 108.31
N GLU G 1749 24.69 26.94 107.00
CA GLU G 1749 23.37 27.22 106.45
C GLU G 1749 23.07 26.11 105.46
N LYS G 1750 22.35 25.10 105.92
CA LYS G 1750 22.07 23.93 105.09
C LYS G 1750 21.02 24.28 104.04
N ILE G 1751 21.36 24.06 102.78
CA ILE G 1751 20.57 24.64 101.70
C ILE G 1751 19.29 23.83 101.51
N PHE G 1752 18.18 24.56 101.37
CA PHE G 1752 16.93 24.07 100.78
C PHE G 1752 16.36 22.92 101.58
N LYS G 1753 15.81 23.25 102.73
CA LYS G 1753 15.33 22.28 103.71
C LYS G 1753 14.01 21.68 103.23
N GLU G 1754 13.26 21.13 104.18
CA GLU G 1754 12.15 20.17 104.00
C GLU G 1754 12.59 18.95 103.18
N ILE G 1755 13.86 18.58 103.28
CA ILE G 1755 14.28 17.27 102.79
C ILE G 1755 14.75 16.47 103.99
N ASN G 1756 14.12 16.68 105.15
CA ASN G 1756 14.43 15.85 106.30
C ASN G 1756 13.81 14.47 106.13
N GLU G 1757 14.36 13.52 106.88
CA GLU G 1757 14.56 12.11 106.53
C GLU G 1757 13.51 11.44 105.65
N HIS G 1758 12.23 11.76 105.83
CA HIS G 1758 11.22 11.13 104.98
C HIS G 1758 11.11 11.86 103.64
N SER G 1759 10.47 13.03 103.66
CA SER G 1759 10.36 14.02 102.57
C SER G 1759 10.19 13.43 101.19
N THR G 1760 9.11 12.70 101.01
CA THR G 1760 8.87 12.06 99.73
C THR G 1760 8.59 13.10 98.66
N SER G 1761 9.30 12.94 97.54
CA SER G 1761 9.15 13.74 96.31
C SER G 1761 9.45 15.22 96.55
N TYR G 1762 10.70 15.51 96.84
CA TYR G 1762 11.18 16.85 96.61
C TYR G 1762 11.16 17.14 95.12
N THR G 1763 10.52 18.25 94.76
CA THR G 1763 10.07 18.43 93.39
C THR G 1763 10.64 19.73 92.82
N PHE G 1764 11.34 19.61 91.69
CA PHE G 1764 11.73 20.78 90.93
C PHE G 1764 10.64 21.17 89.96
N ARG G 1765 10.54 22.48 89.71
CA ARG G 1765 9.68 22.99 88.64
C ARG G 1765 10.18 24.36 88.23
N SER G 1766 10.33 24.57 86.93
CA SER G 1766 10.57 25.90 86.43
C SER G 1766 9.26 26.49 85.93
N GLU G 1767 9.33 27.62 85.25
CA GLU G 1767 8.18 28.18 84.57
C GLU G 1767 8.49 28.58 83.14
N LYS G 1768 9.59 28.09 82.58
CA LYS G 1768 9.97 28.42 81.21
C LYS G 1768 10.50 27.20 80.47
N GLY G 1769 10.07 26.02 80.88
CA GLY G 1769 10.74 24.80 80.47
C GLY G 1769 11.83 24.46 81.45
N LEU G 1770 12.17 23.18 81.58
CA LEU G 1770 13.17 22.77 82.56
C LEU G 1770 14.56 23.24 82.17
N LEU G 1771 14.83 23.42 80.88
CA LEU G 1771 16.15 23.88 80.46
C LEU G 1771 16.35 25.33 80.84
N SER G 1772 16.63 25.55 82.12
CA SER G 1772 16.62 26.88 82.72
C SER G 1772 17.38 26.81 84.03
N ALA G 1773 17.26 27.86 84.82
CA ALA G 1773 17.62 27.92 86.24
C ALA G 1773 19.11 27.79 86.51
N THR G 1774 19.95 27.74 85.46
CA THR G 1774 21.41 27.59 85.53
C THR G 1774 21.84 26.39 86.37
N GLN G 1775 21.00 25.38 86.41
CA GLN G 1775 21.15 24.25 87.30
C GLN G 1775 21.18 22.94 86.56
N PHE G 1776 20.35 22.80 85.54
CA PHE G 1776 20.41 21.68 84.64
C PHE G 1776 21.12 22.02 83.35
N THR G 1777 21.05 23.29 82.92
CA THR G 1777 21.67 23.69 81.66
C THR G 1777 23.18 23.57 81.74
N GLN G 1778 23.75 24.00 82.86
CA GLN G 1778 25.21 23.97 83.00
C GLN G 1778 25.81 22.57 82.98
N PRO G 1779 25.26 21.54 83.63
CA PRO G 1779 25.77 20.20 83.34
C PRO G 1779 25.41 19.74 81.95
N ALA G 1780 24.29 20.17 81.40
CA ALA G 1780 23.94 19.76 80.06
C ALA G 1780 24.84 20.42 79.05
N LEU G 1781 25.20 21.69 79.29
CA LEU G 1781 26.00 22.39 78.30
C LEU G 1781 27.42 21.87 78.28
N THR G 1782 27.94 21.48 79.44
CA THR G 1782 29.31 20.98 79.43
C THR G 1782 29.39 19.56 78.91
N LEU G 1783 28.29 18.83 78.88
CA LEU G 1783 28.39 17.47 78.41
C LEU G 1783 28.19 17.40 76.91
N MET G 1784 27.41 18.33 76.37
CA MET G 1784 27.13 18.38 74.94
C MET G 1784 28.40 18.61 74.14
N GLU G 1785 29.08 19.71 74.43
CA GLU G 1785 30.26 20.07 73.65
C GLU G 1785 31.42 19.12 73.91
N LYS G 1786 31.47 18.52 75.10
CA LYS G 1786 32.57 17.62 75.43
C LYS G 1786 32.53 16.39 74.56
N ALA G 1787 31.36 15.76 74.46
CA ALA G 1787 31.20 14.65 73.53
C ALA G 1787 31.30 15.12 72.10
N ALA G 1788 30.94 16.39 71.83
CA ALA G 1788 31.11 16.94 70.50
C ALA G 1788 32.57 17.11 70.16
N PHE G 1789 33.44 17.25 71.16
CA PHE G 1789 34.84 17.35 70.86
C PHE G 1789 35.46 15.98 70.65
N GLU G 1790 34.96 14.95 71.33
CA GLU G 1790 35.67 13.69 71.35
C GLU G 1790 35.50 12.91 70.05
N ASP G 1791 34.45 13.21 69.28
CA ASP G 1791 34.38 12.66 67.94
C ASP G 1791 35.51 13.21 67.08
N LEU G 1792 35.89 14.46 67.32
CA LEU G 1792 37.05 14.99 66.64
C LEU G 1792 38.32 14.35 67.18
N LYS G 1793 38.30 13.91 68.43
CA LYS G 1793 39.41 13.13 68.95
C LYS G 1793 39.41 11.75 68.33
N SER G 1794 38.25 11.23 67.96
CA SER G 1794 38.16 9.89 67.41
C SER G 1794 38.78 9.81 66.02
N LYS G 1795 38.84 10.92 65.31
CA LYS G 1795 39.37 10.93 63.96
C LYS G 1795 40.71 11.63 63.86
N GLY G 1796 41.39 11.83 64.97
CA GLY G 1796 42.77 12.30 64.97
C GLY G 1796 42.96 13.71 64.46
N LEU G 1797 42.07 14.62 64.87
CA LEU G 1797 42.04 15.98 64.36
C LEU G 1797 42.65 16.97 65.35
N ILE G 1798 43.60 16.54 66.16
CA ILE G 1798 44.14 17.36 67.23
C ILE G 1798 45.67 17.29 67.24
N PRO G 1799 46.36 18.43 67.24
CA PRO G 1799 47.83 18.40 67.33
C PRO G 1799 48.35 18.07 68.72
N ALA G 1800 49.67 18.09 68.88
CA ALA G 1800 50.27 17.75 70.17
C ALA G 1800 50.08 18.88 71.18
N ASP G 1801 49.87 20.10 70.69
CA ASP G 1801 49.60 21.25 71.55
C ASP G 1801 48.75 22.27 70.81
N ALA G 1802 47.90 22.95 71.57
CA ALA G 1802 46.97 23.93 71.02
C ALA G 1802 46.63 24.93 72.13
N THR G 1803 45.48 25.59 71.99
CA THR G 1803 45.04 26.58 72.94
C THR G 1803 43.88 26.07 73.77
N PHE G 1804 43.66 26.70 74.92
CA PHE G 1804 42.56 26.38 75.82
C PHE G 1804 41.93 27.68 76.28
N ALA G 1805 40.60 27.75 76.24
CA ALA G 1805 39.91 28.94 76.71
C ALA G 1805 38.55 28.56 77.25
N GLY G 1806 37.90 29.52 77.90
CA GLY G 1806 36.54 29.36 78.34
C GLY G 1806 35.97 30.72 78.66
N HIS G 1807 34.65 30.77 78.82
CA HIS G 1807 34.00 32.04 79.15
C HIS G 1807 32.97 31.74 80.23
N SER G 1808 33.45 31.75 81.48
CA SER G 1808 32.70 31.59 82.74
C SER G 1808 32.06 30.22 82.91
N LEU G 1809 32.11 29.36 81.90
CA LEU G 1809 31.78 27.95 82.02
C LEU G 1809 32.82 27.06 81.36
N GLY G 1810 33.37 27.48 80.23
CA GLY G 1810 34.30 26.65 79.47
C GLY G 1810 35.63 26.46 80.15
N GLU G 1811 35.94 27.26 81.16
CA GLU G 1811 37.11 27.03 81.98
C GLU G 1811 36.97 25.75 82.79
N TYR G 1812 35.75 25.43 83.19
CA TYR G 1812 35.48 24.15 83.82
C TYR G 1812 35.61 23.02 82.81
N ALA G 1813 35.01 23.19 81.65
CA ALA G 1813 35.16 22.22 80.57
C ALA G 1813 36.40 22.50 79.74
N ALA G 1814 37.52 22.75 80.43
CA ALA G 1814 38.81 22.93 79.79
C ALA G 1814 39.72 21.76 80.10
N LEU G 1815 40.01 21.54 81.37
CA LEU G 1815 40.72 20.35 81.81
C LEU G 1815 39.75 19.23 82.11
N ALA G 1816 38.46 19.45 81.84
CA ALA G 1816 37.48 18.38 81.70
C ALA G 1816 37.35 17.95 80.26
N SER G 1817 37.58 18.88 79.34
CA SER G 1817 37.73 18.56 77.93
C SER G 1817 39.15 18.06 77.68
N LEU G 1818 39.58 18.17 76.44
CA LEU G 1818 40.93 17.84 75.97
C LEU G 1818 42.02 18.27 76.96
N ALA G 1819 42.98 17.36 77.15
CA ALA G 1819 43.76 17.23 78.38
C ALA G 1819 42.81 17.16 79.57
N ASP G 1820 42.15 16.01 79.70
CA ASP G 1820 41.31 15.78 80.86
C ASP G 1820 42.14 15.33 82.06
N VAL G 1821 41.78 15.85 83.23
CA VAL G 1821 42.38 15.45 84.48
C VAL G 1821 41.36 14.82 85.41
N MET G 1822 40.09 14.98 85.12
CA MET G 1822 39.05 14.43 85.95
C MET G 1822 38.29 13.33 85.23
N SER G 1823 37.46 12.61 85.96
CA SER G 1823 36.57 11.65 85.36
C SER G 1823 35.38 12.37 84.75
N ILE G 1824 34.54 11.60 84.06
CA ILE G 1824 33.29 12.15 83.54
C ILE G 1824 32.34 12.44 84.69
N GLU G 1825 32.20 11.48 85.61
CA GLU G 1825 31.23 11.64 86.69
C GLU G 1825 31.69 12.64 87.72
N SER G 1826 33.00 12.87 87.82
CA SER G 1826 33.49 13.93 88.70
C SER G 1826 33.14 15.29 88.14
N LEU G 1827 33.04 15.40 86.81
CA LEU G 1827 32.68 16.66 86.20
C LEU G 1827 31.24 17.03 86.52
N VAL G 1828 30.30 16.12 86.25
CA VAL G 1828 28.89 16.47 86.28
C VAL G 1828 28.39 16.73 87.69
N GLU G 1829 29.05 16.19 88.71
CA GLU G 1829 28.69 16.53 90.08
C GLU G 1829 29.07 17.96 90.39
N VAL G 1830 30.33 18.31 90.14
CA VAL G 1830 30.82 19.62 90.59
C VAL G 1830 30.29 20.75 89.74
N VAL G 1831 29.70 20.45 88.57
CA VAL G 1831 28.97 21.50 87.87
C VAL G 1831 27.62 21.71 88.53
N PHE G 1832 26.90 20.62 88.76
CA PHE G 1832 25.59 20.68 89.40
C PHE G 1832 25.68 21.17 90.83
N TYR G 1833 26.81 20.87 91.48
CA TYR G 1833 27.17 21.54 92.73
C TYR G 1833 27.24 23.05 92.51
N ARG G 1834 28.03 23.46 91.53
CA ARG G 1834 28.23 24.88 91.27
C ARG G 1834 26.98 25.51 90.69
N GLY G 1835 26.30 24.79 89.80
CA GLY G 1835 25.08 25.30 89.21
C GLY G 1835 23.93 25.40 90.18
N MET G 1836 24.04 24.71 91.32
CA MET G 1836 23.18 25.00 92.44
C MET G 1836 23.74 26.13 93.30
N THR G 1837 25.07 26.27 93.34
CA THR G 1837 25.69 27.20 94.28
C THR G 1837 25.45 28.65 93.88
N MET G 1838 25.47 28.93 92.59
CA MET G 1838 25.22 30.28 92.11
C MET G 1838 23.80 30.74 92.34
N GLN G 1839 22.85 29.81 92.46
CA GLN G 1839 21.47 30.19 92.72
C GLN G 1839 21.28 30.73 94.12
N VAL G 1840 22.03 30.22 95.08
CA VAL G 1840 21.91 30.66 96.45
C VAL G 1840 22.98 31.70 96.79
N ALA G 1841 23.44 32.45 95.79
CA ALA G 1841 24.37 33.54 96.07
C ALA G 1841 23.74 34.64 96.91
N VAL G 1842 22.43 34.79 96.86
CA VAL G 1842 21.75 35.80 97.66
C VAL G 1842 20.40 35.29 98.16
N PRO G 1843 20.12 35.40 99.46
CA PRO G 1843 18.77 35.17 99.97
C PRO G 1843 17.91 36.41 99.82
N ARG G 1844 16.96 36.35 98.89
CA ARG G 1844 16.18 37.54 98.58
C ARG G 1844 14.87 37.14 97.94
N ASP G 1845 13.80 37.84 98.34
CA ASP G 1845 12.48 37.82 97.72
C ASP G 1845 11.81 36.46 97.70
N GLU G 1846 11.20 36.09 98.81
CA GLU G 1846 10.43 34.86 99.00
C GLU G 1846 9.43 34.50 97.89
N LEU G 1847 8.96 35.47 97.10
CA LEU G 1847 8.11 35.16 95.94
C LEU G 1847 8.99 34.90 94.72
N GLY G 1848 9.76 35.90 94.32
CA GLY G 1848 11.02 35.69 93.61
C GLY G 1848 11.28 36.78 92.60
N ARG G 1849 12.38 37.50 92.84
CA ARG G 1849 12.76 38.78 92.26
C ARG G 1849 14.21 39.01 92.66
N SER G 1850 14.89 39.98 92.06
CA SER G 1850 16.32 40.10 92.30
C SER G 1850 16.71 41.56 92.45
N ASN G 1851 17.71 41.80 93.30
CA ASN G 1851 18.33 43.10 93.41
C ASN G 1851 19.64 43.17 92.63
N TYR G 1852 19.86 42.22 91.72
CA TYR G 1852 21.09 42.11 90.96
C TYR G 1852 20.75 42.21 89.49
N GLY G 1853 21.75 42.05 88.64
CA GLY G 1853 21.50 42.08 87.21
C GLY G 1853 22.79 42.30 86.44
N MET G 1854 22.67 42.18 85.11
CA MET G 1854 23.77 42.44 84.20
C MET G 1854 23.28 43.41 83.14
N ILE G 1855 24.19 44.30 82.70
CA ILE G 1855 23.90 45.22 81.61
C ILE G 1855 25.03 45.13 80.60
N ALA G 1856 24.69 45.33 79.34
CA ALA G 1856 25.66 45.41 78.26
C ALA G 1856 25.75 46.85 77.79
N ILE G 1857 26.72 47.13 76.91
CA ILE G 1857 27.00 48.49 76.48
C ILE G 1857 27.55 48.48 75.05
N ASN G 1858 27.39 49.61 74.39
CA ASN G 1858 27.97 50.12 73.18
C ASN G 1858 29.33 50.74 73.47
N PRO G 1859 30.13 51.00 72.45
CA PRO G 1859 31.07 52.12 72.55
C PRO G 1859 30.28 53.41 72.62
N GLY G 1860 30.78 54.33 73.42
CA GLY G 1860 29.98 55.40 73.96
C GLY G 1860 30.40 56.79 73.56
N ARG G 1861 30.58 57.08 72.26
CA ARG G 1861 31.17 58.34 71.77
C ARG G 1861 32.61 58.42 72.26
N VAL G 1862 33.54 57.96 71.43
CA VAL G 1862 34.62 56.98 71.64
C VAL G 1862 35.08 56.73 73.07
N ALA G 1863 35.34 55.45 73.36
CA ALA G 1863 35.11 54.75 74.62
C ALA G 1863 36.35 53.94 74.99
N ALA G 1864 36.15 52.85 75.76
CA ALA G 1864 37.21 51.92 76.18
C ALA G 1864 38.21 52.60 77.10
N SER G 1865 37.81 52.73 78.37
CA SER G 1865 38.36 53.52 79.47
C SER G 1865 37.93 54.97 79.38
N PHE G 1866 36.86 55.21 78.63
CA PHE G 1866 36.01 56.37 78.81
C PHE G 1866 35.50 56.38 80.24
N SER G 1867 34.64 55.41 80.55
CA SER G 1867 33.88 55.37 81.79
C SER G 1867 34.37 54.30 82.75
N GLN G 1868 35.57 53.77 82.49
CA GLN G 1868 36.14 52.74 83.37
C GLN G 1868 36.43 53.29 84.75
N GLU G 1869 36.90 54.52 84.84
CA GLU G 1869 37.03 55.17 86.13
C GLU G 1869 35.72 55.78 86.60
N ALA G 1870 34.83 56.14 85.68
CA ALA G 1870 33.62 56.86 86.05
C ALA G 1870 32.63 55.97 86.77
N LEU G 1871 32.60 54.69 86.44
CA LEU G 1871 31.80 53.74 87.21
C LEU G 1871 32.37 53.58 88.61
N GLN G 1872 33.69 53.71 88.74
CA GLN G 1872 34.31 53.70 90.05
C GLN G 1872 34.05 54.98 90.81
N TYR G 1873 33.58 56.03 90.14
CA TYR G 1873 33.06 57.18 90.86
C TYR G 1873 31.66 56.93 91.37
N VAL G 1874 30.94 56.03 90.71
CA VAL G 1874 29.61 55.70 91.20
C VAL G 1874 29.71 54.87 92.47
N VAL G 1875 30.75 54.04 92.59
CA VAL G 1875 30.86 53.15 93.74
C VAL G 1875 31.52 53.80 94.93
N GLU G 1876 31.78 55.11 94.86
CA GLU G 1876 31.96 55.92 96.05
C GLU G 1876 30.83 55.69 97.04
N ARG G 1877 29.59 55.61 96.55
CA ARG G 1877 28.42 55.70 97.40
C ARG G 1877 27.76 54.38 97.73
N VAL G 1878 27.52 53.49 96.75
CA VAL G 1878 26.65 52.34 96.97
C VAL G 1878 27.38 51.01 96.70
N GLY G 1879 27.97 50.84 95.53
CA GLY G 1879 28.71 49.62 95.24
C GLY G 1879 28.19 48.76 94.09
N LYS G 1880 29.00 48.60 93.06
CA LYS G 1880 28.77 47.68 91.95
C LYS G 1880 30.12 47.39 91.29
N ARG G 1881 30.12 46.49 90.31
CA ARG G 1881 31.36 46.12 89.63
C ARG G 1881 31.13 46.14 88.13
N THR G 1882 32.18 45.80 87.39
CA THR G 1882 32.02 45.41 86.00
C THR G 1882 31.99 43.90 85.91
N GLY G 1883 31.29 43.40 84.90
CA GLY G 1883 31.28 41.97 84.62
C GLY G 1883 32.52 41.59 83.87
N TRP G 1884 32.39 40.80 82.81
CA TRP G 1884 33.56 40.37 82.07
C TRP G 1884 33.85 41.32 80.92
N LEU G 1885 35.08 41.84 80.92
CA LEU G 1885 35.54 42.80 79.92
C LEU G 1885 35.73 42.01 78.63
N VAL G 1886 34.65 41.87 77.88
CA VAL G 1886 34.64 40.89 76.81
C VAL G 1886 35.22 41.45 75.53
N GLU G 1887 34.94 42.70 75.20
CA GLU G 1887 35.48 43.31 74.00
C GLU G 1887 35.68 44.80 74.23
N ILE G 1888 35.95 45.54 73.16
CA ILE G 1888 35.85 46.99 73.22
C ILE G 1888 34.44 47.42 72.83
N VAL G 1889 33.85 46.74 71.87
CA VAL G 1889 32.48 46.98 71.48
C VAL G 1889 31.50 46.18 72.34
N ASN G 1890 31.99 45.56 73.41
CA ASN G 1890 31.14 44.74 74.25
C ASN G 1890 31.71 44.76 75.66
N TYR G 1891 30.85 45.00 76.65
CA TYR G 1891 31.26 44.99 78.04
C TYR G 1891 30.11 44.52 78.91
N ASN G 1892 30.44 44.08 80.11
CA ASN G 1892 29.48 43.69 81.12
C ASN G 1892 29.74 44.46 82.39
N VAL G 1893 28.66 44.85 83.07
CA VAL G 1893 28.77 45.59 84.32
C VAL G 1893 27.91 44.90 85.36
N GLU G 1894 28.52 44.56 86.49
CA GLU G 1894 27.78 43.96 87.59
C GLU G 1894 26.90 45.01 88.22
N ASN G 1895 25.62 44.69 88.36
CA ASN G 1895 24.62 45.69 88.66
C ASN G 1895 24.03 45.42 90.03
N GLN G 1896 23.86 46.48 90.81
CA GLN G 1896 23.07 46.42 92.02
C GLN G 1896 21.83 47.25 91.72
N GLN G 1897 20.66 46.59 91.69
CA GLN G 1897 19.49 46.87 90.84
C GLN G 1897 19.20 48.32 90.49
N TYR G 1898 19.43 49.24 91.44
CA TYR G 1898 19.28 50.67 91.16
C TYR G 1898 20.23 51.19 90.09
N VAL G 1899 21.32 50.49 89.76
CA VAL G 1899 22.24 50.97 88.73
C VAL G 1899 21.59 50.89 87.35
N ALA G 1900 20.77 49.85 87.14
CA ALA G 1900 20.08 49.68 85.86
C ALA G 1900 18.99 50.73 85.67
N ALA G 1901 18.51 51.31 86.77
CA ALA G 1901 17.49 52.34 86.69
C ALA G 1901 18.04 53.74 86.96
N GLY G 1902 18.81 53.90 88.03
CA GLY G 1902 19.24 55.22 88.43
C GLY G 1902 20.40 55.73 87.60
N ASP G 1903 21.38 54.87 87.37
CA ASP G 1903 22.53 55.31 86.60
C ASP G 1903 22.33 55.22 85.09
N LEU G 1904 21.14 54.83 84.63
CA LEU G 1904 20.90 54.78 83.19
C LEU G 1904 20.86 56.18 82.60
N ARG G 1905 20.22 57.12 83.30
CA ARG G 1905 20.26 58.52 82.88
C ARG G 1905 21.64 59.12 83.10
N ALA G 1906 22.40 58.58 84.06
CA ALA G 1906 23.77 59.02 84.26
C ALA G 1906 24.64 58.66 83.07
N LEU G 1907 24.36 57.54 82.42
CA LEU G 1907 25.08 57.18 81.21
C LEU G 1907 24.37 57.69 79.96
N ASP G 1908 23.10 58.06 80.07
CA ASP G 1908 22.41 58.72 78.97
C ASP G 1908 22.60 60.23 78.99
N THR G 1909 23.23 60.78 80.04
CA THR G 1909 23.60 62.18 80.02
C THR G 1909 24.75 62.44 79.05
N VAL G 1910 25.60 61.44 78.86
CA VAL G 1910 26.86 61.64 78.14
C VAL G 1910 26.68 61.54 76.63
N THR G 1911 25.63 60.89 76.15
CA THR G 1911 25.36 60.87 74.71
C THR G 1911 24.93 62.24 74.20
N ASN G 1912 24.47 63.12 75.08
CA ASN G 1912 24.49 64.54 74.78
C ASN G 1912 25.94 64.95 74.62
N VAL G 1913 26.26 65.51 73.45
CA VAL G 1913 27.56 65.41 72.79
C VAL G 1913 28.72 65.89 73.66
N LEU G 1914 29.58 64.94 74.09
CA LEU G 1914 30.65 65.28 75.00
C LEU G 1914 31.75 64.22 74.89
N ASN G 1915 32.82 64.54 74.16
CA ASN G 1915 34.01 63.70 74.06
C ASN G 1915 35.07 64.19 75.05
N PHE G 1916 36.32 63.74 74.87
CA PHE G 1916 37.41 64.08 75.79
C PHE G 1916 37.75 65.57 75.72
N ILE G 1917 37.86 66.19 76.90
CA ILE G 1917 38.18 67.61 77.03
C ILE G 1917 39.38 67.65 77.97
N LYS G 1918 39.75 68.83 78.47
CA LYS G 1918 40.92 68.98 79.32
C LYS G 1918 40.69 68.52 80.76
N LEU G 1919 41.59 68.95 81.65
CA LEU G 1919 41.85 68.36 82.97
C LEU G 1919 40.64 68.17 83.87
N GLN G 1920 40.76 67.22 84.79
CA GLN G 1920 39.69 66.64 85.59
C GLN G 1920 39.65 67.26 86.98
N LYS G 1921 38.92 66.58 87.87
CA LYS G 1921 38.70 66.85 89.30
C LYS G 1921 37.75 67.99 89.55
N ILE G 1922 37.05 68.43 88.50
CA ILE G 1922 35.93 69.37 88.62
C ILE G 1922 34.81 68.78 87.77
N ASP G 1923 33.99 67.93 88.38
CA ASP G 1923 33.71 66.67 87.72
C ASP G 1923 32.35 66.12 88.13
N ILE G 1924 32.30 64.79 88.15
CA ILE G 1924 31.26 63.78 88.34
C ILE G 1924 30.61 63.83 89.73
N ILE G 1925 29.97 62.72 90.16
CA ILE G 1925 28.61 62.43 90.61
C ILE G 1925 27.75 63.48 91.29
N GLU G 1926 28.25 64.70 91.53
CA GLU G 1926 27.33 65.79 91.86
C GLU G 1926 26.26 66.00 90.78
N LEU G 1927 26.50 65.58 89.54
CA LEU G 1927 25.47 65.52 88.52
C LEU G 1927 24.73 64.19 88.52
N GLN G 1928 25.36 63.11 88.99
CA GLN G 1928 24.81 61.78 88.79
C GLN G 1928 23.80 61.41 89.85
N LYS G 1929 24.15 61.61 91.13
CA LYS G 1929 23.29 61.28 92.26
C LYS G 1929 22.08 62.20 92.38
N SER G 1930 21.97 63.21 91.52
CA SER G 1930 20.70 63.85 91.25
C SER G 1930 19.70 62.91 90.57
N LEU G 1931 20.17 61.80 90.00
CA LEU G 1931 19.29 60.90 89.27
C LEU G 1931 19.20 59.52 89.87
N SER G 1932 20.17 59.10 90.69
CA SER G 1932 20.15 57.75 91.24
C SER G 1932 19.06 57.60 92.29
N LEU G 1933 18.94 58.57 93.18
CA LEU G 1933 17.94 58.59 94.23
C LEU G 1933 16.58 59.07 93.74
N GLU G 1934 16.42 59.21 92.43
CA GLU G 1934 15.26 59.85 91.84
C GLU G 1934 14.16 58.86 91.48
N GLU G 1935 14.53 57.60 91.22
CA GLU G 1935 13.56 56.57 90.90
C GLU G 1935 13.52 55.45 91.91
N VAL G 1936 14.22 55.59 93.04
CA VAL G 1936 14.02 54.65 94.14
C VAL G 1936 12.60 54.77 94.68
N GLU G 1937 12.07 56.00 94.69
CA GLU G 1937 10.65 56.23 94.91
C GLU G 1937 9.80 55.83 93.73
N GLY G 1938 10.40 55.60 92.57
CA GLY G 1938 9.66 55.11 91.42
C GLY G 1938 9.10 53.73 91.66
N HIS G 1939 9.94 52.79 92.09
CA HIS G 1939 9.50 51.41 92.25
C HIS G 1939 10.41 50.65 93.21
N LEU G 1940 10.02 49.40 93.48
CA LEU G 1940 10.76 48.50 94.36
C LEU G 1940 11.64 47.49 93.62
N PHE G 1941 11.18 46.98 92.47
CA PHE G 1941 11.97 46.02 91.72
C PHE G 1941 11.93 46.40 90.27
N GLU G 1942 12.37 47.62 90.01
CA GLU G 1942 12.14 48.36 88.76
C GLU G 1942 12.51 47.65 87.46
N ILE G 1943 11.58 47.67 86.50
CA ILE G 1943 11.85 47.16 85.17
C ILE G 1943 12.80 48.10 84.47
N ILE G 1944 13.71 47.57 83.67
CA ILE G 1944 14.80 48.36 83.10
C ILE G 1944 14.38 49.22 81.92
N ASP G 1945 15.38 49.56 81.11
CA ASP G 1945 15.17 50.37 79.92
C ASP G 1945 16.34 50.21 78.95
N GLU G 1946 16.21 50.78 77.75
CA GLU G 1946 17.29 50.78 76.77
C GLU G 1946 18.09 52.07 76.86
N ALA G 1947 18.31 52.74 75.72
CA ALA G 1947 19.05 54.00 75.59
C ALA G 1947 20.45 53.97 76.19
N SER G 1948 21.43 53.64 75.34
CA SER G 1948 22.85 53.44 75.69
C SER G 1948 23.09 52.43 76.80
N LYS G 1949 22.16 51.48 76.97
CA LYS G 1949 22.27 50.46 78.01
C LYS G 1949 21.33 49.29 77.72
N LYS G 1950 21.87 48.24 77.10
CA LYS G 1950 21.07 47.07 76.77
C LYS G 1950 21.15 46.06 77.92
N SER G 1951 19.98 45.68 78.41
CA SER G 1951 19.86 44.89 79.62
C SER G 1951 20.04 43.40 79.36
N ALA G 1952 20.46 42.68 80.39
CA ALA G 1952 20.47 41.23 80.38
C ALA G 1952 19.36 40.76 81.29
N VAL G 1953 19.36 39.48 81.67
CA VAL G 1953 18.26 38.94 82.45
C VAL G 1953 18.67 37.93 83.51
N LYS G 1954 19.83 38.12 84.11
CA LYS G 1954 20.28 37.21 85.17
C LYS G 1954 19.70 37.62 86.52
N PRO G 1955 20.34 37.19 87.60
CA PRO G 1955 19.87 37.50 88.96
C PRO G 1955 20.96 37.33 90.00
N ARG G 1956 22.20 37.62 89.63
CA ARG G 1956 23.32 37.41 90.54
C ARG G 1956 24.50 38.28 90.17
N PRO G 1957 25.70 37.76 90.41
CA PRO G 1957 26.91 38.43 90.02
C PRO G 1957 27.83 37.43 89.36
N LEU G 1958 29.11 37.77 89.30
CA LEU G 1958 30.14 36.88 88.80
C LEU G 1958 31.44 37.29 89.45
N LYS G 1959 31.31 38.16 90.44
CA LYS G 1959 32.45 38.69 91.19
C LYS G 1959 32.12 39.11 92.61
N LEU G 1960 30.92 39.64 92.84
CA LEU G 1960 30.51 40.19 94.15
C LEU G 1960 30.24 39.15 95.24
N GLU G 1961 30.48 37.89 94.92
CA GLU G 1961 30.37 36.78 95.84
C GLU G 1961 31.32 36.97 97.00
N ARG G 1962 32.57 37.30 96.66
CA ARG G 1962 33.65 37.60 97.60
C ARG G 1962 33.88 36.48 98.58
N GLY G 1963 33.12 36.53 99.67
CA GLY G 1963 33.14 35.50 100.68
C GLY G 1963 32.19 34.37 100.31
N PHE G 1964 32.42 33.75 99.15
CA PHE G 1964 31.65 32.58 98.75
C PHE G 1964 32.61 31.51 98.28
N ALA G 1965 33.75 31.45 98.94
CA ALA G 1965 34.68 30.36 98.73
C ALA G 1965 34.90 29.74 100.09
N CYS G 1966 36.15 29.74 100.55
CA CYS G 1966 36.57 29.21 101.85
C CYS G 1966 36.12 27.76 102.07
N ILE G 1967 34.85 27.59 102.40
CA ILE G 1967 34.29 26.26 102.58
C ILE G 1967 33.24 25.96 101.53
N PRO G 1968 33.22 26.75 100.46
CA PRO G 1968 32.26 26.50 99.40
C PRO G 1968 32.82 25.44 98.47
N LEU G 1969 32.97 25.78 97.20
CA LEU G 1969 33.55 24.89 96.20
C LEU G 1969 35.02 24.73 96.49
N VAL G 1970 35.57 25.74 97.17
CA VAL G 1970 36.91 25.72 97.76
C VAL G 1970 37.12 24.52 98.66
N GLY G 1971 36.07 24.07 99.34
CA GLY G 1971 36.16 22.86 100.14
C GLY G 1971 35.93 21.65 99.28
N ILE G 1972 34.98 21.75 98.36
CA ILE G 1972 34.47 20.58 97.65
C ILE G 1972 35.41 20.04 96.61
N SER G 1973 36.36 20.85 96.17
CA SER G 1973 37.24 20.44 95.10
C SER G 1973 38.34 19.50 95.60
N VAL G 1974 38.59 19.51 96.91
CA VAL G 1974 39.58 18.62 97.49
C VAL G 1974 39.05 17.20 97.42
N PRO G 1975 37.74 17.07 97.56
CA PRO G 1975 37.09 15.84 97.22
C PRO G 1975 37.03 15.78 95.71
N PHE G 1976 37.29 14.60 95.17
CA PHE G 1976 37.10 14.27 93.75
C PHE G 1976 37.88 15.12 92.73
N HIS G 1977 39.06 15.63 93.09
CA HIS G 1977 39.97 16.27 92.14
C HIS G 1977 41.39 16.38 92.69
N SER G 1978 41.73 15.57 93.69
CA SER G 1978 43.01 15.72 94.38
C SER G 1978 43.95 14.57 94.12
N THR G 1979 45.21 14.91 93.86
CA THR G 1979 46.31 13.99 93.51
C THR G 1979 46.10 13.22 92.21
N TYR G 1980 47.22 12.82 91.60
CA TYR G 1980 47.30 12.25 90.25
C TYR G 1980 46.58 13.14 89.23
N LEU G 1981 47.00 14.40 89.18
CA LEU G 1981 46.38 15.40 88.32
C LEU G 1981 47.23 15.71 87.11
N MET G 1982 47.68 14.64 86.45
CA MET G 1982 48.46 14.68 85.20
C MET G 1982 49.78 15.45 85.28
N ASN G 1983 50.45 15.52 84.14
CA ASN G 1983 51.73 16.18 84.07
C ASN G 1983 51.54 17.65 83.83
N GLY G 1984 52.60 18.29 83.33
CA GLY G 1984 52.54 19.68 82.92
C GLY G 1984 52.22 19.76 81.45
N VAL G 1985 51.45 18.79 80.96
CA VAL G 1985 50.96 18.76 79.61
C VAL G 1985 50.02 19.94 79.41
N LYS G 1986 49.32 20.31 80.47
CA LYS G 1986 48.56 21.55 80.48
C LYS G 1986 49.45 22.69 80.91
N PRO G 1987 50.42 23.05 80.07
CA PRO G 1987 51.24 24.22 80.31
C PRO G 1987 50.68 25.37 79.50
N PHE G 1988 49.53 25.13 78.87
CA PHE G 1988 48.92 26.11 77.99
C PHE G 1988 47.46 26.39 78.33
N LYS G 1989 47.02 25.97 79.51
CA LYS G 1989 45.65 26.24 79.93
C LYS G 1989 45.52 27.65 80.49
N SER G 1990 45.64 28.64 79.60
CA SER G 1990 45.57 30.04 79.98
C SER G 1990 44.19 30.38 80.47
N PHE G 1991 43.94 30.12 81.75
CA PHE G 1991 42.62 30.26 82.32
C PHE G 1991 42.21 31.72 82.47
N LEU G 1992 40.95 31.93 82.81
CA LEU G 1992 40.39 33.27 82.97
C LEU G 1992 41.06 34.01 84.13
N LYS G 1993 41.17 35.33 83.98
CA LYS G 1993 41.83 36.23 84.92
C LYS G 1993 43.27 35.83 85.20
N LYS G 1994 44.01 35.49 84.15
CA LYS G 1994 45.39 35.08 84.29
C LYS G 1994 46.16 35.30 83.00
N ASN G 1995 47.31 34.65 82.89
CA ASN G 1995 48.12 34.72 81.68
C ASN G 1995 48.96 33.46 81.56
N ILE G 1996 48.71 32.69 80.51
CA ILE G 1996 49.36 31.40 80.23
C ILE G 1996 49.26 30.42 81.39
N ILE G 1997 50.22 29.50 81.48
CA ILE G 1997 50.25 28.51 82.56
C ILE G 1997 51.68 28.05 82.81
N LYS G 1998 52.36 28.70 83.74
CA LYS G 1998 53.75 28.38 84.06
C LYS G 1998 53.93 28.15 85.54
N GLU G 1999 54.46 26.98 85.89
CA GLU G 1999 54.57 26.57 87.29
C GLU G 1999 55.81 27.16 87.97
N ASN G 2000 55.90 28.47 88.06
CA ASN G 2000 57.09 29.11 88.65
C ASN G 2000 56.73 30.15 89.70
N VAL G 2001 57.30 31.34 89.58
CA VAL G 2001 56.99 32.44 90.48
C VAL G 2001 55.83 33.25 89.92
N LYS G 2002 54.67 32.62 89.84
CA LYS G 2002 53.48 33.31 89.40
C LYS G 2002 52.96 34.13 90.57
N VAL G 2003 53.52 35.32 90.73
CA VAL G 2003 53.18 36.17 91.86
C VAL G 2003 51.90 36.93 91.61
N ALA G 2004 51.42 36.91 90.38
CA ALA G 2004 50.20 37.61 90.01
C ALA G 2004 48.97 36.90 90.54
N ARG G 2005 49.14 35.64 90.92
CA ARG G 2005 48.09 34.89 91.56
C ARG G 2005 47.84 35.42 92.98
N LEU G 2006 48.87 36.02 93.58
CA LEU G 2006 48.74 36.58 94.92
C LEU G 2006 47.87 37.82 94.92
N ALA G 2007 47.81 38.50 93.79
CA ALA G 2007 46.94 39.67 93.64
C ALA G 2007 45.55 39.25 93.18
N GLY G 2008 44.88 38.43 93.98
CA GLY G 2008 43.59 37.90 93.59
C GLY G 2008 42.73 37.61 94.80
N LYS G 2009 43.06 36.51 95.48
CA LYS G 2009 42.36 36.11 96.69
C LYS G 2009 43.30 35.32 97.58
N TYR G 2010 44.03 36.04 98.43
CA TYR G 2010 45.11 35.46 99.22
C TYR G 2010 44.62 34.49 100.28
N ILE G 2011 45.24 33.33 100.34
CA ILE G 2011 44.90 32.32 101.32
C ILE G 2011 46.07 31.40 101.51
N PRO G 2012 46.18 30.43 100.61
CA PRO G 2012 47.33 29.54 100.58
C PRO G 2012 48.39 30.15 99.68
N ASN G 2013 48.00 31.22 98.99
CA ASN G 2013 48.87 31.90 98.03
C ASN G 2013 49.76 32.95 98.68
N LEU G 2014 50.06 32.76 99.96
CA LEU G 2014 51.09 33.48 100.67
C LEU G 2014 51.52 32.50 101.75
N THR G 2015 50.90 31.33 101.71
CA THR G 2015 51.22 30.25 102.64
C THR G 2015 52.02 29.20 101.90
N ALA G 2016 51.88 29.19 100.57
CA ALA G 2016 52.66 28.29 99.75
C ALA G 2016 53.53 29.11 98.83
N LYS G 2017 53.69 30.38 99.18
CA LYS G 2017 54.47 31.28 98.35
C LYS G 2017 55.82 31.57 98.98
N PRO G 2018 55.86 32.64 99.77
CA PRO G 2018 57.10 33.09 100.38
C PRO G 2018 57.50 32.20 101.55
N PHE G 2019 56.53 31.45 102.09
CA PHE G 2019 56.85 30.46 103.10
C PHE G 2019 57.56 29.34 102.40
N GLN G 2020 57.11 29.07 101.17
CA GLN G 2020 57.73 28.06 100.33
C GLN G 2020 58.91 28.66 99.58
N VAL G 2021 58.85 28.62 98.24
CA VAL G 2021 59.92 29.01 97.32
C VAL G 2021 61.21 28.25 97.58
N THR G 2022 61.41 27.20 96.79
CA THR G 2022 62.54 26.25 96.91
C THR G 2022 62.63 25.64 98.28
N LYS G 2023 61.54 25.00 98.69
CA LYS G 2023 61.51 24.28 99.96
C LYS G 2023 61.84 22.81 99.72
N GLU G 2024 62.31 22.50 98.52
CA GLU G 2024 62.73 21.15 98.17
C GLU G 2024 63.81 21.20 97.09
N TYR G 2025 63.70 20.30 96.12
CA TYR G 2025 64.72 20.21 95.08
C TYR G 2025 64.11 20.37 93.69
N PHE G 2026 62.84 20.75 93.63
CA PHE G 2026 62.09 21.02 92.39
C PHE G 2026 62.10 19.86 91.38
N GLN G 2027 62.02 18.63 91.87
CA GLN G 2027 61.98 17.46 91.00
C GLN G 2027 60.59 17.23 90.48
N ASP G 2028 60.39 16.13 89.77
CA ASP G 2028 59.05 15.77 89.32
C ASP G 2028 58.30 15.12 90.47
N VAL G 2029 57.97 13.84 90.29
CA VAL G 2029 57.38 12.96 91.31
C VAL G 2029 56.10 13.52 91.94
N TYR G 2030 56.29 14.46 92.86
CA TYR G 2030 55.18 15.07 93.56
C TYR G 2030 55.35 16.58 93.63
N ASP G 2031 56.60 17.04 93.57
CA ASP G 2031 56.92 18.45 93.66
C ASP G 2031 56.38 19.18 92.45
N LEU G 2032 56.42 18.49 91.31
CA LEU G 2032 55.82 19.02 90.10
C LEU G 2032 54.41 18.48 89.94
N THR G 2033 53.84 17.95 91.02
CA THR G 2033 52.45 17.52 91.01
C THR G 2033 51.66 18.32 92.02
N GLY G 2034 52.22 18.51 93.21
CA GLY G 2034 51.51 19.19 94.28
C GLY G 2034 51.45 20.68 94.04
N SER G 2035 52.48 21.21 93.40
CA SER G 2035 52.60 22.64 93.14
C SER G 2035 51.49 23.09 92.23
N GLU G 2036 51.19 22.25 91.25
CA GLU G 2036 50.11 22.53 90.34
C GLU G 2036 48.79 22.18 90.99
N PRO G 2037 48.81 21.22 91.91
CA PRO G 2037 47.58 20.76 92.54
C PRO G 2037 46.93 21.84 93.39
N ILE G 2038 47.75 22.70 93.98
CA ILE G 2038 47.26 23.79 94.80
C ILE G 2038 46.78 24.94 93.93
N LYS G 2039 47.62 25.33 92.97
CA LYS G 2039 47.34 26.51 92.16
C LYS G 2039 46.20 26.28 91.19
N GLU G 2040 46.01 25.05 90.74
CA GLU G 2040 44.90 24.77 89.82
C GLU G 2040 43.64 24.67 90.63
N ILE G 2041 43.79 24.28 91.89
CA ILE G 2041 42.68 24.37 92.81
C ILE G 2041 42.44 25.85 93.03
N ILE G 2042 43.52 26.60 93.17
CA ILE G 2042 43.42 28.03 93.38
C ILE G 2042 43.00 28.75 92.10
N ASP G 2043 43.22 28.14 90.95
CA ASP G 2043 42.73 28.73 89.72
C ASP G 2043 41.26 28.41 89.61
N ASN G 2044 40.86 27.33 90.24
CA ASN G 2044 39.46 26.97 90.28
C ASN G 2044 38.76 27.69 91.42
N TRP G 2045 39.50 28.46 92.21
CA TRP G 2045 38.94 29.09 93.41
C TRP G 2045 37.99 30.21 93.09
N GLU G 2046 38.50 31.43 93.07
CA GLU G 2046 37.65 32.58 92.85
C GLU G 2046 37.41 32.87 91.37
N LYS G 2047 37.21 31.82 90.58
CA LYS G 2047 36.79 31.96 89.19
C LYS G 2047 35.31 32.21 89.20
N TYR G 2048 34.68 31.74 90.27
CA TYR G 2048 33.29 32.08 90.58
C TYR G 2048 33.19 33.58 90.76
N GLU G 2049 34.17 34.12 91.48
CA GLU G 2049 34.27 35.56 91.66
C GLU G 2049 35.14 36.17 90.58
N GLN G 2050 35.58 37.40 90.81
CA GLN G 2050 36.58 38.12 90.00
C GLN G 2050 36.26 38.18 88.51
N SER G 2051 35.33 39.05 88.13
CA SER G 2051 34.87 39.13 86.76
C SER G 2051 35.82 39.93 85.89
N UNK H 11 40.73 37.78 82.06
CA UNK H 11 40.31 39.13 81.69
C UNK H 11 39.74 39.13 80.28
N UNK H 12 39.45 37.94 79.75
CA UNK H 12 38.71 37.71 78.51
C UNK H 12 39.30 38.37 77.26
N UNK H 13 39.15 39.69 77.15
CA UNK H 13 39.67 40.43 76.01
C UNK H 13 41.17 40.51 76.12
N UNK H 14 41.65 40.62 77.34
CA UNK H 14 43.08 40.57 77.59
C UNK H 14 43.56 39.13 77.55
N UNK H 15 42.61 38.19 77.60
CA UNK H 15 42.94 36.80 77.35
C UNK H 15 42.82 36.50 75.86
N UNK H 16 42.00 37.29 75.18
CA UNK H 16 41.82 37.15 73.74
C UNK H 16 43.09 37.54 73.00
N UNK H 17 43.67 38.65 73.45
CA UNK H 17 44.87 39.20 72.84
C UNK H 17 46.07 38.33 73.11
N UNK H 18 45.99 37.52 74.16
CA UNK H 18 47.02 36.57 74.50
C UNK H 18 47.12 35.51 73.43
N UNK H 19 45.99 35.22 72.79
CA UNK H 19 46.00 34.31 71.66
C UNK H 19 46.56 35.04 70.43
N UNK H 20 46.38 36.35 70.40
CA UNK H 20 46.72 37.14 69.22
C UNK H 20 48.22 37.40 69.11
N UNK H 21 48.93 37.26 70.23
CA UNK H 21 50.38 37.43 70.20
C UNK H 21 51.04 36.07 70.04
N UNK H 22 50.20 35.04 70.12
CA UNK H 22 50.66 33.66 70.07
C UNK H 22 50.79 33.16 68.64
N UNK H 23 50.72 34.09 67.69
CA UNK H 23 50.76 33.86 66.26
C UNK H 23 49.68 32.87 65.83
N UNK H 24 48.48 33.11 66.32
CA UNK H 24 47.36 32.21 66.06
C UNK H 24 46.90 32.30 64.61
N UNK H 25 46.14 31.29 64.19
CA UNK H 25 45.61 31.25 62.84
C UNK H 25 44.19 30.71 62.84
N UNK H 26 44.08 29.39 62.92
CA UNK H 26 42.78 28.73 62.91
C UNK H 26 42.15 28.67 64.30
N UNK H 27 41.09 29.46 64.52
CA UNK H 27 40.36 29.44 65.78
C UNK H 27 39.17 28.49 65.70
N UNK H 28 38.86 27.78 66.77
CA UNK H 28 37.81 26.77 66.73
C UNK H 28 36.53 27.15 67.48
N UNK H 29 36.55 26.93 68.80
CA UNK H 29 35.42 27.14 69.73
C UNK H 29 34.17 26.30 69.47
N UNK H 30 33.37 26.10 70.51
CA UNK H 30 32.19 25.26 70.44
C UNK H 30 31.17 25.61 71.51
N UNK H 31 29.91 25.73 71.09
CA UNK H 31 28.76 26.05 71.96
C UNK H 31 27.49 25.87 71.17
N UNK H 32 27.19 26.91 70.40
CA UNK H 32 26.08 26.91 69.48
C UNK H 32 26.43 27.89 68.37
N UNK H 33 26.83 29.09 68.75
CA UNK H 33 27.23 30.13 67.78
C UNK H 33 28.11 31.21 68.38
N UNK H 34 28.02 31.41 69.69
CA UNK H 34 28.58 32.60 70.34
C UNK H 34 30.08 32.56 70.56
N UNK H 35 30.52 33.26 71.62
CA UNK H 35 31.92 33.44 72.02
C UNK H 35 32.78 34.04 70.91
N UNK H 36 33.08 33.21 69.91
CA UNK H 36 33.90 33.61 68.77
C UNK H 36 33.23 34.63 67.86
N UNK H 37 31.92 34.83 68.02
CA UNK H 37 31.21 35.91 67.38
C UNK H 37 31.75 37.23 67.90
N UNK H 38 32.10 37.24 69.18
CA UNK H 38 32.77 38.37 69.77
C UNK H 38 34.28 38.25 69.64
N UNK H 39 34.76 37.95 68.44
CA UNK H 39 36.19 37.75 68.24
C UNK H 39 36.59 38.08 66.81
N UNK H 40 35.66 37.86 65.88
CA UNK H 40 35.89 38.23 64.50
C UNK H 40 35.89 39.75 64.42
N UNK H 41 35.09 40.36 65.27
CA UNK H 41 35.11 41.80 65.48
C UNK H 41 36.45 42.17 66.08
N UNK H 42 36.91 41.35 67.01
CA UNK H 42 38.20 41.59 67.65
C UNK H 42 39.31 41.28 66.67
N UNK H 43 39.05 40.36 65.75
CA UNK H 43 39.99 40.10 64.68
C UNK H 43 40.03 41.31 63.76
N UNK H 44 38.86 41.90 63.53
CA UNK H 44 38.73 43.04 62.63
C UNK H 44 39.37 44.31 63.19
N UNK H 45 39.48 44.38 64.51
CA UNK H 45 40.16 45.50 65.13
C UNK H 45 41.64 45.19 65.19
N UNK H 46 41.96 43.91 65.12
CA UNK H 46 43.36 43.49 65.09
C UNK H 46 43.77 43.35 63.64
N UNK H 47 43.93 44.48 62.97
CA UNK H 47 44.02 44.47 61.51
C UNK H 47 45.34 44.95 60.93
N UNK H 48 46.04 45.80 61.67
CA UNK H 48 47.22 46.47 61.12
C UNK H 48 48.46 45.59 61.02
N UNK H 49 48.34 44.34 61.45
CA UNK H 49 49.49 43.45 61.50
C UNK H 49 49.41 42.33 60.47
N UNK H 50 48.50 42.45 59.50
CA UNK H 50 48.31 41.37 58.53
C UNK H 50 49.38 41.36 57.44
N UNK H 51 50.64 41.21 57.85
CA UNK H 51 51.74 41.10 56.93
C UNK H 51 51.90 39.65 56.54
N UNK H 52 51.16 39.26 55.51
CA UNK H 52 51.20 37.92 54.91
C UNK H 52 50.89 36.80 55.89
N UNK H 53 49.92 37.02 56.76
CA UNK H 53 49.42 35.95 57.61
C UNK H 53 47.93 35.79 57.34
N UNK H 54 47.45 34.56 57.30
CA UNK H 54 46.05 34.31 57.02
C UNK H 54 45.21 34.42 58.29
N UNK H 55 44.12 33.67 58.36
CA UNK H 55 43.25 33.65 59.55
C UNK H 55 42.36 32.41 59.61
N UNK H 56 41.09 32.60 59.25
CA UNK H 56 39.97 31.64 59.31
C UNK H 56 39.69 31.16 60.74
N UNK H 57 38.50 31.52 61.25
CA UNK H 57 38.06 31.10 62.57
C UNK H 57 36.84 30.22 62.46
N UNK H 58 36.94 28.99 62.92
CA UNK H 58 35.86 28.03 62.77
C UNK H 58 34.76 28.26 63.79
N UNK H 59 33.79 27.37 63.82
CA UNK H 59 32.59 27.61 64.60
C UNK H 59 32.20 26.47 65.52
N UNK H 60 32.37 25.24 65.04
CA UNK H 60 31.67 24.03 65.49
C UNK H 60 30.19 24.27 65.35
N UNK H 61 29.86 24.94 64.26
CA UNK H 61 28.52 25.21 63.84
C UNK H 61 28.66 25.24 62.33
N UNK H 62 29.74 24.62 61.88
CA UNK H 62 30.06 24.51 60.46
C UNK H 62 31.00 23.33 60.23
N UNK H 63 30.42 22.13 60.20
CA UNK H 63 31.19 20.89 60.18
C UNK H 63 31.86 20.58 58.85
N UNK H 64 31.56 21.36 57.83
CA UNK H 64 32.30 21.28 56.58
C UNK H 64 33.70 21.79 56.84
N UNK H 65 33.80 22.77 57.74
CA UNK H 65 35.08 23.29 58.19
C UNK H 65 35.53 22.61 59.46
N UNK H 66 34.60 22.45 60.40
CA UNK H 66 34.92 21.98 61.74
C UNK H 66 35.35 20.53 61.76
N UNK H 67 34.56 19.65 61.16
CA UNK H 67 34.88 18.23 61.13
C UNK H 67 35.87 17.93 60.02
N UNK H 68 36.27 18.97 59.28
CA UNK H 68 37.33 18.96 58.29
C UNK H 68 37.09 17.98 57.16
N UNK H 69 35.82 17.73 56.88
CA UNK H 69 35.47 17.07 55.65
C UNK H 69 35.34 18.17 54.63
N UNK H 70 36.46 18.55 54.02
CA UNK H 70 36.45 19.57 52.98
C UNK H 70 35.74 19.03 51.76
N UNK H 71 34.41 19.16 51.79
CA UNK H 71 33.47 18.57 50.84
C UNK H 71 33.70 17.08 50.64
N UNK H 72 33.40 16.60 49.45
CA UNK H 72 33.62 15.22 49.07
C UNK H 72 33.60 15.08 47.57
N UNK H 73 32.45 15.41 46.99
CA UNK H 73 32.20 15.18 45.58
C UNK H 73 32.74 16.28 44.69
N UNK H 74 33.43 17.25 45.28
CA UNK H 74 34.06 18.29 44.50
C UNK H 74 35.43 17.79 44.11
N UNK H 75 35.46 16.93 43.09
CA UNK H 75 36.66 16.31 42.55
C UNK H 75 37.49 15.57 43.59
N UNK H 137 25.61 6.07 18.14
CA UNK H 137 25.11 7.16 17.31
C UNK H 137 26.25 8.06 16.86
N UNK H 138 26.70 8.95 17.74
CA UNK H 138 27.80 9.86 17.43
C UNK H 138 28.48 10.36 18.70
N UNK H 139 29.40 11.30 18.52
CA UNK H 139 30.11 11.90 19.65
C UNK H 139 30.68 13.27 19.31
N UNK H 140 30.90 14.07 20.35
CA UNK H 140 31.58 15.34 20.24
C UNK H 140 32.12 15.68 21.63
N UNK H 141 32.78 16.82 21.76
CA UNK H 141 33.27 17.27 23.05
C UNK H 141 32.48 18.50 23.50
N UNK H 142 32.95 19.14 24.56
CA UNK H 142 32.18 20.19 25.23
C UNK H 142 32.26 21.59 24.60
N UNK H 143 32.68 21.69 23.34
CA UNK H 143 32.74 22.99 22.67
C UNK H 143 32.09 22.95 21.30
N UNK H 144 30.85 22.48 21.24
CA UNK H 144 30.11 22.43 19.98
C UNK H 144 28.70 23.00 20.15
N UNK H 145 28.59 24.01 21.01
CA UNK H 145 27.29 24.58 21.32
C UNK H 145 27.35 26.11 21.35
N UNK H 146 27.23 26.69 22.54
CA UNK H 146 27.11 28.14 22.67
C UNK H 146 28.39 28.84 23.14
N UNK H 147 29.49 28.62 22.42
CA UNK H 147 30.78 29.16 22.82
C UNK H 147 30.83 30.67 22.67
N UNK H 148 31.14 31.35 23.76
CA UNK H 148 31.28 32.81 23.82
C UNK H 148 30.05 33.52 23.31
N UNK H 149 30.00 33.68 22.00
CA UNK H 149 28.88 34.30 21.33
C UNK H 149 28.86 33.79 19.91
N UNK H 150 29.37 32.58 19.69
CA UNK H 150 29.47 32.01 18.34
C UNK H 150 28.09 31.75 17.76
N UNK H 151 27.17 31.43 18.66
CA UNK H 151 25.76 31.37 18.33
C UNK H 151 25.03 31.72 19.60
N UNK H 152 25.82 31.86 20.66
CA UNK H 152 25.33 32.06 22.01
C UNK H 152 24.56 33.36 22.10
N UNK H 153 25.28 34.45 21.97
CA UNK H 153 24.61 35.73 21.86
C UNK H 153 24.03 35.79 20.47
N UNK H 154 24.80 35.30 19.50
CA UNK H 154 24.59 35.57 18.08
C UNK H 154 23.26 35.15 17.49
N UNK H 155 22.74 33.99 17.87
CA UNK H 155 21.46 33.54 17.33
C UNK H 155 20.34 34.30 18.02
N UNK H 156 20.58 34.62 19.28
CA UNK H 156 19.68 35.50 20.01
C UNK H 156 19.88 36.89 19.43
N UNK H 157 21.12 37.20 19.06
CA UNK H 157 21.42 38.48 18.41
C UNK H 157 21.01 38.44 16.94
N UNK H 158 20.78 37.26 16.38
CA UNK H 158 20.25 37.17 15.03
C UNK H 158 18.83 37.68 15.07
N UNK H 159 18.16 37.41 16.18
CA UNK H 159 16.87 38.00 16.44
C UNK H 159 17.07 39.35 17.13
N UNK H 160 17.45 40.38 16.38
CA UNK H 160 17.59 41.73 16.93
C UNK H 160 17.38 42.83 15.88
N UNK H 161 18.42 43.10 15.10
CA UNK H 161 18.37 44.16 14.10
C UNK H 161 18.08 43.60 12.69
N UNK H 162 17.26 42.55 12.64
CA UNK H 162 16.77 41.89 11.42
C UNK H 162 17.87 41.29 10.53
N UNK H 163 18.02 39.97 10.60
CA UNK H 163 18.99 39.23 9.79
C UNK H 163 18.42 37.96 9.17
N UNK H 164 19.25 37.23 8.45
CA UNK H 164 18.81 36.02 7.76
C UNK H 164 19.51 34.76 8.26
N UNK H 165 20.68 34.43 7.70
CA UNK H 165 21.39 33.19 8.02
C UNK H 165 22.70 33.41 8.80
N UNK H 166 23.48 34.40 8.37
CA UNK H 166 24.68 34.81 9.11
C UNK H 166 24.75 36.33 9.12
N UNK H 167 24.49 36.93 10.28
CA UNK H 167 24.22 38.37 10.40
C UNK H 167 25.40 39.26 10.03
N UNK H 168 26.60 38.75 10.25
CA UNK H 168 27.80 39.47 9.90
C UNK H 168 28.98 38.53 9.77
N UNK H 169 29.33 37.86 10.87
CA UNK H 169 30.60 37.15 11.06
C UNK H 169 31.72 38.12 10.72
N UNK H 170 32.05 38.97 11.69
CA UNK H 170 32.74 40.27 11.54
C UNK H 170 32.01 41.25 10.61
N UNK H 171 32.37 42.52 10.78
CA UNK H 171 31.90 43.66 9.98
C UNK H 171 30.38 43.86 9.95
N UNK H 172 29.89 44.66 10.90
CA UNK H 172 28.53 45.16 10.90
C UNK H 172 28.45 46.40 11.77
N UNK H 173 29.53 46.63 12.53
CA UNK H 173 29.68 47.74 13.49
C UNK H 173 28.54 47.78 14.52
N UNK H 174 28.18 46.60 15.02
CA UNK H 174 27.07 46.37 15.95
C UNK H 174 25.76 46.92 15.40
N UNK H 175 25.53 46.72 14.11
CA UNK H 175 24.37 47.30 13.44
C UNK H 175 23.94 46.50 12.22
N UNK H 176 22.68 46.10 12.18
CA UNK H 176 22.13 45.46 11.00
C UNK H 176 20.89 46.24 10.54
N UNK H 177 20.62 47.33 11.23
CA UNK H 177 19.53 48.26 10.90
C UNK H 177 19.79 49.64 11.52
N UNK H 178 18.80 50.18 12.23
CA UNK H 178 18.96 51.42 12.97
C UNK H 178 19.14 51.09 14.45
N UNK H 179 18.50 51.87 15.34
CA UNK H 179 18.48 51.52 16.75
C UNK H 179 17.27 52.05 17.54
N UNK H 180 17.49 52.94 18.52
CA UNK H 180 16.63 53.13 19.71
C UNK H 180 16.41 51.80 20.41
N UNK H 181 15.55 50.95 19.86
CA UNK H 181 15.38 49.60 20.39
C UNK H 181 15.73 48.53 19.34
N UNK H 182 17.01 48.16 19.27
CA UNK H 182 17.46 47.13 18.32
C UNK H 182 18.77 46.51 18.78
N UNK H 183 19.85 47.22 18.50
CA UNK H 183 21.16 46.80 18.94
C UNK H 183 21.35 47.25 20.37
N UNK H 184 20.49 48.17 20.81
CA UNK H 184 20.45 48.56 22.21
C UNK H 184 19.92 47.39 23.01
N UNK H 185 18.97 46.69 22.41
CA UNK H 185 18.45 45.46 22.98
C UNK H 185 19.57 44.44 22.99
N UNK H 186 20.40 44.46 21.95
CA UNK H 186 21.59 43.64 21.93
C UNK H 186 22.59 44.17 22.95
N UNK H 187 22.67 45.49 23.12
CA UNK H 187 23.56 46.06 24.13
C UNK H 187 23.00 45.75 25.51
N UNK H 188 21.67 45.63 25.59
CA UNK H 188 21.02 45.19 26.83
C UNK H 188 21.08 43.67 26.94
N UNK H 189 21.17 42.98 25.80
CA UNK H 189 21.47 41.56 25.82
C UNK H 189 22.93 41.39 26.22
N UNK H 190 23.74 42.42 25.98
CA UNK H 190 25.13 42.47 26.46
C UNK H 190 25.22 43.05 27.86
N UNK H 191 24.25 42.70 28.69
CA UNK H 191 24.17 43.17 30.05
C UNK H 191 23.27 42.21 30.82
N UNK H 192 22.34 41.59 30.11
CA UNK H 192 21.37 40.70 30.74
C UNK H 192 21.67 39.22 30.50
N UNK H 193 22.94 38.86 30.42
CA UNK H 193 23.32 37.48 30.16
C UNK H 193 24.72 37.12 30.67
N UNK H 194 25.74 37.81 30.18
CA UNK H 194 27.12 37.39 30.42
C UNK H 194 28.25 38.43 30.20
N UNK H 195 29.09 38.56 31.22
CA UNK H 195 30.48 39.05 31.13
C UNK H 195 30.77 40.38 30.44
N UNK H 196 30.28 41.46 31.04
CA UNK H 196 30.71 42.82 30.76
C UNK H 196 30.61 43.25 29.31
N UNK H 197 31.44 44.23 28.97
CA UNK H 197 31.48 44.75 27.62
C UNK H 197 32.84 45.37 27.41
N UNK H 198 33.58 44.88 26.42
CA UNK H 198 34.86 45.45 26.04
C UNK H 198 34.63 46.85 25.53
N UNK H 199 33.85 46.95 24.46
CA UNK H 199 33.26 48.20 24.03
C UNK H 199 31.77 48.11 24.30
N UNK H 200 31.05 49.23 24.23
CA UNK H 200 29.62 49.18 24.45
C UNK H 200 28.95 48.68 23.18
N UNK H 201 28.11 49.52 22.58
CA UNK H 201 27.55 49.19 21.28
C UNK H 201 28.59 49.49 20.21
N UNK H 202 29.56 48.59 20.09
CA UNK H 202 30.66 48.76 19.16
C UNK H 202 31.36 47.43 18.94
N UNK H 203 31.48 47.05 17.67
CA UNK H 203 32.34 45.95 17.19
C UNK H 203 32.06 44.55 17.75
N UNK H 204 31.32 43.75 17.00
CA UNK H 204 30.91 42.43 17.46
C UNK H 204 31.16 41.35 16.42
N UNK H 205 30.26 40.36 16.38
CA UNK H 205 30.22 39.27 15.39
C UNK H 205 31.48 38.41 15.35
N UNK H 206 32.62 39.01 15.04
CA UNK H 206 33.89 38.33 15.24
C UNK H 206 34.87 39.25 15.96
N UNK H 207 34.50 40.52 16.08
CA UNK H 207 35.29 41.48 16.84
C UNK H 207 34.99 41.28 18.33
N UNK H 208 33.86 40.63 18.57
CA UNK H 208 33.52 40.11 19.88
C UNK H 208 34.42 38.93 20.22
N UNK H 209 34.96 38.28 19.19
CA UNK H 209 35.93 37.21 19.38
C UNK H 209 37.35 37.76 19.29
N UNK H 210 37.49 39.08 19.35
CA UNK H 210 38.78 39.71 19.17
C UNK H 210 39.24 40.48 20.39
N UNK H 211 38.36 41.35 20.90
CA UNK H 211 38.72 42.30 21.96
C UNK H 211 39.09 41.60 23.26
N UNK H 212 38.29 40.62 23.60
CA UNK H 212 38.49 39.83 24.79
C UNK H 212 37.84 38.50 24.53
N UNK H 213 38.60 37.58 23.93
CA UNK H 213 38.07 36.31 23.52
C UNK H 213 37.79 35.39 24.72
N UNK H 214 38.39 35.69 25.86
CA UNK H 214 38.23 34.86 27.05
C UNK H 214 37.46 35.58 28.16
N UNK H 215 36.14 35.43 28.17
CA UNK H 215 35.30 36.05 29.20
C UNK H 215 33.99 35.31 29.42
N UNK H 216 33.34 34.88 28.34
CA UNK H 216 32.06 34.18 28.42
C UNK H 216 32.08 32.95 27.54
N UNK H 217 33.27 32.39 27.36
CA UNK H 217 33.51 31.35 26.37
C UNK H 217 32.86 30.00 26.68
N UNK H 218 32.18 29.89 27.81
CA UNK H 218 31.43 28.68 28.12
C UNK H 218 30.14 28.64 27.31
N UNK H 219 29.01 28.51 27.98
CA UNK H 219 27.72 28.43 27.29
C UNK H 219 26.54 28.76 28.17
N UNK H 220 25.59 29.49 27.59
CA UNK H 220 24.22 29.60 28.08
C UNK H 220 24.06 30.16 29.49
N UNK H 221 24.08 31.47 29.61
CA UNK H 221 23.82 32.11 30.89
C UNK H 221 22.63 33.05 30.74
N UNK H 222 21.54 32.70 31.41
CA UNK H 222 20.27 33.44 31.40
C UNK H 222 19.69 33.68 30.00
N UNK H 223 20.06 34.80 29.38
CA UNK H 223 19.55 35.17 28.06
C UNK H 223 20.27 34.44 26.94
N UNK H 224 21.36 33.75 27.30
CA UNK H 224 22.00 32.83 26.40
C UNK H 224 21.51 31.43 26.73
N UNK H 225 20.73 31.32 27.81
CA UNK H 225 20.31 30.01 28.31
C UNK H 225 18.84 29.67 28.05
N UNK H 226 17.93 30.52 28.49
CA UNK H 226 16.51 30.18 28.52
C UNK H 226 15.64 30.91 27.50
N UNK H 227 16.26 31.60 26.55
CA UNK H 227 15.52 32.31 25.51
C UNK H 227 14.90 31.32 24.54
N UNK H 228 15.57 30.19 24.39
CA UNK H 228 15.10 29.11 23.54
C UNK H 228 14.11 28.21 24.27
N UNK H 229 13.96 28.43 25.58
CA UNK H 229 13.00 27.66 26.36
C UNK H 229 11.59 28.18 26.09
N UNK H 230 11.50 29.39 25.55
CA UNK H 230 10.25 29.93 25.07
C UNK H 230 10.13 29.64 23.58
N UNK H 231 11.24 29.23 22.98
CA UNK H 231 11.22 28.72 21.62
C UNK H 231 11.04 27.22 21.71
N UNK H 232 11.07 26.72 22.93
CA UNK H 232 10.74 25.33 23.20
C UNK H 232 9.82 25.25 24.41
N UNK H 233 8.66 25.88 24.27
CA UNK H 233 7.50 25.69 25.13
C UNK H 233 6.23 26.10 24.37
N UNK H 234 6.40 27.01 23.42
CA UNK H 234 5.30 27.49 22.59
C UNK H 234 5.82 28.06 21.27
N UNK H 235 6.37 27.20 20.42
CA UNK H 235 6.93 27.65 19.14
C UNK H 235 6.88 26.55 18.08
N UNK H 236 6.39 25.36 18.46
CA UNK H 236 6.29 24.25 17.52
C UNK H 236 5.15 23.32 17.88
N UNK H 237 5.41 22.02 17.88
CA UNK H 237 4.36 21.03 18.10
C UNK H 237 3.98 20.88 19.57
N UNK H 238 3.36 19.75 19.87
CA UNK H 238 2.95 19.42 21.23
C UNK H 238 4.09 18.70 21.95
N UNK H 239 4.25 19.00 23.23
CA UNK H 239 5.34 18.52 24.09
C UNK H 239 6.70 18.81 23.47
N UNK H 240 7.08 20.08 23.46
CA UNK H 240 8.37 20.48 22.91
C UNK H 240 9.16 21.31 23.92
N UNK H 241 10.29 20.76 24.35
CA UNK H 241 11.20 21.45 25.29
C UNK H 241 12.61 21.33 24.75
N UNK H 242 13.51 22.19 25.26
CA UNK H 242 14.86 22.28 24.75
C UNK H 242 15.64 21.06 25.18
N UNK H 243 15.34 20.57 26.37
CA UNK H 243 15.95 19.35 26.87
C UNK H 243 15.37 18.16 26.13
N UNK H 244 14.13 18.27 25.71
CA UNK H 244 13.50 17.22 24.92
C UNK H 244 14.06 17.28 23.51
N UNK H 245 14.40 18.50 23.11
CA UNK H 245 15.12 18.70 21.87
C UNK H 245 16.55 18.24 22.07
N UNK H 246 17.03 18.33 23.29
CA UNK H 246 18.33 17.78 23.63
C UNK H 246 18.20 16.27 23.79
N UNK H 247 16.99 15.83 24.11
CA UNK H 247 16.73 14.40 24.11
C UNK H 247 16.57 13.96 22.67
N UNK H 248 16.15 14.90 21.84
CA UNK H 248 16.18 14.68 20.40
C UNK H 248 17.61 14.87 19.88
N UNK H 249 18.47 15.51 20.68
CA UNK H 249 19.88 15.66 20.34
C UNK H 249 20.76 14.73 21.17
N UNK H 250 20.15 13.75 21.83
CA UNK H 250 20.87 12.77 22.61
C UNK H 250 21.61 11.80 21.68
N UNK H 251 21.08 10.61 21.49
CA UNK H 251 21.66 9.67 20.54
C UNK H 251 20.69 9.41 19.41
N UNK H 252 19.72 10.30 19.27
CA UNK H 252 18.71 10.20 18.24
C UNK H 252 19.33 10.46 16.88
N UNK H 253 19.57 11.73 16.57
CA UNK H 253 20.16 12.10 15.30
C UNK H 253 21.49 12.82 15.51
N UNK H 254 22.50 12.06 15.93
CA UNK H 254 23.89 12.53 16.18
C UNK H 254 24.00 13.69 17.19
N UNK H 255 25.24 14.19 17.31
CA UNK H 255 25.64 15.25 18.26
C UNK H 255 25.34 14.94 19.75
N UNK H 256 25.91 15.79 20.60
CA UNK H 256 25.68 15.66 22.04
C UNK H 256 24.43 16.45 22.42
N UNK H 257 24.09 16.41 23.70
CA UNK H 257 22.83 16.98 24.17
C UNK H 257 23.03 18.25 25.00
N UNK H 258 24.28 18.68 25.15
CA UNK H 258 24.60 19.90 25.88
C UNK H 258 25.97 20.34 25.45
N UNK H 259 26.80 19.34 25.14
CA UNK H 259 28.14 19.56 24.64
C UNK H 259 28.05 19.88 23.16
N UNK H 260 26.91 19.56 22.55
CA UNK H 260 26.64 19.97 21.20
C UNK H 260 25.15 20.24 21.00
N UNK H 261 24.54 20.95 21.94
CA UNK H 261 23.13 21.32 21.81
C UNK H 261 22.72 22.56 22.62
N UNK H 262 23.46 23.64 22.45
CA UNK H 262 22.97 24.95 22.84
C UNK H 262 23.06 25.75 21.57
N UNK H 263 23.21 25.03 20.47
CA UNK H 263 23.30 25.61 19.16
C UNK H 263 22.75 24.64 18.13
N UNK H 264 21.79 23.82 18.56
CA UNK H 264 21.16 22.85 17.67
C UNK H 264 19.72 23.27 17.41
N UNK H 265 18.92 23.22 18.46
CA UNK H 265 17.58 23.76 18.40
C UNK H 265 17.66 25.29 18.44
N UNK H 266 18.77 25.79 18.98
CA UNK H 266 19.09 27.21 18.93
C UNK H 266 19.53 27.62 17.53
N UNK H 267 19.91 26.64 16.71
CA UNK H 267 20.15 26.89 15.30
C UNK H 267 18.84 26.79 14.55
N UNK H 268 17.85 26.21 15.22
CA UNK H 268 16.50 26.13 14.68
C UNK H 268 15.66 27.18 15.38
N UNK H 269 16.21 28.38 15.50
CA UNK H 269 15.51 29.47 16.17
C UNK H 269 15.46 30.71 15.27
N UNK H 270 15.91 30.54 14.03
CA UNK H 270 15.83 31.59 13.01
C UNK H 270 15.84 30.93 11.64
N UNK H 271 16.24 29.66 11.63
CA UNK H 271 16.33 28.90 10.39
C UNK H 271 15.13 27.97 10.24
N UNK H 272 14.97 27.05 11.17
CA UNK H 272 13.82 26.16 11.18
C UNK H 272 12.77 26.70 12.12
N UNK H 273 12.67 28.03 12.18
CA UNK H 273 11.68 28.71 13.02
C UNK H 273 10.29 28.49 12.45
N UNK H 274 9.72 27.33 12.76
CA UNK H 274 8.39 26.99 12.29
C UNK H 274 7.36 27.85 13.00
N UNK H 275 6.48 28.46 12.21
CA UNK H 275 5.40 29.27 12.74
C UNK H 275 4.17 28.40 12.96
N UNK H 276 4.07 27.83 14.17
CA UNK H 276 3.05 26.86 14.58
C UNK H 276 2.95 25.65 13.66
N UNK H 277 3.95 24.76 13.73
CA UNK H 277 3.91 23.49 13.04
C UNK H 277 3.72 22.39 14.07
N UNK H 278 2.63 21.64 13.97
CA UNK H 278 2.21 20.76 15.07
C UNK H 278 2.01 19.30 14.70
N UNK H 279 3.03 18.49 14.97
CA UNK H 279 2.97 17.04 14.89
C UNK H 279 4.16 16.47 15.65
N UNK H 280 3.98 15.30 16.25
CA UNK H 280 5.06 14.63 16.97
C UNK H 280 6.22 14.28 16.03
N UNK H 281 5.88 13.95 14.79
CA UNK H 281 6.87 13.71 13.77
C UNK H 281 7.49 15.02 13.31
N UNK H 282 6.66 16.00 12.97
CA UNK H 282 7.14 17.22 12.32
C UNK H 282 7.94 18.18 13.21
N UNK H 283 8.07 17.85 14.49
CA UNK H 283 9.01 18.54 15.34
C UNK H 283 10.03 17.52 15.82
N UNK H 284 10.34 16.56 14.94
CA UNK H 284 11.32 15.52 15.24
C UNK H 284 11.85 14.92 13.94
N UNK H 285 11.00 14.84 12.92
CA UNK H 285 11.45 14.39 11.60
C UNK H 285 12.17 15.54 10.93
N UNK H 286 11.90 16.75 11.41
CA UNK H 286 12.68 17.91 11.06
C UNK H 286 13.79 18.09 12.09
N UNK H 287 14.40 16.98 12.51
CA UNK H 287 15.56 17.01 13.38
C UNK H 287 16.55 15.93 12.95
N UNK H 288 16.23 15.26 11.85
CA UNK H 288 17.11 14.23 11.31
C UNK H 288 17.81 14.76 10.07
N UNK H 289 17.63 16.04 9.82
CA UNK H 289 18.26 16.70 8.69
C UNK H 289 18.59 18.13 9.09
N UNK H 290 17.94 18.57 10.17
CA UNK H 290 18.24 19.86 10.79
C UNK H 290 19.36 19.65 11.81
N UNK H 291 19.74 18.38 11.98
CA UNK H 291 20.98 17.99 12.63
C UNK H 291 22.03 17.74 11.54
N UNK H 292 21.83 18.37 10.39
CA UNK H 292 22.79 18.35 9.29
C UNK H 292 22.94 19.75 8.70
N UNK H 293 23.25 20.73 9.56
CA UNK H 293 23.38 22.13 9.15
C UNK H 293 24.31 22.95 10.05
N UNK H 294 24.27 22.69 11.35
CA UNK H 294 25.16 23.34 12.30
C UNK H 294 26.37 22.45 12.52
N UNK H 295 26.43 21.36 11.76
CA UNK H 295 27.56 20.43 11.79
C UNK H 295 28.66 20.93 10.87
N UNK H 296 28.41 22.04 10.20
CA UNK H 296 29.46 22.77 9.53
C UNK H 296 29.84 23.93 10.45
N UNK H 297 28.87 24.37 11.25
CA UNK H 297 29.14 25.34 12.29
C UNK H 297 29.98 24.63 13.32
N UNK H 298 29.35 23.75 14.11
CA UNK H 298 30.10 22.82 14.95
C UNK H 298 30.70 21.78 14.03
N UNK H 299 31.87 22.09 13.45
CA UNK H 299 32.41 21.36 12.29
C UNK H 299 32.84 19.91 12.52
N UNK H 300 31.98 19.13 13.17
CA UNK H 300 32.15 17.68 13.29
C UNK H 300 30.89 17.04 12.70
N UNK H 301 31.07 15.90 12.07
CA UNK H 301 30.01 15.29 11.27
C UNK H 301 28.88 14.69 12.10
N UNK H 302 27.99 13.99 11.40
CA UNK H 302 26.87 13.31 12.02
C UNK H 302 27.18 11.83 12.16
N UNK H 303 28.27 11.41 11.52
CA UNK H 303 28.72 10.01 11.40
C UNK H 303 27.63 9.13 10.82
N UNK H 304 26.84 8.51 11.69
CA UNK H 304 25.77 7.62 11.28
C UNK H 304 24.47 8.38 11.01
N UNK H 305 24.45 9.14 9.92
CA UNK H 305 23.32 9.98 9.47
C UNK H 305 22.86 10.98 10.52
N UNK H 360 -11.74 -5.93 14.88
CA UNK H 360 -12.81 -5.52 15.79
C UNK H 360 -14.15 -6.10 15.37
N UNK H 361 -14.24 -7.43 15.36
CA UNK H 361 -15.49 -8.10 15.00
C UNK H 361 -16.12 -8.79 16.21
N UNK H 362 -16.28 -8.03 17.29
CA UNK H 362 -17.00 -8.49 18.47
C UNK H 362 -18.19 -7.56 18.74
N UNK H 363 -18.44 -6.65 17.81
CA UNK H 363 -19.55 -5.72 17.91
C UNK H 363 -20.87 -6.38 17.52
N UNK H 364 -20.88 -7.02 16.36
CA UNK H 364 -22.03 -7.80 15.93
C UNK H 364 -21.84 -9.26 16.30
N UNK H 365 -21.25 -9.50 17.48
CA UNK H 365 -20.98 -10.85 17.95
C UNK H 365 -20.84 -10.91 19.48
N UNK H 366 -21.33 -9.88 20.17
CA UNK H 366 -21.38 -9.88 21.64
C UNK H 366 -22.43 -8.92 22.20
N UNK H 367 -23.30 -8.39 21.34
CA UNK H 367 -24.29 -7.41 21.75
C UNK H 367 -25.68 -7.79 21.30
N UNK H 368 -25.83 -7.97 19.98
CA UNK H 368 -27.12 -8.33 19.41
C UNK H 368 -27.44 -9.75 19.81
N UNK H 369 -26.42 -10.59 19.82
CA UNK H 369 -26.56 -11.95 20.29
C UNK H 369 -26.78 -11.92 21.80
N UNK H 370 -26.15 -10.95 22.45
CA UNK H 370 -26.36 -10.73 23.87
C UNK H 370 -27.77 -10.18 24.05
N UNK H 371 -28.23 -9.39 23.09
CA UNK H 371 -29.62 -8.95 23.11
C UNK H 371 -30.50 -10.16 22.80
N UNK H 372 -30.02 -11.00 21.88
CA UNK H 372 -30.74 -12.23 21.55
C UNK H 372 -30.61 -13.21 22.70
N UNK H 373 -29.57 -13.05 23.50
CA UNK H 373 -29.54 -13.75 24.77
C UNK H 373 -30.60 -13.10 25.65
N UNK H 374 -30.55 -11.77 25.78
CA UNK H 374 -31.40 -11.03 26.73
C UNK H 374 -32.88 -11.18 26.46
N UNK H 375 -33.25 -11.34 25.20
CA UNK H 375 -34.66 -11.56 24.86
C UNK H 375 -34.99 -13.04 24.83
N UNK H 376 -34.09 -13.85 25.39
CA UNK H 376 -34.30 -15.27 25.54
C UNK H 376 -33.99 -15.66 26.96
N UNK H 377 -33.01 -14.99 27.55
CA UNK H 377 -32.58 -15.29 28.92
C UNK H 377 -33.67 -14.94 29.89
N UNK H 378 -34.33 -13.82 29.64
CA UNK H 378 -35.47 -13.41 30.42
C UNK H 378 -36.63 -14.36 30.18
N UNK H 379 -36.74 -14.82 28.94
CA UNK H 379 -37.85 -15.67 28.49
C UNK H 379 -37.83 -17.02 29.17
N UNK H 380 -36.66 -17.44 29.64
CA UNK H 380 -36.58 -18.64 30.43
C UNK H 380 -36.54 -18.27 31.89
N UNK H 381 -36.14 -17.04 32.19
CA UNK H 381 -35.95 -16.61 33.57
C UNK H 381 -37.24 -16.60 34.34
N UNK H 382 -38.23 -15.90 33.79
CA UNK H 382 -39.54 -15.88 34.41
C UNK H 382 -40.16 -17.26 34.27
N UNK H 383 -39.79 -17.97 33.22
CA UNK H 383 -40.26 -19.33 33.00
C UNK H 383 -39.70 -20.27 34.04
N UNK H 384 -38.55 -19.94 34.59
CA UNK H 384 -37.88 -20.81 35.55
C UNK H 384 -38.62 -20.84 36.86
N UNK H 385 -39.41 -19.82 37.12
CA UNK H 385 -40.18 -19.79 38.34
C UNK H 385 -41.63 -20.06 38.02
N UNK H 386 -41.94 -20.06 36.73
CA UNK H 386 -43.33 -20.17 36.30
C UNK H 386 -43.85 -21.56 36.57
N UNK H 387 -43.00 -22.55 36.37
CA UNK H 387 -43.40 -23.90 36.68
C UNK H 387 -43.33 -24.09 38.19
N UNK H 388 -42.49 -23.29 38.84
CA UNK H 388 -42.21 -23.44 40.26
C UNK H 388 -43.40 -23.09 41.13
N UNK H 389 -44.03 -21.96 40.84
CA UNK H 389 -45.17 -21.50 41.62
C UNK H 389 -46.37 -22.42 41.45
N UNK H 390 -46.41 -23.14 40.33
CA UNK H 390 -47.47 -24.11 40.10
C UNK H 390 -46.99 -25.49 40.44
N UNK H 391 -45.88 -25.56 41.17
CA UNK H 391 -45.40 -26.84 41.64
C UNK H 391 -45.49 -26.86 43.15
N UNK H 392 -45.73 -25.68 43.71
CA UNK H 392 -45.81 -25.43 45.15
C UNK H 392 -44.55 -25.86 45.90
N UNK H 393 -43.40 -25.76 45.27
CA UNK H 393 -42.15 -26.16 45.91
C UNK H 393 -41.62 -25.01 46.77
N UNK H 394 -40.30 -24.83 46.79
CA UNK H 394 -39.71 -23.79 47.61
C UNK H 394 -38.52 -23.09 46.96
N UNK H 395 -37.97 -23.71 45.93
CA UNK H 395 -36.86 -23.19 45.13
C UNK H 395 -35.65 -22.80 45.97
N UNK H 396 -35.76 -21.66 46.63
CA UNK H 396 -34.70 -21.17 47.48
C UNK H 396 -34.86 -21.69 48.89
N UNK H 397 -34.97 -23.00 49.04
CA UNK H 397 -35.00 -23.62 50.35
C UNK H 397 -33.58 -23.78 50.86
N UNK H 398 -32.64 -23.70 49.93
CA UNK H 398 -31.24 -23.93 50.26
C UNK H 398 -30.61 -22.76 50.97
N UNK H 399 -30.51 -21.63 50.27
CA UNK H 399 -29.72 -20.49 50.74
C UNK H 399 -30.29 -19.86 52.00
N UNK H 400 -31.56 -20.09 52.29
CA UNK H 400 -32.13 -19.66 53.56
C UNK H 400 -31.62 -20.57 54.66
N UNK H 401 -31.54 -21.86 54.35
CA UNK H 401 -31.22 -22.86 55.36
C UNK H 401 -29.77 -22.81 55.79
N UNK H 402 -28.85 -23.09 54.87
CA UNK H 402 -27.43 -23.14 55.19
C UNK H 402 -26.79 -21.77 55.29
N UNK H 403 -27.42 -20.90 56.08
CA UNK H 403 -26.94 -19.57 56.36
C UNK H 403 -27.25 -19.31 57.81
N UNK H 404 -28.48 -19.67 58.18
CA UNK H 404 -28.95 -19.47 59.53
C UNK H 404 -28.15 -20.35 60.48
N UNK H 405 -27.96 -21.59 60.09
CA UNK H 405 -27.20 -22.53 60.91
C UNK H 405 -25.73 -22.20 60.79
N UNK H 406 -25.34 -21.59 59.68
CA UNK H 406 -23.99 -21.09 59.53
C UNK H 406 -23.80 -19.92 60.48
N UNK H 407 -24.87 -19.16 60.67
CA UNK H 407 -24.87 -18.07 61.63
C UNK H 407 -25.03 -18.60 63.04
N UNK H 408 -25.79 -19.68 63.19
CA UNK H 408 -26.03 -20.26 64.49
C UNK H 408 -24.74 -20.87 65.00
N UNK H 409 -23.99 -21.50 64.10
CA UNK H 409 -22.73 -22.11 64.48
C UNK H 409 -21.69 -21.04 64.75
N UNK H 410 -21.87 -19.89 64.12
CA UNK H 410 -20.99 -18.76 64.35
C UNK H 410 -21.17 -18.25 65.76
N UNK H 411 -22.38 -18.39 66.29
CA UNK H 411 -22.64 -18.06 67.69
C UNK H 411 -22.00 -19.09 68.61
N UNK H 412 -21.76 -20.29 68.10
CA UNK H 412 -21.01 -21.27 68.84
C UNK H 412 -19.55 -21.14 68.46
N UNK H 413 -19.27 -20.34 67.45
CA UNK H 413 -17.88 -20.08 67.07
C UNK H 413 -17.39 -18.79 67.69
N UNK H 414 -17.65 -18.61 68.98
CA UNK H 414 -17.16 -17.45 69.72
C UNK H 414 -17.16 -17.83 71.18
N UNK H 415 -17.96 -18.83 71.50
CA UNK H 415 -17.97 -19.38 72.84
C UNK H 415 -16.80 -20.33 72.97
N UNK H 416 -16.20 -20.69 71.84
CA UNK H 416 -14.95 -21.41 71.86
C UNK H 416 -13.84 -20.46 71.51
N UNK H 417 -14.07 -19.18 71.79
CA UNK H 417 -13.03 -18.17 71.62
C UNK H 417 -12.66 -17.57 72.97
N UNK H 418 -13.60 -17.61 73.91
CA UNK H 418 -13.38 -17.02 75.23
C UNK H 418 -12.40 -17.84 76.04
N UNK H 419 -12.42 -19.16 75.84
CA UNK H 419 -11.61 -20.08 76.63
C UNK H 419 -10.12 -19.86 76.42
N UNK H 420 -9.77 -19.38 75.23
CA UNK H 420 -8.40 -19.06 74.91
C UNK H 420 -7.97 -17.76 75.59
N ARG H 520 32.81 -56.18 100.58
CA ARG H 520 32.95 -55.55 99.28
C ARG H 520 34.27 -55.95 98.63
N LYS H 521 34.31 -57.13 98.04
CA LYS H 521 35.50 -57.61 97.33
C LYS H 521 35.12 -58.09 95.94
N LEU H 522 34.66 -57.16 95.11
CA LEU H 522 34.10 -57.47 93.79
C LEU H 522 35.17 -57.48 92.70
N SER H 523 34.99 -58.35 91.71
CA SER H 523 35.92 -58.48 90.60
C SER H 523 35.25 -59.10 89.38
N GLN H 524 35.40 -60.41 89.22
CA GLN H 524 34.74 -61.15 88.16
C GLN H 524 33.24 -61.13 88.39
N TYR H 525 32.85 -61.12 89.66
CA TYR H 525 31.45 -61.04 90.02
C TYR H 525 30.91 -59.61 89.83
N VAL H 526 30.73 -58.89 90.94
CA VAL H 526 30.21 -57.51 90.98
C VAL H 526 28.86 -57.36 90.31
N GLN H 527 28.89 -56.99 89.04
CA GLN H 527 27.69 -56.89 88.24
C GLN H 527 27.15 -58.29 87.99
N GLU H 528 28.07 -59.25 87.86
CA GLU H 528 27.68 -60.63 87.73
C GLU H 528 27.12 -61.09 89.08
N MET H 529 27.64 -60.54 90.17
CA MET H 529 27.12 -60.87 91.48
C MET H 529 25.72 -60.30 91.65
N ALA H 530 25.45 -59.19 90.96
CA ALA H 530 24.12 -58.61 91.00
C ALA H 530 23.16 -59.51 90.24
N LEU H 531 23.68 -60.15 89.20
CA LEU H 531 22.89 -61.08 88.44
C LEU H 531 22.64 -62.33 89.27
N GLY H 532 23.55 -62.63 90.19
CA GLY H 532 23.42 -63.81 91.04
C GLY H 532 22.27 -63.62 92.01
N GLY H 533 22.11 -62.41 92.51
CA GLY H 533 21.00 -62.11 93.39
C GLY H 533 19.71 -62.09 92.58
N PRO H 534 19.82 -61.65 91.33
CA PRO H 534 18.68 -61.62 90.42
C PRO H 534 18.26 -63.02 90.04
N ILE H 535 19.24 -63.91 89.96
CA ILE H 535 18.95 -65.29 89.66
C ILE H 535 18.34 -65.95 90.87
N THR H 536 18.74 -65.48 92.03
CA THR H 536 18.26 -66.05 93.28
C THR H 536 16.82 -65.66 93.55
N LYS H 537 16.42 -64.51 93.03
CA LYS H 537 15.12 -63.93 93.34
C LYS H 537 13.97 -64.74 92.78
N GLU H 538 13.90 -64.85 91.46
CA GLU H 538 12.87 -65.65 90.84
C GLU H 538 13.23 -67.11 91.06
N SER H 539 12.75 -67.68 92.16
CA SER H 539 13.16 -69.02 92.55
C SER H 539 12.52 -70.10 91.70
N GLN H 540 11.18 -70.17 91.73
CA GLN H 540 10.38 -71.18 91.05
C GLN H 540 10.80 -72.59 91.45
N PRO H 541 10.14 -73.10 92.49
CA PRO H 541 10.48 -74.37 93.12
C PRO H 541 10.45 -75.54 92.18
N THR H 542 11.59 -76.23 92.11
CA THR H 542 11.86 -77.37 91.26
C THR H 542 11.69 -77.06 89.78
N ILE H 543 11.81 -75.80 89.42
CA ILE H 543 11.66 -75.43 88.04
C ILE H 543 13.03 -75.00 87.62
N GLU H 544 13.50 -73.94 88.24
CA GLU H 544 14.81 -73.40 87.94
C GLU H 544 15.92 -74.20 88.62
N GLU H 545 15.54 -75.24 89.36
CA GLU H 545 16.50 -76.17 89.89
C GLU H 545 17.02 -77.03 88.76
N ASP H 546 16.10 -77.66 88.03
CA ASP H 546 16.44 -78.72 87.10
C ASP H 546 17.24 -78.27 85.89
N LEU H 547 16.95 -77.08 85.40
CA LEU H 547 17.70 -76.52 84.28
C LEU H 547 19.09 -76.22 84.76
N THR H 548 19.17 -75.75 85.99
CA THR H 548 20.46 -75.49 86.61
C THR H 548 21.12 -76.80 87.02
N ARG H 549 20.32 -77.86 87.15
CA ARG H 549 20.88 -79.16 87.50
C ARG H 549 21.54 -79.78 86.27
N VAL H 550 21.12 -79.33 85.09
CA VAL H 550 21.77 -79.76 83.85
C VAL H 550 22.87 -78.78 83.46
N TYR H 551 23.49 -78.18 84.47
CA TYR H 551 24.76 -77.50 84.32
C TYR H 551 25.82 -78.50 84.66
N LYS H 552 25.39 -79.57 85.33
CA LYS H 552 26.22 -80.76 85.47
C LYS H 552 26.09 -81.51 84.15
N ALA H 553 25.53 -82.71 84.20
CA ALA H 553 25.03 -83.47 83.04
C ALA H 553 26.01 -83.65 81.89
N ILE H 554 26.24 -82.54 81.19
CA ILE H 554 27.22 -82.48 80.13
C ILE H 554 28.42 -81.66 80.58
N SER H 555 28.83 -81.85 81.82
CA SER H 555 29.98 -81.12 82.34
C SER H 555 31.29 -81.74 81.91
N ALA H 556 31.61 -81.63 80.63
CA ALA H 556 32.81 -82.24 80.09
C ALA H 556 34.05 -81.48 80.53
N GLN H 557 34.76 -82.04 81.51
CA GLN H 557 35.97 -81.42 82.00
C GLN H 557 37.09 -81.55 80.97
N ALA H 558 37.07 -80.65 80.00
CA ALA H 558 38.08 -80.63 78.95
C ALA H 558 38.39 -79.20 78.61
N ASP H 559 37.59 -78.31 79.19
CA ASP H 559 37.80 -76.89 79.02
C ASP H 559 37.99 -76.24 80.39
N LYS H 560 38.99 -75.38 80.49
CA LYS H 560 39.30 -74.69 81.73
C LYS H 560 38.17 -73.74 82.07
N GLN H 561 37.56 -73.20 81.01
CA GLN H 561 36.35 -72.44 81.14
C GLN H 561 35.24 -73.32 81.72
N ASP H 562 35.16 -74.57 81.26
CA ASP H 562 34.11 -75.46 81.72
C ASP H 562 34.35 -75.85 83.17
N ILE H 563 35.61 -76.01 83.53
CA ILE H 563 35.96 -76.42 84.88
C ILE H 563 35.74 -75.27 85.86
N SER H 564 35.95 -74.06 85.38
CA SER H 564 35.76 -72.87 86.20
C SER H 564 34.30 -72.67 86.48
N SER H 565 33.47 -72.93 85.48
CA SER H 565 32.03 -72.77 85.64
C SER H 565 31.47 -73.94 86.43
N SER H 566 32.21 -75.04 86.41
CA SER H 566 31.84 -76.21 87.20
C SER H 566 31.99 -75.86 88.66
N THR H 567 32.98 -75.03 88.96
CA THR H 567 33.15 -74.51 90.31
C THR H 567 32.02 -73.55 90.59
N ARG H 568 31.63 -72.81 89.55
CA ARG H 568 30.56 -71.85 89.68
C ARG H 568 29.21 -72.54 89.69
N VAL H 569 29.18 -73.81 89.30
CA VAL H 569 27.93 -74.54 89.17
C VAL H 569 27.23 -74.79 90.50
N GLU H 570 27.92 -75.44 91.43
CA GLU H 570 27.29 -75.83 92.68
C GLU H 570 27.03 -74.64 93.62
N PHE H 571 27.90 -73.64 93.58
CA PHE H 571 27.78 -72.48 94.46
C PHE H 571 26.55 -71.66 94.14
N GLU H 572 26.24 -71.53 92.85
CA GLU H 572 25.04 -70.84 92.42
C GLU H 572 23.84 -71.73 92.61
N LYS H 573 24.10 -73.04 92.64
CA LYS H 573 23.05 -74.00 92.90
C LYS H 573 22.75 -74.05 94.38
N LEU H 574 23.74 -73.68 95.18
CA LEU H 574 23.66 -73.81 96.62
C LEU H 574 22.61 -72.90 97.24
N TYR H 575 22.80 -71.59 97.07
CA TYR H 575 21.94 -70.59 97.67
C TYR H 575 20.55 -70.64 97.07
N SER H 576 20.49 -71.02 95.80
CA SER H 576 19.23 -71.16 95.10
C SER H 576 18.46 -72.35 95.66
N ASP H 577 19.19 -73.34 96.17
CA ASP H 577 18.55 -74.45 96.84
C ASP H 577 18.14 -74.00 98.24
N LEU H 578 18.82 -72.98 98.73
CA LEU H 578 18.58 -72.54 100.09
C LEU H 578 17.55 -71.43 100.16
N MET H 579 17.00 -71.03 99.02
CA MET H 579 16.06 -69.91 99.02
C MET H 579 14.73 -70.24 98.37
N LYS H 580 14.48 -71.53 98.16
CA LYS H 580 13.20 -71.99 97.66
C LYS H 580 12.18 -71.74 98.75
N PHE H 581 11.08 -71.08 98.41
CA PHE H 581 10.08 -70.54 99.32
C PHE H 581 10.72 -69.62 100.36
N LEU H 582 10.85 -68.35 100.00
CA LEU H 582 11.47 -67.35 100.88
C LEU H 582 10.72 -66.04 100.76
N GLU H 583 11.21 -65.00 101.43
CA GLU H 583 10.68 -63.67 101.21
C GLU H 583 11.18 -63.23 99.85
N SER H 584 10.36 -62.47 99.12
CA SER H 584 10.63 -62.14 97.73
C SER H 584 11.77 -61.16 97.54
N SER H 585 12.98 -61.65 97.80
CA SER H 585 14.26 -61.00 97.53
C SER H 585 14.47 -59.68 98.25
N LYS H 586 15.67 -59.14 98.06
CA LYS H 586 16.08 -57.92 98.74
C LYS H 586 15.62 -56.68 98.02
N GLU H 587 16.32 -55.59 98.28
CA GLU H 587 16.24 -54.40 97.46
C GLU H 587 17.66 -53.93 97.24
N ILE H 588 18.59 -54.78 97.65
CA ILE H 588 19.99 -54.40 97.84
C ILE H 588 20.70 -54.00 96.56
N ASP H 589 21.50 -52.95 96.65
CA ASP H 589 22.32 -52.51 95.54
C ASP H 589 23.75 -52.94 95.81
N PRO H 590 24.24 -53.92 95.06
CA PRO H 590 25.58 -54.45 95.30
C PRO H 590 26.62 -53.65 94.55
N SER H 591 26.16 -52.67 93.76
CA SER H 591 27.07 -51.79 93.05
C SER H 591 27.79 -50.90 94.05
N GLN H 592 29.00 -50.47 93.71
CA GLN H 592 29.80 -49.65 94.64
C GLN H 592 29.20 -48.27 94.79
N THR H 593 29.28 -47.71 96.00
CA THR H 593 28.73 -46.40 96.28
C THR H 593 29.49 -45.33 95.52
N THR H 594 28.86 -44.18 95.30
CA THR H 594 29.45 -43.15 94.46
C THR H 594 29.40 -41.75 95.06
N GLN H 595 29.94 -40.80 94.30
CA GLN H 595 29.89 -39.39 94.66
C GLN H 595 30.05 -38.55 93.40
N LEU H 596 31.20 -37.90 93.23
CA LEU H 596 31.38 -37.04 92.07
C LEU H 596 32.83 -37.01 91.59
N ALA H 597 33.02 -36.57 90.34
CA ALA H 597 34.35 -36.44 89.77
C ALA H 597 34.37 -35.32 88.74
N GLY H 598 34.18 -34.09 89.21
CA GLY H 598 34.22 -32.92 88.35
C GLY H 598 35.60 -32.34 88.31
N MET H 599 36.16 -32.24 87.12
CA MET H 599 37.51 -31.73 86.99
C MET H 599 37.64 -30.84 85.76
N ASP H 600 38.33 -29.72 85.96
CA ASP H 600 38.76 -28.89 84.86
C ASP H 600 40.24 -29.15 84.66
N VAL H 601 40.57 -29.99 83.68
CA VAL H 601 41.94 -30.45 83.53
C VAL H 601 42.85 -29.41 82.92
N GLU H 602 44.04 -29.85 82.55
CA GLU H 602 45.12 -28.96 82.15
C GLU H 602 44.89 -28.23 80.83
N ASP H 603 44.95 -28.99 79.74
CA ASP H 603 44.95 -28.41 78.41
C ASP H 603 43.56 -27.99 77.95
N ALA H 604 43.19 -28.45 76.76
CA ALA H 604 41.89 -28.14 76.18
C ALA H 604 40.83 -28.98 76.85
N LEU H 605 41.27 -30.06 77.47
CA LEU H 605 40.45 -30.87 78.35
C LEU H 605 39.90 -30.01 79.47
N ASP H 606 38.74 -29.43 79.22
CA ASP H 606 38.11 -28.56 80.18
C ASP H 606 37.38 -29.40 81.21
N LYS H 607 36.06 -29.28 81.22
CA LYS H 607 35.22 -29.94 82.20
C LYS H 607 35.29 -31.46 82.08
N ASP H 608 35.41 -32.14 83.21
CA ASP H 608 35.29 -33.58 83.22
C ASP H 608 33.80 -33.94 83.37
N SER H 609 33.47 -34.74 84.38
CA SER H 609 32.09 -35.17 84.60
C SER H 609 31.85 -35.60 86.03
N THR H 610 31.73 -36.90 86.22
CA THR H 610 31.42 -37.46 87.53
C THR H 610 31.87 -38.91 87.62
N LYS H 611 31.30 -39.62 88.59
CA LYS H 611 31.56 -41.04 88.88
C LYS H 611 33.02 -41.34 89.15
N GLU H 612 33.50 -40.88 90.30
CA GLU H 612 34.86 -41.20 90.72
C GLU H 612 34.90 -42.61 91.25
N VAL H 613 34.89 -42.73 92.58
CA VAL H 613 34.88 -44.02 93.24
C VAL H 613 34.34 -43.85 94.64
N ALA H 614 34.37 -42.61 95.12
CA ALA H 614 34.00 -42.18 96.47
C ALA H 614 34.82 -42.86 97.56
N SER H 615 35.62 -42.05 98.24
CA SER H 615 36.51 -42.53 99.30
C SER H 615 35.71 -43.04 100.49
N LEU H 616 36.15 -44.19 101.01
CA LEU H 616 35.50 -44.94 102.10
C LEU H 616 34.04 -45.21 101.80
N PRO H 617 33.79 -46.16 100.90
CA PRO H 617 32.43 -46.39 100.44
C PRO H 617 32.21 -47.81 99.95
N ASN H 618 32.07 -47.94 98.63
CA ASN H 618 31.66 -49.16 97.93
C ASN H 618 30.36 -49.72 98.50
N LYS H 619 30.46 -50.53 99.55
CA LYS H 619 29.31 -51.18 100.15
C LYS H 619 28.38 -50.19 100.84
N SER H 620 27.09 -50.46 100.75
CA SER H 620 26.09 -49.61 101.39
C SER H 620 26.10 -49.83 102.89
N THR H 621 26.60 -50.98 103.31
CA THR H 621 26.76 -51.29 104.72
C THR H 621 27.87 -50.40 105.26
N ILE H 622 28.86 -50.16 104.43
CA ILE H 622 29.90 -49.22 104.76
C ILE H 622 29.30 -47.83 104.69
N SER H 623 28.28 -47.66 103.85
CA SER H 623 27.63 -46.36 103.69
C SER H 623 26.48 -46.19 104.67
N LYS H 624 26.25 -47.21 105.49
CA LYS H 624 25.23 -47.14 106.51
C LYS H 624 25.66 -46.17 107.58
N THR H 625 26.66 -46.59 108.36
CA THR H 625 27.16 -45.80 109.48
C THR H 625 27.85 -44.52 109.04
N VAL H 626 28.26 -44.47 107.78
CA VAL H 626 28.80 -43.25 107.21
C VAL H 626 27.69 -42.22 107.06
N SER H 627 26.47 -42.71 106.85
CA SER H 627 25.34 -41.82 106.73
C SER H 627 24.65 -41.64 108.07
N SER H 628 25.36 -41.88 109.16
CA SER H 628 24.75 -41.79 110.47
C SER H 628 25.16 -40.51 111.18
N THR H 629 26.20 -40.64 112.01
CA THR H 629 26.70 -39.53 112.80
C THR H 629 27.32 -38.49 111.91
N ILE H 630 26.51 -37.53 111.48
CA ILE H 630 26.93 -36.53 110.51
C ILE H 630 27.51 -35.30 111.17
N PRO H 631 28.21 -34.52 110.35
CA PRO H 631 28.98 -33.39 110.86
C PRO H 631 28.13 -32.14 111.02
N ARG H 632 28.74 -31.00 110.65
CA ARG H 632 28.18 -29.65 110.85
C ARG H 632 27.81 -29.41 112.30
N GLU H 633 26.51 -29.29 112.55
CA GLU H 633 25.97 -29.19 113.90
C GLU H 633 24.53 -29.65 113.85
N THR H 634 24.32 -30.88 113.39
CA THR H 634 22.97 -31.39 113.16
C THR H 634 22.73 -32.75 113.82
N ILE H 635 21.52 -33.26 113.61
CA ILE H 635 21.11 -34.52 114.20
C ILE H 635 21.81 -35.67 113.51
N PRO H 636 21.61 -35.79 112.21
CA PRO H 636 22.27 -36.84 111.43
C PRO H 636 22.31 -36.46 109.97
N PHE H 637 22.68 -37.43 109.14
CA PHE H 637 22.77 -37.21 107.70
C PHE H 637 21.40 -37.33 107.06
N LEU H 638 20.41 -37.81 107.82
CA LEU H 638 19.06 -38.00 107.30
C LEU H 638 18.06 -38.06 108.45
N HIS H 639 17.71 -36.93 109.04
CA HIS H 639 16.86 -36.93 110.24
C HIS H 639 15.41 -37.25 109.93
N LEU H 640 14.56 -37.13 110.95
CA LEU H 640 13.14 -37.40 110.77
C LEU H 640 12.33 -36.62 111.79
N ARG H 641 11.94 -35.40 111.44
CA ARG H 641 11.29 -34.51 112.38
C ARG H 641 9.81 -34.83 112.57
N LYS H 642 9.07 -33.90 113.16
CA LYS H 642 7.65 -34.09 113.41
C LYS H 642 6.93 -32.76 113.45
N LYS H 643 5.84 -32.72 114.19
CA LYS H 643 5.25 -31.44 114.56
C LYS H 643 6.04 -30.98 115.77
N THR H 644 5.99 -29.69 116.09
CA THR H 644 6.81 -29.19 117.20
C THR H 644 5.97 -28.50 118.29
N PRO H 645 5.39 -29.29 119.19
CA PRO H 645 4.53 -28.83 120.30
C PRO H 645 3.38 -27.96 119.80
N ALA H 646 3.69 -26.75 119.37
CA ALA H 646 2.77 -25.96 118.57
C ALA H 646 3.53 -25.23 117.48
N GLY H 647 4.45 -25.92 116.82
CA GLY H 647 5.27 -25.27 115.81
C GLY H 647 5.73 -26.23 114.72
N ASP H 648 6.92 -25.96 114.20
CA ASP H 648 7.41 -26.58 112.98
C ASP H 648 7.94 -28.01 113.14
N TRP H 649 9.22 -28.21 112.83
CA TRP H 649 9.74 -29.55 112.63
C TRP H 649 10.96 -29.87 113.47
N LYS H 650 10.74 -30.12 114.76
CA LYS H 650 11.84 -30.44 115.66
C LYS H 650 12.37 -31.83 115.37
N TYR H 651 13.68 -31.96 115.31
CA TYR H 651 14.30 -33.24 114.97
C TYR H 651 14.18 -34.25 116.10
N ASP H 652 13.00 -34.86 116.24
CA ASP H 652 12.76 -35.87 117.29
C ASP H 652 13.55 -37.13 117.03
N ARG H 653 14.31 -37.55 118.02
CA ARG H 653 15.24 -38.66 117.86
C ARG H 653 14.53 -39.99 117.66
N GLN H 654 13.33 -40.12 118.22
CA GLN H 654 12.61 -41.38 118.23
C GLN H 654 12.15 -41.75 116.83
N LEU H 655 11.70 -40.74 116.11
CA LEU H 655 11.35 -40.93 114.72
C LEU H 655 12.63 -41.02 113.91
N SER H 656 13.70 -40.44 114.43
CA SER H 656 14.99 -40.42 113.74
C SER H 656 15.78 -41.69 114.02
N SER H 657 15.27 -42.47 114.97
CA SER H 657 15.94 -43.70 115.33
C SER H 657 15.75 -44.75 114.25
N LEU H 658 14.54 -45.27 114.17
CA LEU H 658 14.23 -46.48 113.42
C LEU H 658 14.48 -46.38 111.91
N PHE H 659 14.37 -45.17 111.37
CA PHE H 659 14.59 -44.94 109.95
C PHE H 659 16.04 -45.19 109.63
N LEU H 660 16.92 -44.80 110.55
CA LEU H 660 18.32 -45.09 110.40
C LEU H 660 18.53 -46.56 110.64
N ASP H 661 17.73 -47.12 111.53
CA ASP H 661 17.83 -48.54 111.84
C ASP H 661 17.25 -49.37 110.72
N GLY H 662 16.34 -48.79 109.93
CA GLY H 662 15.74 -49.50 108.81
C GLY H 662 16.75 -49.70 107.70
N LEU H 663 17.67 -48.75 107.56
CA LEU H 663 18.75 -48.89 106.61
C LEU H 663 19.76 -49.88 107.18
N GLU H 664 19.84 -49.91 108.50
CA GLU H 664 20.65 -50.89 109.19
C GLU H 664 19.94 -52.22 109.12
N LYS H 665 18.61 -52.14 108.96
CA LYS H 665 17.82 -53.31 108.63
C LYS H 665 17.81 -53.56 107.15
N ALA H 666 18.60 -52.80 106.40
CA ALA H 666 18.77 -53.06 104.99
C ALA H 666 20.19 -53.50 104.74
N ALA H 667 20.66 -53.24 103.52
CA ALA H 667 21.99 -53.61 103.04
C ALA H 667 22.27 -55.11 103.22
N PHE H 668 22.76 -55.45 104.41
CA PHE H 668 23.05 -56.82 104.77
C PHE H 668 21.76 -57.60 104.79
N ASN H 669 20.83 -57.10 105.59
CA ASN H 669 19.51 -57.68 105.60
C ASN H 669 18.83 -57.27 104.31
N GLY H 670 17.88 -58.09 103.90
CA GLY H 670 17.16 -57.88 102.66
C GLY H 670 16.02 -56.90 102.88
N VAL H 671 15.29 -56.57 101.82
CA VAL H 671 14.08 -55.76 101.94
C VAL H 671 12.96 -56.40 101.12
N THR H 672 11.87 -56.77 101.80
CA THR H 672 10.80 -57.58 101.23
C THR H 672 9.56 -56.73 100.95
N PHE H 673 8.79 -57.10 99.93
CA PHE H 673 7.70 -56.24 99.48
C PHE H 673 6.48 -56.98 98.98
N LYS H 674 6.15 -58.14 99.54
CA LYS H 674 5.11 -58.97 98.94
C LYS H 674 3.73 -58.37 99.17
N ASP H 675 2.86 -58.57 98.17
CA ASP H 675 1.45 -58.20 98.18
C ASP H 675 1.26 -56.71 98.43
N LYS H 676 1.73 -55.93 97.48
CA LYS H 676 1.73 -54.50 97.73
C LYS H 676 0.89 -53.69 96.76
N TYR H 677 0.94 -53.99 95.45
CA TYR H 677 -0.07 -53.57 94.47
C TYR H 677 -0.19 -52.04 94.36
N VAL H 678 0.84 -51.41 93.80
CA VAL H 678 0.99 -49.94 93.84
C VAL H 678 0.97 -49.39 92.40
N LEU H 679 0.43 -48.18 92.23
CA LEU H 679 0.66 -47.45 90.98
C LEU H 679 1.62 -46.30 91.23
N ILE H 680 2.29 -45.87 90.16
CA ILE H 680 3.35 -44.87 90.20
C ILE H 680 3.15 -43.93 89.03
N THR H 681 3.16 -42.63 89.29
CA THR H 681 3.12 -41.70 88.16
C THR H 681 4.48 -41.58 87.49
N GLY H 682 5.56 -41.61 88.28
CA GLY H 682 6.92 -41.29 87.91
C GLY H 682 7.45 -41.84 86.59
N ALA H 683 7.98 -40.95 85.78
CA ALA H 683 8.25 -41.20 84.38
C ALA H 683 9.52 -42.04 84.23
N GLY H 684 10.07 -42.03 83.03
CA GLY H 684 11.03 -43.04 82.63
C GLY H 684 12.46 -42.81 83.07
N LYS H 685 13.36 -42.66 82.10
CA LYS H 685 14.73 -43.13 82.20
C LYS H 685 15.52 -42.49 83.32
N GLY H 686 15.56 -41.15 83.37
CA GLY H 686 16.40 -40.51 84.35
C GLY H 686 15.70 -40.26 85.66
N SER H 687 14.41 -40.60 85.72
CA SER H 687 13.60 -40.28 86.90
C SER H 687 14.01 -41.13 88.10
N ILE H 688 13.68 -40.64 89.29
CA ILE H 688 13.99 -41.43 90.48
C ILE H 688 13.00 -42.56 90.63
N GLY H 689 11.77 -42.35 90.20
CA GLY H 689 10.77 -43.40 90.22
C GLY H 689 11.08 -44.59 89.34
N ALA H 690 11.96 -44.41 88.35
CA ALA H 690 12.50 -45.53 87.60
C ALA H 690 13.20 -46.50 88.53
N GLU H 691 14.10 -45.99 89.36
CA GLU H 691 14.80 -46.87 90.29
C GLU H 691 13.88 -47.37 91.39
N VAL H 692 12.83 -46.61 91.70
CA VAL H 692 11.80 -47.08 92.61
C VAL H 692 11.09 -48.29 92.02
N LEU H 693 10.78 -48.22 90.73
CA LEU H 693 10.19 -49.34 90.03
C LEU H 693 11.11 -50.54 90.01
N GLN H 694 12.41 -50.29 89.95
CA GLN H 694 13.39 -51.36 89.98
C GLN H 694 13.34 -52.11 91.29
N GLY H 695 13.05 -51.40 92.38
CA GLY H 695 13.04 -52.02 93.67
C GLY H 695 11.87 -52.93 93.90
N LEU H 696 10.68 -52.49 93.49
CA LEU H 696 9.47 -53.22 93.87
C LEU H 696 9.33 -54.52 93.11
N LEU H 697 9.72 -54.52 91.85
CA LEU H 697 9.71 -55.77 91.10
C LEU H 697 10.75 -56.72 91.63
N GLN H 698 11.87 -56.18 92.10
CA GLN H 698 12.80 -56.98 92.88
C GLN H 698 12.20 -57.40 94.20
N GLY H 699 11.46 -56.48 94.84
CA GLY H 699 10.77 -56.82 96.06
C GLY H 699 9.56 -57.69 95.86
N GLY H 700 9.12 -57.83 94.62
CA GLY H 700 8.05 -58.73 94.29
C GLY H 700 6.66 -58.14 94.35
N ALA H 701 6.54 -56.81 94.38
CA ALA H 701 5.23 -56.20 94.33
C ALA H 701 4.67 -56.34 92.93
N LYS H 702 3.39 -56.07 92.78
CA LYS H 702 2.75 -56.09 91.47
C LYS H 702 2.32 -54.67 91.15
N VAL H 703 3.17 -53.97 90.40
CA VAL H 703 3.12 -52.54 90.25
C VAL H 703 2.63 -52.21 88.85
N VAL H 704 1.76 -51.22 88.74
CA VAL H 704 1.36 -50.69 87.44
C VAL H 704 1.91 -49.28 87.31
N VAL H 705 2.07 -48.82 86.07
CA VAL H 705 2.77 -47.58 85.78
C VAL H 705 2.09 -46.87 84.62
N THR H 706 1.80 -45.58 84.82
CA THR H 706 1.30 -44.72 83.76
C THR H 706 2.42 -43.95 83.10
N THR H 707 2.10 -43.39 81.94
CA THR H 707 2.99 -42.52 81.21
C THR H 707 2.22 -41.70 80.20
N SER H 708 2.85 -40.62 79.75
CA SER H 708 2.28 -39.81 78.69
C SER H 708 2.66 -40.36 77.33
N ARG H 709 3.95 -40.44 77.06
CA ARG H 709 4.44 -40.93 75.78
C ARG H 709 4.21 -42.43 75.66
N PHE H 710 3.66 -42.84 74.53
CA PHE H 710 3.47 -44.26 74.24
C PHE H 710 3.91 -44.52 72.82
N SER H 711 4.85 -45.45 72.66
CA SER H 711 5.30 -45.88 71.35
C SER H 711 5.98 -47.23 71.53
N LYS H 712 6.52 -47.74 70.42
CA LYS H 712 7.39 -48.90 70.50
C LYS H 712 8.63 -48.59 71.32
N GLN H 713 9.17 -47.38 71.19
CA GLN H 713 10.30 -46.96 72.00
C GLN H 713 9.94 -46.90 73.49
N VAL H 714 8.70 -46.53 73.79
CA VAL H 714 8.25 -46.61 75.17
C VAL H 714 8.09 -48.06 75.58
N THR H 715 7.70 -48.93 74.65
CA THR H 715 7.30 -50.28 75.00
C THR H 715 8.49 -51.13 75.44
N ASP H 716 9.51 -51.22 74.59
CA ASP H 716 10.58 -52.19 74.79
C ASP H 716 11.46 -51.85 75.98
N TYR H 717 11.53 -50.59 76.35
CA TYR H 717 12.19 -50.23 77.59
C TYR H 717 11.50 -50.87 78.78
N TYR H 718 10.17 -50.88 78.76
CA TYR H 718 9.42 -51.64 79.74
C TYR H 718 9.17 -53.06 79.23
N GLN H 719 10.22 -53.66 78.71
CA GLN H 719 10.31 -55.10 78.60
C GLN H 719 11.50 -55.61 79.39
N SER H 720 12.66 -54.98 79.20
CA SER H 720 13.87 -55.49 79.81
C SER H 720 13.89 -55.26 81.30
N ILE H 721 13.31 -54.17 81.78
CA ILE H 721 13.22 -53.93 83.22
C ILE H 721 12.37 -55.01 83.87
N TYR H 722 11.28 -55.39 83.20
CA TYR H 722 10.55 -56.57 83.65
C TYR H 722 11.36 -57.83 83.43
N ALA H 723 12.18 -57.86 82.38
CA ALA H 723 13.02 -59.03 82.12
C ALA H 723 14.25 -59.08 83.00
N LYS H 724 14.69 -57.95 83.53
CA LYS H 724 15.80 -57.93 84.46
C LYS H 724 15.36 -58.00 85.90
N TYR H 725 14.09 -57.76 86.20
CA TYR H 725 13.67 -57.68 87.59
C TYR H 725 12.39 -58.43 87.87
N GLY H 726 11.99 -59.34 87.01
CA GLY H 726 10.88 -60.21 87.36
C GLY H 726 11.29 -61.18 88.44
N ALA H 727 10.86 -60.91 89.66
CA ALA H 727 11.11 -61.82 90.77
C ALA H 727 9.95 -62.79 90.87
N LYS H 728 9.88 -63.51 91.98
CA LYS H 728 8.99 -64.67 92.12
C LYS H 728 7.52 -64.31 92.03
N GLY H 729 7.14 -63.08 92.38
CA GLY H 729 5.74 -62.70 92.41
C GLY H 729 5.46 -61.37 91.76
N SER H 730 6.09 -61.09 90.64
CA SER H 730 6.14 -59.75 90.10
C SER H 730 5.48 -59.69 88.73
N THR H 731 4.42 -58.89 88.60
CA THR H 731 3.91 -58.54 87.29
C THR H 731 3.90 -57.03 87.14
N LEU H 732 3.84 -56.58 85.89
CA LEU H 732 3.91 -55.16 85.57
C LEU H 732 2.84 -54.84 84.53
N ILE H 733 2.21 -53.69 84.69
CA ILE H 733 1.30 -53.18 83.68
C ILE H 733 1.76 -51.80 83.29
N VAL H 734 2.00 -51.59 82.02
CA VAL H 734 2.17 -50.26 81.45
C VAL H 734 0.80 -49.74 81.02
N VAL H 735 0.45 -48.54 81.45
CA VAL H 735 -0.78 -47.92 80.99
C VAL H 735 -0.43 -46.58 80.37
N PRO H 736 -1.03 -46.19 79.25
CA PRO H 736 -0.89 -44.81 78.78
C PRO H 736 -2.01 -43.94 79.34
N PHE H 737 -1.63 -42.82 79.93
CA PHE H 737 -2.59 -41.98 80.65
C PHE H 737 -1.96 -40.63 80.91
N ASN H 738 -2.71 -39.57 80.64
CA ASN H 738 -2.26 -38.21 80.91
C ASN H 738 -2.69 -37.85 82.32
N GLN H 739 -1.72 -37.43 83.13
CA GLN H 739 -1.99 -37.16 84.53
C GLN H 739 -2.87 -35.95 84.73
N GLY H 740 -2.70 -34.93 83.90
CA GLY H 740 -3.59 -33.80 83.90
C GLY H 740 -4.86 -34.12 83.15
N SER H 741 -5.70 -33.09 83.00
CA SER H 741 -6.93 -33.15 82.21
C SER H 741 -7.88 -34.23 82.75
N LYS H 742 -8.45 -33.91 83.91
CA LYS H 742 -9.12 -34.84 84.83
C LYS H 742 -10.14 -35.80 84.24
N GLN H 743 -10.64 -35.55 83.03
CA GLN H 743 -11.61 -36.44 82.39
C GLN H 743 -11.07 -37.83 82.09
N ASP H 744 -9.75 -38.01 82.21
CA ASP H 744 -9.13 -39.32 82.11
C ASP H 744 -8.74 -39.90 83.47
N VAL H 745 -8.76 -39.10 84.55
CA VAL H 745 -8.22 -39.63 85.80
C VAL H 745 -9.21 -40.54 86.49
N GLU H 746 -10.49 -40.46 86.16
CA GLU H 746 -11.48 -41.24 86.87
C GLU H 746 -11.42 -42.70 86.43
N ALA H 747 -11.30 -42.91 85.12
CA ALA H 747 -11.47 -44.23 84.54
C ALA H 747 -10.33 -45.17 84.92
N LEU H 748 -9.10 -44.67 84.98
CA LEU H 748 -7.99 -45.49 85.40
C LEU H 748 -8.10 -45.87 86.86
N ILE H 749 -8.50 -44.92 87.69
CA ILE H 749 -8.76 -45.22 89.10
C ILE H 749 -9.95 -46.14 89.23
N GLU H 750 -10.90 -46.05 88.30
CA GLU H 750 -11.92 -47.08 88.22
C GLU H 750 -11.30 -48.40 87.79
N PHE H 751 -10.50 -48.37 86.71
CA PHE H 751 -9.93 -49.57 86.12
C PHE H 751 -9.03 -50.34 87.07
N ILE H 752 -8.40 -49.64 88.01
CA ILE H 752 -7.58 -50.32 89.01
C ILE H 752 -8.42 -50.90 90.13
N TYR H 753 -9.74 -50.69 90.13
CA TYR H 753 -10.57 -51.19 91.21
C TYR H 753 -11.80 -51.94 90.73
N ASP H 754 -11.96 -52.18 89.43
CA ASP H 754 -13.23 -52.72 89.00
C ASP H 754 -13.37 -54.21 89.25
N THR H 755 -14.61 -54.66 89.12
CA THR H 755 -15.01 -56.05 89.21
C THR H 755 -14.36 -56.83 88.07
N GLU H 756 -13.93 -58.05 88.38
CA GLU H 756 -13.36 -58.96 87.41
C GLU H 756 -14.32 -59.28 86.27
N LYS H 757 -15.62 -59.25 86.52
CA LYS H 757 -16.61 -59.40 85.46
C LYS H 757 -16.87 -58.10 84.72
N ASN H 758 -16.05 -57.08 84.98
CA ASN H 758 -15.95 -55.89 84.16
C ASN H 758 -14.49 -55.87 83.78
N GLY H 759 -13.97 -54.74 83.29
CA GLY H 759 -12.59 -54.53 82.88
C GLY H 759 -11.50 -55.19 83.72
N GLY H 760 -11.73 -55.29 85.02
CA GLY H 760 -10.98 -56.21 85.84
C GLY H 760 -10.05 -55.48 86.75
N LEU H 761 -8.95 -56.16 87.09
CA LEU H 761 -7.86 -55.65 87.91
C LEU H 761 -8.41 -55.24 89.29
N GLY H 762 -8.92 -56.24 89.99
CA GLY H 762 -9.61 -56.00 91.23
C GLY H 762 -8.65 -55.97 92.40
N TRP H 763 -7.91 -54.89 92.53
CA TRP H 763 -6.86 -54.82 93.53
C TRP H 763 -7.30 -53.90 94.66
N ASP H 764 -6.39 -53.70 95.62
CA ASP H 764 -6.70 -52.92 96.81
C ASP H 764 -5.90 -51.65 96.94
N LEU H 765 -4.78 -51.54 96.24
CA LEU H 765 -3.95 -50.33 96.16
C LEU H 765 -3.41 -49.92 97.53
N ASP H 766 -2.50 -50.75 98.05
CA ASP H 766 -1.99 -50.52 99.39
C ASP H 766 -1.06 -49.32 99.49
N ALA H 767 -0.38 -48.93 98.42
CA ALA H 767 0.44 -47.72 98.50
C ALA H 767 0.46 -47.02 97.15
N ILE H 768 0.86 -45.74 97.17
CA ILE H 768 0.78 -44.84 96.02
C ILE H 768 1.93 -43.84 96.11
N ILE H 769 2.74 -43.73 95.05
CA ILE H 769 3.67 -42.60 94.98
C ILE H 769 3.56 -41.91 93.62
N PRO H 770 2.93 -40.77 93.55
CA PRO H 770 2.93 -40.02 92.30
C PRO H 770 4.10 -39.06 92.22
N PHE H 771 4.71 -38.95 91.05
CA PHE H 771 5.72 -37.94 90.80
C PHE H 771 5.25 -36.96 89.74
N ALA H 772 6.06 -35.94 89.55
CA ALA H 772 5.69 -34.80 88.73
C ALA H 772 6.22 -34.98 87.31
N ALA H 773 6.25 -33.87 86.58
CA ALA H 773 6.81 -33.68 85.26
C ALA H 773 7.06 -32.18 85.13
N ILE H 774 7.14 -31.69 83.89
CA ILE H 774 6.88 -30.28 83.55
C ILE H 774 7.85 -29.32 84.23
N PRO H 775 9.06 -29.14 83.69
CA PRO H 775 10.08 -28.33 84.38
C PRO H 775 9.71 -26.91 84.77
N GLU H 776 9.21 -26.08 83.84
CA GLU H 776 8.81 -24.68 84.07
C GLU H 776 9.98 -23.86 84.61
N GLN H 777 10.92 -23.61 83.73
CA GLN H 777 12.16 -22.95 84.11
C GLN H 777 12.27 -21.60 83.43
N GLY H 778 13.16 -20.78 83.98
CA GLY H 778 13.57 -19.55 83.33
C GLY H 778 12.52 -18.47 83.23
N ILE H 779 11.52 -18.48 84.10
CA ILE H 779 10.46 -17.49 84.05
C ILE H 779 10.15 -17.00 85.46
N GLU H 780 10.18 -15.69 85.66
CA GLU H 780 9.96 -15.07 86.96
C GLU H 780 8.46 -14.85 87.19
N LEU H 781 8.14 -13.97 88.14
CA LEU H 781 6.78 -13.65 88.56
C LEU H 781 5.89 -13.17 87.42
N GLU H 782 6.46 -12.62 86.35
CA GLU H 782 5.66 -11.91 85.37
C GLU H 782 4.89 -12.84 84.45
N HIS H 783 5.06 -14.15 84.56
CA HIS H 783 4.57 -15.09 83.56
C HIS H 783 3.63 -16.11 84.19
N ILE H 784 2.37 -15.74 84.33
CA ILE H 784 1.31 -16.66 84.74
C ILE H 784 0.50 -17.12 83.54
N ASP H 785 1.09 -17.03 82.35
CA ASP H 785 0.43 -17.42 81.12
C ASP H 785 0.47 -18.93 80.95
N SER H 786 0.25 -19.39 79.73
CA SER H 786 -0.03 -20.79 79.41
C SER H 786 1.21 -21.66 79.56
N LYS H 787 1.26 -22.80 78.89
CA LYS H 787 1.66 -24.12 79.38
C LYS H 787 2.49 -24.23 80.67
N SER H 788 3.29 -23.22 81.05
CA SER H 788 3.62 -23.03 82.47
C SER H 788 2.39 -23.10 83.38
N GLU H 789 1.24 -22.59 82.92
CA GLU H 789 -0.01 -22.70 83.67
C GLU H 789 -0.39 -24.14 83.92
N PHE H 790 -0.15 -25.01 82.94
CA PHE H 790 -0.60 -26.40 82.96
C PHE H 790 0.04 -27.20 84.08
N ALA H 791 1.13 -26.70 84.66
CA ALA H 791 1.80 -27.43 85.73
C ALA H 791 1.00 -27.37 87.03
N HIS H 792 0.36 -26.24 87.29
CA HIS H 792 -0.34 -26.10 88.57
C HIS H 792 -1.57 -26.98 88.61
N ARG H 793 -2.19 -27.21 87.47
CA ARG H 793 -3.30 -28.14 87.46
C ARG H 793 -2.81 -29.57 87.60
N ILE H 794 -1.58 -29.85 87.15
CA ILE H 794 -1.11 -31.22 87.16
C ILE H 794 -0.27 -31.55 88.39
N MET H 795 0.22 -30.54 89.12
CA MET H 795 1.04 -30.85 90.28
C MET H 795 0.25 -30.90 91.57
N LEU H 796 -0.94 -30.37 91.60
CA LEU H 796 -1.77 -30.65 92.76
C LEU H 796 -3.21 -30.96 92.40
N THR H 797 -3.74 -30.36 91.34
CA THR H 797 -5.19 -30.24 91.22
C THR H 797 -5.81 -31.53 90.72
N ASN H 798 -5.20 -32.16 89.72
CA ASN H 798 -5.55 -33.54 89.45
C ASN H 798 -5.14 -34.43 90.59
N ILE H 799 -4.06 -34.07 91.29
CA ILE H 799 -3.50 -34.94 92.30
C ILE H 799 -4.37 -34.94 93.56
N LEU H 800 -4.79 -33.76 94.01
CA LEU H 800 -5.56 -33.67 95.24
C LEU H 800 -6.93 -34.32 95.10
N ARG H 801 -7.48 -34.33 93.90
CA ARG H 801 -8.69 -35.11 93.70
C ARG H 801 -8.40 -36.60 93.65
N MET H 802 -7.17 -36.99 93.32
CA MET H 802 -6.89 -38.40 93.12
C MET H 802 -6.83 -39.15 94.45
N MET H 803 -6.15 -38.57 95.44
CA MET H 803 -6.17 -39.21 96.76
C MET H 803 -7.54 -39.12 97.40
N GLY H 804 -8.33 -38.10 97.04
CA GLY H 804 -9.69 -38.04 97.53
C GLY H 804 -10.55 -39.16 96.95
N CYS H 805 -10.52 -39.32 95.64
CA CYS H 805 -11.43 -40.23 94.97
C CYS H 805 -11.12 -41.68 95.26
N VAL H 806 -9.85 -41.98 95.53
CA VAL H 806 -9.48 -43.35 95.90
C VAL H 806 -10.14 -43.72 97.21
N LYS H 807 -10.19 -42.78 98.15
CA LYS H 807 -10.96 -42.99 99.37
C LYS H 807 -12.43 -43.16 99.06
N LYS H 808 -12.94 -42.38 98.09
CA LYS H 808 -14.33 -42.54 97.68
C LYS H 808 -14.54 -43.89 97.01
N GLN H 809 -13.51 -44.40 96.35
CA GLN H 809 -13.60 -45.75 95.80
C GLN H 809 -13.50 -46.78 96.92
N LYS H 810 -12.58 -46.58 97.86
CA LYS H 810 -12.33 -47.57 98.89
C LYS H 810 -13.50 -47.67 99.85
N SER H 811 -13.95 -46.53 100.34
CA SER H 811 -14.99 -46.53 101.36
C SER H 811 -16.35 -46.85 100.77
N ALA H 812 -16.50 -46.83 99.45
CA ALA H 812 -17.73 -47.34 98.87
C ALA H 812 -17.81 -48.86 99.03
N ARG H 813 -16.67 -49.53 99.02
CA ARG H 813 -16.69 -50.97 99.12
C ARG H 813 -16.62 -51.43 100.58
N GLY H 814 -15.92 -50.68 101.42
CA GLY H 814 -15.92 -51.01 102.84
C GLY H 814 -14.73 -51.86 103.27
N ILE H 815 -13.53 -51.43 102.95
CA ILE H 815 -12.31 -52.22 103.13
C ILE H 815 -11.46 -51.58 104.22
N GLU H 816 -12.12 -51.04 105.23
CA GLU H 816 -11.57 -50.06 106.16
C GLU H 816 -10.35 -50.54 106.94
N THR H 817 -10.11 -51.85 107.05
CA THR H 817 -9.00 -52.34 107.86
C THR H 817 -7.63 -52.16 107.21
N ARG H 818 -7.57 -51.73 105.95
CA ARG H 818 -6.33 -51.74 105.19
C ARG H 818 -6.22 -50.44 104.44
N PRO H 819 -5.62 -49.43 105.06
CA PRO H 819 -5.53 -48.12 104.43
C PRO H 819 -4.45 -48.10 103.36
N ALA H 820 -4.34 -46.97 102.69
CA ALA H 820 -3.36 -46.78 101.63
C ALA H 820 -2.36 -45.71 102.03
N GLN H 821 -1.08 -46.00 101.87
CA GLN H 821 -0.04 -45.06 102.26
C GLN H 821 0.49 -44.32 101.05
N VAL H 822 0.45 -43.01 101.08
CA VAL H 822 1.05 -42.24 100.01
C VAL H 822 2.38 -41.70 100.48
N ILE H 823 3.25 -41.42 99.53
CA ILE H 823 4.51 -40.74 99.78
C ILE H 823 4.57 -39.62 98.74
N LEU H 824 4.39 -38.43 99.19
CA LEU H 824 4.39 -37.27 98.32
C LEU H 824 5.76 -36.62 98.32
N PRO H 825 6.34 -36.35 97.16
CA PRO H 825 7.60 -35.60 97.11
C PRO H 825 7.41 -34.16 97.55
N MET H 826 8.34 -33.68 98.37
CA MET H 826 8.41 -32.29 98.81
C MET H 826 9.74 -31.70 98.40
N SER H 827 9.97 -30.45 98.81
CA SER H 827 11.22 -29.78 98.45
C SER H 827 11.50 -28.65 99.43
N PRO H 828 12.77 -28.43 99.80
CA PRO H 828 13.07 -27.39 100.79
C PRO H 828 13.45 -26.06 100.18
N ASN H 829 13.51 -25.94 98.86
CA ASN H 829 14.12 -24.77 98.23
C ASN H 829 13.05 -23.76 97.86
N HIS H 830 11.99 -23.73 98.67
CA HIS H 830 10.84 -22.87 98.43
C HIS H 830 11.27 -21.43 98.63
N GLY H 831 11.10 -20.63 97.59
CA GLY H 831 11.57 -19.26 97.62
C GLY H 831 13.07 -19.12 97.62
N THR H 832 13.81 -20.17 97.27
CA THR H 832 15.25 -20.11 97.29
C THR H 832 15.81 -19.91 95.90
N PHE H 833 15.49 -20.81 94.97
CA PHE H 833 16.04 -20.71 93.63
C PHE H 833 15.24 -19.69 92.82
N GLY H 834 15.66 -19.49 91.58
CA GLY H 834 15.30 -18.30 90.83
C GLY H 834 14.01 -18.38 90.05
N GLY H 835 14.08 -18.28 88.74
CA GLY H 835 12.89 -18.15 87.92
C GLY H 835 12.07 -19.41 87.87
N ASP H 836 11.49 -19.75 89.02
CA ASP H 836 10.80 -21.02 89.21
C ASP H 836 9.47 -21.04 88.51
N GLY H 837 8.84 -19.91 88.40
CA GLY H 837 7.43 -19.89 87.99
C GLY H 837 6.53 -20.40 89.12
N MET H 838 5.85 -21.51 88.87
CA MET H 838 4.88 -22.03 89.81
C MET H 838 5.27 -23.38 90.38
N TYR H 839 6.50 -23.82 90.18
CA TYR H 839 6.90 -25.18 90.55
C TYR H 839 7.03 -25.34 92.05
N SER H 840 7.97 -24.62 92.65
CA SER H 840 8.14 -24.67 94.10
C SER H 840 6.93 -24.09 94.82
N GLU H 841 6.24 -23.18 94.16
CA GLU H 841 5.17 -22.45 94.79
C GLU H 841 3.91 -23.30 94.88
N SER H 842 3.69 -24.17 93.89
CA SER H 842 2.63 -25.16 94.06
C SER H 842 3.10 -26.28 94.97
N LYS H 843 4.42 -26.43 95.10
CA LYS H 843 4.96 -27.51 95.90
C LYS H 843 4.71 -27.27 97.37
N LEU H 844 4.79 -26.02 97.81
CA LEU H 844 4.63 -25.74 99.23
C LEU H 844 3.16 -25.61 99.62
N SER H 845 2.26 -26.02 98.74
CA SER H 845 0.83 -26.10 99.01
C SER H 845 0.38 -27.49 99.41
N LEU H 846 1.29 -28.44 99.56
CA LEU H 846 0.87 -29.79 99.84
C LEU H 846 0.70 -30.03 101.33
N GLU H 847 1.46 -29.32 102.15
CA GLU H 847 1.65 -29.60 103.57
C GLU H 847 0.37 -29.45 104.38
N THR H 848 -0.65 -28.79 103.82
CA THR H 848 -1.96 -28.74 104.43
C THR H 848 -2.59 -30.11 104.61
N LEU H 849 -2.17 -31.09 103.80
CA LEU H 849 -2.64 -32.48 103.92
C LEU H 849 -2.37 -33.07 105.29
N PHE H 850 -1.36 -32.56 105.98
CA PHE H 850 -1.06 -33.02 107.31
C PHE H 850 -2.16 -32.64 108.28
N ASN H 851 -2.47 -31.36 108.37
CA ASN H 851 -3.53 -30.93 109.28
C ASN H 851 -4.90 -31.32 108.78
N ARG H 852 -5.03 -31.65 107.51
CA ARG H 852 -6.26 -32.24 107.02
C ARG H 852 -6.45 -33.65 107.52
N TRP H 853 -5.39 -34.32 107.95
CA TRP H 853 -5.52 -35.67 108.51
C TRP H 853 -6.09 -35.65 109.92
N HIS H 854 -6.42 -34.49 110.44
CA HIS H 854 -7.46 -34.40 111.44
C HIS H 854 -8.53 -33.45 110.89
N SER H 855 -9.70 -33.49 111.50
CA SER H 855 -10.88 -32.69 111.16
C SER H 855 -11.36 -32.92 109.73
N GLU H 856 -11.01 -34.05 109.12
CA GLU H 856 -11.62 -34.46 107.87
C GLU H 856 -11.64 -35.99 107.83
N SER H 857 -12.82 -36.56 107.66
CA SER H 857 -13.02 -37.99 107.86
C SER H 857 -12.45 -38.78 106.68
N TRP H 858 -11.14 -38.98 106.72
CA TRP H 858 -10.55 -39.95 105.81
C TRP H 858 -9.37 -40.67 106.45
N ALA H 859 -9.21 -40.57 107.76
CA ALA H 859 -8.00 -41.07 108.40
C ALA H 859 -7.95 -42.59 108.48
N ASN H 860 -9.09 -43.25 108.39
CA ASN H 860 -9.08 -44.70 108.36
C ASN H 860 -8.90 -45.25 106.97
N GLN H 861 -8.53 -44.42 106.02
CA GLN H 861 -8.35 -44.88 104.66
C GLN H 861 -7.01 -44.50 104.05
N LEU H 862 -6.39 -43.40 104.45
CA LEU H 862 -5.13 -42.99 103.83
C LEU H 862 -4.10 -42.59 104.87
N THR H 863 -2.89 -42.30 104.38
CA THR H 863 -1.78 -41.87 105.22
C THR H 863 -0.78 -41.12 104.36
N VAL H 864 -0.39 -39.92 104.80
CA VAL H 864 0.65 -39.14 104.13
C VAL H 864 1.93 -39.26 104.93
N CYS H 865 3.06 -39.36 104.23
CA CYS H 865 4.39 -39.29 104.83
C CYS H 865 5.29 -38.60 103.82
N GLY H 866 5.69 -37.37 104.09
CA GLY H 866 6.38 -36.57 103.11
C GLY H 866 7.79 -37.03 102.81
N ALA H 867 8.37 -36.41 101.81
CA ALA H 867 9.74 -36.72 101.38
C ALA H 867 10.27 -35.52 100.61
N ILE H 868 11.32 -34.89 101.13
CA ILE H 868 11.62 -33.52 100.72
C ILE H 868 12.75 -33.48 99.69
N ILE H 869 13.12 -34.64 99.15
CA ILE H 869 14.43 -35.01 98.60
C ILE H 869 15.17 -33.93 97.82
N GLY H 870 16.47 -33.79 98.09
CA GLY H 870 17.23 -32.70 97.54
C GLY H 870 18.49 -33.17 96.84
N TRP H 871 18.76 -32.52 95.71
CA TRP H 871 20.08 -32.43 95.11
C TRP H 871 20.65 -33.78 94.69
N THR H 872 20.02 -34.33 93.66
CA THR H 872 20.45 -35.59 93.10
C THR H 872 21.45 -35.37 91.97
N ARG H 873 22.54 -36.11 92.01
CA ARG H 873 23.54 -36.21 90.94
C ARG H 873 22.97 -37.16 89.87
N GLY H 874 23.80 -37.59 88.91
CA GLY H 874 23.38 -38.58 87.95
C GLY H 874 22.49 -38.09 86.84
N THR H 875 23.03 -37.29 85.92
CA THR H 875 22.27 -36.85 84.76
C THR H 875 22.04 -38.04 83.84
N GLY H 876 20.88 -38.66 83.97
CA GLY H 876 20.26 -39.36 82.88
C GLY H 876 19.20 -38.42 82.35
N LEU H 877 18.39 -37.92 83.28
CA LEU H 877 17.51 -36.77 83.11
C LEU H 877 17.28 -36.12 84.47
N MET H 878 17.12 -34.79 84.45
CA MET H 878 16.68 -33.98 85.59
C MET H 878 17.65 -34.05 86.78
N SER H 879 18.95 -33.97 86.53
CA SER H 879 19.93 -33.70 87.58
C SER H 879 20.39 -32.27 87.41
N ALA H 880 19.70 -31.36 88.09
CA ALA H 880 19.94 -29.92 87.95
C ALA H 880 21.29 -29.53 88.52
N ASN H 881 22.01 -28.69 87.77
CA ASN H 881 23.33 -28.18 88.13
C ASN H 881 24.31 -29.34 88.35
N ASN H 882 24.43 -30.16 87.33
CA ASN H 882 25.28 -31.34 87.42
C ASN H 882 26.73 -31.00 87.13
N ILE H 883 27.26 -29.98 87.80
CA ILE H 883 28.57 -29.46 87.47
C ILE H 883 29.42 -29.48 88.72
N ILE H 884 28.87 -28.98 89.81
CA ILE H 884 29.74 -28.62 90.92
C ILE H 884 29.99 -29.80 91.82
N ALA H 885 29.00 -30.14 92.64
CA ALA H 885 28.92 -31.37 93.43
C ALA H 885 30.07 -31.66 94.40
N GLU H 886 31.10 -30.85 94.42
CA GLU H 886 32.28 -31.22 95.18
C GLU H 886 32.78 -30.11 96.07
N GLY H 887 32.76 -28.87 95.57
CA GLY H 887 33.03 -27.75 96.44
C GLY H 887 31.94 -27.54 97.46
N ILE H 888 30.75 -28.04 97.19
CA ILE H 888 29.70 -28.09 98.20
C ILE H 888 29.91 -29.23 99.18
N GLU H 889 30.85 -30.13 98.94
CA GLU H 889 31.27 -31.05 99.97
C GLU H 889 32.45 -30.54 100.78
N LYS H 890 32.92 -29.32 100.52
CA LYS H 890 34.02 -28.78 101.30
C LYS H 890 33.61 -27.55 102.10
N MET H 891 33.15 -26.49 101.44
CA MET H 891 32.73 -25.27 102.14
C MET H 891 31.39 -25.56 102.77
N GLY H 892 31.43 -26.19 103.93
CA GLY H 892 30.32 -27.01 104.33
C GLY H 892 30.60 -28.40 103.80
N VAL H 893 30.60 -29.38 104.70
CA VAL H 893 31.16 -30.71 104.44
C VAL H 893 30.04 -31.63 104.00
N ARG H 894 29.00 -31.05 103.42
CA ARG H 894 27.73 -31.72 103.35
C ARG H 894 27.60 -32.56 102.07
N THR H 895 26.94 -33.71 102.22
CA THR H 895 26.89 -34.80 101.25
C THR H 895 25.91 -34.57 100.12
N PHE H 896 25.48 -35.70 99.54
CA PHE H 896 24.50 -35.85 98.47
C PHE H 896 24.95 -35.34 97.12
N SER H 897 26.00 -35.95 96.62
CA SER H 897 26.20 -36.16 95.20
C SER H 897 25.86 -37.59 94.80
N GLN H 898 24.88 -38.20 95.46
CA GLN H 898 24.63 -39.63 95.35
C GLN H 898 23.27 -39.89 94.74
N LYS H 899 23.26 -40.52 93.57
CA LYS H 899 22.02 -40.75 92.85
C LYS H 899 21.21 -41.92 93.38
N GLU H 900 21.75 -42.72 94.29
CA GLU H 900 21.00 -43.88 94.73
C GLU H 900 20.38 -43.66 96.10
N MET H 901 19.89 -42.43 96.28
CA MET H 901 19.09 -42.02 97.44
C MET H 901 17.76 -42.72 97.53
N ALA H 902 17.26 -43.27 96.43
CA ALA H 902 16.01 -44.00 96.44
C ALA H 902 16.07 -45.24 97.33
N PHE H 903 17.29 -45.71 97.62
CA PHE H 903 17.49 -46.72 98.64
C PHE H 903 16.93 -46.29 99.98
N ASN H 904 17.08 -45.01 100.33
CA ASN H 904 16.39 -44.52 101.52
C ASN H 904 14.89 -44.46 101.30
N LEU H 905 14.47 -44.07 100.10
CA LEU H 905 13.05 -43.96 99.79
C LEU H 905 12.38 -45.32 99.87
N LEU H 906 13.06 -46.34 99.36
CA LEU H 906 12.50 -47.68 99.34
C LEU H 906 12.37 -48.26 100.73
N GLY H 907 13.14 -47.76 101.69
CA GLY H 907 12.90 -48.13 103.07
C GLY H 907 11.61 -47.55 103.60
N LEU H 908 11.17 -46.44 103.02
CA LEU H 908 9.99 -45.75 103.51
C LEU H 908 8.71 -46.31 102.93
N LEU H 909 8.71 -47.56 102.49
CA LEU H 909 7.49 -48.30 102.20
C LEU H 909 7.39 -49.58 103.00
N THR H 910 8.42 -49.92 103.71
CA THR H 910 8.58 -51.20 104.35
C THR H 910 7.68 -51.35 105.58
N PRO H 911 7.14 -52.53 105.84
CA PRO H 911 6.44 -52.77 107.10
C PRO H 911 7.41 -52.72 108.26
N GLU H 912 6.83 -52.43 109.43
CA GLU H 912 7.35 -51.93 110.72
C GLU H 912 7.59 -50.43 110.62
N VAL H 913 7.48 -49.86 109.42
CA VAL H 913 7.43 -48.42 109.31
C VAL H 913 6.01 -47.96 109.02
N VAL H 914 5.30 -48.75 108.22
CA VAL H 914 3.89 -48.49 107.91
C VAL H 914 3.04 -48.53 109.18
N GLU H 915 3.49 -49.28 110.18
CA GLU H 915 2.89 -49.22 111.50
C GLU H 915 2.93 -47.81 112.07
N LEU H 916 4.08 -47.14 111.93
CA LEU H 916 4.17 -45.75 112.38
C LEU H 916 3.39 -44.84 111.45
N CYS H 917 3.27 -45.23 110.19
CA CYS H 917 2.38 -44.54 109.28
C CYS H 917 0.92 -44.77 109.66
N GLN H 918 0.62 -45.88 110.31
CA GLN H 918 -0.72 -46.01 110.86
C GLN H 918 -0.89 -45.25 112.17
N LYS H 919 0.18 -44.67 112.71
CA LYS H 919 0.05 -43.82 113.89
C LYS H 919 -0.06 -42.35 113.51
N SER H 920 0.99 -41.80 112.93
CA SER H 920 1.09 -40.36 112.72
C SER H 920 1.87 -40.11 111.44
N PRO H 921 1.60 -39.01 110.74
CA PRO H 921 2.36 -38.70 109.53
C PRO H 921 3.79 -38.34 109.86
N VAL H 922 4.68 -38.55 108.89
CA VAL H 922 6.10 -38.46 109.09
C VAL H 922 6.69 -37.43 108.14
N MET H 923 7.26 -36.36 108.69
CA MET H 923 8.16 -35.48 107.95
C MET H 923 9.58 -35.93 108.21
N ALA H 924 10.26 -36.41 107.19
CA ALA H 924 11.63 -36.86 107.31
C ALA H 924 12.46 -36.12 106.26
N ASP H 925 13.34 -35.25 106.72
CA ASP H 925 14.16 -34.49 105.79
C ASP H 925 15.20 -35.42 105.18
N LEU H 926 14.85 -36.01 104.03
CA LEU H 926 15.76 -36.88 103.31
C LEU H 926 16.84 -36.07 102.62
N ASN H 927 16.65 -34.76 102.50
CA ASN H 927 17.77 -33.92 102.14
C ASN H 927 18.82 -34.00 103.23
N GLY H 928 20.01 -34.40 102.82
CA GLY H 928 21.10 -34.44 103.75
C GLY H 928 21.68 -33.06 103.94
N GLY H 929 21.01 -32.23 104.74
CA GLY H 929 21.66 -31.11 105.38
C GLY H 929 22.10 -29.96 104.51
N LEU H 930 21.55 -29.80 103.31
CA LEU H 930 21.96 -28.66 102.52
C LEU H 930 21.35 -27.34 103.00
N GLN H 931 20.33 -27.37 103.85
CA GLN H 931 19.67 -26.15 104.26
C GLN H 931 20.48 -25.34 105.27
N PHE H 932 21.58 -25.88 105.76
CA PHE H 932 22.31 -25.23 106.82
C PHE H 932 23.31 -24.20 106.32
N VAL H 933 23.62 -24.21 105.03
CA VAL H 933 24.44 -23.13 104.49
C VAL H 933 23.53 -21.90 104.39
N PRO H 934 24.03 -20.72 104.71
CA PRO H 934 23.27 -19.51 104.40
C PRO H 934 23.58 -19.07 102.98
N GLU H 935 22.54 -18.63 102.28
CA GLU H 935 22.62 -18.07 100.93
C GLU H 935 23.23 -19.08 99.95
N LEU H 936 22.46 -20.12 99.67
CA LEU H 936 22.91 -21.15 98.74
C LEU H 936 22.95 -20.66 97.30
N LYS H 937 22.20 -19.61 96.98
CA LYS H 937 21.95 -19.24 95.60
C LYS H 937 23.20 -18.71 94.91
N GLU H 938 23.82 -17.68 95.46
CA GLU H 938 25.09 -17.22 94.89
C GLU H 938 26.19 -18.23 95.17
N PHE H 939 26.10 -18.94 96.29
CA PHE H 939 27.04 -20.00 96.60
C PHE H 939 27.02 -21.08 95.54
N THR H 940 25.84 -21.34 94.98
CA THR H 940 25.77 -22.14 93.78
C THR H 940 26.46 -21.44 92.62
N ALA H 941 26.18 -20.14 92.45
CA ALA H 941 26.73 -19.42 91.31
C ALA H 941 28.22 -19.16 91.47
N LYS H 942 28.71 -19.10 92.72
CA LYS H 942 30.09 -18.71 92.98
C LYS H 942 31.07 -19.74 92.45
N LEU H 943 30.75 -21.01 92.64
CA LEU H 943 31.60 -22.02 92.03
C LEU H 943 31.29 -22.16 90.55
N ARG H 944 30.11 -21.75 90.12
CA ARG H 944 29.86 -21.70 88.69
C ARG H 944 30.63 -20.56 88.06
N LYS H 945 30.61 -19.39 88.68
CA LYS H 945 31.24 -18.22 88.07
C LYS H 945 32.75 -18.24 88.12
N GLU H 946 33.35 -19.19 88.82
CA GLU H 946 34.80 -19.26 88.92
C GLU H 946 35.39 -20.44 88.16
N LEU H 947 34.72 -21.58 88.22
CA LEU H 947 35.32 -22.78 87.66
C LEU H 947 35.18 -22.84 86.14
N VAL H 948 34.10 -22.27 85.60
CA VAL H 948 34.07 -22.04 84.17
C VAL H 948 35.05 -20.93 83.81
N GLU H 949 35.22 -19.97 84.71
CA GLU H 949 36.16 -18.89 84.50
C GLU H 949 37.59 -19.38 84.59
N THR H 950 37.85 -20.39 85.43
CA THR H 950 39.18 -20.98 85.50
C THR H 950 39.53 -21.71 84.22
N SER H 951 38.54 -22.37 83.62
CA SER H 951 38.74 -23.00 82.32
C SER H 951 39.00 -21.96 81.25
N GLU H 952 38.39 -20.78 81.37
CA GLU H 952 38.57 -19.71 80.42
C GLU H 952 39.99 -19.16 80.42
N VAL H 953 40.74 -19.38 81.50
CA VAL H 953 42.12 -18.91 81.57
C VAL H 953 42.99 -19.70 80.62
N ARG H 954 43.11 -21.01 80.86
CA ARG H 954 44.04 -21.84 80.08
C ARG H 954 43.57 -22.03 78.66
N LYS H 955 42.25 -21.95 78.43
CA LYS H 955 41.74 -21.95 77.06
C LYS H 955 42.28 -20.77 76.28
N ALA H 956 42.28 -19.59 76.88
CA ALA H 956 42.88 -18.43 76.25
C ALA H 956 44.39 -18.58 76.15
N VAL H 957 44.99 -19.32 77.09
CA VAL H 957 46.42 -19.56 77.04
C VAL H 957 46.76 -20.49 75.89
N SER H 958 45.93 -21.52 75.68
CA SER H 958 46.31 -22.65 74.85
C SER H 958 46.39 -22.27 73.37
N ILE H 959 45.42 -21.51 72.89
CA ILE H 959 45.26 -21.29 71.46
C ILE H 959 46.39 -20.40 70.93
N GLU H 960 46.72 -19.33 71.64
CA GLU H 960 47.78 -18.44 71.17
C GLU H 960 49.14 -19.10 71.29
N THR H 961 49.29 -20.01 72.26
CA THR H 961 50.58 -20.70 72.43
C THR H 961 50.87 -21.59 71.25
N ALA H 962 49.84 -22.29 70.76
CA ALA H 962 50.00 -22.97 69.48
C ALA H 962 50.13 -21.99 68.34
N LEU H 963 49.39 -20.87 68.42
CA LEU H 963 49.50 -19.84 67.40
C LEU H 963 50.87 -19.18 67.43
N GLU H 964 51.46 -19.09 68.62
CA GLU H 964 52.85 -18.64 68.73
C GLU H 964 53.81 -19.68 68.18
N HIS H 965 53.40 -20.94 68.18
CA HIS H 965 54.21 -21.96 67.53
C HIS H 965 53.94 -22.01 66.03
N LYS H 966 52.66 -22.01 65.65
CA LYS H 966 52.30 -22.33 64.27
C LYS H 966 52.71 -21.23 63.30
N VAL H 967 52.90 -20.01 63.79
CA VAL H 967 53.30 -18.95 62.89
C VAL H 967 54.78 -19.12 62.55
N VAL H 968 55.53 -19.81 63.39
CA VAL H 968 56.94 -20.03 63.10
C VAL H 968 57.10 -21.08 62.01
N ASN H 969 56.54 -22.25 62.24
CA ASN H 969 56.74 -23.37 61.34
C ASN H 969 55.60 -23.41 60.33
N GLY H 970 55.50 -24.50 59.59
CA GLY H 970 54.46 -24.63 58.57
C GLY H 970 53.93 -26.03 58.37
N LEU H 1015 24.86 -94.55 55.22
CA LEU H 1015 25.44 -94.14 53.94
C LEU H 1015 24.56 -94.53 52.79
N GLU H 1016 24.78 -93.87 51.64
CA GLU H 1016 24.29 -94.24 50.30
C GLU H 1016 22.78 -94.04 50.13
N ARG H 1017 22.07 -93.81 51.21
CA ARG H 1017 20.69 -93.35 51.15
C ARG H 1017 20.44 -92.29 52.20
N VAL H 1018 21.46 -91.81 52.84
CA VAL H 1018 21.38 -90.62 53.65
C VAL H 1018 21.17 -89.46 52.70
N ILE H 1019 20.39 -88.48 53.13
CA ILE H 1019 19.98 -87.39 52.28
C ILE H 1019 20.55 -86.09 52.84
N VAL H 1020 21.02 -85.23 51.94
CA VAL H 1020 21.88 -84.11 52.30
C VAL H 1020 21.21 -82.81 51.85
N VAL H 1021 21.18 -81.83 52.75
CA VAL H 1021 20.85 -80.47 52.37
C VAL H 1021 22.03 -79.89 51.61
N THR H 1022 21.79 -79.42 50.39
CA THR H 1022 22.86 -78.97 49.52
C THR H 1022 22.75 -77.51 49.14
N GLY H 1023 21.55 -77.05 48.81
CA GLY H 1023 21.38 -75.67 48.43
C GLY H 1023 19.96 -75.20 48.68
N PHE H 1024 19.84 -73.92 49.01
CA PHE H 1024 18.57 -73.33 49.39
C PHE H 1024 18.70 -71.81 49.36
N ALA H 1025 17.58 -71.15 49.11
CA ALA H 1025 17.55 -69.70 49.06
C ALA H 1025 16.12 -69.21 49.21
N GLU H 1026 15.77 -68.68 50.37
CA GLU H 1026 14.43 -68.16 50.55
C GLU H 1026 14.43 -66.71 50.10
N VAL H 1027 13.36 -66.32 49.40
CA VAL H 1027 13.04 -64.91 49.15
C VAL H 1027 11.75 -64.65 49.91
N GLY H 1028 11.88 -64.23 51.16
CA GLY H 1028 10.73 -63.95 51.99
C GLY H 1028 10.35 -62.50 51.84
N PRO H 1029 9.75 -61.92 52.86
CA PRO H 1029 9.44 -60.50 52.81
C PRO H 1029 10.71 -59.68 52.94
N TRP H 1030 11.76 -60.22 53.52
CA TRP H 1030 13.04 -59.53 53.41
C TRP H 1030 13.75 -60.03 52.16
N GLY H 1031 15.05 -59.75 52.05
CA GLY H 1031 15.77 -60.05 50.84
C GLY H 1031 16.16 -61.50 50.68
N SER H 1032 17.37 -61.76 50.20
CA SER H 1032 17.82 -63.10 49.92
C SER H 1032 18.07 -63.88 51.21
N ALA H 1033 18.50 -65.13 51.03
CA ALA H 1033 18.65 -66.02 52.17
C ALA H 1033 19.88 -65.70 53.01
N ARG H 1034 20.73 -64.81 52.54
CA ARG H 1034 21.80 -64.34 53.41
C ARG H 1034 21.32 -63.19 54.28
N THR H 1035 20.22 -62.55 53.90
CA THR H 1035 19.79 -61.36 54.60
C THR H 1035 19.13 -61.69 55.93
N ARG H 1036 18.08 -62.48 55.89
CA ARG H 1036 17.22 -62.67 57.06
C ARG H 1036 17.88 -63.48 58.17
N TRP H 1037 18.99 -64.17 57.90
CA TRP H 1037 19.74 -64.76 59.00
C TRP H 1037 20.38 -63.66 59.83
N GLU H 1038 20.94 -62.67 59.17
CA GLU H 1038 21.57 -61.57 59.89
C GLU H 1038 20.55 -60.64 60.51
N MET H 1039 19.43 -60.43 59.84
CA MET H 1039 18.37 -59.65 60.45
C MET H 1039 17.76 -60.38 61.64
N GLU H 1040 17.79 -61.71 61.61
CA GLU H 1040 17.56 -62.46 62.83
C GLU H 1040 18.71 -62.25 63.81
N ALA H 1041 19.93 -62.18 63.31
CA ALA H 1041 21.08 -62.12 64.20
C ALA H 1041 21.26 -60.71 64.77
N PHE H 1042 20.89 -59.70 64.01
CA PHE H 1042 21.06 -58.31 64.45
C PHE H 1042 19.89 -57.47 63.97
N GLY H 1043 19.57 -56.45 64.74
CA GLY H 1043 18.51 -55.55 64.37
C GLY H 1043 18.87 -54.68 63.18
N GLU H 1044 20.15 -54.40 63.05
CA GLU H 1044 20.65 -53.56 61.97
C GLU H 1044 21.04 -54.44 60.79
N PHE H 1045 21.80 -53.90 59.84
CA PHE H 1045 22.12 -54.62 58.62
C PHE H 1045 23.59 -54.81 58.30
N SER H 1046 24.53 -54.31 59.13
CA SER H 1046 25.88 -54.86 59.19
C SER H 1046 26.67 -54.82 57.89
N LEU H 1047 27.21 -53.64 57.54
CA LEU H 1047 27.39 -53.08 56.20
C LEU H 1047 27.55 -54.05 55.03
N GLU H 1048 28.39 -55.07 55.18
CA GLU H 1048 28.53 -56.07 54.12
C GLU H 1048 27.24 -56.85 53.93
N GLY H 1049 26.44 -56.98 54.98
CA GLY H 1049 25.11 -57.48 54.78
C GLY H 1049 24.21 -56.44 54.16
N CYS H 1050 24.48 -55.16 54.44
CA CYS H 1050 23.52 -54.11 54.16
C CYS H 1050 23.44 -53.79 52.68
N VAL H 1051 24.58 -53.81 52.00
CA VAL H 1051 24.58 -53.40 50.61
C VAL H 1051 23.95 -54.48 49.74
N GLU H 1052 23.95 -55.73 50.20
CA GLU H 1052 23.29 -56.77 49.43
C GLU H 1052 21.79 -56.59 49.49
N MET H 1053 21.28 -56.22 50.67
CA MET H 1053 19.90 -55.77 50.78
C MET H 1053 19.69 -54.54 49.93
N ALA H 1054 20.68 -53.65 49.91
CA ALA H 1054 20.59 -52.44 49.13
C ALA H 1054 20.80 -52.69 47.64
N TRP H 1055 21.34 -53.84 47.25
CA TRP H 1055 21.42 -54.16 45.83
C TRP H 1055 20.04 -54.31 45.24
N ILE H 1056 19.24 -55.19 45.83
CA ILE H 1056 17.87 -55.37 45.42
C ILE H 1056 17.13 -54.16 45.97
N MET H 1057 15.92 -53.92 45.47
CA MET H 1057 15.13 -52.69 45.41
C MET H 1057 15.76 -51.65 44.49
N GLY H 1058 16.91 -51.92 43.89
CA GLY H 1058 17.48 -51.04 42.90
C GLY H 1058 17.94 -49.70 43.39
N PHE H 1059 18.08 -49.51 44.69
CA PHE H 1059 18.59 -48.23 45.19
C PHE H 1059 20.05 -48.07 44.83
N ILE H 1060 20.77 -49.17 44.73
CA ILE H 1060 22.20 -49.16 44.47
C ILE H 1060 22.43 -49.51 43.00
N SER H 1061 23.41 -48.87 42.37
CA SER H 1061 23.59 -48.95 40.93
C SER H 1061 24.99 -49.49 40.63
N TYR H 1062 25.28 -50.68 41.17
CA TYR H 1062 26.40 -51.55 40.82
C TYR H 1062 26.67 -51.60 39.31
N HIS H 1063 27.95 -51.72 38.96
CA HIS H 1063 28.47 -51.36 37.63
C HIS H 1063 28.03 -49.93 37.31
N ASN H 1064 28.62 -48.98 38.05
CA ASN H 1064 28.34 -47.57 37.80
C ASN H 1064 28.87 -47.11 36.45
N GLY H 1065 29.81 -47.84 35.88
CA GLY H 1065 30.50 -47.39 34.71
C GLY H 1065 31.93 -47.15 35.07
N ASN H 1066 32.82 -47.96 34.49
CA ASN H 1066 34.24 -47.82 34.76
C ASN H 1066 34.79 -46.54 34.14
N LEU H 1067 34.08 -45.98 33.17
CA LEU H 1067 34.43 -44.69 32.59
C LEU H 1067 33.18 -43.81 32.66
N LYS H 1068 33.22 -42.66 31.98
CA LYS H 1068 32.29 -41.53 31.96
C LYS H 1068 31.77 -41.18 33.35
N GLY H 1069 32.65 -41.23 34.35
CA GLY H 1069 32.31 -40.67 35.64
C GLY H 1069 32.49 -39.17 35.66
N ARG H 1070 33.02 -38.66 36.75
CA ARG H 1070 33.42 -37.26 36.80
C ARG H 1070 34.60 -37.10 35.86
N PRO H 1071 34.55 -36.16 34.84
CA PRO H 1071 35.04 -36.41 33.47
C PRO H 1071 36.24 -37.32 33.24
N TYR H 1072 37.17 -37.30 34.20
CA TYR H 1072 38.31 -38.19 34.29
C TYR H 1072 37.87 -39.57 34.77
N THR H 1073 38.82 -40.35 35.28
CA THR H 1073 38.56 -41.72 35.69
C THR H 1073 37.64 -41.77 36.92
N GLY H 1074 37.45 -42.99 37.39
CA GLY H 1074 36.77 -43.11 38.65
C GLY H 1074 35.50 -43.93 38.51
N TRP H 1075 35.48 -45.06 39.20
CA TRP H 1075 34.26 -45.82 39.35
C TRP H 1075 34.15 -46.27 40.80
N VAL H 1076 32.93 -46.17 41.33
CA VAL H 1076 32.57 -46.69 42.64
C VAL H 1076 31.15 -47.22 42.50
N ASP H 1077 30.90 -48.40 43.07
CA ASP H 1077 29.55 -48.93 43.22
C ASP H 1077 28.67 -47.88 43.87
N SER H 1078 27.72 -47.37 43.08
CA SER H 1078 27.00 -46.14 43.37
C SER H 1078 25.51 -46.43 43.55
N LYS H 1079 24.72 -45.37 43.62
CA LYS H 1079 23.29 -45.49 43.92
C LYS H 1079 22.44 -44.90 42.80
N THR H 1080 21.18 -45.40 42.74
CA THR H 1080 20.01 -44.84 42.03
C THR H 1080 20.33 -44.35 40.62
N LYS H 1081 20.35 -45.29 39.67
CA LYS H 1081 21.12 -45.32 38.43
C LYS H 1081 21.39 -43.98 37.78
N GLU H 1082 20.37 -43.16 37.51
CA GLU H 1082 20.71 -41.78 37.18
C GLU H 1082 19.86 -40.65 37.79
N PRO H 1083 19.32 -40.74 39.02
CA PRO H 1083 19.22 -39.50 39.81
C PRO H 1083 20.52 -39.03 40.43
N VAL H 1084 21.05 -39.82 41.36
CA VAL H 1084 22.07 -39.36 42.31
C VAL H 1084 23.26 -40.31 42.19
N ASP H 1085 23.65 -40.60 40.96
CA ASP H 1085 24.72 -41.56 40.65
C ASP H 1085 26.11 -41.17 41.19
N ASP H 1086 26.25 -40.03 41.85
CA ASP H 1086 27.53 -39.40 42.12
C ASP H 1086 28.37 -40.09 43.19
N LYS H 1087 28.87 -41.28 42.87
CA LYS H 1087 30.14 -41.80 43.36
C LYS H 1087 30.21 -42.25 44.82
N ASP H 1088 29.21 -41.93 45.63
CA ASP H 1088 28.55 -42.85 46.57
C ASP H 1088 29.39 -43.98 47.17
N VAL H 1089 30.37 -43.67 48.03
CA VAL H 1089 31.34 -44.68 48.45
C VAL H 1089 30.69 -45.76 49.33
N LYS H 1090 31.22 -46.98 49.24
CA LYS H 1090 30.75 -48.16 49.95
C LYS H 1090 30.99 -48.09 51.45
N ALA H 1091 31.73 -47.09 51.90
CA ALA H 1091 32.14 -46.91 53.28
C ALA H 1091 30.98 -46.35 54.09
N LYS H 1092 31.31 -45.56 55.11
CA LYS H 1092 30.43 -44.93 56.09
C LYS H 1092 29.09 -44.38 55.56
N TYR H 1093 28.98 -44.13 54.26
CA TYR H 1093 27.68 -43.86 53.65
C TYR H 1093 26.75 -45.06 53.65
N GLU H 1094 25.58 -44.87 53.03
CA GLU H 1094 24.49 -45.79 52.69
C GLU H 1094 23.81 -46.38 53.92
N THR H 1095 24.46 -46.27 55.06
CA THR H 1095 23.82 -46.05 56.33
C THR H 1095 23.48 -44.58 56.37
N SER H 1096 22.20 -44.28 56.60
CA SER H 1096 21.64 -42.94 56.69
C SER H 1096 21.81 -42.13 55.42
N ILE H 1097 22.08 -42.75 54.28
CA ILE H 1097 21.83 -42.05 53.03
C ILE H 1097 21.18 -43.07 52.13
N LEU H 1098 21.19 -44.33 52.57
CA LEU H 1098 20.30 -45.34 52.01
C LEU H 1098 19.56 -46.13 53.08
N GLU H 1099 19.54 -45.65 54.32
CA GLU H 1099 18.74 -46.26 55.38
C GLU H 1099 17.30 -45.77 55.31
N HIS H 1100 16.62 -45.74 56.46
CA HIS H 1100 15.19 -45.98 56.70
C HIS H 1100 14.21 -45.75 55.55
N SER H 1101 14.41 -44.72 54.72
CA SER H 1101 13.75 -44.74 53.41
C SER H 1101 14.11 -46.01 52.64
N GLY H 1102 15.38 -46.40 52.70
CA GLY H 1102 15.77 -47.69 52.19
C GLY H 1102 15.38 -48.86 53.07
N ILE H 1103 15.06 -48.62 54.33
CA ILE H 1103 14.65 -49.74 55.16
C ILE H 1103 13.14 -49.79 55.19
N ARG H 1104 12.52 -48.76 55.76
CA ARG H 1104 11.09 -48.80 56.05
C ARG H 1104 10.27 -48.46 54.82
N LEU H 1105 10.35 -49.35 53.85
CA LEU H 1105 9.30 -49.47 52.87
C LEU H 1105 8.85 -50.91 52.72
N ILE H 1106 9.56 -51.88 53.27
CA ILE H 1106 9.08 -53.24 53.23
C ILE H 1106 8.38 -53.58 54.55
N GLU H 1107 7.19 -52.98 54.75
CA GLU H 1107 6.13 -53.21 55.74
C GLU H 1107 5.05 -52.18 55.38
N PRO H 1108 3.99 -51.95 56.19
CA PRO H 1108 2.60 -52.08 55.74
C PRO H 1108 2.05 -51.07 54.74
N GLU H 1109 0.72 -51.14 54.55
CA GLU H 1109 -0.20 -50.47 53.63
C GLU H 1109 -0.14 -51.09 52.24
N LEU H 1110 0.75 -52.05 52.01
CA LEU H 1110 0.86 -53.04 50.95
C LEU H 1110 1.13 -52.49 49.56
N PHE H 1111 0.53 -51.35 49.20
CA PHE H 1111 1.05 -50.15 48.57
C PHE H 1111 -0.14 -49.49 47.91
N ASN H 1112 0.10 -48.36 47.29
CA ASN H 1112 -0.67 -48.02 46.10
C ASN H 1112 0.18 -48.38 44.90
N GLY H 1113 -0.50 -48.74 43.81
CA GLY H 1113 0.21 -49.01 42.58
C GLY H 1113 1.06 -50.25 42.62
N TYR H 1114 0.66 -51.26 43.38
CA TYR H 1114 1.42 -52.50 43.41
C TYR H 1114 0.60 -53.72 43.07
N ASN H 1115 -0.53 -53.94 43.73
CA ASN H 1115 -1.25 -55.21 43.62
C ASN H 1115 -2.71 -55.10 43.18
N PRO H 1116 -2.99 -54.68 41.92
CA PRO H 1116 -2.24 -53.81 41.02
C PRO H 1116 -2.42 -52.41 41.58
N GLU H 1117 -3.60 -52.11 42.13
CA GLU H 1117 -3.82 -50.85 42.82
C GLU H 1117 -4.21 -51.04 44.28
N LYS H 1118 -5.36 -51.67 44.54
CA LYS H 1118 -5.81 -52.16 45.85
C LYS H 1118 -5.74 -51.10 46.95
N LYS H 1119 -6.63 -50.11 46.84
CA LYS H 1119 -6.56 -48.91 47.66
C LYS H 1119 -6.76 -49.19 49.14
N GLU H 1120 -7.45 -50.28 49.47
CA GLU H 1120 -7.56 -50.92 50.78
C GLU H 1120 -8.40 -50.16 51.79
N MET H 1121 -8.80 -48.93 51.49
CA MET H 1121 -9.96 -48.33 52.12
C MET H 1121 -11.08 -48.11 51.13
N ILE H 1122 -10.85 -48.45 49.87
CA ILE H 1122 -11.80 -48.28 48.78
C ILE H 1122 -11.97 -49.66 48.15
N GLN H 1123 -13.08 -50.32 48.45
CA GLN H 1123 -13.32 -51.67 47.96
C GLN H 1123 -14.29 -51.63 46.79
N GLU H 1124 -14.04 -52.49 45.80
CA GLU H 1124 -14.81 -52.49 44.57
C GLU H 1124 -15.85 -53.60 44.63
N VAL H 1125 -17.04 -53.25 45.08
CA VAL H 1125 -18.17 -54.16 45.15
C VAL H 1125 -19.18 -53.68 44.12
N ILE H 1126 -19.94 -54.61 43.55
CA ILE H 1126 -20.85 -54.33 42.45
C ILE H 1126 -22.26 -54.53 42.97
N VAL H 1127 -22.96 -53.42 43.26
CA VAL H 1127 -24.36 -53.45 43.67
C VAL H 1127 -25.21 -53.19 42.43
N GLU H 1128 -26.43 -53.71 42.42
CA GLU H 1128 -27.24 -53.68 41.21
C GLU H 1128 -28.46 -52.79 41.37
N GLU H 1129 -28.97 -52.31 40.24
CA GLU H 1129 -30.07 -51.35 40.23
C GLU H 1129 -30.69 -51.35 38.84
N ASP H 1130 -31.94 -50.93 38.77
CA ASP H 1130 -32.76 -51.10 37.57
C ASP H 1130 -33.64 -49.89 37.30
N LEU H 1131 -33.03 -48.70 37.30
CA LEU H 1131 -33.73 -47.44 37.14
C LEU H 1131 -34.47 -47.34 35.79
N GLU H 1132 -35.43 -46.39 35.73
CA GLU H 1132 -36.19 -46.17 34.50
C GLU H 1132 -36.24 -44.75 33.91
N PRO H 1133 -35.16 -43.98 33.87
CA PRO H 1133 -35.02 -43.04 32.75
C PRO H 1133 -34.14 -43.59 31.63
N PHE H 1134 -34.12 -42.89 30.50
CA PHE H 1134 -33.66 -43.44 29.23
C PHE H 1134 -32.68 -42.46 28.58
N GLU H 1135 -31.86 -42.96 27.66
CA GLU H 1135 -30.63 -42.26 27.36
C GLU H 1135 -30.45 -41.91 25.89
N ALA H 1136 -30.63 -42.87 24.98
CA ALA H 1136 -30.28 -42.78 23.56
C ALA H 1136 -28.81 -42.37 23.37
N SER H 1137 -27.92 -43.26 23.79
CA SER H 1137 -26.47 -43.07 23.71
C SER H 1137 -25.96 -43.59 22.36
N LYS H 1138 -24.64 -43.78 22.24
CA LYS H 1138 -24.03 -44.19 20.98
C LYS H 1138 -22.91 -45.19 21.26
N GLU H 1139 -22.42 -45.83 20.19
CA GLU H 1139 -21.59 -47.03 20.25
C GLU H 1139 -21.14 -47.37 18.84
N THR H 1140 -20.32 -48.41 18.74
CA THR H 1140 -19.93 -48.99 17.45
C THR H 1140 -20.75 -50.21 17.08
N ALA H 1141 -20.56 -50.64 15.84
CA ALA H 1141 -21.41 -51.65 15.23
C ALA H 1141 -21.09 -53.02 15.75
N GLU H 1142 -22.07 -53.92 15.59
CA GLU H 1142 -22.03 -55.36 15.87
C GLU H 1142 -21.94 -55.66 17.36
N GLN H 1143 -21.63 -54.68 18.19
CA GLN H 1143 -21.54 -54.91 19.62
C GLN H 1143 -22.87 -54.71 20.27
N PHE H 1144 -23.79 -54.08 19.55
CA PHE H 1144 -25.18 -54.07 19.95
C PHE H 1144 -25.76 -55.47 20.00
N LYS H 1145 -25.23 -56.40 19.20
CA LYS H 1145 -25.82 -57.72 19.16
C LYS H 1145 -25.47 -58.52 20.41
N HIS H 1146 -24.25 -58.39 20.93
CA HIS H 1146 -23.99 -58.91 22.27
C HIS H 1146 -24.48 -57.98 23.37
N GLN H 1147 -25.13 -56.87 23.03
CA GLN H 1147 -26.10 -56.28 23.94
C GLN H 1147 -27.51 -56.76 23.60
N HIS H 1148 -27.72 -57.23 22.38
CA HIS H 1148 -29.05 -57.71 22.05
C HIS H 1148 -29.20 -59.21 22.28
N GLY H 1149 -28.09 -59.95 22.28
CA GLY H 1149 -28.14 -61.27 22.88
C GLY H 1149 -28.31 -61.18 24.38
N ASP H 1150 -27.59 -60.24 25.02
CA ASP H 1150 -27.55 -60.12 26.47
C ASP H 1150 -28.90 -59.75 27.05
N LYS H 1151 -29.53 -58.72 26.50
CA LYS H 1151 -30.80 -58.24 27.00
C LYS H 1151 -31.85 -58.57 25.95
N VAL H 1152 -33.09 -58.75 26.39
CA VAL H 1152 -34.14 -59.18 25.47
C VAL H 1152 -34.49 -58.04 24.51
N ASP H 1153 -35.31 -58.37 23.51
CA ASP H 1153 -35.59 -57.42 22.44
C ASP H 1153 -36.49 -56.27 22.86
N ILE H 1154 -37.42 -56.51 23.78
CA ILE H 1154 -38.48 -55.53 24.01
C ILE H 1154 -37.94 -54.32 24.76
N PHE H 1155 -36.87 -54.50 25.52
CA PHE H 1155 -36.07 -53.38 25.98
C PHE H 1155 -34.95 -53.19 24.98
N GLU H 1156 -34.70 -51.93 24.61
CA GLU H 1156 -33.57 -51.51 23.79
C GLU H 1156 -33.62 -52.15 22.40
N ILE H 1157 -34.58 -51.71 21.60
CA ILE H 1157 -34.38 -51.84 20.15
C ILE H 1157 -33.22 -50.94 19.75
N PRO H 1158 -32.27 -51.40 18.93
CA PRO H 1158 -31.16 -50.50 18.63
C PRO H 1158 -31.51 -49.34 17.70
N GLU H 1159 -31.30 -49.53 16.39
CA GLU H 1159 -31.78 -48.87 15.18
C GLU H 1159 -30.74 -49.31 14.16
N THR H 1160 -30.70 -48.73 12.98
CA THR H 1160 -29.45 -48.74 12.22
C THR H 1160 -28.81 -47.35 12.21
N GLY H 1161 -27.49 -47.32 12.39
CA GLY H 1161 -26.69 -46.11 12.36
C GLY H 1161 -26.27 -45.64 10.99
N GLU H 1162 -27.15 -44.88 10.33
CA GLU H 1162 -26.99 -44.51 8.92
C GLU H 1162 -25.68 -43.77 8.61
N TYR H 1163 -25.03 -44.23 7.52
CA TYR H 1163 -23.64 -44.02 7.10
C TYR H 1163 -22.62 -44.10 8.24
N SER H 1164 -22.86 -44.98 9.19
CA SER H 1164 -22.09 -44.99 10.41
C SER H 1164 -22.05 -46.43 10.90
N VAL H 1165 -21.80 -46.61 12.19
CA VAL H 1165 -21.68 -47.95 12.69
C VAL H 1165 -23.05 -48.58 12.97
N LYS H 1166 -23.74 -48.17 14.04
CA LYS H 1166 -25.08 -48.64 14.42
C LYS H 1166 -25.68 -47.57 15.32
N LEU H 1167 -26.75 -47.93 16.06
CA LEU H 1167 -27.42 -47.00 16.99
C LEU H 1167 -27.83 -47.74 18.28
N LEU H 1168 -28.62 -47.08 19.15
CA LEU H 1168 -28.63 -47.50 20.56
C LEU H 1168 -29.89 -47.16 21.36
N LYS H 1169 -29.75 -46.89 22.67
CA LYS H 1169 -30.59 -47.31 23.78
C LYS H 1169 -32.08 -46.97 23.83
N GLY H 1170 -32.75 -47.58 24.81
CA GLY H 1170 -34.18 -47.47 25.01
C GLY H 1170 -34.67 -47.67 26.43
N ALA H 1171 -35.76 -48.45 26.58
CA ALA H 1171 -36.53 -48.55 27.82
C ALA H 1171 -35.77 -49.26 28.93
N THR H 1172 -36.39 -49.42 30.12
CA THR H 1172 -35.83 -49.45 31.48
C THR H 1172 -34.45 -50.14 31.69
N LEU H 1173 -34.10 -51.12 30.86
CA LEU H 1173 -32.74 -51.61 30.57
C LEU H 1173 -32.01 -52.43 31.63
N TYR H 1174 -32.41 -52.35 32.91
CA TYR H 1174 -32.03 -53.28 33.96
C TYR H 1174 -30.55 -53.66 34.11
N ILE H 1175 -29.69 -52.64 34.19
CA ILE H 1175 -28.22 -52.73 34.14
C ILE H 1175 -27.92 -51.36 34.77
N PRO H 1176 -26.65 -50.86 34.93
CA PRO H 1176 -25.24 -51.19 34.70
C PRO H 1176 -24.55 -51.86 35.87
N LYS H 1177 -25.25 -51.94 36.99
CA LYS H 1177 -24.72 -52.41 38.26
C LYS H 1177 -23.47 -51.62 38.64
N ALA H 1178 -23.72 -50.37 39.05
CA ALA H 1178 -22.80 -49.25 38.84
C ALA H 1178 -21.41 -49.39 39.43
N LEU H 1179 -21.30 -49.32 40.75
CA LEU H 1179 -20.06 -49.35 41.51
C LEU H 1179 -20.45 -49.18 42.97
N ARG H 1180 -19.49 -49.35 43.86
CA ARG H 1180 -19.64 -49.01 45.27
C ARG H 1180 -18.38 -48.35 45.78
N PHE H 1181 -18.53 -47.68 46.93
CA PHE H 1181 -17.40 -47.20 47.72
C PHE H 1181 -17.48 -47.87 49.09
N ASP H 1182 -16.49 -48.70 49.42
CA ASP H 1182 -16.52 -49.54 50.62
C ASP H 1182 -15.14 -49.58 51.29
N ARG H 1183 -15.15 -49.53 52.62
CA ARG H 1183 -13.96 -49.53 53.46
C ARG H 1183 -13.75 -50.91 54.06
N LEU H 1184 -12.52 -51.42 54.01
CA LEU H 1184 -12.16 -52.69 54.61
C LEU H 1184 -11.14 -52.46 55.72
N VAL H 1185 -11.40 -53.04 56.89
CA VAL H 1185 -10.47 -52.96 57.99
C VAL H 1185 -9.29 -53.91 57.78
N ALA H 1186 -9.57 -55.21 57.72
CA ALA H 1186 -8.53 -56.22 57.82
C ALA H 1186 -7.74 -56.38 56.54
N GLY H 1187 -6.60 -55.70 56.48
CA GLY H 1187 -5.66 -55.89 55.40
C GLY H 1187 -4.42 -55.07 55.64
N GLN H 1188 -3.76 -54.67 54.55
CA GLN H 1188 -2.69 -53.67 54.48
C GLN H 1188 -1.44 -54.00 55.32
N ILE H 1189 -1.29 -55.22 55.81
CA ILE H 1189 -0.13 -55.52 56.64
C ILE H 1189 1.17 -55.82 55.87
N PRO H 1190 1.26 -56.79 54.93
CA PRO H 1190 2.59 -57.12 54.39
C PRO H 1190 2.92 -56.41 53.09
N THR H 1191 4.13 -56.61 52.55
CA THR H 1191 4.59 -55.87 51.37
C THR H 1191 5.58 -56.57 50.46
N GLY H 1192 6.24 -55.74 49.66
CA GLY H 1192 7.31 -56.13 48.77
C GLY H 1192 8.50 -55.17 48.67
N TRP H 1193 9.19 -55.21 47.53
CA TRP H 1193 10.61 -54.86 47.42
C TRP H 1193 10.91 -53.98 46.23
N ASN H 1194 9.89 -53.49 45.52
CA ASN H 1194 9.97 -52.35 44.61
C ASN H 1194 10.88 -52.54 43.40
N ALA H 1195 11.45 -53.74 43.18
CA ALA H 1195 12.28 -54.03 42.01
C ALA H 1195 12.49 -55.53 41.88
N LYS H 1196 12.15 -56.10 40.72
CA LYS H 1196 12.43 -57.52 40.41
C LYS H 1196 12.71 -57.75 38.92
N THR H 1197 14.00 -57.71 38.55
CA THR H 1197 14.52 -58.31 37.31
C THR H 1197 16.02 -58.47 37.52
N TYR H 1198 16.48 -59.71 37.65
CA TYR H 1198 17.89 -59.91 37.97
C TYR H 1198 18.76 -59.88 36.72
N GLY H 1199 18.68 -60.95 35.95
CA GLY H 1199 19.37 -61.15 34.70
C GLY H 1199 18.42 -61.95 33.84
N ILE H 1200 17.14 -61.79 34.15
CA ILE H 1200 16.10 -62.60 33.55
C ILE H 1200 15.95 -62.21 32.08
N SER H 1201 15.40 -63.12 31.30
CA SER H 1201 15.19 -62.84 29.89
C SER H 1201 14.00 -61.90 29.78
N ASP H 1202 14.22 -60.78 29.11
CA ASP H 1202 13.12 -59.90 28.79
C ASP H 1202 12.18 -60.59 27.82
N ASP H 1203 10.91 -60.19 27.90
CA ASP H 1203 9.76 -60.48 27.05
C ASP H 1203 9.33 -61.96 27.03
N ILE H 1204 10.04 -62.81 27.75
CA ILE H 1204 9.36 -63.87 28.46
C ILE H 1204 8.46 -63.24 29.50
N ILE H 1205 8.96 -62.19 30.14
CA ILE H 1205 8.15 -61.42 31.06
C ILE H 1205 7.28 -60.44 30.29
N SER H 1206 6.25 -60.99 29.67
CA SER H 1206 5.03 -60.32 29.30
C SER H 1206 3.86 -61.25 29.55
N GLN H 1207 4.15 -62.50 29.88
CA GLN H 1207 3.22 -63.62 29.91
C GLN H 1207 3.28 -64.35 31.24
N VAL H 1208 4.42 -64.24 31.95
CA VAL H 1208 4.84 -65.24 32.91
C VAL H 1208 4.82 -64.76 34.34
N ASP H 1209 4.31 -63.55 34.60
CA ASP H 1209 4.66 -62.74 35.76
C ASP H 1209 4.48 -63.32 37.16
N PRO H 1210 3.25 -63.57 37.62
CA PRO H 1210 2.88 -63.13 38.96
C PRO H 1210 3.56 -63.85 40.10
N ILE H 1211 3.83 -65.14 39.95
CA ILE H 1211 4.57 -65.87 40.95
C ILE H 1211 5.79 -66.56 40.39
N THR H 1212 5.82 -66.81 39.09
CA THR H 1212 6.80 -67.70 38.51
C THR H 1212 8.17 -67.08 38.50
N LEU H 1213 8.24 -65.76 38.56
CA LEU H 1213 9.53 -65.09 38.67
C LEU H 1213 10.19 -65.42 39.99
N PHE H 1214 9.40 -65.51 41.06
CA PHE H 1214 9.94 -65.72 42.40
C PHE H 1214 10.62 -67.07 42.52
N VAL H 1215 9.98 -68.12 42.00
CA VAL H 1215 10.64 -69.40 42.02
C VAL H 1215 11.75 -69.45 41.00
N LEU H 1216 11.65 -68.63 39.95
CA LEU H 1216 12.74 -68.61 38.97
C LEU H 1216 13.99 -67.99 39.55
N VAL H 1217 13.87 -66.94 40.34
CA VAL H 1217 15.07 -66.37 40.93
C VAL H 1217 15.49 -67.18 42.15
N SER H 1218 14.61 -68.05 42.64
CA SER H 1218 14.95 -68.87 43.78
C SER H 1218 15.99 -69.91 43.42
N VAL H 1219 15.74 -70.66 42.35
CA VAL H 1219 16.50 -71.86 42.05
C VAL H 1219 17.95 -71.54 41.71
N VAL H 1220 18.18 -70.45 40.97
CA VAL H 1220 19.52 -70.11 40.53
C VAL H 1220 20.36 -69.66 41.71
N GLU H 1221 19.76 -68.86 42.60
CA GLU H 1221 20.48 -68.46 43.81
C GLU H 1221 20.68 -69.64 44.75
N ALA H 1222 19.79 -70.64 44.69
CA ALA H 1222 20.11 -71.88 45.39
C ALA H 1222 21.27 -72.60 44.72
N PHE H 1223 21.43 -72.43 43.43
CA PHE H 1223 22.45 -73.22 42.74
C PHE H 1223 23.83 -72.65 42.92
N ILE H 1224 23.97 -71.34 42.95
CA ILE H 1224 25.27 -70.76 43.25
C ILE H 1224 25.62 -70.98 44.72
N ALA H 1225 24.61 -71.03 45.59
CA ALA H 1225 24.87 -71.40 46.98
C ALA H 1225 25.23 -72.88 47.09
N SER H 1226 24.68 -73.72 46.23
CA SER H 1226 25.11 -75.10 46.15
C SER H 1226 26.17 -75.32 45.09
N GLY H 1227 26.76 -74.24 44.58
CA GLY H 1227 28.01 -74.29 43.85
C GLY H 1227 27.95 -74.98 42.51
N ILE H 1228 26.77 -75.09 41.91
CA ILE H 1228 26.64 -75.72 40.60
C ILE H 1228 26.09 -74.65 39.66
N THR H 1229 26.98 -73.94 39.00
CA THR H 1229 26.56 -73.13 37.88
C THR H 1229 26.35 -74.06 36.68
N ASP H 1230 25.48 -73.62 35.74
CA ASP H 1230 25.31 -74.23 34.43
C ASP H 1230 24.82 -75.69 34.55
N PRO H 1231 23.56 -75.93 34.96
CA PRO H 1231 23.14 -77.29 35.35
C PRO H 1231 23.13 -78.35 34.26
N TYR H 1232 23.56 -77.98 33.06
CA TYR H 1232 24.11 -78.94 32.11
C TYR H 1232 25.39 -79.58 32.62
N GLU H 1233 26.03 -79.02 33.65
CA GLU H 1233 27.25 -79.58 34.23
C GLU H 1233 27.02 -80.98 34.79
N MET H 1234 25.78 -81.32 35.16
CA MET H 1234 25.51 -82.62 35.75
C MET H 1234 25.69 -83.75 34.74
N TYR H 1235 25.33 -83.52 33.49
CA TYR H 1235 25.21 -84.60 32.53
C TYR H 1235 26.54 -85.12 32.01
N LYS H 1236 27.67 -84.56 32.47
CA LYS H 1236 28.96 -85.21 32.31
C LYS H 1236 29.30 -86.06 33.53
N TYR H 1237 28.31 -86.36 34.36
CA TYR H 1237 28.42 -87.39 35.38
C TYR H 1237 27.48 -88.50 34.91
N VAL H 1238 27.69 -88.88 33.65
CA VAL H 1238 26.76 -89.45 32.68
C VAL H 1238 25.81 -90.49 33.27
N HIS H 1239 24.55 -90.31 32.96
CA HIS H 1239 23.44 -91.11 33.39
C HIS H 1239 22.85 -91.68 32.11
N VAL H 1240 21.64 -92.23 32.20
CA VAL H 1240 20.83 -92.33 30.99
C VAL H 1240 19.75 -91.26 31.15
N SER H 1241 20.04 -90.29 32.03
CA SER H 1241 19.32 -89.03 32.23
C SER H 1241 17.88 -89.24 32.69
N GLU H 1242 17.64 -90.27 33.49
CA GLU H 1242 16.33 -90.52 34.05
C GLU H 1242 16.22 -90.00 35.47
N VAL H 1243 16.76 -88.82 35.74
CA VAL H 1243 16.88 -88.30 37.10
C VAL H 1243 16.52 -86.81 37.10
N GLY H 1244 15.56 -86.42 37.95
CA GLY H 1244 14.99 -85.10 37.74
C GLY H 1244 13.96 -84.46 38.66
N ASN H 1245 12.89 -83.97 38.03
CA ASN H 1245 12.11 -82.78 38.37
C ASN H 1245 11.47 -82.69 39.76
N CYS H 1246 11.04 -81.49 40.09
CA CYS H 1246 10.76 -81.03 41.44
C CYS H 1246 9.42 -81.50 41.96
N SER H 1247 8.99 -80.85 43.04
CA SER H 1247 7.74 -81.12 43.73
C SER H 1247 7.06 -79.82 44.16
N GLY H 1248 6.83 -78.92 43.20
CA GLY H 1248 6.23 -77.62 43.49
C GLY H 1248 4.87 -77.71 44.17
N SER H 1249 4.55 -76.66 44.95
CA SER H 1249 3.37 -76.70 45.82
C SER H 1249 2.89 -75.29 46.14
N GLY H 1250 1.71 -75.22 46.76
CA GLY H 1250 1.08 -73.98 47.14
C GLY H 1250 -0.37 -73.97 46.69
N MET H 1251 -1.30 -73.55 47.57
CA MET H 1251 -2.69 -73.46 47.16
C MET H 1251 -2.87 -72.35 46.14
N GLY H 1252 -2.10 -71.27 46.29
CA GLY H 1252 -2.32 -70.07 45.53
C GLY H 1252 -1.74 -70.12 44.13
N GLY H 1253 -0.98 -69.09 43.79
CA GLY H 1253 -0.62 -68.87 42.41
C GLY H 1253 -1.79 -68.42 41.58
N VAL H 1254 -2.79 -67.81 42.20
CA VAL H 1254 -4.01 -67.45 41.51
C VAL H 1254 -3.72 -66.26 40.61
N SER H 1255 -3.52 -65.06 41.18
CA SER H 1255 -2.61 -63.97 40.79
C SER H 1255 -2.61 -63.52 39.33
N ALA H 1256 -3.20 -64.31 38.46
CA ALA H 1256 -3.69 -63.96 37.15
C ALA H 1256 -5.00 -64.67 36.91
N LEU H 1257 -5.32 -65.68 37.73
CA LEU H 1257 -6.64 -66.29 37.69
C LEU H 1257 -7.71 -65.35 38.18
N ARG H 1258 -7.33 -64.34 38.97
CA ARG H 1258 -8.21 -63.21 39.21
C ARG H 1258 -8.59 -62.55 37.90
N GLY H 1259 -7.61 -62.39 37.01
CA GLY H 1259 -7.93 -61.99 35.66
C GLY H 1259 -8.71 -63.03 34.88
N MET H 1260 -8.64 -64.29 35.27
CA MET H 1260 -9.43 -65.28 34.57
C MET H 1260 -10.92 -65.15 34.89
N PHE H 1261 -11.26 -64.53 36.01
CA PHE H 1261 -12.66 -64.38 36.33
C PHE H 1261 -13.11 -62.93 36.45
N LYS H 1262 -12.37 -62.09 37.17
CA LYS H 1262 -12.79 -60.71 37.24
C LYS H 1262 -12.47 -59.96 35.95
N ASP H 1263 -11.56 -60.46 35.13
CA ASP H 1263 -11.26 -59.80 33.87
C ASP H 1263 -11.74 -60.62 32.67
N ARG H 1264 -12.91 -61.21 32.78
CA ARG H 1264 -13.57 -61.79 31.63
C ARG H 1264 -15.06 -61.65 31.84
N PHE H 1265 -15.77 -61.39 30.74
CA PHE H 1265 -17.09 -60.77 30.59
C PHE H 1265 -17.06 -59.32 31.04
N LYS H 1266 -15.88 -58.78 31.39
CA LYS H 1266 -15.67 -57.40 31.76
C LYS H 1266 -14.61 -56.73 30.89
N ASP H 1267 -13.81 -57.51 30.16
CA ASP H 1267 -13.15 -57.12 28.91
C ASP H 1267 -12.10 -56.01 29.09
N GLU H 1268 -11.04 -56.36 29.79
CA GLU H 1268 -9.79 -55.61 29.82
C GLU H 1268 -8.68 -56.58 29.46
N PRO H 1269 -7.54 -56.09 28.86
CA PRO H 1269 -6.69 -56.99 28.05
C PRO H 1269 -6.03 -58.16 28.75
N VAL H 1270 -6.43 -59.36 28.34
CA VAL H 1270 -5.84 -60.61 28.81
C VAL H 1270 -5.32 -61.33 27.58
N GLN H 1271 -4.12 -61.91 27.69
CA GLN H 1271 -3.55 -62.67 26.59
C GLN H 1271 -4.41 -63.88 26.26
N ASN H 1272 -4.19 -64.41 25.06
CA ASN H 1272 -5.10 -65.40 24.51
C ASN H 1272 -4.94 -66.77 25.14
N ASP H 1273 -3.96 -66.97 26.01
CA ASP H 1273 -3.77 -68.23 26.70
C ASP H 1273 -3.39 -67.92 28.15
N ILE H 1274 -4.33 -68.11 29.06
CA ILE H 1274 -4.06 -67.91 30.48
C ILE H 1274 -4.29 -69.16 31.29
N LEU H 1275 -4.96 -70.16 30.72
CA LEU H 1275 -5.22 -71.39 31.42
C LEU H 1275 -3.99 -72.27 31.53
N GLN H 1276 -2.96 -71.99 30.73
CA GLN H 1276 -1.67 -72.64 30.93
C GLN H 1276 -1.08 -72.25 32.26
N GLU H 1277 -0.99 -70.95 32.55
CA GLU H 1277 -0.47 -70.46 33.81
C GLU H 1277 -1.56 -70.39 34.88
N SER H 1278 -2.62 -71.16 34.71
CA SER H 1278 -3.66 -71.21 35.73
C SER H 1278 -3.33 -72.24 36.79
N PHE H 1279 -2.62 -73.30 36.39
CA PHE H 1279 -2.51 -74.51 37.18
C PHE H 1279 -1.51 -74.34 38.31
N ILE H 1280 -1.08 -75.47 38.85
CA ILE H 1280 -0.12 -75.48 39.94
C ILE H 1280 1.16 -76.22 39.58
N ASN H 1281 1.14 -77.02 38.52
CA ASN H 1281 2.33 -77.69 38.03
C ASN H 1281 3.04 -76.89 36.95
N THR H 1282 2.39 -75.84 36.46
CA THR H 1282 2.90 -75.08 35.34
C THR H 1282 4.17 -74.31 35.70
N MET H 1283 4.31 -73.91 36.97
CA MET H 1283 5.59 -73.39 37.44
C MET H 1283 6.64 -74.49 37.39
N SER H 1284 6.29 -75.66 37.90
CA SER H 1284 7.17 -76.81 37.87
C SER H 1284 7.41 -77.33 36.46
N ALA H 1285 6.61 -76.89 35.49
CA ALA H 1285 6.98 -77.10 34.11
C ALA H 1285 8.07 -76.12 33.70
N TRP H 1286 7.95 -74.86 34.10
CA TRP H 1286 8.89 -73.86 33.65
C TRP H 1286 10.25 -73.96 34.31
N VAL H 1287 10.37 -74.65 35.44
CA VAL H 1287 11.71 -74.94 35.93
C VAL H 1287 12.37 -75.96 35.03
N ASN H 1288 11.58 -76.77 34.32
CA ASN H 1288 12.20 -77.79 33.49
C ASN H 1288 12.68 -77.21 32.16
N MET H 1289 11.77 -76.72 31.33
CA MET H 1289 12.22 -76.40 29.98
C MET H 1289 12.93 -75.06 29.89
N LEU H 1290 12.67 -74.13 30.80
CA LEU H 1290 13.32 -72.83 30.73
C LEU H 1290 14.64 -72.83 31.49
N LEU H 1291 15.00 -73.98 32.06
CA LEU H 1291 16.19 -74.18 32.87
C LEU H 1291 16.65 -75.62 32.68
N ILE H 1292 17.31 -76.16 33.70
CA ILE H 1292 17.63 -77.57 33.88
C ILE H 1292 16.50 -78.47 33.40
N SER H 1293 16.81 -79.32 32.43
CA SER H 1293 15.82 -79.76 31.46
C SER H 1293 15.63 -81.26 31.45
N SER H 1294 15.37 -81.85 32.61
CA SER H 1294 15.36 -83.30 32.75
C SER H 1294 14.13 -83.94 32.10
N SER H 1295 13.98 -85.23 32.35
CA SER H 1295 12.94 -86.04 31.73
C SER H 1295 12.27 -86.96 32.72
N GLY H 1296 12.76 -87.01 33.95
CA GLY H 1296 12.36 -88.05 34.88
C GLY H 1296 11.06 -87.79 35.61
N PRO H 1297 11.09 -87.90 36.93
CA PRO H 1297 9.85 -87.93 37.71
C PRO H 1297 9.39 -86.56 38.18
N ILE H 1298 8.07 -86.44 38.29
CA ILE H 1298 7.38 -85.21 38.67
C ILE H 1298 6.35 -85.59 39.71
N LYS H 1299 6.34 -84.90 40.85
CA LYS H 1299 5.42 -85.25 41.93
C LYS H 1299 4.38 -84.17 42.21
N THR H 1300 4.81 -82.94 42.55
CA THR H 1300 3.96 -81.77 42.77
C THR H 1300 2.81 -81.98 43.73
N PRO H 1301 3.06 -81.99 45.04
CA PRO H 1301 1.95 -81.98 45.99
C PRO H 1301 1.38 -80.57 46.12
N VAL H 1302 0.33 -80.43 46.93
CA VAL H 1302 -0.12 -79.09 47.26
C VAL H 1302 -0.04 -78.89 48.77
N GLY H 1303 -0.87 -79.61 49.52
CA GLY H 1303 -0.91 -79.64 50.98
C GLY H 1303 -0.79 -78.34 51.76
N ALA H 1304 -1.38 -77.26 51.28
CA ALA H 1304 -1.07 -75.94 51.80
C ALA H 1304 -1.70 -75.68 53.16
N CYS H 1305 -1.18 -74.62 53.81
CA CYS H 1305 -1.23 -74.16 55.20
C CYS H 1305 -0.33 -75.03 56.07
N ALA H 1306 0.16 -76.13 55.50
CA ALA H 1306 1.19 -76.98 56.06
C ALA H 1306 2.04 -77.55 54.94
N THR H 1307 2.20 -76.81 53.87
CA THR H 1307 2.90 -77.33 52.69
C THR H 1307 4.40 -77.31 52.89
N SER H 1308 5.12 -77.47 51.78
CA SER H 1308 6.57 -77.28 51.67
C SER H 1308 7.36 -78.30 52.47
N VAL H 1309 6.71 -79.33 53.01
CA VAL H 1309 7.41 -80.33 53.78
C VAL H 1309 7.14 -81.71 53.21
N GLU H 1310 5.88 -81.97 52.86
CA GLU H 1310 5.50 -83.22 52.22
C GLU H 1310 6.12 -83.30 50.83
N SER H 1311 6.32 -82.16 50.19
CA SER H 1311 7.13 -82.05 49.00
C SER H 1311 8.52 -82.55 49.24
N VAL H 1312 9.11 -82.13 50.36
CA VAL H 1312 10.37 -82.74 50.76
C VAL H 1312 10.13 -84.18 51.16
N ASP H 1313 9.03 -84.45 51.86
CA ASP H 1313 8.90 -85.76 52.49
C ASP H 1313 8.51 -86.83 51.48
N ILE H 1314 7.70 -86.48 50.48
CA ILE H 1314 7.56 -87.45 49.41
C ILE H 1314 8.76 -87.35 48.49
N GLY H 1315 9.37 -86.16 48.42
CA GLY H 1315 10.61 -86.03 47.66
C GLY H 1315 11.76 -86.79 48.29
N VAL H 1316 11.75 -86.94 49.62
CA VAL H 1316 12.77 -87.76 50.22
C VAL H 1316 12.43 -89.23 50.07
N GLU H 1317 11.17 -89.56 49.81
CA GLU H 1317 10.86 -90.94 49.49
C GLU H 1317 11.32 -91.31 48.09
N THR H 1318 11.44 -90.31 47.22
CA THR H 1318 11.84 -90.56 45.85
C THR H 1318 13.29 -91.00 45.78
N ILE H 1319 14.13 -90.44 46.64
CA ILE H 1319 15.56 -90.62 46.52
C ILE H 1319 16.03 -91.84 47.30
N LEU H 1320 15.33 -92.23 48.36
CA LEU H 1320 15.63 -93.49 49.02
C LEU H 1320 15.35 -94.66 48.08
N SER H 1321 14.29 -94.55 47.30
CA SER H 1321 14.12 -95.47 46.19
C SER H 1321 15.18 -95.17 45.16
N GLY H 1322 15.64 -96.21 44.49
CA GLY H 1322 16.56 -95.97 43.41
C GLY H 1322 15.93 -95.51 42.12
N LYS H 1323 14.65 -95.13 42.17
CA LYS H 1323 13.98 -94.64 40.98
C LYS H 1323 14.50 -93.31 40.53
N ALA H 1324 15.13 -92.54 41.41
CA ALA H 1324 15.51 -91.20 41.03
C ALA H 1324 16.72 -90.72 41.82
N ARG H 1325 17.25 -89.60 41.37
CA ARG H 1325 18.30 -88.88 42.06
C ARG H 1325 17.94 -87.41 41.89
N ILE H 1326 18.95 -86.55 41.99
CA ILE H 1326 18.96 -85.18 42.48
C ILE H 1326 17.73 -84.36 42.11
N CYS H 1327 17.10 -83.75 43.12
CA CYS H 1327 15.75 -83.25 43.01
C CYS H 1327 15.62 -81.91 43.73
N ILE H 1328 14.46 -81.28 43.53
CA ILE H 1328 14.15 -79.94 44.01
C ILE H 1328 12.78 -80.05 44.67
N VAL H 1329 12.40 -79.07 45.50
CA VAL H 1329 11.06 -79.00 46.09
C VAL H 1329 10.54 -77.59 45.92
N GLY H 1330 9.20 -77.43 45.92
CA GLY H 1330 8.58 -76.13 45.72
C GLY H 1330 8.51 -75.30 46.99
N GLY H 1331 7.44 -74.50 47.10
CA GLY H 1331 7.32 -73.61 48.24
C GLY H 1331 6.79 -72.21 47.99
N TYR H 1332 6.30 -71.93 46.78
CA TYR H 1332 5.72 -70.63 46.50
C TYR H 1332 4.33 -70.51 47.10
N ASP H 1333 3.94 -69.26 47.35
CA ASP H 1333 2.56 -68.87 47.61
C ASP H 1333 2.45 -67.38 47.29
N ASP H 1334 1.25 -66.82 47.44
CA ASP H 1334 1.01 -65.45 47.01
C ASP H 1334 -0.15 -64.83 47.77
N PHE H 1335 -0.18 -63.49 47.75
CA PHE H 1335 -1.24 -62.67 48.29
C PHE H 1335 -1.82 -61.83 47.17
N GLN H 1336 -3.14 -61.61 47.21
CA GLN H 1336 -3.82 -60.83 46.19
C GLN H 1336 -5.06 -60.18 46.80
N GLU H 1337 -5.87 -59.56 45.94
CA GLU H 1337 -7.18 -59.04 46.33
C GLU H 1337 -8.03 -60.12 46.97
N GLU H 1338 -8.26 -61.20 46.24
CA GLU H 1338 -9.00 -62.34 46.79
C GLU H 1338 -8.19 -63.10 47.83
N GLY H 1339 -6.99 -62.63 48.17
CA GLY H 1339 -6.29 -63.16 49.33
C GLY H 1339 -6.88 -62.70 50.65
N SER H 1340 -7.84 -61.79 50.59
CA SER H 1340 -8.70 -61.57 51.73
C SER H 1340 -10.01 -62.32 51.49
N PHE H 1341 -11.03 -62.04 52.31
CA PHE H 1341 -12.43 -62.29 51.96
C PHE H 1341 -12.80 -63.74 51.70
N GLU H 1342 -13.02 -64.49 52.79
CA GLU H 1342 -12.73 -65.89 53.14
C GLU H 1342 -11.32 -65.89 53.71
N PHE H 1343 -10.69 -64.72 53.77
CA PHE H 1343 -9.58 -64.46 54.67
C PHE H 1343 -9.86 -63.12 55.31
N GLY H 1344 -9.93 -63.09 56.63
CA GLY H 1344 -10.47 -61.94 57.32
C GLY H 1344 -11.92 -62.24 57.61
N ASN H 1345 -12.60 -62.80 56.61
CA ASN H 1345 -13.89 -63.44 56.84
C ASN H 1345 -13.72 -64.82 57.43
N MET H 1346 -12.54 -65.41 57.29
CA MET H 1346 -12.25 -66.63 58.03
C MET H 1346 -11.96 -66.34 59.50
N LYS H 1347 -11.69 -65.08 59.83
CA LYS H 1347 -11.53 -64.54 61.18
C LYS H 1347 -10.34 -65.12 61.94
N ALA H 1348 -9.42 -65.78 61.26
CA ALA H 1348 -8.18 -66.23 61.88
C ALA H 1348 -6.97 -65.51 61.35
N THR H 1349 -7.15 -64.75 60.29
CA THR H 1349 -6.05 -64.30 59.47
C THR H 1349 -5.26 -63.18 60.09
N SER H 1350 -5.91 -62.02 60.25
CA SER H 1350 -5.38 -60.78 60.80
C SER H 1350 -6.52 -59.78 60.80
N ASN H 1351 -6.40 -58.79 61.67
CA ASN H 1351 -7.38 -57.71 61.76
C ASN H 1351 -6.73 -56.58 62.54
N THR H 1352 -6.57 -55.42 61.92
CA THR H 1352 -6.14 -54.27 62.68
C THR H 1352 -7.32 -53.71 63.47
N LEU H 1353 -7.08 -52.57 64.13
CA LEU H 1353 -8.06 -51.92 64.99
C LEU H 1353 -8.45 -52.88 66.12
N GLU H 1354 -7.61 -52.91 67.15
CA GLU H 1354 -7.21 -53.93 68.14
C GLU H 1354 -6.03 -54.71 67.61
N GLU H 1355 -5.53 -54.38 66.42
CA GLU H 1355 -4.09 -54.36 66.20
C GLU H 1355 -3.69 -52.96 65.80
N PHE H 1356 -4.62 -52.02 65.89
CA PHE H 1356 -4.31 -50.61 65.98
C PHE H 1356 -4.65 -50.04 67.35
N GLU H 1357 -5.59 -50.65 68.07
CA GLU H 1357 -6.19 -49.92 69.17
C GLU H 1357 -5.38 -49.99 70.46
N HIS H 1358 -5.34 -51.17 71.10
CA HIS H 1358 -4.62 -51.25 72.35
C HIS H 1358 -3.13 -51.43 72.08
N GLY H 1359 -2.80 -52.03 70.96
CA GLY H 1359 -1.46 -52.00 70.42
C GLY H 1359 -1.51 -51.25 69.12
N ARG H 1360 -0.89 -50.07 69.09
CA ARG H 1360 -0.82 -49.25 67.89
C ARG H 1360 -0.04 -50.00 66.81
N THR H 1361 1.26 -50.16 67.06
CA THR H 1361 2.18 -51.20 66.60
C THR H 1361 2.08 -51.65 65.14
N PRO H 1362 2.42 -50.81 64.16
CA PRO H 1362 2.53 -51.32 62.78
C PRO H 1362 3.72 -52.21 62.57
N ALA H 1363 4.79 -52.00 63.33
CA ALA H 1363 5.96 -52.85 63.17
C ALA H 1363 5.75 -54.20 63.85
N GLU H 1364 5.13 -54.19 65.03
CA GLU H 1364 4.85 -55.47 65.67
C GLU H 1364 3.82 -56.25 64.89
N MET H 1365 2.56 -55.83 65.04
CA MET H 1365 1.35 -56.39 64.45
C MET H 1365 1.05 -57.86 64.80
N SER H 1366 2.01 -58.57 65.39
CA SER H 1366 1.91 -60.00 65.60
C SER H 1366 3.04 -60.38 66.55
N ARG H 1367 2.71 -61.00 67.67
CA ARG H 1367 3.70 -61.61 68.54
C ARG H 1367 3.12 -62.94 69.00
N PRO H 1368 3.65 -64.07 68.54
CA PRO H 1368 3.04 -65.36 68.85
C PRO H 1368 3.24 -65.75 70.29
N ALA H 1369 2.29 -66.56 70.79
CA ALA H 1369 2.28 -67.11 72.15
C ALA H 1369 2.29 -66.02 73.21
N THR H 1370 1.43 -65.03 73.04
CA THR H 1370 1.43 -63.86 73.89
C THR H 1370 0.08 -63.53 74.53
N THR H 1371 -1.01 -64.12 74.03
CA THR H 1371 -2.45 -63.82 74.10
C THR H 1371 -2.83 -62.56 73.35
N THR H 1372 -1.86 -61.78 72.89
CA THR H 1372 -2.13 -60.58 72.12
C THR H 1372 -2.49 -60.94 70.68
N ARG H 1373 -2.26 -62.19 70.28
CA ARG H 1373 -2.53 -62.62 68.92
C ARG H 1373 -4.02 -62.54 68.61
N ASN H 1374 -4.33 -61.88 67.50
CA ASN H 1374 -5.67 -61.86 66.93
C ASN H 1374 -5.66 -62.34 65.50
N GLY H 1375 -4.52 -62.34 64.83
CA GLY H 1375 -4.41 -62.93 63.52
C GLY H 1375 -2.95 -62.94 63.13
N PHE H 1376 -2.61 -63.89 62.25
CA PHE H 1376 -1.19 -64.24 62.25
C PHE H 1376 -0.33 -63.32 61.37
N MET H 1377 -0.16 -63.61 60.08
CA MET H 1377 0.15 -62.80 58.88
C MET H 1377 0.60 -63.77 57.79
N GLU H 1378 0.52 -63.39 56.52
CA GLU H 1378 1.32 -64.02 55.48
C GLU H 1378 1.60 -63.00 54.39
N ALA H 1379 2.60 -63.28 53.59
CA ALA H 1379 3.08 -62.35 52.57
C ALA H 1379 3.36 -63.13 51.29
N GLN H 1380 4.12 -62.52 50.39
CA GLN H 1380 4.43 -63.10 49.09
C GLN H 1380 5.26 -64.37 49.21
N GLY H 1381 6.51 -64.25 49.63
CA GLY H 1381 7.36 -65.41 49.86
C GLY H 1381 7.83 -66.18 48.65
N ALA H 1382 9.01 -66.82 48.77
CA ALA H 1382 9.52 -67.75 47.77
C ALA H 1382 10.59 -68.59 48.44
N GLY H 1383 10.39 -69.90 48.49
CA GLY H 1383 11.35 -70.76 49.17
C GLY H 1383 11.76 -71.98 48.37
N ILE H 1384 13.03 -72.37 48.43
CA ILE H 1384 13.57 -73.38 47.54
C ILE H 1384 14.64 -74.20 48.26
N GLN H 1385 14.71 -75.49 47.92
CA GLN H 1385 15.71 -76.41 48.45
C GLN H 1385 16.02 -77.45 47.39
N ILE H 1386 17.22 -78.03 47.47
CA ILE H 1386 17.61 -79.16 46.62
C ILE H 1386 18.26 -80.26 47.44
N ILE H 1387 18.18 -81.49 46.93
CA ILE H 1387 18.50 -82.71 47.68
C ILE H 1387 19.28 -83.68 46.80
N MET H 1388 20.16 -84.46 47.44
CA MET H 1388 21.05 -85.37 46.73
C MET H 1388 21.10 -86.72 47.45
N GLN H 1389 21.67 -87.70 46.76
CA GLN H 1389 21.86 -89.06 47.27
C GLN H 1389 23.01 -89.16 48.25
N ALA H 1390 23.81 -88.10 48.35
CA ALA H 1390 24.93 -87.87 49.25
C ALA H 1390 26.18 -88.67 48.90
N ASP H 1391 26.06 -89.71 48.10
CA ASP H 1391 27.28 -90.33 47.61
C ASP H 1391 27.81 -89.51 46.46
N LEU H 1392 26.92 -89.13 45.56
CA LEU H 1392 27.25 -88.18 44.52
C LEU H 1392 27.59 -86.82 45.09
N ALA H 1393 27.04 -86.47 46.25
CA ALA H 1393 27.43 -85.22 46.88
C ALA H 1393 28.83 -85.30 47.43
N LEU H 1394 29.34 -86.51 47.64
CA LEU H 1394 30.77 -86.61 47.85
C LEU H 1394 31.52 -86.60 46.54
N LYS H 1395 30.88 -86.97 45.44
CA LYS H 1395 31.54 -86.95 44.15
C LYS H 1395 31.57 -85.51 43.66
N MET H 1396 32.71 -84.86 43.84
CA MET H 1396 32.94 -83.47 43.45
C MET H 1396 31.93 -82.55 44.13
N GLY H 1397 32.07 -82.49 45.45
CA GLY H 1397 31.17 -81.86 46.41
C GLY H 1397 30.54 -80.52 46.09
N VAL H 1398 29.29 -80.37 46.49
CA VAL H 1398 28.49 -79.20 46.14
C VAL H 1398 28.63 -78.00 47.08
N PRO H 1399 28.84 -78.12 48.42
CA PRO H 1399 28.99 -79.12 49.48
C PRO H 1399 27.78 -79.32 50.40
N ILE H 1400 28.09 -80.01 51.50
CA ILE H 1400 27.13 -80.55 52.45
C ILE H 1400 26.61 -79.43 53.33
N TYR H 1401 25.32 -79.46 53.67
CA TYR H 1401 24.85 -78.63 54.78
C TYR H 1401 24.24 -79.43 55.92
N GLY H 1402 23.17 -80.19 55.67
CA GLY H 1402 22.29 -80.62 56.74
C GLY H 1402 22.22 -82.12 56.95
N ILE H 1403 21.09 -82.56 57.51
CA ILE H 1403 20.82 -83.97 57.80
C ILE H 1403 19.31 -84.17 57.88
N VAL H 1404 18.80 -85.21 57.22
CA VAL H 1404 17.37 -85.37 56.97
C VAL H 1404 16.79 -86.37 57.97
N ALA H 1405 15.77 -85.93 58.72
CA ALA H 1405 15.30 -86.66 59.89
C ALA H 1405 13.88 -87.20 59.75
N MET H 1406 12.90 -86.33 59.60
CA MET H 1406 11.55 -86.71 59.98
C MET H 1406 10.78 -87.38 58.85
N ALA H 1407 9.61 -87.88 59.22
CA ALA H 1407 8.64 -88.43 58.27
C ALA H 1407 7.27 -88.12 58.83
N ALA H 1408 6.73 -86.97 58.42
CA ALA H 1408 5.52 -86.41 58.99
C ALA H 1408 4.31 -86.88 58.19
N THR H 1409 3.21 -86.13 58.30
CA THR H 1409 2.09 -86.10 57.35
C THR H 1409 1.29 -87.41 57.33
N ALA H 1410 0.60 -87.66 58.45
CA ALA H 1410 -0.58 -88.52 58.46
C ALA H 1410 -1.52 -88.09 59.58
N THR H 1411 -2.70 -87.59 59.20
CA THR H 1411 -3.65 -86.95 60.13
C THR H 1411 -4.32 -87.96 61.05
N ASP H 1412 -4.99 -88.98 60.49
CA ASP H 1412 -5.66 -90.05 61.26
C ASP H 1412 -6.74 -89.54 62.21
N LYS H 1413 -7.34 -88.39 61.90
CA LYS H 1413 -8.38 -87.84 62.79
C LYS H 1413 -9.50 -87.25 61.97
N ILE H 1414 -10.72 -87.80 62.10
CA ILE H 1414 -11.88 -87.36 61.31
C ILE H 1414 -12.95 -86.89 62.29
N GLY H 1415 -12.98 -85.61 62.57
CA GLY H 1415 -14.07 -84.97 63.29
C GLY H 1415 -15.20 -84.60 62.36
N ARG H 1416 -15.76 -83.40 62.54
CA ARG H 1416 -16.63 -82.84 61.52
C ARG H 1416 -16.47 -81.33 61.41
N SER H 1417 -15.24 -80.85 61.36
CA SER H 1417 -15.02 -79.44 61.06
C SER H 1417 -13.66 -79.25 60.41
N VAL H 1418 -13.41 -78.01 60.01
CA VAL H 1418 -12.13 -77.59 59.47
C VAL H 1418 -11.86 -76.19 59.98
N PRO H 1419 -10.63 -75.84 60.36
CA PRO H 1419 -9.43 -76.64 60.64
C PRO H 1419 -9.12 -76.71 62.13
N ALA H 1420 -7.94 -77.24 62.46
CA ALA H 1420 -7.52 -77.37 63.85
C ALA H 1420 -6.02 -77.14 63.93
N PRO H 1421 -5.58 -76.06 64.58
CA PRO H 1421 -4.12 -75.81 64.71
C PRO H 1421 -3.46 -76.74 65.69
N GLY H 1422 -2.14 -76.58 65.83
CA GLY H 1422 -1.34 -77.66 66.38
C GLY H 1422 -1.21 -77.69 67.89
N LYS H 1423 -2.16 -78.36 68.47
CA LYS H 1423 -2.04 -79.18 69.66
C LYS H 1423 -2.01 -80.63 69.14
N GLY H 1424 -2.33 -81.61 69.99
CA GLY H 1424 -2.12 -83.02 69.67
C GLY H 1424 -3.00 -83.69 68.62
N ILE H 1425 -3.31 -82.96 67.53
CA ILE H 1425 -4.10 -83.49 66.42
C ILE H 1425 -3.44 -84.71 65.80
N LEU H 1426 -2.27 -84.52 65.20
CA LEU H 1426 -1.55 -85.62 64.56
C LEU H 1426 -0.13 -85.59 65.11
N THR H 1427 0.75 -86.35 64.45
CA THR H 1427 2.17 -86.57 64.78
C THR H 1427 2.38 -87.20 66.15
N THR H 1428 1.31 -87.60 66.82
CA THR H 1428 1.40 -88.52 67.93
C THR H 1428 1.25 -89.94 67.44
N ALA H 1429 0.79 -90.12 66.20
CA ALA H 1429 1.08 -91.34 65.49
C ALA H 1429 2.54 -91.37 65.05
N ARG H 1430 3.10 -90.22 64.71
CA ARG H 1430 4.54 -90.09 64.74
C ARG H 1430 5.01 -90.17 66.19
N GLU H 1431 6.31 -90.42 66.38
CA GLU H 1431 6.94 -90.81 67.64
C GLU H 1431 6.14 -91.88 68.38
N HIS H 1432 5.64 -92.87 67.62
CA HIS H 1432 4.75 -93.92 68.11
C HIS H 1432 5.41 -94.75 69.19
N HIS H 1433 6.43 -95.52 68.80
CA HIS H 1433 7.57 -95.96 69.60
C HIS H 1433 7.17 -96.50 70.97
N SER H 1434 6.36 -97.57 70.93
CA SER H 1434 5.57 -98.03 72.07
C SER H 1434 6.43 -98.64 73.16
N SER H 1435 5.79 -98.93 74.29
CA SER H 1435 6.48 -99.40 75.48
C SER H 1435 5.72 -100.49 76.23
N VAL H 1436 5.22 -101.51 75.53
CA VAL H 1436 4.85 -102.72 76.27
C VAL H 1436 6.14 -103.40 76.74
N LYS H 1437 6.01 -104.27 77.76
CA LYS H 1437 7.05 -104.55 78.75
C LYS H 1437 8.40 -105.02 78.15
N TYR H 1438 9.39 -104.15 78.25
CA TYR H 1438 10.74 -104.49 77.83
C TYR H 1438 11.75 -104.33 78.94
N ALA H 1439 11.86 -103.14 79.54
CA ALA H 1439 12.73 -102.80 80.66
C ALA H 1439 14.20 -103.17 80.48
N SER H 1440 14.67 -103.36 79.25
CA SER H 1440 15.99 -103.92 79.02
C SER H 1440 16.59 -103.38 77.72
N PRO H 1441 17.70 -102.67 77.77
CA PRO H 1441 18.26 -102.07 76.56
C PRO H 1441 19.08 -103.07 75.76
N ASN H 1442 19.03 -102.89 74.43
CA ASN H 1442 19.74 -103.69 73.43
C ASN H 1442 19.50 -105.19 73.56
N LYS H 1514 10.98 -99.69 61.71
CA LYS H 1514 10.37 -100.58 60.73
C LYS H 1514 9.24 -101.33 61.41
N ARG H 1515 9.47 -102.62 61.67
CA ARG H 1515 8.47 -103.43 62.36
C ARG H 1515 8.47 -103.09 63.85
N ASP H 1516 9.54 -103.42 64.59
CA ASP H 1516 10.16 -102.80 65.76
C ASP H 1516 9.22 -101.95 66.63
N PRO H 1517 8.30 -102.55 67.37
CA PRO H 1517 7.35 -101.75 68.15
C PRO H 1517 7.96 -101.00 69.32
N ARG H 1518 9.26 -101.09 69.53
CA ARG H 1518 9.93 -100.47 70.67
C ARG H 1518 10.46 -99.08 70.33
N ILE H 1519 11.35 -99.02 69.37
CA ILE H 1519 11.95 -97.76 69.01
C ILE H 1519 11.78 -97.64 67.52
N UNK H 1747 38.52 -100.90 33.71
CA UNK H 1747 37.71 -101.31 34.85
C UNK H 1747 38.41 -102.42 35.65
N UNK H 1748 39.69 -102.61 35.38
CA UNK H 1748 40.57 -103.59 36.04
C UNK H 1748 40.10 -105.05 35.98
N UNK H 1749 38.99 -105.34 36.66
CA UNK H 1749 38.50 -106.70 36.92
C UNK H 1749 38.24 -107.57 35.68
N UNK H 1750 38.01 -106.94 34.53
CA UNK H 1750 37.85 -107.66 33.28
C UNK H 1750 39.17 -108.32 32.88
N UNK H 1751 40.28 -107.75 33.37
CA UNK H 1751 41.60 -108.35 33.22
C UNK H 1751 42.25 -108.61 34.57
N UNK H 1752 41.58 -108.23 35.67
CA UNK H 1752 42.15 -108.50 36.98
C UNK H 1752 41.43 -109.65 37.65
N UNK H 1753 40.11 -109.55 37.75
CA UNK H 1753 39.34 -110.63 38.35
C UNK H 1753 39.22 -111.78 37.38
N UNK H 1754 38.63 -111.51 36.22
CA UNK H 1754 38.31 -112.53 35.23
C UNK H 1754 39.51 -113.27 34.66
N UNK H 1755 40.57 -112.54 34.33
CA UNK H 1755 41.76 -113.13 33.73
C UNK H 1755 42.47 -114.02 34.74
N UNK H 1756 42.47 -113.61 35.99
CA UNK H 1756 43.05 -114.44 37.03
C UNK H 1756 42.08 -115.56 37.35
N UNK H 1757 40.79 -115.31 37.14
CA UNK H 1757 39.81 -116.35 37.30
C UNK H 1757 39.94 -117.30 36.12
N UNK H 1758 40.38 -116.78 34.99
CA UNK H 1758 40.64 -117.62 33.83
C UNK H 1758 41.87 -118.46 34.10
N UNK H 1759 42.77 -117.92 34.91
CA UNK H 1759 43.93 -118.68 35.35
C UNK H 1759 43.52 -119.77 36.33
N UNK H 1760 42.49 -119.53 37.12
CA UNK H 1760 42.04 -120.53 38.10
C UNK H 1760 41.21 -121.60 37.45
N UNK H 1761 40.38 -121.16 36.50
CA UNK H 1761 39.54 -122.07 35.75
C UNK H 1761 40.39 -122.93 34.84
N UNK H 1762 40.98 -122.31 33.83
CA UNK H 1762 41.69 -123.04 32.78
C UNK H 1762 43.12 -123.41 33.13
N UNK H 1763 43.35 -123.76 34.40
CA UNK H 1763 44.58 -124.40 34.82
C UNK H 1763 44.25 -125.22 36.06
N UNK H 1764 43.05 -125.77 36.06
CA UNK H 1764 42.61 -126.66 37.13
C UNK H 1764 42.96 -128.12 36.82
N UNK H 1765 43.86 -128.68 37.62
CA UNK H 1765 44.28 -130.07 37.47
C UNK H 1765 44.89 -130.59 38.77
N UNK H 1766 46.04 -130.02 39.15
CA UNK H 1766 46.70 -130.35 40.41
C UNK H 1766 45.86 -129.87 41.59
N UNK H 1767 45.02 -130.76 42.12
CA UNK H 1767 43.98 -130.43 43.10
C UNK H 1767 44.50 -129.84 44.40
N UNK H 1768 44.84 -128.56 44.34
CA UNK H 1768 45.27 -127.80 45.50
C UNK H 1768 44.62 -126.42 45.41
N UNK H 1769 43.54 -126.34 44.64
CA UNK H 1769 42.76 -125.12 44.53
C UNK H 1769 41.91 -124.94 45.78
N UNK H 1770 41.52 -123.70 46.08
CA UNK H 1770 40.78 -123.39 47.31
C UNK H 1770 39.93 -122.12 47.21
N UNK H 1771 40.54 -121.06 46.68
CA UNK H 1771 39.91 -119.76 46.40
C UNK H 1771 39.33 -119.03 47.61
N UNK H 1772 40.02 -117.98 48.05
CA UNK H 1772 39.48 -117.14 49.13
C UNK H 1772 39.19 -115.72 48.63
N UNK H 1773 38.08 -115.14 49.10
CA UNK H 1773 37.63 -113.83 48.65
C UNK H 1773 37.02 -113.02 49.80
N UNK H 1774 37.23 -111.71 49.78
CA UNK H 1774 36.72 -110.87 50.86
C UNK H 1774 36.41 -109.44 50.41
N UNK H 1775 35.71 -108.69 51.25
CA UNK H 1775 35.27 -107.34 50.90
C UNK H 1775 36.39 -106.32 50.99
N UNK H 1776 36.16 -105.14 50.42
CA UNK H 1776 37.15 -104.07 50.47
C UNK H 1776 37.07 -103.27 51.75
N UNK H 1777 36.05 -103.53 52.55
CA UNK H 1777 35.87 -102.77 53.78
C UNK H 1777 35.82 -103.70 54.97
N UNK H 1778 35.90 -104.99 54.68
CA UNK H 1778 35.87 -105.99 55.73
C UNK H 1778 37.17 -105.99 56.53
N UNK H 1779 38.22 -106.58 55.96
CA UNK H 1779 39.45 -106.84 56.70
C UNK H 1779 40.29 -105.61 56.97
N UNK H 1780 40.22 -104.63 56.08
CA UNK H 1780 40.99 -103.41 56.25
C UNK H 1780 40.17 -102.33 56.94
N UNK H 1781 39.22 -102.76 57.77
CA UNK H 1781 38.39 -101.83 58.51
C UNK H 1781 39.20 -101.18 59.63
N UNK H 1782 40.12 -101.94 60.22
CA UNK H 1782 41.00 -101.41 61.25
C UNK H 1782 42.31 -100.99 60.63
N UNK H 1783 42.21 -100.13 59.62
CA UNK H 1783 43.35 -99.72 58.80
C UNK H 1783 44.34 -98.91 59.60
N UNK H 1784 43.86 -98.26 60.64
CA UNK H 1784 44.75 -97.57 61.57
C UNK H 1784 44.07 -97.56 62.92
N UNK H 1785 43.49 -98.70 63.29
CA UNK H 1785 42.74 -98.79 64.52
C UNK H 1785 43.24 -99.89 65.43
N UNK H 1786 43.08 -101.14 65.00
CA UNK H 1786 43.37 -102.27 65.85
C UNK H 1786 44.63 -103.01 65.44
N UNK H 1787 45.67 -102.91 66.28
CA UNK H 1787 46.92 -103.64 66.07
C UNK H 1787 46.77 -105.09 66.49
N UNK H 1788 45.65 -105.42 67.11
CA UNK H 1788 45.28 -106.81 67.35
C UNK H 1788 44.43 -107.31 66.20
N UNK H 1789 44.30 -106.51 65.15
CA UNK H 1789 43.59 -106.92 63.95
C UNK H 1789 44.40 -106.56 62.71
N UNK H 1790 45.31 -105.61 62.85
CA UNK H 1790 46.20 -105.26 61.75
C UNK H 1790 47.48 -106.05 61.86
N UNK H 1791 48.16 -105.89 62.99
CA UNK H 1791 49.43 -106.56 63.23
C UNK H 1791 49.24 -107.94 63.84
N UNK H 1792 48.30 -108.71 63.30
CA UNK H 1792 48.08 -110.08 63.72
C UNK H 1792 47.58 -110.82 62.50
N UNK H 1793 47.58 -110.10 61.39
CA UNK H 1793 47.27 -110.68 60.09
C UNK H 1793 48.53 -110.65 59.26
N UNK H 1794 49.47 -111.52 59.63
CA UNK H 1794 50.81 -111.62 59.05
C UNK H 1794 51.54 -110.28 59.10
N UNK H 1795 51.94 -109.89 60.31
CA UNK H 1795 52.73 -108.68 60.46
C UNK H 1795 54.17 -108.96 60.11
N UNK H 1796 54.45 -109.08 58.82
CA UNK H 1796 55.79 -109.38 58.34
C UNK H 1796 56.60 -108.10 58.20
N UNK H 1797 57.70 -108.18 57.47
CA UNK H 1797 58.44 -106.99 57.09
C UNK H 1797 57.61 -106.32 56.03
N UNK H 1798 57.05 -107.15 55.16
CA UNK H 1798 56.04 -106.69 54.24
C UNK H 1798 54.71 -106.68 54.97
N UNK H 1799 54.49 -105.64 55.77
CA UNK H 1799 53.22 -105.46 56.46
C UNK H 1799 52.94 -103.97 56.55
N UNK H 1800 53.74 -103.20 55.83
CA UNK H 1800 53.61 -101.76 55.80
C UNK H 1800 54.27 -101.25 54.52
N UNK H 1801 55.40 -101.87 54.19
CA UNK H 1801 56.19 -101.45 53.04
C UNK H 1801 55.46 -101.76 51.74
N UNK H 1802 54.84 -102.92 51.68
CA UNK H 1802 53.96 -103.24 50.56
C UNK H 1802 52.52 -103.09 51.03
N UNK H 1803 52.33 -102.31 52.10
CA UNK H 1803 51.02 -102.16 52.71
C UNK H 1803 50.75 -100.77 53.28
N UNK H 1804 51.38 -99.77 52.70
CA UNK H 1804 51.04 -98.37 52.97
C UNK H 1804 51.52 -97.57 51.76
N UNK H 1805 51.46 -98.19 50.60
CA UNK H 1805 51.98 -97.59 49.38
C UNK H 1805 50.88 -96.85 48.62
N UNK H 1806 50.24 -97.53 47.68
CA UNK H 1806 49.15 -96.94 46.91
C UNK H 1806 47.93 -96.81 47.78
N UNK H 1807 47.16 -97.89 47.85
CA UNK H 1807 45.99 -97.92 48.72
C UNK H 1807 46.41 -98.36 50.12
N UNK H 1808 45.44 -98.87 50.85
CA UNK H 1808 45.69 -99.41 52.18
C UNK H 1808 44.56 -100.38 52.40
N UNK H 1809 43.40 -99.97 51.89
CA UNK H 1809 42.23 -100.81 51.93
C UNK H 1809 42.18 -101.68 50.69
N UNK H 1810 43.26 -101.67 49.92
CA UNK H 1810 43.46 -102.65 48.87
C UNK H 1810 44.89 -103.12 48.98
N UNK H 1811 45.68 -102.44 49.81
CA UNK H 1811 47.07 -102.79 50.03
C UNK H 1811 47.22 -103.64 51.27
N UNK H 1812 46.27 -103.50 52.19
CA UNK H 1812 46.23 -104.36 53.36
C UNK H 1812 44.83 -104.93 53.45
N UNK H 1813 44.38 -105.57 52.39
CA UNK H 1813 43.05 -106.14 52.35
C UNK H 1813 42.99 -107.33 51.41
N UNK H 1814 43.57 -107.15 50.22
CA UNK H 1814 43.60 -108.20 49.21
C UNK H 1814 44.48 -109.34 49.71
N UNK H 1815 45.48 -108.98 50.51
CA UNK H 1815 46.34 -109.93 51.15
C UNK H 1815 45.58 -110.83 52.12
N UNK H 1816 44.60 -110.26 52.83
CA UNK H 1816 43.87 -111.01 53.86
C UNK H 1816 42.90 -112.04 53.30
N UNK H 1817 42.75 -112.06 51.98
CA UNK H 1817 42.05 -113.13 51.31
C UNK H 1817 43.04 -113.87 50.42
N UNK H 1818 44.33 -113.53 50.55
CA UNK H 1818 45.35 -114.18 49.74
C UNK H 1818 46.45 -114.78 50.61
N UNK H 1819 46.62 -114.26 51.82
CA UNK H 1819 47.60 -114.81 52.73
C UNK H 1819 46.93 -115.79 53.69
N UNK H 1820 45.95 -116.50 53.17
CA UNK H 1820 45.20 -117.49 53.93
C UNK H 1820 44.59 -118.48 52.97
N UNK H 1821 44.60 -118.13 51.70
CA UNK H 1821 44.09 -119.02 50.67
C UNK H 1821 45.08 -120.15 50.50
N UNK H 1822 46.35 -119.84 50.68
CA UNK H 1822 47.42 -120.82 50.66
C UNK H 1822 47.26 -121.79 51.82
N UNK H 1823 46.75 -121.29 52.94
CA UNK H 1823 46.45 -122.12 54.10
C UNK H 1823 45.28 -123.02 53.76
N UNK H 1824 44.39 -122.53 52.91
CA UNK H 1824 43.27 -123.33 52.45
C UNK H 1824 43.68 -124.18 51.25
N UNK H 1825 44.80 -123.85 50.63
CA UNK H 1825 45.22 -124.55 49.41
C UNK H 1825 45.87 -125.90 49.69
N UNK H 1826 46.12 -126.19 50.95
CA UNK H 1826 46.79 -127.44 51.30
C UNK H 1826 45.93 -128.29 52.21
N UNK H 1827 44.62 -128.02 52.21
CA UNK H 1827 43.63 -128.65 53.09
C UNK H 1827 44.03 -128.53 54.56
N UNK H 1828 44.17 -127.30 55.04
CA UNK H 1828 44.53 -127.02 56.42
C UNK H 1828 43.97 -125.66 56.84
N UNK H 1829 44.38 -125.18 58.00
CA UNK H 1829 43.91 -123.89 58.50
C UNK H 1829 44.96 -123.24 59.40
N UNK H 1830 45.15 -121.93 59.23
CA UNK H 1830 46.21 -121.23 59.94
C UNK H 1830 45.68 -120.22 60.95
N UNK H 1831 46.60 -119.52 61.59
CA UNK H 1831 46.26 -118.41 62.48
C UNK H 1831 47.04 -117.18 62.01
N UNK H 1832 46.98 -116.94 60.71
CA UNK H 1832 47.74 -115.90 59.99
C UNK H 1832 49.24 -116.03 60.23
N UNK H 1833 49.70 -117.27 60.32
CA UNK H 1833 51.11 -117.57 60.53
C UNK H 1833 51.75 -117.95 59.22
N UNK H 1834 51.06 -117.62 58.13
CA UNK H 1834 51.51 -117.98 56.79
C UNK H 1834 52.58 -117.02 56.28
N UNK H 1835 52.40 -116.53 55.07
CA UNK H 1835 53.47 -115.80 54.40
C UNK H 1835 52.98 -114.64 53.54
N UNK H 1836 53.95 -113.97 52.93
CA UNK H 1836 53.72 -112.90 51.99
C UNK H 1836 54.99 -112.74 51.17
N UNK H 1837 54.89 -112.87 49.85
CA UNK H 1837 56.07 -112.76 49.02
C UNK H 1837 56.42 -111.32 48.75
N UNK H 1838 56.41 -110.93 47.49
CA UNK H 1838 56.85 -109.58 47.13
C UNK H 1838 56.31 -109.14 45.80
N UNK H 1839 56.32 -107.81 45.62
CA UNK H 1839 56.14 -107.12 44.35
C UNK H 1839 54.81 -107.37 43.65
N UNK H 1840 53.90 -106.42 43.79
CA UNK H 1840 52.59 -106.50 43.17
C UNK H 1840 52.65 -106.17 41.68
N UNK H 1841 53.22 -107.10 40.91
CA UNK H 1841 53.38 -107.00 39.44
C UNK H 1841 54.10 -105.72 38.99
N UNK H 1842 55.38 -105.62 39.31
CA UNK H 1842 56.18 -104.47 38.92
C UNK H 1842 57.65 -104.87 38.76
N UNK H 1843 58.05 -105.96 39.40
CA UNK H 1843 59.42 -106.43 39.34
C UNK H 1843 59.50 -107.94 39.54
N UNK H 1844 58.84 -108.44 40.59
CA UNK H 1844 58.84 -109.86 40.90
C UNK H 1844 57.42 -110.40 40.98
N UNK H 1845 57.28 -111.71 40.94
CA UNK H 1845 55.97 -112.34 41.00
C UNK H 1845 55.46 -112.32 42.42
N UNK H 1846 54.15 -112.18 42.57
CA UNK H 1846 53.52 -112.39 43.86
C UNK H 1846 53.58 -113.88 44.15
N UNK H 1847 54.72 -114.31 44.69
CA UNK H 1847 55.02 -115.72 44.86
C UNK H 1847 54.36 -116.25 46.12
N UNK H 1848 54.77 -117.45 46.53
CA UNK H 1848 54.11 -118.09 47.67
C UNK H 1848 55.09 -118.76 48.61
N UNK H 1849 54.58 -119.13 49.78
CA UNK H 1849 55.29 -119.80 50.88
C UNK H 1849 56.53 -119.04 51.32
N UNK H 1850 56.49 -117.72 51.22
CA UNK H 1850 57.62 -116.88 51.58
C UNK H 1850 57.86 -116.87 53.08
N UNK H 1851 58.58 -117.89 53.53
CA UNK H 1851 58.90 -118.15 54.94
C UNK H 1851 57.65 -118.23 55.79
N UNK H 1852 56.67 -118.99 55.33
CA UNK H 1852 55.51 -119.32 56.14
C UNK H 1852 55.98 -120.25 57.25
N UNK H 1853 56.52 -119.68 58.32
CA UNK H 1853 57.31 -120.47 59.26
C UNK H 1853 56.81 -120.39 60.69
N UNK H 1854 55.82 -121.22 61.01
CA UNK H 1854 55.31 -121.39 62.37
C UNK H 1854 54.54 -122.70 62.43
N UNK H 1855 53.50 -122.78 61.61
CA UNK H 1855 52.69 -123.97 61.48
C UNK H 1855 52.22 -124.08 60.04
N UNK H 1856 52.92 -123.41 59.15
CA UNK H 1856 52.58 -123.40 57.73
C UNK H 1856 53.79 -123.83 56.89
N UNK H 1857 54.54 -124.80 57.40
CA UNK H 1857 55.71 -125.33 56.70
C UNK H 1857 55.87 -126.80 57.01
N UNK H 1858 55.69 -127.15 58.28
CA UNK H 1858 55.82 -128.53 58.73
C UNK H 1858 54.58 -129.35 58.38
N UNK H 1859 53.51 -128.65 58.06
CA UNK H 1859 52.27 -129.31 57.66
C UNK H 1859 51.74 -128.70 56.37
N UNK H 1860 52.64 -128.08 55.61
CA UNK H 1860 52.25 -127.45 54.35
C UNK H 1860 53.16 -127.90 53.22
N UNK H 1861 54.44 -127.52 53.31
CA UNK H 1861 55.45 -127.96 52.34
C UNK H 1861 55.67 -129.45 52.51
N UNK H 1862 55.64 -129.88 53.76
CA UNK H 1862 55.80 -131.29 54.11
C UNK H 1862 54.53 -132.06 53.79
N UNK H 1863 53.41 -131.35 53.70
CA UNK H 1863 52.15 -131.97 53.34
C UNK H 1863 52.19 -132.35 51.87
N UNK H 1864 52.37 -131.35 51.02
CA UNK H 1864 52.48 -131.58 49.59
C UNK H 1864 53.17 -130.38 48.95
N UNK H 1865 53.53 -130.52 47.67
CA UNK H 1865 54.06 -129.44 46.83
C UNK H 1865 55.29 -128.73 47.36
N UNK H 1866 55.60 -127.60 46.72
CA UNK H 1866 56.71 -126.73 47.12
C UNK H 1866 56.53 -125.36 46.48
N UNK H 1867 56.02 -125.36 45.26
CA UNK H 1867 55.90 -124.14 44.47
C UNK H 1867 54.45 -123.73 44.26
N UNK H 1868 53.93 -122.92 45.17
CA UNK H 1868 52.54 -122.51 45.05
C UNK H 1868 52.42 -121.19 44.31
N UNK H 1869 51.21 -120.93 43.82
CA UNK H 1869 50.94 -119.73 43.03
C UNK H 1869 49.59 -119.11 43.43
N UNK H 1870 49.61 -117.80 43.68
CA UNK H 1870 48.40 -117.10 44.08
C UNK H 1870 47.88 -116.23 42.95
N UNK H 1871 46.65 -115.74 43.11
CA UNK H 1871 46.05 -114.89 42.10
C UNK H 1871 45.33 -113.71 42.74
N UNK H 1872 46.12 -112.74 43.22
CA UNK H 1872 45.57 -111.57 43.88
C UNK H 1872 44.87 -110.65 42.90
N UNK H 1873 43.64 -111.00 42.54
CA UNK H 1873 42.81 -110.17 41.69
C UNK H 1873 42.48 -108.87 42.41
N UNK H 1874 43.35 -107.89 42.24
CA UNK H 1874 43.23 -106.62 42.95
C UNK H 1874 42.02 -105.84 42.47
N UNK H 1875 41.29 -105.24 43.39
CA UNK H 1875 40.12 -104.44 43.04
C UNK H 1875 39.80 -103.37 44.07
N UNK H 1876 38.58 -102.85 43.98
CA UNK H 1876 38.11 -101.82 44.89
C UNK H 1876 36.92 -102.35 45.65
N UNK H 1877 36.75 -103.67 45.59
CA UNK H 1877 35.56 -104.29 46.13
C UNK H 1877 35.85 -105.69 46.67
N UNK H 1878 36.17 -106.61 45.78
CA UNK H 1878 36.47 -107.97 46.19
C UNK H 1878 37.90 -108.35 45.83
N UNK H 1879 38.30 -109.55 46.23
CA UNK H 1879 39.62 -110.07 45.94
C UNK H 1879 39.61 -111.58 46.03
N UNK H 1880 39.21 -112.25 44.94
CA UNK H 1880 39.20 -113.71 44.89
C UNK H 1880 40.56 -114.26 44.52
N UNK H 1881 41.26 -114.83 45.49
CA UNK H 1881 42.64 -115.26 45.29
C UNK H 1881 42.75 -116.76 45.08
N UNK H 1882 43.27 -117.15 43.94
CA UNK H 1882 43.42 -118.57 43.60
C UNK H 1882 44.79 -119.10 44.01
N UNK H 1883 44.85 -119.68 45.20
CA UNK H 1883 46.10 -120.26 45.66
C UNK H 1883 46.24 -121.66 45.07
N UNK H 1884 47.11 -121.78 44.07
CA UNK H 1884 47.34 -123.06 43.42
C UNK H 1884 48.77 -123.55 43.65
N UNK H 1885 48.91 -124.77 44.17
CA UNK H 1885 50.23 -125.30 44.54
C UNK H 1885 50.84 -126.18 43.45
N UNK H 1886 52.11 -126.53 43.65
CA UNK H 1886 52.82 -127.39 42.71
C UNK H 1886 52.33 -128.82 42.82
N UNK H 1887 53.12 -129.68 43.47
CA UNK H 1887 52.75 -131.07 43.67
C UNK H 1887 51.68 -131.20 44.75
N LEU I 1 22.17 -102.57 70.19
CA LEU I 1 21.24 -101.96 69.27
C LEU I 1 21.59 -100.50 69.03
N ASN I 2 21.36 -99.69 70.06
CA ASN I 2 21.39 -98.25 69.89
C ASN I 2 22.80 -97.68 70.02
N MET I 3 23.79 -98.52 70.24
CA MET I 3 25.17 -98.10 70.25
C MET I 3 25.77 -98.17 68.85
N LYS I 4 27.07 -97.89 68.76
CA LYS I 4 27.84 -98.27 67.59
C LYS I 4 28.08 -99.77 67.70
N TYR I 5 27.06 -100.55 67.35
CA TYR I 5 27.02 -101.97 67.71
C TYR I 5 27.87 -102.78 66.74
N ARG I 6 27.41 -102.85 65.48
CA ARG I 6 28.12 -103.42 64.34
C ARG I 6 28.60 -104.84 64.55
N LYS I 7 28.05 -105.52 65.55
CA LYS I 7 28.50 -106.87 65.85
C LYS I 7 27.84 -107.86 64.91
N ARG I 8 26.51 -107.85 64.85
CA ARG I 8 25.78 -108.66 63.89
C ARG I 8 26.02 -108.20 62.47
N GLN I 9 26.51 -106.98 62.28
CA GLN I 9 27.08 -106.59 61.00
C GLN I 9 28.30 -107.45 60.68
N LEU I 10 29.18 -107.65 61.65
CA LEU I 10 30.43 -108.34 61.39
C LEU I 10 30.35 -109.84 61.57
N VAL I 11 29.34 -110.35 62.28
CA VAL I 11 29.31 -111.78 62.54
C VAL I 11 28.50 -112.51 61.48
N THR I 12 27.18 -112.26 61.39
CA THR I 12 26.38 -113.12 60.51
C THR I 12 26.42 -112.63 59.07
N ARG I 13 26.74 -111.36 58.86
CA ARG I 13 27.25 -110.91 57.59
C ARG I 13 28.73 -110.61 57.81
N GLU I 14 29.44 -110.36 56.71
CA GLU I 14 30.91 -110.35 56.57
C GLU I 14 31.54 -111.71 56.86
N ALA I 15 30.73 -112.74 57.09
CA ALA I 15 31.18 -114.12 57.13
C ALA I 15 30.41 -115.00 56.17
N GLN I 16 29.06 -114.95 56.18
CA GLN I 16 28.32 -115.79 55.26
C GLN I 16 28.42 -115.25 53.84
N ILE I 17 28.38 -113.93 53.68
CA ILE I 17 28.69 -113.35 52.37
C ILE I 17 30.16 -113.55 52.07
N LYS I 18 31.01 -113.55 53.09
CA LYS I 18 32.40 -113.96 52.91
C LYS I 18 32.50 -115.44 52.56
N ASP I 19 31.52 -116.25 52.99
CA ASP I 19 31.59 -117.67 52.67
C ASP I 19 31.25 -117.96 51.21
N TRP I 20 30.01 -117.70 50.79
CA TRP I 20 29.67 -118.15 49.44
C TRP I 20 30.01 -117.10 48.38
N VAL I 21 31.23 -116.61 48.43
CA VAL I 21 31.82 -115.98 47.27
C VAL I 21 32.99 -116.86 46.89
N GLU I 22 33.58 -117.49 47.91
CA GLU I 22 34.45 -118.61 47.69
C GLU I 22 33.66 -119.78 47.11
N ASN I 23 32.44 -119.95 47.60
CA ASN I 23 31.64 -121.10 47.21
C ASN I 23 30.75 -120.80 46.01
N GLU I 24 30.80 -119.59 45.46
CA GLU I 24 29.89 -119.34 44.36
C GLU I 24 30.56 -119.43 42.99
N LEU I 25 31.79 -118.95 42.86
CA LEU I 25 32.50 -119.11 41.59
C LEU I 25 32.88 -120.55 41.34
N GLU I 26 33.05 -121.33 42.41
CA GLU I 26 33.25 -122.77 42.28
C GLU I 26 31.99 -123.50 41.84
N ALA I 27 30.80 -122.95 42.11
CA ALA I 27 29.60 -123.51 41.52
C ALA I 27 29.56 -123.28 40.02
N LEU I 28 30.11 -122.15 39.57
CA LEU I 28 30.38 -121.96 38.14
C LEU I 28 31.47 -122.90 37.66
N LYS I 29 32.40 -123.29 38.53
CA LYS I 29 33.40 -124.26 38.11
C LYS I 29 32.81 -125.65 37.95
N LEU I 30 31.63 -125.91 38.51
CA LEU I 30 30.95 -127.15 38.18
C LEU I 30 30.38 -127.06 36.78
N GLU I 31 29.94 -125.88 36.36
CA GLU I 31 29.47 -125.65 35.00
C GLU I 31 30.54 -124.95 34.19
N ALA I 32 31.81 -125.31 34.44
CA ALA I 32 32.94 -124.61 33.85
C ALA I 32 32.96 -124.75 32.34
N GLU I 33 33.07 -125.98 31.84
CA GLU I 33 32.87 -126.17 30.40
C GLU I 33 31.40 -126.34 30.05
N GLU I 34 30.82 -127.52 30.32
CA GLU I 34 29.54 -127.98 29.77
C GLU I 34 29.44 -127.83 28.24
N ILE I 35 30.60 -127.93 27.59
CA ILE I 35 30.99 -127.71 26.18
C ILE I 35 30.62 -126.32 25.62
N PRO I 36 30.68 -125.25 26.44
CA PRO I 36 31.54 -124.10 26.10
C PRO I 36 33.03 -124.35 26.34
N SER I 37 33.81 -123.26 26.37
CA SER I 37 35.22 -123.02 26.01
C SER I 37 35.31 -122.73 24.52
N GLU I 38 34.14 -122.54 23.90
CA GLU I 38 34.02 -121.70 22.71
C GLU I 38 33.61 -120.28 23.07
N ASP I 39 32.98 -120.09 24.22
CA ASP I 39 32.53 -118.80 24.71
C ASP I 39 32.78 -118.68 26.20
N GLN I 40 33.94 -119.17 26.67
CA GLN I 40 34.25 -119.11 28.09
C GLN I 40 34.47 -117.67 28.53
N ASN I 41 35.39 -116.97 27.87
CA ASN I 41 35.64 -115.55 28.13
C ASN I 41 34.39 -114.72 27.91
N GLU I 42 33.52 -115.15 26.99
CA GLU I 42 32.17 -114.58 26.92
C GLU I 42 31.44 -114.80 28.23
N PHE I 43 31.35 -116.04 28.70
CA PHE I 43 30.70 -116.27 29.98
C PHE I 43 31.49 -115.72 31.16
N LEU I 44 32.80 -115.50 31.02
CA LEU I 44 33.46 -114.71 32.06
C LEU I 44 32.99 -113.27 32.00
N LEU I 45 32.97 -112.69 30.79
CA LEU I 45 32.33 -111.39 30.64
C LEU I 45 30.83 -111.47 30.84
N GLU I 46 30.20 -112.63 30.69
CA GLU I 46 28.80 -112.68 31.06
C GLU I 46 28.67 -112.95 32.55
N ARG I 47 29.04 -114.15 32.99
CA ARG I 47 28.55 -114.64 34.27
C ARG I 47 29.34 -114.07 35.44
N THR I 48 30.64 -113.89 35.26
CA THR I 48 31.45 -113.53 36.41
C THR I 48 31.36 -112.05 36.74
N ARG I 49 31.06 -111.18 35.77
CA ARG I 49 30.79 -109.80 36.15
C ARG I 49 29.35 -109.61 36.63
N GLU I 50 28.48 -110.61 36.48
CA GLU I 50 27.23 -110.56 37.24
C GLU I 50 27.48 -110.78 38.72
N ILE I 51 28.10 -111.91 39.04
CA ILE I 51 28.12 -112.40 40.41
C ILE I 51 28.97 -111.53 41.33
N HIS I 52 29.89 -110.74 40.79
CA HIS I 52 30.61 -109.81 41.63
C HIS I 52 29.72 -108.68 42.09
N ASN I 53 28.86 -108.18 41.21
CA ASN I 53 27.84 -107.24 41.65
C ASN I 53 26.85 -107.90 42.58
N GLU I 54 26.57 -109.18 42.36
CA GLU I 54 25.78 -109.93 43.32
C GLU I 54 26.53 -110.09 44.62
N ALA I 55 27.85 -110.24 44.55
CA ALA I 55 28.64 -110.15 45.76
C ALA I 55 28.64 -108.74 46.31
N GLU I 56 28.45 -107.74 45.45
CA GLU I 56 28.42 -106.37 45.92
C GLU I 56 27.08 -106.01 46.51
N SER I 57 26.00 -106.35 45.81
CA SER I 57 24.67 -105.92 46.24
C SER I 57 24.21 -106.67 47.48
N GLN I 58 24.63 -107.93 47.63
CA GLN I 58 24.22 -108.71 48.80
C GLN I 58 24.83 -108.15 50.07
N LEU I 59 26.04 -107.62 49.98
CA LEU I 59 26.61 -106.90 51.10
C LEU I 59 25.87 -105.59 51.32
N ARG I 60 25.41 -104.98 50.24
CA ARG I 60 24.58 -103.81 50.40
C ARG I 60 23.18 -104.16 50.85
N ALA I 61 22.73 -105.40 50.62
CA ALA I 61 21.46 -105.83 51.19
C ALA I 61 21.52 -105.87 52.71
N ALA I 62 22.69 -106.21 53.26
CA ALA I 62 22.90 -106.04 54.69
C ALA I 62 22.91 -104.57 55.04
N GLN I 63 23.45 -103.73 54.17
CA GLN I 63 23.54 -102.31 54.43
C GLN I 63 22.20 -101.59 54.38
N GLN I 64 21.08 -102.28 54.14
CA GLN I 64 19.82 -101.68 54.53
C GLN I 64 19.77 -101.48 56.03
N GLN I 65 19.72 -102.58 56.79
CA GLN I 65 19.60 -102.43 58.24
C GLN I 65 20.96 -102.20 58.87
N TRP I 66 21.02 -102.39 60.19
CA TRP I 66 22.20 -102.17 61.02
C TRP I 66 22.72 -100.73 60.85
N GLY I 67 21.86 -99.80 61.20
CA GLY I 67 22.27 -98.42 61.19
C GLY I 67 21.57 -97.55 60.16
N ASN I 68 21.29 -98.10 58.99
CA ASN I 68 20.65 -97.30 57.96
C ASN I 68 19.17 -97.63 57.81
N ASP I 69 18.77 -98.88 58.06
CA ASP I 69 17.37 -99.22 58.30
C ASP I 69 17.30 -99.94 59.63
N PHE I 70 17.91 -99.31 60.65
CA PHE I 70 18.19 -99.97 61.92
C PHE I 70 16.93 -100.39 62.64
N TYR I 71 16.00 -99.45 62.82
CA TYR I 71 14.69 -99.84 63.29
C TYR I 71 14.01 -100.56 62.15
#